data_8SGQ
#
_entry.id   8SGQ
#
_cell.length_a   1.00
_cell.length_b   1.00
_cell.length_c   1.00
_cell.angle_alpha   90.00
_cell.angle_beta   90.00
_cell.angle_gamma   90.00
#
_symmetry.space_group_name_H-M   'P 1'
#
loop_
_entity.id
_entity.type
_entity.pdbx_description
1 polymer 'T-complex protein 1 subunit zeta'
2 polymer 'T-complex protein 1 subunit alpha'
3 polymer 'T-complex protein 1 subunit gamma'
4 polymer 'T-complex protein 1 subunit eta, N-terminally processed'
5 polymer 'T-complex protein 1 subunit theta'
6 polymer 'T-complex protein 1 subunit beta'
7 polymer 'T-complex protein 1 subunit delta'
8 polymer 'T-complex protein 1 subunit epsilon'
9 non-polymer "ADENOSINE-5'-DIPHOSPHATE"
#
loop_
_entity_poly.entity_id
_entity_poly.type
_entity_poly.pdbx_seq_one_letter_code
_entity_poly.pdbx_strand_id
1 'polypeptide(L)'
;QAALAVNISAARGLQDVLRTNLGPKGTMKMLVSGAGDIKLTKDGNVLLHEMQIQHPTASLIAKVATAQDDITGDGTTSNV
LIIGELLKQADLYISEGLHPRIITEGFEAAKEKALQFLEEVKVSREMDRETLIDVARTSLRTKVHAELADVLTEAVVDSI
LAIKKQDEPIDLFMIEIMEMKHKSETDTSLIRGLVLDHGARHPDMKKRVEDAYILTCNVSLEYEKTEVNSGFFYKSAEER
EKLVKAERKFIEDRVKKIIELKRKVCGDSDKGFVVINQKGIDPFSLDALSKEGIVALRRAKRRNMERLTLACGGVALNSF
DDLSPDCLGHAGLVYEYTLGEEKFTFIEKCNNPRSVTLLIKGPNKHTLTQIKDAVRDGLRAVKNAIDDGCVVPGAGAVEV
AMAEALIKHKPSVKGRAQLGVQAFADALLIIPKVLAQNSGFDLQETLVKIQAEHSESGQLVGVDLNTGEPMVAAEVGVWD
NYCVKKQLLHSCTVIATNILLVDEIMRA
;
z,Z
2 'polypeptide(L)'
;EGPLSVFGDRSTGETIRSQNVMAAASIANIVKSSLGPVGLDKMLVDDIGDVTITNDGATILKLLEVEHPAAKVLCELADL
QDKEVGDGTTSVVIIAAELLKNADELVKQKIHPTSVISGYRLACKEAVRYINENLIVNTDELGRDCLINAAKTSMSSKII
GINGDFFANMVVDAVLAIKYTDIRGQPRYPVNSVNILKAHGRSQMESMLISGYALNCVVGSQGMPKRIVNAKIACLDFSL
QKTKMKLGVQVVITDPEKLDQIRQRESDITKERIQKILATGANVILTTGGIDDMCLKYFVEAGAMAVRRVLKRDLKRIAK
ASGATILSTLANLEGEETFEAAMLGQAEEVVQERICDDELILIKNTKARTSASIILRGANDFMCDEMERSLHDALCVVKR
VLESKSVVPGGGAVEAALSIYLENYATSMGSREQLAIAEFARSLLVIPNTLAVNAAQDSTDLVAKLRAFHNEAQVNPERK
NLKWIGLDLSNGKPRDNKQAGVFEPTIVKVKSLKFATEAAITILRIDDLIKLHPES
;
a,A
3 'polypeptide(L)'
;GHRPVLVLSQNTKRESGRKVQSGNINAAKTIADIIRTCLGPKSMMKMLLDPMGGIVMTNDGNAILREIQVQHPAAKSMIE
ISRTQDEEVGDGTTSVIILAGEMLSVAEHFLEQQMHPTVVISAYRKALDDMISTLKKISIPVDISDSDMMLNIINSSITT
KAISRWSSLACNIALDAVKMVQFEENGRKEIDIKKYARVEKIPGGIIEDSCVLRGVMINKDVTHPRMRRYIKNPRIVLLD
SSLEYKKGESQTDIEITREEDFTRILQMEEEYIQQLCEDIIQLKPDVVITEKGISDLAQHYLMRANITAIRRVRKTDNNR
IARACGARIVSRPEELREDDVGTGAGLLEIKKIGDEYFTFITDCKDPKACTILLRGASKEILSEVERNLQDAMQVCRNVL
LDPQLVPGGGASEMAVAHALTEKSKAMTGVEQWPYRAVAQALEVIPRTLIQNCGASTIRLLTSLRAKHTQENCETWGVNG
ETGTLVDMKELGIWEPLAVKLQTYKTAVETAVLLLRIDDIVSGHKKKG
;
g,G
4 'polypeptide(L)'
;GTDSSQGIPQLVSNISACQVIAEAVRTTLGPRGMDKLIVDGRGKATISNDGATILKLLDVVHPAAKTLVDIAKSQDAEVG
DGTTSVTLLAAEFLKQVKPYVEEGLHPQIIIRAFRTATQLAVNKIKEIAVTVKKADKVEQRKLLEKCAMTALSSKLISQQ
KAFFAKMVVDAVMMLDDLLQLKMIGIKKVQGGALEDSQLVAGVAFKKTFSYAGFEMQPKKYHNPKIALLNVELELKAEKD
NAEIRVHTVEDYQAIVDAEWNILYDKLEKIHHSGAKVVLSKLPIGDVATQYFADRDMFCAGRVPEEDLKRTMMACGGSIQ
TSVNALSADVLGRCQVFEETQIGGERYNFFTGCPKAKTCTFILRGGAEQFMEETERSLHDAIMIVRRAIKNDSVVAGGGA
IEMELSKYLRDYSRTIPGKQQLLIGAYAKALEIIPRQLCDNAGFDATNILNKLRARHAQGGTWYGVDINNEDIADNFEAF
VWEPAMVRINALTAASEAACLIVSVDETIKNPRS
;
h,H
5 'polypeptide(L)'
;VYRNIQACKELAQTTRTAYGPNGMNKMVINHLEKLFVTNDAATILRELEVQHPAAKMIVMASHMQEQEVGDGTNFVLVFA
GALLELAEELLRIGLSVSEVIEGYEIACRKAHEILPNLVCCSAKNLRDIDEVSSLLRTSIMSKQYGNEVFLAKLIAQACV
SIFPDSGHFNVDNIRVCKILGSGISSSSVLHGMVFKKETEGDVTSVKDAKIAVYSCPFDGMITETKGTVLIKTAEELMNF
SKGEENLMDAQVKAIADTGANVVVTGGKVADMALHYANKYNIMLVRLNSKWDLRRLCKTVGATALPRLTPPVLEEMGHCD
SVYLSEVGDTQVVVFKHEKEDGAISTIVLRGSTDNLMDDIERAVDDGVNTFKVLTRDKRLVPGGGATEIELAKQITSYGE
TCPGLEQYAIKKFAEAFEAIPRALAENSGVKANEVISKLYAVHQEGNKNVGLDIEAEVPAVKDMLEAGILDTYLGKYWAI
KLATNAAVTVLRVDQIIM
;
q,Q
6 'polypeptide(L)'
;ASLSLAPVNIFKAGADEERAETARLTSFIGAIAIGDLVKSTLGPKGMDKILLSSGRDASLMVTNDGATILKNIGVDNPAA
KVLVDMSRVQDDEVGDGTTSVTVLAAELLREAESLIAKKIHPQTIIAGWREATKAAREALLSSAVDHGSDEVKFRQDLMN
IAGTTLSSKLLTHHKDHFTKLAVEAVLRLKGSGNLEAIHIIKKLGGSLADSYLDEGFLLDKKIGVNQPKRIENAKILIAN
TGMDTDKIKIFGSRVRVDSTAKVAEIEHAEKEKMKEKVERILKHGINCFINRQLIYNYPEQLFGAAGVMAIEHADFAGVE
RLALVTGGEIASTFDHPELVKLGSCKLIEEVMIGEDKLIHFSGVALGEACTIVLRGATQQILDEAERSLHDALCVLAQTV
KDSRTVYGGGCSEMLMAHAVTQLANRTPGKEAVAMESYAKALRMLPTIIADNAGYDSADLVAQLRAAHSEGNTTAGLDMR
EGTIGDMAILGITESFQVKRQVLLSAAEAAEVILRVDNIIKAAPRK
;
B,b
7 'polypeptide(L)'
;RGKGAYQDRDKPAQIRFSNISAAKAVADAIRTSLGPKGMDKMIQDGKGDVTITNDGATILKQMQVLHPAARMLVELSKAQ
DIEAGDGTTSVVIIAGSLLDSCTKLLQKGIHPTIISESFQKALEKGIEILTDMSRPVELSDRETLLNSATTSLNSKVVSQ
YSSLLSPMSVNAVMKVIDPATATSVDLRDIKIVKKLGGTIDDCELVEGLVLTQKVSNSGITRVEKAKIGLIQFCLSAPKT
DMDNQIVVSDYAQMDRVLREERAYILNLVKQIKKTGCNVLLIQKSILRDALSDLALHFLNKMKIMVIKDIEREDIEFICK
TIGTKPVAHIDQFTADMLGSAELAEEVNLNGSGKLLKITGCASPGKTVTIVVRGSNKLVIEEAERSIHDALCVIRCLVKK
RALIAGGGAPEIELALRLTEYSRTLSGMESYCVRAFADAMEVIPSTLAENAGLNPISTVTELRNRHAQGEKTAGINVRKG
GISNILEELVVQPLLVSVSALTLATETVRSILKIDDVVNT
;
D,d
8 'polypeptide(L)'
;ASMGTLAFDEYGRPFLIIKDQDRKSRLMGLEALKSHIMAAKAVANTMRTSLGPNGLDKMMVDKDGDVTVTNDGATILSMM
DVDHQIAKLMVELSKSQDDEIGDGTTGVVVLAGALLEEAEQLLDRGIHPIRIADGYEQAARVAIEHLDKISDSVLVDIKD
TEPLIQTAKTTLGSKVVNSCHRQMAEIAVNAVLTVADMERRDVDFELIKVEGKVGGRLEDTKLIKGVIVDKDFSHPQMPK
KVEDAKIAILTCPFEPPKPKTKHKLDVTSVEDYKALQKYEKEKFEEMIQQIKETGANLAICQWGFDDEANHLLLQNNLPA
VRWVGGPEIELIAIATGGRIVPRFSELTAEKLGFAGLVQEISFGTTKDKMLVIEQCKNSRAVTIFIRGGNKMIIEEAKRS
LHDALCVIRNLIRDNRVVYGGGAAEISCALAVSQEADKCPTLEQYAMRAFADALEVIPMALSENSGMNPIQTMTEVRARQ
VKEMNPALGIDCLHKGTNDMKQQHVIETLIGKKQQISLATQMVRMILKIDDIRKPGESEE
;
E,e
#
loop_
_chem_comp.id
_chem_comp.type
_chem_comp.name
_chem_comp.formula
ADP non-polymer ADENOSINE-5'-DIPHOSPHATE 'C10 H15 N5 O10 P2'
#
# COMPACT_ATOMS: atom_id res chain seq x y z
N GLN A 1 2.61 11.64 42.12
CA GLN A 1 2.77 12.73 41.16
C GLN A 1 1.65 12.73 40.13
N ALA A 2 1.44 11.58 39.49
CA ALA A 2 0.35 11.40 38.54
C ALA A 2 -0.64 10.33 38.97
N ALA A 3 -0.23 9.36 39.79
CA ALA A 3 -1.16 8.39 40.34
C ALA A 3 -2.24 9.08 41.16
N LEU A 4 -1.85 10.12 41.91
CA LEU A 4 -2.83 10.91 42.64
C LEU A 4 -3.85 11.54 41.69
N ALA A 5 -3.37 12.08 40.56
CA ALA A 5 -4.29 12.67 39.59
C ALA A 5 -5.23 11.63 39.02
N VAL A 6 -4.73 10.42 38.75
CA VAL A 6 -5.58 9.36 38.22
C VAL A 6 -6.67 8.99 39.23
N ASN A 7 -6.29 8.83 40.49
CA ASN A 7 -7.27 8.52 41.52
C ASN A 7 -8.29 9.64 41.66
N ILE A 8 -7.83 10.89 41.57
CA ILE A 8 -8.72 12.04 41.66
C ILE A 8 -9.74 12.01 40.52
N SER A 9 -9.28 11.74 39.30
CA SER A 9 -10.19 11.69 38.16
C SER A 9 -11.21 10.58 38.33
N ALA A 10 -10.77 9.41 38.78
CA ALA A 10 -11.72 8.31 38.96
C ALA A 10 -12.76 8.64 40.02
N ALA A 11 -12.33 9.22 41.15
CA ALA A 11 -13.27 9.58 42.20
C ALA A 11 -14.25 10.64 41.72
N ARG A 12 -13.76 11.64 40.98
CA ARG A 12 -14.65 12.67 40.46
C ARG A 12 -15.66 12.09 39.48
N GLY A 13 -15.22 11.14 38.65
CA GLY A 13 -16.16 10.49 37.75
C GLY A 13 -17.24 9.73 38.49
N LEU A 14 -16.85 8.99 39.53
CA LEU A 14 -17.84 8.27 40.32
C LEU A 14 -18.82 9.23 40.98
N GLN A 15 -18.31 10.33 41.53
CA GLN A 15 -19.18 11.33 42.14
C GLN A 15 -20.15 11.90 41.12
N ASP A 16 -19.65 12.26 39.93
CA ASP A 16 -20.52 12.83 38.91
C ASP A 16 -21.59 11.85 38.48
N VAL A 17 -21.24 10.56 38.40
CA VAL A 17 -22.24 9.55 38.06
C VAL A 17 -23.31 9.49 39.14
N LEU A 18 -22.91 9.53 40.41
CA LEU A 18 -23.86 9.43 41.52
C LEU A 18 -24.44 10.76 41.96
N ARG A 19 -24.23 11.84 41.21
CA ARG A 19 -24.75 13.13 41.62
C ARG A 19 -26.27 13.15 41.63
N THR A 20 -26.90 12.66 40.56
CA THR A 20 -28.33 12.85 40.36
C THR A 20 -29.13 11.68 40.95
N ASN A 21 -28.84 11.38 42.21
CA ASN A 21 -29.62 10.42 42.97
C ASN A 21 -29.99 10.87 44.37
N LEU A 22 -29.25 11.79 44.97
CA LEU A 22 -29.49 12.19 46.34
C LEU A 22 -30.78 12.98 46.46
N GLY A 23 -31.57 12.67 47.49
CA GLY A 23 -32.77 13.40 47.79
C GLY A 23 -34.02 12.77 47.21
N PRO A 24 -35.17 12.99 47.87
CA PRO A 24 -36.43 12.47 47.35
C PRO A 24 -36.78 12.99 45.98
N LYS A 25 -36.47 14.26 45.68
CA LYS A 25 -36.78 14.81 44.37
C LYS A 25 -35.74 14.44 43.31
N GLY A 26 -34.66 13.79 43.70
CA GLY A 26 -33.65 13.41 42.72
C GLY A 26 -34.14 12.31 41.80
N THR A 27 -33.72 12.38 40.56
CA THR A 27 -34.10 11.37 39.58
C THR A 27 -33.46 10.03 39.92
N MET A 28 -33.97 8.98 39.28
CA MET A 28 -33.54 7.62 39.55
C MET A 28 -32.95 7.01 38.29
N LYS A 29 -31.96 6.13 38.48
CA LYS A 29 -31.33 5.43 37.38
C LYS A 29 -31.99 4.07 37.17
N MET A 30 -31.59 3.39 36.10
CA MET A 30 -32.07 2.05 35.81
C MET A 30 -30.89 1.20 35.37
N LEU A 31 -30.92 -0.07 35.74
CA LEU A 31 -29.80 -0.99 35.50
C LEU A 31 -30.21 -2.03 34.47
N VAL A 32 -29.35 -2.25 33.47
CA VAL A 32 -29.57 -3.25 32.45
C VAL A 32 -28.49 -4.32 32.57
N SER A 33 -28.90 -5.57 32.41
CA SER A 33 -27.99 -6.71 32.47
C SER A 33 -27.81 -7.32 31.09
N GLY A 34 -26.86 -8.25 31.00
CA GLY A 34 -26.64 -8.93 29.74
C GLY A 34 -27.82 -9.78 29.32
N ALA A 35 -28.52 -10.38 30.28
CA ALA A 35 -29.67 -11.22 29.97
C ALA A 35 -30.78 -10.41 29.32
N GLY A 36 -31.01 -9.19 29.79
CA GLY A 36 -32.06 -8.34 29.25
C GLY A 36 -32.96 -7.78 30.32
N ASP A 37 -33.12 -8.52 31.41
CA ASP A 37 -33.91 -8.03 32.55
C ASP A 37 -33.28 -6.77 33.11
N ILE A 38 -34.12 -5.82 33.50
CA ILE A 38 -33.66 -4.52 33.96
C ILE A 38 -34.16 -4.26 35.37
N LYS A 39 -33.41 -3.46 36.11
CA LYS A 39 -33.77 -3.04 37.46
C LYS A 39 -33.81 -1.52 37.50
N LEU A 40 -34.84 -0.98 38.14
CA LEU A 40 -35.04 0.46 38.27
C LEU A 40 -34.92 0.82 39.74
N THR A 41 -33.89 1.58 40.10
CA THR A 41 -33.61 1.87 41.49
C THR A 41 -32.91 3.22 41.63
N LYS A 42 -32.90 3.72 42.86
CA LYS A 42 -32.24 4.98 43.18
C LYS A 42 -31.31 4.89 44.39
N ASP A 43 -31.41 3.82 45.19
CA ASP A 43 -30.57 3.71 46.37
C ASP A 43 -29.10 3.50 45.99
N GLY A 44 -28.22 4.16 46.72
CA GLY A 44 -26.80 4.09 46.40
C GLY A 44 -26.17 2.73 46.63
N ASN A 45 -26.59 2.03 47.69
CA ASN A 45 -25.99 0.73 48.01
C ASN A 45 -26.16 -0.25 46.86
N VAL A 46 -27.39 -0.44 46.38
CA VAL A 46 -27.62 -1.36 45.29
C VAL A 46 -26.97 -0.87 44.01
N LEU A 47 -26.92 0.45 43.81
CA LEU A 47 -26.28 0.99 42.61
C LEU A 47 -24.80 0.64 42.58
N LEU A 48 -24.11 0.80 43.71
CA LEU A 48 -22.70 0.48 43.76
C LEU A 48 -22.45 -1.01 43.73
N HIS A 49 -23.38 -1.81 44.28
CA HIS A 49 -23.22 -3.25 44.24
C HIS A 49 -23.57 -3.83 42.88
N GLU A 50 -24.25 -3.08 42.01
CA GLU A 50 -24.70 -3.59 40.72
C GLU A 50 -24.04 -2.92 39.52
N MET A 51 -23.49 -1.73 39.68
CA MET A 51 -22.87 -1.04 38.56
C MET A 51 -21.63 -1.80 38.08
N GLN A 52 -21.39 -1.72 36.77
CA GLN A 52 -20.20 -2.32 36.15
C GLN A 52 -19.20 -1.20 35.92
N ILE A 53 -18.29 -1.02 36.87
CA ILE A 53 -17.38 0.12 36.86
C ILE A 53 -16.18 -0.17 35.98
N GLN A 54 -15.74 0.83 35.23
CA GLN A 54 -14.56 0.68 34.39
C GLN A 54 -13.28 0.85 35.18
N HIS A 55 -13.10 2.01 35.80
CA HIS A 55 -11.84 2.34 36.44
C HIS A 55 -11.60 1.45 37.67
N PRO A 56 -10.38 0.98 37.88
CA PRO A 56 -10.12 0.06 38.98
C PRO A 56 -10.30 0.68 40.36
N THR A 57 -9.64 1.82 40.60
CA THR A 57 -9.74 2.46 41.92
C THR A 57 -11.14 2.97 42.20
N ALA A 58 -11.92 3.30 41.17
CA ALA A 58 -13.33 3.60 41.39
C ALA A 58 -14.06 2.38 41.93
N SER A 59 -13.75 1.19 41.38
CA SER A 59 -14.31 -0.04 41.93
C SER A 59 -13.86 -0.25 43.36
N LEU A 60 -12.60 0.07 43.66
CA LEU A 60 -12.13 0.02 45.04
C LEU A 60 -12.98 0.89 45.94
N ILE A 61 -13.21 2.14 45.53
CA ILE A 61 -14.00 3.08 46.32
C ILE A 61 -15.39 2.52 46.56
N ALA A 62 -16.04 2.04 45.50
CA ALA A 62 -17.39 1.51 45.64
C ALA A 62 -17.42 0.33 46.60
N LYS A 63 -16.49 -0.61 46.44
CA LYS A 63 -16.50 -1.81 47.27
C LYS A 63 -16.26 -1.46 48.73
N VAL A 64 -15.25 -0.64 49.01
CA VAL A 64 -14.95 -0.32 50.40
C VAL A 64 -16.07 0.50 51.01
N ALA A 65 -16.68 1.40 50.24
CA ALA A 65 -17.77 2.21 50.77
C ALA A 65 -18.96 1.34 51.15
N THR A 66 -19.37 0.44 50.25
CA THR A 66 -20.47 -0.45 50.57
C THR A 66 -20.14 -1.32 51.78
N ALA A 67 -18.93 -1.85 51.82
CA ALA A 67 -18.53 -2.72 52.92
C ALA A 67 -18.61 -1.99 54.26
N GLN A 68 -18.12 -0.74 54.30
CA GLN A 68 -18.15 -0.05 55.58
C GLN A 68 -19.57 0.38 55.97
N ASP A 69 -20.35 0.91 55.04
CA ASP A 69 -21.63 1.49 55.44
C ASP A 69 -22.77 0.50 55.43
N ASP A 70 -22.49 -0.77 55.14
CA ASP A 70 -23.49 -1.81 55.40
C ASP A 70 -23.87 -1.82 56.88
N ILE A 71 -22.95 -1.42 57.76
CA ILE A 71 -23.21 -1.45 59.20
C ILE A 71 -24.34 -0.48 59.55
N THR A 72 -24.20 0.78 59.15
CA THR A 72 -25.21 1.78 59.43
C THR A 72 -26.36 1.60 58.45
N GLY A 73 -27.36 2.47 58.52
CA GLY A 73 -28.51 2.36 57.64
C GLY A 73 -28.20 2.67 56.19
N ASP A 74 -27.96 3.94 55.89
CA ASP A 74 -27.72 4.42 54.53
C ASP A 74 -26.94 5.72 54.59
N GLY A 75 -26.87 6.41 53.46
CA GLY A 75 -26.05 7.59 53.33
C GLY A 75 -24.91 7.36 52.36
N THR A 76 -25.04 6.29 51.57
CA THR A 76 -23.96 5.86 50.69
C THR A 76 -23.63 6.93 49.66
N THR A 77 -24.63 7.41 48.94
CA THR A 77 -24.38 8.40 47.90
C THR A 77 -23.87 9.70 48.49
N SER A 78 -24.38 10.09 49.66
CA SER A 78 -23.85 11.26 50.33
C SER A 78 -22.39 11.07 50.69
N ASN A 79 -22.03 9.88 51.16
CA ASN A 79 -20.63 9.59 51.46
C ASN A 79 -19.76 9.70 50.23
N VAL A 80 -20.24 9.16 49.09
CA VAL A 80 -19.46 9.22 47.87
C VAL A 80 -19.29 10.66 47.40
N LEU A 81 -20.36 11.46 47.48
CA LEU A 81 -20.26 12.86 47.12
C LEU A 81 -19.25 13.58 48.00
N ILE A 82 -19.29 13.32 49.31
CA ILE A 82 -18.40 14.03 50.21
C ILE A 82 -16.95 13.62 49.97
N ILE A 83 -16.69 12.34 49.71
CA ILE A 83 -15.30 11.92 49.48
C ILE A 83 -14.79 12.49 48.15
N GLY A 84 -15.64 12.53 47.13
CA GLY A 84 -15.24 13.14 45.88
C GLY A 84 -14.91 14.62 46.04
N GLU A 85 -15.76 15.34 46.78
CA GLU A 85 -15.49 16.75 47.01
C GLU A 85 -14.23 16.95 47.85
N LEU A 86 -14.00 16.08 48.84
CA LEU A 86 -12.78 16.15 49.63
C LEU A 86 -11.56 15.98 48.73
N LEU A 87 -11.59 14.98 47.85
CA LEU A 87 -10.46 14.76 46.96
C LEU A 87 -10.25 15.94 46.03
N LYS A 88 -11.32 16.50 45.48
CA LYS A 88 -11.16 17.65 44.59
C LYS A 88 -10.56 18.84 45.33
N GLN A 89 -11.08 19.14 46.53
CA GLN A 89 -10.57 20.26 47.29
C GLN A 89 -9.11 20.05 47.66
N ALA A 90 -8.74 18.83 48.04
CA ALA A 90 -7.35 18.54 48.34
C ALA A 90 -6.48 18.67 47.11
N ASP A 91 -7.01 18.32 45.94
CA ASP A 91 -6.25 18.44 44.70
C ASP A 91 -5.96 19.90 44.36
N LEU A 92 -6.94 20.78 44.59
CA LEU A 92 -6.72 22.20 44.33
C LEU A 92 -5.57 22.79 45.16
N TYR A 93 -5.19 22.14 46.26
CA TYR A 93 -4.02 22.56 47.01
C TYR A 93 -2.78 21.71 46.73
N ILE A 94 -2.97 20.44 46.37
CA ILE A 94 -1.87 19.56 46.04
C ILE A 94 -1.17 20.01 44.76
N SER A 95 -1.94 20.54 43.81
CA SER A 95 -1.37 20.93 42.52
C SER A 95 -0.24 21.95 42.65
N GLU A 96 -0.01 22.51 43.84
CA GLU A 96 1.06 23.47 44.09
C GLU A 96 1.90 23.01 45.26
N GLY A 97 2.29 21.75 45.25
CA GLY A 97 3.04 21.17 46.37
C GLY A 97 2.10 20.60 47.42
N LEU A 98 2.20 21.10 48.65
CA LEU A 98 1.27 20.76 49.72
C LEU A 98 1.19 19.24 49.91
N HIS A 99 2.32 18.68 50.36
CA HIS A 99 2.48 17.26 50.65
C HIS A 99 1.26 16.71 51.35
N PRO A 100 0.77 15.53 50.93
CA PRO A 100 -0.54 15.07 51.40
C PRO A 100 -0.66 14.86 52.90
N ARG A 101 0.45 14.69 53.62
CA ARG A 101 0.37 14.44 55.06
C ARG A 101 -0.25 15.63 55.78
N ILE A 102 0.10 16.86 55.36
CA ILE A 102 -0.46 18.05 55.99
C ILE A 102 -1.98 18.10 55.76
N ILE A 103 -2.41 17.80 54.54
CA ILE A 103 -3.84 17.74 54.25
C ILE A 103 -4.50 16.67 55.11
N THR A 104 -3.81 15.55 55.32
CA THR A 104 -4.35 14.51 56.19
C THR A 104 -4.52 15.00 57.62
N GLU A 105 -3.54 15.73 58.14
CA GLU A 105 -3.66 16.26 59.49
C GLU A 105 -4.82 17.25 59.59
N GLY A 106 -4.95 18.12 58.60
CA GLY A 106 -6.10 19.01 58.58
C GLY A 106 -7.41 18.27 58.54
N PHE A 107 -7.47 17.20 57.75
CA PHE A 107 -8.69 16.40 57.65
C PHE A 107 -9.03 15.78 59.00
N GLU A 108 -8.02 15.25 59.68
CA GLU A 108 -8.28 14.59 60.98
C GLU A 108 -8.73 15.61 62.02
N ALA A 109 -8.10 16.79 62.05
CA ALA A 109 -8.53 17.82 62.98
C ALA A 109 -9.96 18.27 62.69
N ALA A 110 -10.29 18.45 61.41
CA ALA A 110 -11.65 18.82 61.05
C ALA A 110 -12.64 17.72 61.42
N LYS A 111 -12.24 16.46 61.28
CA LYS A 111 -13.10 15.36 61.70
C LYS A 111 -13.36 15.42 63.20
N GLU A 112 -12.33 15.68 64.00
CA GLU A 112 -12.53 15.78 65.44
C GLU A 112 -13.48 16.91 65.80
N LYS A 113 -13.27 18.09 65.18
CA LYS A 113 -14.13 19.23 65.46
C LYS A 113 -15.57 18.94 65.05
N ALA A 114 -15.76 18.30 63.88
CA ALA A 114 -17.10 17.99 63.42
C ALA A 114 -17.77 16.96 64.32
N LEU A 115 -17.02 15.99 64.82
CA LEU A 115 -17.58 15.02 65.76
C LEU A 115 -18.08 15.71 67.02
N GLN A 116 -17.28 16.62 67.57
CA GLN A 116 -17.73 17.35 68.76
C GLN A 116 -18.96 18.21 68.44
N PHE A 117 -18.96 18.85 67.27
CA PHE A 117 -20.11 19.68 66.88
C PHE A 117 -21.37 18.85 66.78
N LEU A 118 -21.30 17.70 66.11
CA LEU A 118 -22.45 16.80 66.00
C LEU A 118 -22.89 16.31 67.37
N GLU A 119 -21.94 16.02 68.26
CA GLU A 119 -22.29 15.62 69.62
C GLU A 119 -23.11 16.70 70.31
N GLU A 120 -22.73 17.96 70.13
CA GLU A 120 -23.42 19.03 70.84
C GLU A 120 -24.63 19.58 70.09
N VAL A 121 -24.89 19.13 68.86
CA VAL A 121 -26.04 19.62 68.10
C VAL A 121 -27.19 18.62 68.15
N LYS A 122 -26.88 17.34 68.37
CA LYS A 122 -27.91 16.30 68.30
C LYS A 122 -29.05 16.60 69.25
N VAL A 123 -30.27 16.39 68.77
CA VAL A 123 -31.49 16.75 69.51
C VAL A 123 -32.14 15.47 70.01
N SER A 124 -32.39 15.41 71.32
CA SER A 124 -32.86 14.20 71.98
C SER A 124 -34.34 14.26 72.33
N ARG A 125 -35.16 14.79 71.43
CA ARG A 125 -36.61 14.81 71.65
C ARG A 125 -37.13 13.40 71.87
N GLU A 126 -38.00 13.26 72.88
CA GLU A 126 -38.48 11.95 73.28
C GLU A 126 -39.30 11.32 72.16
N MET A 127 -39.17 10.00 72.03
CA MET A 127 -39.80 9.28 70.93
C MET A 127 -41.32 9.24 71.09
N ASP A 128 -42.02 9.37 69.97
CA ASP A 128 -43.46 9.19 69.93
C ASP A 128 -43.86 8.74 68.54
N ARG A 129 -45.17 8.64 68.32
CA ARG A 129 -45.66 8.20 67.01
C ARG A 129 -45.33 9.22 65.93
N GLU A 130 -45.45 10.52 66.23
CA GLU A 130 -45.27 11.54 65.20
C GLU A 130 -43.84 11.57 64.68
N THR A 131 -42.86 11.47 65.58
CA THR A 131 -41.47 11.48 65.14
C THR A 131 -41.16 10.24 64.29
N LEU A 132 -41.73 9.10 64.64
CA LEU A 132 -41.55 7.90 63.83
C LEU A 132 -42.19 8.07 62.45
N ILE A 133 -43.37 8.71 62.40
CA ILE A 133 -43.98 9.07 61.12
C ILE A 133 -43.00 9.88 60.28
N ASP A 134 -42.42 10.91 60.89
CA ASP A 134 -41.53 11.81 60.15
C ASP A 134 -40.30 11.07 59.65
N VAL A 135 -39.70 10.24 60.51
CA VAL A 135 -38.50 9.50 60.13
C VAL A 135 -38.82 8.52 59.01
N ALA A 136 -39.96 7.82 59.11
CA ALA A 136 -40.36 6.88 58.06
C ALA A 136 -40.57 7.60 56.74
N ARG A 137 -41.24 8.76 56.78
CA ARG A 137 -41.46 9.52 55.55
C ARG A 137 -40.14 9.95 54.93
N THR A 138 -39.23 10.47 55.76
CA THR A 138 -37.94 10.94 55.24
C THR A 138 -37.13 9.79 54.65
N SER A 139 -37.15 8.62 55.30
CA SER A 139 -36.37 7.50 54.81
C SER A 139 -37.04 6.75 53.67
N LEU A 140 -38.34 6.96 53.44
CA LEU A 140 -39.05 6.26 52.39
C LEU A 140 -39.23 7.08 51.13
N ARG A 141 -39.36 8.41 51.24
CA ARG A 141 -39.56 9.23 50.06
C ARG A 141 -38.32 9.31 49.18
N THR A 142 -37.18 8.81 49.66
CA THR A 142 -35.93 8.83 48.91
C THR A 142 -35.66 7.52 48.18
N LYS A 143 -36.64 6.62 48.12
CA LYS A 143 -36.46 5.34 47.42
C LYS A 143 -37.63 4.95 46.53
N VAL A 144 -38.78 5.59 46.65
CA VAL A 144 -39.96 5.19 45.86
C VAL A 144 -40.79 6.43 45.57
N HIS A 145 -41.87 6.26 44.82
CA HIS A 145 -42.76 7.36 44.47
C HIS A 145 -43.32 8.04 45.73
N ALA A 146 -43.89 9.22 45.53
CA ALA A 146 -44.34 10.04 46.65
C ALA A 146 -45.51 9.39 47.38
N GLU A 147 -46.63 9.19 46.68
CA GLU A 147 -47.82 8.66 47.34
C GLU A 147 -47.64 7.22 47.77
N LEU A 148 -46.86 6.44 47.02
CA LEU A 148 -46.56 5.07 47.46
C LEU A 148 -45.81 5.10 48.79
N ALA A 149 -44.85 6.00 48.91
CA ALA A 149 -44.14 6.15 50.18
C ALA A 149 -45.09 6.60 51.28
N ASP A 150 -45.99 7.53 50.98
CA ASP A 150 -46.93 7.99 51.99
C ASP A 150 -47.82 6.85 52.49
N VAL A 151 -48.25 5.98 51.57
CA VAL A 151 -49.04 4.82 51.96
C VAL A 151 -48.22 3.88 52.83
N LEU A 152 -46.96 3.62 52.42
CA LEU A 152 -46.14 2.62 53.09
C LEU A 152 -45.63 3.09 54.46
N THR A 153 -45.57 4.41 54.68
CA THR A 153 -45.07 4.91 55.96
C THR A 153 -45.93 4.44 57.12
N GLU A 154 -47.25 4.47 56.96
CA GLU A 154 -48.13 4.04 58.04
C GLU A 154 -47.90 2.59 58.38
N ALA A 155 -47.81 1.73 57.37
CA ALA A 155 -47.59 0.31 57.62
C ALA A 155 -46.27 0.07 58.33
N VAL A 156 -45.18 0.69 57.83
CA VAL A 156 -43.88 0.42 58.43
C VAL A 156 -43.81 0.97 59.84
N VAL A 157 -44.38 2.16 60.08
CA VAL A 157 -44.28 2.76 61.41
C VAL A 157 -45.11 1.95 62.40
N ASP A 158 -46.29 1.46 61.98
CA ASP A 158 -47.09 0.65 62.89
C ASP A 158 -46.37 -0.66 63.21
N SER A 159 -45.76 -1.29 62.21
CA SER A 159 -45.00 -2.52 62.47
C SER A 159 -43.87 -2.26 63.46
N ILE A 160 -43.15 -1.15 63.27
CA ILE A 160 -41.98 -0.88 64.11
C ILE A 160 -42.40 -0.53 65.53
N LEU A 161 -43.44 0.29 65.70
CA LEU A 161 -43.90 0.58 67.05
C LEU A 161 -44.45 -0.67 67.73
N ALA A 162 -45.01 -1.60 66.95
CA ALA A 162 -45.36 -2.90 67.51
C ALA A 162 -44.13 -3.64 67.99
N ILE A 163 -43.06 -3.64 67.19
CA ILE A 163 -41.85 -4.36 67.55
C ILE A 163 -41.22 -3.77 68.81
N LYS A 164 -41.29 -2.44 68.97
CA LYS A 164 -40.52 -1.73 69.99
C LYS A 164 -40.80 -2.17 71.42
N LYS A 165 -41.79 -3.04 71.65
CA LYS A 165 -42.17 -3.37 73.03
C LYS A 165 -41.10 -4.15 73.77
N GLN A 166 -40.17 -4.80 73.07
CA GLN A 166 -39.15 -5.61 73.75
C GLN A 166 -38.11 -4.76 74.47
N ASP A 167 -38.08 -3.45 74.24
CA ASP A 167 -37.08 -2.53 74.79
C ASP A 167 -35.68 -2.81 74.28
N GLU A 168 -35.54 -3.62 73.24
CA GLU A 168 -34.26 -3.90 72.62
C GLU A 168 -34.45 -4.06 71.12
N PRO A 169 -33.64 -3.38 70.31
CA PRO A 169 -33.78 -3.48 68.85
C PRO A 169 -33.33 -4.84 68.36
N ILE A 170 -34.26 -5.59 67.78
CA ILE A 170 -33.97 -6.85 67.10
C ILE A 170 -34.66 -6.81 65.75
N ASP A 171 -34.14 -7.57 64.80
CA ASP A 171 -34.65 -7.49 63.43
C ASP A 171 -34.48 -8.82 62.72
N LEU A 172 -34.50 -8.78 61.39
CA LEU A 172 -34.34 -9.98 60.54
C LEU A 172 -35.57 -10.86 60.75
N PHE A 173 -35.50 -11.90 61.58
CA PHE A 173 -36.61 -12.84 61.69
C PHE A 173 -37.92 -12.17 62.07
N MET A 174 -37.87 -11.21 62.99
CA MET A 174 -39.09 -10.74 63.64
C MET A 174 -39.96 -9.95 62.67
N ILE A 175 -39.34 -9.37 61.63
CA ILE A 175 -40.04 -8.66 60.57
C ILE A 175 -39.79 -9.38 59.25
N GLU A 176 -40.85 -9.86 58.61
CA GLU A 176 -40.74 -10.61 57.38
C GLU A 176 -41.52 -9.89 56.29
N ILE A 177 -40.92 -9.79 55.10
CA ILE A 177 -41.54 -9.15 53.96
C ILE A 177 -42.00 -10.24 53.01
N MET A 178 -43.30 -10.37 52.81
CA MET A 178 -43.82 -11.34 51.87
C MET A 178 -44.00 -10.69 50.51
N GLU A 179 -43.87 -11.50 49.46
CA GLU A 179 -43.92 -11.02 48.09
C GLU A 179 -45.00 -11.79 47.32
N MET A 180 -45.83 -11.05 46.59
CA MET A 180 -46.84 -11.66 45.74
C MET A 180 -47.18 -10.67 44.64
N LYS A 181 -48.02 -11.12 43.70
CA LYS A 181 -48.15 -10.40 42.44
C LYS A 181 -49.59 -9.99 42.11
N HIS A 182 -50.29 -9.40 43.07
CA HIS A 182 -51.62 -8.87 42.80
C HIS A 182 -51.51 -7.59 41.97
N LYS A 183 -52.54 -7.36 41.13
CA LYS A 183 -52.53 -6.18 40.28
C LYS A 183 -52.59 -4.90 41.10
N SER A 184 -53.42 -4.88 42.15
CA SER A 184 -53.58 -3.68 42.98
C SER A 184 -52.38 -3.55 43.90
N GLU A 185 -51.41 -2.74 43.49
CA GLU A 185 -50.24 -2.49 44.33
C GLU A 185 -50.56 -1.62 45.54
N THR A 186 -51.73 -0.97 45.54
CA THR A 186 -52.10 -0.10 46.65
C THR A 186 -52.31 -0.87 47.94
N ASP A 187 -52.52 -2.18 47.88
CA ASP A 187 -52.75 -2.98 49.07
C ASP A 187 -51.42 -3.30 49.74
N THR A 188 -51.24 -2.76 50.95
CA THR A 188 -50.00 -2.96 51.69
C THR A 188 -50.30 -2.77 53.17
N SER A 189 -50.19 -3.85 53.94
CA SER A 189 -50.49 -3.82 55.37
C SER A 189 -49.54 -4.76 56.10
N LEU A 190 -49.78 -4.94 57.39
CA LEU A 190 -48.96 -5.80 58.23
C LEU A 190 -49.82 -6.89 58.85
N ILE A 191 -49.21 -8.06 59.03
CA ILE A 191 -49.89 -9.21 59.63
C ILE A 191 -49.05 -9.70 60.80
N ARG A 192 -49.68 -9.84 61.96
CA ARG A 192 -48.98 -10.33 63.13
C ARG A 192 -48.76 -11.84 63.02
N GLY A 193 -47.90 -12.36 63.90
CA GLY A 193 -47.60 -13.78 63.87
C GLY A 193 -46.81 -14.15 62.63
N LEU A 194 -47.31 -15.12 61.88
CA LEU A 194 -46.64 -15.63 60.69
C LEU A 194 -47.63 -15.74 59.54
N VAL A 195 -47.09 -15.70 58.32
CA VAL A 195 -47.83 -15.99 57.11
C VAL A 195 -47.06 -17.06 56.35
N LEU A 196 -47.72 -18.19 56.09
CA LEU A 196 -47.09 -19.29 55.40
C LEU A 196 -47.24 -19.11 53.89
N ASP A 197 -46.23 -19.59 53.14
CA ASP A 197 -46.20 -19.36 51.70
C ASP A 197 -47.42 -19.98 51.02
N HIS A 198 -47.69 -21.24 51.29
CA HIS A 198 -48.82 -21.94 50.68
C HIS A 198 -49.14 -23.16 51.54
N GLY A 199 -50.11 -23.95 51.07
CA GLY A 199 -50.58 -25.09 51.85
C GLY A 199 -50.48 -26.42 51.14
N ALA A 200 -51.59 -27.14 51.06
CA ALA A 200 -51.61 -28.48 50.49
C ALA A 200 -52.94 -28.67 49.75
N ARG A 201 -53.21 -29.92 49.36
CA ARG A 201 -54.43 -30.25 48.62
C ARG A 201 -55.50 -30.65 49.63
N HIS A 202 -56.27 -29.67 50.09
CA HIS A 202 -57.30 -29.89 51.09
C HIS A 202 -58.59 -29.17 50.70
N PRO A 203 -59.67 -29.90 50.40
CA PRO A 203 -60.94 -29.23 50.11
C PRO A 203 -61.65 -28.78 51.37
N ASP A 204 -61.59 -27.49 51.68
CA ASP A 204 -62.29 -26.87 52.81
C ASP A 204 -62.15 -27.71 54.08
N MET A 205 -60.91 -27.89 54.52
CA MET A 205 -60.68 -28.75 55.69
C MET A 205 -61.09 -28.06 56.98
N LYS A 206 -60.49 -26.92 57.29
CA LYS A 206 -60.83 -26.20 58.51
C LYS A 206 -61.14 -24.73 58.29
N LYS A 207 -60.43 -24.07 57.37
CA LYS A 207 -60.61 -22.65 57.08
C LYS A 207 -60.49 -21.80 58.34
N ARG A 208 -61.63 -21.44 58.94
CA ARG A 208 -61.63 -20.63 60.15
C ARG A 208 -61.19 -21.45 61.35
N VAL A 209 -59.88 -21.53 61.57
CA VAL A 209 -59.34 -22.44 62.58
C VAL A 209 -59.68 -21.96 63.98
N GLU A 210 -59.63 -20.65 64.21
CA GLU A 210 -59.78 -20.05 65.55
C GLU A 210 -58.66 -20.60 66.42
N ASP A 211 -58.95 -21.13 67.61
CA ASP A 211 -57.90 -21.67 68.46
C ASP A 211 -57.24 -22.88 67.80
N ALA A 212 -55.92 -22.99 67.97
CA ALA A 212 -55.17 -24.03 67.30
C ALA A 212 -53.97 -24.42 68.14
N TYR A 213 -53.47 -25.62 67.88
CA TYR A 213 -52.25 -26.13 68.50
C TYR A 213 -51.24 -26.45 67.41
N ILE A 214 -49.99 -26.03 67.62
CA ILE A 214 -48.94 -26.13 66.61
C ILE A 214 -47.91 -27.14 67.06
N LEU A 215 -47.70 -28.16 66.26
CA LEU A 215 -46.66 -29.15 66.52
C LEU A 215 -45.72 -29.33 65.35
N THR A 216 -46.21 -29.20 64.11
CA THR A 216 -45.40 -29.29 62.90
C THR A 216 -44.58 -30.58 62.88
N CYS A 217 -43.31 -30.47 63.25
CA CYS A 217 -42.40 -31.60 63.38
C CYS A 217 -42.20 -32.34 62.06
N ASN A 218 -42.39 -31.63 60.94
CA ASN A 218 -42.11 -32.15 59.60
C ASN A 218 -42.76 -33.53 59.40
N VAL A 219 -44.10 -33.52 59.40
CA VAL A 219 -44.86 -34.75 59.31
C VAL A 219 -44.46 -35.53 58.05
N SER A 220 -44.69 -36.84 58.10
CA SER A 220 -44.21 -37.74 57.05
C SER A 220 -45.37 -38.44 56.36
N LEU A 221 -46.40 -37.68 55.98
CA LEU A 221 -47.51 -38.25 55.22
C LEU A 221 -47.07 -38.78 53.87
N GLU A 222 -45.91 -38.33 53.38
CA GLU A 222 -45.29 -38.83 52.15
C GLU A 222 -43.84 -39.18 52.42
N TYR A 223 -43.61 -39.96 53.49
CA TYR A 223 -42.27 -40.32 53.92
C TYR A 223 -41.44 -40.88 52.78
N GLU A 224 -40.14 -40.58 52.80
CA GLU A 224 -39.25 -40.96 51.72
C GLU A 224 -39.22 -42.47 51.54
N LYS A 225 -39.28 -42.91 50.28
CA LYS A 225 -39.25 -44.33 49.97
C LYS A 225 -37.80 -44.76 49.72
N THR A 226 -37.63 -46.01 49.28
CA THR A 226 -36.31 -46.58 49.00
C THR A 226 -36.05 -46.66 47.51
N GLU A 227 -36.44 -45.62 46.77
CA GLU A 227 -36.35 -45.66 45.31
C GLU A 227 -34.91 -45.86 44.83
N VAL A 228 -33.96 -45.18 45.47
CA VAL A 228 -32.57 -45.23 45.04
C VAL A 228 -31.97 -46.57 45.47
N ASN A 229 -31.71 -47.45 44.50
CA ASN A 229 -31.01 -48.70 44.74
C ASN A 229 -29.72 -48.80 43.95
N SER A 230 -29.77 -48.63 42.62
CA SER A 230 -28.56 -48.59 41.80
C SER A 230 -28.86 -47.70 40.59
N GLY A 231 -28.56 -46.42 40.72
CA GLY A 231 -28.66 -45.48 39.61
C GLY A 231 -30.10 -45.15 39.24
N PHE A 232 -30.80 -46.12 38.67
CA PHE A 232 -32.19 -45.95 38.25
C PHE A 232 -32.79 -47.34 38.06
N PHE A 233 -33.97 -47.39 37.45
CA PHE A 233 -34.66 -48.67 37.24
C PHE A 233 -33.93 -49.47 36.17
N TYR A 234 -33.23 -50.52 36.62
CA TYR A 234 -32.51 -51.43 35.74
C TYR A 234 -33.36 -52.67 35.46
N LYS A 235 -32.75 -53.68 34.84
CA LYS A 235 -33.44 -54.95 34.64
C LYS A 235 -33.78 -55.62 35.98
N SER A 236 -33.01 -55.31 37.02
CA SER A 236 -33.33 -55.77 38.37
C SER A 236 -34.18 -54.73 39.10
N ALA A 237 -35.35 -54.46 38.52
CA ALA A 237 -36.25 -53.43 39.02
C ALA A 237 -37.14 -53.92 40.16
N GLU A 238 -37.02 -55.19 40.55
CA GLU A 238 -37.84 -55.69 41.65
C GLU A 238 -37.55 -54.94 42.95
N GLU A 239 -36.34 -54.40 43.10
CA GLU A 239 -36.05 -53.55 44.25
C GLU A 239 -36.91 -52.30 44.22
N ARG A 240 -36.91 -51.58 43.10
CA ARG A 240 -37.72 -50.38 42.95
C ARG A 240 -39.18 -50.68 42.64
N GLU A 241 -39.57 -51.96 42.66
CA GLU A 241 -40.96 -52.35 42.50
C GLU A 241 -41.61 -52.80 43.80
N LYS A 242 -40.84 -53.42 44.69
CA LYS A 242 -41.37 -53.91 45.96
C LYS A 242 -40.74 -53.24 47.17
N LEU A 243 -39.42 -53.05 47.18
CA LEU A 243 -38.78 -52.36 48.29
C LEU A 243 -39.24 -50.91 48.41
N VAL A 244 -39.64 -50.31 47.29
CA VAL A 244 -40.22 -48.97 47.34
C VAL A 244 -41.53 -48.99 48.11
N LYS A 245 -42.23 -50.12 48.09
CA LYS A 245 -43.43 -50.31 48.91
C LYS A 245 -43.00 -50.63 50.34
N ALA A 246 -43.98 -51.00 51.18
CA ALA A 246 -43.80 -51.33 52.59
C ALA A 246 -43.35 -50.14 53.42
N GLU A 247 -43.14 -48.98 52.81
CA GLU A 247 -42.88 -47.75 53.55
C GLU A 247 -44.15 -46.95 53.82
N ARG A 248 -45.30 -47.42 53.30
CA ARG A 248 -46.58 -46.82 53.67
C ARG A 248 -46.86 -47.00 55.15
N LYS A 249 -46.24 -47.99 55.79
CA LYS A 249 -46.40 -48.16 57.23
C LYS A 249 -45.86 -46.97 58.00
N PHE A 250 -44.82 -46.30 57.48
CA PHE A 250 -44.38 -45.05 58.08
C PHE A 250 -45.48 -43.98 58.00
N ILE A 251 -46.14 -43.88 56.85
CA ILE A 251 -47.20 -42.89 56.69
C ILE A 251 -48.35 -43.19 57.65
N GLU A 252 -48.75 -44.45 57.75
CA GLU A 252 -49.81 -44.81 58.68
C GLU A 252 -49.39 -44.62 60.13
N ASP A 253 -48.11 -44.84 60.44
CA ASP A 253 -47.62 -44.57 61.78
C ASP A 253 -47.74 -43.09 62.11
N ARG A 254 -47.35 -42.21 61.19
CA ARG A 254 -47.51 -40.79 61.42
C ARG A 254 -48.99 -40.43 61.55
N VAL A 255 -49.84 -41.03 60.72
CA VAL A 255 -51.27 -40.76 60.78
C VAL A 255 -51.81 -41.10 62.16
N LYS A 256 -51.50 -42.29 62.66
CA LYS A 256 -52.04 -42.68 63.96
C LYS A 256 -51.42 -41.86 65.09
N LYS A 257 -50.12 -41.56 65.02
CA LYS A 257 -49.51 -40.73 66.05
C LYS A 257 -50.20 -39.38 66.15
N ILE A 258 -50.45 -38.74 65.00
CA ILE A 258 -51.21 -37.50 64.99
C ILE A 258 -52.64 -37.74 65.48
N ILE A 259 -53.18 -38.94 65.25
CA ILE A 259 -54.53 -39.24 65.71
C ILE A 259 -54.62 -39.15 67.22
N GLU A 260 -53.75 -39.87 67.94
CA GLU A 260 -53.85 -39.76 69.39
C GLU A 260 -53.30 -38.44 69.91
N LEU A 261 -52.41 -37.78 69.17
CA LEU A 261 -52.00 -36.45 69.57
C LEU A 261 -53.19 -35.50 69.58
N LYS A 262 -54.00 -35.54 68.51
CA LYS A 262 -55.14 -34.64 68.40
C LYS A 262 -56.20 -34.97 69.44
N ARG A 263 -56.60 -36.24 69.54
CA ARG A 263 -57.58 -36.63 70.54
C ARG A 263 -56.98 -36.90 71.91
N LYS A 264 -55.76 -36.42 72.15
CA LYS A 264 -55.19 -36.31 73.48
C LYS A 264 -55.09 -34.87 73.96
N VAL A 265 -54.58 -33.96 73.12
CA VAL A 265 -54.43 -32.56 73.53
C VAL A 265 -55.64 -31.71 73.16
N CYS A 266 -56.61 -32.25 72.42
CA CYS A 266 -57.78 -31.50 72.01
C CYS A 266 -59.07 -32.09 72.56
N GLY A 267 -59.30 -33.37 72.34
CA GLY A 267 -60.52 -34.03 72.79
C GLY A 267 -61.73 -33.79 71.91
N ASP A 268 -61.57 -33.09 70.80
CA ASP A 268 -62.70 -32.80 69.91
C ASP A 268 -62.13 -32.46 68.53
N SER A 269 -63.02 -32.46 67.53
CA SER A 269 -62.62 -32.14 66.16
C SER A 269 -62.23 -30.68 65.99
N ASP A 270 -62.54 -29.82 66.96
CA ASP A 270 -62.14 -28.43 66.88
C ASP A 270 -60.67 -28.31 67.32
N LYS A 271 -60.21 -27.06 67.50
CA LYS A 271 -58.85 -26.78 67.98
C LYS A 271 -57.81 -27.39 67.04
N GLY A 272 -57.78 -26.84 65.83
CA GLY A 272 -56.95 -27.34 64.74
C GLY A 272 -55.52 -27.67 65.10
N PHE A 273 -55.12 -28.91 64.86
CA PHE A 273 -53.76 -29.37 65.13
C PHE A 273 -52.87 -28.95 63.97
N VAL A 274 -52.14 -27.86 64.15
CA VAL A 274 -51.33 -27.29 63.08
C VAL A 274 -50.04 -28.09 62.95
N VAL A 275 -49.86 -28.75 61.80
CA VAL A 275 -48.62 -29.46 61.49
C VAL A 275 -48.22 -29.13 60.06
N ILE A 276 -46.92 -29.20 59.78
CA ILE A 276 -46.37 -28.87 58.47
C ILE A 276 -45.42 -29.97 58.05
N ASN A 277 -45.20 -30.08 56.74
CA ASN A 277 -44.20 -30.97 56.17
C ASN A 277 -43.28 -30.17 55.26
N GLN A 278 -41.98 -30.49 55.32
CA GLN A 278 -41.01 -29.83 54.47
C GLN A 278 -41.13 -30.24 53.00
N LYS A 279 -41.87 -31.30 52.71
CA LYS A 279 -42.08 -31.74 51.33
C LYS A 279 -43.56 -31.99 51.07
N GLY A 280 -43.87 -32.59 49.93
CA GLY A 280 -45.25 -32.88 49.60
C GLY A 280 -45.83 -33.97 50.48
N ILE A 281 -47.17 -34.05 50.48
CA ILE A 281 -47.90 -35.05 51.23
C ILE A 281 -48.97 -35.66 50.34
N ASP A 282 -49.39 -36.87 50.70
CA ASP A 282 -50.45 -37.54 49.96
C ASP A 282 -51.81 -36.95 50.33
N PRO A 283 -52.66 -36.63 49.35
CA PRO A 283 -53.97 -36.06 49.70
C PRO A 283 -54.86 -37.00 50.49
N PHE A 284 -54.66 -38.32 50.37
CA PHE A 284 -55.55 -39.28 51.02
C PHE A 284 -55.41 -39.20 52.54
N SER A 285 -54.22 -39.48 53.07
CA SER A 285 -54.03 -39.36 54.52
C SER A 285 -54.22 -37.93 54.98
N LEU A 286 -53.84 -36.96 54.15
CA LEU A 286 -53.98 -35.56 54.52
C LEU A 286 -55.44 -35.20 54.80
N ASP A 287 -56.33 -35.50 53.86
CA ASP A 287 -57.74 -35.14 54.07
C ASP A 287 -58.41 -36.08 55.07
N ALA A 288 -57.92 -37.31 55.20
CA ALA A 288 -58.46 -38.20 56.23
C ALA A 288 -58.18 -37.64 57.62
N LEU A 289 -56.99 -37.12 57.85
CA LEU A 289 -56.67 -36.51 59.14
C LEU A 289 -57.30 -35.13 59.29
N SER A 290 -57.42 -34.37 58.20
CA SER A 290 -58.00 -33.04 58.28
C SER A 290 -59.49 -33.10 58.57
N LYS A 291 -60.18 -34.14 58.07
CA LYS A 291 -61.59 -34.31 58.40
C LYS A 291 -61.80 -34.57 59.88
N GLU A 292 -60.76 -35.00 60.59
CA GLU A 292 -60.81 -35.12 62.04
C GLU A 292 -60.54 -33.80 62.75
N GLY A 293 -60.20 -32.76 62.02
CA GLY A 293 -59.89 -31.47 62.61
C GLY A 293 -58.43 -31.13 62.73
N ILE A 294 -57.56 -31.80 61.99
CA ILE A 294 -56.12 -31.59 62.08
C ILE A 294 -55.68 -30.69 60.93
N VAL A 295 -54.99 -29.60 61.26
CA VAL A 295 -54.52 -28.65 60.25
C VAL A 295 -53.17 -29.12 59.75
N ALA A 296 -53.17 -29.86 58.64
CA ALA A 296 -51.97 -30.41 58.04
C ALA A 296 -51.70 -29.77 56.70
N LEU A 297 -50.45 -29.39 56.46
CA LEU A 297 -50.07 -28.76 55.20
C LEU A 297 -48.74 -29.33 54.71
N ARG A 298 -48.12 -28.69 53.72
CA ARG A 298 -46.95 -29.29 53.08
C ARG A 298 -46.12 -28.19 52.43
N ARG A 299 -44.87 -28.55 52.12
CA ARG A 299 -43.98 -27.77 51.24
C ARG A 299 -43.76 -26.36 51.77
N ALA A 300 -43.09 -26.31 52.93
CA ALA A 300 -42.75 -25.05 53.57
C ALA A 300 -41.25 -24.94 53.75
N LYS A 301 -40.74 -23.71 53.69
CA LYS A 301 -39.32 -23.44 53.83
C LYS A 301 -38.91 -23.48 55.31
N ARG A 302 -37.60 -23.39 55.54
CA ARG A 302 -37.10 -23.46 56.92
C ARG A 302 -37.44 -22.20 57.71
N ARG A 303 -37.21 -21.02 57.12
CA ARG A 303 -37.34 -19.77 57.88
C ARG A 303 -38.68 -19.71 58.59
N ASN A 304 -39.75 -20.18 57.94
CA ASN A 304 -41.05 -20.21 58.58
C ASN A 304 -41.08 -21.15 59.77
N MET A 305 -40.41 -22.32 59.70
CA MET A 305 -40.45 -23.23 60.84
C MET A 305 -39.62 -22.71 62.01
N GLU A 306 -38.46 -22.10 61.74
CA GLU A 306 -37.74 -21.47 62.84
C GLU A 306 -38.53 -20.33 63.46
N ARG A 307 -39.26 -19.56 62.65
CA ARG A 307 -40.14 -18.55 63.24
C ARG A 307 -41.27 -19.19 64.05
N LEU A 308 -41.78 -20.33 63.59
CA LEU A 308 -42.82 -21.05 64.33
C LEU A 308 -42.30 -21.52 65.67
N THR A 309 -41.01 -21.87 65.76
CA THR A 309 -40.45 -22.30 67.04
C THR A 309 -40.54 -21.18 68.08
N LEU A 310 -40.29 -19.94 67.68
CA LEU A 310 -40.29 -18.83 68.62
C LEU A 310 -41.63 -18.10 68.70
N ALA A 311 -42.53 -18.31 67.72
CA ALA A 311 -43.81 -17.61 67.72
C ALA A 311 -45.01 -18.55 67.79
N CYS A 312 -44.85 -19.83 67.52
CA CYS A 312 -45.93 -20.79 67.72
C CYS A 312 -45.55 -21.91 68.66
N GLY A 313 -44.39 -22.52 68.48
CA GLY A 313 -43.92 -23.59 69.34
C GLY A 313 -44.05 -24.95 68.67
N GLY A 314 -43.29 -25.90 69.21
CA GLY A 314 -43.28 -27.27 68.72
C GLY A 314 -41.94 -27.62 68.09
N VAL A 315 -41.42 -28.79 68.46
CA VAL A 315 -40.15 -29.28 67.91
C VAL A 315 -40.37 -29.67 66.46
N ALA A 316 -39.28 -29.89 65.72
CA ALA A 316 -39.37 -30.26 64.31
C ALA A 316 -38.22 -31.20 63.96
N LEU A 317 -38.54 -32.48 63.84
CA LEU A 317 -37.62 -33.50 63.36
C LEU A 317 -38.32 -34.31 62.28
N ASN A 318 -37.68 -34.46 61.11
CA ASN A 318 -38.31 -35.19 60.03
C ASN A 318 -38.58 -36.64 60.42
N SER A 319 -37.61 -37.28 61.06
CA SER A 319 -37.79 -38.63 61.60
C SER A 319 -38.27 -38.51 63.04
N PHE A 320 -39.51 -38.95 63.28
CA PHE A 320 -40.11 -38.76 64.59
C PHE A 320 -41.28 -39.70 64.84
N ASP A 321 -41.97 -39.50 65.96
CA ASP A 321 -43.19 -40.20 66.31
C ASP A 321 -43.92 -39.39 67.38
N ASP A 322 -44.95 -39.97 67.99
CA ASP A 322 -45.63 -39.27 69.08
C ASP A 322 -44.70 -39.15 70.27
N LEU A 323 -44.65 -37.96 70.86
CA LEU A 323 -43.76 -37.68 71.98
C LEU A 323 -44.41 -36.67 72.93
N SER A 324 -43.61 -36.07 73.80
CA SER A 324 -44.11 -35.10 74.76
C SER A 324 -44.69 -33.89 74.03
N PRO A 325 -45.94 -33.51 74.29
CA PRO A 325 -46.52 -32.34 73.62
C PRO A 325 -46.19 -31.04 74.32
N ASP A 326 -45.17 -31.06 75.18
CA ASP A 326 -44.79 -29.87 75.93
C ASP A 326 -44.34 -28.74 75.02
N CYS A 327 -43.56 -29.07 73.97
CA CYS A 327 -43.10 -28.05 73.03
C CYS A 327 -44.23 -27.43 72.24
N LEU A 328 -45.37 -28.10 72.13
CA LEU A 328 -46.49 -27.59 71.36
C LEU A 328 -47.04 -26.31 71.97
N GLY A 329 -47.48 -25.39 71.10
CA GLY A 329 -48.02 -24.12 71.54
C GLY A 329 -49.44 -23.88 71.07
N HIS A 330 -49.89 -22.62 71.11
CA HIS A 330 -51.25 -22.26 70.76
C HIS A 330 -51.25 -21.08 69.79
N ALA A 331 -52.28 -21.03 68.95
CA ALA A 331 -52.44 -19.96 67.96
C ALA A 331 -53.85 -19.39 68.04
N GLY A 332 -53.94 -18.06 67.99
CA GLY A 332 -55.24 -17.41 68.03
C GLY A 332 -56.06 -17.66 66.77
N LEU A 333 -55.43 -17.62 65.61
CA LEU A 333 -56.13 -17.82 64.34
C LEU A 333 -55.15 -18.32 63.30
N VAL A 334 -55.53 -19.39 62.59
CA VAL A 334 -54.70 -19.95 61.53
C VAL A 334 -55.53 -19.93 60.25
N TYR A 335 -56.37 -18.89 60.12
CA TYR A 335 -57.24 -18.77 58.96
C TYR A 335 -56.42 -18.72 57.67
N GLU A 336 -56.94 -19.37 56.64
CA GLU A 336 -56.29 -19.41 55.33
C GLU A 336 -57.02 -18.47 54.38
N TYR A 337 -56.24 -17.68 53.64
CA TYR A 337 -56.77 -16.73 52.67
C TYR A 337 -56.19 -17.01 51.29
N THR A 338 -57.03 -16.94 50.28
CA THR A 338 -56.63 -17.19 48.90
C THR A 338 -56.99 -15.99 48.04
N LEU A 339 -56.03 -15.52 47.25
CA LEU A 339 -56.23 -14.38 46.35
C LEU A 339 -56.07 -14.88 44.92
N GLY A 340 -57.20 -15.18 44.27
CA GLY A 340 -57.20 -15.59 42.88
C GLY A 340 -56.93 -17.07 42.69
N GLU A 341 -55.67 -17.48 42.81
CA GLU A 341 -55.30 -18.86 42.55
C GLU A 341 -54.33 -19.47 43.55
N GLU A 342 -53.69 -18.68 44.42
CA GLU A 342 -52.68 -19.19 45.33
C GLU A 342 -53.11 -18.90 46.76
N LYS A 343 -52.78 -19.82 47.67
CA LYS A 343 -53.33 -19.82 49.02
C LYS A 343 -52.32 -19.25 50.01
N PHE A 344 -52.80 -18.37 50.89
CA PHE A 344 -52.01 -17.82 51.98
C PHE A 344 -52.62 -18.28 53.30
N THR A 345 -51.78 -18.77 54.21
CA THR A 345 -52.24 -19.18 55.53
C THR A 345 -51.82 -18.12 56.54
N PHE A 346 -52.81 -17.53 57.22
CA PHE A 346 -52.58 -16.42 58.14
C PHE A 346 -52.50 -16.97 59.56
N ILE A 347 -51.27 -17.24 60.01
CA ILE A 347 -51.04 -17.73 61.36
C ILE A 347 -50.84 -16.53 62.27
N GLU A 348 -51.93 -16.02 62.84
CA GLU A 348 -51.91 -14.76 63.57
C GLU A 348 -52.52 -14.94 64.96
N LYS A 349 -52.38 -13.90 65.77
CA LYS A 349 -52.91 -13.87 67.14
C LYS A 349 -52.36 -14.99 68.00
N CYS A 350 -51.17 -15.49 67.67
CA CYS A 350 -50.59 -16.62 68.37
C CYS A 350 -49.90 -16.17 69.66
N ASN A 351 -49.45 -17.16 70.42
CA ASN A 351 -48.61 -16.87 71.58
C ASN A 351 -47.34 -16.17 71.14
N ASN A 352 -46.91 -15.20 71.95
CA ASN A 352 -45.78 -14.35 71.58
C ASN A 352 -46.04 -13.69 70.23
N PRO A 353 -46.98 -12.76 70.15
CA PRO A 353 -47.34 -12.17 68.85
C PRO A 353 -46.34 -11.12 68.41
N ARG A 354 -45.16 -11.12 69.03
CA ARG A 354 -44.12 -10.16 68.69
C ARG A 354 -43.73 -10.26 67.22
N SER A 355 -43.56 -11.47 66.70
CA SER A 355 -43.21 -11.65 65.30
C SER A 355 -44.33 -11.12 64.41
N VAL A 356 -43.96 -10.29 63.45
CA VAL A 356 -44.91 -9.64 62.55
C VAL A 356 -44.34 -9.69 61.13
N THR A 357 -45.19 -9.92 60.16
CA THR A 357 -44.79 -9.93 58.76
C THR A 357 -45.44 -8.76 58.02
N LEU A 358 -44.78 -8.32 56.95
CA LEU A 358 -45.22 -7.17 56.17
C LEU A 358 -45.76 -7.65 54.83
N LEU A 359 -46.91 -7.13 54.43
CA LEU A 359 -47.61 -7.55 53.23
C LEU A 359 -47.54 -6.45 52.17
N ILE A 360 -47.14 -6.83 50.95
CA ILE A 360 -47.17 -5.94 49.80
C ILE A 360 -47.75 -6.72 48.62
N LYS A 361 -48.27 -5.98 47.65
CA LYS A 361 -48.98 -6.56 46.51
C LYS A 361 -48.49 -5.94 45.21
N GLY A 362 -47.17 -5.88 45.03
CA GLY A 362 -46.59 -5.27 43.85
C GLY A 362 -47.04 -5.91 42.56
N PRO A 363 -47.20 -5.10 41.51
CA PRO A 363 -47.72 -5.64 40.24
C PRO A 363 -46.73 -6.48 39.48
N ASN A 364 -45.46 -6.05 39.40
CA ASN A 364 -44.44 -6.77 38.65
C ASN A 364 -43.18 -6.87 39.50
N LYS A 365 -42.16 -7.52 38.94
CA LYS A 365 -40.99 -7.90 39.72
C LYS A 365 -40.18 -6.69 40.18
N HIS A 366 -39.96 -5.71 39.29
CA HIS A 366 -39.04 -4.63 39.63
C HIS A 366 -39.67 -3.68 40.64
N THR A 367 -40.96 -3.39 40.50
CA THR A 367 -41.65 -2.59 41.51
C THR A 367 -41.65 -3.30 42.85
N LEU A 368 -41.85 -4.62 42.84
CA LEU A 368 -41.80 -5.39 44.07
C LEU A 368 -40.43 -5.28 44.74
N THR A 369 -39.36 -5.41 43.95
CA THR A 369 -38.02 -5.30 44.51
C THR A 369 -37.75 -3.91 45.07
N GLN A 370 -38.18 -2.86 44.34
CA GLN A 370 -37.98 -1.51 44.84
C GLN A 370 -38.76 -1.26 46.11
N ILE A 371 -39.99 -1.76 46.19
CA ILE A 371 -40.79 -1.62 47.40
C ILE A 371 -40.11 -2.34 48.57
N LYS A 372 -39.60 -3.55 48.32
CA LYS A 372 -38.93 -4.30 49.37
C LYS A 372 -37.70 -3.55 49.88
N ASP A 373 -36.89 -3.03 48.96
CA ASP A 373 -35.71 -2.29 49.39
C ASP A 373 -36.08 -1.02 50.14
N ALA A 374 -37.11 -0.31 49.68
CA ALA A 374 -37.53 0.91 50.33
C ALA A 374 -38.05 0.65 51.75
N VAL A 375 -38.86 -0.40 51.91
CA VAL A 375 -39.38 -0.70 53.24
C VAL A 375 -38.27 -1.18 54.16
N ARG A 376 -37.31 -1.96 53.62
CA ARG A 376 -36.18 -2.37 54.43
C ARG A 376 -35.36 -1.16 54.89
N ASP A 377 -35.14 -0.21 53.98
CA ASP A 377 -34.40 1.00 54.35
C ASP A 377 -35.15 1.79 55.41
N GLY A 378 -36.46 1.93 55.26
CA GLY A 378 -37.24 2.64 56.26
C GLY A 378 -37.20 1.96 57.62
N LEU A 379 -37.30 0.62 57.63
CA LEU A 379 -37.23 -0.12 58.88
C LEU A 379 -35.89 0.09 59.55
N ARG A 380 -34.80 -0.01 58.78
CA ARG A 380 -33.48 0.19 59.37
C ARG A 380 -33.31 1.60 59.91
N ALA A 381 -33.79 2.60 59.17
CA ALA A 381 -33.65 3.98 59.60
C ALA A 381 -34.42 4.24 60.89
N VAL A 382 -35.67 3.77 60.95
CA VAL A 382 -36.46 4.01 62.16
C VAL A 382 -35.90 3.22 63.33
N LYS A 383 -35.37 2.02 63.08
CA LYS A 383 -34.74 1.26 64.16
C LYS A 383 -33.52 1.99 64.70
N ASN A 384 -32.69 2.56 63.81
CA ASN A 384 -31.53 3.32 64.26
C ASN A 384 -31.96 4.56 65.04
N ALA A 385 -33.01 5.24 64.57
CA ALA A 385 -33.52 6.40 65.30
C ALA A 385 -34.03 6.00 66.68
N ILE A 386 -34.64 4.83 66.78
CA ILE A 386 -35.04 4.29 68.08
C ILE A 386 -33.82 4.07 68.96
N ASP A 387 -32.77 3.48 68.38
CA ASP A 387 -31.61 3.10 69.17
C ASP A 387 -30.87 4.32 69.71
N ASP A 388 -30.59 5.29 68.84
CA ASP A 388 -29.87 6.48 69.31
C ASP A 388 -30.70 7.30 70.28
N GLY A 389 -32.02 7.39 70.02
CA GLY A 389 -32.87 8.22 70.84
C GLY A 389 -32.70 9.71 70.63
N CYS A 390 -31.84 10.11 69.71
CA CYS A 390 -31.58 11.52 69.44
C CYS A 390 -31.50 11.71 67.93
N VAL A 391 -32.56 12.25 67.35
CA VAL A 391 -32.59 12.52 65.92
C VAL A 391 -31.85 13.83 65.65
N VAL A 392 -31.49 14.04 64.38
CA VAL A 392 -30.71 15.21 63.99
C VAL A 392 -31.41 15.91 62.83
N PRO A 393 -31.29 17.23 62.71
CA PRO A 393 -31.97 17.94 61.62
C PRO A 393 -31.28 17.67 60.28
N GLY A 394 -32.03 17.08 59.36
CA GLY A 394 -31.53 16.75 58.05
C GLY A 394 -31.71 17.87 57.04
N ALA A 395 -31.85 17.49 55.77
CA ALA A 395 -32.02 18.44 54.68
C ALA A 395 -30.86 19.42 54.61
N GLY A 396 -29.67 18.95 54.96
CA GLY A 396 -28.49 19.79 54.93
C GLY A 396 -28.36 20.73 56.11
N ALA A 397 -29.17 20.56 57.15
CA ALA A 397 -29.08 21.44 58.32
C ALA A 397 -27.78 21.22 59.07
N VAL A 398 -27.44 19.96 59.34
CA VAL A 398 -26.23 19.67 60.12
C VAL A 398 -24.98 20.01 59.32
N GLU A 399 -25.04 19.83 57.99
CA GLU A 399 -23.84 20.03 57.18
C GLU A 399 -23.41 21.49 57.14
N VAL A 400 -24.36 22.40 56.95
CA VAL A 400 -23.99 23.82 56.82
C VAL A 400 -23.49 24.36 58.16
N ALA A 401 -24.14 23.95 59.26
CA ALA A 401 -23.67 24.37 60.57
C ALA A 401 -22.32 23.76 60.88
N MET A 402 -22.08 22.52 60.46
CA MET A 402 -20.78 21.89 60.61
C MET A 402 -19.71 22.67 59.86
N ALA A 403 -20.03 23.10 58.64
CA ALA A 403 -19.09 23.88 57.85
C ALA A 403 -18.77 25.21 58.52
N GLU A 404 -19.80 25.87 59.05
CA GLU A 404 -19.57 27.13 59.75
C GLU A 404 -18.71 26.93 60.99
N ALA A 405 -18.97 25.85 61.74
CA ALA A 405 -18.15 25.56 62.92
C ALA A 405 -16.71 25.27 62.55
N LEU A 406 -16.50 24.52 61.46
CA LEU A 406 -15.14 24.25 61.01
C LEU A 406 -14.43 25.53 60.59
N ILE A 407 -15.12 26.41 59.89
CA ILE A 407 -14.51 27.68 59.49
C ILE A 407 -14.14 28.50 60.73
N LYS A 408 -15.04 28.56 61.71
CA LYS A 408 -14.74 29.29 62.93
C LYS A 408 -13.68 28.57 63.76
N HIS A 409 -13.39 27.31 63.46
CA HIS A 409 -12.34 26.56 64.13
C HIS A 409 -10.99 26.67 63.44
N LYS A 410 -10.89 27.49 62.39
CA LYS A 410 -9.65 27.58 61.62
C LYS A 410 -8.45 28.05 62.45
N PRO A 411 -8.52 29.17 63.19
CA PRO A 411 -7.32 29.63 63.91
C PRO A 411 -6.88 28.70 65.03
N SER A 412 -7.74 27.78 65.48
CA SER A 412 -7.39 26.92 66.60
C SER A 412 -6.21 26.02 66.26
N VAL A 413 -6.18 25.47 65.05
CA VAL A 413 -5.13 24.55 64.63
C VAL A 413 -3.97 25.34 64.06
N LYS A 414 -2.75 24.88 64.34
CA LYS A 414 -1.53 25.51 63.88
C LYS A 414 -1.06 24.86 62.59
N GLY A 415 0.12 25.28 62.13
CA GLY A 415 0.69 24.70 60.93
C GLY A 415 -0.13 25.04 59.70
N ARG A 416 -0.06 24.16 58.71
CA ARG A 416 -0.83 24.30 57.48
C ARG A 416 -2.07 23.41 57.46
N ALA A 417 -2.41 22.79 58.60
CA ALA A 417 -3.62 22.00 58.70
C ALA A 417 -4.88 22.82 58.52
N GLN A 418 -4.79 24.14 58.61
CA GLN A 418 -5.94 24.98 58.35
C GLN A 418 -6.44 24.82 56.92
N LEU A 419 -5.53 24.61 55.97
CA LEU A 419 -5.96 24.36 54.59
C LEU A 419 -6.77 23.06 54.50
N GLY A 420 -6.31 22.01 55.18
CA GLY A 420 -7.06 20.77 55.20
C GLY A 420 -8.42 20.93 55.85
N VAL A 421 -8.48 21.70 56.94
CA VAL A 421 -9.77 21.95 57.60
C VAL A 421 -10.71 22.70 56.68
N GLN A 422 -10.21 23.73 55.99
CA GLN A 422 -11.04 24.50 55.09
C GLN A 422 -11.55 23.64 53.93
N ALA A 423 -10.68 22.80 53.36
CA ALA A 423 -11.11 21.91 52.31
C ALA A 423 -12.16 20.93 52.81
N PHE A 424 -11.99 20.44 54.04
CA PHE A 424 -12.97 19.53 54.63
C PHE A 424 -14.33 20.21 54.78
N ALA A 425 -14.33 21.46 55.22
CA ALA A 425 -15.58 22.20 55.34
C ALA A 425 -16.24 22.39 53.98
N ASP A 426 -15.45 22.81 52.98
CA ASP A 426 -16.00 23.02 51.65
C ASP A 426 -16.53 21.72 51.05
N ALA A 427 -15.93 20.59 51.42
CA ALA A 427 -16.41 19.30 50.92
C ALA A 427 -17.70 18.89 51.62
N LEU A 428 -17.78 19.07 52.94
CA LEU A 428 -19.01 18.79 53.65
C LEU A 428 -20.14 19.71 53.21
N LEU A 429 -19.81 20.85 52.62
CA LEU A 429 -20.84 21.75 52.13
C LEU A 429 -21.59 21.20 50.92
N ILE A 430 -21.13 20.08 50.34
CA ILE A 430 -21.67 19.60 49.07
C ILE A 430 -23.12 19.14 49.21
N ILE A 431 -23.51 18.60 50.37
CA ILE A 431 -24.81 17.94 50.48
C ILE A 431 -25.97 18.88 50.20
N PRO A 432 -26.09 20.05 50.84
CA PRO A 432 -27.18 20.97 50.45
C PRO A 432 -27.09 21.40 49.01
N LYS A 433 -25.87 21.55 48.47
CA LYS A 433 -25.73 21.89 47.07
C LYS A 433 -26.32 20.82 46.17
N VAL A 434 -26.01 19.54 46.44
CA VAL A 434 -26.56 18.47 45.62
C VAL A 434 -28.07 18.40 45.78
N LEU A 435 -28.57 18.63 47.00
CA LEU A 435 -30.02 18.68 47.21
C LEU A 435 -30.67 19.72 46.32
N ALA A 436 -30.14 20.95 46.37
CA ALA A 436 -30.73 22.04 45.57
C ALA A 436 -30.63 21.75 44.09
N GLN A 437 -29.49 21.24 43.63
CA GLN A 437 -29.30 20.98 42.21
C GLN A 437 -30.24 19.89 41.72
N ASN A 438 -30.39 18.81 42.49
CA ASN A 438 -31.30 17.74 42.11
C ASN A 438 -32.74 18.22 42.13
N SER A 439 -33.08 19.11 43.07
CA SER A 439 -34.44 19.63 43.11
C SER A 439 -34.76 20.42 41.84
N GLY A 440 -33.81 21.22 41.36
CA GLY A 440 -34.01 21.96 40.13
C GLY A 440 -33.59 23.41 40.22
N PHE A 441 -33.54 23.95 41.43
CA PHE A 441 -33.19 25.35 41.62
C PHE A 441 -31.69 25.55 41.38
N ASP A 442 -31.28 26.82 41.35
CA ASP A 442 -29.89 27.15 41.14
C ASP A 442 -29.05 26.73 42.35
N LEU A 443 -27.81 26.33 42.06
CA LEU A 443 -26.91 25.83 43.10
C LEU A 443 -26.61 26.92 44.14
N GLN A 444 -25.90 27.95 43.70
CA GLN A 444 -25.40 28.95 44.63
C GLN A 444 -26.48 29.90 45.12
N GLU A 445 -27.56 30.09 44.36
CA GLU A 445 -28.68 30.87 44.88
C GLU A 445 -29.19 30.26 46.18
N THR A 446 -29.52 28.97 46.13
CA THR A 446 -30.01 28.29 47.33
C THR A 446 -28.94 28.24 48.41
N LEU A 447 -27.70 27.94 48.03
CA LEU A 447 -26.64 27.84 49.03
C LEU A 447 -26.43 29.17 49.76
N VAL A 448 -26.37 30.27 49.00
CA VAL A 448 -26.17 31.58 49.59
C VAL A 448 -27.35 31.96 50.46
N LYS A 449 -28.57 31.71 50.00
CA LYS A 449 -29.74 32.02 50.82
C LYS A 449 -29.68 31.27 52.14
N ILE A 450 -29.38 29.97 52.08
CA ILE A 450 -29.37 29.15 53.30
C ILE A 450 -28.30 29.65 54.26
N GLN A 451 -27.08 29.89 53.76
CA GLN A 451 -26.02 30.35 54.64
C GLN A 451 -26.35 31.71 55.24
N ALA A 452 -26.90 32.62 54.43
CA ALA A 452 -27.21 33.96 54.92
C ALA A 452 -28.26 33.91 56.02
N GLU A 453 -29.31 33.11 55.84
CA GLU A 453 -30.32 33.05 56.89
C GLU A 453 -29.84 32.27 58.11
N HIS A 454 -28.99 31.26 57.92
CA HIS A 454 -28.44 30.56 59.07
C HIS A 454 -27.46 31.42 59.85
N SER A 455 -26.89 32.45 59.23
CA SER A 455 -25.95 33.31 59.94
C SER A 455 -26.58 33.94 61.17
N GLU A 456 -27.83 34.41 61.06
CA GLU A 456 -28.52 35.01 62.18
C GLU A 456 -29.49 34.07 62.88
N SER A 457 -29.94 33.02 62.20
CA SER A 457 -30.92 32.12 62.80
C SER A 457 -30.36 31.42 64.03
N GLY A 458 -29.11 30.99 63.97
CA GLY A 458 -28.54 30.22 65.07
C GLY A 458 -29.01 28.79 65.10
N GLN A 459 -30.32 28.57 65.03
CA GLN A 459 -30.86 27.23 64.95
C GLN A 459 -30.57 26.63 63.57
N LEU A 460 -30.59 25.30 63.51
CA LEU A 460 -30.31 24.61 62.26
C LEU A 460 -31.44 24.82 61.27
N VAL A 461 -31.11 24.69 59.99
CA VAL A 461 -32.04 25.04 58.92
C VAL A 461 -31.63 24.33 57.63
N GLY A 462 -32.61 23.83 56.89
CA GLY A 462 -32.38 23.08 55.68
C GLY A 462 -32.95 23.75 54.45
N VAL A 463 -33.21 22.94 53.43
CA VAL A 463 -33.70 23.41 52.14
C VAL A 463 -35.03 22.72 51.84
N ASP A 464 -36.01 23.53 51.41
CA ASP A 464 -37.32 23.02 51.01
C ASP A 464 -37.24 22.61 49.55
N LEU A 465 -37.44 21.32 49.28
CA LEU A 465 -37.34 20.84 47.90
C LEU A 465 -38.67 21.02 47.17
N ASN A 466 -39.25 22.21 47.28
CA ASN A 466 -40.38 22.59 46.44
C ASN A 466 -40.29 24.02 45.91
N THR A 467 -39.57 24.92 46.57
CA THR A 467 -39.44 26.29 46.11
C THR A 467 -38.03 26.85 46.24
N GLY A 468 -37.11 26.17 46.94
CA GLY A 468 -35.80 26.70 47.22
C GLY A 468 -35.72 27.59 48.44
N GLU A 469 -36.81 27.74 49.17
CA GLU A 469 -36.79 28.56 50.38
C GLU A 469 -36.07 27.81 51.49
N PRO A 470 -35.29 28.51 52.33
CA PRO A 470 -34.73 27.89 53.51
C PRO A 470 -35.84 27.43 54.45
N MET A 471 -35.58 26.33 55.16
CA MET A 471 -36.59 25.72 56.02
C MET A 471 -35.93 25.10 57.23
N VAL A 472 -36.58 25.26 58.39
CA VAL A 472 -36.11 24.68 59.64
C VAL A 472 -36.58 23.22 59.65
N ALA A 473 -35.65 22.29 59.40
CA ALA A 473 -36.01 20.88 59.33
C ALA A 473 -36.51 20.34 60.66
N ALA A 474 -36.10 20.93 61.78
CA ALA A 474 -36.54 20.43 63.08
C ALA A 474 -38.04 20.56 63.26
N GLU A 475 -38.60 21.70 62.87
CA GLU A 475 -40.02 21.97 63.06
C GLU A 475 -40.90 21.41 61.95
N VAL A 476 -40.30 20.96 60.84
CA VAL A 476 -41.06 20.45 59.70
C VAL A 476 -41.22 18.94 59.77
N GLY A 477 -40.13 18.22 60.01
CA GLY A 477 -40.21 16.77 60.10
C GLY A 477 -39.13 16.04 59.34
N VAL A 478 -38.11 16.76 58.89
CA VAL A 478 -36.97 16.13 58.23
C VAL A 478 -35.99 15.68 59.31
N TRP A 479 -35.62 14.40 59.28
CA TRP A 479 -34.80 13.82 60.33
C TRP A 479 -33.82 12.81 59.75
N ASP A 480 -32.67 12.69 60.41
CA ASP A 480 -31.64 11.72 60.08
C ASP A 480 -31.22 10.99 61.34
N ASN A 481 -30.31 10.03 61.19
CA ASN A 481 -29.86 9.19 62.29
C ASN A 481 -28.48 9.62 62.75
N TYR A 482 -28.30 9.66 64.07
CA TYR A 482 -27.00 10.03 64.64
C TYR A 482 -25.91 9.05 64.21
N CYS A 483 -26.19 7.75 64.29
CA CYS A 483 -25.19 6.75 63.90
C CYS A 483 -24.82 6.88 62.43
N VAL A 484 -25.80 7.22 61.59
CA VAL A 484 -25.52 7.43 60.17
C VAL A 484 -24.47 8.52 59.99
N LYS A 485 -24.67 9.66 60.65
CA LYS A 485 -23.72 10.76 60.54
C LYS A 485 -22.34 10.36 61.08
N LYS A 486 -22.33 9.68 62.23
CA LYS A 486 -21.06 9.27 62.82
C LYS A 486 -20.26 8.40 61.86
N GLN A 487 -20.89 7.32 61.37
CA GLN A 487 -20.22 6.40 60.47
C GLN A 487 -19.84 7.06 59.16
N LEU A 488 -20.71 7.93 58.63
CA LEU A 488 -20.39 8.62 57.39
C LEU A 488 -19.13 9.47 57.54
N LEU A 489 -19.09 10.29 58.59
CA LEU A 489 -17.92 11.14 58.80
C LEU A 489 -16.65 10.30 58.95
N HIS A 490 -16.71 9.27 59.80
CA HIS A 490 -15.51 8.48 60.08
C HIS A 490 -15.01 7.79 58.81
N SER A 491 -15.90 7.08 58.11
CA SER A 491 -15.49 6.35 56.92
C SER A 491 -15.02 7.30 55.82
N CYS A 492 -15.71 8.44 55.67
CA CYS A 492 -15.30 9.43 54.69
C CYS A 492 -13.87 9.89 54.94
N THR A 493 -13.57 10.24 56.19
CA THR A 493 -12.21 10.66 56.50
C THR A 493 -11.19 9.56 56.23
N VAL A 494 -11.53 8.32 56.62
CA VAL A 494 -10.61 7.21 56.44
C VAL A 494 -10.29 7.00 54.96
N ILE A 495 -11.32 6.93 54.12
CA ILE A 495 -11.09 6.65 52.71
C ILE A 495 -10.40 7.83 52.04
N ALA A 496 -10.74 9.06 52.43
CA ALA A 496 -10.06 10.22 51.85
C ALA A 496 -8.57 10.20 52.17
N THR A 497 -8.23 9.89 53.43
CA THR A 497 -6.82 9.77 53.80
C THR A 497 -6.15 8.66 53.01
N ASN A 498 -6.79 7.49 52.91
CA ASN A 498 -6.17 6.37 52.22
C ASN A 498 -5.90 6.69 50.76
N ILE A 499 -6.83 7.36 50.09
CA ILE A 499 -6.62 7.70 48.69
C ILE A 499 -5.55 8.78 48.56
N LEU A 500 -5.56 9.77 49.47
CA LEU A 500 -4.62 10.88 49.34
C LEU A 500 -3.19 10.45 49.64
N LEU A 501 -3.00 9.40 50.44
CA LEU A 501 -1.64 8.98 50.78
C LEU A 501 -0.96 8.18 49.69
N VAL A 502 -1.67 7.85 48.61
CA VAL A 502 -1.06 7.09 47.52
C VAL A 502 -0.02 7.96 46.82
N ASP A 503 1.04 7.32 46.31
CA ASP A 503 2.10 8.06 45.64
C ASP A 503 2.35 7.55 44.22
N GLU A 504 2.29 6.23 44.02
CA GLU A 504 2.64 5.65 42.74
C GLU A 504 1.98 4.29 42.60
N ILE A 505 1.74 3.88 41.36
CA ILE A 505 1.10 2.61 41.05
C ILE A 505 2.00 1.81 40.12
N MET A 506 2.09 0.52 40.36
CA MET A 506 2.81 -0.39 39.49
C MET A 506 1.99 -1.67 39.32
N ARG A 507 2.24 -2.37 38.21
CA ARG A 507 1.52 -3.59 37.91
C ARG A 507 1.85 -4.68 38.92
N ALA A 508 1.13 -5.79 38.82
CA ALA A 508 1.34 -6.92 39.71
C ALA A 508 0.99 -8.24 39.03
N GLN B 1 -21.68 25.79 24.64
CA GLN B 1 -21.84 27.20 24.98
C GLN B 1 -20.63 27.74 25.74
N ALA B 2 -20.07 26.91 26.62
CA ALA B 2 -18.93 27.31 27.45
C ALA B 2 -17.64 27.14 26.64
N ALA B 3 -17.42 28.07 25.72
CA ALA B 3 -16.25 28.07 24.88
C ALA B 3 -15.13 28.96 25.41
N LEU B 4 -15.31 29.57 26.58
CA LEU B 4 -14.28 30.40 27.18
C LEU B 4 -13.17 29.58 27.84
N ALA B 5 -13.28 28.25 27.82
CA ALA B 5 -12.24 27.42 28.39
C ALA B 5 -10.91 27.63 27.68
N VAL B 6 -10.93 27.84 26.36
CA VAL B 6 -9.69 28.09 25.64
C VAL B 6 -9.08 29.42 26.07
N ASN B 7 -9.90 30.46 26.22
CA ASN B 7 -9.39 31.75 26.67
C ASN B 7 -8.78 31.63 28.06
N ILE B 8 -9.46 30.92 28.96
CA ILE B 8 -8.97 30.84 30.33
C ILE B 8 -7.71 29.98 30.41
N SER B 9 -7.61 28.93 29.59
CA SER B 9 -6.40 28.13 29.56
C SER B 9 -5.23 28.94 29.01
N ALA B 10 -5.48 29.76 27.97
CA ALA B 10 -4.42 30.62 27.46
C ALA B 10 -3.97 31.62 28.51
N ALA B 11 -4.92 32.20 29.26
CA ALA B 11 -4.55 33.12 30.32
C ALA B 11 -3.73 32.43 31.40
N ARG B 12 -4.13 31.20 31.76
CA ARG B 12 -3.37 30.46 32.77
C ARG B 12 -1.96 30.14 32.29
N GLY B 13 -1.82 29.75 31.02
CA GLY B 13 -0.49 29.53 30.47
C GLY B 13 0.35 30.78 30.45
N LEU B 14 -0.25 31.92 30.13
CA LEU B 14 0.48 33.17 30.14
C LEU B 14 0.93 33.52 31.56
N GLN B 15 0.07 33.27 32.55
CA GLN B 15 0.46 33.47 33.94
C GLN B 15 1.63 32.57 34.31
N ASP B 16 1.58 31.31 33.88
CA ASP B 16 2.68 30.39 34.18
C ASP B 16 3.98 30.86 33.55
N VAL B 17 3.91 31.38 32.32
CA VAL B 17 5.11 31.87 31.66
C VAL B 17 5.69 33.07 32.41
N LEU B 18 4.84 34.01 32.80
CA LEU B 18 5.32 35.19 33.51
C LEU B 18 5.57 34.95 35.00
N ARG B 19 5.27 33.77 35.50
CA ARG B 19 5.60 33.43 36.88
C ARG B 19 7.12 33.39 37.05
N THR B 20 7.56 33.32 38.30
CA THR B 20 8.99 33.24 38.65
C THR B 20 9.76 34.45 38.12
N ASN B 21 9.14 35.63 38.24
CA ASN B 21 9.80 36.87 37.85
C ASN B 21 9.71 37.96 38.90
N LEU B 22 8.76 37.90 39.83
CA LEU B 22 8.61 38.95 40.82
C LEU B 22 9.76 38.93 41.82
N GLY B 23 9.91 40.04 42.54
CA GLY B 23 10.87 40.12 43.61
C GLY B 23 12.29 40.26 43.13
N PRO B 24 13.18 40.74 44.01
CA PRO B 24 14.59 40.84 43.64
C PRO B 24 15.22 39.51 43.29
N LYS B 25 14.78 38.42 43.93
CA LYS B 25 15.32 37.09 43.66
C LYS B 25 14.52 36.35 42.61
N GLY B 26 13.87 37.06 41.70
CA GLY B 26 13.17 36.40 40.62
C GLY B 26 14.13 35.79 39.61
N THR B 27 13.60 34.89 38.80
CA THR B 27 14.40 34.21 37.80
C THR B 27 14.45 35.04 36.52
N MET B 28 15.66 35.42 36.11
CA MET B 28 15.82 36.16 34.86
C MET B 28 15.46 35.27 33.68
N LYS B 29 14.96 35.90 32.62
CA LYS B 29 14.64 35.20 31.39
C LYS B 29 15.46 35.74 30.23
N MET B 30 15.80 34.86 29.30
CA MET B 30 16.63 35.19 28.16
C MET B 30 15.79 35.14 26.89
N LEU B 31 15.89 36.20 26.07
CA LEU B 31 15.14 36.31 24.84
C LEU B 31 16.08 36.12 23.67
N VAL B 32 15.75 35.17 22.80
CA VAL B 32 16.53 34.88 21.60
C VAL B 32 15.82 35.50 20.41
N SER B 33 16.58 36.08 19.49
CA SER B 33 16.05 36.63 18.26
C SER B 33 16.16 35.61 17.13
N GLY B 34 15.50 35.93 16.02
CA GLY B 34 15.64 35.09 14.84
C GLY B 34 17.05 35.08 14.30
N ALA B 35 17.71 36.24 14.31
CA ALA B 35 19.09 36.35 13.86
C ALA B 35 20.09 35.82 14.86
N GLY B 36 19.66 35.49 16.08
CA GLY B 36 20.55 34.99 17.11
C GLY B 36 20.88 35.96 18.20
N ASP B 37 20.34 37.18 18.16
CA ASP B 37 20.58 38.16 19.22
C ASP B 37 19.98 37.66 20.53
N ILE B 38 20.69 37.91 21.63
CA ILE B 38 20.29 37.45 22.95
C ILE B 38 20.05 38.66 23.84
N LYS B 39 18.90 38.68 24.52
CA LYS B 39 18.54 39.74 25.45
C LYS B 39 18.19 39.12 26.79
N LEU B 40 18.76 39.68 27.86
CA LEU B 40 18.48 39.25 29.22
C LEU B 40 17.56 40.27 29.88
N THR B 41 16.43 39.82 30.39
CA THR B 41 15.49 40.74 31.01
C THR B 41 14.61 39.99 31.99
N LYS B 42 14.00 40.76 32.89
CA LYS B 42 13.03 40.25 33.84
C LYS B 42 11.75 41.06 33.91
N ASP B 43 11.78 42.35 33.58
CA ASP B 43 10.59 43.17 33.66
C ASP B 43 9.56 42.75 32.62
N GLY B 44 8.29 42.69 33.03
CA GLY B 44 7.22 42.34 32.12
C GLY B 44 6.91 43.40 31.09
N ASN B 45 7.26 44.65 31.38
CA ASN B 45 7.01 45.74 30.43
C ASN B 45 7.61 45.42 29.06
N VAL B 46 8.75 44.74 29.05
CA VAL B 46 9.39 44.36 27.79
C VAL B 46 9.19 42.87 27.56
N LEU B 47 9.02 42.11 28.63
CA LEU B 47 8.84 40.67 28.48
C LEU B 47 7.53 40.31 27.79
N LEU B 48 6.54 41.20 27.82
CA LEU B 48 5.30 40.99 27.08
C LEU B 48 5.42 41.46 25.64
N HIS B 49 6.65 41.58 25.13
CA HIS B 49 6.91 41.89 23.74
C HIS B 49 7.83 40.83 23.15
N GLU B 50 7.50 39.56 23.40
CA GLU B 50 8.33 38.45 22.94
C GLU B 50 8.31 38.36 21.41
N MET B 51 9.21 37.52 20.89
CA MET B 51 9.22 37.24 19.46
C MET B 51 7.90 36.61 19.02
N GLN B 52 7.29 35.81 19.89
CA GLN B 52 6.02 35.15 19.61
C GLN B 52 5.24 35.00 20.90
N ILE B 53 3.91 34.97 20.77
CA ILE B 53 3.01 34.83 21.90
C ILE B 53 2.12 33.60 21.78
N GLN B 54 2.10 32.95 20.61
CA GLN B 54 1.31 31.76 20.34
C GLN B 54 -0.19 32.06 20.35
N HIS B 55 -0.85 31.76 21.46
CA HIS B 55 -2.31 31.82 21.49
C HIS B 55 -2.80 33.25 21.26
N PRO B 56 -3.90 33.42 20.51
CA PRO B 56 -4.35 34.78 20.18
C PRO B 56 -4.82 35.60 21.38
N THR B 57 -5.73 35.05 22.20
CA THR B 57 -6.20 35.80 23.35
C THR B 57 -5.07 36.07 24.36
N ALA B 58 -4.06 35.19 24.40
CA ALA B 58 -2.87 35.51 25.18
C ALA B 58 -2.20 36.76 24.65
N SER B 59 -2.14 36.90 23.32
CA SER B 59 -1.60 38.13 22.74
C SER B 59 -2.48 39.33 23.04
N LEU B 60 -3.80 39.14 23.09
CA LEU B 60 -4.69 40.23 23.45
C LEU B 60 -4.42 40.71 24.88
N ILE B 61 -4.26 39.77 25.80
CA ILE B 61 -3.95 40.14 27.19
C ILE B 61 -2.66 40.94 27.25
N ALA B 62 -1.63 40.48 26.52
CA ALA B 62 -0.37 41.22 26.49
C ALA B 62 -0.57 42.62 25.92
N LYS B 63 -1.35 42.73 24.85
CA LYS B 63 -1.59 44.03 24.23
C LYS B 63 -2.21 45.01 25.21
N VAL B 64 -3.30 44.60 25.86
CA VAL B 64 -3.98 45.53 26.76
C VAL B 64 -3.12 45.81 27.99
N ALA B 65 -2.39 44.81 28.49
CA ALA B 65 -1.54 45.04 29.65
C ALA B 65 -0.45 46.05 29.34
N THR B 66 0.22 45.90 28.20
CA THR B 66 1.27 46.85 27.82
C THR B 66 0.71 48.18 27.33
N ALA B 67 -0.60 48.25 27.04
CA ALA B 67 -1.19 49.55 26.77
C ALA B 67 -1.54 50.28 28.05
N GLN B 68 -1.99 49.56 29.08
CA GLN B 68 -2.42 50.19 30.32
C GLN B 68 -1.30 50.36 31.34
N ASP B 69 -0.16 49.70 31.15
CA ASP B 69 0.93 49.84 32.10
C ASP B 69 1.67 51.17 31.98
N ASP B 70 1.65 51.79 30.79
CA ASP B 70 2.51 52.93 30.52
C ASP B 70 2.23 54.12 31.46
N ILE B 71 1.07 54.14 32.09
CA ILE B 71 0.81 55.17 33.11
C ILE B 71 1.80 55.04 34.26
N THR B 72 2.04 53.81 34.70
CA THR B 72 2.95 53.55 35.80
C THR B 72 4.14 52.68 35.40
N GLY B 73 3.89 51.57 34.71
CA GLY B 73 4.96 50.70 34.27
C GLY B 73 5.71 49.98 35.37
N ASP B 74 5.01 49.47 36.38
CA ASP B 74 5.67 48.78 37.48
C ASP B 74 5.00 47.47 37.89
N GLY B 75 3.81 47.15 37.40
CA GLY B 75 3.13 45.97 37.89
C GLY B 75 2.62 45.03 36.81
N THR B 76 3.27 45.01 35.65
CA THR B 76 2.80 44.19 34.54
C THR B 76 2.76 42.71 34.92
N THR B 77 3.86 42.21 35.49
CA THR B 77 3.88 40.82 35.94
C THR B 77 2.84 40.58 37.02
N SER B 78 2.75 41.50 37.98
CA SER B 78 1.75 41.37 39.03
C SER B 78 0.34 41.38 38.44
N ASN B 79 0.11 42.26 37.46
CA ASN B 79 -1.19 42.34 36.83
C ASN B 79 -1.54 41.02 36.13
N VAL B 80 -0.59 40.45 35.39
CA VAL B 80 -0.86 39.21 34.67
C VAL B 80 -1.11 38.07 35.64
N LEU B 81 -0.33 38.00 36.72
CA LEU B 81 -0.56 36.96 37.72
C LEU B 81 -1.93 37.11 38.35
N ILE B 82 -2.32 38.34 38.67
CA ILE B 82 -3.64 38.57 39.26
C ILE B 82 -4.74 38.18 38.28
N ILE B 83 -4.54 38.44 36.99
CA ILE B 83 -5.55 38.08 36.00
C ILE B 83 -5.69 36.56 35.90
N GLY B 84 -4.56 35.87 35.84
CA GLY B 84 -4.63 34.42 35.79
C GLY B 84 -5.33 33.83 36.99
N GLU B 85 -4.99 34.32 38.19
CA GLU B 85 -5.63 33.79 39.39
C GLU B 85 -7.11 34.16 39.45
N LEU B 86 -7.46 35.38 39.04
CA LEU B 86 -8.86 35.77 39.02
C LEU B 86 -9.66 34.87 38.11
N LEU B 87 -9.14 34.61 36.91
CA LEU B 87 -9.86 33.75 35.98
C LEU B 87 -9.96 32.33 36.51
N LYS B 88 -8.90 31.81 37.12
CA LYS B 88 -8.96 30.45 37.65
C LYS B 88 -10.00 30.34 38.77
N GLN B 89 -10.00 31.31 39.69
CA GLN B 89 -10.98 31.29 40.77
C GLN B 89 -12.40 31.42 40.24
N ALA B 90 -12.58 32.30 39.24
CA ALA B 90 -13.90 32.40 38.62
C ALA B 90 -14.29 31.11 37.90
N ASP B 91 -13.32 30.39 37.36
CA ASP B 91 -13.61 29.11 36.72
C ASP B 91 -14.09 28.09 37.73
N LEU B 92 -13.49 28.10 38.92
CA LEU B 92 -13.90 27.17 39.97
C LEU B 92 -15.38 27.27 40.27
N TYR B 93 -16.00 28.42 40.03
CA TYR B 93 -17.44 28.60 40.23
C TYR B 93 -18.25 28.61 38.94
N ILE B 94 -17.63 28.93 37.80
CA ILE B 94 -18.34 28.88 36.53
C ILE B 94 -18.50 27.45 36.03
N SER B 95 -17.72 26.51 36.57
CA SER B 95 -17.85 25.12 36.15
C SER B 95 -19.26 24.60 36.43
N GLU B 96 -19.88 25.03 37.52
CA GLU B 96 -21.24 24.61 37.86
C GLU B 96 -22.23 25.70 37.44
N GLY B 97 -22.30 25.92 36.14
CA GLY B 97 -23.19 26.95 35.62
C GLY B 97 -22.78 28.31 36.14
N LEU B 98 -23.71 28.97 36.84
CA LEU B 98 -23.43 30.23 37.54
C LEU B 98 -22.94 31.31 36.56
N HIS B 99 -23.85 31.70 35.67
CA HIS B 99 -23.62 32.64 34.57
C HIS B 99 -22.67 33.76 34.96
N PRO B 100 -21.69 34.08 34.11
CA PRO B 100 -20.57 34.92 34.54
C PRO B 100 -20.96 36.32 34.99
N ARG B 101 -22.14 36.83 34.60
CA ARG B 101 -22.44 38.24 34.85
C ARG B 101 -22.47 38.55 36.34
N ILE B 102 -23.03 37.65 37.15
CA ILE B 102 -23.03 37.85 38.59
C ILE B 102 -21.61 37.86 39.14
N ILE B 103 -20.71 37.08 38.53
CA ILE B 103 -19.32 37.12 38.94
C ILE B 103 -18.72 38.50 38.66
N THR B 104 -19.09 39.09 37.53
CA THR B 104 -18.63 40.45 37.23
C THR B 104 -19.19 41.45 38.23
N GLU B 105 -20.44 41.28 38.64
CA GLU B 105 -20.98 42.15 39.68
C GLU B 105 -20.19 42.02 40.97
N GLY B 106 -19.88 40.78 41.36
CA GLY B 106 -19.04 40.57 42.53
C GLY B 106 -17.68 41.22 42.38
N PHE B 107 -17.10 41.14 41.19
CA PHE B 107 -15.81 41.77 40.95
C PHE B 107 -15.89 43.29 41.09
N GLU B 108 -16.98 43.89 40.60
CA GLU B 108 -17.16 45.33 40.75
C GLU B 108 -17.28 45.71 42.22
N ALA B 109 -18.06 44.95 42.98
CA ALA B 109 -18.21 45.24 44.41
C ALA B 109 -16.87 45.10 45.14
N ALA B 110 -16.13 44.04 44.82
CA ALA B 110 -14.82 43.84 45.45
C ALA B 110 -13.86 44.96 45.08
N LYS B 111 -13.90 45.42 43.83
CA LYS B 111 -13.06 46.54 43.42
C LYS B 111 -13.40 47.80 44.20
N GLU B 112 -14.70 48.10 44.36
CA GLU B 112 -15.09 49.27 45.13
C GLU B 112 -14.60 49.17 46.56
N LYS B 113 -14.78 47.99 47.18
CA LYS B 113 -14.32 47.81 48.56
C LYS B 113 -12.81 47.95 48.66
N ALA B 114 -12.06 47.42 47.68
CA ALA B 114 -10.61 47.47 47.74
C ALA B 114 -10.09 48.89 47.55
N LEU B 115 -10.67 49.65 46.62
CA LEU B 115 -10.28 51.05 46.47
C LEU B 115 -10.61 51.84 47.73
N GLN B 116 -11.75 51.56 48.36
CA GLN B 116 -12.06 52.23 49.62
C GLN B 116 -11.04 51.87 50.69
N PHE B 117 -10.63 50.61 50.75
CA PHE B 117 -9.67 50.15 51.75
C PHE B 117 -8.26 50.68 51.49
N LEU B 118 -7.96 51.04 50.24
CA LEU B 118 -6.62 51.54 49.92
C LEU B 118 -6.30 52.84 50.64
N GLU B 119 -7.31 53.61 51.04
CA GLU B 119 -7.08 54.96 51.56
C GLU B 119 -6.52 54.98 52.97
N GLU B 120 -6.58 53.87 53.71
CA GLU B 120 -6.11 53.86 55.09
C GLU B 120 -4.74 53.21 55.27
N VAL B 121 -4.50 52.06 54.64
CA VAL B 121 -3.22 51.39 54.80
C VAL B 121 -2.07 52.20 54.23
N LYS B 122 -2.36 53.12 53.30
CA LYS B 122 -1.33 54.01 52.80
C LYS B 122 -0.85 54.93 53.92
N VAL B 123 0.44 55.25 53.89
CA VAL B 123 1.05 56.16 54.85
C VAL B 123 1.59 57.35 54.08
N SER B 124 1.27 58.56 54.56
CA SER B 124 1.64 59.80 53.90
C SER B 124 2.53 60.60 54.84
N ARG B 125 3.82 60.70 54.50
CA ARG B 125 4.80 61.45 55.25
C ARG B 125 5.56 62.35 54.29
N GLU B 126 6.48 63.15 54.82
CA GLU B 126 7.42 63.88 53.99
C GLU B 126 8.54 62.94 53.54
N MET B 127 8.93 63.06 52.27
CA MET B 127 9.96 62.20 51.69
C MET B 127 11.27 62.95 51.53
N ASP B 128 12.36 62.33 51.97
CA ASP B 128 13.70 62.87 51.77
C ASP B 128 14.65 61.75 51.35
N ARG B 129 15.96 62.03 51.36
CA ARG B 129 16.92 61.14 50.72
C ARG B 129 16.81 59.71 51.24
N GLU B 130 16.82 59.53 52.56
CA GLU B 130 16.82 58.18 53.11
C GLU B 130 15.51 57.46 52.81
N THR B 131 14.41 58.19 52.76
CA THR B 131 13.14 57.57 52.39
C THR B 131 13.14 57.15 50.92
N LEU B 132 13.66 58.00 50.04
CA LEU B 132 13.69 57.65 48.62
C LEU B 132 14.71 56.55 48.33
N ILE B 133 15.68 56.33 49.22
CA ILE B 133 16.61 55.23 49.05
C ILE B 133 15.86 53.90 49.05
N ASP B 134 14.92 53.74 49.98
CA ASP B 134 14.13 52.52 50.03
C ASP B 134 13.30 52.34 48.76
N VAL B 135 12.71 53.43 48.26
CA VAL B 135 11.89 53.35 47.05
C VAL B 135 12.76 52.94 45.87
N ALA B 136 13.94 53.56 45.72
CA ALA B 136 14.83 53.19 44.63
C ALA B 136 15.28 51.75 44.74
N ARG B 137 15.61 51.30 45.96
CA ARG B 137 16.02 49.92 46.16
C ARG B 137 14.90 48.96 45.75
N THR B 138 13.67 49.24 46.20
CA THR B 138 12.56 48.35 45.89
C THR B 138 12.28 48.32 44.39
N SER B 139 12.33 49.47 43.73
CA SER B 139 12.04 49.53 42.30
C SER B 139 13.22 49.09 41.43
N LEU B 140 14.40 48.91 42.02
CA LEU B 140 15.56 48.55 41.22
C LEU B 140 16.03 47.12 41.42
N ARG B 141 15.94 46.59 42.64
CA ARG B 141 16.37 45.22 42.89
C ARG B 141 15.61 44.20 42.05
N THR B 142 14.41 44.54 41.58
CA THR B 142 13.60 43.61 40.83
C THR B 142 13.94 43.58 39.34
N LYS B 143 14.85 44.44 38.87
CA LYS B 143 15.16 44.52 37.46
C LYS B 143 16.64 44.47 37.15
N VAL B 144 17.50 44.24 38.13
CA VAL B 144 18.95 44.24 37.92
C VAL B 144 19.57 43.31 38.95
N HIS B 145 20.85 43.00 38.77
CA HIS B 145 21.60 42.22 39.75
C HIS B 145 21.65 42.95 41.08
N ALA B 146 21.68 42.18 42.17
CA ALA B 146 21.52 42.76 43.50
C ALA B 146 22.64 43.73 43.83
N GLU B 147 23.89 43.34 43.56
CA GLU B 147 25.02 44.20 43.93
C GLU B 147 24.99 45.52 43.17
N LEU B 148 24.68 45.48 41.87
CA LEU B 148 24.68 46.69 41.07
C LEU B 148 23.65 47.69 41.55
N ALA B 149 22.47 47.20 41.98
CA ALA B 149 21.46 48.08 42.53
C ALA B 149 21.97 48.86 43.73
N ASP B 150 22.87 48.28 44.51
CA ASP B 150 23.39 48.97 45.69
C ASP B 150 24.09 50.28 45.30
N VAL B 151 24.85 50.27 44.20
CA VAL B 151 25.52 51.48 43.77
C VAL B 151 24.62 52.35 42.91
N LEU B 152 23.64 51.78 42.21
CA LEU B 152 22.78 52.57 41.35
C LEU B 152 21.69 53.34 42.10
N THR B 153 21.18 52.80 43.20
CA THR B 153 20.15 53.52 43.96
C THR B 153 20.68 54.85 44.46
N GLU B 154 21.89 54.85 45.03
CA GLU B 154 22.49 56.09 45.51
C GLU B 154 22.80 57.04 44.36
N ALA B 155 23.13 56.51 43.19
CA ALA B 155 23.42 57.35 42.03
C ALA B 155 22.16 57.94 41.41
N VAL B 156 20.99 57.36 41.69
CA VAL B 156 19.77 57.89 41.09
C VAL B 156 19.00 58.78 42.05
N VAL B 157 19.04 58.47 43.35
CA VAL B 157 18.25 59.24 44.31
C VAL B 157 18.75 60.68 44.39
N ASP B 158 20.07 60.85 44.45
CA ASP B 158 20.64 62.21 44.49
C ASP B 158 20.30 62.97 43.23
N SER B 159 20.38 62.30 42.07
CA SER B 159 20.06 62.96 40.81
C SER B 159 18.61 63.45 40.81
N ILE B 160 17.67 62.57 41.16
CA ILE B 160 16.26 62.96 41.09
C ILE B 160 15.94 64.03 42.12
N LEU B 161 16.56 63.94 43.30
CA LEU B 161 16.35 64.98 44.31
C LEU B 161 16.87 66.33 43.82
N ALA B 162 18.04 66.34 43.19
CA ALA B 162 18.60 67.59 42.70
C ALA B 162 17.83 68.17 41.52
N ILE B 163 17.21 67.32 40.69
CA ILE B 163 16.50 67.80 39.52
C ILE B 163 15.01 67.99 39.75
N LYS B 164 14.50 67.65 40.94
CA LYS B 164 13.13 68.02 41.28
C LYS B 164 13.00 69.53 41.32
N LYS B 165 12.25 70.11 40.38
CA LYS B 165 12.12 71.56 40.31
C LYS B 165 11.23 72.07 41.44
N GLN B 166 9.97 71.67 41.42
CA GLN B 166 8.95 72.10 42.37
C GLN B 166 7.85 71.05 42.35
N ASP B 167 6.66 71.41 42.86
CA ASP B 167 5.53 70.50 42.87
C ASP B 167 5.18 70.00 41.48
N GLU B 168 5.50 70.76 40.43
CA GLU B 168 5.27 70.31 39.07
C GLU B 168 6.15 69.09 38.78
N PRO B 169 5.63 68.08 38.09
CA PRO B 169 6.43 66.87 37.83
C PRO B 169 7.49 67.10 36.77
N ILE B 170 8.31 66.06 36.56
CA ILE B 170 9.44 66.12 35.65
C ILE B 170 8.99 65.95 34.21
N ASP B 171 9.89 66.21 33.27
CA ASP B 171 9.66 65.99 31.86
C ASP B 171 10.48 64.78 31.38
N LEU B 172 9.96 64.10 30.36
CA LEU B 172 10.65 62.93 29.82
C LEU B 172 12.00 63.31 29.22
N PHE B 173 12.07 64.43 28.51
CA PHE B 173 13.33 64.85 27.91
C PHE B 173 14.21 65.59 28.90
N MET B 174 13.66 65.97 30.06
CA MET B 174 14.46 66.65 31.08
C MET B 174 15.61 65.76 31.55
N ILE B 175 15.43 64.44 31.50
CA ILE B 175 16.46 63.49 31.88
C ILE B 175 16.95 62.79 30.62
N GLU B 176 18.26 62.74 30.44
CA GLU B 176 18.86 62.02 29.32
C GLU B 176 19.96 61.11 29.86
N ILE B 177 20.10 59.95 29.22
CA ILE B 177 21.00 58.90 29.67
C ILE B 177 21.97 58.57 28.53
N MET B 178 23.26 58.53 28.85
CA MET B 178 24.29 58.25 27.88
C MET B 178 25.11 57.04 28.32
N GLU B 179 25.66 56.32 27.33
CA GLU B 179 26.45 55.13 27.57
C GLU B 179 27.73 55.19 26.76
N MET B 180 28.55 54.15 26.94
CA MET B 180 29.80 53.99 26.19
C MET B 180 30.12 52.50 26.13
N LYS B 181 31.33 52.17 25.68
CA LYS B 181 31.72 50.78 25.49
C LYS B 181 32.92 50.42 26.35
N HIS B 182 32.90 50.83 27.62
CA HIS B 182 33.97 50.50 28.54
C HIS B 182 33.91 49.02 28.91
N LYS B 183 35.08 48.39 29.00
CA LYS B 183 35.13 46.96 29.30
C LYS B 183 34.61 46.66 30.70
N SER B 184 34.95 47.49 31.67
CA SER B 184 34.50 47.32 33.05
C SER B 184 33.32 48.23 33.33
N GLU B 185 32.40 47.76 34.17
CA GLU B 185 31.20 48.55 34.46
C GLU B 185 31.56 49.84 35.19
N THR B 186 32.49 49.76 36.15
CA THR B 186 33.02 50.92 36.87
C THR B 186 31.90 51.86 37.32
N ASP B 187 31.03 51.30 38.16
CA ASP B 187 29.90 51.97 38.81
C ASP B 187 29.12 52.87 37.85
N THR B 188 28.58 53.98 38.36
CA THR B 188 27.83 54.92 37.54
C THR B 188 27.78 56.26 38.25
N SER B 189 28.18 57.33 37.55
CA SER B 189 28.23 58.66 38.11
C SER B 189 27.15 59.53 37.48
N LEU B 190 27.15 60.82 37.82
CA LEU B 190 26.13 61.76 37.40
C LEU B 190 26.77 63.04 36.90
N ILE B 191 26.26 63.55 35.78
CA ILE B 191 26.74 64.79 35.18
C ILE B 191 25.57 65.76 35.04
N ARG B 192 25.77 66.98 35.52
CA ARG B 192 24.77 68.03 35.35
C ARG B 192 24.84 68.60 33.93
N GLY B 193 23.69 68.97 33.39
CA GLY B 193 23.64 69.64 32.11
C GLY B 193 23.77 68.69 30.93
N LEU B 194 23.91 69.31 29.76
CA LEU B 194 23.98 68.57 28.50
C LEU B 194 25.29 67.83 28.37
N VAL B 195 25.25 66.73 27.61
CA VAL B 195 26.44 65.95 27.27
C VAL B 195 26.47 65.79 25.76
N LEU B 196 27.60 66.14 25.15
CA LEU B 196 27.73 66.05 23.69
C LEU B 196 27.76 64.59 23.25
N ASP B 197 27.04 64.30 22.16
CA ASP B 197 27.04 62.95 21.62
C ASP B 197 28.40 62.60 21.02
N HIS B 198 28.94 63.49 20.20
CA HIS B 198 30.23 63.27 19.55
C HIS B 198 30.78 64.62 19.09
N GLY B 199 32.09 64.75 19.11
CA GLY B 199 32.73 65.98 18.70
C GLY B 199 34.00 65.79 17.91
N ALA B 200 34.73 66.87 17.67
CA ALA B 200 35.99 66.83 16.93
C ALA B 200 37.15 66.71 17.92
N ARG B 201 37.98 65.69 17.72
CA ARG B 201 39.08 65.38 18.63
C ARG B 201 40.39 66.00 18.18
N HIS B 202 40.33 67.19 17.57
CA HIS B 202 41.55 67.87 17.17
C HIS B 202 42.38 68.21 18.40
N PRO B 203 43.70 68.06 18.34
CA PRO B 203 44.52 68.26 19.56
C PRO B 203 44.44 69.66 20.14
N ASP B 204 44.10 70.67 19.34
CA ASP B 204 44.06 72.06 19.81
C ASP B 204 42.75 72.40 20.52
N MET B 205 41.90 71.41 20.78
CA MET B 205 40.64 71.67 21.48
C MET B 205 40.91 72.04 22.93
N LYS B 206 39.99 72.82 23.50
CA LYS B 206 40.11 73.29 24.87
C LYS B 206 39.17 72.50 25.77
N LYS B 207 39.71 71.97 26.87
CA LYS B 207 38.94 71.15 27.80
C LYS B 207 38.41 71.95 28.98
N ARG B 208 39.29 72.59 29.74
CA ARG B 208 38.89 73.31 30.94
C ARG B 208 38.68 74.79 30.60
N VAL B 209 37.42 75.17 30.41
CA VAL B 209 37.05 76.55 30.13
C VAL B 209 35.88 76.93 31.05
N GLU B 210 35.93 78.14 31.58
CA GLU B 210 34.92 78.62 32.51
C GLU B 210 34.22 79.85 31.94
N ASP B 211 32.95 80.02 32.33
CA ASP B 211 32.14 81.17 31.92
C ASP B 211 32.01 81.25 30.40
N ALA B 212 31.86 80.10 29.77
CA ALA B 212 31.84 80.01 28.32
C ALA B 212 30.48 80.40 27.76
N TYR B 213 30.38 80.42 26.43
CA TYR B 213 29.15 80.66 25.71
C TYR B 213 29.04 79.66 24.56
N ILE B 214 27.82 79.43 24.09
CA ILE B 214 27.57 78.39 23.09
C ILE B 214 26.76 78.96 21.93
N LEU B 215 27.09 78.49 20.72
CA LEU B 215 26.31 78.72 19.52
C LEU B 215 26.35 77.48 18.65
N THR B 216 25.27 77.24 17.92
CA THR B 216 25.15 76.08 17.03
C THR B 216 25.11 76.55 15.58
N CYS B 217 25.87 75.87 14.73
CA CYS B 217 25.92 76.16 13.30
C CYS B 217 25.52 74.90 12.54
N ASN B 218 24.90 75.10 11.37
CA ASN B 218 24.44 73.96 10.58
C ASN B 218 25.47 73.55 9.52
N VAL B 219 25.78 74.45 8.59
CA VAL B 219 26.79 74.21 7.56
C VAL B 219 27.57 75.49 7.34
N SER B 220 28.90 75.37 7.23
CA SER B 220 29.74 76.55 7.08
C SER B 220 30.80 76.39 6.00
N LEU B 221 30.78 75.29 5.23
CA LEU B 221 31.80 75.06 4.22
C LEU B 221 31.23 74.49 2.93
N GLU B 222 29.92 74.58 2.72
CA GLU B 222 29.28 73.98 1.54
C GLU B 222 28.70 75.02 0.60
N TYR B 223 27.79 75.87 1.08
CA TYR B 223 27.12 76.85 0.24
C TYR B 223 27.38 78.25 0.77
N GLU B 224 27.70 79.18 -0.12
CA GLU B 224 27.95 80.55 0.29
C GLU B 224 26.64 81.28 0.56
N LYS B 225 26.53 81.87 1.75
CA LYS B 225 25.33 82.62 2.17
C LYS B 225 24.08 81.77 2.06
N THR B 226 24.21 80.48 2.37
CA THR B 226 23.09 79.55 2.29
C THR B 226 23.32 78.42 3.29
N GLU B 227 22.23 77.97 3.92
CA GLU B 227 22.29 76.91 4.93
C GLU B 227 22.02 75.53 4.34
N VAL B 228 21.88 75.41 3.03
CA VAL B 228 21.62 74.13 2.38
C VAL B 228 22.94 73.43 2.11
N ASN B 229 22.94 72.10 2.25
CA ASN B 229 24.12 71.28 1.98
C ASN B 229 23.75 70.23 0.95
N SER B 230 24.57 70.11 -0.09
CA SER B 230 24.37 69.13 -1.15
C SER B 230 25.67 68.96 -1.91
N GLY B 231 25.66 68.03 -2.87
CA GLY B 231 26.84 67.80 -3.67
C GLY B 231 27.19 68.99 -4.54
N PHE B 232 28.49 69.20 -4.71
CA PHE B 232 28.96 70.35 -5.48
C PHE B 232 28.64 70.16 -6.96
N PHE B 233 28.12 71.22 -7.58
CA PHE B 233 27.78 71.18 -9.01
C PHE B 233 29.08 71.31 -9.80
N TYR B 234 29.69 70.16 -10.08
CA TYR B 234 30.91 70.14 -10.88
C TYR B 234 30.64 70.62 -12.30
N LYS B 235 29.50 70.26 -12.87
CA LYS B 235 29.16 70.67 -14.22
C LYS B 235 28.91 72.17 -14.34
N SER B 236 28.59 72.84 -13.23
CA SER B 236 28.34 74.27 -13.25
C SER B 236 29.64 75.02 -12.96
N ALA B 237 30.04 75.88 -13.91
CA ALA B 237 31.29 76.61 -13.75
C ALA B 237 31.22 77.62 -12.62
N GLU B 238 30.12 78.37 -12.54
CA GLU B 238 30.02 79.41 -11.50
C GLU B 238 29.85 78.80 -10.12
N GLU B 239 29.12 77.70 -10.01
CA GLU B 239 28.85 77.10 -8.71
C GLU B 239 30.12 76.48 -8.12
N ARG B 240 30.91 75.82 -8.97
CA ARG B 240 32.13 75.15 -8.50
C ARG B 240 33.10 76.14 -7.91
N GLU B 241 33.34 77.26 -8.59
CA GLU B 241 34.27 78.26 -8.08
C GLU B 241 33.70 78.97 -6.85
N LYS B 242 32.38 79.21 -6.85
CA LYS B 242 31.76 79.89 -5.72
C LYS B 242 31.85 79.05 -4.45
N LEU B 243 31.67 77.74 -4.56
CA LEU B 243 31.73 76.90 -3.36
C LEU B 243 33.17 76.66 -2.91
N VAL B 244 34.13 76.72 -3.83
CA VAL B 244 35.52 76.57 -3.43
C VAL B 244 35.95 77.74 -2.54
N LYS B 245 35.56 78.95 -2.91
CA LYS B 245 35.82 80.10 -2.04
C LYS B 245 34.89 80.12 -0.84
N ALA B 246 33.69 79.55 -0.97
CA ALA B 246 32.82 79.34 0.18
C ALA B 246 33.41 78.35 1.16
N GLU B 247 34.28 77.45 0.70
CA GLU B 247 35.04 76.59 1.60
C GLU B 247 35.94 77.40 2.53
N ARG B 248 36.27 78.63 2.16
CA ARG B 248 37.19 79.47 2.91
C ARG B 248 36.52 80.68 3.55
N LYS B 249 35.70 81.42 2.81
CA LYS B 249 35.16 82.67 3.34
C LYS B 249 33.81 82.50 4.01
N PHE B 250 33.01 81.52 3.60
CA PHE B 250 31.70 81.34 4.23
C PHE B 250 31.81 81.01 5.71
N ILE B 251 32.96 80.49 6.15
CA ILE B 251 33.20 80.33 7.58
C ILE B 251 33.79 81.59 8.19
N GLU B 252 34.79 82.20 7.54
CA GLU B 252 35.53 83.29 8.17
C GLU B 252 34.67 84.55 8.31
N ASP B 253 33.71 84.78 7.41
CA ASP B 253 32.89 85.98 7.48
C ASP B 253 32.15 86.05 8.81
N ARG B 254 31.63 84.91 9.27
CA ARG B 254 31.02 84.86 10.60
C ARG B 254 32.01 84.51 11.70
N VAL B 255 33.18 83.97 11.35
CA VAL B 255 34.21 83.74 12.37
C VAL B 255 34.68 85.05 12.96
N LYS B 256 34.85 86.07 12.11
CA LYS B 256 35.19 87.40 12.60
C LYS B 256 34.09 87.95 13.51
N LYS B 257 32.83 87.73 13.14
CA LYS B 257 31.73 88.14 14.00
C LYS B 257 31.78 87.42 15.34
N ILE B 258 32.09 86.12 15.33
CA ILE B 258 32.19 85.35 16.57
C ILE B 258 33.31 85.89 17.44
N ILE B 259 34.47 86.16 16.85
CA ILE B 259 35.61 86.59 17.65
C ILE B 259 35.38 87.98 18.21
N GLU B 260 34.76 88.89 17.45
CA GLU B 260 34.42 90.19 18.02
C GLU B 260 33.35 90.06 19.09
N LEU B 261 32.38 89.16 18.90
CA LEU B 261 31.32 88.96 19.88
C LEU B 261 31.90 88.48 21.22
N LYS B 262 32.84 87.54 21.17
CA LYS B 262 33.45 87.06 22.40
C LYS B 262 34.46 88.04 22.97
N ARG B 263 35.15 88.81 22.12
CA ARG B 263 36.17 89.73 22.60
C ARG B 263 35.58 90.98 23.21
N LYS B 264 34.42 91.44 22.74
CA LYS B 264 33.78 92.57 23.42
C LYS B 264 33.30 92.17 24.81
N VAL B 265 32.92 90.90 25.00
CA VAL B 265 32.59 90.42 26.33
C VAL B 265 33.85 90.29 27.17
N CYS B 266 34.91 89.74 26.61
CA CYS B 266 36.16 89.56 27.34
C CYS B 266 37.33 89.64 26.37
N GLY B 267 38.34 90.44 26.72
CA GLY B 267 39.49 90.62 25.86
C GLY B 267 40.21 89.34 25.50
N ASP B 268 40.40 89.11 24.20
CA ASP B 268 41.09 87.93 23.68
C ASP B 268 40.42 86.63 24.16
N SER B 269 39.08 86.65 24.21
CA SER B 269 38.28 85.47 24.58
C SER B 269 38.71 84.89 25.93
N ASP B 270 38.69 85.75 26.96
CA ASP B 270 39.01 85.28 28.31
C ASP B 270 37.96 84.28 28.80
N LYS B 271 36.69 84.54 28.50
CA LYS B 271 35.62 83.62 28.89
C LYS B 271 35.61 82.33 28.10
N GLY B 272 36.29 82.29 26.95
CA GLY B 272 36.39 81.08 26.17
C GLY B 272 35.07 80.61 25.57
N PHE B 273 34.54 81.36 24.62
CA PHE B 273 33.30 80.98 23.97
C PHE B 273 33.45 79.64 23.26
N VAL B 274 32.37 78.86 23.23
CA VAL B 274 32.38 77.55 22.60
C VAL B 274 31.33 77.53 21.50
N VAL B 275 31.65 76.80 20.42
CA VAL B 275 30.75 76.67 19.28
C VAL B 275 30.60 75.20 18.93
N ILE B 276 29.47 74.86 18.30
CA ILE B 276 29.17 73.51 17.88
C ILE B 276 28.56 73.57 16.48
N ASN B 277 28.94 72.64 15.61
CA ASN B 277 28.45 72.59 14.25
C ASN B 277 27.71 71.28 14.00
N GLN B 278 26.71 71.34 13.12
CA GLN B 278 25.98 70.14 12.75
C GLN B 278 26.87 69.13 12.04
N LYS B 279 27.76 69.61 11.17
CA LYS B 279 28.69 68.74 10.47
C LYS B 279 30.13 69.22 10.69
N GLY B 280 31.07 68.66 9.93
CA GLY B 280 32.46 69.03 10.08
C GLY B 280 32.71 70.48 9.69
N ILE B 281 33.90 70.96 10.05
CA ILE B 281 34.29 72.34 9.82
C ILE B 281 35.64 72.34 9.11
N ASP B 282 35.94 73.46 8.46
CA ASP B 282 37.19 73.58 7.73
C ASP B 282 38.37 73.44 8.69
N PRO B 283 39.36 72.61 8.36
CA PRO B 283 40.50 72.43 9.27
C PRO B 283 41.25 73.73 9.55
N PHE B 284 41.37 74.60 8.56
CA PHE B 284 42.01 75.89 8.80
C PHE B 284 41.16 76.75 9.74
N SER B 285 39.86 76.83 9.48
CA SER B 285 38.96 77.52 10.40
C SER B 285 38.90 76.79 11.74
N LEU B 286 39.05 75.47 11.73
CA LEU B 286 39.12 74.72 12.98
C LEU B 286 40.31 75.18 13.83
N ASP B 287 41.48 75.30 13.20
CA ASP B 287 42.66 75.78 13.93
C ASP B 287 42.47 77.21 14.39
N ALA B 288 41.89 78.06 13.53
CA ALA B 288 41.66 79.45 13.91
C ALA B 288 40.74 79.56 15.12
N LEU B 289 39.69 78.73 15.16
CA LEU B 289 38.77 78.74 16.28
C LEU B 289 39.42 78.17 17.53
N SER B 290 40.22 77.11 17.38
CA SER B 290 40.87 76.51 18.54
C SER B 290 41.93 77.43 19.14
N LYS B 291 42.54 78.28 18.33
CA LYS B 291 43.54 79.21 18.84
C LYS B 291 42.92 80.19 19.83
N GLU B 292 41.70 80.65 19.55
CA GLU B 292 40.98 81.57 20.42
C GLU B 292 40.15 80.85 21.47
N GLY B 293 40.19 79.52 21.51
CA GLY B 293 39.38 78.77 22.45
C GLY B 293 37.94 78.57 22.02
N ILE B 294 37.62 78.85 20.76
CA ILE B 294 36.24 78.70 20.30
C ILE B 294 35.82 77.24 20.26
N VAL B 295 36.76 76.33 19.96
CA VAL B 295 36.52 74.90 20.01
C VAL B 295 35.43 74.51 19.02
N ALA B 296 35.81 74.28 17.77
CA ALA B 296 34.87 73.88 16.73
C ALA B 296 34.69 72.36 16.74
N LEU B 297 33.44 71.93 16.82
CA LEU B 297 33.13 70.51 16.84
C LEU B 297 32.12 70.15 15.76
N ARG B 298 31.65 68.90 15.76
CA ARG B 298 30.73 68.43 14.73
C ARG B 298 29.74 67.46 15.36
N ARG B 299 28.83 66.95 14.52
CA ARG B 299 27.86 65.93 14.93
C ARG B 299 26.97 66.42 16.07
N ALA B 300 26.20 67.47 15.79
CA ALA B 300 25.23 68.00 16.74
C ALA B 300 23.86 67.42 16.40
N LYS B 301 23.34 66.56 17.27
CA LYS B 301 22.07 65.92 17.01
C LYS B 301 20.93 66.93 17.06
N ARG B 302 19.79 66.54 16.48
CA ARG B 302 18.65 67.43 16.32
C ARG B 302 18.00 67.79 17.65
N ARG B 303 18.36 67.13 18.74
CA ARG B 303 17.79 67.40 20.05
C ARG B 303 18.71 68.21 20.95
N ASN B 304 20.01 68.29 20.63
CA ASN B 304 20.94 69.01 21.49
C ASN B 304 20.62 70.48 21.57
N MET B 305 20.19 71.09 20.45
CA MET B 305 19.86 72.51 20.46
C MET B 305 18.71 72.79 21.42
N GLU B 306 17.66 71.98 21.36
CA GLU B 306 16.54 72.14 22.27
C GLU B 306 16.95 71.90 23.72
N ARG B 307 17.78 70.88 23.94
CA ARG B 307 18.19 70.57 25.31
C ARG B 307 19.01 71.70 25.91
N LEU B 308 19.96 72.24 25.15
CA LEU B 308 20.76 73.36 25.65
C LEU B 308 19.99 74.67 25.66
N THR B 309 18.88 74.75 24.93
CA THR B 309 18.05 75.96 24.98
C THR B 309 17.53 76.18 26.39
N LEU B 310 17.07 75.12 27.05
CA LEU B 310 16.64 75.19 28.44
C LEU B 310 17.77 74.96 29.42
N ALA B 311 18.92 74.45 28.97
CA ALA B 311 20.04 74.14 29.87
C ALA B 311 21.16 75.17 29.75
N CYS B 312 21.71 75.36 28.55
CA CYS B 312 22.79 76.31 28.36
C CYS B 312 22.31 77.71 28.06
N GLY B 313 21.00 77.92 27.94
CA GLY B 313 20.44 79.23 27.68
C GLY B 313 20.56 79.64 26.22
N GLY B 314 19.95 80.78 25.91
CA GLY B 314 19.97 81.30 24.56
C GLY B 314 19.14 80.47 23.61
N VAL B 315 19.31 80.76 22.32
CA VAL B 315 18.66 80.01 21.26
C VAL B 315 19.74 79.48 20.31
N ALA B 316 19.78 78.17 20.14
CA ALA B 316 20.74 77.53 19.25
C ALA B 316 20.16 77.33 17.85
N LEU B 317 19.62 78.40 17.28
CA LEU B 317 19.06 78.33 15.95
C LEU B 317 20.16 78.16 14.91
N ASN B 318 19.89 77.31 13.91
CA ASN B 318 20.87 77.01 12.88
C ASN B 318 21.02 78.11 11.84
N SER B 319 20.13 79.09 11.83
CA SER B 319 20.27 80.20 10.90
C SER B 319 21.52 81.01 11.21
N PHE B 320 22.18 81.49 10.17
CA PHE B 320 23.47 82.16 10.33
C PHE B 320 23.26 83.67 10.36
N ASP B 321 24.36 84.42 10.30
CA ASP B 321 24.35 85.87 10.50
C ASP B 321 23.79 86.21 11.88
N ASP B 322 24.52 85.77 12.91
CA ASP B 322 24.06 85.94 14.28
C ASP B 322 23.90 87.40 14.65
N LEU B 323 24.86 88.25 14.26
CA LEU B 323 24.80 89.68 14.50
C LEU B 323 24.64 90.01 15.98
N SER B 324 23.41 90.22 16.42
CA SER B 324 23.15 90.67 17.78
C SER B 324 23.57 89.59 18.79
N PRO B 325 24.07 90.00 19.96
CA PRO B 325 24.45 89.03 21.02
C PRO B 325 23.24 88.53 21.79
N ASP B 326 22.42 87.72 21.13
CA ASP B 326 21.22 87.17 21.75
C ASP B 326 21.06 85.66 21.58
N CYS B 327 21.72 85.04 20.60
CA CYS B 327 21.62 83.61 20.40
C CYS B 327 22.61 82.82 21.25
N LEU B 328 23.57 83.48 21.87
CA LEU B 328 24.60 82.79 22.64
C LEU B 328 24.07 82.37 24.00
N GLY B 329 24.44 81.16 24.41
CA GLY B 329 24.01 80.63 25.69
C GLY B 329 25.18 80.46 26.64
N HIS B 330 25.05 81.02 27.84
CA HIS B 330 26.15 81.02 28.78
C HIS B 330 26.45 79.61 29.28
N ALA B 331 27.74 79.29 29.38
CA ALA B 331 28.21 78.02 29.90
C ALA B 331 29.16 78.32 31.06
N GLY B 332 28.68 78.13 32.29
CA GLY B 332 29.48 78.52 33.44
C GLY B 332 30.79 77.75 33.55
N LEU B 333 30.75 76.44 33.29
CA LEU B 333 31.95 75.62 33.37
C LEU B 333 31.81 74.49 32.37
N VAL B 334 32.42 74.66 31.20
CA VAL B 334 32.43 73.63 30.17
C VAL B 334 33.70 72.80 30.31
N TYR B 335 33.52 71.48 30.39
CA TYR B 335 34.63 70.55 30.52
C TYR B 335 34.48 69.46 29.47
N GLU B 336 35.55 69.20 28.73
CA GLU B 336 35.55 68.20 27.67
C GLU B 336 36.15 66.91 28.20
N TYR B 337 35.33 65.87 28.30
CA TYR B 337 35.76 64.56 28.75
C TYR B 337 35.82 63.62 27.56
N THR B 338 36.95 62.92 27.40
CA THR B 338 37.18 62.09 26.24
C THR B 338 37.53 60.66 26.64
N LEU B 339 36.72 60.07 27.52
CA LEU B 339 37.00 58.75 28.06
C LEU B 339 37.11 57.69 26.96
N GLY B 340 38.33 57.20 26.77
CA GLY B 340 38.61 56.11 25.84
C GLY B 340 38.68 56.52 24.39
N GLU B 341 37.54 56.70 23.75
CA GLU B 341 37.51 57.12 22.35
C GLU B 341 36.71 58.40 22.15
N GLU B 342 35.50 58.43 22.70
CA GLU B 342 34.56 59.51 22.42
C GLU B 342 34.77 60.67 23.39
N LYS B 343 34.68 61.88 22.85
CA LYS B 343 34.79 63.10 23.64
C LYS B 343 33.40 63.63 23.97
N PHE B 344 33.23 64.06 25.22
CA PHE B 344 31.94 64.52 25.70
C PHE B 344 32.08 65.90 26.32
N THR B 345 31.11 66.76 26.04
CA THR B 345 31.12 68.14 26.53
C THR B 345 30.27 68.22 27.80
N PHE B 346 30.92 68.41 28.94
CA PHE B 346 30.23 68.55 30.23
C PHE B 346 30.06 70.04 30.48
N ILE B 347 28.84 70.53 30.28
CA ILE B 347 28.53 71.95 30.47
C ILE B 347 28.00 72.10 31.89
N GLU B 348 28.92 72.34 32.82
CA GLU B 348 28.56 72.57 34.21
C GLU B 348 28.24 74.03 34.45
N LYS B 349 27.37 74.29 35.43
CA LYS B 349 26.97 75.64 35.81
C LYS B 349 26.42 76.41 34.61
N CYS B 350 25.69 75.71 33.75
CA CYS B 350 25.01 76.32 32.62
C CYS B 350 23.80 77.12 33.12
N ASN B 351 22.99 77.63 32.21
CA ASN B 351 21.84 78.40 32.65
C ASN B 351 20.69 77.48 33.04
N ASN B 352 21.01 76.46 33.84
CA ASN B 352 20.05 75.53 34.43
C ASN B 352 20.76 74.69 35.48
N PRO B 353 20.23 74.61 36.70
CA PRO B 353 20.77 73.66 37.67
C PRO B 353 20.10 72.30 37.55
N ARG B 354 19.42 72.07 36.43
CA ARG B 354 18.62 70.89 36.18
C ARG B 354 19.10 70.20 34.91
N SER B 355 18.33 69.20 34.47
CA SER B 355 18.59 68.48 33.21
C SER B 355 19.94 67.77 33.25
N VAL B 356 20.13 66.92 34.27
CA VAL B 356 21.37 66.18 34.44
C VAL B 356 21.41 65.00 33.50
N THR B 357 22.58 64.37 33.39
CA THR B 357 22.77 63.17 32.59
C THR B 357 23.48 62.11 33.42
N LEU B 358 23.09 60.87 33.21
CA LEU B 358 23.67 59.74 33.93
C LEU B 358 24.91 59.23 33.21
N LEU B 359 25.81 58.62 33.99
CA LEU B 359 27.05 58.07 33.46
C LEU B 359 27.06 56.56 33.55
N ILE B 360 25.94 55.93 33.21
CA ILE B 360 25.86 54.47 33.24
C ILE B 360 26.94 53.89 32.34
N LYS B 361 27.69 52.93 32.88
CA LYS B 361 28.86 52.38 32.21
C LYS B 361 28.88 50.88 32.44
N GLY B 362 29.21 50.13 31.39
CA GLY B 362 29.23 48.69 31.49
C GLY B 362 29.65 47.98 30.22
N PRO B 363 29.59 46.65 30.25
CA PRO B 363 30.01 45.84 29.10
C PRO B 363 29.02 45.93 27.93
N ASN B 364 29.23 45.07 26.94
CA ASN B 364 28.40 45.01 25.74
C ASN B 364 26.91 45.00 26.08
N LYS B 365 26.08 45.44 25.12
CA LYS B 365 24.69 45.79 25.39
C LYS B 365 23.87 44.63 25.97
N HIS B 366 24.33 43.39 25.79
CA HIS B 366 23.60 42.22 26.28
C HIS B 366 23.14 42.39 27.72
N THR B 367 23.91 43.11 28.53
CA THR B 367 23.50 43.47 29.88
C THR B 367 23.34 44.97 30.07
N LEU B 368 24.00 45.80 29.26
CA LEU B 368 23.87 47.24 29.41
C LEU B 368 22.44 47.69 29.14
N THR B 369 21.74 47.01 28.22
CA THR B 369 20.34 47.32 28.00
C THR B 369 19.50 47.02 29.23
N GLN B 370 19.79 45.91 29.91
CA GLN B 370 19.09 45.61 31.15
C GLN B 370 19.37 46.67 32.21
N ILE B 371 20.63 47.11 32.32
CA ILE B 371 20.97 48.14 33.31
C ILE B 371 20.24 49.44 33.00
N LYS B 372 20.19 49.82 31.73
CA LYS B 372 19.54 51.08 31.38
C LYS B 372 18.04 51.00 31.58
N ASP B 373 17.44 49.84 31.30
CA ASP B 373 16.01 49.69 31.57
C ASP B 373 15.73 49.74 33.06
N ALA B 374 16.59 49.12 33.86
CA ALA B 374 16.42 49.13 35.31
C ALA B 374 16.52 50.55 35.86
N VAL B 375 17.52 51.31 35.41
CA VAL B 375 17.63 52.68 35.90
C VAL B 375 16.46 53.51 35.38
N ARG B 376 15.98 53.24 34.16
CA ARG B 376 14.86 54.00 33.62
C ARG B 376 13.60 53.79 34.45
N ASP B 377 13.24 52.54 34.71
CA ASP B 377 12.00 52.34 35.46
C ASP B 377 12.17 52.67 36.95
N GLY B 378 13.39 52.60 37.48
CA GLY B 378 13.62 53.14 38.81
C GLY B 378 13.41 54.65 38.86
N LEU B 379 13.88 55.36 37.83
CA LEU B 379 13.61 56.80 37.75
C LEU B 379 12.12 57.07 37.62
N ARG B 380 11.41 56.28 36.83
CA ARG B 380 9.97 56.45 36.71
C ARG B 380 9.28 56.25 38.06
N ALA B 381 9.67 55.20 38.79
CA ALA B 381 9.06 54.93 40.09
C ALA B 381 9.36 56.02 41.10
N VAL B 382 10.60 56.50 41.15
CA VAL B 382 10.94 57.56 42.09
C VAL B 382 10.24 58.86 41.70
N LYS B 383 10.05 59.10 40.40
CA LYS B 383 9.29 60.26 39.96
C LYS B 383 7.87 60.19 40.47
N ASN B 384 7.22 59.03 40.31
CA ASN B 384 5.85 58.90 40.80
C ASN B 384 5.78 59.03 42.31
N ALA B 385 6.77 58.44 43.02
CA ALA B 385 6.78 58.51 44.48
C ALA B 385 6.93 59.94 44.97
N ILE B 386 7.80 60.73 44.33
CA ILE B 386 7.93 62.13 44.69
C ILE B 386 6.76 62.96 44.20
N ASP B 387 6.03 62.48 43.20
CA ASP B 387 4.85 63.20 42.72
C ASP B 387 3.70 63.07 43.72
N ASP B 388 3.35 61.84 44.08
CA ASP B 388 2.27 61.65 45.04
C ASP B 388 2.79 61.82 46.46
N GLY B 389 1.89 62.19 47.36
CA GLY B 389 2.24 62.46 48.74
C GLY B 389 2.15 61.27 49.68
N CYS B 390 1.89 60.07 49.17
CA CYS B 390 1.69 58.90 50.02
C CYS B 390 2.46 57.72 49.45
N VAL B 391 2.81 56.79 50.34
CA VAL B 391 3.47 55.55 49.95
C VAL B 391 2.78 54.41 50.70
N VAL B 392 2.93 53.20 50.16
CA VAL B 392 2.22 52.04 50.70
C VAL B 392 3.23 50.95 51.04
N PRO B 393 2.95 50.09 52.02
CA PRO B 393 3.88 49.00 52.33
C PRO B 393 3.95 47.99 51.19
N GLY B 394 5.13 47.39 51.03
CA GLY B 394 5.37 46.42 50.00
C GLY B 394 5.45 45.01 50.54
N ALA B 395 6.15 44.15 49.80
CA ALA B 395 6.35 42.75 50.18
C ALA B 395 5.02 42.03 50.38
N GLY B 396 4.01 42.41 49.60
CA GLY B 396 2.70 41.80 49.73
C GLY B 396 1.98 42.10 51.03
N ALA B 397 2.49 43.03 51.84
CA ALA B 397 1.82 43.36 53.08
C ALA B 397 0.44 43.93 52.84
N VAL B 398 0.33 44.83 51.85
CA VAL B 398 -0.96 45.45 51.56
C VAL B 398 -1.95 44.43 51.00
N GLU B 399 -1.48 43.44 50.23
CA GLU B 399 -2.37 42.49 49.61
C GLU B 399 -3.14 41.68 50.66
N VAL B 400 -2.45 41.24 51.71
CA VAL B 400 -3.12 40.47 52.76
C VAL B 400 -4.15 41.34 53.47
N ALA B 401 -3.81 42.62 53.68
CA ALA B 401 -4.76 43.53 54.32
C ALA B 401 -6.02 43.70 53.46
N MET B 402 -5.85 43.85 52.15
CA MET B 402 -7.01 43.92 51.26
C MET B 402 -7.81 42.64 51.30
N ALA B 403 -7.12 41.49 51.36
CA ALA B 403 -7.83 40.21 51.44
C ALA B 403 -8.70 40.15 52.69
N GLU B 404 -8.14 40.53 53.83
CA GLU B 404 -8.91 40.51 55.07
C GLU B 404 -10.06 41.49 55.01
N ALA B 405 -9.84 42.68 54.45
CA ALA B 405 -10.91 43.66 54.33
C ALA B 405 -12.05 43.14 53.46
N LEU B 406 -11.71 42.53 52.33
CA LEU B 406 -12.75 41.99 51.44
C LEU B 406 -13.49 40.84 52.10
N ILE B 407 -12.77 39.98 52.84
CA ILE B 407 -13.42 38.87 53.53
C ILE B 407 -14.37 39.39 54.59
N LYS B 408 -13.94 40.40 55.37
CA LYS B 408 -14.83 40.97 56.38
C LYS B 408 -15.95 41.80 55.77
N HIS B 409 -15.83 42.16 54.50
CA HIS B 409 -16.90 42.85 53.80
C HIS B 409 -17.86 41.89 53.10
N LYS B 410 -17.65 40.58 53.26
CA LYS B 410 -18.49 39.61 52.57
C LYS B 410 -19.97 39.69 52.94
N PRO B 411 -20.37 39.68 54.21
CA PRO B 411 -21.81 39.71 54.52
C PRO B 411 -22.50 40.97 54.04
N SER B 412 -21.80 42.10 53.97
CA SER B 412 -22.43 43.35 53.55
C SER B 412 -22.94 43.28 52.11
N VAL B 413 -22.38 42.38 51.31
CA VAL B 413 -22.82 42.22 49.93
C VAL B 413 -24.01 41.24 49.91
N LYS B 414 -24.84 41.35 48.89
CA LYS B 414 -26.04 40.53 48.75
C LYS B 414 -25.93 39.61 47.54
N GLY B 415 -26.51 38.43 47.66
CA GLY B 415 -26.54 37.48 46.56
C GLY B 415 -25.19 36.83 46.30
N ARG B 416 -25.04 36.36 45.05
CA ARG B 416 -23.81 35.68 44.64
C ARG B 416 -22.65 36.64 44.42
N ALA B 417 -22.91 37.95 44.41
CA ALA B 417 -21.81 38.91 44.41
C ALA B 417 -20.92 38.74 45.63
N GLN B 418 -21.45 38.18 46.72
CA GLN B 418 -20.59 37.77 47.82
C GLN B 418 -19.57 36.74 47.37
N LEU B 419 -20.01 35.75 46.59
CA LEU B 419 -19.07 34.77 46.04
C LEU B 419 -18.09 35.45 45.08
N GLY B 420 -18.56 36.45 44.34
CA GLY B 420 -17.66 37.18 43.47
C GLY B 420 -16.56 37.89 44.22
N VAL B 421 -16.91 38.62 45.28
CA VAL B 421 -15.90 39.31 46.07
C VAL B 421 -15.00 38.32 46.77
N GLN B 422 -15.54 37.17 47.18
CA GLN B 422 -14.70 36.14 47.79
C GLN B 422 -13.67 35.62 46.80
N ALA B 423 -14.08 35.37 45.55
CA ALA B 423 -13.13 34.93 44.55
C ALA B 423 -12.07 35.98 44.28
N PHE B 424 -12.49 37.25 44.20
CA PHE B 424 -11.51 38.32 43.98
C PHE B 424 -10.50 38.40 45.12
N ALA B 425 -10.97 38.32 46.36
CA ALA B 425 -10.07 38.36 47.49
C ALA B 425 -9.11 37.18 47.48
N ASP B 426 -9.63 35.98 47.17
CA ASP B 426 -8.77 34.81 47.13
C ASP B 426 -7.72 34.94 46.03
N ALA B 427 -8.08 35.55 44.90
CA ALA B 427 -7.12 35.74 43.83
C ALA B 427 -6.08 36.80 44.19
N LEU B 428 -6.44 37.76 45.04
CA LEU B 428 -5.48 38.78 45.43
C LEU B 428 -4.28 38.23 46.19
N LEU B 429 -4.36 37.01 46.72
CA LEU B 429 -3.26 36.44 47.48
C LEU B 429 -2.10 35.95 46.62
N ILE B 430 -2.16 36.13 45.30
CA ILE B 430 -1.14 35.55 44.44
C ILE B 430 0.22 36.20 44.70
N ILE B 431 0.24 37.49 45.03
CA ILE B 431 1.51 38.19 45.19
C ILE B 431 2.36 37.59 46.30
N PRO B 432 1.86 37.40 47.53
CA PRO B 432 2.68 36.71 48.53
C PRO B 432 3.05 35.30 48.12
N LYS B 433 2.12 34.59 47.47
CA LYS B 433 2.40 33.21 47.06
C LYS B 433 3.52 33.16 46.03
N VAL B 434 3.46 34.01 45.01
CA VAL B 434 4.51 34.00 43.99
C VAL B 434 5.82 34.50 44.57
N LEU B 435 5.77 35.46 45.51
CA LEU B 435 7.00 35.90 46.15
C LEU B 435 7.65 34.77 46.92
N ALA B 436 6.87 34.02 47.69
CA ALA B 436 7.42 32.88 48.42
C ALA B 436 7.97 31.83 47.47
N GLN B 437 7.25 31.56 46.37
CA GLN B 437 7.72 30.57 45.42
C GLN B 437 9.04 30.99 44.78
N ASN B 438 9.15 32.27 44.38
CA ASN B 438 10.38 32.75 43.75
C ASN B 438 11.54 32.74 44.74
N SER B 439 11.27 33.10 45.99
CA SER B 439 12.33 33.06 47.00
C SER B 439 12.78 31.65 47.33
N GLY B 440 12.02 30.62 46.94
CA GLY B 440 12.41 29.24 47.13
C GLY B 440 11.75 28.55 48.30
N PHE B 441 11.16 29.30 49.24
CA PHE B 441 10.53 28.69 50.40
C PHE B 441 9.20 28.05 50.01
N ASP B 442 8.58 27.40 50.97
CA ASP B 442 7.27 26.80 50.74
C ASP B 442 6.24 27.88 50.46
N LEU B 443 5.38 27.63 49.47
CA LEU B 443 4.42 28.63 49.04
C LEU B 443 3.36 28.88 50.11
N GLN B 444 2.62 27.84 50.47
CA GLN B 444 1.49 28.03 51.39
C GLN B 444 1.95 28.30 52.81
N GLU B 445 3.09 27.73 53.22
CA GLU B 445 3.55 27.88 54.61
C GLU B 445 3.86 29.34 54.92
N THR B 446 4.54 30.04 54.00
CA THR B 446 4.87 31.43 54.23
C THR B 446 3.62 32.28 54.36
N LEU B 447 2.63 32.06 53.48
CA LEU B 447 1.40 32.83 53.57
C LEU B 447 0.64 32.49 54.84
N VAL B 448 0.70 31.24 55.28
CA VAL B 448 0.05 30.86 56.53
C VAL B 448 0.64 31.64 57.69
N LYS B 449 1.97 31.70 57.76
CA LYS B 449 2.62 32.46 58.83
C LYS B 449 2.27 33.94 58.73
N ILE B 450 2.28 34.50 57.51
CA ILE B 450 2.02 35.92 57.33
C ILE B 450 0.59 36.25 57.78
N GLN B 451 -0.37 35.43 57.39
CA GLN B 451 -1.76 35.68 57.77
C GLN B 451 -1.97 35.48 59.26
N ALA B 452 -1.30 34.49 59.85
CA ALA B 452 -1.39 34.29 61.29
C ALA B 452 -0.88 35.51 62.04
N GLU B 453 0.25 36.08 61.59
CA GLU B 453 0.77 37.27 62.25
C GLU B 453 -0.15 38.47 62.03
N HIS B 454 -0.62 38.66 60.81
CA HIS B 454 -1.42 39.85 60.50
C HIS B 454 -2.79 39.79 61.17
N SER B 455 -3.27 38.59 61.50
CA SER B 455 -4.57 38.47 62.16
C SER B 455 -4.57 39.17 63.51
N GLU B 456 -3.57 38.88 64.35
CA GLU B 456 -3.52 39.46 65.68
C GLU B 456 -3.05 40.91 65.67
N SER B 457 -2.15 41.27 64.76
CA SER B 457 -1.52 42.59 64.76
C SER B 457 -2.02 43.40 63.57
N GLY B 458 -2.47 44.62 63.85
CA GLY B 458 -2.90 45.52 62.79
C GLY B 458 -1.79 45.97 61.87
N GLN B 459 -0.53 45.74 62.24
CA GLN B 459 0.58 46.09 61.37
C GLN B 459 0.53 45.26 60.09
N LEU B 460 0.78 45.91 58.96
CA LEU B 460 0.77 45.23 57.67
C LEU B 460 2.05 44.42 57.55
N VAL B 461 1.99 43.18 58.06
CA VAL B 461 3.15 42.30 58.01
C VAL B 461 3.45 41.93 56.57
N GLY B 462 4.74 41.86 56.23
CA GLY B 462 5.15 41.51 54.88
C GLY B 462 5.99 40.26 54.84
N VAL B 463 6.61 39.98 53.70
CA VAL B 463 7.43 38.79 53.51
C VAL B 463 8.87 39.22 53.32
N ASP B 464 9.78 38.55 54.02
CA ASP B 464 11.21 38.79 53.90
C ASP B 464 11.79 37.73 52.97
N LEU B 465 12.30 38.15 51.82
CA LEU B 465 12.77 37.19 50.82
C LEU B 465 14.22 36.80 51.06
N ASN B 466 14.55 36.45 52.31
CA ASN B 466 15.78 35.76 52.63
C ASN B 466 15.62 34.66 53.67
N THR B 467 14.50 34.64 54.40
CA THR B 467 14.26 33.62 55.42
C THR B 467 12.85 33.05 55.37
N GLY B 468 11.96 33.57 54.53
CA GLY B 468 10.59 33.08 54.50
C GLY B 468 9.85 33.30 55.80
N GLU B 469 10.00 34.47 56.39
CA GLU B 469 9.40 34.78 57.68
C GLU B 469 8.57 36.05 57.59
N PRO B 470 7.51 36.13 58.38
CA PRO B 470 6.74 37.39 58.45
C PRO B 470 7.61 38.53 58.95
N MET B 471 7.38 39.72 58.39
CA MET B 471 8.17 40.89 58.72
C MET B 471 7.31 42.13 58.61
N VAL B 472 7.61 43.12 59.45
CA VAL B 472 6.72 44.29 59.62
C VAL B 472 6.55 45.03 58.30
N ALA B 473 7.56 44.99 57.44
CA ALA B 473 7.54 45.58 56.10
C ALA B 473 7.42 47.10 56.10
N ALA B 474 7.44 47.73 57.28
CA ALA B 474 7.44 49.19 57.36
C ALA B 474 8.82 49.74 57.63
N GLU B 475 9.46 49.31 58.73
CA GLU B 475 10.78 49.81 59.07
C GLU B 475 11.87 49.26 58.15
N VAL B 476 11.59 48.14 57.47
CA VAL B 476 12.59 47.55 56.59
C VAL B 476 12.76 48.36 55.31
N GLY B 477 11.87 49.31 55.04
CA GLY B 477 11.97 50.11 53.84
C GLY B 477 11.75 49.31 52.58
N VAL B 478 10.73 48.46 52.60
CA VAL B 478 10.35 47.68 51.44
C VAL B 478 9.16 48.33 50.70
N TRP B 479 8.98 49.63 50.89
CA TRP B 479 7.84 50.33 50.33
C TRP B 479 7.79 50.22 48.81
N ASP B 480 6.59 49.98 48.29
CA ASP B 480 6.32 50.03 46.86
C ASP B 480 5.45 51.24 46.54
N ASN B 481 5.32 51.51 45.25
CA ASN B 481 4.58 52.68 44.81
C ASN B 481 3.08 52.50 45.08
N TYR B 482 2.38 53.63 45.14
CA TYR B 482 0.96 53.67 45.47
C TYR B 482 0.06 53.82 44.25
N CYS B 483 0.36 54.79 43.40
CA CYS B 483 -0.44 54.99 42.19
C CYS B 483 -0.43 53.75 41.31
N VAL B 484 0.67 53.01 41.30
CA VAL B 484 0.73 51.77 40.53
C VAL B 484 -0.32 50.79 41.05
N LYS B 485 -0.40 50.63 42.37
CA LYS B 485 -1.40 49.73 42.93
C LYS B 485 -2.81 50.21 42.64
N LYS B 486 -3.05 51.53 42.76
CA LYS B 486 -4.38 52.05 42.50
C LYS B 486 -4.80 51.81 41.06
N GLN B 487 -3.91 52.05 40.11
CA GLN B 487 -4.24 51.81 38.71
C GLN B 487 -4.39 50.31 38.43
N LEU B 488 -3.57 49.49 39.10
CA LEU B 488 -3.63 48.05 38.89
C LEU B 488 -4.97 47.50 39.32
N LEU B 489 -5.52 48.02 40.41
CA LEU B 489 -6.80 47.51 40.89
C LEU B 489 -7.90 47.69 39.84
N HIS B 490 -7.90 48.81 39.13
CA HIS B 490 -8.86 48.99 38.04
C HIS B 490 -8.50 48.14 36.83
N SER B 491 -7.21 48.12 36.47
CA SER B 491 -6.80 47.53 35.20
C SER B 491 -6.92 46.01 35.21
N CYS B 492 -6.77 45.38 36.38
CA CYS B 492 -7.00 43.96 36.46
C CYS B 492 -8.49 43.65 36.34
N THR B 493 -9.33 44.41 37.03
CA THR B 493 -10.76 44.14 37.03
C THR B 493 -11.35 44.29 35.64
N VAL B 494 -10.96 45.33 34.91
CA VAL B 494 -11.59 45.58 33.61
C VAL B 494 -11.31 44.42 32.65
N ILE B 495 -10.04 44.00 32.55
CA ILE B 495 -9.71 42.90 31.66
C ILE B 495 -10.31 41.60 32.16
N ALA B 496 -10.36 41.40 33.48
CA ALA B 496 -10.93 40.16 34.01
C ALA B 496 -12.40 40.04 33.61
N THR B 497 -13.18 41.10 33.84
CA THR B 497 -14.60 41.03 33.50
C THR B 497 -14.81 40.97 31.99
N ASN B 498 -13.96 41.65 31.21
CA ASN B 498 -14.10 41.61 29.77
C ASN B 498 -13.88 40.19 29.25
N ILE B 499 -12.82 39.52 29.68
CA ILE B 499 -12.57 38.16 29.23
C ILE B 499 -13.65 37.22 29.78
N LEU B 500 -14.13 37.47 31.00
CA LEU B 500 -15.12 36.58 31.58
C LEU B 500 -16.50 36.74 30.94
N LEU B 501 -16.74 37.85 30.24
CA LEU B 501 -18.02 38.09 29.61
C LEU B 501 -18.06 37.66 28.14
N VAL B 502 -17.00 37.04 27.63
CA VAL B 502 -16.96 36.70 26.22
C VAL B 502 -17.76 35.42 25.99
N ASP B 503 -18.10 35.15 24.73
CA ASP B 503 -18.84 33.94 24.41
C ASP B 503 -18.78 33.68 22.91
N GLU B 504 -18.71 32.40 22.54
CA GLU B 504 -18.86 31.94 21.16
C GLU B 504 -17.87 32.66 20.23
N ILE B 505 -16.60 32.31 20.43
CA ILE B 505 -15.55 32.78 19.53
C ILE B 505 -15.90 32.43 18.09
N MET B 506 -15.70 33.38 17.18
CA MET B 506 -16.05 33.23 15.79
C MET B 506 -14.82 33.38 14.91
N ARG B 507 -14.83 32.69 13.77
CA ARG B 507 -13.73 32.76 12.81
C ARG B 507 -14.07 33.82 11.77
N ALA B 508 -13.81 35.08 12.10
CA ALA B 508 -14.10 36.18 11.20
C ALA B 508 -13.15 36.19 10.01
N THR C 12 25.35 -15.75 3.53
CA THR C 12 26.65 -15.12 3.72
C THR C 12 27.57 -15.98 4.58
N GLY C 13 28.86 -15.66 4.57
CA GLY C 13 29.83 -16.41 5.33
C GLY C 13 31.16 -16.54 4.62
N GLU C 14 32.25 -16.24 5.32
CA GLU C 14 33.58 -16.29 4.72
C GLU C 14 34.59 -16.60 5.80
N THR C 15 35.72 -17.15 5.38
CA THR C 15 36.89 -17.46 6.21
C THR C 15 36.47 -17.98 7.59
N ILE C 16 35.80 -19.15 7.55
CA ILE C 16 35.23 -19.79 8.73
C ILE C 16 36.20 -19.81 9.91
N ARG C 17 37.50 -19.97 9.62
CA ARG C 17 38.50 -19.94 10.68
C ARG C 17 38.43 -18.64 11.47
N SER C 18 38.13 -17.52 10.80
CA SER C 18 37.97 -16.26 11.51
C SER C 18 36.80 -16.33 12.49
N GLN C 19 35.69 -16.94 12.08
CA GLN C 19 34.55 -17.05 12.97
C GLN C 19 34.86 -17.94 14.16
N ASN C 20 35.58 -19.04 13.93
CA ASN C 20 35.98 -19.91 15.04
C ASN C 20 36.90 -19.17 16.00
N VAL C 21 37.84 -18.39 15.46
CA VAL C 21 38.74 -17.61 16.30
C VAL C 21 37.97 -16.56 17.10
N MET C 22 36.97 -15.94 16.47
CA MET C 22 36.15 -14.97 17.20
C MET C 22 35.37 -15.64 18.31
N ALA C 23 34.85 -16.85 18.08
CA ALA C 23 34.16 -17.58 19.13
C ALA C 23 35.10 -17.90 20.28
N ALA C 24 36.33 -18.34 19.96
CA ALA C 24 37.31 -18.61 21.01
C ALA C 24 37.65 -17.34 21.79
N ALA C 25 37.78 -16.21 21.09
CA ALA C 25 38.06 -14.95 21.76
C ALA C 25 36.91 -14.55 22.67
N SER C 26 35.67 -14.79 22.24
CA SER C 26 34.53 -14.50 23.11
C SER C 26 34.57 -15.37 24.36
N ILE C 27 34.87 -16.66 24.20
CA ILE C 27 34.96 -17.54 25.36
C ILE C 27 36.04 -17.06 26.32
N ALA C 28 37.17 -16.61 25.78
CA ALA C 28 38.22 -16.06 26.63
C ALA C 28 37.73 -14.80 27.35
N ASN C 29 37.08 -13.90 26.62
CA ASN C 29 36.64 -12.64 27.22
C ASN C 29 35.59 -12.86 28.29
N ILE C 30 34.83 -13.94 28.22
CA ILE C 30 33.90 -14.26 29.29
C ILE C 30 34.68 -14.56 30.57
N VAL C 31 35.82 -15.25 30.45
CA VAL C 31 36.56 -15.73 31.61
C VAL C 31 37.79 -14.89 31.90
N LYS C 32 38.18 -13.99 30.99
CA LYS C 32 39.44 -13.27 31.12
C LYS C 32 39.56 -12.54 32.45
N SER C 33 38.55 -11.74 32.80
CA SER C 33 38.64 -10.88 33.98
C SER C 33 38.57 -11.66 35.29
N SER C 34 38.16 -12.93 35.27
CA SER C 34 37.99 -13.70 36.49
C SER C 34 39.28 -14.36 36.97
N LEU C 35 40.36 -14.27 36.20
CA LEU C 35 41.59 -14.95 36.59
C LEU C 35 42.27 -14.21 37.73
N GLY C 36 42.85 -14.98 38.66
CA GLY C 36 43.58 -14.42 39.77
C GLY C 36 42.76 -14.36 41.04
N PRO C 37 43.44 -14.37 42.19
CA PRO C 37 42.72 -14.27 43.47
C PRO C 37 41.91 -12.99 43.62
N VAL C 38 42.35 -11.90 43.00
CA VAL C 38 41.61 -10.64 43.04
C VAL C 38 40.71 -10.49 41.81
N GLY C 39 40.46 -11.58 41.09
CA GLY C 39 39.57 -11.51 39.94
C GLY C 39 38.13 -11.26 40.36
N LEU C 40 37.37 -10.68 39.44
CA LEU C 40 35.99 -10.34 39.73
C LEU C 40 35.10 -11.58 39.65
N ASP C 41 33.91 -11.48 40.22
CA ASP C 41 32.92 -12.55 40.20
C ASP C 41 32.05 -12.42 38.96
N LYS C 42 31.34 -13.50 38.65
CA LYS C 42 30.43 -13.54 37.51
C LYS C 42 29.03 -13.97 37.95
N MET C 43 28.03 -13.43 37.27
CA MET C 43 26.65 -13.86 37.42
C MET C 43 26.31 -14.82 36.29
N LEU C 44 25.87 -16.03 36.65
CA LEU C 44 25.48 -17.03 35.68
C LEU C 44 23.99 -17.30 35.83
N VAL C 45 23.26 -17.20 34.72
CA VAL C 45 21.81 -17.35 34.72
C VAL C 45 21.44 -18.49 33.77
N ASP C 46 20.59 -19.39 34.26
CA ASP C 46 20.06 -20.48 33.46
C ASP C 46 18.62 -20.14 33.04
N ASP C 47 17.94 -21.12 32.44
CA ASP C 47 16.56 -20.89 32.01
C ASP C 47 15.64 -20.61 33.19
N ILE C 48 15.83 -21.34 34.30
CA ILE C 48 14.97 -21.15 35.48
C ILE C 48 15.47 -20.04 36.38
N GLY C 49 16.56 -19.37 36.03
CA GLY C 49 17.02 -18.19 36.76
C GLY C 49 17.83 -18.47 38.01
N ASP C 50 18.53 -19.59 38.09
CA ASP C 50 19.34 -19.88 39.27
C ASP C 50 20.50 -18.89 39.39
N VAL C 51 20.97 -18.71 40.62
CA VAL C 51 22.07 -17.80 40.91
C VAL C 51 23.37 -18.59 40.94
N THR C 52 24.45 -17.94 40.49
CA THR C 52 25.76 -18.57 40.49
C THR C 52 26.83 -17.49 40.58
N ILE C 53 27.61 -17.52 41.66
CA ILE C 53 28.69 -16.57 41.90
C ILE C 53 29.98 -17.36 42.10
N THR C 54 31.01 -17.03 41.33
CA THR C 54 32.27 -17.75 41.43
C THR C 54 33.38 -16.91 40.82
N ASN C 55 34.62 -17.28 41.14
CA ASN C 55 35.81 -16.65 40.59
C ASN C 55 36.58 -17.57 39.64
N ASP C 56 36.87 -18.79 40.07
CA ASP C 56 37.63 -19.71 39.24
C ASP C 56 36.83 -20.12 38.01
N GLY C 57 37.54 -20.27 36.88
CA GLY C 57 36.89 -20.56 35.62
C GLY C 57 36.56 -22.01 35.36
N ALA C 58 37.10 -22.94 36.16
CA ALA C 58 36.78 -24.34 35.97
C ALA C 58 35.29 -24.59 36.12
N THR C 59 34.72 -24.18 37.26
CA THR C 59 33.28 -24.30 37.44
C THR C 59 32.52 -23.39 36.50
N ILE C 60 33.14 -22.28 36.08
CA ILE C 60 32.51 -21.38 35.12
C ILE C 60 32.20 -22.13 33.83
N LEU C 61 33.21 -22.82 33.29
CA LEU C 61 33.00 -23.61 32.08
C LEU C 61 32.19 -24.85 32.36
N LYS C 62 32.22 -25.35 33.61
CA LYS C 62 31.36 -26.47 33.98
C LYS C 62 29.89 -26.10 33.84
N LEU C 63 29.53 -24.88 34.25
CA LEU C 63 28.14 -24.44 34.21
C LEU C 63 27.83 -23.51 33.05
N LEU C 64 28.81 -23.17 32.21
CA LEU C 64 28.55 -22.30 31.08
C LEU C 64 27.78 -23.04 30.00
N GLU C 65 26.83 -22.34 29.37
CA GLU C 65 26.04 -22.89 28.27
C GLU C 65 26.66 -22.44 26.95
N VAL C 66 27.56 -23.27 26.43
CA VAL C 66 28.24 -22.99 25.17
C VAL C 66 27.45 -23.58 24.01
N GLU C 67 27.46 -22.88 22.88
CA GLU C 67 26.65 -23.27 21.73
C GLU C 67 27.46 -23.51 20.47
N HIS C 68 28.47 -22.69 20.19
CA HIS C 68 29.22 -22.84 18.95
C HIS C 68 30.14 -24.05 19.04
N PRO C 69 30.31 -24.80 17.94
CA PRO C 69 31.15 -26.02 18.01
C PRO C 69 32.62 -25.73 18.34
N ALA C 70 33.23 -24.74 17.68
CA ALA C 70 34.63 -24.44 17.95
C ALA C 70 34.83 -24.02 19.40
N ALA C 71 33.92 -23.19 19.92
CA ALA C 71 33.97 -22.85 21.34
C ALA C 71 33.78 -24.08 22.20
N LYS C 72 32.88 -24.98 21.80
CA LYS C 72 32.70 -26.21 22.55
C LYS C 72 33.99 -27.01 22.64
N VAL C 73 34.77 -27.05 21.57
CA VAL C 73 36.02 -27.79 21.58
C VAL C 73 36.94 -27.25 22.68
N LEU C 74 37.06 -25.93 22.75
CA LEU C 74 37.80 -25.32 23.86
C LEU C 74 37.19 -25.71 25.21
N CYS C 75 35.87 -25.86 25.27
CA CYS C 75 35.23 -26.25 26.53
C CYS C 75 35.69 -27.63 26.98
N GLU C 76 35.64 -28.63 26.09
CA GLU C 76 36.12 -29.94 26.53
C GLU C 76 37.64 -30.00 26.71
N LEU C 77 38.42 -29.21 25.96
CA LEU C 77 39.85 -29.16 26.25
C LEU C 77 40.12 -28.59 27.65
N ALA C 78 39.38 -27.55 28.04
CA ALA C 78 39.50 -27.04 29.40
C ALA C 78 39.05 -28.07 30.42
N ASP C 79 37.97 -28.80 30.11
CA ASP C 79 37.49 -29.84 31.01
C ASP C 79 38.53 -30.92 31.24
N LEU C 80 39.15 -31.40 30.15
CA LEU C 80 40.17 -32.44 30.30
C LEU C 80 41.43 -31.90 30.94
N GLN C 81 41.70 -30.60 30.78
CA GLN C 81 42.75 -29.98 31.59
C GLN C 81 42.42 -30.04 33.07
N ASP C 82 41.16 -29.82 33.42
CA ASP C 82 40.76 -29.83 34.82
C ASP C 82 40.99 -31.20 35.45
N LYS C 83 40.70 -32.28 34.73
CA LYS C 83 40.83 -33.62 35.29
C LYS C 83 42.27 -34.03 35.54
N GLU C 84 43.24 -33.34 34.96
CA GLU C 84 44.64 -33.73 35.14
C GLU C 84 45.27 -33.07 36.36
N VAL C 85 45.26 -31.74 36.41
CA VAL C 85 45.88 -31.01 37.51
C VAL C 85 44.90 -30.17 38.31
N GLY C 86 43.73 -29.84 37.76
CA GLY C 86 42.74 -29.09 38.52
C GLY C 86 43.08 -27.63 38.73
N ASP C 87 43.97 -27.07 37.92
CA ASP C 87 44.32 -25.66 38.04
C ASP C 87 44.79 -25.13 36.69
N GLY C 88 44.69 -23.82 36.51
CA GLY C 88 45.17 -23.18 35.31
C GLY C 88 44.26 -23.27 34.11
N THR C 89 43.04 -23.79 34.27
CA THR C 89 42.14 -23.91 33.13
C THR C 89 41.86 -22.55 32.51
N THR C 90 41.68 -21.52 33.34
CA THR C 90 41.59 -20.17 32.82
C THR C 90 42.82 -19.80 32.02
N SER C 91 44.00 -20.13 32.54
CA SER C 91 45.23 -19.80 31.86
C SER C 91 45.34 -20.53 30.52
N VAL C 92 44.98 -21.82 30.50
CA VAL C 92 45.10 -22.57 29.25
C VAL C 92 44.11 -22.03 28.22
N VAL C 93 42.90 -21.67 28.66
CA VAL C 93 41.91 -21.14 27.72
C VAL C 93 42.38 -19.81 27.15
N ILE C 94 42.91 -18.93 28.02
CA ILE C 94 43.36 -17.63 27.56
C ILE C 94 44.55 -17.78 26.61
N ILE C 95 45.50 -18.66 26.95
CA ILE C 95 46.65 -18.88 26.09
C ILE C 95 46.21 -19.43 24.74
N ALA C 96 45.29 -20.39 24.74
CA ALA C 96 44.80 -20.96 23.50
C ALA C 96 44.10 -19.91 22.65
N ALA C 97 43.27 -19.07 23.26
CA ALA C 97 42.58 -18.04 22.49
C ALA C 97 43.56 -17.04 21.89
N GLU C 98 44.57 -16.64 22.66
CA GLU C 98 45.55 -15.70 22.14
C GLU C 98 46.35 -16.34 21.00
N LEU C 99 46.72 -17.60 21.14
CA LEU C 99 47.42 -18.29 20.06
C LEU C 99 46.55 -18.40 18.82
N LEU C 100 45.26 -18.69 19.00
CA LEU C 100 44.34 -18.79 17.87
C LEU C 100 44.23 -17.46 17.14
N LYS C 101 44.07 -16.36 17.88
CA LYS C 101 43.92 -15.07 17.19
C LYS C 101 45.21 -14.67 16.50
N ASN C 102 46.37 -14.93 17.13
CA ASN C 102 47.63 -14.60 16.49
C ASN C 102 47.85 -15.43 15.23
N ALA C 103 47.55 -16.73 15.29
CA ALA C 103 47.73 -17.60 14.13
C ALA C 103 46.74 -17.23 13.01
N ASP C 104 45.51 -16.87 13.38
CA ASP C 104 44.55 -16.43 12.38
C ASP C 104 45.02 -15.16 11.70
N GLU C 105 45.57 -14.22 12.48
CA GLU C 105 46.17 -13.02 11.87
C GLU C 105 47.28 -13.41 10.91
N LEU C 106 48.17 -14.30 11.35
CA LEU C 106 49.28 -14.72 10.50
C LEU C 106 48.79 -15.32 9.20
N VAL C 107 47.72 -16.12 9.26
CA VAL C 107 47.09 -16.62 8.05
C VAL C 107 46.56 -15.46 7.20
N LYS C 108 45.99 -14.45 7.86
CA LYS C 108 45.43 -13.32 7.14
C LYS C 108 46.49 -12.48 6.43
N GLN C 109 47.74 -12.54 6.86
CA GLN C 109 48.84 -12.07 6.01
C GLN C 109 49.52 -13.22 5.27
N LYS C 110 48.73 -14.22 4.90
CA LYS C 110 49.10 -15.28 3.94
C LYS C 110 50.42 -15.97 4.29
N ILE C 111 50.42 -16.57 5.49
CA ILE C 111 51.35 -17.63 5.85
C ILE C 111 50.54 -18.90 6.04
N HIS C 112 50.91 -19.96 5.32
CA HIS C 112 50.09 -21.15 5.31
C HIS C 112 50.10 -21.82 6.68
N PRO C 113 48.95 -22.30 7.15
CA PRO C 113 48.86 -22.78 8.54
C PRO C 113 49.73 -23.98 8.87
N THR C 114 50.23 -24.74 7.89
CA THR C 114 51.09 -25.88 8.22
C THR C 114 52.38 -25.40 8.89
N SER C 115 52.96 -24.31 8.38
CA SER C 115 54.13 -23.73 9.02
C SER C 115 53.79 -23.21 10.40
N VAL C 116 52.58 -22.66 10.56
CA VAL C 116 52.12 -22.19 11.86
C VAL C 116 52.10 -23.35 12.85
N ILE C 117 51.53 -24.48 12.44
CA ILE C 117 51.44 -25.64 13.32
C ILE C 117 52.82 -26.19 13.64
N SER C 118 53.69 -26.29 12.64
CA SER C 118 55.05 -26.77 12.87
C SER C 118 55.79 -25.87 13.85
N GLY C 119 55.69 -24.55 13.65
CA GLY C 119 56.35 -23.63 14.55
C GLY C 119 55.79 -23.69 15.96
N TYR C 120 54.47 -23.85 16.08
CA TYR C 120 53.88 -23.96 17.41
C TYR C 120 54.34 -25.22 18.12
N ARG C 121 54.41 -26.34 17.40
CA ARG C 121 54.90 -27.58 18.01
C ARG C 121 56.35 -27.44 18.44
N LEU C 122 57.18 -26.86 17.56
CA LEU C 122 58.59 -26.68 17.89
C LEU C 122 58.77 -25.75 19.08
N ALA C 123 57.99 -24.66 19.13
CA ALA C 123 58.07 -23.72 20.24
C ALA C 123 57.60 -24.35 21.54
N CYS C 124 56.54 -25.18 21.48
CA CYS C 124 56.10 -25.88 22.68
C CYS C 124 57.19 -26.81 23.19
N LYS C 125 57.83 -27.57 22.30
CA LYS C 125 58.92 -28.44 22.73
C LYS C 125 60.07 -27.66 23.32
N GLU C 126 60.45 -26.55 22.66
CA GLU C 126 61.56 -25.75 23.16
C GLU C 126 61.24 -25.16 24.52
N ALA C 127 60.02 -24.67 24.72
CA ALA C 127 59.65 -24.08 25.99
C ALA C 127 59.59 -25.13 27.10
N VAL C 128 59.01 -26.31 26.80
CA VAL C 128 58.92 -27.33 27.84
C VAL C 128 60.31 -27.85 28.19
N ARG C 129 61.24 -27.85 27.24
CA ARG C 129 62.61 -28.20 27.58
C ARG C 129 63.28 -27.09 28.39
N TYR C 130 62.94 -25.82 28.10
CA TYR C 130 63.49 -24.71 28.85
C TYR C 130 63.00 -24.68 30.29
N ILE C 131 61.77 -25.15 30.54
CA ILE C 131 61.24 -25.17 31.89
C ILE C 131 62.09 -26.06 32.79
N ASN C 132 62.45 -27.25 32.30
CA ASN C 132 63.22 -28.19 33.11
C ASN C 132 64.60 -27.66 33.48
N GLU C 133 65.16 -26.78 32.67
CA GLU C 133 66.49 -26.23 32.92
C GLU C 133 66.46 -24.92 33.71
N ASN C 134 65.27 -24.41 34.05
CA ASN C 134 65.16 -23.14 34.75
C ASN C 134 64.10 -23.19 35.84
N LEU C 135 63.83 -24.37 36.39
CA LEU C 135 62.90 -24.50 37.50
C LEU C 135 63.67 -24.39 38.82
N ILE C 136 62.99 -24.61 39.93
CA ILE C 136 63.55 -24.46 41.26
C ILE C 136 63.21 -25.68 42.09
N VAL C 137 64.17 -26.11 42.91
CA VAL C 137 63.97 -27.24 43.82
C VAL C 137 64.26 -26.80 45.24
N ASN C 138 64.02 -25.51 45.54
CA ASN C 138 64.35 -24.94 46.84
C ASN C 138 63.39 -25.40 47.94
N THR C 139 62.32 -26.12 47.60
CA THR C 139 61.38 -26.57 48.62
C THR C 139 61.93 -27.77 49.37
N ASP C 140 63.13 -27.61 49.91
CA ASP C 140 63.81 -28.64 50.66
C ASP C 140 63.70 -28.34 52.16
N GLU C 141 64.44 -29.10 52.97
CA GLU C 141 64.48 -28.83 54.41
C GLU C 141 65.06 -27.46 54.72
N LEU C 142 65.90 -26.91 53.83
CA LEU C 142 66.54 -25.63 54.08
C LEU C 142 65.66 -24.44 53.71
N GLY C 143 64.48 -24.67 53.14
CA GLY C 143 63.60 -23.57 52.79
C GLY C 143 62.69 -23.18 53.94
N ARG C 144 63.07 -22.13 54.67
CA ARG C 144 62.34 -21.69 55.86
C ARG C 144 61.70 -20.33 55.67
N ASP C 145 62.49 -19.30 55.32
CA ASP C 145 61.94 -17.96 55.17
C ASP C 145 60.98 -17.88 53.99
N CYS C 146 61.31 -18.58 52.90
CA CYS C 146 60.42 -18.58 51.74
C CYS C 146 59.07 -19.18 52.08
N LEU C 147 59.06 -20.30 52.82
CA LEU C 147 57.80 -20.89 53.25
C LEU C 147 57.00 -19.93 54.11
N ILE C 148 57.67 -19.26 55.04
CA ILE C 148 56.98 -18.35 55.96
C ILE C 148 56.36 -17.19 55.21
N ASN C 149 57.13 -16.56 54.31
CA ASN C 149 56.59 -15.41 53.60
C ASN C 149 55.55 -15.80 52.57
N ALA C 150 55.65 -17.01 51.99
CA ALA C 150 54.58 -17.49 51.12
C ALA C 150 53.30 -17.71 51.91
N ALA C 151 53.40 -18.30 53.10
CA ALA C 151 52.24 -18.46 53.96
C ALA C 151 51.65 -17.12 54.36
N LYS C 152 52.50 -16.11 54.57
CA LYS C 152 52.00 -14.79 54.96
C LYS C 152 51.36 -14.07 53.78
N THR C 153 51.88 -14.27 52.57
CA THR C 153 51.21 -13.73 51.38
C THR C 153 49.85 -14.38 51.21
N SER C 154 49.76 -15.69 51.48
CA SER C 154 48.44 -16.33 51.51
C SER C 154 47.58 -15.79 52.63
N MET C 155 48.19 -15.35 53.73
CA MET C 155 47.48 -14.81 54.88
C MET C 155 47.42 -13.28 54.85
N SER C 156 47.94 -12.65 53.81
CA SER C 156 48.03 -11.20 53.75
C SER C 156 46.64 -10.56 53.76
N SER C 157 46.63 -9.23 53.89
CA SER C 157 45.41 -8.44 54.00
C SER C 157 44.60 -8.83 55.23
N LYS C 158 45.28 -9.24 56.31
CA LYS C 158 44.64 -9.60 57.55
C LYS C 158 45.37 -8.94 58.71
N ILE C 159 44.59 -8.49 59.70
CA ILE C 159 45.15 -7.90 60.91
C ILE C 159 45.87 -8.93 61.77
N ILE C 160 45.61 -10.22 61.54
CA ILE C 160 46.19 -11.30 62.33
C ILE C 160 47.69 -11.42 62.05
N GLY C 161 48.21 -10.58 61.16
CA GLY C 161 49.62 -10.62 60.81
C GLY C 161 50.55 -10.05 61.84
N ILE C 162 50.02 -9.43 62.90
CA ILE C 162 50.88 -8.94 63.98
C ILE C 162 51.63 -10.10 64.64
N ASN C 163 50.91 -11.17 64.95
CA ASN C 163 51.52 -12.43 65.37
C ASN C 163 51.57 -13.43 64.23
N GLY C 164 51.49 -12.96 62.99
CA GLY C 164 51.39 -13.87 61.86
C GLY C 164 52.62 -14.72 61.66
N ASP C 165 53.81 -14.16 61.92
CA ASP C 165 55.03 -14.92 61.72
C ASP C 165 55.08 -16.15 62.62
N PHE C 166 54.65 -16.00 63.87
CA PHE C 166 54.60 -17.15 64.78
C PHE C 166 53.62 -18.21 64.28
N PHE C 167 52.47 -17.78 63.77
CA PHE C 167 51.51 -18.71 63.20
C PHE C 167 52.09 -19.47 62.02
N ALA C 168 52.80 -18.75 61.12
CA ALA C 168 53.42 -19.41 59.99
C ALA C 168 54.46 -20.41 60.44
N ASN C 169 55.30 -20.03 61.41
CA ASN C 169 56.32 -20.96 61.92
C ASN C 169 55.69 -22.22 62.47
N MET C 170 54.69 -22.06 63.35
CA MET C 170 54.08 -23.23 63.98
C MET C 170 53.35 -24.08 62.96
N VAL C 171 52.66 -23.47 62.00
CA VAL C 171 51.88 -24.25 61.04
C VAL C 171 52.80 -25.03 60.10
N VAL C 172 53.89 -24.40 59.64
CA VAL C 172 54.81 -25.12 58.76
C VAL C 172 55.53 -26.23 59.52
N ASP C 173 55.88 -25.96 60.79
CA ASP C 173 56.52 -27.01 61.59
C ASP C 173 55.56 -28.19 61.79
N ALA C 174 54.29 -27.91 62.06
CA ALA C 174 53.32 -28.98 62.26
C ALA C 174 53.12 -29.78 60.98
N VAL C 175 53.01 -29.09 59.84
CA VAL C 175 52.75 -29.81 58.59
C VAL C 175 53.97 -30.61 58.16
N LEU C 176 55.19 -30.12 58.43
CA LEU C 176 56.36 -30.90 58.06
C LEU C 176 56.57 -32.07 59.01
N ALA C 177 56.24 -31.90 60.30
CA ALA C 177 56.36 -33.02 61.23
C ALA C 177 55.33 -34.10 60.94
N ILE C 178 54.13 -33.71 60.51
CA ILE C 178 53.05 -34.66 60.21
C ILE C 178 53.22 -35.34 58.86
N LYS C 179 54.31 -35.06 58.15
CA LYS C 179 54.47 -35.55 56.79
C LYS C 179 54.53 -37.08 56.76
N TYR C 180 53.88 -37.67 55.77
CA TYR C 180 53.86 -39.12 55.62
C TYR C 180 55.13 -39.63 54.96
N THR C 181 55.16 -40.94 54.73
CA THR C 181 56.18 -41.60 53.91
C THR C 181 55.50 -42.78 53.24
N ASP C 182 55.01 -42.56 52.02
CA ASP C 182 54.19 -43.53 51.33
C ASP C 182 55.07 -44.62 50.68
N ILE C 183 54.42 -45.52 49.96
CA ILE C 183 55.14 -46.58 49.26
C ILE C 183 55.99 -45.99 48.14
N ARG C 184 55.48 -44.97 47.45
CA ARG C 184 56.23 -44.37 46.36
C ARG C 184 57.45 -43.61 46.87
N GLY C 185 57.39 -43.09 48.09
CA GLY C 185 58.46 -42.31 48.67
C GLY C 185 58.24 -40.80 48.63
N GLN C 186 57.32 -40.34 47.80
CA GLN C 186 57.03 -38.91 47.74
C GLN C 186 56.33 -38.47 49.03
N PRO C 187 56.64 -37.28 49.55
CA PRO C 187 55.99 -36.81 50.77
C PRO C 187 54.48 -36.71 50.61
N ARG C 188 53.75 -37.09 51.65
CA ARG C 188 52.29 -37.03 51.68
C ARG C 188 51.81 -36.42 52.98
N TYR C 189 50.70 -35.69 52.90
CA TYR C 189 50.16 -35.00 54.07
C TYR C 189 48.63 -35.14 54.10
N PRO C 190 48.06 -35.62 55.20
CA PRO C 190 46.59 -35.69 55.30
C PRO C 190 45.99 -34.36 55.74
N VAL C 191 45.07 -33.82 54.92
CA VAL C 191 44.53 -32.50 55.21
C VAL C 191 43.61 -32.53 56.43
N ASN C 192 42.78 -33.57 56.55
CA ASN C 192 41.84 -33.65 57.65
C ASN C 192 42.49 -34.00 58.98
N SER C 193 43.77 -34.36 58.98
CA SER C 193 44.45 -34.73 60.22
C SER C 193 44.51 -33.54 61.19
N VAL C 194 44.85 -32.37 60.67
CA VAL C 194 44.93 -31.16 61.49
C VAL C 194 43.60 -30.43 61.41
N ASN C 195 43.22 -29.79 62.51
CA ASN C 195 41.95 -29.09 62.59
C ASN C 195 42.10 -27.90 63.53
N ILE C 196 41.09 -27.03 63.50
CA ILE C 196 41.09 -25.84 64.34
C ILE C 196 40.44 -26.15 65.68
N LEU C 197 40.81 -25.36 66.69
CA LEU C 197 40.29 -25.56 68.04
C LEU C 197 40.30 -24.23 68.76
N LYS C 198 39.12 -23.76 69.16
CA LYS C 198 39.00 -22.45 69.79
C LYS C 198 39.54 -22.48 71.22
N ALA C 199 39.77 -21.28 71.75
CA ALA C 199 40.26 -21.12 73.11
C ALA C 199 39.74 -19.80 73.67
N HIS C 200 39.76 -19.68 74.99
CA HIS C 200 39.28 -18.50 75.69
C HIS C 200 40.39 -17.94 76.58
N GLY C 201 40.27 -16.64 76.88
CA GLY C 201 41.23 -15.98 77.75
C GLY C 201 42.19 -15.07 77.00
N ARG C 202 43.44 -15.51 76.87
CA ARG C 202 44.45 -14.71 76.18
C ARG C 202 44.13 -14.61 74.70
N SER C 203 44.59 -13.52 74.08
CA SER C 203 44.19 -13.16 72.73
C SER C 203 44.96 -14.00 71.71
N GLN C 204 44.85 -13.61 70.44
CA GLN C 204 45.47 -14.37 69.35
C GLN C 204 46.99 -14.27 69.36
N MET C 205 47.56 -13.26 70.03
CA MET C 205 49.00 -13.08 70.04
C MET C 205 49.74 -14.19 70.79
N GLU C 206 49.02 -15.02 71.53
CA GLU C 206 49.63 -16.09 72.31
C GLU C 206 49.23 -17.48 71.84
N SER C 207 48.63 -17.59 70.65
CA SER C 207 48.25 -18.89 70.12
C SER C 207 49.49 -19.63 69.63
N MET C 208 49.88 -20.67 70.36
CA MET C 208 51.10 -21.41 70.07
C MET C 208 50.78 -22.74 69.40
N LEU C 209 51.80 -23.57 69.23
CA LEU C 209 51.68 -24.85 68.55
C LEU C 209 51.20 -25.93 69.52
N ILE C 210 50.45 -26.89 68.98
CA ILE C 210 50.04 -28.09 69.69
C ILE C 210 50.67 -29.28 68.98
N SER C 211 51.42 -30.10 69.74
CA SER C 211 52.22 -31.15 69.12
C SER C 211 51.37 -32.28 68.57
N GLY C 212 50.13 -32.42 69.04
CA GLY C 212 49.29 -33.50 68.61
C GLY C 212 47.81 -33.16 68.75
N TYR C 213 46.97 -34.11 68.36
CA TYR C 213 45.53 -33.93 68.46
C TYR C 213 45.10 -33.87 69.91
N ALA C 214 44.29 -32.86 70.24
CA ALA C 214 43.76 -32.68 71.59
C ALA C 214 42.28 -32.36 71.52
N LEU C 215 41.49 -33.04 72.35
CA LEU C 215 40.05 -32.86 72.40
C LEU C 215 39.65 -32.27 73.73
N ASN C 216 38.84 -31.21 73.70
CA ASN C 216 38.36 -30.54 74.90
C ASN C 216 37.12 -31.28 75.39
N CYS C 217 37.26 -32.05 76.46
CA CYS C 217 36.16 -32.83 77.01
C CYS C 217 36.38 -32.98 78.51
N VAL C 218 35.62 -33.88 79.12
CA VAL C 218 35.72 -34.12 80.55
C VAL C 218 37.06 -34.80 80.85
N VAL C 219 37.59 -34.53 82.05
CA VAL C 219 38.87 -35.09 82.47
C VAL C 219 38.63 -36.56 82.82
N GLY C 220 38.99 -37.46 81.89
CA GLY C 220 38.80 -38.87 82.16
C GLY C 220 39.68 -39.40 83.28
N SER C 221 40.94 -38.99 83.29
CA SER C 221 41.88 -39.43 84.32
C SER C 221 42.95 -38.35 84.49
N GLN C 222 42.81 -37.53 85.53
CA GLN C 222 43.78 -36.48 85.80
C GLN C 222 45.10 -37.01 86.33
N GLY C 223 45.10 -38.19 86.94
CA GLY C 223 46.32 -38.77 87.49
C GLY C 223 47.24 -39.37 86.45
N MET C 224 47.08 -38.97 85.20
CA MET C 224 47.93 -39.47 84.13
C MET C 224 49.37 -39.02 84.34
N PRO C 225 50.34 -39.92 84.14
CA PRO C 225 51.74 -39.50 84.16
C PRO C 225 52.03 -38.54 83.03
N LYS C 226 53.02 -37.66 83.25
CA LYS C 226 53.35 -36.65 82.25
C LYS C 226 53.82 -37.29 80.95
N ARG C 227 54.63 -38.34 81.04
CA ARG C 227 55.09 -39.09 79.86
C ARG C 227 55.08 -40.58 80.22
N ILE C 228 53.99 -41.25 79.86
CA ILE C 228 53.86 -42.68 80.14
C ILE C 228 54.80 -43.47 79.23
N VAL C 229 55.15 -44.67 79.69
CA VAL C 229 56.04 -45.53 78.91
C VAL C 229 55.36 -46.01 77.63
N ASN C 230 54.07 -46.30 77.71
CA ASN C 230 53.32 -46.76 76.55
C ASN C 230 51.85 -46.38 76.73
N ALA C 231 51.27 -45.76 75.71
CA ALA C 231 49.88 -45.32 75.73
C ALA C 231 49.20 -45.90 74.50
N LYS C 232 48.64 -47.10 74.65
CA LYS C 232 47.97 -47.78 73.55
C LYS C 232 46.56 -47.19 73.40
N ILE C 233 46.33 -46.48 72.31
CA ILE C 233 45.05 -45.83 72.07
C ILE C 233 44.05 -46.88 71.57
N ALA C 234 42.94 -47.02 72.29
CA ALA C 234 41.90 -48.00 71.95
C ALA C 234 40.58 -47.25 71.79
N CYS C 235 40.31 -46.77 70.60
CA CYS C 235 39.05 -46.06 70.32
C CYS C 235 37.91 -47.07 70.21
N LEU C 236 36.81 -46.78 70.91
CA LEU C 236 35.64 -47.65 70.92
C LEU C 236 34.39 -46.81 70.78
N ASP C 237 33.33 -47.44 70.26
CA ASP C 237 32.03 -46.80 70.13
C ASP C 237 31.03 -47.23 71.19
N PHE C 238 31.19 -48.41 71.77
CA PHE C 238 30.26 -48.90 72.78
C PHE C 238 30.48 -48.17 74.10
N SER C 239 29.39 -47.68 74.68
CA SER C 239 29.45 -46.96 75.93
C SER C 239 29.46 -47.92 77.12
N LEU C 240 30.10 -47.48 78.20
CA LEU C 240 30.17 -48.26 79.44
C LEU C 240 29.09 -47.74 80.38
N GLN C 241 27.86 -48.19 80.14
CA GLN C 241 26.71 -47.78 80.93
C GLN C 241 26.03 -49.02 81.52
N LYS C 242 25.61 -48.92 82.77
CA LYS C 242 24.98 -50.04 83.45
C LYS C 242 23.53 -50.19 83.01
N THR C 243 23.13 -51.43 82.77
CA THR C 243 21.76 -51.76 82.39
C THR C 243 21.15 -52.66 83.46
N LYS C 244 19.95 -53.16 83.19
CA LYS C 244 19.24 -54.02 84.14
C LYS C 244 18.20 -54.88 83.43
N ARG C 265 29.70 -59.88 76.20
CA ARG C 265 29.20 -61.19 76.62
C ARG C 265 28.46 -61.02 77.94
N GLU C 266 28.37 -59.78 78.41
CA GLU C 266 27.81 -59.44 79.70
C GLU C 266 26.47 -58.73 79.52
N SER C 267 25.56 -58.96 80.46
CA SER C 267 24.26 -58.28 80.41
C SER C 267 24.43 -56.77 80.51
N ASP C 268 25.28 -56.31 81.41
CA ASP C 268 25.63 -54.90 81.53
C ASP C 268 27.06 -54.72 81.05
N ILE C 269 27.23 -53.95 79.97
CA ILE C 269 28.55 -53.82 79.33
C ILE C 269 29.28 -52.70 80.05
N THR C 270 29.89 -53.06 81.17
CA THR C 270 30.65 -52.11 81.98
C THR C 270 32.05 -52.61 82.33
N LYS C 271 32.21 -53.91 82.58
CA LYS C 271 33.46 -54.42 83.13
C LYS C 271 34.15 -55.42 82.21
N GLU C 272 33.43 -56.39 81.66
CA GLU C 272 34.09 -57.45 80.90
C GLU C 272 34.76 -56.92 79.65
N ARG C 273 34.11 -55.99 78.95
CA ARG C 273 34.70 -55.43 77.73
C ARG C 273 36.00 -54.69 78.02
N ILE C 274 35.97 -53.78 79.01
CA ILE C 274 37.15 -52.99 79.32
C ILE C 274 38.24 -53.88 79.92
N GLN C 275 37.86 -54.85 80.76
CA GLN C 275 38.84 -55.76 81.32
C GLN C 275 39.53 -56.59 80.23
N LYS C 276 38.75 -57.09 79.27
CA LYS C 276 39.35 -57.87 78.18
C LYS C 276 40.25 -57.00 77.31
N ILE C 277 39.81 -55.77 76.98
CA ILE C 277 40.62 -54.92 76.12
C ILE C 277 41.88 -54.46 76.85
N LEU C 278 41.84 -54.36 78.18
CA LEU C 278 43.05 -54.06 78.93
C LEU C 278 43.98 -55.27 78.99
N ALA C 279 43.42 -56.46 79.17
CA ALA C 279 44.23 -57.68 79.21
C ALA C 279 44.88 -57.96 77.87
N THR C 280 44.27 -57.53 76.77
CA THR C 280 44.89 -57.69 75.46
C THR C 280 46.18 -56.88 75.35
N GLY C 281 46.22 -55.71 75.98
CA GLY C 281 47.41 -54.89 75.97
C GLY C 281 47.13 -53.40 75.86
N ALA C 282 45.93 -53.05 75.40
CA ALA C 282 45.58 -51.65 75.22
C ALA C 282 45.61 -50.92 76.55
N ASN C 283 46.18 -49.71 76.54
CA ASN C 283 46.34 -48.91 77.75
C ASN C 283 45.32 -47.78 77.82
N VAL C 284 45.27 -46.92 76.81
CA VAL C 284 44.36 -45.78 76.79
C VAL C 284 43.15 -46.18 75.94
N ILE C 285 42.09 -46.62 76.60
CA ILE C 285 40.88 -47.08 75.91
C ILE C 285 39.92 -45.91 75.79
N LEU C 286 39.56 -45.55 74.56
CA LEU C 286 38.71 -44.42 74.28
C LEU C 286 37.31 -44.90 73.89
N THR C 287 36.31 -44.37 74.58
CA THR C 287 34.91 -44.66 74.27
C THR C 287 34.26 -43.38 73.75
N THR C 288 33.68 -43.46 72.55
CA THR C 288 33.06 -42.28 71.95
C THR C 288 31.83 -41.83 72.74
N GLY C 289 31.11 -42.76 73.36
CA GLY C 289 29.92 -42.45 74.11
C GLY C 289 30.21 -41.89 75.48
N GLY C 290 29.20 -41.93 76.34
CA GLY C 290 29.31 -41.35 77.65
C GLY C 290 30.21 -42.14 78.59
N ILE C 291 30.48 -41.53 79.74
CA ILE C 291 31.37 -42.09 80.74
C ILE C 291 30.59 -43.04 81.65
N ASP C 292 31.31 -43.87 82.40
CA ASP C 292 30.72 -44.72 83.43
C ASP C 292 30.77 -44.00 84.78
N ASP C 293 29.86 -44.40 85.67
CA ASP C 293 29.78 -43.77 86.98
C ASP C 293 31.04 -44.01 87.80
N MET C 294 31.57 -45.23 87.76
CA MET C 294 32.74 -45.60 88.55
C MET C 294 33.99 -45.78 87.70
N CYS C 295 33.96 -45.29 86.44
CA CYS C 295 35.08 -45.48 85.53
C CYS C 295 36.36 -44.80 86.00
N LEU C 296 36.27 -43.86 86.95
CA LEU C 296 37.46 -43.16 87.42
C LEU C 296 38.45 -44.13 88.06
N LYS C 297 37.95 -45.06 88.88
CA LYS C 297 38.83 -46.05 89.51
C LYS C 297 39.47 -46.97 88.48
N TYR C 298 38.70 -47.41 87.49
CA TYR C 298 39.24 -48.31 86.47
C TYR C 298 40.27 -47.60 85.59
N PHE C 299 40.02 -46.34 85.27
CA PHE C 299 40.83 -45.63 84.28
C PHE C 299 42.13 -45.08 84.84
N VAL C 300 42.35 -45.14 86.15
CA VAL C 300 43.60 -44.66 86.73
C VAL C 300 44.54 -45.85 86.95
N GLU C 301 43.96 -47.04 87.14
CA GLU C 301 44.75 -48.26 87.29
C GLU C 301 45.04 -48.93 85.96
N ALA C 302 44.41 -48.50 84.87
CA ALA C 302 44.64 -49.06 83.56
C ALA C 302 45.17 -48.04 82.56
N GLY C 303 45.36 -46.79 82.96
CA GLY C 303 45.87 -45.77 82.07
C GLY C 303 44.95 -45.44 80.92
N ALA C 304 43.64 -45.42 81.15
CA ALA C 304 42.66 -45.12 80.12
C ALA C 304 41.84 -43.90 80.55
N MET C 305 40.90 -43.51 79.69
CA MET C 305 40.00 -42.39 79.96
C MET C 305 38.91 -42.40 78.89
N ALA C 306 37.69 -42.07 79.32
CA ALA C 306 36.54 -42.01 78.42
C ALA C 306 36.34 -40.56 78.00
N VAL C 307 36.60 -40.27 76.73
CA VAL C 307 36.50 -38.93 76.17
C VAL C 307 35.31 -38.90 75.23
N ARG C 308 34.36 -38.00 75.49
CA ARG C 308 33.13 -37.91 74.71
C ARG C 308 33.35 -37.01 73.50
N ARG C 309 32.26 -36.73 72.77
CA ARG C 309 32.21 -35.84 71.61
C ARG C 309 33.42 -35.99 70.69
N VAL C 310 33.83 -37.23 70.42
CA VAL C 310 34.92 -37.50 69.49
C VAL C 310 34.37 -37.42 68.07
N LEU C 311 34.88 -36.48 67.28
CA LEU C 311 34.43 -36.33 65.91
C LEU C 311 34.84 -37.55 65.08
N LYS C 312 33.90 -38.04 64.27
CA LYS C 312 34.19 -39.21 63.43
C LYS C 312 35.29 -38.90 62.43
N ARG C 313 35.25 -37.72 61.81
CA ARG C 313 36.33 -37.30 60.93
C ARG C 313 37.65 -37.21 61.67
N ASP C 314 37.61 -36.94 62.98
CA ASP C 314 38.81 -36.95 63.80
C ASP C 314 39.06 -38.31 64.45
N LEU C 315 38.00 -39.09 64.67
CA LEU C 315 38.19 -40.45 65.20
C LEU C 315 38.96 -41.31 64.19
N LYS C 316 38.61 -41.22 62.91
CA LYS C 316 39.37 -41.95 61.89
C LYS C 316 40.81 -41.44 61.82
N ARG C 317 40.99 -40.13 61.95
CA ARG C 317 42.34 -39.56 61.89
C ARG C 317 43.20 -40.07 63.04
N ILE C 318 42.67 -40.09 64.26
CA ILE C 318 43.44 -40.57 65.40
C ILE C 318 43.65 -42.07 65.32
N ALA C 319 42.67 -42.81 64.77
CA ALA C 319 42.85 -44.24 64.59
C ALA C 319 43.98 -44.54 63.62
N LYS C 320 44.06 -43.79 62.52
CA LYS C 320 45.13 -43.99 61.56
C LYS C 320 46.46 -43.45 62.09
N ALA C 321 46.43 -42.44 62.95
CA ALA C 321 47.65 -41.95 63.59
C ALA C 321 48.24 -43.00 64.51
N SER C 322 47.41 -43.56 65.40
CA SER C 322 47.88 -44.66 66.23
C SER C 322 48.12 -45.92 65.40
N GLY C 323 47.41 -46.06 64.29
CA GLY C 323 47.46 -47.27 63.49
C GLY C 323 46.29 -48.20 63.66
N ALA C 324 45.27 -47.81 64.41
CA ALA C 324 44.13 -48.67 64.70
C ALA C 324 42.99 -48.37 63.73
N THR C 325 41.86 -49.06 63.94
CA THR C 325 40.67 -48.88 63.14
C THR C 325 39.46 -48.86 64.06
N ILE C 326 38.36 -48.28 63.56
CA ILE C 326 37.14 -48.22 64.34
C ILE C 326 36.56 -49.61 64.50
N LEU C 327 36.05 -49.89 65.71
CA LEU C 327 35.46 -51.19 66.03
C LEU C 327 33.94 -51.07 65.96
N SER C 328 33.33 -51.88 65.10
CA SER C 328 31.86 -51.95 65.07
C SER C 328 31.33 -52.49 66.40
N THR C 329 31.99 -53.50 66.95
CA THR C 329 31.65 -54.02 68.27
C THR C 329 32.88 -54.72 68.83
N LEU C 330 33.00 -54.70 70.17
CA LEU C 330 34.12 -55.38 70.81
C LEU C 330 33.93 -56.88 70.85
N ALA C 331 32.70 -57.36 70.66
CA ALA C 331 32.43 -58.79 70.68
C ALA C 331 32.96 -59.45 69.41
N ASN C 332 33.07 -60.78 69.45
CA ASN C 332 33.56 -61.54 68.32
C ASN C 332 32.99 -62.96 68.30
N PHE C 339 43.79 -57.93 66.63
CA PHE C 339 42.47 -57.42 66.96
C PHE C 339 42.56 -56.27 67.95
N GLU C 340 43.04 -56.57 69.16
CA GLU C 340 43.20 -55.55 70.19
C GLU C 340 44.58 -55.55 70.83
N ALA C 341 45.35 -56.63 70.70
CA ALA C 341 46.69 -56.69 71.27
C ALA C 341 47.70 -55.85 70.50
N ALA C 342 47.62 -55.86 69.18
CA ALA C 342 48.52 -55.09 68.33
C ALA C 342 47.82 -54.21 67.31
N MET C 343 46.60 -54.56 66.90
CA MET C 343 45.88 -53.74 65.93
C MET C 343 45.61 -52.35 66.50
N LEU C 344 45.21 -52.29 67.78
CA LEU C 344 45.02 -51.00 68.45
C LEU C 344 46.36 -50.29 68.55
N GLY C 345 46.38 -49.02 68.11
CA GLY C 345 47.61 -48.27 68.07
C GLY C 345 48.08 -47.81 69.42
N GLN C 346 49.30 -47.27 69.45
CA GLN C 346 49.96 -46.87 70.68
C GLN C 346 50.61 -45.51 70.54
N ALA C 347 50.82 -44.86 71.68
CA ALA C 347 51.53 -43.60 71.76
C ALA C 347 52.52 -43.67 72.91
N GLU C 348 53.57 -42.85 72.83
CA GLU C 348 54.64 -42.88 73.81
C GLU C 348 54.52 -41.81 74.90
N GLU C 349 53.45 -41.02 74.89
CA GLU C 349 53.18 -40.11 76.00
C GLU C 349 51.77 -39.56 75.88
N VAL C 350 51.17 -39.27 77.05
CA VAL C 350 49.87 -38.63 77.14
C VAL C 350 49.95 -37.57 78.23
N VAL C 351 49.46 -36.37 77.93
CA VAL C 351 49.51 -35.24 78.86
C VAL C 351 48.08 -34.86 79.22
N GLN C 352 47.82 -34.71 80.52
CA GLN C 352 46.51 -34.29 81.02
C GLN C 352 46.72 -33.04 81.87
N GLU C 353 46.63 -31.87 81.23
CA GLU C 353 46.84 -30.60 81.89
C GLU C 353 45.86 -29.58 81.33
N ARG C 354 45.63 -28.52 82.10
CA ARG C 354 44.74 -27.44 81.68
C ARG C 354 45.58 -26.35 81.02
N ILE C 355 45.25 -26.04 79.77
CA ILE C 355 45.97 -25.04 78.98
C ILE C 355 44.97 -23.96 78.57
N CYS C 356 45.35 -22.70 78.80
CA CYS C 356 44.53 -21.53 78.49
C CYS C 356 43.07 -21.72 78.88
N ASP C 357 42.88 -22.06 80.16
CA ASP C 357 41.57 -22.24 80.78
C ASP C 357 40.77 -23.36 80.13
N ASP C 358 41.45 -24.33 79.51
CA ASP C 358 40.80 -25.46 78.87
C ASP C 358 41.61 -26.72 79.11
N GLU C 359 40.96 -27.77 79.59
CA GLU C 359 41.60 -29.06 79.78
C GLU C 359 41.48 -29.86 78.49
N LEU C 360 42.61 -30.35 77.98
CA LEU C 360 42.67 -31.03 76.69
C LEU C 360 43.18 -32.46 76.87
N ILE C 361 42.70 -33.35 76.02
CA ILE C 361 43.14 -34.74 76.02
C ILE C 361 44.30 -34.87 75.04
N LEU C 362 45.53 -34.75 75.53
CA LEU C 362 46.72 -34.76 74.68
C LEU C 362 47.09 -36.20 74.33
N ILE C 363 46.33 -36.78 73.41
CA ILE C 363 46.69 -38.08 72.82
C ILE C 363 47.57 -37.75 71.62
N LYS C 364 48.86 -37.55 71.90
CA LYS C 364 49.81 -37.04 70.92
C LYS C 364 51.00 -37.99 70.82
N ASN C 365 51.73 -37.84 69.71
CA ASN C 365 52.90 -38.66 69.39
C ASN C 365 52.52 -40.15 69.41
N THR C 366 51.63 -40.50 68.49
CA THR C 366 51.19 -41.87 68.31
C THR C 366 52.22 -42.63 67.49
N LYS C 367 51.85 -43.84 67.03
CA LYS C 367 52.77 -44.63 66.21
C LYS C 367 53.10 -43.93 64.90
N ALA C 368 52.07 -43.49 64.18
CA ALA C 368 52.25 -42.73 62.95
C ALA C 368 51.91 -41.27 63.21
N ARG C 369 52.79 -40.37 62.76
CA ARG C 369 52.61 -38.94 63.01
C ARG C 369 51.50 -38.40 62.13
N THR C 370 50.27 -38.54 62.62
CA THR C 370 49.10 -38.03 61.92
C THR C 370 48.22 -37.24 62.88
N SER C 371 48.31 -37.55 64.17
CA SER C 371 47.51 -36.86 65.18
C SER C 371 48.07 -35.47 65.42
N ALA C 372 47.30 -34.45 65.05
CA ALA C 372 47.72 -33.07 65.24
C ALA C 372 46.49 -32.17 65.30
N SER C 373 46.66 -31.02 65.94
CA SER C 373 45.60 -30.03 66.04
C SER C 373 46.23 -28.67 66.28
N ILE C 374 45.45 -27.62 66.01
CA ILE C 374 45.89 -26.24 66.17
C ILE C 374 44.92 -25.54 67.11
N ILE C 375 45.46 -24.89 68.14
CA ILE C 375 44.65 -24.14 69.09
C ILE C 375 44.46 -22.73 68.56
N LEU C 376 43.22 -22.24 68.62
CA LEU C 376 42.88 -20.89 68.19
C LEU C 376 42.48 -20.10 69.44
N ARG C 377 43.29 -19.13 69.82
CA ARG C 377 43.08 -18.37 71.05
C ARG C 377 42.25 -17.13 70.74
N GLY C 378 41.21 -16.91 71.53
CA GLY C 378 40.29 -15.82 71.30
C GLY C 378 39.06 -15.90 72.18
N ALA C 379 37.87 -15.76 71.59
CA ALA C 379 36.62 -15.87 72.32
C ALA C 379 35.72 -16.99 71.81
N ASN C 380 35.61 -17.13 70.49
CA ASN C 380 34.71 -18.13 69.91
C ASN C 380 35.17 -18.43 68.49
N ASP C 381 34.51 -19.41 67.86
CA ASP C 381 34.83 -19.80 66.49
C ASP C 381 34.41 -18.73 65.49
N PHE C 382 33.36 -17.97 65.81
CA PHE C 382 32.73 -17.12 64.80
C PHE C 382 33.63 -15.95 64.41
N MET C 383 34.23 -15.25 65.39
CA MET C 383 35.05 -14.10 65.03
C MET C 383 36.43 -14.53 64.57
N CYS C 384 36.81 -15.79 64.80
CA CYS C 384 38.10 -16.32 64.38
C CYS C 384 38.01 -17.04 63.04
N ASP C 385 36.95 -16.81 62.27
CA ASP C 385 36.83 -17.43 60.95
C ASP C 385 37.95 -16.99 60.02
N GLU C 386 38.35 -15.71 60.11
CA GLU C 386 39.42 -15.22 59.26
C GLU C 386 40.74 -15.93 59.55
N MET C 387 41.06 -16.14 60.83
CA MET C 387 42.35 -16.73 61.16
C MET C 387 42.37 -18.22 60.87
N GLU C 388 41.27 -18.93 61.10
CA GLU C 388 41.21 -20.34 60.73
C GLU C 388 41.25 -20.52 59.21
N ARG C 389 40.58 -19.63 58.47
CA ARG C 389 40.66 -19.69 57.01
C ARG C 389 42.08 -19.43 56.53
N SER C 390 42.77 -18.46 57.14
CA SER C 390 44.15 -18.18 56.76
C SER C 390 45.05 -19.36 57.09
N LEU C 391 44.85 -20.00 58.25
CA LEU C 391 45.63 -21.19 58.59
C LEU C 391 45.37 -22.31 57.59
N HIS C 392 44.11 -22.48 57.18
CA HIS C 392 43.78 -23.52 56.20
C HIS C 392 44.46 -23.23 54.86
N ASP C 393 44.43 -21.98 54.41
CA ASP C 393 45.05 -21.66 53.11
C ASP C 393 46.57 -21.80 53.18
N ALA C 394 47.18 -21.42 54.32
CA ALA C 394 48.61 -21.64 54.50
C ALA C 394 48.94 -23.13 54.47
N LEU C 395 48.13 -23.95 55.14
CA LEU C 395 48.32 -25.39 55.09
C LEU C 395 48.23 -25.91 53.66
N CYS C 396 47.24 -25.44 52.91
CA CYS C 396 47.06 -25.92 51.53
C CYS C 396 48.25 -25.53 50.67
N VAL C 397 48.71 -24.28 50.76
CA VAL C 397 49.81 -23.85 49.90
C VAL C 397 51.11 -24.54 50.30
N VAL C 398 51.35 -24.74 51.61
CA VAL C 398 52.57 -25.41 52.03
C VAL C 398 52.55 -26.87 51.63
N LYS C 399 51.38 -27.53 51.70
CA LYS C 399 51.29 -28.91 51.26
C LYS C 399 51.44 -29.02 49.75
N ARG C 400 51.01 -28.00 49.00
CA ARG C 400 51.19 -28.02 47.56
C ARG C 400 52.65 -27.83 47.18
N VAL C 401 53.36 -26.93 47.86
CA VAL C 401 54.75 -26.68 47.54
C VAL C 401 55.71 -27.73 48.11
N LEU C 402 55.29 -28.47 49.15
CA LEU C 402 56.15 -29.51 49.69
C LEU C 402 56.29 -30.67 48.71
N GLU C 403 55.19 -31.15 48.17
CA GLU C 403 55.22 -32.14 47.11
C GLU C 403 55.54 -31.47 45.78
N SER C 404 55.92 -32.28 44.79
CA SER C 404 56.37 -31.79 43.49
C SER C 404 57.56 -30.84 43.67
N LYS C 405 58.67 -31.44 44.13
CA LYS C 405 59.85 -30.69 44.54
C LYS C 405 60.31 -29.73 43.44
N SER C 406 60.20 -30.15 42.18
CA SER C 406 60.44 -29.24 41.07
C SER C 406 59.37 -28.16 41.07
N VAL C 407 59.78 -26.89 41.22
CA VAL C 407 58.84 -25.79 41.34
C VAL C 407 59.32 -24.63 40.47
N VAL C 408 58.40 -23.74 40.15
CA VAL C 408 58.66 -22.60 39.27
C VAL C 408 58.24 -21.31 39.95
N PRO C 409 58.82 -20.16 39.60
CA PRO C 409 58.38 -18.91 40.20
C PRO C 409 57.00 -18.51 39.73
N GLY C 410 56.28 -17.78 40.57
CA GLY C 410 54.95 -17.33 40.28
C GLY C 410 54.91 -15.88 39.84
N GLY C 411 53.69 -15.35 39.80
CA GLY C 411 53.49 -13.95 39.45
C GLY C 411 53.84 -13.59 38.02
N GLY C 412 53.77 -14.56 37.10
CA GLY C 412 54.11 -14.28 35.72
C GLY C 412 55.58 -14.34 35.39
N ALA C 413 56.43 -14.74 36.33
CA ALA C 413 57.86 -14.85 36.05
C ALA C 413 58.13 -15.88 34.96
N VAL C 414 57.44 -17.03 35.03
CA VAL C 414 57.65 -18.08 34.05
C VAL C 414 57.27 -17.60 32.65
N GLU C 415 56.15 -16.88 32.53
CA GLU C 415 55.72 -16.41 31.22
C GLU C 415 56.73 -15.44 30.63
N ALA C 416 57.24 -14.52 31.45
CA ALA C 416 58.26 -13.60 30.96
C ALA C 416 59.53 -14.34 30.56
N ALA C 417 59.93 -15.35 31.33
CA ALA C 417 61.12 -16.12 30.99
C ALA C 417 60.96 -16.84 29.66
N LEU C 418 59.81 -17.48 29.44
CA LEU C 418 59.58 -18.14 28.16
C LEU C 418 59.50 -17.13 27.03
N SER C 419 58.93 -15.95 27.27
CA SER C 419 58.87 -14.96 26.22
C SER C 419 60.25 -14.44 25.86
N ILE C 420 61.15 -14.36 26.83
CA ILE C 420 62.53 -13.98 26.52
C ILE C 420 63.23 -15.09 25.76
N TYR C 421 63.04 -16.33 26.17
CA TYR C 421 63.70 -17.46 25.52
C TYR C 421 63.24 -17.60 24.07
N LEU C 422 61.93 -17.65 23.84
CA LEU C 422 61.38 -18.13 22.59
C LEU C 422 61.59 -17.14 21.45
N GLU C 423 61.54 -15.83 21.71
CA GLU C 423 61.78 -14.87 20.65
C GLU C 423 63.19 -15.03 20.09
N ASN C 424 64.19 -15.08 20.97
CA ASN C 424 65.57 -15.28 20.53
C ASN C 424 65.74 -16.63 19.85
N TYR C 425 65.12 -17.68 20.42
CA TYR C 425 65.25 -19.00 19.82
C TYR C 425 64.68 -19.03 18.41
N ALA C 426 63.52 -18.41 18.21
CA ALA C 426 62.95 -18.31 16.87
C ALA C 426 63.91 -17.56 15.95
N THR C 427 64.37 -16.39 16.38
CA THR C 427 65.29 -15.61 15.54
C THR C 427 66.53 -16.41 15.18
N SER C 428 66.94 -17.34 16.03
CA SER C 428 68.07 -18.21 15.75
C SER C 428 67.67 -19.53 15.11
N MET C 429 66.39 -19.75 14.84
CA MET C 429 65.95 -21.04 14.29
C MET C 429 66.23 -21.09 12.79
N GLY C 430 65.59 -20.21 12.02
CA GLY C 430 65.96 -20.04 10.63
C GLY C 430 64.93 -20.42 9.58
N SER C 431 64.14 -21.47 9.83
CA SER C 431 63.24 -21.99 8.81
C SER C 431 62.01 -21.10 8.68
N ARG C 432 61.02 -21.56 7.92
CA ARG C 432 59.83 -20.77 7.61
C ARG C 432 58.95 -20.50 8.82
N GLU C 433 59.20 -21.16 9.96
CA GLU C 433 58.38 -21.05 11.15
C GLU C 433 58.84 -19.95 12.09
N GLN C 434 59.48 -18.90 11.56
CA GLN C 434 59.93 -17.80 12.40
C GLN C 434 58.74 -17.10 13.07
N LEU C 435 57.77 -16.69 12.26
CA LEU C 435 56.66 -15.89 12.79
C LEU C 435 55.75 -16.71 13.69
N ALA C 436 55.62 -18.01 13.43
CA ALA C 436 54.83 -18.86 14.31
C ALA C 436 55.39 -18.84 15.73
N ILE C 437 56.69 -19.09 15.87
CA ILE C 437 57.30 -19.11 17.20
C ILE C 437 57.32 -17.71 17.80
N ALA C 438 57.50 -16.68 16.96
CA ALA C 438 57.48 -15.31 17.48
C ALA C 438 56.13 -14.97 18.09
N GLU C 439 55.05 -15.29 17.37
CA GLU C 439 53.73 -15.01 17.91
C GLU C 439 53.39 -15.92 19.09
N PHE C 440 53.95 -17.12 19.12
CA PHE C 440 53.83 -17.96 20.31
C PHE C 440 54.45 -17.27 21.52
N ALA C 441 55.65 -16.75 21.35
CA ALA C 441 56.32 -16.04 22.45
C ALA C 441 55.51 -14.82 22.88
N ARG C 442 54.97 -14.08 21.92
CA ARG C 442 54.15 -12.92 22.28
C ARG C 442 52.85 -13.32 22.98
N SER C 443 52.28 -14.46 22.60
CA SER C 443 51.03 -14.90 23.22
C SER C 443 51.24 -15.45 24.62
N LEU C 444 52.43 -15.95 24.91
CA LEU C 444 52.71 -16.37 26.28
C LEU C 444 52.71 -15.22 27.28
N LEU C 445 52.66 -13.96 26.83
CA LEU C 445 52.57 -12.83 27.73
C LEU C 445 51.17 -12.23 27.80
N VAL C 446 50.14 -13.07 27.75
CA VAL C 446 48.77 -12.59 27.91
C VAL C 446 48.35 -12.78 29.37
N ILE C 447 48.88 -13.82 30.00
CA ILE C 447 48.59 -14.05 31.42
C ILE C 447 49.05 -12.90 32.30
N PRO C 448 50.28 -12.38 32.18
CA PRO C 448 50.64 -11.22 32.99
C PRO C 448 49.76 -10.02 32.77
N ASN C 449 49.31 -9.78 31.53
CA ASN C 449 48.41 -8.66 31.27
C ASN C 449 47.09 -8.84 32.02
N THR C 450 46.53 -10.05 31.97
CA THR C 450 45.27 -10.32 32.67
C THR C 450 45.46 -10.17 34.18
N LEU C 451 46.58 -10.67 34.71
CA LEU C 451 46.84 -10.53 36.13
C LEU C 451 46.94 -9.06 36.53
N ALA C 452 47.63 -8.25 35.72
CA ALA C 452 47.77 -6.83 36.03
C ALA C 452 46.43 -6.12 35.96
N VAL C 453 45.60 -6.46 34.97
CA VAL C 453 44.27 -5.83 34.88
C VAL C 453 43.42 -6.20 36.08
N ASN C 454 43.38 -7.49 36.43
CA ASN C 454 42.56 -7.94 37.54
C ASN C 454 43.06 -7.42 38.87
N ALA C 455 44.31 -6.95 38.94
CA ALA C 455 44.86 -6.35 40.15
C ALA C 455 44.69 -4.83 40.15
N ALA C 456 43.93 -4.28 39.21
CA ALA C 456 43.61 -2.86 39.07
C ALA C 456 44.81 -2.02 38.65
N GLN C 457 46.00 -2.62 38.51
CA GLN C 457 47.15 -1.88 38.03
C GLN C 457 47.13 -1.79 36.50
N ASP C 458 47.90 -0.84 35.99
CA ASP C 458 48.01 -0.68 34.54
C ASP C 458 48.72 -1.89 33.94
N SER C 459 48.06 -2.54 32.99
CA SER C 459 48.58 -3.81 32.46
C SER C 459 49.90 -3.60 31.72
N THR C 460 49.92 -2.64 30.80
CA THR C 460 51.10 -2.46 29.94
C THR C 460 52.34 -2.15 30.74
N ASP C 461 52.23 -1.27 31.73
CA ASP C 461 53.39 -0.89 32.52
C ASP C 461 53.97 -2.08 33.27
N LEU C 462 53.10 -2.87 33.91
CA LEU C 462 53.59 -4.02 34.67
C LEU C 462 54.19 -5.09 33.79
N VAL C 463 53.55 -5.40 32.65
CA VAL C 463 54.12 -6.43 31.79
C VAL C 463 55.43 -5.95 31.17
N ALA C 464 55.53 -4.65 30.84
CA ALA C 464 56.77 -4.12 30.32
C ALA C 464 57.86 -4.18 31.37
N LYS C 465 57.53 -3.87 32.63
CA LYS C 465 58.52 -3.98 33.69
C LYS C 465 58.99 -5.42 33.88
N LEU C 466 58.06 -6.38 33.82
CA LEU C 466 58.44 -7.78 33.95
C LEU C 466 59.37 -8.20 32.81
N ARG C 467 59.01 -7.84 31.58
CA ARG C 467 59.82 -8.24 30.43
C ARG C 467 61.19 -7.58 30.47
N ALA C 468 61.25 -6.30 30.85
CA ALA C 468 62.54 -5.63 30.96
C ALA C 468 63.39 -6.23 32.07
N PHE C 469 62.77 -6.60 33.20
CA PHE C 469 63.52 -7.23 34.28
C PHE C 469 64.08 -8.58 33.86
N HIS C 470 63.30 -9.35 33.09
CA HIS C 470 63.79 -10.63 32.61
C HIS C 470 64.72 -10.50 31.41
N ASN C 471 64.78 -9.33 30.78
CA ASN C 471 65.72 -9.12 29.69
C ASN C 471 67.16 -9.34 30.15
N GLU C 472 67.56 -8.66 31.23
CA GLU C 472 68.91 -8.83 31.75
C GLU C 472 69.11 -10.14 32.48
N ALA C 473 68.03 -10.90 32.73
CA ALA C 473 68.17 -12.22 33.32
C ALA C 473 68.89 -13.20 32.40
N GLN C 474 68.91 -12.93 31.10
CA GLN C 474 69.61 -13.79 30.16
C GLN C 474 70.66 -13.01 29.37
N VAL C 475 70.38 -11.74 29.09
CA VAL C 475 71.35 -10.91 28.37
C VAL C 475 72.61 -10.72 29.21
N ASN C 476 72.44 -10.43 30.50
CA ASN C 476 73.57 -10.28 31.41
C ASN C 476 73.63 -11.48 32.33
N PRO C 477 74.64 -12.34 32.21
CA PRO C 477 74.74 -13.51 33.11
C PRO C 477 74.92 -13.12 34.57
N GLU C 478 75.38 -11.90 34.85
CA GLU C 478 75.52 -11.46 36.23
C GLU C 478 74.16 -11.42 36.94
N ARG C 479 73.13 -10.95 36.24
CA ARG C 479 71.78 -10.96 36.79
C ARG C 479 71.13 -12.33 36.57
N LYS C 480 71.81 -13.40 37.01
CA LYS C 480 71.26 -14.73 36.84
C LYS C 480 70.11 -14.99 37.81
N ASN C 481 70.14 -14.37 38.99
CA ASN C 481 69.09 -14.55 39.98
C ASN C 481 67.86 -13.71 39.69
N LEU C 482 67.90 -12.86 38.67
CA LEU C 482 66.76 -12.02 38.31
C LEU C 482 65.68 -12.77 37.55
N LYS C 483 65.93 -14.05 37.21
CA LYS C 483 64.93 -14.82 36.47
C LYS C 483 63.64 -14.96 37.27
N TRP C 484 63.74 -14.99 38.59
CA TRP C 484 62.59 -15.19 39.44
C TRP C 484 61.92 -13.86 39.81
N ILE C 485 61.60 -13.06 38.82
CA ILE C 485 60.95 -11.77 39.01
C ILE C 485 59.54 -11.86 38.46
N GLY C 486 58.54 -11.61 39.33
CA GLY C 486 57.16 -11.68 38.94
C GLY C 486 56.34 -10.58 39.59
N LEU C 487 55.03 -10.63 39.35
CA LEU C 487 54.14 -9.63 39.90
C LEU C 487 53.88 -9.89 41.38
N ASP C 488 53.79 -8.80 42.14
CA ASP C 488 53.35 -8.85 43.54
C ASP C 488 51.88 -8.46 43.57
N LEU C 489 51.01 -9.47 43.51
CA LEU C 489 49.57 -9.22 43.42
C LEU C 489 49.03 -8.44 44.62
N SER C 490 49.69 -8.53 45.77
CA SER C 490 49.21 -7.81 46.95
C SER C 490 49.23 -6.30 46.72
N ASN C 491 50.19 -5.82 45.93
CA ASN C 491 50.29 -4.40 45.63
C ASN C 491 50.36 -4.10 44.14
N GLY C 492 50.91 -5.00 43.34
CA GLY C 492 51.11 -4.72 41.92
C GLY C 492 52.44 -4.07 41.64
N LYS C 493 53.52 -4.71 42.09
CA LYS C 493 54.88 -4.21 41.89
C LYS C 493 55.77 -5.37 41.48
N PRO C 494 56.83 -5.09 40.72
CA PRO C 494 57.80 -6.14 40.42
C PRO C 494 58.57 -6.52 41.69
N ARG C 495 58.75 -7.83 41.88
CA ARG C 495 59.45 -8.33 43.05
C ARG C 495 59.80 -9.78 42.84
N ASP C 496 60.92 -10.21 43.41
CA ASP C 496 61.30 -11.61 43.37
C ASP C 496 60.25 -12.46 44.09
N ASN C 497 59.86 -13.56 43.46
CA ASN C 497 58.89 -14.48 44.05
C ASN C 497 59.49 -15.82 44.47
N LYS C 498 60.73 -16.12 44.09
CA LYS C 498 61.40 -17.26 44.70
C LYS C 498 61.57 -17.04 46.20
N GLN C 499 62.05 -15.85 46.58
CA GLN C 499 62.05 -15.48 47.98
C GLN C 499 60.62 -15.34 48.52
N ALA C 500 59.74 -14.73 47.73
CA ALA C 500 58.36 -14.51 48.17
C ALA C 500 57.55 -15.79 48.23
N GLY C 501 58.02 -16.86 47.59
CA GLY C 501 57.39 -18.16 47.72
C GLY C 501 56.15 -18.38 46.87
N VAL C 502 55.82 -17.47 45.97
CA VAL C 502 54.68 -17.68 45.07
C VAL C 502 55.07 -18.80 44.10
N PHE C 503 54.49 -19.98 44.30
CA PHE C 503 55.00 -21.20 43.69
C PHE C 503 53.87 -21.98 43.02
N GLU C 504 54.22 -22.68 41.94
CA GLU C 504 53.32 -23.57 41.23
C GLU C 504 54.07 -24.85 40.88
N PRO C 505 53.38 -25.99 40.86
CA PRO C 505 54.04 -27.24 40.45
C PRO C 505 54.48 -27.17 38.98
N THR C 506 55.62 -27.81 38.70
CA THR C 506 56.11 -27.86 37.33
C THR C 506 55.17 -28.66 36.43
N ILE C 507 54.66 -29.78 36.93
CA ILE C 507 53.80 -30.63 36.11
C ILE C 507 52.55 -29.86 35.69
N VAL C 508 51.98 -29.07 36.59
CA VAL C 508 50.77 -28.33 36.28
C VAL C 508 50.99 -27.41 35.09
N LYS C 509 52.05 -26.59 35.14
CA LYS C 509 52.30 -25.64 34.06
C LYS C 509 52.70 -26.35 32.78
N VAL C 510 53.51 -27.42 32.89
CA VAL C 510 53.92 -28.15 31.70
C VAL C 510 52.71 -28.72 30.97
N LYS C 511 51.83 -29.41 31.71
CA LYS C 511 50.64 -29.97 31.08
C LYS C 511 49.71 -28.88 30.59
N SER C 512 49.66 -27.75 31.29
CA SER C 512 48.85 -26.62 30.83
C SER C 512 49.33 -26.15 29.47
N LEU C 513 50.63 -25.92 29.32
CA LEU C 513 51.17 -25.45 28.05
C LEU C 513 50.96 -26.48 26.94
N LYS C 514 51.20 -27.76 27.26
CA LYS C 514 51.02 -28.79 26.24
C LYS C 514 49.57 -28.88 25.80
N PHE C 515 48.62 -28.81 26.74
CA PHE C 515 47.22 -28.87 26.40
C PHE C 515 46.80 -27.66 25.57
N ALA C 516 47.29 -26.47 25.94
CA ALA C 516 46.97 -25.28 25.16
C ALA C 516 47.50 -25.39 23.74
N THR C 517 48.73 -25.88 23.58
CA THR C 517 49.29 -26.04 22.24
C THR C 517 48.52 -27.08 21.44
N GLU C 518 48.13 -28.19 22.06
CA GLU C 518 47.34 -29.19 21.35
C GLU C 518 46.00 -28.63 20.91
N ALA C 519 45.34 -27.88 21.79
CA ALA C 519 44.06 -27.26 21.42
C ALA C 519 44.24 -26.27 20.27
N ALA C 520 45.31 -25.47 20.33
CA ALA C 520 45.56 -24.52 19.25
C ALA C 520 45.79 -25.24 17.93
N ILE C 521 46.56 -26.32 17.94
CA ILE C 521 46.82 -27.08 16.72
C ILE C 521 45.51 -27.66 16.18
N THR C 522 44.70 -28.25 17.07
CA THR C 522 43.46 -28.87 16.63
C THR C 522 42.52 -27.85 16.01
N ILE C 523 42.42 -26.66 16.61
CA ILE C 523 41.53 -25.65 16.05
C ILE C 523 42.08 -25.11 14.73
N LEU C 524 43.39 -24.82 14.69
CA LEU C 524 43.97 -24.25 13.47
C LEU C 524 43.95 -25.23 12.31
N ARG C 525 43.89 -26.52 12.59
CA ARG C 525 43.82 -27.52 11.52
C ARG C 525 42.39 -27.72 11.00
N ILE C 526 41.49 -26.78 11.28
CA ILE C 526 40.09 -26.87 10.89
C ILE C 526 39.75 -25.72 9.96
N ASP C 527 39.18 -26.03 8.81
CA ASP C 527 38.75 -25.01 7.85
C ASP C 527 37.74 -25.57 6.87
N SER D 16 28.66 -5.30 27.60
CA SER D 16 29.76 -5.69 28.47
C SER D 16 30.50 -4.47 29.02
N GLY D 17 31.67 -4.70 29.60
CA GLY D 17 32.42 -3.61 30.19
C GLY D 17 31.66 -3.00 31.36
N ARG D 18 31.72 -1.67 31.47
CA ARG D 18 30.99 -0.97 32.52
C ARG D 18 29.48 -1.10 32.37
N LYS D 19 28.99 -1.46 31.18
CA LYS D 19 27.55 -1.44 30.93
C LYS D 19 26.83 -2.49 31.78
N VAL D 20 27.46 -3.64 32.01
CA VAL D 20 26.79 -4.67 32.80
C VAL D 20 26.64 -4.24 34.25
N GLN D 21 27.72 -3.70 34.85
CA GLN D 21 27.60 -3.20 36.22
C GLN D 21 26.60 -2.06 36.29
N SER D 22 26.60 -1.18 35.29
CA SER D 22 25.65 -0.09 35.27
C SER D 22 24.21 -0.60 35.23
N GLY D 23 23.96 -1.64 34.42
CA GLY D 23 22.63 -2.23 34.40
C GLY D 23 22.25 -2.83 35.74
N ASN D 24 23.17 -3.57 36.36
CA ASN D 24 22.88 -4.16 37.67
C ASN D 24 22.52 -3.09 38.69
N ILE D 25 23.33 -2.03 38.74
CA ILE D 25 23.13 -1.05 39.80
C ILE D 25 21.95 -0.13 39.50
N ASN D 26 21.60 0.04 38.22
CA ASN D 26 20.39 0.76 37.89
C ASN D 26 19.15 -0.04 38.27
N ALA D 27 19.14 -1.35 37.97
CA ALA D 27 18.06 -2.19 38.44
C ALA D 27 17.99 -2.21 39.96
N ALA D 28 19.13 -2.07 40.61
CA ALA D 28 19.15 -1.98 42.07
C ALA D 28 18.50 -0.69 42.55
N LYS D 29 18.90 0.44 41.96
CA LYS D 29 18.37 1.73 42.39
C LYS D 29 16.87 1.83 42.16
N THR D 30 16.37 1.24 41.07
CA THR D 30 14.94 1.32 40.79
C THR D 30 14.12 0.68 41.90
N ILE D 31 14.43 -0.56 42.27
CA ILE D 31 13.68 -1.20 43.33
C ILE D 31 14.06 -0.64 44.70
N ALA D 32 15.18 0.06 44.82
CA ALA D 32 15.49 0.73 46.07
C ALA D 32 14.59 1.92 46.30
N ASP D 33 14.42 2.77 45.28
CA ASP D 33 13.62 3.98 45.43
C ASP D 33 12.16 3.79 45.04
N ILE D 34 11.75 2.57 44.66
CA ILE D 34 10.32 2.34 44.46
C ILE D 34 9.56 2.43 45.78
N ILE D 35 10.21 2.09 46.90
CA ILE D 35 9.55 2.10 48.20
C ILE D 35 10.32 2.94 49.22
N ARG D 36 11.13 3.90 48.76
CA ARG D 36 11.92 4.70 49.68
C ARG D 36 11.06 5.55 50.60
N THR D 37 9.79 5.72 50.28
CA THR D 37 8.88 6.52 51.08
C THR D 37 8.14 5.70 52.13
N CYS D 38 8.26 4.37 52.08
CA CYS D 38 7.37 3.47 52.80
C CYS D 38 7.78 3.22 54.25
N LEU D 39 8.85 3.84 54.74
CA LEU D 39 9.27 3.66 56.13
C LEU D 39 8.88 4.88 56.95
N GLY D 40 8.99 4.73 58.27
CA GLY D 40 8.70 5.80 59.19
C GLY D 40 7.30 5.72 59.75
N PRO D 41 7.00 6.57 60.74
CA PRO D 41 5.65 6.60 61.32
C PRO D 41 4.62 7.30 60.45
N LYS D 42 5.03 7.91 59.36
CA LYS D 42 4.08 8.54 58.44
C LYS D 42 4.29 8.00 57.04
N SER D 43 4.38 6.67 56.93
CA SER D 43 4.65 6.04 55.65
C SER D 43 3.49 6.27 54.69
N MET D 44 3.83 6.57 53.43
CA MET D 44 2.80 6.60 52.40
C MET D 44 2.37 5.18 52.05
N MET D 45 1.16 5.06 51.53
CA MET D 45 0.57 3.78 51.21
C MET D 45 0.63 3.58 49.69
N LYS D 46 1.18 2.44 49.27
CA LYS D 46 1.42 2.18 47.86
C LYS D 46 0.22 1.52 47.22
N MET D 47 0.22 1.50 45.89
CA MET D 47 -0.93 1.15 45.08
C MET D 47 -0.57 -0.02 44.18
N LEU D 48 -1.22 -1.16 44.38
CA LEU D 48 -0.95 -2.39 43.63
C LEU D 48 -2.21 -2.82 42.90
N LEU D 49 -2.07 -3.13 41.61
CA LEU D 49 -3.18 -3.70 40.84
C LEU D 49 -2.65 -4.84 39.99
N ASP D 50 -3.32 -5.99 40.07
CA ASP D 50 -3.02 -7.09 39.18
C ASP D 50 -3.81 -6.92 37.87
N PRO D 51 -3.39 -7.58 36.79
CA PRO D 51 -4.04 -7.35 35.50
C PRO D 51 -5.40 -8.05 35.38
N MET D 52 -6.24 -7.90 36.38
CA MET D 52 -7.62 -8.38 36.31
C MET D 52 -8.62 -7.41 36.91
N GLY D 53 -8.16 -6.31 37.50
CA GLY D 53 -9.02 -5.37 38.19
C GLY D 53 -8.97 -5.47 39.69
N GLY D 54 -8.39 -6.54 40.24
CA GLY D 54 -8.22 -6.64 41.67
C GLY D 54 -7.34 -5.53 42.21
N ILE D 55 -7.73 -4.99 43.36
CA ILE D 55 -7.08 -3.82 43.93
C ILE D 55 -6.73 -4.10 45.38
N VAL D 56 -5.50 -3.78 45.78
CA VAL D 56 -5.06 -3.91 47.16
C VAL D 56 -4.25 -2.68 47.53
N MET D 57 -4.47 -2.17 48.74
CA MET D 57 -3.79 -0.98 49.24
C MET D 57 -2.80 -1.41 50.31
N THR D 58 -1.52 -1.16 50.10
CA THR D 58 -0.46 -1.71 50.93
C THR D 58 0.41 -0.61 51.52
N ASN D 59 0.85 -0.82 52.76
CA ASN D 59 1.73 0.10 53.45
C ASN D 59 3.02 -0.56 53.92
N ASP D 60 3.29 -1.79 53.50
CA ASP D 60 4.43 -2.56 53.99
C ASP D 60 5.41 -2.84 52.85
N GLY D 61 6.70 -2.62 53.12
CA GLY D 61 7.70 -2.84 52.09
C GLY D 61 7.86 -4.29 51.69
N ASN D 62 7.82 -5.20 52.67
CA ASN D 62 7.96 -6.62 52.35
C ASN D 62 6.84 -7.08 51.44
N ALA D 63 5.61 -6.66 51.71
CA ALA D 63 4.47 -7.11 50.92
C ALA D 63 4.58 -6.61 49.48
N ILE D 64 4.91 -5.33 49.30
CA ILE D 64 5.00 -4.79 47.95
C ILE D 64 6.16 -5.41 47.19
N LEU D 65 7.29 -5.61 47.86
CA LEU D 65 8.42 -6.26 47.19
C LEU D 65 8.13 -7.71 46.85
N ARG D 66 7.30 -8.38 47.66
CA ARG D 66 6.91 -9.74 47.35
C ARG D 66 5.97 -9.79 46.14
N GLU D 67 4.97 -8.91 46.13
CA GLU D 67 3.96 -8.99 45.08
C GLU D 67 4.47 -8.46 43.75
N ILE D 68 5.40 -7.51 43.76
CA ILE D 68 5.94 -6.97 42.52
C ILE D 68 6.74 -8.05 41.79
N GLN D 69 6.73 -8.00 40.47
CA GLN D 69 7.44 -8.95 39.63
C GLN D 69 8.47 -8.21 38.80
N VAL D 70 9.74 -8.59 38.96
CA VAL D 70 10.84 -8.02 38.21
C VAL D 70 11.73 -9.16 37.72
N GLN D 71 12.48 -8.89 36.65
CA GLN D 71 13.23 -9.95 35.97
C GLN D 71 14.75 -9.80 36.08
N HIS D 72 15.25 -8.61 36.38
CA HIS D 72 16.70 -8.41 36.39
C HIS D 72 17.33 -9.20 37.53
N PRO D 73 18.41 -9.94 37.29
CA PRO D 73 18.98 -10.79 38.35
C PRO D 73 19.45 -10.00 39.57
N ALA D 74 19.98 -8.79 39.38
CA ALA D 74 20.42 -8.00 40.52
C ALA D 74 19.25 -7.65 41.43
N ALA D 75 18.12 -7.23 40.84
CA ALA D 75 16.94 -6.91 41.62
C ALA D 75 16.43 -8.13 42.37
N LYS D 76 16.40 -9.28 41.70
CA LYS D 76 15.97 -10.51 42.38
C LYS D 76 16.88 -10.84 43.54
N SER D 77 18.20 -10.71 43.34
CA SER D 77 19.14 -11.01 44.41
C SER D 77 18.94 -10.09 45.61
N MET D 78 18.75 -8.79 45.37
CA MET D 78 18.58 -7.90 46.51
C MET D 78 17.23 -8.11 47.19
N ILE D 79 16.18 -8.44 46.42
CA ILE D 79 14.90 -8.77 47.03
C ILE D 79 15.05 -10.00 47.92
N GLU D 80 15.78 -11.01 47.46
CA GLU D 80 16.01 -12.19 48.29
C GLU D 80 16.84 -11.84 49.53
N ILE D 81 17.79 -10.91 49.38
CA ILE D 81 18.58 -10.49 50.53
C ILE D 81 17.68 -9.85 51.58
N SER D 82 16.79 -8.96 51.14
CA SER D 82 15.84 -8.35 52.07
C SER D 82 14.94 -9.39 52.72
N ARG D 83 14.46 -10.35 51.92
CA ARG D 83 13.55 -11.36 52.44
C ARG D 83 14.24 -12.22 53.49
N THR D 84 15.48 -12.62 53.25
CA THR D 84 16.18 -13.45 54.22
C THR D 84 16.60 -12.64 55.44
N GLN D 85 16.87 -11.34 55.28
CA GLN D 85 17.14 -10.50 56.43
C GLN D 85 15.89 -10.24 57.26
N ASP D 86 14.71 -10.40 56.66
CA ASP D 86 13.47 -10.17 57.40
C ASP D 86 13.38 -11.12 58.59
N GLU D 87 13.59 -12.42 58.37
CA GLU D 87 13.49 -13.38 59.45
C GLU D 87 14.67 -13.30 60.42
N GLU D 88 15.82 -12.84 59.94
CA GLU D 88 17.00 -12.75 60.80
C GLU D 88 16.78 -11.77 61.94
N VAL D 89 16.29 -10.58 61.63
CA VAL D 89 16.17 -9.52 62.62
C VAL D 89 14.77 -8.93 62.72
N GLY D 90 13.94 -9.02 61.70
CA GLY D 90 12.63 -8.40 61.77
C GLY D 90 12.61 -6.98 61.27
N ASP D 91 12.72 -6.02 62.18
CA ASP D 91 12.65 -4.62 61.84
C ASP D 91 13.85 -4.22 60.97
N GLY D 92 13.69 -3.11 60.24
CA GLY D 92 14.73 -2.62 59.37
C GLY D 92 14.78 -3.24 58.00
N THR D 93 13.76 -4.02 57.63
CA THR D 93 13.80 -4.76 56.37
C THR D 93 13.79 -3.86 55.15
N THR D 94 13.40 -2.59 55.29
CA THR D 94 13.42 -1.65 54.17
C THR D 94 14.59 -0.70 54.21
N SER D 95 15.07 -0.36 55.40
CA SER D 95 16.24 0.52 55.51
C SER D 95 17.45 -0.10 54.85
N VAL D 96 17.57 -1.44 54.90
CA VAL D 96 18.68 -2.11 54.21
C VAL D 96 18.61 -1.86 52.71
N ILE D 97 17.42 -2.00 52.14
CA ILE D 97 17.27 -1.80 50.69
C ILE D 97 17.56 -0.35 50.33
N ILE D 98 17.05 0.58 51.13
CA ILE D 98 17.29 2.00 50.85
C ILE D 98 18.78 2.32 50.92
N LEU D 99 19.47 1.80 51.95
CA LEU D 99 20.89 2.07 52.10
C LEU D 99 21.69 1.47 50.95
N ALA D 100 21.39 0.22 50.56
CA ALA D 100 22.11 -0.39 49.46
C ALA D 100 21.88 0.37 48.17
N GLY D 101 20.64 0.76 47.89
CA GLY D 101 20.37 1.52 46.68
C GLY D 101 21.07 2.85 46.65
N GLU D 102 21.07 3.58 47.78
CA GLU D 102 21.74 4.87 47.80
C GLU D 102 23.26 4.71 47.65
N MET D 103 23.83 3.69 48.29
CA MET D 103 25.27 3.47 48.15
C MET D 103 25.64 3.12 46.72
N LEU D 104 24.81 2.32 46.04
CA LEU D 104 25.08 2.02 44.64
C LEU D 104 24.88 3.24 43.76
N SER D 105 23.90 4.08 44.08
CA SER D 105 23.65 5.29 43.30
C SER D 105 24.80 6.28 43.47
N VAL D 106 25.46 6.28 44.63
CA VAL D 106 26.60 7.17 44.77
C VAL D 106 27.85 6.54 44.16
N ALA D 107 27.93 5.19 44.12
CA ALA D 107 29.00 4.51 43.41
C ALA D 107 28.88 4.67 41.89
N GLU D 108 27.70 5.06 41.41
CA GLU D 108 27.56 5.47 40.01
C GLU D 108 28.74 6.33 39.59
N HIS D 109 29.03 7.37 40.36
CA HIS D 109 29.94 8.41 39.91
C HIS D 109 31.37 7.94 39.90
N PHE D 110 31.70 6.92 40.70
CA PHE D 110 33.04 6.38 40.70
C PHE D 110 33.22 5.28 39.67
N LEU D 111 32.16 4.54 39.36
CA LEU D 111 32.26 3.57 38.27
C LEU D 111 32.51 4.24 36.93
N GLU D 112 31.97 5.45 36.74
CA GLU D 112 32.07 6.09 35.42
C GLU D 112 33.46 6.67 35.18
N GLN D 113 34.14 7.13 36.22
CA GLN D 113 35.45 7.75 36.03
C GLN D 113 36.58 6.73 35.93
N GLN D 114 36.26 5.49 35.59
CA GLN D 114 37.25 4.47 35.27
C GLN D 114 38.20 4.19 36.44
N MET D 115 37.62 3.76 37.56
CA MET D 115 38.39 3.13 38.63
C MET D 115 37.86 1.73 38.85
N HIS D 116 38.77 0.79 39.08
CA HIS D 116 38.38 -0.61 39.16
C HIS D 116 37.52 -0.84 40.40
N PRO D 117 36.58 -1.79 40.34
CA PRO D 117 35.73 -2.06 41.52
C PRO D 117 36.51 -2.53 42.73
N THR D 118 37.74 -3.02 42.58
CA THR D 118 38.47 -3.57 43.71
C THR D 118 38.77 -2.51 44.76
N VAL D 119 39.23 -1.33 44.33
CA VAL D 119 39.49 -0.27 45.28
C VAL D 119 38.21 0.20 45.95
N VAL D 120 37.11 0.19 45.20
CA VAL D 120 35.81 0.55 45.78
C VAL D 120 35.42 -0.44 46.86
N ILE D 121 35.62 -1.74 46.60
CA ILE D 121 35.30 -2.76 47.61
C ILE D 121 36.17 -2.56 48.84
N SER D 122 37.46 -2.29 48.65
CA SER D 122 38.35 -2.06 49.77
C SER D 122 37.89 -0.86 50.60
N ALA D 123 37.55 0.24 49.94
CA ALA D 123 37.08 1.43 50.65
C ALA D 123 35.79 1.15 51.39
N TYR D 124 34.87 0.41 50.78
CA TYR D 124 33.61 0.09 51.44
C TYR D 124 33.85 -0.78 52.67
N ARG D 125 34.77 -1.74 52.57
CA ARG D 125 35.05 -2.60 53.72
C ARG D 125 35.69 -1.80 54.86
N LYS D 126 36.60 -0.89 54.53
CA LYS D 126 37.17 -0.01 55.56
C LYS D 126 36.07 0.85 56.19
N ALA D 127 35.16 1.36 55.36
CA ALA D 127 34.07 2.17 55.88
C ALA D 127 33.19 1.38 56.82
N LEU D 128 32.89 0.13 56.48
CA LEU D 128 32.06 -0.71 57.35
C LEU D 128 32.78 -1.05 58.65
N ASP D 129 34.10 -1.27 58.57
CA ASP D 129 34.88 -1.48 59.78
C ASP D 129 34.79 -0.28 60.70
N ASP D 130 34.87 0.92 60.14
CA ASP D 130 34.67 2.13 60.94
C ASP D 130 33.22 2.23 61.44
N MET D 131 32.27 1.79 60.61
CA MET D 131 30.86 1.79 60.96
C MET D 131 30.62 1.04 62.26
N ILE D 132 31.18 -0.16 62.36
CA ILE D 132 30.91 -1.01 63.53
C ILE D 132 31.41 -0.34 64.80
N SER D 133 32.64 0.17 64.76
CA SER D 133 33.22 0.81 65.95
C SER D 133 32.45 2.08 66.32
N THR D 134 32.10 2.90 65.32
CA THR D 134 31.38 4.13 65.62
C THR D 134 30.01 3.82 66.24
N LEU D 135 29.31 2.82 65.71
CA LEU D 135 28.04 2.43 66.31
C LEU D 135 28.24 1.94 67.74
N LYS D 136 29.27 1.13 67.97
CA LYS D 136 29.51 0.65 69.33
C LYS D 136 29.88 1.79 70.28
N LYS D 137 30.37 2.91 69.75
CA LYS D 137 30.78 4.02 70.61
C LYS D 137 29.59 4.82 71.10
N ILE D 138 28.80 5.39 70.18
CA ILE D 138 27.78 6.37 70.54
C ILE D 138 26.54 5.75 71.18
N SER D 139 26.41 4.42 71.15
CA SER D 139 25.19 3.79 71.65
C SER D 139 25.08 3.96 73.17
N ILE D 140 24.01 4.59 73.61
CA ILE D 140 23.80 4.78 75.05
C ILE D 140 23.41 3.45 75.68
N PRO D 141 23.97 3.10 76.84
CA PRO D 141 23.65 1.81 77.46
C PRO D 141 22.22 1.75 77.96
N VAL D 142 21.69 0.53 78.00
CA VAL D 142 20.36 0.24 78.53
C VAL D 142 20.42 -1.05 79.34
N ASP D 143 19.75 -1.07 80.49
CA ASP D 143 19.78 -2.23 81.35
C ASP D 143 18.80 -3.28 80.83
N ILE D 144 18.56 -4.32 81.63
CA ILE D 144 17.76 -5.47 81.22
C ILE D 144 16.64 -5.70 82.22
N SER D 145 15.44 -5.96 81.71
CA SER D 145 14.25 -6.35 82.46
C SER D 145 13.70 -5.26 83.37
N ASP D 146 14.30 -4.08 83.39
CA ASP D 146 13.75 -2.98 84.18
C ASP D 146 12.52 -2.42 83.47
N SER D 147 11.43 -2.27 84.23
CA SER D 147 10.12 -2.08 83.62
C SER D 147 10.01 -0.76 82.85
N ASP D 148 10.52 0.33 83.42
CA ASP D 148 10.25 1.65 82.86
C ASP D 148 10.82 1.86 81.47
N MET D 149 12.14 1.72 81.29
CA MET D 149 12.67 1.89 79.94
C MET D 149 12.35 0.72 79.03
N MET D 150 12.00 -0.45 79.56
CA MET D 150 11.48 -1.51 78.70
C MET D 150 10.16 -1.09 78.07
N LEU D 151 9.26 -0.52 78.86
CA LEU D 151 8.01 0.00 78.32
C LEU D 151 8.25 1.19 77.40
N ASN D 152 9.29 1.97 77.69
CA ASN D 152 9.69 3.03 76.76
C ASN D 152 10.08 2.45 75.41
N ILE D 153 10.83 1.34 75.42
CA ILE D 153 11.18 0.66 74.18
C ILE D 153 9.92 0.16 73.48
N ILE D 154 8.98 -0.39 74.26
CA ILE D 154 7.73 -0.88 73.69
C ILE D 154 7.01 0.24 72.96
N ASN D 155 6.94 1.42 73.59
CA ASN D 155 6.33 2.57 72.93
C ASN D 155 7.13 2.98 71.70
N SER D 156 8.46 2.86 71.77
CA SER D 156 9.30 3.28 70.65
C SER D 156 9.07 2.43 69.42
N SER D 157 8.92 1.12 69.59
CA SER D 157 8.89 0.19 68.46
C SER D 157 7.54 -0.50 68.26
N ILE D 158 6.99 -1.12 69.31
CA ILE D 158 5.73 -1.85 69.16
C ILE D 158 4.56 -0.94 68.83
N THR D 159 4.54 0.27 69.37
CA THR D 159 3.37 1.13 69.18
C THR D 159 3.34 1.74 67.78
N THR D 160 2.46 2.72 67.59
CA THR D 160 2.17 3.31 66.27
C THR D 160 1.57 2.26 65.33
N LYS D 161 0.89 1.27 65.88
CA LYS D 161 0.26 0.20 65.11
C LYS D 161 -1.09 -0.09 65.74
N ALA D 162 -1.70 -1.22 65.38
CA ALA D 162 -3.05 -1.57 65.79
C ALA D 162 -3.14 -2.09 67.22
N ILE D 163 -2.05 -2.08 67.99
CA ILE D 163 -2.08 -2.50 69.38
C ILE D 163 -1.90 -1.30 70.32
N SER D 164 -2.33 -0.12 69.88
CA SER D 164 -2.20 1.08 70.70
C SER D 164 -3.01 0.97 71.99
N ARG D 165 -4.22 0.43 71.90
CA ARG D 165 -5.11 0.30 73.05
C ARG D 165 -4.96 -1.03 73.78
N TRP D 166 -4.05 -1.90 73.33
CA TRP D 166 -3.85 -3.21 73.96
C TRP D 166 -2.37 -3.50 74.16
N SER D 167 -1.58 -2.48 74.47
CA SER D 167 -0.14 -2.66 74.60
C SER D 167 0.24 -3.48 75.83
N SER D 168 -0.62 -3.54 76.85
CA SER D 168 -0.27 -4.24 78.09
C SER D 168 -0.11 -5.73 77.86
N LEU D 169 -0.98 -6.33 77.06
CA LEU D 169 -0.89 -7.77 76.80
C LEU D 169 0.40 -8.10 76.04
N ALA D 170 0.75 -7.29 75.04
CA ALA D 170 2.00 -7.49 74.33
C ALA D 170 3.19 -7.30 75.27
N CYS D 171 3.11 -6.31 76.16
CA CYS D 171 4.18 -6.06 77.10
C CYS D 171 4.42 -7.27 78.00
N ASN D 172 3.35 -7.79 78.61
CA ASN D 172 3.53 -8.91 79.53
C ASN D 172 3.96 -10.18 78.79
N ILE D 173 3.40 -10.41 77.60
CA ILE D 173 3.81 -11.58 76.82
C ILE D 173 5.29 -11.51 76.47
N ALA D 174 5.75 -10.33 76.05
CA ALA D 174 7.17 -10.17 75.74
C ALA D 174 8.02 -10.34 76.99
N LEU D 175 7.58 -9.78 78.13
CA LEU D 175 8.35 -9.87 79.36
C LEU D 175 8.52 -11.30 79.82
N ASP D 176 7.48 -12.13 79.69
CA ASP D 176 7.66 -13.54 80.03
C ASP D 176 8.46 -14.27 78.95
N ALA D 177 8.23 -13.92 77.68
CA ALA D 177 8.88 -14.63 76.57
C ALA D 177 10.40 -14.47 76.62
N VAL D 178 10.88 -13.27 76.90
CA VAL D 178 12.31 -13.04 77.00
C VAL D 178 12.93 -13.81 78.16
N LYS D 179 12.12 -14.42 79.01
CA LYS D 179 12.61 -15.19 80.14
C LYS D 179 12.31 -16.68 80.07
N MET D 180 11.46 -17.13 79.12
CA MET D 180 11.18 -18.55 79.01
C MET D 180 11.86 -19.21 77.81
N VAL D 181 12.83 -18.54 77.18
CA VAL D 181 13.57 -19.16 76.09
C VAL D 181 15.07 -19.04 76.32
N GLN D 182 15.47 -18.88 77.57
CA GLN D 182 16.89 -18.66 77.87
C GLN D 182 17.70 -19.92 77.57
N PHE D 183 18.82 -19.73 76.89
CA PHE D 183 19.75 -20.81 76.52
C PHE D 183 21.13 -20.45 77.03
N GLU D 184 21.55 -21.09 78.12
CA GLU D 184 22.91 -20.93 78.63
C GLU D 184 23.80 -22.07 78.12
N GLU D 185 23.86 -22.17 76.79
CA GLU D 185 24.53 -23.31 76.16
C GLU D 185 26.04 -23.18 76.24
N ASN D 186 26.60 -22.13 75.62
CA ASN D 186 28.04 -21.94 75.57
C ASN D 186 28.53 -20.68 76.28
N GLY D 187 27.63 -19.94 76.92
CA GLY D 187 28.00 -18.73 77.63
C GLY D 187 27.02 -18.45 78.74
N ARG D 188 26.62 -17.19 78.86
CA ARG D 188 25.68 -16.76 79.90
C ARG D 188 24.42 -16.24 79.22
N LYS D 189 23.51 -17.16 78.91
CA LYS D 189 22.16 -16.83 78.43
C LYS D 189 22.17 -16.08 77.11
N GLU D 190 23.35 -15.92 76.49
CA GLU D 190 23.44 -15.15 75.25
C GLU D 190 22.75 -15.84 74.09
N ILE D 191 22.50 -17.15 74.19
CA ILE D 191 21.80 -17.87 73.13
C ILE D 191 20.30 -17.78 73.38
N ASP D 192 19.55 -17.55 72.31
CA ASP D 192 18.09 -17.44 72.39
C ASP D 192 17.47 -17.94 71.10
N ILE D 193 16.21 -18.36 71.19
CA ILE D 193 15.45 -18.81 70.03
C ILE D 193 14.06 -18.18 70.09
N LYS D 194 13.42 -18.13 68.92
CA LYS D 194 12.08 -17.56 68.80
C LYS D 194 11.06 -18.57 68.33
N LYS D 195 11.40 -19.86 68.30
CA LYS D 195 10.53 -20.89 67.77
C LYS D 195 10.15 -21.98 68.77
N TYR D 196 10.77 -22.02 69.95
CA TYR D 196 10.45 -23.01 70.96
C TYR D 196 9.39 -22.54 71.94
N ALA D 197 8.84 -21.34 71.76
CA ALA D 197 7.80 -20.83 72.63
C ALA D 197 6.47 -21.46 72.24
N ARG D 198 5.83 -22.16 73.18
CA ARG D 198 4.57 -22.84 72.92
C ARG D 198 3.45 -21.79 72.89
N VAL D 199 3.33 -21.12 71.74
CA VAL D 199 2.30 -20.12 71.54
C VAL D 199 1.01 -20.81 71.15
N GLU D 200 -0.10 -20.36 71.74
CA GLU D 200 -1.43 -20.93 71.48
C GLU D 200 -2.36 -19.80 71.09
N LYS D 201 -2.56 -19.63 69.79
CA LYS D 201 -3.42 -18.58 69.25
C LYS D 201 -4.79 -19.21 68.96
N ILE D 202 -5.64 -19.21 69.99
CA ILE D 202 -6.97 -19.80 69.93
C ILE D 202 -7.98 -18.67 69.98
N PRO D 203 -8.80 -18.47 68.94
CA PRO D 203 -9.86 -17.45 69.02
C PRO D 203 -10.89 -17.80 70.07
N GLY D 204 -11.48 -16.77 70.66
CA GLY D 204 -12.52 -16.96 71.65
C GLY D 204 -12.36 -16.08 72.87
N GLY D 205 -13.45 -15.41 73.27
CA GLY D 205 -13.43 -14.57 74.45
C GLY D 205 -12.73 -13.25 74.20
N ILE D 206 -12.57 -12.50 75.30
CA ILE D 206 -11.89 -11.21 75.24
C ILE D 206 -10.41 -11.44 74.99
N ILE D 207 -9.75 -10.44 74.39
CA ILE D 207 -8.33 -10.54 74.09
C ILE D 207 -7.49 -10.64 75.35
N GLU D 208 -8.01 -10.19 76.50
CA GLU D 208 -7.28 -10.21 77.75
C GLU D 208 -7.15 -11.61 78.33
N ASP D 209 -7.79 -12.61 77.74
CA ASP D 209 -7.72 -13.99 78.23
C ASP D 209 -6.33 -14.59 78.06
N SER D 210 -5.43 -13.94 77.33
CA SER D 210 -4.08 -14.46 77.14
C SER D 210 -3.35 -14.57 78.46
N CYS D 211 -2.50 -15.58 78.57
CA CYS D 211 -1.71 -15.80 79.78
C CYS D 211 -0.48 -16.63 79.41
N VAL D 212 0.47 -16.67 80.34
CA VAL D 212 1.70 -17.43 80.16
C VAL D 212 1.71 -18.57 81.17
N LEU D 213 2.11 -19.75 80.71
CA LEU D 213 2.20 -20.93 81.56
C LEU D 213 3.58 -21.56 81.38
N ARG D 214 4.26 -21.82 82.49
CA ARG D 214 5.60 -22.39 82.43
C ARG D 214 5.53 -23.83 81.94
N GLY D 215 6.27 -24.13 80.88
CA GLY D 215 6.28 -25.45 80.29
C GLY D 215 5.41 -25.52 79.05
N VAL D 216 5.77 -26.44 78.15
CA VAL D 216 5.00 -26.65 76.93
C VAL D 216 3.64 -27.26 77.27
N MET D 217 2.67 -27.05 76.39
CA MET D 217 1.41 -27.76 76.47
C MET D 217 1.00 -28.19 75.07
N ILE D 218 0.25 -29.29 74.99
CA ILE D 218 -0.04 -29.96 73.73
C ILE D 218 -1.53 -29.89 73.48
N ASN D 219 -1.91 -29.60 72.23
CA ASN D 219 -3.31 -29.56 71.83
C ASN D 219 -3.95 -30.95 71.80
N LYS D 220 -3.16 -32.01 71.90
CA LYS D 220 -3.64 -33.38 71.85
C LYS D 220 -3.49 -34.06 73.20
N ASP D 221 -4.36 -35.04 73.43
CA ASP D 221 -4.36 -35.82 74.67
C ASP D 221 -4.99 -37.18 74.36
N VAL D 222 -5.08 -38.02 75.38
CA VAL D 222 -5.65 -39.35 75.22
C VAL D 222 -7.12 -39.24 74.84
N THR D 223 -7.55 -40.10 73.90
CA THR D 223 -8.94 -40.10 73.49
C THR D 223 -9.86 -40.47 74.64
N HIS D 224 -9.49 -41.48 75.43
CA HIS D 224 -10.28 -41.92 76.56
C HIS D 224 -9.58 -41.52 77.85
N PRO D 225 -10.11 -40.53 78.59
CA PRO D 225 -9.43 -40.11 79.83
C PRO D 225 -9.80 -40.98 81.03
N ARG D 226 -9.84 -42.29 80.85
CA ARG D 226 -10.02 -43.23 81.96
C ARG D 226 -8.67 -43.73 82.47
N MET D 227 -7.76 -42.80 82.76
CA MET D 227 -6.37 -43.19 82.97
C MET D 227 -5.59 -42.01 83.51
N ARG D 228 -4.46 -42.32 84.16
CA ARG D 228 -3.65 -41.30 84.82
C ARG D 228 -2.68 -40.66 83.84
N ARG D 229 -2.61 -39.33 83.88
CA ARG D 229 -1.66 -38.56 83.09
C ARG D 229 -0.69 -37.76 83.95
N TYR D 230 -1.14 -37.21 85.06
CA TYR D 230 -0.30 -36.32 85.86
C TYR D 230 0.39 -37.10 86.98
N ILE D 231 1.72 -36.97 87.03
CA ILE D 231 2.54 -37.61 88.05
C ILE D 231 3.53 -36.58 88.57
N LYS D 232 3.91 -36.73 89.83
CA LYS D 232 4.80 -35.75 90.47
C LYS D 232 6.17 -35.69 89.82
N ASN D 233 6.61 -36.76 89.16
CA ASN D 233 7.92 -36.80 88.48
C ASN D 233 7.71 -37.29 87.06
N PRO D 234 7.26 -36.41 86.15
CA PRO D 234 7.09 -36.82 84.75
C PRO D 234 8.41 -37.03 84.04
N ARG D 235 8.76 -38.29 83.75
CA ARG D 235 9.97 -38.63 83.01
C ARG D 235 9.58 -38.88 81.55
N ILE D 236 9.39 -37.78 80.81
CA ILE D 236 9.01 -37.88 79.41
C ILE D 236 10.12 -38.53 78.62
N VAL D 237 9.76 -39.52 77.79
CA VAL D 237 10.70 -40.21 76.92
C VAL D 237 10.13 -40.19 75.51
N LEU D 238 10.95 -39.81 74.54
CA LEU D 238 10.54 -39.73 73.15
C LEU D 238 10.70 -41.10 72.47
N LEU D 239 9.71 -41.48 71.68
CA LEU D 239 9.74 -42.73 70.95
C LEU D 239 8.97 -42.57 69.64
N ASP D 240 9.23 -43.48 68.71
CA ASP D 240 8.55 -43.46 67.42
C ASP D 240 7.44 -44.50 67.38
N ILE D 273 3.31 -53.98 67.93
CA ILE D 273 4.45 -54.66 68.54
C ILE D 273 4.65 -54.17 69.97
N GLN D 274 4.54 -55.08 70.93
CA GLN D 274 4.69 -54.76 72.34
C GLN D 274 6.12 -54.95 72.83
N GLN D 275 7.03 -55.40 71.97
CA GLN D 275 8.39 -55.68 72.42
C GLN D 275 9.02 -54.43 73.02
N LEU D 276 8.90 -53.29 72.33
CA LEU D 276 9.37 -52.03 72.89
C LEU D 276 8.60 -51.65 74.15
N CYS D 277 7.30 -51.98 74.20
CA CYS D 277 6.48 -51.60 75.34
C CYS D 277 6.99 -52.22 76.63
N GLU D 278 7.29 -53.52 76.62
CA GLU D 278 7.88 -54.15 77.80
C GLU D 278 9.41 -54.15 77.80
N ASP D 279 10.06 -53.55 76.80
CA ASP D 279 11.48 -53.25 76.93
C ASP D 279 11.72 -51.87 77.53
N ILE D 280 10.69 -51.01 77.54
CA ILE D 280 10.75 -49.73 78.23
C ILE D 280 10.99 -49.91 79.73
N ILE D 281 10.67 -51.09 80.27
CA ILE D 281 10.75 -51.37 81.70
C ILE D 281 12.20 -51.31 82.19
N GLN D 282 13.13 -51.07 81.26
CA GLN D 282 14.54 -50.94 81.62
C GLN D 282 14.75 -49.88 82.71
N LEU D 283 13.99 -48.79 82.67
CA LEU D 283 14.02 -47.78 83.71
C LEU D 283 12.64 -47.42 84.24
N LYS D 284 11.57 -47.80 83.54
CA LYS D 284 10.18 -47.53 83.91
C LYS D 284 9.88 -46.03 84.00
N PRO D 285 9.96 -45.29 82.90
CA PRO D 285 9.50 -43.90 82.93
C PRO D 285 7.98 -43.83 83.03
N ASP D 286 7.51 -42.83 83.75
CA ASP D 286 6.07 -42.73 84.02
C ASP D 286 5.28 -42.40 82.75
N VAL D 287 5.83 -41.52 81.91
CA VAL D 287 5.16 -41.07 80.69
C VAL D 287 6.11 -41.21 79.51
N VAL D 288 5.62 -41.77 78.42
CA VAL D 288 6.38 -41.93 77.19
C VAL D 288 5.58 -41.33 76.04
N ILE D 289 6.22 -40.48 75.25
CA ILE D 289 5.57 -39.82 74.12
C ILE D 289 5.97 -40.52 72.84
N THR D 290 4.98 -41.02 72.10
CA THR D 290 5.23 -41.69 70.83
C THR D 290 4.28 -41.18 69.76
N GLU D 291 4.35 -41.78 68.56
CA GLU D 291 3.52 -41.36 67.44
C GLU D 291 2.75 -42.53 66.84
N LYS D 292 2.38 -43.49 67.67
CA LYS D 292 1.63 -44.66 67.24
C LYS D 292 0.29 -44.70 67.96
N GLY D 293 -0.72 -45.22 67.29
CA GLY D 293 -2.02 -45.37 67.90
C GLY D 293 -2.01 -46.41 69.00
N ILE D 294 -2.85 -46.19 70.01
CA ILE D 294 -2.96 -47.08 71.17
C ILE D 294 -4.38 -47.60 71.26
N SER D 295 -4.52 -48.93 71.34
CA SER D 295 -5.81 -49.57 71.54
C SER D 295 -6.11 -49.67 73.02
N ASP D 296 -7.35 -50.08 73.35
CA ASP D 296 -7.72 -50.25 74.75
C ASP D 296 -6.89 -51.34 75.42
N LEU D 297 -6.74 -52.49 74.74
CA LEU D 297 -5.83 -53.51 75.24
C LEU D 297 -4.39 -53.01 75.25
N ALA D 298 -4.01 -52.26 74.20
CA ALA D 298 -2.69 -51.64 74.20
C ALA D 298 -2.55 -50.61 75.32
N GLN D 299 -3.63 -49.89 75.63
CA GLN D 299 -3.57 -48.93 76.74
C GLN D 299 -3.36 -49.64 78.07
N HIS D 300 -4.04 -50.76 78.28
CA HIS D 300 -3.80 -51.53 79.50
C HIS D 300 -2.41 -52.16 79.51
N TYR D 301 -1.88 -52.48 78.33
CA TYR D 301 -0.48 -52.91 78.25
C TYR D 301 0.46 -51.79 78.67
N LEU D 302 0.14 -50.55 78.27
CA LEU D 302 0.89 -49.40 78.74
C LEU D 302 0.83 -49.28 80.25
N MET D 303 -0.36 -49.48 80.82
CA MET D 303 -0.49 -49.44 82.28
C MET D 303 0.36 -50.52 82.94
N ARG D 304 0.38 -51.71 82.36
CA ARG D 304 1.31 -52.74 82.82
C ARG D 304 2.75 -52.30 82.68
N ALA D 305 3.04 -51.44 81.69
CA ALA D 305 4.36 -50.91 81.46
C ALA D 305 4.60 -49.59 82.18
N ASN D 306 3.61 -49.10 82.93
CA ASN D 306 3.73 -47.87 83.71
C ASN D 306 4.05 -46.66 82.81
N ILE D 307 3.46 -46.64 81.62
CA ILE D 307 3.66 -45.56 80.67
C ILE D 307 2.32 -45.07 80.15
N THR D 308 2.30 -43.81 79.70
CA THR D 308 1.12 -43.18 79.12
C THR D 308 1.52 -42.65 77.76
N ALA D 309 1.30 -43.45 76.71
CA ALA D 309 1.68 -43.06 75.36
C ALA D 309 0.62 -42.15 74.74
N ILE D 310 1.01 -41.49 73.65
CA ILE D 310 0.14 -40.57 72.94
C ILE D 310 0.19 -40.91 71.45
N ARG D 311 -0.83 -40.48 70.73
CA ARG D 311 -0.99 -40.83 69.33
C ARG D 311 -1.35 -39.58 68.53
N ARG D 312 -1.05 -39.63 67.23
CA ARG D 312 -1.41 -38.59 66.28
C ARG D 312 -0.87 -37.22 66.69
N VAL D 313 0.38 -37.18 67.13
CA VAL D 313 1.03 -35.94 67.55
C VAL D 313 2.14 -35.63 66.56
N ARG D 314 2.15 -34.41 66.04
CA ARG D 314 3.11 -34.01 65.03
C ARG D 314 4.47 -33.66 65.66
N LYS D 315 5.48 -33.54 64.79
CA LYS D 315 6.81 -33.17 65.25
C LYS D 315 6.84 -31.75 65.82
N THR D 316 5.93 -30.89 65.35
CA THR D 316 5.88 -29.52 65.86
C THR D 316 5.63 -29.50 67.36
N ASP D 317 4.89 -30.48 67.88
CA ASP D 317 4.75 -30.63 69.32
C ASP D 317 5.87 -31.45 69.94
N ASN D 318 6.37 -32.46 69.23
CA ASN D 318 7.37 -33.36 69.81
C ASN D 318 8.68 -32.63 70.09
N ASN D 319 9.14 -31.79 69.16
CA ASN D 319 10.40 -31.08 69.38
C ASN D 319 10.30 -30.11 70.55
N ARG D 320 9.17 -29.42 70.67
CA ARG D 320 8.99 -28.50 71.79
C ARG D 320 8.88 -29.25 73.10
N ILE D 321 8.24 -30.43 73.08
CA ILE D 321 8.20 -31.28 74.27
C ILE D 321 9.60 -31.67 74.68
N ALA D 322 10.43 -32.08 73.71
CA ALA D 322 11.79 -32.47 74.00
C ALA D 322 12.60 -31.30 74.57
N ARG D 323 12.42 -30.11 74.00
CA ARG D 323 13.14 -28.95 74.51
C ARG D 323 12.71 -28.61 75.94
N ALA D 324 11.40 -28.66 76.21
CA ALA D 324 10.91 -28.33 77.54
C ALA D 324 11.36 -29.35 78.58
N CYS D 325 11.36 -30.64 78.21
CA CYS D 325 11.67 -31.70 79.17
C CYS D 325 13.12 -32.13 79.14
N GLY D 326 13.85 -31.87 78.06
CA GLY D 326 15.25 -32.22 77.98
C GLY D 326 15.53 -33.71 78.02
N ALA D 327 14.79 -34.49 77.24
CA ALA D 327 14.94 -35.94 77.21
C ALA D 327 15.78 -36.37 76.01
N ARG D 328 15.95 -37.69 75.88
CA ARG D 328 16.69 -38.28 74.77
C ARG D 328 15.85 -39.40 74.17
N ILE D 329 15.86 -39.49 72.85
CA ILE D 329 15.09 -40.50 72.12
C ILE D 329 16.00 -41.67 71.76
N VAL D 330 15.51 -42.88 72.02
CA VAL D 330 16.26 -44.10 71.70
C VAL D 330 15.27 -45.23 71.48
N SER D 331 15.46 -45.98 70.40
CA SER D 331 14.63 -47.14 70.09
C SER D 331 15.41 -48.37 69.66
N ARG D 332 16.67 -48.23 69.26
CA ARG D 332 17.45 -49.37 68.82
C ARG D 332 17.78 -50.27 70.01
N PRO D 333 17.54 -51.58 69.92
CA PRO D 333 17.83 -52.46 71.07
C PRO D 333 19.28 -52.44 71.49
N GLU D 334 20.22 -52.34 70.55
CA GLU D 334 21.62 -52.27 70.92
C GLU D 334 21.99 -50.92 71.52
N GLU D 335 21.29 -49.86 71.12
CA GLU D 335 21.55 -48.53 71.66
C GLU D 335 21.07 -48.36 73.09
N LEU D 336 20.31 -49.32 73.61
CA LEU D 336 19.81 -49.22 74.98
C LEU D 336 20.96 -49.21 75.97
N ARG D 337 20.91 -48.29 76.93
CA ARG D 337 21.96 -48.11 77.91
C ARG D 337 21.36 -47.40 79.13
N GLU D 338 22.23 -46.90 80.01
CA GLU D 338 21.77 -46.14 81.16
C GLU D 338 21.25 -44.76 80.78
N ASP D 339 21.61 -44.26 79.59
CA ASP D 339 21.22 -42.94 79.14
C ASP D 339 19.94 -42.95 78.32
N ASP D 340 19.19 -44.06 78.34
CA ASP D 340 17.97 -44.16 77.54
C ASP D 340 16.94 -43.13 77.99
N VAL D 341 16.74 -43.01 79.30
CA VAL D 341 15.68 -42.17 79.85
C VAL D 341 16.30 -40.96 80.53
N GLY D 342 15.86 -39.78 80.13
CA GLY D 342 16.21 -38.54 80.80
C GLY D 342 14.98 -37.96 81.47
N THR D 343 15.16 -37.46 82.70
CA THR D 343 14.03 -36.94 83.46
C THR D 343 13.40 -35.76 82.72
N GLY D 344 12.07 -35.78 82.63
CA GLY D 344 11.36 -34.75 81.89
C GLY D 344 10.94 -33.58 82.76
N ALA D 345 9.68 -33.18 82.65
CA ALA D 345 9.18 -32.03 83.40
C ALA D 345 9.05 -32.36 84.88
N GLY D 346 8.58 -31.39 85.65
CA GLY D 346 8.41 -31.57 87.08
C GLY D 346 6.98 -31.78 87.51
N LEU D 347 6.02 -31.55 86.62
CA LEU D 347 4.62 -31.73 86.94
C LEU D 347 3.81 -31.85 85.65
N LEU D 348 2.58 -32.33 85.81
CA LEU D 348 1.64 -32.45 84.70
C LEU D 348 0.25 -32.16 85.26
N GLU D 349 -0.68 -31.81 84.38
CA GLU D 349 -2.05 -31.57 84.80
C GLU D 349 -3.01 -31.98 83.69
N ILE D 350 -4.19 -32.43 84.09
CA ILE D 350 -5.27 -32.75 83.18
C ILE D 350 -6.31 -31.63 83.28
N LYS D 351 -6.57 -30.97 82.17
CA LYS D 351 -7.56 -29.89 82.15
C LYS D 351 -8.04 -29.69 80.72
N LYS D 352 -9.33 -29.40 80.58
CA LYS D 352 -9.95 -29.13 79.29
C LYS D 352 -10.38 -27.67 79.27
N ILE D 353 -9.75 -26.88 78.41
CA ILE D 353 -10.03 -25.45 78.28
C ILE D 353 -10.69 -25.21 76.93
N GLY D 354 -11.83 -24.52 76.95
CA GLY D 354 -12.54 -24.20 75.72
C GLY D 354 -13.14 -25.39 75.01
N ASP D 355 -13.67 -26.36 75.78
CA ASP D 355 -14.37 -27.52 75.22
C ASP D 355 -13.51 -28.26 74.21
N GLU D 356 -12.24 -28.48 74.55
CA GLU D 356 -11.35 -29.26 73.72
C GLU D 356 -10.26 -29.84 74.62
N TYR D 357 -9.81 -31.05 74.29
CA TYR D 357 -8.89 -31.76 75.18
C TYR D 357 -7.44 -31.33 74.93
N PHE D 358 -6.79 -30.87 75.99
CA PHE D 358 -5.41 -30.42 75.99
C PHE D 358 -4.56 -31.29 76.91
N THR D 359 -3.25 -31.19 76.74
CA THR D 359 -2.28 -31.78 77.66
C THR D 359 -1.46 -30.66 78.28
N PHE D 360 -1.43 -30.61 79.61
CA PHE D 360 -0.80 -29.51 80.35
C PHE D 360 0.50 -30.03 80.97
N ILE D 361 1.63 -29.66 80.38
CA ILE D 361 2.94 -29.98 80.92
C ILE D 361 3.41 -28.70 81.63
N THR D 362 3.10 -28.59 82.92
CA THR D 362 3.42 -27.41 83.69
C THR D 362 4.60 -27.66 84.61
N ASP D 363 5.32 -26.58 84.93
CA ASP D 363 6.48 -26.62 85.81
C ASP D 363 7.54 -27.59 85.28
N CYS D 364 8.05 -27.27 84.10
CA CYS D 364 9.04 -28.11 83.45
C CYS D 364 10.40 -28.02 84.17
N LYS D 365 11.22 -29.05 83.95
CA LYS D 365 12.56 -29.03 84.51
C LYS D 365 13.39 -27.89 83.93
N ASP D 366 13.31 -27.70 82.62
CA ASP D 366 14.00 -26.59 81.96
C ASP D 366 12.96 -25.61 81.42
N PRO D 367 12.91 -24.37 81.93
CA PRO D 367 11.95 -23.37 81.45
C PRO D 367 12.38 -22.72 80.13
N LYS D 368 12.81 -23.54 79.17
CA LYS D 368 13.22 -23.06 77.86
C LYS D 368 12.16 -23.18 76.80
N ALA D 369 11.14 -24.01 77.02
CA ALA D 369 10.00 -24.14 76.12
C ALA D 369 8.73 -24.08 76.98
N CYS D 370 8.24 -22.87 77.22
CA CYS D 370 7.04 -22.64 78.02
C CYS D 370 5.89 -22.23 77.11
N THR D 371 4.72 -22.06 77.71
CA THR D 371 3.49 -21.80 76.99
C THR D 371 3.05 -20.36 77.19
N ILE D 372 2.73 -19.69 76.10
CA ILE D 372 2.14 -18.34 76.14
C ILE D 372 0.75 -18.46 75.51
N LEU D 373 -0.25 -18.70 76.35
CA LEU D 373 -1.62 -18.84 75.87
C LEU D 373 -2.15 -17.50 75.37
N LEU D 374 -2.98 -17.54 74.33
CA LEU D 374 -3.49 -16.33 73.70
C LEU D 374 -4.91 -16.59 73.21
N ARG D 375 -5.88 -15.91 73.82
CA ARG D 375 -7.27 -16.01 73.43
C ARG D 375 -7.82 -14.63 73.14
N GLY D 376 -8.73 -14.55 72.18
CA GLY D 376 -9.29 -13.26 71.79
C GLY D 376 -10.33 -13.43 70.70
N ALA D 377 -10.69 -12.30 70.07
CA ALA D 377 -11.72 -12.30 69.05
C ALA D 377 -11.27 -13.09 67.82
N SER D 378 -10.17 -12.66 67.20
CA SER D 378 -9.63 -13.34 66.02
C SER D 378 -8.13 -13.07 65.98
N LYS D 379 -7.50 -13.42 64.84
CA LYS D 379 -6.06 -13.36 64.70
C LYS D 379 -5.58 -12.05 64.08
N GLU D 380 -6.49 -11.10 63.81
CA GLU D 380 -6.09 -9.85 63.17
C GLU D 380 -5.23 -8.97 64.08
N ILE D 381 -5.24 -9.23 65.38
CA ILE D 381 -4.42 -8.48 66.31
C ILE D 381 -3.17 -9.25 66.73
N LEU D 382 -3.17 -10.58 66.63
CA LEU D 382 -2.16 -11.40 67.27
C LEU D 382 -0.94 -11.66 66.40
N SER D 383 -1.03 -11.49 65.08
CA SER D 383 0.18 -11.53 64.25
C SER D 383 1.10 -10.36 64.60
N GLU D 384 0.51 -9.19 64.82
CA GLU D 384 1.29 -8.05 65.30
C GLU D 384 1.89 -8.34 66.66
N VAL D 385 1.14 -9.03 67.53
CA VAL D 385 1.68 -9.44 68.82
C VAL D 385 2.88 -10.37 68.63
N GLU D 386 2.79 -11.29 67.67
CA GLU D 386 3.87 -12.23 67.42
C GLU D 386 5.13 -11.51 66.95
N ARG D 387 4.99 -10.61 65.97
CA ARG D 387 6.17 -9.89 65.51
C ARG D 387 6.73 -8.98 66.60
N ASN D 388 5.86 -8.38 67.41
CA ASN D 388 6.34 -7.54 68.50
C ASN D 388 7.09 -8.33 69.56
N LEU D 389 6.61 -9.53 69.89
CA LEU D 389 7.34 -10.34 70.86
C LEU D 389 8.64 -10.86 70.27
N GLN D 390 8.67 -11.14 68.97
CA GLN D 390 9.94 -11.47 68.32
C GLN D 390 10.94 -10.33 68.44
N ASP D 391 10.48 -9.10 68.17
CA ASP D 391 11.35 -7.94 68.30
C ASP D 391 11.81 -7.75 69.74
N ALA D 392 10.92 -7.96 70.70
CA ALA D 392 11.29 -7.79 72.11
C ALA D 392 12.30 -8.85 72.55
N MET D 393 12.14 -10.09 72.08
CA MET D 393 13.13 -11.11 72.39
C MET D 393 14.47 -10.78 71.77
N GLN D 394 14.48 -10.24 70.54
CA GLN D 394 15.73 -9.81 69.94
C GLN D 394 16.37 -8.69 70.75
N VAL D 395 15.55 -7.75 71.25
CA VAL D 395 16.06 -6.66 72.06
C VAL D 395 16.68 -7.19 73.34
N CYS D 396 15.98 -8.11 74.02
CA CYS D 396 16.54 -8.69 75.23
C CYS D 396 17.83 -9.44 74.94
N ARG D 397 17.85 -10.21 73.84
CA ARG D 397 19.04 -10.97 73.48
C ARG D 397 20.23 -10.05 73.22
N ASN D 398 20.02 -8.94 72.52
CA ASN D 398 21.15 -8.07 72.22
C ASN D 398 21.57 -7.28 73.45
N VAL D 399 20.61 -6.89 74.30
CA VAL D 399 20.97 -6.23 75.56
C VAL D 399 21.84 -7.16 76.40
N LEU D 400 21.53 -8.45 76.39
CA LEU D 400 22.45 -9.42 76.97
C LEU D 400 23.79 -9.42 76.24
N LEU D 401 23.77 -9.33 74.90
CA LEU D 401 25.00 -9.27 74.13
C LEU D 401 25.68 -7.91 74.28
N ASP D 402 25.00 -6.85 73.82
CA ASP D 402 25.49 -5.48 73.93
C ASP D 402 24.36 -4.60 74.45
N PRO D 403 24.33 -4.34 75.76
CA PRO D 403 23.22 -3.59 76.35
C PRO D 403 23.22 -2.13 75.94
N GLN D 404 22.82 -1.85 74.70
CA GLN D 404 22.87 -0.50 74.16
C GLN D 404 21.66 -0.25 73.27
N LEU D 405 21.33 1.03 73.11
CA LEU D 405 20.24 1.47 72.25
C LEU D 405 20.71 2.71 71.51
N VAL D 406 21.01 2.57 70.22
CA VAL D 406 21.44 3.73 69.43
C VAL D 406 20.27 4.70 69.28
N PRO D 407 20.51 6.01 69.29
CA PRO D 407 19.41 6.96 69.09
C PRO D 407 18.75 6.76 67.74
N GLY D 408 17.42 6.91 67.72
CA GLY D 408 16.64 6.75 66.51
C GLY D 408 16.45 8.05 65.77
N GLY D 409 15.54 8.02 64.80
CA GLY D 409 15.20 9.21 64.04
C GLY D 409 16.36 9.81 63.28
N GLY D 410 17.28 8.99 62.79
CA GLY D 410 18.41 9.47 62.04
C GLY D 410 19.52 10.07 62.88
N ALA D 411 19.36 10.12 64.21
CA ALA D 411 20.42 10.66 65.05
C ALA D 411 21.66 9.78 64.98
N SER D 412 21.48 8.46 65.02
CA SER D 412 22.61 7.55 64.87
C SER D 412 23.24 7.70 63.50
N GLU D 413 22.42 7.83 62.46
CA GLU D 413 22.94 8.02 61.11
C GLU D 413 23.77 9.28 61.03
N MET D 414 23.28 10.37 61.62
CA MET D 414 24.03 11.62 61.61
C MET D 414 25.33 11.47 62.39
N ALA D 415 25.30 10.80 63.54
CA ALA D 415 26.50 10.62 64.34
C ALA D 415 27.55 9.85 63.56
N VAL D 416 27.16 8.74 62.95
CA VAL D 416 28.13 7.91 62.24
C VAL D 416 28.63 8.61 60.99
N ALA D 417 27.76 9.32 60.28
CA ALA D 417 28.19 10.06 59.10
C ALA D 417 29.19 11.14 59.49
N HIS D 418 28.94 11.85 60.59
CA HIS D 418 29.89 12.86 61.05
C HIS D 418 31.22 12.21 61.43
N ALA D 419 31.16 11.07 62.10
CA ALA D 419 32.39 10.38 62.48
C ALA D 419 33.23 10.02 61.26
N LEU D 420 32.60 9.42 60.24
CA LEU D 420 33.37 9.05 59.05
C LEU D 420 33.83 10.27 58.26
N THR D 421 33.00 11.31 58.16
CA THR D 421 33.42 12.46 57.36
C THR D 421 34.50 13.26 58.07
N GLU D 422 34.64 13.10 59.39
CA GLU D 422 35.77 13.75 60.06
C GLU D 422 36.99 12.85 60.06
N LYS D 423 36.82 11.53 60.11
CA LYS D 423 37.95 10.63 60.08
C LYS D 423 38.59 10.58 58.70
N SER D 424 37.80 10.76 57.65
CA SER D 424 38.34 10.68 56.29
C SER D 424 39.37 11.76 56.02
N LYS D 425 39.28 12.89 56.73
CA LYS D 425 40.17 14.01 56.46
C LYS D 425 41.63 13.65 56.72
N ALA D 426 41.89 12.74 57.66
CA ALA D 426 43.25 12.39 58.02
C ALA D 426 43.85 11.34 57.08
N MET D 427 43.12 10.24 56.85
CA MET D 427 43.64 9.17 56.02
C MET D 427 43.71 9.60 54.56
N THR D 428 44.62 8.99 53.82
CA THR D 428 44.95 9.38 52.46
C THR D 428 44.60 8.27 51.48
N GLY D 429 45.01 8.46 50.24
CA GLY D 429 44.75 7.50 49.18
C GLY D 429 43.53 7.87 48.36
N VAL D 430 43.54 7.43 47.10
CA VAL D 430 42.40 7.67 46.21
C VAL D 430 41.17 6.92 46.69
N GLU D 431 41.35 5.93 47.56
CA GLU D 431 40.24 5.18 48.12
C GLU D 431 39.37 6.00 49.04
N GLN D 432 39.80 7.20 49.42
CA GLN D 432 39.02 7.99 50.37
C GLN D 432 37.74 8.55 49.75
N TRP D 433 37.66 8.67 48.42
CA TRP D 433 36.44 9.15 47.80
C TRP D 433 35.25 8.23 48.05
N PRO D 434 35.33 6.92 47.83
CA PRO D 434 34.23 6.06 48.28
C PRO D 434 34.01 6.08 49.77
N TYR D 435 35.08 6.27 50.55
CA TYR D 435 34.96 6.34 52.01
C TYR D 435 34.07 7.50 52.43
N ARG D 436 34.22 8.64 51.78
CA ARG D 436 33.32 9.78 52.05
C ARG D 436 31.96 9.58 51.40
N ALA D 437 31.92 8.91 50.25
CA ALA D 437 30.66 8.75 49.53
C ALA D 437 29.68 7.88 50.30
N VAL D 438 30.16 6.80 50.91
CA VAL D 438 29.25 5.94 51.67
C VAL D 438 28.69 6.69 52.87
N ALA D 439 29.54 7.46 53.57
CA ALA D 439 29.06 8.24 54.70
C ALA D 439 28.03 9.26 54.26
N GLN D 440 28.28 9.95 53.15
CA GLN D 440 27.32 10.94 52.67
C GLN D 440 26.01 10.28 52.26
N ALA D 441 26.07 9.13 51.59
CA ALA D 441 24.86 8.45 51.13
C ALA D 441 24.12 7.78 52.28
N LEU D 442 24.77 7.59 53.42
CA LEU D 442 24.09 7.06 54.59
C LEU D 442 23.07 8.05 55.15
N GLU D 443 23.10 9.30 54.71
CA GLU D 443 22.14 10.32 55.14
C GLU D 443 20.75 10.09 54.57
N VAL D 444 20.54 8.95 53.91
CA VAL D 444 19.30 8.75 53.18
C VAL D 444 18.13 8.54 54.13
N ILE D 445 18.37 7.96 55.30
CA ILE D 445 17.28 7.72 56.24
C ILE D 445 16.66 9.02 56.74
N PRO D 446 17.41 10.01 57.25
CA PRO D 446 16.76 11.26 57.64
C PRO D 446 16.08 11.98 56.50
N ARG D 447 16.64 11.91 55.28
CA ARG D 447 16.03 12.65 54.18
C ARG D 447 14.68 12.05 53.80
N THR D 448 14.57 10.72 53.78
CA THR D 448 13.26 10.12 53.50
C THR D 448 12.31 10.31 54.66
N LEU D 449 12.81 10.29 55.90
CA LEU D 449 11.95 10.56 57.04
C LEU D 449 11.33 11.94 56.94
N ILE D 450 12.13 12.95 56.62
CA ILE D 450 11.58 14.30 56.45
C ILE D 450 10.70 14.38 55.21
N GLN D 451 11.07 13.66 54.15
CA GLN D 451 10.31 13.72 52.90
C GLN D 451 8.89 13.23 53.11
N ASN D 452 8.71 12.07 53.72
CA ASN D 452 7.35 11.61 53.99
C ASN D 452 6.81 12.20 55.29
N CYS D 453 7.00 13.51 55.43
CA CYS D 453 6.42 14.27 56.55
C CYS D 453 5.89 15.63 56.14
N GLY D 454 6.22 16.14 54.96
CA GLY D 454 5.76 17.45 54.54
C GLY D 454 6.85 18.49 54.55
N ALA D 455 7.72 18.44 55.57
CA ALA D 455 8.78 19.43 55.69
C ALA D 455 9.82 19.27 54.58
N SER D 456 10.45 20.38 54.23
CA SER D 456 11.49 20.35 53.20
C SER D 456 12.73 19.66 53.74
N THR D 457 13.20 18.64 53.01
CA THR D 457 14.33 17.86 53.48
C THR D 457 15.61 18.67 53.53
N ILE D 458 15.84 19.54 52.53
CA ILE D 458 17.13 20.19 52.39
C ILE D 458 17.42 21.09 53.59
N ARG D 459 16.48 21.97 53.94
CA ARG D 459 16.71 22.87 55.06
C ARG D 459 16.80 22.11 56.37
N LEU D 460 15.93 21.12 56.57
CA LEU D 460 15.97 20.34 57.80
C LEU D 460 17.27 19.54 57.89
N LEU D 461 17.70 18.93 56.78
CA LEU D 461 18.95 18.19 56.80
C LEU D 461 20.14 19.08 57.10
N THR D 462 20.19 20.26 56.47
CA THR D 462 21.29 21.18 56.72
C THR D 462 21.31 21.63 58.17
N SER D 463 20.13 21.95 58.72
CA SER D 463 20.05 22.35 60.12
C SER D 463 20.50 21.22 61.03
N LEU D 464 20.09 19.99 60.72
CA LEU D 464 20.47 18.85 61.54
C LEU D 464 21.98 18.63 61.52
N ARG D 465 22.57 18.59 60.33
CA ARG D 465 24.01 18.32 60.21
C ARG D 465 24.82 19.45 60.83
N ALA D 466 24.50 20.70 60.48
CA ALA D 466 25.26 21.84 60.99
C ALA D 466 25.18 21.91 62.52
N LYS D 467 24.00 21.68 63.08
CA LYS D 467 23.89 21.56 64.53
C LYS D 467 24.68 20.38 65.04
N HIS D 468 24.60 19.24 64.36
CA HIS D 468 25.22 18.02 64.85
C HIS D 468 26.74 18.09 64.90
N THR D 469 27.37 18.80 63.96
CA THR D 469 28.82 18.88 63.95
C THR D 469 29.33 19.63 65.18
N GLN D 470 28.77 20.81 65.46
CA GLN D 470 29.20 21.57 66.63
C GLN D 470 28.88 20.82 67.91
N GLU D 471 27.72 20.17 67.96
CA GLU D 471 27.40 19.34 69.11
C GLU D 471 28.41 18.21 69.25
N ASN D 472 28.86 17.96 70.47
CA ASN D 472 29.88 16.96 70.71
C ASN D 472 29.28 15.56 70.93
N CYS D 473 28.37 15.44 71.87
CA CYS D 473 27.76 14.15 72.22
C CYS D 473 26.25 14.31 72.39
N GLU D 474 25.60 14.96 71.43
CA GLU D 474 24.19 15.26 71.55
C GLU D 474 23.31 14.22 70.87
N THR D 475 23.68 13.78 69.67
CA THR D 475 22.90 12.83 68.88
C THR D 475 21.47 13.35 68.69
N TRP D 476 21.38 14.56 68.16
CA TRP D 476 20.09 15.14 67.82
C TRP D 476 19.49 14.44 66.60
N GLY D 477 18.18 14.21 66.65
CA GLY D 477 17.49 13.59 65.55
C GLY D 477 16.32 14.41 65.05
N VAL D 478 15.43 13.78 64.27
CA VAL D 478 14.27 14.46 63.70
C VAL D 478 13.02 13.71 64.13
N ASN D 479 12.01 14.47 64.55
CA ASN D 479 10.73 13.86 64.92
C ASN D 479 10.06 13.28 63.69
N GLY D 480 9.66 12.02 63.78
CA GLY D 480 9.06 11.34 62.64
C GLY D 480 7.62 11.70 62.37
N GLU D 481 6.95 12.34 63.32
CA GLU D 481 5.53 12.65 63.16
C GLU D 481 5.30 14.09 62.74
N THR D 482 6.17 15.01 63.17
CA THR D 482 6.01 16.42 62.84
C THR D 482 7.13 16.96 61.97
N GLY D 483 8.20 16.19 61.75
CA GLY D 483 9.30 16.67 60.95
C GLY D 483 10.02 17.86 61.53
N THR D 484 10.34 17.82 62.82
CA THR D 484 11.04 18.90 63.50
C THR D 484 12.20 18.32 64.29
N LEU D 485 13.26 19.12 64.42
CA LEU D 485 14.44 18.67 65.15
C LEU D 485 14.13 18.55 66.63
N VAL D 486 14.60 17.45 67.23
CA VAL D 486 14.38 17.19 68.65
C VAL D 486 15.40 16.16 69.10
N ASP D 487 15.93 16.36 70.31
CA ASP D 487 16.84 15.39 70.89
C ASP D 487 16.10 14.10 71.19
N MET D 488 16.72 12.97 70.82
CA MET D 488 16.05 11.68 70.97
C MET D 488 15.89 11.27 72.42
N LYS D 489 16.85 11.64 73.29
CA LYS D 489 16.68 11.33 74.70
C LYS D 489 15.47 12.03 75.29
N GLU D 490 15.13 13.21 74.76
CA GLU D 490 13.90 13.88 75.17
C GLU D 490 12.68 13.19 74.56
N LEU D 491 12.77 12.81 73.28
CA LEU D 491 11.62 12.22 72.60
C LEU D 491 11.42 10.75 72.94
N GLY D 492 12.40 10.13 73.58
CA GLY D 492 12.26 8.74 74.00
C GLY D 492 12.13 7.73 72.87
N ILE D 493 12.96 7.85 71.84
CA ILE D 493 12.98 6.92 70.73
C ILE D 493 14.36 6.30 70.64
N TRP D 494 14.42 4.97 70.53
CA TRP D 494 15.69 4.28 70.48
C TRP D 494 15.57 3.02 69.62
N GLU D 495 16.72 2.50 69.20
CA GLU D 495 16.81 1.40 68.27
C GLU D 495 17.74 0.32 68.82
N PRO D 496 17.40 -0.95 68.62
CA PRO D 496 18.30 -2.02 69.07
C PRO D 496 19.64 -1.97 68.35
N LEU D 497 20.70 -2.32 69.07
CA LEU D 497 22.04 -2.26 68.48
C LEU D 497 22.28 -3.40 67.50
N ALA D 498 21.80 -4.60 67.83
CA ALA D 498 22.05 -5.75 66.96
C ALA D 498 21.41 -5.56 65.60
N VAL D 499 20.18 -5.06 65.56
CA VAL D 499 19.50 -4.87 64.28
C VAL D 499 20.20 -3.79 63.46
N LYS D 500 20.71 -2.75 64.11
CA LYS D 500 21.45 -1.72 63.39
C LYS D 500 22.73 -2.27 62.79
N LEU D 501 23.48 -3.05 63.58
CA LEU D 501 24.70 -3.67 63.06
C LEU D 501 24.38 -4.59 61.89
N GLN D 502 23.32 -5.40 62.02
CA GLN D 502 22.94 -6.29 60.94
C GLN D 502 22.56 -5.51 59.69
N THR D 503 21.80 -4.43 59.86
CA THR D 503 21.38 -3.64 58.69
C THR D 503 22.58 -3.05 57.99
N TYR D 504 23.48 -2.40 58.73
CA TYR D 504 24.63 -1.78 58.09
C TYR D 504 25.53 -2.82 57.42
N LYS D 505 25.80 -3.92 58.11
CA LYS D 505 26.68 -4.95 57.56
C LYS D 505 26.05 -5.58 56.33
N THR D 506 24.75 -5.86 56.37
CA THR D 506 24.08 -6.46 55.23
C THR D 506 24.06 -5.50 54.04
N ALA D 507 23.83 -4.22 54.29
CA ALA D 507 23.84 -3.25 53.20
C ALA D 507 25.21 -3.16 52.56
N VAL D 508 26.28 -3.10 53.37
CA VAL D 508 27.63 -3.01 52.81
C VAL D 508 27.96 -4.29 52.05
N GLU D 509 27.60 -5.45 52.60
CA GLU D 509 27.87 -6.71 51.92
C GLU D 509 27.11 -6.80 50.61
N THR D 510 25.85 -6.34 50.58
CA THR D 510 25.11 -6.34 49.32
C THR D 510 25.74 -5.40 48.31
N ALA D 511 26.22 -4.24 48.77
CA ALA D 511 26.88 -3.31 47.86
C ALA D 511 28.12 -3.94 47.25
N VAL D 512 28.95 -4.58 48.08
CA VAL D 512 30.17 -5.18 47.54
C VAL D 512 29.83 -6.37 46.66
N LEU D 513 28.76 -7.11 46.98
CA LEU D 513 28.36 -8.23 46.14
C LEU D 513 27.90 -7.77 44.77
N LEU D 514 27.10 -6.71 44.71
CA LEU D 514 26.59 -6.24 43.44
C LEU D 514 27.64 -5.45 42.66
N LEU D 515 28.68 -4.94 43.32
CA LEU D 515 29.76 -4.30 42.60
C LEU D 515 30.89 -5.25 42.24
N ARG D 516 30.90 -6.46 42.83
CA ARG D 516 31.89 -7.46 42.46
C ARG D 516 31.55 -8.14 41.14
N ILE D 517 30.26 -8.23 40.80
CA ILE D 517 29.83 -8.92 39.60
C ILE D 517 30.38 -8.22 38.37
N ASP D 518 31.05 -8.98 37.50
CA ASP D 518 31.63 -8.42 36.30
C ASP D 518 30.87 -8.76 35.03
N ASP D 519 30.04 -9.81 35.04
CA ASP D 519 29.21 -10.11 33.90
C ASP D 519 28.04 -10.97 34.35
N ILE D 520 26.97 -10.95 33.55
CA ILE D 520 25.74 -11.67 33.86
C ILE D 520 25.36 -12.68 32.78
N VAL D 521 26.07 -12.69 31.66
CA VAL D 521 25.66 -13.46 30.49
C VAL D 521 25.99 -14.92 30.72
N SER D 522 24.95 -15.76 30.77
CA SER D 522 25.08 -17.21 30.70
C SER D 522 23.96 -17.80 29.84
N GLY D 523 23.43 -17.00 28.91
CA GLY D 523 22.25 -17.36 28.16
C GLY D 523 21.48 -16.13 27.76
N HIS D 524 20.20 -16.08 28.11
CA HIS D 524 19.37 -14.91 27.84
C HIS D 524 19.75 -13.76 28.77
N GLY E 1 -33.18 -5.80 0.35
CA GLY E 1 -34.03 -4.73 0.84
C GLY E 1 -33.36 -3.38 0.82
N THR E 2 -33.62 -2.59 -0.23
CA THR E 2 -33.06 -1.26 -0.39
C THR E 2 -34.20 -0.25 -0.28
N ASP E 3 -34.07 0.69 0.66
CA ASP E 3 -35.13 1.65 1.00
C ASP E 3 -36.44 0.93 1.31
N SER E 4 -36.34 -0.15 2.09
CA SER E 4 -37.52 -0.86 2.56
C SER E 4 -38.00 -0.29 3.89
N SER E 5 -38.24 1.01 3.90
CA SER E 5 -38.68 1.71 5.10
C SER E 5 -40.20 1.73 5.18
N GLN E 6 -40.70 2.01 6.38
CA GLN E 6 -42.14 2.10 6.60
C GLN E 6 -42.73 3.22 5.74
N GLY E 7 -43.85 2.93 5.09
CA GLY E 7 -44.50 3.92 4.27
C GLY E 7 -44.54 3.56 2.79
N ILE E 8 -44.32 4.54 1.93
CA ILE E 8 -44.42 4.35 0.48
C ILE E 8 -43.23 3.60 -0.14
N PRO E 9 -41.98 3.79 0.31
CA PRO E 9 -40.88 3.10 -0.40
C PRO E 9 -41.00 1.60 -0.39
N GLN E 10 -41.50 1.03 0.71
CA GLN E 10 -41.69 -0.42 0.76
C GLN E 10 -42.81 -0.86 -0.18
N LEU E 11 -43.84 -0.01 -0.33
CA LEU E 11 -44.88 -0.30 -1.33
C LEU E 11 -44.31 -0.26 -2.75
N VAL E 12 -43.41 0.69 -3.02
CA VAL E 12 -42.76 0.74 -4.32
C VAL E 12 -41.95 -0.52 -4.56
N SER E 13 -41.24 -0.98 -3.52
CA SER E 13 -40.50 -2.23 -3.63
C SER E 13 -41.42 -3.41 -3.92
N ASN E 14 -42.56 -3.47 -3.24
CA ASN E 14 -43.51 -4.56 -3.50
C ASN E 14 -44.04 -4.50 -4.93
N ILE E 15 -44.34 -3.30 -5.42
CA ILE E 15 -44.83 -3.16 -6.80
C ILE E 15 -43.77 -3.61 -7.78
N SER E 16 -42.52 -3.24 -7.53
CA SER E 16 -41.44 -3.67 -8.41
C SER E 16 -41.28 -5.19 -8.39
N ALA E 17 -41.40 -5.80 -7.22
CA ALA E 17 -41.34 -7.26 -7.13
C ALA E 17 -42.49 -7.89 -7.91
N CYS E 18 -43.68 -7.29 -7.85
CA CYS E 18 -44.81 -7.78 -8.62
C CYS E 18 -44.53 -7.68 -10.12
N GLN E 19 -43.93 -6.56 -10.55
CA GLN E 19 -43.60 -6.43 -11.96
C GLN E 19 -42.61 -7.49 -12.40
N VAL E 20 -41.58 -7.74 -11.58
CA VAL E 20 -40.59 -8.76 -11.92
C VAL E 20 -41.22 -10.14 -11.99
N ILE E 21 -42.07 -10.48 -11.02
CA ILE E 21 -42.70 -11.79 -11.05
C ILE E 21 -43.66 -11.92 -12.22
N ALA E 22 -44.23 -10.79 -12.67
CA ALA E 22 -45.07 -10.84 -13.85
C ALA E 22 -44.26 -11.06 -15.12
N GLU E 23 -43.05 -10.47 -15.19
CA GLU E 23 -42.25 -10.55 -16.41
C GLU E 23 -41.98 -11.99 -16.81
N ALA E 24 -41.78 -12.88 -15.83
CA ALA E 24 -41.45 -14.27 -16.15
C ALA E 24 -42.59 -14.95 -16.90
N VAL E 25 -43.83 -14.68 -16.49
CA VAL E 25 -45.00 -15.33 -17.08
C VAL E 25 -45.73 -14.40 -18.04
N ARG E 26 -45.19 -13.20 -18.26
CA ARG E 26 -45.87 -12.20 -19.07
C ARG E 26 -46.01 -12.61 -20.53
N THR E 27 -45.24 -13.60 -20.99
CA THR E 27 -45.18 -13.90 -22.42
C THR E 27 -45.78 -15.26 -22.78
N THR E 28 -46.44 -15.95 -21.85
CA THR E 28 -46.98 -17.27 -22.12
C THR E 28 -48.50 -17.32 -22.15
N LEU E 29 -49.17 -16.17 -22.06
CA LEU E 29 -50.62 -16.15 -22.15
C LEU E 29 -51.10 -16.56 -23.54
N GLY E 30 -52.18 -17.33 -23.58
CA GLY E 30 -52.79 -17.73 -24.82
C GLY E 30 -52.38 -19.12 -25.27
N PRO E 31 -53.00 -19.62 -26.34
CA PRO E 31 -52.63 -20.95 -26.85
C PRO E 31 -51.42 -20.93 -27.75
N ARG E 32 -51.03 -19.78 -28.30
CA ARG E 32 -49.90 -19.66 -29.20
C ARG E 32 -48.80 -18.82 -28.56
N GLY E 33 -48.57 -19.01 -27.26
CA GLY E 33 -47.54 -18.29 -26.55
C GLY E 33 -46.26 -19.10 -26.42
N MET E 34 -45.15 -18.39 -26.30
CA MET E 34 -43.84 -19.03 -26.20
C MET E 34 -43.71 -19.74 -24.86
N ASP E 35 -42.77 -20.68 -24.81
CA ASP E 35 -42.55 -21.50 -23.63
C ASP E 35 -41.27 -21.07 -22.93
N LYS E 36 -41.14 -21.47 -21.67
CA LYS E 36 -40.06 -21.06 -20.80
C LYS E 36 -39.23 -22.26 -20.37
N LEU E 37 -37.90 -22.13 -20.48
CA LEU E 37 -36.95 -23.12 -19.99
C LEU E 37 -35.91 -22.40 -19.13
N ILE E 38 -35.92 -22.67 -17.83
CA ILE E 38 -35.01 -22.03 -16.89
C ILE E 38 -34.33 -23.13 -16.06
N VAL E 39 -33.03 -22.96 -15.82
CA VAL E 39 -32.29 -23.92 -15.00
C VAL E 39 -32.93 -24.01 -13.62
N ASP E 40 -33.04 -25.23 -13.11
CA ASP E 40 -33.71 -25.52 -11.85
C ASP E 40 -32.88 -26.48 -11.01
N GLY E 41 -31.59 -26.20 -10.89
CA GLY E 41 -30.72 -27.02 -10.08
C GLY E 41 -29.94 -28.06 -10.86
N ARG E 42 -30.40 -29.30 -10.83
CA ARG E 42 -29.70 -30.42 -11.47
C ARG E 42 -29.95 -30.52 -12.97
N GLY E 43 -30.45 -29.48 -13.62
CA GLY E 43 -30.58 -29.48 -15.07
C GLY E 43 -31.83 -30.15 -15.62
N LYS E 44 -32.80 -30.46 -14.78
CA LYS E 44 -34.05 -31.06 -15.23
C LYS E 44 -35.02 -29.98 -15.72
N ALA E 45 -34.53 -29.18 -16.67
CA ALA E 45 -35.32 -28.10 -17.24
C ALA E 45 -36.61 -28.65 -17.84
N THR E 46 -37.72 -28.00 -17.52
CA THR E 46 -39.05 -28.49 -17.87
C THR E 46 -39.71 -27.58 -18.89
N ILE E 47 -40.29 -28.19 -19.92
CA ILE E 47 -41.03 -27.47 -20.95
C ILE E 47 -42.49 -27.44 -20.56
N SER E 48 -43.05 -26.25 -20.38
CA SER E 48 -44.43 -26.10 -19.94
C SER E 48 -44.95 -24.75 -20.40
N ASN E 49 -45.90 -24.76 -21.33
CA ASN E 49 -46.49 -23.53 -21.83
C ASN E 49 -47.53 -22.95 -20.90
N ASP E 50 -47.97 -23.70 -19.89
CA ASP E 50 -48.94 -23.19 -18.93
C ASP E 50 -48.24 -22.26 -17.95
N GLY E 51 -48.80 -21.08 -17.74
CA GLY E 51 -48.19 -20.12 -16.84
C GLY E 51 -48.19 -20.58 -15.39
N ALA E 52 -49.25 -21.26 -14.97
CA ALA E 52 -49.29 -21.77 -13.60
C ALA E 52 -48.20 -22.81 -13.37
N THR E 53 -47.98 -23.68 -14.34
CA THR E 53 -46.90 -24.66 -14.23
C THR E 53 -45.56 -23.96 -14.08
N ILE E 54 -45.39 -22.82 -14.75
CA ILE E 54 -44.21 -21.99 -14.54
C ILE E 54 -44.20 -21.48 -13.11
N LEU E 55 -45.37 -21.13 -12.57
CA LEU E 55 -45.45 -20.59 -11.22
C LEU E 55 -45.01 -21.61 -10.17
N LYS E 56 -45.38 -22.88 -10.32
CA LYS E 56 -44.96 -23.84 -9.30
C LYS E 56 -43.46 -24.05 -9.23
N LEU E 57 -42.69 -23.61 -10.24
CA LEU E 57 -41.25 -23.88 -10.27
C LEU E 57 -40.42 -22.62 -10.16
N LEU E 58 -41.01 -21.51 -9.72
CA LEU E 58 -40.27 -20.26 -9.61
C LEU E 58 -39.48 -20.22 -8.30
N ASP E 59 -38.74 -19.12 -8.12
CA ASP E 59 -37.86 -18.95 -6.98
C ASP E 59 -38.25 -17.72 -6.17
N VAL E 60 -39.54 -17.59 -5.88
CA VAL E 60 -40.05 -16.38 -5.26
C VAL E 60 -39.46 -16.21 -3.87
N VAL E 61 -38.86 -15.05 -3.61
CA VAL E 61 -38.34 -14.73 -2.29
C VAL E 61 -38.89 -13.42 -1.73
N HIS E 62 -39.30 -12.47 -2.57
CA HIS E 62 -39.87 -11.24 -2.06
C HIS E 62 -41.24 -11.50 -1.46
N PRO E 63 -41.60 -10.85 -0.35
CA PRO E 63 -42.93 -11.08 0.22
C PRO E 63 -44.06 -10.75 -0.73
N ALA E 64 -43.90 -9.71 -1.56
CA ALA E 64 -44.91 -9.42 -2.57
C ALA E 64 -45.04 -10.57 -3.56
N ALA E 65 -43.91 -11.16 -3.96
CA ALA E 65 -43.95 -12.29 -4.86
C ALA E 65 -44.72 -13.45 -4.25
N LYS E 66 -44.46 -13.76 -2.98
CA LYS E 66 -45.14 -14.86 -2.33
C LYS E 66 -46.64 -14.59 -2.18
N THR E 67 -47.00 -13.35 -1.82
CA THR E 67 -48.40 -13.01 -1.62
C THR E 67 -49.13 -12.76 -2.94
N LEU E 68 -48.42 -12.80 -4.06
CA LEU E 68 -49.10 -12.90 -5.36
C LEU E 68 -49.20 -14.35 -5.82
N VAL E 69 -48.16 -15.14 -5.56
CA VAL E 69 -48.18 -16.56 -5.94
C VAL E 69 -49.27 -17.30 -5.19
N ASP E 70 -49.50 -16.96 -3.92
CA ASP E 70 -50.55 -17.64 -3.18
C ASP E 70 -51.93 -17.37 -3.77
N ILE E 71 -52.18 -16.12 -4.17
CA ILE E 71 -53.44 -15.79 -4.84
C ILE E 71 -53.56 -16.55 -6.16
N ALA E 72 -52.46 -16.61 -6.92
CA ALA E 72 -52.47 -17.36 -8.17
C ALA E 72 -52.78 -18.83 -7.92
N LYS E 73 -52.18 -19.41 -6.89
CA LYS E 73 -52.42 -20.81 -6.56
C LYS E 73 -53.87 -21.05 -6.16
N SER E 74 -54.43 -20.13 -5.37
CA SER E 74 -55.84 -20.26 -5.00
C SER E 74 -56.74 -20.20 -6.22
N GLN E 75 -56.47 -19.27 -7.14
CA GLN E 75 -57.26 -19.19 -8.35
C GLN E 75 -57.13 -20.47 -9.19
N ASP E 76 -55.90 -21.00 -9.30
CA ASP E 76 -55.68 -22.23 -10.05
C ASP E 76 -56.46 -23.39 -9.43
N ALA E 77 -56.42 -23.49 -8.09
CA ALA E 77 -57.16 -24.56 -7.42
C ALA E 77 -58.66 -24.41 -7.63
N GLU E 78 -59.17 -23.18 -7.61
CA GLU E 78 -60.60 -22.97 -7.77
C GLU E 78 -61.05 -23.36 -9.18
N VAL E 79 -60.39 -22.83 -10.20
CA VAL E 79 -60.60 -23.25 -11.59
C VAL E 79 -59.24 -23.26 -12.30
N GLY E 80 -59.09 -24.19 -13.24
CA GLY E 80 -57.87 -24.25 -14.02
C GLY E 80 -57.82 -23.34 -15.23
N ASP E 81 -58.92 -22.67 -15.56
CA ASP E 81 -58.99 -21.81 -16.73
C ASP E 81 -58.67 -20.37 -16.32
N GLY E 82 -57.42 -19.99 -16.51
CA GLY E 82 -57.00 -18.61 -16.28
C GLY E 82 -56.28 -18.42 -14.97
N THR E 83 -54.96 -18.41 -15.03
CA THR E 83 -54.09 -18.03 -13.92
C THR E 83 -53.07 -16.99 -14.34
N THR E 84 -52.58 -17.05 -15.57
CA THR E 84 -51.77 -15.96 -16.10
C THR E 84 -52.58 -14.67 -16.17
N SER E 85 -53.88 -14.78 -16.46
CA SER E 85 -54.71 -13.60 -16.61
C SER E 85 -54.80 -12.81 -15.30
N VAL E 86 -55.03 -13.50 -14.18
CA VAL E 86 -55.23 -12.79 -12.92
C VAL E 86 -53.92 -12.17 -12.44
N THR E 87 -52.82 -12.91 -12.52
CA THR E 87 -51.53 -12.37 -12.08
C THR E 87 -51.12 -11.16 -12.92
N LEU E 88 -51.23 -11.30 -14.24
CA LEU E 88 -50.82 -10.19 -15.11
C LEU E 88 -51.74 -9.00 -14.96
N LEU E 89 -53.04 -9.26 -14.74
CA LEU E 89 -53.99 -8.17 -14.52
C LEU E 89 -53.67 -7.43 -13.23
N ALA E 90 -53.39 -8.17 -12.15
CA ALA E 90 -53.02 -7.52 -10.89
C ALA E 90 -51.73 -6.73 -11.04
N ALA E 91 -50.76 -7.28 -11.78
CA ALA E 91 -49.52 -6.56 -12.01
C ALA E 91 -49.77 -5.27 -12.76
N GLU E 92 -50.66 -5.31 -13.75
CA GLU E 92 -51.02 -4.10 -14.48
C GLU E 92 -51.68 -3.07 -13.56
N PHE E 93 -52.61 -3.52 -12.71
CA PHE E 93 -53.22 -2.61 -11.74
C PHE E 93 -52.13 -1.94 -10.91
N LEU E 94 -51.21 -2.74 -10.38
CA LEU E 94 -50.17 -2.23 -9.49
C LEU E 94 -49.28 -1.23 -10.21
N LYS E 95 -48.83 -1.57 -11.41
CA LYS E 95 -47.90 -0.70 -12.11
C LYS E 95 -48.58 0.53 -12.69
N GLN E 96 -49.89 0.50 -12.88
CA GLN E 96 -50.59 1.68 -13.36
C GLN E 96 -51.08 2.57 -12.23
N VAL E 97 -51.13 2.07 -10.99
CA VAL E 97 -51.34 2.96 -9.85
C VAL E 97 -50.02 3.37 -9.20
N LYS E 98 -48.91 2.73 -9.53
CA LYS E 98 -47.61 3.18 -9.06
C LYS E 98 -47.33 4.65 -9.39
N PRO E 99 -47.71 5.18 -10.57
CA PRO E 99 -47.50 6.62 -10.81
C PRO E 99 -48.41 7.53 -9.98
N TYR E 100 -49.17 6.95 -9.05
CA TYR E 100 -50.01 7.74 -8.16
C TYR E 100 -49.67 7.63 -6.68
N VAL E 101 -49.02 6.55 -6.26
CA VAL E 101 -48.70 6.38 -4.84
C VAL E 101 -47.71 7.46 -4.40
N GLU E 102 -46.74 7.79 -5.26
CA GLU E 102 -45.69 8.74 -4.89
C GLU E 102 -46.21 10.17 -4.73
N GLU E 103 -47.32 10.52 -5.37
CA GLU E 103 -47.82 11.90 -5.22
C GLU E 103 -48.39 12.16 -3.84
N GLY E 104 -48.60 11.13 -3.04
CA GLY E 104 -49.29 11.28 -1.77
C GLY E 104 -50.69 10.70 -1.73
N LEU E 105 -51.10 9.97 -2.77
CA LEU E 105 -52.38 9.27 -2.75
C LEU E 105 -52.33 8.22 -1.66
N HIS E 106 -53.11 8.42 -0.61
CA HIS E 106 -53.12 7.46 0.49
C HIS E 106 -53.66 6.14 0.00
N PRO E 107 -53.02 5.02 0.33
CA PRO E 107 -53.45 3.73 -0.24
C PRO E 107 -54.90 3.37 0.02
N GLN E 108 -55.48 3.83 1.13
CA GLN E 108 -56.89 3.53 1.40
C GLN E 108 -57.79 4.10 0.31
N ILE E 109 -57.43 5.25 -0.24
CA ILE E 109 -58.19 5.81 -1.35
C ILE E 109 -58.16 4.86 -2.54
N ILE E 110 -56.99 4.30 -2.83
CA ILE E 110 -56.87 3.35 -3.93
C ILE E 110 -57.68 2.09 -3.63
N ILE E 111 -57.71 1.65 -2.38
CA ILE E 111 -58.49 0.46 -2.03
C ILE E 111 -59.97 0.73 -2.29
N ARG E 112 -60.46 1.88 -1.85
CA ARG E 112 -61.87 2.22 -2.05
C ARG E 112 -62.20 2.30 -3.55
N ALA E 113 -61.32 2.95 -4.31
CA ALA E 113 -61.55 3.09 -5.74
C ALA E 113 -61.55 1.73 -6.43
N PHE E 114 -60.62 0.85 -6.05
CA PHE E 114 -60.57 -0.47 -6.64
C PHE E 114 -61.81 -1.27 -6.34
N ARG E 115 -62.29 -1.20 -5.09
CA ARG E 115 -63.50 -1.96 -4.75
C ARG E 115 -64.71 -1.44 -5.51
N THR E 116 -64.86 -0.11 -5.60
CA THR E 116 -66.03 0.41 -6.32
C THR E 116 -65.93 0.11 -7.81
N ALA E 117 -64.72 0.17 -8.39
CA ALA E 117 -64.55 -0.17 -9.79
C ALA E 117 -64.84 -1.65 -10.05
N THR E 118 -64.43 -2.51 -9.12
CA THR E 118 -64.73 -3.93 -9.25
C THR E 118 -66.22 -4.18 -9.19
N GLN E 119 -66.92 -3.48 -8.30
CA GLN E 119 -68.37 -3.61 -8.23
C GLN E 119 -69.02 -3.16 -9.54
N LEU E 120 -68.55 -2.03 -10.09
CA LEU E 120 -69.09 -1.56 -11.37
C LEU E 120 -68.85 -2.57 -12.48
N ALA E 121 -67.64 -3.16 -12.52
CA ALA E 121 -67.33 -4.14 -13.55
C ALA E 121 -68.19 -5.39 -13.42
N VAL E 122 -68.42 -5.83 -12.18
CA VAL E 122 -69.27 -7.00 -11.96
C VAL E 122 -70.69 -6.73 -12.42
N ASN E 123 -71.21 -5.54 -12.10
CA ASN E 123 -72.54 -5.18 -12.57
C ASN E 123 -72.59 -5.15 -14.10
N LYS E 124 -71.56 -4.57 -14.73
CA LYS E 124 -71.55 -4.45 -16.18
C LYS E 124 -71.51 -5.82 -16.84
N ILE E 125 -70.67 -6.72 -16.33
CA ILE E 125 -70.61 -8.05 -16.93
C ILE E 125 -71.91 -8.82 -16.69
N LYS E 126 -72.54 -8.63 -15.53
CA LYS E 126 -73.81 -9.31 -15.28
C LYS E 126 -74.90 -8.80 -16.23
N GLU E 127 -74.94 -7.50 -16.49
CA GLU E 127 -75.99 -6.95 -17.33
C GLU E 127 -75.77 -7.21 -18.82
N ILE E 128 -74.58 -7.68 -19.22
CA ILE E 128 -74.30 -7.97 -20.62
C ILE E 128 -74.16 -9.47 -20.86
N ALA E 129 -73.96 -10.27 -19.82
CA ALA E 129 -73.76 -11.70 -19.99
C ALA E 129 -74.93 -12.33 -20.73
N VAL E 130 -74.62 -13.20 -21.69
CA VAL E 130 -75.62 -13.81 -22.57
C VAL E 130 -75.65 -15.30 -22.28
N THR E 131 -76.86 -15.84 -22.11
CA THR E 131 -77.06 -17.26 -21.83
C THR E 131 -77.39 -17.98 -23.14
N VAL E 132 -76.55 -18.94 -23.51
CA VAL E 132 -76.77 -19.75 -24.70
C VAL E 132 -76.82 -21.24 -24.34
N LYS E 133 -77.02 -21.54 -23.06
CA LYS E 133 -77.08 -22.94 -22.61
C LYS E 133 -78.27 -23.66 -23.23
N LYS E 134 -79.43 -23.00 -23.32
CA LYS E 134 -80.63 -23.64 -23.86
C LYS E 134 -80.49 -23.92 -25.36
N ALA E 135 -79.52 -23.31 -26.03
CA ALA E 135 -79.38 -23.45 -27.47
C ALA E 135 -78.86 -24.83 -27.84
N ASP E 136 -79.70 -25.86 -27.71
CA ASP E 136 -79.41 -27.22 -28.15
C ASP E 136 -78.14 -27.76 -27.48
N LYS E 137 -78.25 -27.89 -26.15
CA LYS E 137 -77.15 -28.45 -25.36
C LYS E 137 -77.30 -29.97 -25.19
N VAL E 138 -78.42 -30.41 -24.63
CA VAL E 138 -78.64 -31.85 -24.44
C VAL E 138 -78.71 -32.56 -25.78
N GLU E 139 -79.44 -31.98 -26.73
CA GLU E 139 -79.56 -32.51 -28.08
C GLU E 139 -78.90 -31.57 -29.07
N GLN E 140 -78.53 -32.11 -30.23
CA GLN E 140 -77.84 -31.37 -31.29
C GLN E 140 -76.54 -30.76 -30.76
N ARG E 141 -75.64 -31.67 -30.40
CA ARG E 141 -74.32 -31.35 -29.82
C ARG E 141 -73.36 -30.72 -30.83
N LYS E 142 -73.80 -30.38 -32.04
CA LYS E 142 -72.90 -29.80 -33.02
C LYS E 142 -72.34 -28.46 -32.56
N LEU E 143 -73.10 -27.73 -31.74
CA LEU E 143 -72.59 -26.47 -31.19
C LEU E 143 -71.39 -26.72 -30.29
N LEU E 144 -71.45 -27.77 -29.46
CA LEU E 144 -70.30 -28.12 -28.62
C LEU E 144 -69.09 -28.48 -29.45
N GLU E 145 -69.30 -29.22 -30.55
CA GLU E 145 -68.20 -29.57 -31.44
C GLU E 145 -67.59 -28.32 -32.07
N LYS E 146 -68.43 -27.38 -32.49
CA LYS E 146 -67.94 -26.13 -33.06
C LYS E 146 -67.13 -25.34 -32.03
N CYS E 147 -67.62 -25.30 -30.78
CA CYS E 147 -66.89 -24.61 -29.73
C CYS E 147 -65.55 -25.27 -29.45
N ALA E 148 -65.52 -26.61 -29.46
CA ALA E 148 -64.26 -27.33 -29.25
C ALA E 148 -63.30 -27.11 -30.41
N MET E 149 -63.82 -26.91 -31.62
CA MET E 149 -62.97 -26.69 -32.79
C MET E 149 -62.07 -25.47 -32.63
N THR E 150 -62.46 -24.52 -31.77
CA THR E 150 -61.63 -23.34 -31.55
C THR E 150 -60.26 -23.70 -30.99
N ALA E 151 -60.16 -24.83 -30.28
CA ALA E 151 -58.89 -25.22 -29.68
C ALA E 151 -57.85 -25.63 -30.71
N LEU E 152 -58.26 -25.91 -31.95
CA LEU E 152 -57.33 -26.29 -33.01
C LEU E 152 -57.69 -25.58 -34.31
N SER E 153 -58.13 -24.32 -34.21
CA SER E 153 -58.56 -23.58 -35.39
C SER E 153 -57.36 -23.20 -36.25
N SER E 154 -57.45 -23.46 -37.54
CA SER E 154 -56.43 -23.09 -38.52
C SER E 154 -55.05 -23.62 -38.12
N LYS E 155 -55.02 -24.86 -37.67
CA LYS E 155 -53.78 -25.53 -37.29
C LYS E 155 -53.62 -26.79 -38.12
N LEU E 156 -52.44 -27.40 -38.02
CA LEU E 156 -52.13 -28.58 -38.81
C LEU E 156 -52.98 -29.80 -38.44
N ILE E 157 -53.68 -29.76 -37.31
CA ILE E 157 -54.51 -30.87 -36.87
C ILE E 157 -56.00 -30.54 -37.05
N SER E 158 -56.29 -29.48 -37.81
CA SER E 158 -57.67 -29.06 -38.01
C SER E 158 -58.47 -30.11 -38.78
N GLN E 159 -57.82 -30.83 -39.70
CA GLN E 159 -58.51 -31.85 -40.47
C GLN E 159 -59.04 -32.96 -39.57
N GLN E 160 -58.26 -33.36 -38.57
CA GLN E 160 -58.67 -34.39 -37.63
C GLN E 160 -59.44 -33.86 -36.43
N LYS E 161 -59.62 -32.53 -36.35
CA LYS E 161 -60.22 -31.93 -35.16
C LYS E 161 -61.70 -32.28 -35.02
N ALA E 162 -62.42 -32.40 -36.14
CA ALA E 162 -63.87 -32.61 -36.08
C ALA E 162 -64.20 -33.91 -35.36
N PHE E 163 -63.61 -35.02 -35.80
CA PHE E 163 -63.90 -36.31 -35.18
C PHE E 163 -63.50 -36.34 -33.73
N PHE E 164 -62.31 -35.80 -33.41
CA PHE E 164 -61.85 -35.78 -32.03
C PHE E 164 -62.80 -34.99 -31.14
N ALA E 165 -63.24 -33.83 -31.61
CA ALA E 165 -64.19 -33.02 -30.83
C ALA E 165 -65.49 -33.77 -30.62
N LYS E 166 -66.00 -34.39 -31.68
CA LYS E 166 -67.27 -35.13 -31.57
C LYS E 166 -67.16 -36.24 -30.53
N MET E 167 -66.10 -37.04 -30.61
CA MET E 167 -66.05 -38.19 -29.70
C MET E 167 -65.65 -37.79 -28.28
N VAL E 168 -64.87 -36.71 -28.09
CA VAL E 168 -64.61 -36.28 -26.73
C VAL E 168 -65.86 -35.70 -26.09
N VAL E 169 -66.67 -34.95 -26.84
CA VAL E 169 -67.90 -34.46 -26.24
C VAL E 169 -68.87 -35.60 -26.00
N ASP E 170 -68.83 -36.64 -26.85
CA ASP E 170 -69.63 -37.83 -26.59
C ASP E 170 -69.22 -38.50 -25.29
N ALA E 171 -67.90 -38.60 -25.05
CA ALA E 171 -67.44 -39.17 -23.78
C ALA E 171 -67.82 -38.29 -22.60
N VAL E 172 -67.74 -36.97 -22.77
CA VAL E 172 -67.98 -36.05 -21.66
C VAL E 172 -69.46 -36.05 -21.26
N MET E 173 -70.37 -36.11 -22.24
CA MET E 173 -71.79 -35.97 -21.90
C MET E 173 -72.28 -37.10 -21.01
N MET E 174 -71.64 -38.27 -21.06
CA MET E 174 -71.88 -39.30 -20.04
C MET E 174 -70.87 -39.25 -18.90
N LEU E 175 -69.87 -38.37 -18.96
CA LEU E 175 -68.89 -38.22 -17.89
C LEU E 175 -68.91 -36.81 -17.31
N ASP E 176 -70.03 -36.11 -17.44
CA ASP E 176 -70.18 -34.77 -16.88
C ASP E 176 -70.42 -34.88 -15.38
N ASP E 177 -69.35 -35.26 -14.67
CA ASP E 177 -69.37 -35.52 -13.24
C ASP E 177 -68.19 -34.85 -12.56
N LEU E 178 -67.98 -33.56 -12.87
CA LEU E 178 -66.89 -32.77 -12.30
C LEU E 178 -65.53 -33.40 -12.61
N LEU E 179 -65.21 -33.46 -13.90
CA LEU E 179 -63.94 -34.00 -14.34
C LEU E 179 -62.79 -33.06 -13.95
N GLN E 180 -61.58 -33.55 -14.13
CA GLN E 180 -60.38 -32.77 -13.83
C GLN E 180 -59.22 -33.37 -14.63
N LEU E 181 -58.01 -32.87 -14.39
CA LEU E 181 -56.84 -33.35 -15.12
C LEU E 181 -56.57 -34.83 -14.83
N LYS E 182 -56.68 -35.23 -13.56
CA LYS E 182 -56.35 -36.60 -13.20
C LYS E 182 -57.44 -37.58 -13.64
N MET E 183 -58.69 -37.14 -13.65
CA MET E 183 -59.79 -38.05 -13.98
C MET E 183 -59.67 -38.57 -15.41
N ILE E 184 -59.29 -37.70 -16.34
CA ILE E 184 -59.12 -38.07 -17.75
C ILE E 184 -57.62 -38.13 -18.00
N GLY E 185 -57.07 -39.34 -18.04
CA GLY E 185 -55.65 -39.53 -18.25
C GLY E 185 -55.33 -40.18 -19.58
N ILE E 186 -54.62 -39.46 -20.44
CA ILE E 186 -54.29 -39.95 -21.77
C ILE E 186 -52.93 -40.62 -21.75
N LYS E 187 -52.66 -41.44 -22.77
CA LYS E 187 -51.42 -42.17 -22.90
C LYS E 187 -50.88 -42.02 -24.31
N LYS E 188 -49.56 -41.90 -24.43
CA LYS E 188 -48.91 -41.66 -25.72
C LYS E 188 -48.39 -42.98 -26.29
N VAL E 189 -48.69 -43.23 -27.56
CA VAL E 189 -48.27 -44.44 -28.26
C VAL E 189 -47.71 -44.05 -29.61
N GLN E 190 -46.62 -44.71 -30.01
CA GLN E 190 -45.99 -44.43 -31.29
C GLN E 190 -46.58 -45.32 -32.40
N GLY E 191 -46.28 -44.95 -33.64
CA GLY E 191 -46.68 -45.72 -34.79
C GLY E 191 -48.07 -45.34 -35.31
N GLY E 192 -48.33 -45.75 -36.55
CA GLY E 192 -49.61 -45.51 -37.17
C GLY E 192 -49.83 -44.05 -37.54
N ALA E 193 -51.08 -43.75 -37.86
CA ALA E 193 -51.51 -42.41 -38.22
C ALA E 193 -52.20 -41.74 -37.05
N LEU E 194 -52.43 -40.43 -37.18
CA LEU E 194 -53.10 -39.65 -36.15
C LEU E 194 -54.61 -39.64 -36.27
N GLU E 195 -55.16 -40.18 -37.36
CA GLU E 195 -56.60 -40.09 -37.60
C GLU E 195 -57.38 -41.07 -36.75
N ASP E 196 -56.83 -42.26 -36.51
CA ASP E 196 -57.54 -43.33 -35.81
C ASP E 196 -57.38 -43.27 -34.30
N SER E 197 -57.07 -42.10 -33.75
CA SER E 197 -56.96 -41.96 -32.30
C SER E 197 -58.32 -42.12 -31.64
N GLN E 198 -58.35 -42.82 -30.50
CA GLN E 198 -59.58 -43.13 -29.80
C GLN E 198 -59.41 -42.85 -28.31
N LEU E 199 -60.54 -42.90 -27.59
CA LEU E 199 -60.57 -42.62 -26.15
C LEU E 199 -61.36 -43.74 -25.48
N VAL E 200 -60.66 -44.77 -25.00
CA VAL E 200 -61.33 -45.86 -24.31
C VAL E 200 -61.90 -45.37 -22.99
N ALA E 201 -62.99 -46.01 -22.56
CA ALA E 201 -63.61 -45.70 -21.27
C ALA E 201 -62.96 -46.50 -20.15
N GLY E 202 -61.66 -46.28 -19.98
CA GLY E 202 -60.88 -47.00 -19.00
C GLY E 202 -59.46 -46.50 -18.89
N VAL E 203 -58.50 -47.41 -18.79
CA VAL E 203 -57.09 -47.06 -18.67
C VAL E 203 -56.31 -47.82 -19.76
N ALA E 204 -55.03 -47.50 -19.86
CA ALA E 204 -54.15 -48.13 -20.84
C ALA E 204 -52.72 -48.02 -20.35
N PHE E 205 -52.05 -49.17 -20.18
CA PHE E 205 -50.67 -49.21 -19.73
C PHE E 205 -49.96 -50.38 -20.41
N LYS E 206 -48.64 -50.29 -20.45
CA LYS E 206 -47.80 -51.27 -21.14
C LYS E 206 -47.16 -52.21 -20.12
N LYS E 207 -47.13 -53.50 -20.46
CA LYS E 207 -46.48 -54.50 -19.63
C LYS E 207 -44.97 -54.40 -19.84
N THR E 208 -44.34 -53.55 -19.03
CA THR E 208 -42.90 -53.32 -19.11
C THR E 208 -42.16 -54.51 -18.50
N PHE E 209 -40.84 -54.38 -18.36
CA PHE E 209 -40.05 -55.44 -17.74
C PHE E 209 -40.43 -55.66 -16.29
N SER E 210 -40.78 -54.59 -15.57
CA SER E 210 -41.17 -54.68 -14.16
C SER E 210 -42.68 -54.65 -13.97
N TYR E 211 -43.45 -54.76 -15.05
CA TYR E 211 -44.92 -54.75 -14.96
C TYR E 211 -45.50 -56.16 -15.00
N ALA E 212 -45.21 -56.90 -16.08
CA ALA E 212 -45.77 -58.24 -16.25
C ALA E 212 -44.74 -59.15 -16.91
N GLY E 213 -44.67 -60.39 -16.44
CA GLY E 213 -43.81 -61.38 -17.05
C GLY E 213 -44.59 -62.45 -17.78
N PHE E 214 -45.77 -62.80 -17.26
CA PHE E 214 -46.60 -63.80 -17.89
C PHE E 214 -47.31 -63.23 -19.11
N GLU E 215 -47.43 -64.04 -20.16
CA GLU E 215 -48.09 -63.65 -21.40
C GLU E 215 -49.28 -64.57 -21.66
N MET E 216 -49.82 -64.47 -22.88
CA MET E 216 -51.07 -65.13 -23.30
C MET E 216 -52.08 -65.24 -22.16
N GLN E 217 -52.42 -64.08 -21.59
CA GLN E 217 -53.38 -64.04 -20.50
C GLN E 217 -54.78 -64.41 -20.99
N PRO E 218 -55.66 -64.84 -20.09
CA PRO E 218 -57.07 -65.07 -20.48
C PRO E 218 -57.81 -63.77 -20.67
N LYS E 219 -57.68 -63.18 -21.86
CA LYS E 219 -58.26 -61.87 -22.13
C LYS E 219 -59.77 -61.87 -21.98
N LYS E 220 -60.44 -62.90 -22.50
CA LYS E 220 -61.89 -62.95 -22.52
C LYS E 220 -62.41 -63.46 -21.17
N TYR E 221 -62.09 -62.69 -20.13
CA TYR E 221 -62.58 -62.95 -18.79
C TYR E 221 -63.48 -61.80 -18.35
N HIS E 222 -64.69 -62.13 -17.91
CA HIS E 222 -65.69 -61.12 -17.56
C HIS E 222 -65.77 -60.86 -16.06
N ASN E 223 -64.81 -61.34 -15.28
CA ASN E 223 -64.72 -61.04 -13.85
C ASN E 223 -63.30 -60.63 -13.48
N PRO E 224 -62.82 -59.49 -13.97
CA PRO E 224 -61.50 -59.00 -13.57
C PRO E 224 -61.53 -58.44 -12.16
N LYS E 225 -60.35 -58.33 -11.56
CA LYS E 225 -60.21 -57.70 -10.25
C LYS E 225 -58.73 -57.52 -9.94
N ILE E 226 -58.44 -56.44 -9.21
CA ILE E 226 -57.09 -56.10 -8.80
C ILE E 226 -56.82 -56.67 -7.42
N ALA E 227 -55.70 -57.37 -7.27
CA ALA E 227 -55.29 -57.94 -5.99
C ALA E 227 -53.96 -57.30 -5.59
N LEU E 228 -54.03 -56.40 -4.61
CA LEU E 228 -52.83 -55.70 -4.15
C LEU E 228 -52.09 -56.56 -3.14
N LEU E 229 -50.90 -57.02 -3.51
CA LEU E 229 -50.04 -57.80 -2.64
C LEU E 229 -48.79 -57.00 -2.32
N ASN E 230 -48.46 -56.88 -1.03
CA ASN E 230 -47.30 -56.12 -0.57
C ASN E 230 -46.07 -57.00 -0.36
N VAL E 231 -45.96 -58.09 -1.15
CA VAL E 231 -44.86 -59.03 -1.03
C VAL E 231 -44.30 -59.32 -2.40
N GLU E 232 -43.06 -59.81 -2.44
CA GLU E 232 -42.44 -60.20 -3.69
C GLU E 232 -43.09 -61.46 -4.24
N LEU E 233 -43.07 -61.58 -5.58
CA LEU E 233 -43.58 -62.75 -6.25
C LEU E 233 -42.56 -63.44 -7.14
N GLU E 234 -41.55 -62.71 -7.62
CA GLU E 234 -40.55 -63.30 -8.50
C GLU E 234 -39.62 -64.22 -7.72
N LEU E 235 -39.01 -65.16 -8.45
CA LEU E 235 -38.01 -66.08 -7.90
C LEU E 235 -36.95 -65.37 -7.07
N GLU E 250 -22.54 -72.22 9.54
CA GLU E 250 -23.12 -73.20 8.64
C GLU E 250 -24.63 -73.12 8.64
N ASP E 251 -25.16 -71.90 8.50
CA ASP E 251 -26.60 -71.66 8.50
C ASP E 251 -27.13 -71.31 7.12
N TYR E 252 -26.39 -71.62 6.06
CA TYR E 252 -26.86 -71.31 4.71
C TYR E 252 -28.08 -72.17 4.36
N GLN E 253 -28.08 -73.43 4.80
CA GLN E 253 -29.23 -74.30 4.54
C GLN E 253 -30.50 -73.74 5.16
N ALA E 254 -30.38 -73.01 6.28
CA ALA E 254 -31.56 -72.42 6.91
C ALA E 254 -32.21 -71.39 5.99
N ILE E 255 -31.43 -70.46 5.46
CA ILE E 255 -32.00 -69.46 4.56
C ILE E 255 -32.42 -70.08 3.24
N VAL E 256 -31.75 -71.15 2.82
CA VAL E 256 -32.19 -71.87 1.62
C VAL E 256 -33.59 -72.45 1.84
N ASP E 257 -33.80 -73.09 2.99
CA ASP E 257 -35.11 -73.64 3.29
C ASP E 257 -36.16 -72.54 3.40
N ALA E 258 -35.78 -71.40 3.99
CA ALA E 258 -36.70 -70.27 4.08
C ALA E 258 -37.08 -69.77 2.70
N GLU E 259 -36.10 -69.69 1.78
CA GLU E 259 -36.38 -69.26 0.42
C GLU E 259 -37.31 -70.23 -0.29
N TRP E 260 -37.06 -71.53 -0.14
CA TRP E 260 -37.94 -72.53 -0.76
C TRP E 260 -39.36 -72.44 -0.20
N ASN E 261 -39.48 -72.29 1.12
CA ASN E 261 -40.79 -72.19 1.74
C ASN E 261 -41.54 -70.95 1.27
N ILE E 262 -40.84 -69.81 1.18
CA ILE E 262 -41.48 -68.58 0.70
C ILE E 262 -41.90 -68.72 -0.75
N LEU E 263 -41.04 -69.31 -1.59
CA LEU E 263 -41.37 -69.50 -2.99
C LEU E 263 -42.60 -70.39 -3.15
N TYR E 264 -42.67 -71.47 -2.37
CA TYR E 264 -43.84 -72.34 -2.42
C TYR E 264 -45.09 -71.63 -1.91
N ASP E 265 -44.94 -70.81 -0.87
CA ASP E 265 -46.10 -70.14 -0.28
C ASP E 265 -46.65 -69.04 -1.19
N LYS E 266 -45.80 -68.40 -1.98
CA LYS E 266 -46.29 -67.32 -2.83
C LYS E 266 -47.13 -67.82 -4.00
N LEU E 267 -47.17 -69.13 -4.25
CA LEU E 267 -47.96 -69.68 -5.33
C LEU E 267 -49.40 -70.03 -4.92
N GLU E 268 -49.73 -69.88 -3.64
CA GLU E 268 -51.06 -70.24 -3.15
C GLU E 268 -52.08 -69.12 -3.29
N LYS E 269 -51.67 -67.95 -3.80
CA LYS E 269 -52.57 -66.82 -4.01
C LYS E 269 -52.85 -66.59 -5.50
N ILE E 270 -52.93 -67.68 -6.27
CA ILE E 270 -53.21 -67.62 -7.69
C ILE E 270 -54.64 -68.08 -7.99
N HIS E 271 -54.98 -69.32 -7.64
CA HIS E 271 -56.33 -69.84 -7.79
C HIS E 271 -56.94 -70.35 -6.51
N HIS E 272 -56.12 -70.72 -5.51
CA HIS E 272 -56.67 -71.07 -4.20
C HIS E 272 -57.36 -69.86 -3.58
N SER E 273 -56.74 -68.69 -3.68
CA SER E 273 -57.37 -67.44 -3.25
C SER E 273 -58.28 -66.86 -4.32
N GLY E 274 -58.19 -67.33 -5.56
CA GLY E 274 -59.04 -66.84 -6.64
C GLY E 274 -58.76 -65.41 -7.03
N ALA E 275 -57.59 -65.16 -7.62
CA ALA E 275 -57.22 -63.83 -8.11
C ALA E 275 -56.69 -63.94 -9.53
N LYS E 276 -57.26 -63.15 -10.44
CA LYS E 276 -56.83 -63.17 -11.83
C LYS E 276 -55.74 -62.16 -12.13
N VAL E 277 -55.75 -61.01 -11.46
CA VAL E 277 -54.72 -59.99 -11.61
C VAL E 277 -54.09 -59.74 -10.25
N VAL E 278 -52.77 -59.88 -10.16
CA VAL E 278 -52.03 -59.66 -8.93
C VAL E 278 -51.23 -58.37 -9.07
N LEU E 279 -51.25 -57.55 -8.03
CA LEU E 279 -50.54 -56.29 -8.01
C LEU E 279 -49.48 -56.33 -6.92
N SER E 280 -48.25 -55.97 -7.27
CA SER E 280 -47.16 -55.95 -6.31
C SER E 280 -46.19 -54.82 -6.69
N LYS E 281 -45.49 -54.32 -5.69
CA LYS E 281 -44.53 -53.25 -5.87
C LYS E 281 -43.11 -53.75 -6.09
N LEU E 282 -42.92 -55.06 -6.20
CA LEU E 282 -41.60 -55.62 -6.44
C LEU E 282 -41.52 -56.21 -7.85
N PRO E 283 -40.31 -56.26 -8.45
CA PRO E 283 -40.21 -56.59 -9.87
C PRO E 283 -40.76 -57.97 -10.20
N ILE E 284 -41.34 -58.09 -11.39
CA ILE E 284 -41.85 -59.35 -11.92
C ILE E 284 -40.90 -59.80 -13.03
N GLY E 285 -40.27 -60.94 -12.84
CA GLY E 285 -39.25 -61.41 -13.76
C GLY E 285 -39.78 -61.98 -15.06
N ASP E 286 -39.49 -61.29 -16.18
CA ASP E 286 -39.85 -61.83 -17.49
C ASP E 286 -39.01 -63.05 -17.83
N VAL E 287 -37.74 -63.07 -17.41
CA VAL E 287 -36.90 -64.25 -17.62
C VAL E 287 -37.45 -65.43 -16.84
N ALA E 288 -38.16 -65.17 -15.75
CA ALA E 288 -38.79 -66.21 -14.95
C ALA E 288 -40.22 -66.51 -15.40
N THR E 289 -40.51 -66.30 -16.69
CA THR E 289 -41.86 -66.55 -17.20
C THR E 289 -42.24 -68.02 -17.06
N GLN E 290 -41.28 -68.93 -17.25
CA GLN E 290 -41.56 -70.35 -17.11
C GLN E 290 -42.07 -70.68 -15.71
N TYR E 291 -41.67 -69.90 -14.70
CA TYR E 291 -42.23 -70.09 -13.37
C TYR E 291 -43.52 -69.29 -13.19
N PHE E 292 -43.69 -68.22 -13.97
CA PHE E 292 -44.94 -67.46 -13.97
C PHE E 292 -46.00 -68.08 -14.87
N ALA E 293 -45.63 -69.03 -15.74
CA ALA E 293 -46.60 -69.62 -16.65
C ALA E 293 -47.57 -70.53 -15.92
N ASP E 294 -47.15 -71.16 -14.82
CA ASP E 294 -48.04 -72.03 -14.07
C ASP E 294 -49.21 -71.26 -13.48
N ARG E 295 -49.04 -69.97 -13.20
CA ARG E 295 -50.10 -69.17 -12.63
C ARG E 295 -51.29 -69.06 -13.58
N ASP E 296 -51.01 -68.89 -14.87
CA ASP E 296 -52.05 -68.71 -15.90
C ASP E 296 -52.96 -67.54 -15.54
N MET E 297 -52.38 -66.46 -15.03
CA MET E 297 -53.14 -65.31 -14.58
C MET E 297 -52.32 -64.05 -14.80
N PHE E 298 -53.01 -62.96 -15.10
CA PHE E 298 -52.35 -61.70 -15.39
C PHE E 298 -51.69 -61.12 -14.14
N CYS E 299 -50.56 -60.45 -14.34
CA CYS E 299 -49.81 -59.83 -13.27
C CYS E 299 -49.50 -58.38 -13.63
N ALA E 300 -49.44 -57.53 -12.61
CA ALA E 300 -49.17 -56.11 -12.80
C ALA E 300 -48.25 -55.64 -11.69
N GLY E 301 -47.08 -55.10 -12.07
CA GLY E 301 -46.13 -54.61 -11.10
C GLY E 301 -45.67 -53.21 -11.43
N ARG E 302 -45.23 -52.50 -10.40
CA ARG E 302 -44.75 -51.12 -10.53
C ARG E 302 -45.80 -50.23 -11.19
N VAL E 303 -47.05 -50.43 -10.80
CA VAL E 303 -48.14 -49.66 -11.41
C VAL E 303 -48.09 -48.24 -10.90
N PRO E 304 -48.47 -47.25 -11.71
CA PRO E 304 -48.54 -45.87 -11.21
C PRO E 304 -49.71 -45.69 -10.24
N GLU E 305 -49.59 -44.69 -9.38
CA GLU E 305 -50.68 -44.35 -8.48
C GLU E 305 -51.91 -43.88 -9.24
N GLU E 306 -51.71 -43.27 -10.42
CA GLU E 306 -52.83 -42.93 -11.28
C GLU E 306 -53.59 -44.18 -11.68
N ASP E 307 -52.88 -45.23 -12.10
CA ASP E 307 -53.51 -46.49 -12.44
C ASP E 307 -54.24 -47.08 -11.23
N LEU E 308 -53.61 -47.03 -10.06
CA LEU E 308 -54.22 -47.58 -8.85
C LEU E 308 -55.54 -46.87 -8.54
N LYS E 309 -55.53 -45.54 -8.58
CA LYS E 309 -56.75 -44.80 -8.24
C LYS E 309 -57.84 -44.99 -9.30
N ARG E 310 -57.45 -45.00 -10.58
CA ARG E 310 -58.45 -45.20 -11.63
C ARG E 310 -59.07 -46.59 -11.54
N THR E 311 -58.26 -47.62 -11.26
CA THR E 311 -58.80 -48.96 -11.10
C THR E 311 -59.67 -49.06 -9.85
N MET E 312 -59.27 -48.39 -8.77
CA MET E 312 -60.06 -48.42 -7.54
C MET E 312 -61.42 -47.76 -7.75
N MET E 313 -61.45 -46.64 -8.46
CA MET E 313 -62.72 -45.96 -8.70
C MET E 313 -63.55 -46.68 -9.75
N ALA E 314 -62.90 -47.39 -10.67
CA ALA E 314 -63.64 -48.08 -11.73
C ALA E 314 -64.55 -49.17 -11.16
N CYS E 315 -63.96 -50.20 -10.56
CA CYS E 315 -64.77 -51.20 -9.85
C CYS E 315 -64.25 -51.56 -8.46
N GLY E 316 -62.98 -51.33 -8.15
CA GLY E 316 -62.49 -51.51 -6.80
C GLY E 316 -61.74 -52.80 -6.58
N GLY E 317 -60.40 -52.74 -6.57
CA GLY E 317 -59.60 -53.92 -6.38
C GLY E 317 -59.31 -54.23 -4.92
N SER E 318 -59.11 -55.51 -4.64
CA SER E 318 -58.82 -55.96 -3.29
C SER E 318 -57.36 -55.71 -2.92
N ILE E 319 -57.12 -55.55 -1.62
CA ILE E 319 -55.78 -55.36 -1.09
C ILE E 319 -55.49 -56.47 -0.10
N GLN E 320 -54.33 -57.11 -0.25
CA GLN E 320 -53.89 -58.16 0.65
C GLN E 320 -52.71 -57.66 1.46
N THR E 321 -52.73 -57.91 2.77
CA THR E 321 -51.69 -57.45 3.68
C THR E 321 -50.88 -58.58 4.30
N SER E 322 -51.54 -59.65 4.76
CA SER E 322 -50.83 -60.74 5.40
C SER E 322 -50.13 -61.62 4.36
N VAL E 323 -49.48 -62.67 4.85
CA VAL E 323 -48.76 -63.58 3.94
C VAL E 323 -49.73 -64.28 3.01
N ASN E 324 -50.86 -64.74 3.53
CA ASN E 324 -51.88 -65.43 2.76
C ASN E 324 -53.23 -64.76 2.95
N ALA E 325 -53.25 -63.43 2.83
CA ALA E 325 -54.48 -62.68 2.99
C ALA E 325 -55.47 -63.03 1.89
N LEU E 326 -56.74 -63.19 2.27
CA LEU E 326 -57.81 -63.55 1.35
C LEU E 326 -59.06 -62.78 1.72
N SER E 327 -59.76 -62.26 0.71
CA SER E 327 -61.00 -61.53 0.91
C SER E 327 -62.04 -62.02 -0.08
N ALA E 328 -63.26 -61.50 0.07
CA ALA E 328 -64.36 -61.86 -0.83
C ALA E 328 -64.37 -61.02 -2.11
N ASP E 329 -63.58 -59.96 -2.17
CA ASP E 329 -63.49 -59.11 -3.35
C ASP E 329 -62.24 -59.42 -4.18
N VAL E 330 -61.75 -60.67 -4.09
CA VAL E 330 -60.58 -61.05 -4.87
C VAL E 330 -60.91 -61.13 -6.35
N LEU E 331 -62.12 -61.57 -6.69
CA LEU E 331 -62.58 -61.65 -8.08
C LEU E 331 -64.00 -61.13 -8.18
N GLY E 332 -64.25 -59.95 -7.62
CA GLY E 332 -65.58 -59.39 -7.57
C GLY E 332 -66.13 -58.89 -8.90
N ARG E 333 -67.02 -57.90 -8.85
CA ARG E 333 -67.79 -57.49 -10.01
C ARG E 333 -67.05 -56.42 -10.79
N CYS E 334 -66.46 -56.81 -11.92
CA CYS E 334 -66.00 -55.90 -12.95
C CYS E 334 -66.41 -56.50 -14.29
N GLN E 335 -66.71 -55.62 -15.27
CA GLN E 335 -67.45 -56.06 -16.45
C GLN E 335 -66.65 -57.03 -17.31
N VAL E 336 -65.51 -56.61 -17.83
CA VAL E 336 -64.75 -57.43 -18.77
C VAL E 336 -63.29 -57.00 -18.75
N PHE E 337 -62.41 -57.93 -19.07
CA PHE E 337 -60.98 -57.66 -19.17
C PHE E 337 -60.58 -57.48 -20.63
N GLU E 338 -59.60 -56.61 -20.86
CA GLU E 338 -59.09 -56.35 -22.20
C GLU E 338 -57.57 -56.23 -22.15
N GLU E 339 -56.90 -56.89 -23.10
CA GLU E 339 -55.45 -56.77 -23.25
C GLU E 339 -55.14 -57.00 -24.73
N THR E 340 -55.01 -55.91 -25.47
CA THR E 340 -54.81 -55.95 -26.91
C THR E 340 -53.49 -55.28 -27.26
N GLN E 341 -52.72 -55.94 -28.13
CA GLN E 341 -51.46 -55.37 -28.60
C GLN E 341 -51.74 -54.18 -29.51
N ILE E 342 -51.03 -53.08 -29.29
CA ILE E 342 -51.19 -51.85 -30.06
C ILE E 342 -49.83 -51.45 -30.60
N GLY E 343 -49.75 -51.30 -31.92
CA GLY E 343 -48.49 -50.93 -32.55
C GLY E 343 -47.40 -51.98 -32.41
N GLY E 344 -47.78 -53.25 -32.42
CA GLY E 344 -46.83 -54.34 -32.29
C GLY E 344 -46.39 -54.67 -30.88
N GLU E 345 -46.87 -53.93 -29.89
CA GLU E 345 -46.51 -54.16 -28.49
C GLU E 345 -47.77 -54.36 -27.66
N ARG E 346 -47.73 -55.33 -26.75
CA ARG E 346 -48.89 -55.63 -25.92
C ARG E 346 -49.14 -54.51 -24.93
N TYR E 347 -50.39 -54.06 -24.85
CA TYR E 347 -50.82 -53.07 -23.86
C TYR E 347 -51.88 -53.68 -22.95
N ASN E 348 -51.91 -53.18 -21.72
CA ASN E 348 -52.84 -53.66 -20.70
C ASN E 348 -53.95 -52.63 -20.53
N PHE E 349 -55.19 -53.09 -20.56
CA PHE E 349 -56.37 -52.24 -20.44
C PHE E 349 -57.23 -52.75 -19.30
N PHE E 350 -57.17 -52.10 -18.14
CA PHE E 350 -58.02 -52.47 -17.01
C PHE E 350 -59.41 -51.84 -17.14
N THR E 351 -60.02 -52.04 -18.30
CA THR E 351 -61.35 -51.51 -18.58
C THR E 351 -62.40 -52.51 -18.11
N GLY E 352 -63.65 -52.30 -18.53
CA GLY E 352 -64.73 -53.20 -18.19
C GLY E 352 -65.07 -53.19 -16.71
N CYS E 353 -65.62 -52.07 -16.24
CA CYS E 353 -65.99 -51.92 -14.85
C CYS E 353 -67.34 -51.23 -14.77
N PRO E 354 -68.15 -51.55 -13.74
CA PRO E 354 -69.47 -50.90 -13.64
C PRO E 354 -69.41 -49.40 -13.49
N LYS E 355 -68.39 -48.87 -12.82
CA LYS E 355 -68.22 -47.43 -12.63
C LYS E 355 -66.91 -46.95 -13.23
N ALA E 356 -66.62 -47.40 -14.45
CA ALA E 356 -65.39 -46.99 -15.14
C ALA E 356 -65.50 -45.56 -15.63
N LYS E 357 -65.46 -44.61 -14.71
CA LYS E 357 -65.60 -43.18 -15.03
C LYS E 357 -64.25 -42.56 -15.37
N THR E 358 -63.53 -43.19 -16.30
CA THR E 358 -62.25 -42.70 -16.78
C THR E 358 -62.22 -42.77 -18.30
N CYS E 359 -61.38 -41.93 -18.90
CA CYS E 359 -61.23 -41.87 -20.34
C CYS E 359 -59.75 -41.74 -20.68
N THR E 360 -59.21 -42.73 -21.38
CA THR E 360 -57.81 -42.76 -21.76
C THR E 360 -57.72 -42.64 -23.28
N PHE E 361 -57.00 -41.63 -23.75
CA PHE E 361 -56.86 -41.38 -25.18
C PHE E 361 -55.69 -42.17 -25.74
N ILE E 362 -55.94 -42.92 -26.82
CA ILE E 362 -54.89 -43.66 -27.51
C ILE E 362 -54.24 -42.67 -28.48
N LEU E 363 -53.11 -42.09 -28.06
CA LEU E 363 -52.45 -41.03 -28.82
C LEU E 363 -51.73 -41.63 -30.02
N ARG E 364 -52.53 -42.15 -30.96
CA ARG E 364 -51.97 -42.71 -32.19
C ARG E 364 -51.27 -41.62 -32.98
N GLY E 365 -50.03 -41.88 -33.38
CA GLY E 365 -49.27 -40.90 -34.13
C GLY E 365 -47.82 -41.28 -34.34
N GLY E 366 -47.30 -41.04 -35.55
CA GLY E 366 -45.92 -41.36 -35.84
C GLY E 366 -44.94 -40.48 -35.08
N ALA E 367 -45.25 -39.20 -34.95
CA ALA E 367 -44.34 -38.25 -34.33
C ALA E 367 -44.36 -38.42 -32.82
N GLU E 368 -43.19 -38.70 -32.23
CA GLU E 368 -43.08 -38.86 -30.79
C GLU E 368 -43.10 -37.53 -30.06
N GLN E 369 -42.67 -36.45 -30.71
CA GLN E 369 -42.54 -35.15 -30.06
C GLN E 369 -43.83 -34.35 -30.04
N PHE E 370 -44.93 -34.89 -30.59
CA PHE E 370 -46.21 -34.22 -30.56
C PHE E 370 -46.92 -34.34 -29.21
N MET E 371 -46.21 -34.77 -28.17
CA MET E 371 -46.82 -34.94 -26.86
C MET E 371 -47.29 -33.59 -26.32
N GLU E 372 -46.45 -32.58 -26.40
CA GLU E 372 -46.85 -31.25 -25.94
C GLU E 372 -47.94 -30.65 -26.83
N GLU E 373 -47.88 -30.93 -28.13
CA GLU E 373 -48.89 -30.41 -29.05
C GLU E 373 -50.26 -30.99 -28.73
N THR E 374 -50.34 -32.30 -28.49
CA THR E 374 -51.62 -32.89 -28.14
C THR E 374 -52.05 -32.47 -26.74
N GLU E 375 -51.09 -32.24 -25.83
CA GLU E 375 -51.43 -31.70 -24.52
C GLU E 375 -52.10 -30.34 -24.65
N ARG E 376 -51.57 -29.47 -25.51
CA ARG E 376 -52.12 -28.13 -25.66
C ARG E 376 -53.33 -28.08 -26.59
N SER E 377 -53.61 -29.14 -27.34
CA SER E 377 -54.80 -29.19 -28.17
C SER E 377 -55.97 -29.89 -27.49
N LEU E 378 -55.80 -31.18 -27.16
CA LEU E 378 -56.93 -31.98 -26.69
C LEU E 378 -57.38 -31.55 -25.30
N HIS E 379 -56.42 -31.29 -24.40
CA HIS E 379 -56.80 -30.87 -23.05
C HIS E 379 -57.51 -29.53 -23.06
N ASP E 380 -57.04 -28.59 -23.89
CA ASP E 380 -57.74 -27.31 -24.00
C ASP E 380 -59.13 -27.50 -24.60
N ALA E 381 -59.27 -28.39 -25.59
CA ALA E 381 -60.58 -28.64 -26.17
C ALA E 381 -61.54 -29.22 -25.14
N ILE E 382 -61.08 -30.17 -24.32
CA ILE E 382 -61.97 -30.79 -23.35
C ILE E 382 -62.26 -29.85 -22.18
N MET E 383 -61.31 -28.98 -21.81
CA MET E 383 -61.65 -27.87 -20.91
C MET E 383 -62.73 -26.98 -21.50
N ILE E 384 -62.63 -26.66 -22.80
CA ILE E 384 -63.63 -25.82 -23.44
C ILE E 384 -65.00 -26.47 -23.37
N VAL E 385 -65.08 -27.76 -23.70
CA VAL E 385 -66.38 -28.42 -23.70
C VAL E 385 -66.92 -28.55 -22.27
N ARG E 386 -66.04 -28.80 -21.30
CA ARG E 386 -66.48 -28.94 -19.92
C ARG E 386 -67.01 -27.61 -19.37
N ARG E 387 -66.32 -26.50 -19.67
CA ARG E 387 -66.79 -25.21 -19.20
C ARG E 387 -68.07 -24.78 -19.94
N ALA E 388 -68.20 -25.16 -21.22
CA ALA E 388 -69.43 -24.87 -21.94
C ALA E 388 -70.61 -25.64 -21.35
N ILE E 389 -70.39 -26.91 -20.98
CA ILE E 389 -71.47 -27.72 -20.44
C ILE E 389 -71.83 -27.26 -19.03
N LYS E 390 -70.83 -27.09 -18.17
CA LYS E 390 -71.10 -26.77 -16.77
C LYS E 390 -71.69 -25.38 -16.61
N ASN E 391 -71.14 -24.39 -17.30
CA ASN E 391 -71.64 -23.03 -17.21
C ASN E 391 -72.76 -22.81 -18.23
N ASP E 392 -73.51 -21.74 -18.02
CA ASP E 392 -74.67 -21.42 -18.87
C ASP E 392 -74.53 -20.09 -19.60
N SER E 393 -74.02 -19.06 -18.93
CA SER E 393 -73.90 -17.73 -19.53
C SER E 393 -72.45 -17.46 -19.90
N VAL E 394 -72.22 -17.11 -21.17
CA VAL E 394 -70.89 -16.80 -21.66
C VAL E 394 -70.98 -15.53 -22.51
N VAL E 395 -69.82 -14.89 -22.69
CA VAL E 395 -69.70 -13.71 -23.53
C VAL E 395 -68.49 -13.87 -24.44
N ALA E 396 -68.49 -13.09 -25.51
CA ALA E 396 -67.40 -13.13 -26.48
C ALA E 396 -66.23 -12.32 -25.95
N GLY E 397 -65.14 -12.99 -25.63
CA GLY E 397 -63.96 -12.33 -25.10
C GLY E 397 -62.77 -12.42 -26.03
N GLY E 398 -61.69 -13.04 -25.56
CA GLY E 398 -60.46 -13.06 -26.33
C GLY E 398 -59.99 -11.66 -26.60
N GLY E 399 -59.98 -10.83 -25.57
CA GLY E 399 -59.66 -9.43 -25.71
C GLY E 399 -60.82 -8.54 -26.07
N ALA E 400 -62.06 -9.06 -26.07
CA ALA E 400 -63.24 -8.29 -26.39
C ALA E 400 -63.99 -7.82 -25.14
N ILE E 401 -64.30 -8.75 -24.24
CA ILE E 401 -65.04 -8.39 -23.03
C ILE E 401 -64.21 -7.44 -22.16
N GLU E 402 -62.90 -7.63 -22.12
CA GLU E 402 -62.04 -6.69 -21.40
C GLU E 402 -62.16 -5.29 -21.98
N MET E 403 -62.26 -5.19 -23.31
CA MET E 403 -62.48 -3.88 -23.93
C MET E 403 -63.80 -3.29 -23.48
N GLU E 404 -64.85 -4.11 -23.39
CA GLU E 404 -66.15 -3.61 -22.94
C GLU E 404 -66.05 -3.07 -21.51
N LEU E 405 -65.42 -3.84 -20.62
CA LEU E 405 -65.29 -3.39 -19.25
C LEU E 405 -64.47 -2.10 -19.16
N SER E 406 -63.36 -2.04 -19.89
CA SER E 406 -62.53 -0.84 -19.86
C SER E 406 -63.29 0.37 -20.38
N LYS E 407 -64.03 0.21 -21.47
CA LYS E 407 -64.80 1.31 -22.02
C LYS E 407 -65.84 1.79 -21.03
N TYR E 408 -66.58 0.86 -20.42
CA TYR E 408 -67.62 1.26 -19.48
C TYR E 408 -67.03 1.96 -18.26
N LEU E 409 -65.93 1.43 -17.72
CA LEU E 409 -65.32 2.05 -16.55
C LEU E 409 -64.76 3.43 -16.88
N ARG E 410 -64.13 3.59 -18.05
CA ARG E 410 -63.59 4.89 -18.43
C ARG E 410 -64.71 5.90 -18.66
N ASP E 411 -65.84 5.45 -19.22
CA ASP E 411 -66.98 6.35 -19.37
C ASP E 411 -67.55 6.74 -18.01
N TYR E 412 -67.63 5.79 -17.08
CA TYR E 412 -68.17 6.08 -15.75
C TYR E 412 -67.24 6.98 -14.95
N SER E 413 -65.94 6.94 -15.24
CA SER E 413 -64.98 7.73 -14.47
C SER E 413 -65.29 9.21 -14.56
N ARG E 414 -65.54 9.72 -15.76
CA ARG E 414 -65.81 11.15 -15.91
C ARG E 414 -67.08 11.58 -15.20
N THR E 415 -67.99 10.65 -14.90
CA THR E 415 -69.24 11.03 -14.25
C THR E 415 -69.01 11.48 -12.81
N ILE E 416 -68.25 10.70 -12.06
CA ILE E 416 -68.13 10.93 -10.62
C ILE E 416 -66.99 11.92 -10.32
N PRO E 417 -67.24 12.92 -9.48
CA PRO E 417 -66.15 13.75 -8.97
C PRO E 417 -65.56 13.16 -7.69
N GLY E 418 -64.28 13.46 -7.47
CA GLY E 418 -63.58 13.02 -6.28
C GLY E 418 -62.28 12.33 -6.61
N LYS E 419 -61.58 11.95 -5.53
CA LYS E 419 -60.26 11.36 -5.66
C LYS E 419 -60.28 10.12 -6.56
N GLN E 420 -61.31 9.29 -6.41
CA GLN E 420 -61.33 7.98 -7.06
C GLN E 420 -61.56 8.05 -8.56
N GLN E 421 -61.86 9.23 -9.11
CA GLN E 421 -62.05 9.33 -10.56
C GLN E 421 -60.79 8.93 -11.32
N LEU E 422 -59.65 9.53 -10.95
CA LEU E 422 -58.40 9.21 -11.62
C LEU E 422 -58.02 7.76 -11.40
N LEU E 423 -58.30 7.22 -10.22
CA LEU E 423 -57.96 5.83 -9.93
C LEU E 423 -58.79 4.87 -10.77
N ILE E 424 -60.09 5.14 -10.91
CA ILE E 424 -60.92 4.30 -11.77
C ILE E 424 -60.48 4.44 -13.22
N GLY E 425 -60.06 5.63 -13.63
CA GLY E 425 -59.52 5.79 -14.97
C GLY E 425 -58.29 4.93 -15.21
N ALA E 426 -57.36 4.92 -14.24
CA ALA E 426 -56.19 4.08 -14.35
C ALA E 426 -56.56 2.60 -14.33
N TYR E 427 -57.56 2.24 -13.54
CA TYR E 427 -58.05 0.86 -13.54
C TYR E 427 -58.53 0.45 -14.92
N ALA E 428 -59.39 1.27 -15.53
CA ALA E 428 -59.90 0.98 -16.85
C ALA E 428 -58.77 0.90 -17.88
N LYS E 429 -57.80 1.82 -17.77
CA LYS E 429 -56.64 1.76 -18.65
C LYS E 429 -55.85 0.46 -18.44
N ALA E 430 -55.91 -0.09 -17.24
CA ALA E 430 -55.23 -1.36 -16.98
C ALA E 430 -56.00 -2.57 -17.49
N LEU E 431 -57.33 -2.46 -17.64
CA LEU E 431 -58.08 -3.58 -18.20
C LEU E 431 -57.76 -3.89 -19.66
N GLU E 432 -57.07 -3.01 -20.37
CA GLU E 432 -56.84 -3.22 -21.79
C GLU E 432 -55.65 -4.14 -22.08
N ILE E 433 -54.98 -4.65 -21.05
CA ILE E 433 -53.73 -5.35 -21.28
C ILE E 433 -53.92 -6.74 -21.84
N ILE E 434 -55.09 -7.36 -21.61
CA ILE E 434 -55.30 -8.72 -22.09
C ILE E 434 -55.24 -8.81 -23.61
N PRO E 435 -55.95 -7.98 -24.39
CA PRO E 435 -55.74 -8.02 -25.84
C PRO E 435 -54.32 -7.68 -26.24
N ARG E 436 -53.68 -6.74 -25.53
CA ARG E 436 -52.27 -6.42 -25.82
C ARG E 436 -51.42 -7.67 -25.78
N GLN E 437 -51.48 -8.38 -24.66
CA GLN E 437 -50.62 -9.55 -24.48
C GLN E 437 -51.00 -10.65 -25.45
N LEU E 438 -52.31 -10.84 -25.68
CA LEU E 438 -52.75 -11.90 -26.58
C LEU E 438 -52.22 -11.67 -27.99
N CYS E 439 -52.39 -10.45 -28.50
CA CYS E 439 -51.95 -10.17 -29.87
C CYS E 439 -50.43 -10.12 -29.95
N ASP E 440 -49.74 -9.74 -28.88
CA ASP E 440 -48.28 -9.78 -28.91
C ASP E 440 -47.77 -11.21 -28.93
N ASN E 441 -48.35 -12.09 -28.11
CA ASN E 441 -47.99 -13.49 -28.14
C ASN E 441 -48.31 -14.11 -29.49
N ALA E 442 -49.36 -13.64 -30.15
CA ALA E 442 -49.62 -14.04 -31.52
C ALA E 442 -48.48 -13.59 -32.44
N GLY E 443 -47.93 -12.40 -32.17
CA GLY E 443 -46.82 -11.87 -32.93
C GLY E 443 -47.15 -10.65 -33.77
N PHE E 444 -48.42 -10.30 -33.91
CA PHE E 444 -48.81 -9.15 -34.72
C PHE E 444 -48.38 -7.85 -34.06
N ASP E 445 -48.51 -6.76 -34.80
CA ASP E 445 -48.28 -5.43 -34.25
C ASP E 445 -49.34 -5.14 -33.20
N ALA E 446 -48.93 -5.13 -31.93
CA ALA E 446 -49.89 -4.97 -30.85
C ALA E 446 -50.61 -3.63 -30.91
N THR E 447 -49.88 -2.56 -31.25
CA THR E 447 -50.43 -1.22 -31.16
C THR E 447 -51.59 -1.02 -32.14
N ASN E 448 -51.43 -1.49 -33.37
CA ASN E 448 -52.49 -1.33 -34.36
C ASN E 448 -53.73 -2.12 -33.96
N ILE E 449 -53.54 -3.32 -33.40
CA ILE E 449 -54.65 -4.12 -32.93
C ILE E 449 -55.45 -3.36 -31.89
N LEU E 450 -54.76 -2.65 -30.99
CA LEU E 450 -55.44 -1.92 -29.94
C LEU E 450 -56.33 -0.82 -30.51
N ASN E 451 -55.78 0.01 -31.38
CA ASN E 451 -56.56 1.11 -31.95
C ASN E 451 -57.74 0.57 -32.76
N LYS E 452 -57.49 -0.47 -33.55
CA LYS E 452 -58.56 -1.07 -34.34
C LYS E 452 -59.66 -1.60 -33.44
N LEU E 453 -59.29 -2.32 -32.37
CA LEU E 453 -60.28 -2.83 -31.44
C LEU E 453 -61.04 -1.70 -30.78
N ARG E 454 -60.35 -0.65 -30.36
CA ARG E 454 -61.01 0.43 -29.65
C ARG E 454 -62.03 1.15 -30.53
N ALA E 455 -61.66 1.46 -31.77
CA ALA E 455 -62.62 2.09 -32.66
C ALA E 455 -63.79 1.16 -32.95
N ARG E 456 -63.50 -0.06 -33.41
CA ARG E 456 -64.55 -0.99 -33.80
C ARG E 456 -65.38 -1.44 -32.60
N HIS E 457 -64.92 -1.16 -31.38
CA HIS E 457 -65.66 -1.54 -30.18
C HIS E 457 -66.48 -0.37 -29.66
N ALA E 458 -65.89 0.82 -29.62
CA ALA E 458 -66.62 1.99 -29.14
C ALA E 458 -67.78 2.34 -30.07
N GLN E 459 -67.53 2.32 -31.39
CA GLN E 459 -68.59 2.62 -32.34
C GLN E 459 -69.25 1.35 -32.89
N GLY E 460 -68.45 0.37 -33.31
CA GLY E 460 -69.00 -0.77 -34.03
C GLY E 460 -69.82 -1.74 -33.21
N GLY E 461 -69.18 -2.46 -32.28
CA GLY E 461 -69.85 -3.52 -31.55
C GLY E 461 -69.26 -3.74 -30.18
N THR E 462 -69.97 -4.54 -29.39
CA THR E 462 -69.56 -4.85 -28.03
C THR E 462 -68.85 -6.18 -27.89
N TRP E 463 -68.60 -6.88 -29.00
CA TRP E 463 -67.96 -8.19 -28.92
C TRP E 463 -66.98 -8.39 -30.07
N TYR E 464 -66.33 -7.33 -30.51
CA TYR E 464 -65.27 -7.46 -31.52
C TYR E 464 -63.97 -7.85 -30.82
N GLY E 465 -63.41 -9.00 -31.21
CA GLY E 465 -62.23 -9.51 -30.57
C GLY E 465 -61.15 -9.87 -31.59
N VAL E 466 -59.99 -10.27 -31.06
CA VAL E 466 -58.87 -10.60 -31.93
C VAL E 466 -59.05 -12.00 -32.50
N ASP E 467 -58.48 -12.22 -33.68
CA ASP E 467 -58.39 -13.54 -34.29
C ASP E 467 -56.93 -13.94 -34.30
N ILE E 468 -56.61 -15.06 -33.64
CA ILE E 468 -55.22 -15.51 -33.59
C ILE E 468 -54.78 -16.11 -34.91
N ASN E 469 -55.72 -16.51 -35.77
CA ASN E 469 -55.34 -17.18 -37.01
C ASN E 469 -54.81 -16.20 -38.05
N ASN E 470 -55.64 -15.25 -38.47
CA ASN E 470 -55.23 -14.26 -39.45
C ASN E 470 -54.68 -12.99 -38.83
N GLU E 471 -54.64 -12.92 -37.50
CA GLU E 471 -54.08 -11.78 -36.77
C GLU E 471 -54.76 -10.47 -37.18
N ASP E 472 -56.07 -10.42 -36.93
CA ASP E 472 -56.87 -9.24 -37.19
C ASP E 472 -58.13 -9.32 -36.35
N ILE E 473 -58.88 -8.21 -36.30
CA ILE E 473 -60.07 -8.18 -35.46
C ILE E 473 -61.18 -8.99 -36.10
N ALA E 474 -62.16 -9.36 -35.28
CA ALA E 474 -63.37 -10.02 -35.73
C ALA E 474 -64.41 -9.91 -34.62
N ASP E 475 -65.67 -9.88 -35.02
CA ASP E 475 -66.75 -9.88 -34.03
C ASP E 475 -66.77 -11.26 -33.39
N ASN E 476 -66.16 -11.37 -32.20
CA ASN E 476 -65.93 -12.67 -31.58
C ASN E 476 -67.21 -13.38 -31.20
N PHE E 477 -68.35 -12.69 -31.19
CA PHE E 477 -69.62 -13.39 -30.97
C PHE E 477 -69.89 -14.40 -32.08
N GLU E 478 -69.65 -14.00 -33.34
CA GLU E 478 -69.74 -14.95 -34.43
C GLU E 478 -68.59 -15.95 -34.41
N ALA E 479 -67.42 -15.51 -33.97
CA ALA E 479 -66.26 -16.41 -33.89
C ALA E 479 -66.41 -17.46 -32.81
N PHE E 480 -67.43 -17.34 -31.95
CA PHE E 480 -67.71 -18.32 -30.90
C PHE E 480 -66.54 -18.45 -29.92
N VAL E 481 -65.95 -17.31 -29.57
CA VAL E 481 -64.89 -17.26 -28.56
C VAL E 481 -65.59 -17.00 -27.23
N TRP E 482 -65.99 -18.08 -26.56
CA TRP E 482 -66.81 -17.97 -25.37
C TRP E 482 -65.96 -18.06 -24.10
N GLU E 483 -66.40 -17.35 -23.06
CA GLU E 483 -65.76 -17.35 -21.76
C GLU E 483 -66.87 -17.43 -20.71
N PRO E 484 -66.80 -18.38 -19.77
CA PRO E 484 -67.83 -18.47 -18.73
C PRO E 484 -67.89 -17.20 -17.90
N ALA E 485 -69.11 -16.67 -17.75
CA ALA E 485 -69.28 -15.41 -17.03
C ALA E 485 -68.87 -15.52 -15.56
N MET E 486 -69.26 -16.62 -14.90
CA MET E 486 -68.96 -16.77 -13.48
C MET E 486 -67.46 -16.90 -13.23
N VAL E 487 -66.78 -17.70 -14.07
CA VAL E 487 -65.34 -17.87 -13.90
C VAL E 487 -64.61 -16.56 -14.13
N ARG E 488 -65.04 -15.80 -15.14
CA ARG E 488 -64.43 -14.48 -15.38
C ARG E 488 -64.67 -13.55 -14.20
N ILE E 489 -65.88 -13.58 -13.63
CA ILE E 489 -66.18 -12.73 -12.48
C ILE E 489 -65.27 -13.10 -11.31
N ASN E 490 -65.11 -14.40 -11.06
CA ASN E 490 -64.23 -14.83 -9.98
C ASN E 490 -62.79 -14.42 -10.22
N ALA E 491 -62.33 -14.55 -11.46
CA ALA E 491 -60.95 -14.16 -11.79
C ALA E 491 -60.73 -12.68 -11.57
N LEU E 492 -61.65 -11.84 -12.04
CA LEU E 492 -61.52 -10.40 -11.85
C LEU E 492 -61.56 -10.04 -10.38
N THR E 493 -62.45 -10.69 -9.62
CA THR E 493 -62.53 -10.44 -8.18
C THR E 493 -61.22 -10.80 -7.50
N ALA E 494 -60.64 -11.95 -7.86
CA ALA E 494 -59.37 -12.35 -7.25
C ALA E 494 -58.26 -11.36 -7.59
N ALA E 495 -58.21 -10.91 -8.84
CA ALA E 495 -57.18 -9.94 -9.22
C ALA E 495 -57.33 -8.64 -8.46
N SER E 496 -58.56 -8.15 -8.34
CA SER E 496 -58.79 -6.91 -7.59
C SER E 496 -58.44 -7.09 -6.12
N GLU E 497 -58.78 -8.25 -5.54
CA GLU E 497 -58.45 -8.49 -4.14
C GLU E 497 -56.95 -8.52 -3.93
N ALA E 498 -56.21 -9.15 -4.84
CA ALA E 498 -54.75 -9.18 -4.71
C ALA E 498 -54.17 -7.79 -4.83
N ALA E 499 -54.67 -6.99 -5.78
CA ALA E 499 -54.19 -5.62 -5.91
C ALA E 499 -54.47 -4.81 -4.66
N CYS E 500 -55.67 -4.93 -4.10
CA CYS E 500 -56.00 -4.21 -2.88
C CYS E 500 -55.11 -4.63 -1.73
N LEU E 501 -54.89 -5.95 -1.59
CA LEU E 501 -54.06 -6.45 -0.50
C LEU E 501 -52.64 -5.91 -0.61
N ILE E 502 -52.07 -5.88 -1.81
CA ILE E 502 -50.74 -5.33 -1.97
C ILE E 502 -50.72 -3.85 -1.64
N VAL E 503 -51.69 -3.10 -2.16
CA VAL E 503 -51.68 -1.65 -1.98
C VAL E 503 -51.84 -1.27 -0.52
N SER E 504 -52.55 -2.09 0.25
CA SER E 504 -52.83 -1.75 1.64
C SER E 504 -51.68 -2.09 2.59
N VAL E 505 -50.45 -2.26 2.11
CA VAL E 505 -49.34 -2.75 2.92
C VAL E 505 -48.26 -1.68 2.99
N ASP E 506 -47.71 -1.47 4.19
CA ASP E 506 -46.69 -0.46 4.43
C ASP E 506 -45.29 -1.01 4.64
N GLU E 507 -45.15 -2.10 5.39
CA GLU E 507 -43.84 -2.51 5.84
C GLU E 507 -43.88 -3.97 6.24
N THR E 508 -42.74 -4.63 6.08
CA THR E 508 -42.55 -6.00 6.53
C THR E 508 -41.88 -6.01 7.89
N ILE E 509 -41.96 -7.15 8.57
CA ILE E 509 -41.31 -7.35 9.84
C ILE E 509 -40.31 -8.49 9.68
N LYS E 510 -39.05 -8.23 9.99
CA LYS E 510 -37.98 -9.15 9.63
C LYS E 510 -37.81 -10.28 10.64
N ASN E 511 -37.48 -9.94 11.88
CA ASN E 511 -37.16 -10.92 12.91
C ASN E 511 -36.14 -11.95 12.42
N PRO E 512 -34.92 -11.51 12.06
CA PRO E 512 -33.94 -12.45 11.50
C PRO E 512 -33.52 -13.55 12.47
N ARG E 513 -32.98 -13.17 13.61
CA ARG E 513 -32.47 -14.14 14.58
C ARG E 513 -33.13 -14.03 15.94
N SER E 514 -33.22 -12.82 16.49
CA SER E 514 -33.74 -12.65 17.85
C SER E 514 -34.83 -11.58 17.90
N VAL F 1 -30.88 11.63 28.02
CA VAL F 1 -32.15 10.91 28.17
C VAL F 1 -32.92 10.99 26.86
N TYR F 2 -32.54 11.94 26.00
CA TYR F 2 -33.20 12.10 24.72
C TYR F 2 -33.12 10.85 23.86
N ARG F 3 -32.11 9.99 24.09
CA ARG F 3 -32.03 8.74 23.35
C ARG F 3 -33.24 7.86 23.65
N ASN F 4 -33.60 7.72 24.92
CA ASN F 4 -34.77 6.92 25.28
C ASN F 4 -36.05 7.51 24.69
N ILE F 5 -36.18 8.83 24.76
CA ILE F 5 -37.38 9.48 24.22
C ILE F 5 -37.48 9.24 22.72
N GLN F 6 -36.37 9.39 22.00
CA GLN F 6 -36.39 9.17 20.56
C GLN F 6 -36.71 7.72 20.23
N ALA F 7 -36.14 6.78 20.99
CA ALA F 7 -36.42 5.37 20.73
C ALA F 7 -37.89 5.05 20.93
N CYS F 8 -38.48 5.54 22.02
CA CYS F 8 -39.91 5.32 22.24
C CYS F 8 -40.74 6.02 21.17
N LYS F 9 -40.29 7.19 20.72
CA LYS F 9 -41.01 7.90 19.67
C LYS F 9 -41.02 7.12 18.37
N GLU F 10 -39.88 6.53 17.99
CA GLU F 10 -39.86 5.70 16.79
C GLU F 10 -40.72 4.47 16.97
N LEU F 11 -40.71 3.86 18.17
CA LEU F 11 -41.55 2.70 18.40
C LEU F 11 -43.02 3.04 18.23
N ALA F 12 -43.45 4.19 18.77
CA ALA F 12 -44.84 4.61 18.60
C ALA F 12 -45.14 4.93 17.15
N GLN F 13 -44.20 5.55 16.44
CA GLN F 13 -44.45 5.93 15.06
C GLN F 13 -44.63 4.72 14.17
N THR F 14 -43.82 3.67 14.37
CA THR F 14 -43.90 2.50 13.51
C THR F 14 -45.20 1.74 13.66
N THR F 15 -45.98 2.01 14.69
CA THR F 15 -47.29 1.39 14.85
C THR F 15 -48.43 2.40 14.86
N ARG F 16 -48.13 3.68 14.67
CA ARG F 16 -49.19 4.69 14.65
C ARG F 16 -50.13 4.51 13.47
N THR F 17 -49.62 3.98 12.35
CA THR F 17 -50.45 3.88 11.15
C THR F 17 -51.62 2.93 11.35
N ALA F 18 -51.38 1.79 11.99
CA ALA F 18 -52.38 0.73 12.09
C ALA F 18 -53.59 1.10 12.96
N TYR F 19 -53.72 2.33 13.42
CA TYR F 19 -54.82 2.71 14.29
C TYR F 19 -56.09 2.99 13.52
N GLY F 20 -57.22 2.51 14.04
CA GLY F 20 -58.52 2.84 13.50
C GLY F 20 -59.08 1.79 12.55
N PRO F 21 -60.33 2.01 12.13
CA PRO F 21 -60.95 1.08 11.18
C PRO F 21 -60.24 1.02 9.84
N ASN F 22 -59.44 2.03 9.50
CA ASN F 22 -58.64 2.03 8.27
C ASN F 22 -57.21 1.59 8.53
N GLY F 23 -57.02 0.63 9.44
CA GLY F 23 -55.69 0.14 9.72
C GLY F 23 -55.01 -0.38 8.47
N MET F 24 -54.01 0.35 8.00
CA MET F 24 -53.33 0.05 6.74
C MET F 24 -52.14 -0.84 7.08
N ASN F 25 -52.35 -2.15 6.88
CA ASN F 25 -51.67 -3.22 7.61
C ASN F 25 -50.26 -3.47 7.07
N LYS F 26 -49.61 -4.49 7.66
CA LYS F 26 -48.20 -4.78 7.46
C LYS F 26 -48.00 -6.24 7.05
N MET F 27 -46.73 -6.61 6.88
CA MET F 27 -46.29 -8.00 6.72
C MET F 27 -45.62 -8.48 7.99
N VAL F 28 -45.86 -9.74 8.35
CA VAL F 28 -45.30 -10.35 9.56
C VAL F 28 -44.45 -11.55 9.13
N ILE F 29 -43.15 -11.48 9.44
CA ILE F 29 -42.24 -12.61 9.26
C ILE F 29 -41.44 -12.79 10.53
N ASN F 30 -41.49 -13.99 11.09
CA ASN F 30 -40.75 -14.31 12.30
C ASN F 30 -39.49 -15.12 11.94
N HIS F 31 -38.81 -15.63 12.97
CA HIS F 31 -37.56 -16.35 12.74
C HIS F 31 -37.78 -17.60 11.90
N LEU F 32 -38.85 -18.35 12.15
CA LEU F 32 -39.14 -19.54 11.37
C LEU F 32 -39.82 -19.23 10.03
N GLU F 33 -39.83 -17.96 9.63
CA GLU F 33 -40.12 -17.53 8.25
C GLU F 33 -41.54 -17.88 7.82
N LYS F 34 -42.53 -17.36 8.54
CA LYS F 34 -43.88 -17.30 8.02
C LYS F 34 -44.13 -15.95 7.36
N LEU F 35 -45.29 -15.82 6.73
CA LEU F 35 -45.69 -14.55 6.12
C LEU F 35 -47.16 -14.32 6.47
N PHE F 36 -47.41 -13.41 7.41
CA PHE F 36 -48.75 -13.02 7.80
C PHE F 36 -49.03 -11.59 7.36
N VAL F 37 -50.31 -11.30 7.16
CA VAL F 37 -50.79 -9.95 6.92
C VAL F 37 -51.74 -9.59 8.06
N THR F 38 -51.42 -8.51 8.79
CA THR F 38 -52.17 -8.17 9.98
C THR F 38 -52.13 -6.67 10.21
N ASN F 39 -53.25 -6.14 10.69
CA ASN F 39 -53.36 -4.73 11.06
C ASN F 39 -53.43 -4.50 12.56
N ASP F 40 -53.58 -5.56 13.35
CA ASP F 40 -53.70 -5.40 14.80
C ASP F 40 -52.34 -5.01 15.39
N ALA F 41 -52.28 -3.84 16.03
CA ALA F 41 -51.02 -3.35 16.57
C ALA F 41 -50.49 -4.27 17.67
N ALA F 42 -51.37 -4.76 18.55
CA ALA F 42 -50.93 -5.72 19.55
C ALA F 42 -50.33 -6.95 18.90
N THR F 43 -50.87 -7.36 17.76
CA THR F 43 -50.24 -8.43 16.98
C THR F 43 -48.91 -7.99 16.39
N ILE F 44 -48.77 -6.70 16.06
CA ILE F 44 -47.52 -6.23 15.47
C ILE F 44 -46.39 -6.27 16.49
N LEU F 45 -46.64 -5.78 17.70
CA LEU F 45 -45.58 -5.62 18.69
C LEU F 45 -44.95 -6.95 19.09
N ARG F 46 -45.77 -8.00 19.23
CA ARG F 46 -45.29 -9.23 19.82
C ARG F 46 -44.17 -9.90 19.01
N GLU F 47 -43.99 -9.52 17.74
CA GLU F 47 -42.85 -9.96 16.95
C GLU F 47 -41.98 -8.80 16.50
N LEU F 48 -41.92 -7.72 17.27
CA LEU F 48 -40.96 -6.67 17.02
C LEU F 48 -39.73 -6.88 17.91
N GLU F 49 -38.55 -6.74 17.31
CA GLU F 49 -37.29 -6.91 18.02
C GLU F 49 -36.99 -5.61 18.76
N VAL F 50 -37.69 -5.41 19.87
CA VAL F 50 -37.51 -4.24 20.71
C VAL F 50 -36.33 -4.49 21.63
N GLN F 51 -35.32 -3.63 21.53
CA GLN F 51 -34.11 -3.74 22.33
C GLN F 51 -33.92 -2.60 23.30
N HIS F 52 -34.33 -1.39 22.97
CA HIS F 52 -34.18 -0.28 23.88
C HIS F 52 -35.02 -0.52 25.12
N PRO F 53 -34.44 -0.37 26.32
CA PRO F 53 -35.20 -0.66 27.54
C PRO F 53 -36.44 0.20 27.71
N ALA F 54 -36.39 1.45 27.24
CA ALA F 54 -37.58 2.29 27.26
C ALA F 54 -38.70 1.66 26.43
N ALA F 55 -38.35 1.14 25.26
CA ALA F 55 -39.31 0.40 24.46
C ALA F 55 -39.79 -0.84 25.18
N LYS F 56 -38.89 -1.52 25.88
CA LYS F 56 -39.27 -2.74 26.60
C LYS F 56 -40.32 -2.43 27.65
N MET F 57 -40.13 -1.35 28.41
CA MET F 57 -41.10 -1.05 29.46
C MET F 57 -42.36 -0.36 28.94
N ILE F 58 -42.29 0.34 27.80
CA ILE F 58 -43.53 0.85 27.22
C ILE F 58 -44.38 -0.29 26.68
N VAL F 59 -43.74 -1.32 26.08
CA VAL F 59 -44.54 -2.45 25.63
C VAL F 59 -44.99 -3.29 26.82
N MET F 60 -44.23 -3.26 27.92
CA MET F 60 -44.72 -3.86 29.15
C MET F 60 -45.98 -3.17 29.64
N ALA F 61 -46.00 -1.84 29.58
CA ALA F 61 -47.22 -1.10 29.91
C ALA F 61 -48.36 -1.46 28.96
N SER F 62 -48.05 -1.63 27.68
CA SER F 62 -49.09 -2.04 26.73
C SER F 62 -49.66 -3.40 27.10
N HIS F 63 -48.79 -4.35 27.44
CA HIS F 63 -49.26 -5.68 27.85
C HIS F 63 -50.11 -5.59 29.11
N MET F 64 -49.72 -4.75 30.06
CA MET F 64 -50.55 -4.54 31.24
C MET F 64 -51.91 -3.97 30.86
N GLN F 65 -51.93 -3.09 29.86
CA GLN F 65 -53.19 -2.50 29.41
C GLN F 65 -54.10 -3.56 28.80
N GLU F 66 -53.57 -4.40 27.92
CA GLU F 66 -54.40 -5.41 27.28
C GLU F 66 -54.91 -6.45 28.27
N GLN F 67 -54.18 -6.69 29.36
CA GLN F 67 -54.62 -7.66 30.36
C GLN F 67 -55.74 -7.13 31.23
N GLU F 68 -55.94 -5.81 31.29
CA GLU F 68 -56.98 -5.21 32.11
C GLU F 68 -58.22 -4.83 31.31
N VAL F 69 -58.07 -4.50 30.02
CA VAL F 69 -59.19 -4.07 29.22
C VAL F 69 -59.37 -5.00 28.02
N GLY F 70 -58.36 -5.07 27.17
CA GLY F 70 -58.38 -5.92 26.00
C GLY F 70 -58.34 -5.21 24.66
N ASP F 71 -58.38 -3.89 24.64
CA ASP F 71 -58.29 -3.13 23.39
C ASP F 71 -57.75 -1.75 23.69
N GLY F 72 -57.45 -1.01 22.62
CA GLY F 72 -56.88 0.31 22.77
C GLY F 72 -55.39 0.32 23.04
N THR F 73 -54.70 -0.81 22.85
CA THR F 73 -53.27 -0.84 23.08
C THR F 73 -52.53 0.09 22.13
N ASN F 74 -52.93 0.13 20.87
CA ASN F 74 -52.36 1.08 19.93
C ASN F 74 -52.58 2.51 20.41
N PHE F 75 -53.75 2.78 21.01
CA PHE F 75 -53.99 4.08 21.60
C PHE F 75 -52.98 4.38 22.69
N VAL F 76 -52.70 3.39 23.54
CA VAL F 76 -51.71 3.58 24.60
C VAL F 76 -50.35 3.91 24.00
N LEU F 77 -49.96 3.17 22.95
CA LEU F 77 -48.65 3.40 22.34
C LEU F 77 -48.55 4.80 21.76
N VAL F 78 -49.55 5.22 20.98
CA VAL F 78 -49.45 6.52 20.33
C VAL F 78 -49.54 7.64 21.36
N PHE F 79 -50.39 7.48 22.38
CA PHE F 79 -50.48 8.49 23.43
C PHE F 79 -49.16 8.61 24.17
N ALA F 80 -48.53 7.49 24.50
CA ALA F 80 -47.24 7.54 25.19
C ALA F 80 -46.17 8.19 24.31
N GLY F 81 -46.17 7.87 23.02
CA GLY F 81 -45.21 8.49 22.13
C GLY F 81 -45.38 10.01 22.06
N ALA F 82 -46.62 10.47 21.94
CA ALA F 82 -46.87 11.90 21.93
C ALA F 82 -46.45 12.54 23.24
N LEU F 83 -46.77 11.88 24.36
CA LEU F 83 -46.39 12.40 25.66
C LEU F 83 -44.88 12.54 25.78
N LEU F 84 -44.14 11.54 25.31
CA LEU F 84 -42.69 11.56 25.44
C LEU F 84 -42.06 12.60 24.52
N GLU F 85 -42.57 12.75 23.30
CA GLU F 85 -42.00 13.76 22.42
C GLU F 85 -42.29 15.18 22.94
N LEU F 86 -43.49 15.38 23.51
CA LEU F 86 -43.77 16.69 24.09
C LEU F 86 -42.94 16.93 25.33
N ALA F 87 -42.68 15.89 26.12
CA ALA F 87 -41.76 16.01 27.24
C ALA F 87 -40.35 16.35 26.75
N GLU F 88 -39.96 15.79 25.61
CA GLU F 88 -38.65 16.09 25.05
C GLU F 88 -38.53 17.56 24.70
N GLU F 89 -39.55 18.10 24.03
CA GLU F 89 -39.45 19.52 23.70
C GLU F 89 -39.55 20.40 24.95
N LEU F 90 -40.30 19.96 25.96
CA LEU F 90 -40.32 20.69 27.22
C LEU F 90 -38.94 20.70 27.87
N LEU F 91 -38.24 19.58 27.84
CA LEU F 91 -36.87 19.53 28.33
C LEU F 91 -35.97 20.46 27.54
N ARG F 92 -36.16 20.50 26.22
CA ARG F 92 -35.40 21.42 25.39
C ARG F 92 -35.69 22.87 25.76
N ILE F 93 -36.90 23.16 26.26
CA ILE F 93 -37.19 24.51 26.74
C ILE F 93 -36.28 24.87 27.91
N GLY F 94 -36.12 23.95 28.86
CA GLY F 94 -35.28 24.20 30.01
C GLY F 94 -35.89 23.75 31.31
N LEU F 95 -37.05 23.10 31.24
CA LEU F 95 -37.72 22.62 32.45
C LEU F 95 -37.02 21.39 33.00
N SER F 96 -37.16 21.20 34.31
CA SER F 96 -36.64 20.01 34.96
C SER F 96 -37.56 18.83 34.73
N VAL F 97 -36.98 17.63 34.79
CA VAL F 97 -37.77 16.42 34.57
C VAL F 97 -38.77 16.21 35.70
N SER F 98 -38.40 16.56 36.93
CA SER F 98 -39.31 16.36 38.06
C SER F 98 -40.53 17.26 37.95
N GLU F 99 -40.34 18.50 37.52
CA GLU F 99 -41.48 19.40 37.33
C GLU F 99 -42.42 18.87 36.26
N VAL F 100 -41.86 18.33 35.17
CA VAL F 100 -42.67 17.71 34.14
C VAL F 100 -43.45 16.53 34.71
N ILE F 101 -42.81 15.73 35.57
CA ILE F 101 -43.47 14.58 36.16
C ILE F 101 -44.66 15.05 37.01
N GLU F 102 -44.45 16.08 37.83
CA GLU F 102 -45.53 16.59 38.67
C GLU F 102 -46.67 17.11 37.82
N GLY F 103 -46.35 17.86 36.76
CA GLY F 103 -47.40 18.37 35.90
C GLY F 103 -48.18 17.26 35.21
N TYR F 104 -47.47 16.22 34.77
CA TYR F 104 -48.17 15.10 34.12
C TYR F 104 -49.07 14.39 35.10
N GLU F 105 -48.62 14.21 36.36
CA GLU F 105 -49.45 13.55 37.35
C GLU F 105 -50.72 14.35 37.64
N ILE F 106 -50.58 15.67 37.83
CA ILE F 106 -51.76 16.45 38.13
C ILE F 106 -52.71 16.50 36.93
N ALA F 107 -52.15 16.57 35.71
CA ALA F 107 -53.00 16.52 34.52
C ALA F 107 -53.72 15.19 34.40
N CYS F 108 -53.04 14.09 34.75
CA CYS F 108 -53.68 12.78 34.70
C CYS F 108 -54.84 12.70 35.70
N ARG F 109 -54.63 13.20 36.92
CA ARG F 109 -55.72 13.20 37.89
C ARG F 109 -56.89 14.05 37.40
N LYS F 110 -56.58 15.21 36.80
CA LYS F 110 -57.63 16.04 36.23
C LYS F 110 -58.39 15.29 35.14
N ALA F 111 -57.67 14.55 34.29
CA ALA F 111 -58.32 13.80 33.23
C ALA F 111 -59.25 12.73 33.81
N HIS F 112 -58.79 12.02 34.84
CA HIS F 112 -59.66 11.01 35.44
C HIS F 112 -60.89 11.64 36.06
N GLU F 113 -60.75 12.77 36.74
CA GLU F 113 -61.93 13.36 37.37
C GLU F 113 -62.86 14.02 36.37
N ILE F 114 -62.37 14.35 35.17
CA ILE F 114 -63.24 14.96 34.17
C ILE F 114 -63.86 13.93 33.23
N LEU F 115 -63.28 12.73 33.14
CA LEU F 115 -63.77 11.73 32.20
C LEU F 115 -65.24 11.35 32.42
N PRO F 116 -65.72 11.06 33.64
CA PRO F 116 -67.09 10.55 33.78
C PRO F 116 -68.17 11.59 33.53
N ASN F 117 -67.80 12.78 33.07
CA ASN F 117 -68.75 13.87 32.90
C ASN F 117 -69.35 13.95 31.50
N LEU F 118 -69.07 12.97 30.64
CA LEU F 118 -69.56 13.01 29.27
C LEU F 118 -70.05 11.63 28.81
N VAL F 119 -70.46 10.79 29.74
CA VAL F 119 -70.79 9.39 29.45
C VAL F 119 -72.22 9.29 28.95
N CYS F 120 -72.41 8.65 27.81
CA CYS F 120 -73.72 8.29 27.27
C CYS F 120 -73.77 6.76 27.24
N CYS F 121 -74.24 6.17 28.34
CA CYS F 121 -74.01 4.76 28.63
C CYS F 121 -74.90 3.87 27.76
N SER F 122 -74.88 2.57 28.06
CA SER F 122 -75.66 1.59 27.33
C SER F 122 -77.15 1.84 27.52
N ALA F 123 -77.95 1.17 26.69
CA ALA F 123 -79.39 1.46 26.67
C ALA F 123 -80.12 0.80 27.83
N LYS F 124 -80.18 -0.53 27.84
CA LYS F 124 -80.93 -1.13 28.94
C LYS F 124 -80.19 -2.27 29.63
N ASN F 125 -79.49 -3.13 28.90
CA ASN F 125 -78.88 -4.32 29.48
C ASN F 125 -78.10 -5.04 28.40
N LEU F 126 -77.38 -6.09 28.81
CA LEU F 126 -76.62 -6.96 27.92
C LEU F 126 -77.51 -7.78 27.00
N ARG F 127 -78.81 -7.86 27.28
CA ARG F 127 -79.74 -8.64 26.47
C ARG F 127 -80.13 -7.80 25.26
N ASP F 128 -81.21 -8.20 24.57
CA ASP F 128 -81.66 -7.56 23.33
C ASP F 128 -80.56 -7.64 22.27
N ILE F 129 -80.31 -8.88 21.83
CA ILE F 129 -79.20 -9.28 20.97
C ILE F 129 -78.91 -8.26 19.90
N ASP F 130 -79.96 -7.74 19.24
CA ASP F 130 -79.74 -6.74 18.20
C ASP F 130 -79.13 -5.47 18.77
N GLU F 131 -79.62 -5.02 19.92
CA GLU F 131 -79.14 -3.75 20.50
C GLU F 131 -77.67 -3.85 20.88
N VAL F 132 -77.29 -4.89 21.64
CA VAL F 132 -75.90 -5.05 22.03
C VAL F 132 -75.02 -5.34 20.82
N SER F 133 -75.55 -6.07 19.83
CA SER F 133 -74.81 -6.28 18.59
C SER F 133 -74.48 -4.96 17.92
N SER F 134 -75.44 -4.04 17.89
CA SER F 134 -75.15 -2.69 17.43
C SER F 134 -74.13 -2.01 18.32
N LEU F 135 -74.16 -2.30 19.62
CA LEU F 135 -73.19 -1.70 20.54
C LEU F 135 -71.77 -2.22 20.27
N LEU F 136 -71.62 -3.54 20.16
CA LEU F 136 -70.30 -4.15 20.09
C LEU F 136 -69.65 -4.04 18.73
N ARG F 137 -70.22 -3.26 17.80
CA ARG F 137 -69.68 -3.19 16.46
C ARG F 137 -68.48 -2.25 16.33
N THR F 138 -68.24 -1.39 17.32
CA THR F 138 -67.21 -0.36 17.17
C THR F 138 -65.82 -0.95 17.17
N SER F 139 -65.50 -1.80 18.15
CA SER F 139 -64.16 -2.36 18.22
C SER F 139 -63.86 -3.26 17.03
N ILE F 140 -64.82 -4.10 16.65
CA ILE F 140 -64.62 -4.99 15.51
C ILE F 140 -64.54 -4.19 14.21
N MET F 141 -65.27 -3.09 14.14
CA MET F 141 -65.14 -2.19 12.98
C MET F 141 -63.74 -1.60 12.93
N SER F 142 -63.19 -1.25 14.09
CA SER F 142 -61.81 -0.76 14.14
C SER F 142 -60.83 -1.83 13.65
N LYS F 143 -61.01 -3.07 14.11
CA LYS F 143 -60.11 -4.14 13.66
C LYS F 143 -60.30 -4.44 12.18
N GLN F 144 -61.55 -4.66 11.76
CA GLN F 144 -61.88 -4.96 10.37
C GLN F 144 -62.94 -3.98 9.90
N TYR F 145 -62.71 -3.37 8.75
CA TYR F 145 -63.55 -2.27 8.30
C TYR F 145 -65.00 -2.73 8.08
N GLY F 146 -65.87 -1.77 7.83
CA GLY F 146 -67.31 -1.99 7.79
C GLY F 146 -67.80 -2.90 6.69
N ASN F 147 -66.89 -3.55 5.97
CA ASN F 147 -67.31 -4.49 4.92
C ASN F 147 -68.08 -5.67 5.52
N GLU F 148 -67.66 -6.15 6.68
CA GLU F 148 -68.28 -7.31 7.31
C GLU F 148 -68.63 -7.07 8.78
N VAL F 149 -68.61 -5.81 9.24
CA VAL F 149 -68.87 -5.53 10.65
C VAL F 149 -70.29 -5.91 11.01
N PHE F 150 -71.24 -5.72 10.10
CA PHE F 150 -72.64 -5.99 10.40
C PHE F 150 -72.88 -7.47 10.64
N LEU F 151 -72.22 -8.34 9.88
CA LEU F 151 -72.32 -9.77 10.14
C LEU F 151 -71.50 -10.15 11.38
N ALA F 152 -70.32 -9.55 11.53
CA ALA F 152 -69.42 -9.95 12.60
C ALA F 152 -70.00 -9.63 13.97
N LYS F 153 -70.69 -8.49 14.11
CA LYS F 153 -71.26 -8.12 15.40
C LYS F 153 -72.29 -9.15 15.84
N LEU F 154 -73.19 -9.54 14.93
CA LEU F 154 -74.17 -10.57 15.26
C LEU F 154 -73.49 -11.90 15.59
N ILE F 155 -72.50 -12.28 14.76
CA ILE F 155 -71.85 -13.57 14.96
C ILE F 155 -71.16 -13.64 16.32
N ALA F 156 -70.45 -12.58 16.69
CA ALA F 156 -69.70 -12.60 17.94
C ALA F 156 -70.61 -12.39 19.15
N GLN F 157 -71.43 -11.34 19.13
CA GLN F 157 -72.26 -11.02 20.28
C GLN F 157 -73.28 -12.10 20.56
N ALA F 158 -73.88 -12.68 19.50
CA ALA F 158 -74.89 -13.71 19.70
C ALA F 158 -74.34 -14.89 20.48
N CYS F 159 -73.04 -15.17 20.36
CA CYS F 159 -72.44 -16.27 21.10
C CYS F 159 -72.28 -15.92 22.58
N VAL F 160 -71.85 -14.69 22.88
CA VAL F 160 -71.61 -14.32 24.27
C VAL F 160 -72.93 -14.06 24.99
N SER F 161 -74.00 -13.79 24.26
CA SER F 161 -75.31 -13.57 24.86
C SER F 161 -76.05 -14.87 25.13
N ILE F 162 -75.44 -16.02 24.82
CA ILE F 162 -76.12 -17.30 25.01
C ILE F 162 -76.38 -17.55 26.49
N PHE F 163 -75.45 -17.19 27.35
CA PHE F 163 -75.52 -17.53 28.78
C PHE F 163 -75.40 -16.26 29.62
N PRO F 164 -76.43 -15.41 29.64
CA PRO F 164 -76.42 -14.24 30.53
C PRO F 164 -77.00 -14.59 31.90
N ASP F 165 -76.29 -15.44 32.62
CA ASP F 165 -76.76 -16.00 33.88
C ASP F 165 -76.11 -15.28 35.05
N SER F 166 -76.93 -14.77 35.96
CA SER F 166 -76.51 -14.15 37.21
C SER F 166 -75.59 -12.95 37.01
N GLY F 167 -75.52 -12.40 35.80
CA GLY F 167 -74.66 -11.26 35.56
C GLY F 167 -73.18 -11.56 35.59
N HIS F 168 -72.79 -12.80 35.30
CA HIS F 168 -71.39 -13.20 35.27
C HIS F 168 -71.03 -13.75 33.91
N PHE F 169 -69.84 -13.41 33.43
CA PHE F 169 -69.38 -13.81 32.11
C PHE F 169 -67.91 -14.16 32.17
N ASN F 170 -67.46 -14.92 31.17
CA ASN F 170 -66.06 -15.28 31.04
C ASN F 170 -65.67 -15.23 29.57
N VAL F 171 -64.53 -14.59 29.29
CA VAL F 171 -64.09 -14.45 27.90
C VAL F 171 -63.68 -15.81 27.33
N ASP F 172 -62.99 -16.63 28.13
CA ASP F 172 -62.50 -17.91 27.64
C ASP F 172 -63.62 -18.88 27.31
N ASN F 173 -64.84 -18.61 27.76
CA ASN F 173 -65.97 -19.47 27.39
C ASN F 173 -66.24 -19.44 25.89
N ILE F 174 -66.16 -18.27 25.27
CA ILE F 174 -66.44 -18.11 23.84
C ILE F 174 -65.12 -18.35 23.11
N ARG F 175 -64.91 -19.59 22.68
CA ARG F 175 -63.73 -19.95 21.90
C ARG F 175 -64.06 -19.90 20.41
N VAL F 176 -63.03 -20.02 19.59
CA VAL F 176 -63.15 -19.88 18.15
C VAL F 176 -62.63 -21.14 17.48
N CYS F 177 -63.42 -21.70 16.56
CA CYS F 177 -63.02 -22.81 15.73
C CYS F 177 -63.08 -22.38 14.27
N LYS F 178 -62.02 -22.68 13.53
CA LYS F 178 -61.86 -22.21 12.16
C LYS F 178 -62.10 -23.35 11.18
N ILE F 179 -62.92 -23.09 10.16
CA ILE F 179 -63.21 -24.05 9.10
C ILE F 179 -62.89 -23.38 7.77
N LEU F 180 -61.95 -23.96 7.03
CA LEU F 180 -61.57 -23.41 5.74
C LEU F 180 -62.66 -23.70 4.71
N GLY F 181 -62.68 -22.87 3.66
CA GLY F 181 -63.65 -23.07 2.59
C GLY F 181 -64.39 -21.82 2.15
N SER F 182 -65.70 -21.81 2.35
CA SER F 182 -66.55 -20.75 1.84
C SER F 182 -66.21 -19.42 2.50
N GLY F 183 -66.85 -18.36 2.00
CA GLY F 183 -66.53 -17.02 2.43
C GLY F 183 -67.00 -16.72 3.85
N ILE F 184 -66.62 -15.53 4.31
CA ILE F 184 -66.92 -15.11 5.67
C ILE F 184 -68.43 -14.98 5.88
N SER F 185 -69.18 -14.63 4.83
CA SER F 185 -70.63 -14.48 4.96
C SER F 185 -71.31 -15.78 5.38
N SER F 186 -70.67 -16.93 5.16
CA SER F 186 -71.21 -18.21 5.56
C SER F 186 -70.82 -18.61 6.98
N SER F 187 -70.39 -17.66 7.80
CA SER F 187 -70.05 -17.96 9.18
C SER F 187 -71.33 -18.26 9.97
N SER F 188 -71.16 -18.98 11.09
CA SER F 188 -72.29 -19.39 11.91
C SER F 188 -71.86 -19.43 13.37
N VAL F 189 -72.86 -19.56 14.24
CA VAL F 189 -72.66 -19.63 15.69
C VAL F 189 -73.28 -20.93 16.19
N LEU F 190 -72.59 -21.61 17.09
CA LEU F 190 -73.05 -22.88 17.60
C LEU F 190 -72.79 -22.96 19.10
N HIS F 191 -73.50 -23.88 19.75
CA HIS F 191 -73.31 -24.16 21.17
C HIS F 191 -72.34 -25.32 21.34
N GLY F 192 -71.43 -25.18 22.29
CA GLY F 192 -70.45 -26.22 22.55
C GLY F 192 -69.28 -26.17 21.60
N MET F 193 -68.09 -26.54 22.08
CA MET F 193 -66.89 -26.44 21.27
C MET F 193 -66.98 -27.35 20.06
N VAL F 194 -66.44 -26.89 18.94
CA VAL F 194 -66.47 -27.61 17.67
C VAL F 194 -65.04 -27.82 17.20
N PHE F 195 -64.71 -29.05 16.83
CA PHE F 195 -63.37 -29.37 16.34
C PHE F 195 -63.44 -30.64 15.51
N LYS F 196 -62.36 -30.88 14.75
CA LYS F 196 -62.28 -32.05 13.89
C LYS F 196 -62.25 -33.34 14.70
N LYS F 197 -62.92 -34.36 14.17
CA LYS F 197 -62.76 -35.74 14.63
C LYS F 197 -62.75 -36.64 13.42
N GLU F 198 -62.34 -37.89 13.63
CA GLU F 198 -62.07 -38.80 12.51
C GLU F 198 -63.18 -39.83 12.32
N THR F 199 -63.50 -40.60 13.35
CA THR F 199 -64.46 -41.69 13.22
C THR F 199 -65.89 -41.16 13.32
N GLU F 200 -66.76 -41.66 12.44
CA GLU F 200 -68.17 -41.29 12.42
C GLU F 200 -69.04 -42.24 13.23
N GLY F 201 -68.44 -43.24 13.88
CA GLY F 201 -69.20 -44.20 14.67
C GLY F 201 -69.69 -43.61 15.98
N ASP F 202 -70.54 -42.59 15.89
CA ASP F 202 -71.07 -41.90 17.07
C ASP F 202 -72.59 -41.87 17.01
N VAL F 203 -73.21 -42.08 18.15
CA VAL F 203 -74.65 -42.00 18.31
C VAL F 203 -75.00 -40.56 18.67
N THR F 204 -76.10 -40.07 18.11
CA THR F 204 -76.49 -38.67 18.30
C THR F 204 -76.75 -38.37 19.78
N SER F 205 -77.77 -39.00 20.35
CA SER F 205 -78.13 -38.79 21.75
C SER F 205 -77.31 -39.72 22.63
N VAL F 206 -76.56 -39.16 23.57
CA VAL F 206 -75.68 -39.92 24.44
C VAL F 206 -75.97 -39.54 25.89
N LYS F 207 -75.73 -40.48 26.79
CA LYS F 207 -75.78 -40.21 28.23
C LYS F 207 -74.50 -39.49 28.63
N ASP F 208 -74.23 -39.42 29.94
CA ASP F 208 -73.03 -38.75 30.44
C ASP F 208 -71.79 -39.30 29.73
N ALA F 209 -71.14 -38.45 28.95
CA ALA F 209 -70.01 -38.88 28.13
C ALA F 209 -68.83 -39.25 29.01
N LYS F 210 -67.96 -40.10 28.47
CA LYS F 210 -66.75 -40.54 29.15
C LYS F 210 -65.56 -40.20 28.25
N ILE F 211 -65.01 -39.00 28.44
CA ILE F 211 -63.94 -38.47 27.60
C ILE F 211 -62.65 -39.20 27.95
N ALA F 212 -62.24 -40.15 27.13
CA ALA F 212 -60.98 -40.84 27.29
C ALA F 212 -59.88 -40.02 26.63
N VAL F 213 -58.95 -39.49 27.44
CA VAL F 213 -57.93 -38.58 26.96
C VAL F 213 -56.66 -39.37 26.68
N TYR F 214 -56.07 -39.14 25.50
CA TYR F 214 -54.84 -39.78 25.08
C TYR F 214 -53.71 -38.75 25.18
N SER F 215 -53.08 -38.69 26.36
CA SER F 215 -51.92 -37.82 26.51
C SER F 215 -50.77 -38.30 25.62
N CYS F 216 -50.58 -39.62 25.54
CA CYS F 216 -49.58 -40.20 24.65
C CYS F 216 -50.30 -40.98 23.55
N PRO F 217 -50.44 -40.43 22.34
CA PRO F 217 -51.15 -41.14 21.27
C PRO F 217 -50.39 -42.35 20.75
N PHE F 218 -50.94 -43.00 19.73
CA PHE F 218 -50.31 -44.15 19.09
C PHE F 218 -48.92 -43.80 18.57
N ALA F 234 -40.94 -65.56 8.20
CA ALA F 234 -42.24 -66.08 7.79
C ALA F 234 -43.10 -66.38 9.01
N GLU F 235 -42.80 -67.48 9.70
CA GLU F 235 -43.56 -67.84 10.89
C GLU F 235 -43.38 -66.82 12.00
N GLU F 236 -42.14 -66.33 12.18
CA GLU F 236 -41.89 -65.34 13.22
C GLU F 236 -42.59 -64.02 12.92
N LEU F 237 -42.70 -63.66 11.64
CA LEU F 237 -43.45 -62.46 11.27
C LEU F 237 -44.92 -62.60 11.66
N MET F 238 -45.52 -63.76 11.37
CA MET F 238 -46.91 -63.98 11.74
C MET F 238 -47.09 -63.96 13.25
N ASN F 239 -46.17 -64.59 13.99
CA ASN F 239 -46.27 -64.59 15.44
C ASN F 239 -46.17 -63.19 16.00
N PHE F 240 -45.22 -62.39 15.50
CA PHE F 240 -45.05 -61.03 16.00
C PHE F 240 -46.26 -60.17 15.64
N SER F 241 -46.81 -60.34 14.44
CA SER F 241 -48.00 -59.58 14.06
C SER F 241 -49.19 -59.95 14.95
N LYS F 242 -49.38 -61.24 15.21
CA LYS F 242 -50.46 -61.66 16.09
C LYS F 242 -50.29 -61.10 17.49
N GLY F 243 -49.07 -61.16 18.02
CA GLY F 243 -48.82 -60.62 19.35
C GLY F 243 -49.06 -59.13 19.43
N GLU F 244 -48.60 -58.38 18.42
CA GLU F 244 -48.80 -56.93 18.41
C GLU F 244 -50.28 -56.59 18.29
N GLU F 245 -51.01 -57.31 17.44
CA GLU F 245 -52.44 -57.07 17.30
C GLU F 245 -53.18 -57.36 18.60
N ASN F 246 -52.83 -58.46 19.27
CA ASN F 246 -53.46 -58.79 20.54
C ASN F 246 -53.14 -57.74 21.61
N LEU F 247 -51.89 -57.26 21.64
CA LEU F 247 -51.52 -56.22 22.59
C LEU F 247 -52.31 -54.94 22.34
N MET F 248 -52.45 -54.55 21.07
CA MET F 248 -53.22 -53.36 20.73
C MET F 248 -54.69 -53.53 21.09
N ASP F 249 -55.23 -54.73 20.85
CA ASP F 249 -56.62 -54.98 21.23
C ASP F 249 -56.80 -54.92 22.73
N ALA F 250 -55.84 -55.43 23.49
CA ALA F 250 -55.89 -55.31 24.95
C ALA F 250 -55.81 -53.85 25.38
N GLN F 251 -54.98 -53.05 24.69
CA GLN F 251 -54.87 -51.64 25.02
C GLN F 251 -56.19 -50.91 24.78
N VAL F 252 -56.84 -51.17 23.65
CA VAL F 252 -58.12 -50.49 23.39
C VAL F 252 -59.21 -51.02 24.32
N LYS F 253 -59.14 -52.29 24.71
CA LYS F 253 -60.07 -52.79 25.73
C LYS F 253 -59.88 -52.06 27.05
N ALA F 254 -58.63 -51.85 27.45
CA ALA F 254 -58.35 -51.12 28.68
C ALA F 254 -58.84 -49.69 28.58
N ILE F 255 -58.68 -49.06 27.41
CA ILE F 255 -59.21 -47.71 27.21
C ILE F 255 -60.72 -47.70 27.35
N ALA F 256 -61.40 -48.67 26.75
CA ALA F 256 -62.86 -48.70 26.74
C ALA F 256 -63.46 -49.07 28.09
N ASP F 257 -62.65 -49.35 29.10
CA ASP F 257 -63.17 -49.78 30.39
C ASP F 257 -63.90 -48.64 31.10
N THR F 258 -64.45 -48.95 32.27
CA THR F 258 -65.14 -47.98 33.13
C THR F 258 -66.28 -47.28 32.39
N GLY F 259 -66.97 -47.99 31.51
CA GLY F 259 -68.08 -47.42 30.78
C GLY F 259 -67.71 -46.37 29.77
N ALA F 260 -66.49 -46.40 29.26
CA ALA F 260 -66.05 -45.39 28.28
C ALA F 260 -66.89 -45.49 27.02
N ASN F 261 -67.21 -44.33 26.44
CA ASN F 261 -68.03 -44.28 25.24
C ASN F 261 -67.36 -43.45 24.15
N VAL F 262 -66.52 -42.50 24.54
CA VAL F 262 -65.85 -41.61 23.61
C VAL F 262 -64.38 -41.51 23.97
N VAL F 263 -63.56 -41.14 23.00
CA VAL F 263 -62.13 -40.93 23.21
C VAL F 263 -61.72 -39.64 22.51
N VAL F 264 -60.57 -39.10 22.93
CA VAL F 264 -59.94 -37.97 22.26
C VAL F 264 -58.45 -38.28 22.12
N THR F 265 -57.91 -38.05 20.92
CA THR F 265 -56.53 -38.39 20.63
C THR F 265 -55.96 -37.40 19.64
N GLY F 266 -54.67 -37.09 19.79
CA GLY F 266 -53.95 -36.28 18.84
C GLY F 266 -53.17 -37.06 17.80
N GLY F 267 -53.36 -38.38 17.72
CA GLY F 267 -52.64 -39.23 16.79
C GLY F 267 -53.41 -39.47 15.51
N LYS F 268 -53.10 -40.60 14.86
CA LYS F 268 -53.70 -40.98 13.60
C LYS F 268 -54.55 -42.24 13.77
N VAL F 269 -55.47 -42.45 12.83
CA VAL F 269 -56.32 -43.62 12.86
C VAL F 269 -55.57 -44.82 12.30
N ALA F 270 -55.99 -46.01 12.72
CA ALA F 270 -55.51 -47.26 12.17
C ALA F 270 -56.72 -48.14 11.84
N ASP F 271 -56.64 -48.85 10.72
CA ASP F 271 -57.78 -49.63 10.26
C ASP F 271 -58.16 -50.71 11.27
N MET F 272 -57.17 -51.44 11.79
CA MET F 272 -57.45 -52.38 12.88
C MET F 272 -57.97 -51.65 14.11
N ALA F 273 -57.36 -50.51 14.46
CA ALA F 273 -57.78 -49.77 15.64
C ALA F 273 -59.21 -49.27 15.50
N LEU F 274 -59.54 -48.67 14.35
CA LEU F 274 -60.88 -48.17 14.16
C LEU F 274 -61.89 -49.30 14.10
N HIS F 275 -61.53 -50.43 13.48
CA HIS F 275 -62.44 -51.58 13.45
C HIS F 275 -62.71 -52.10 14.85
N TYR F 276 -61.66 -52.26 15.65
CA TYR F 276 -61.83 -52.78 17.01
C TYR F 276 -62.64 -51.81 17.86
N ALA F 277 -62.38 -50.51 17.72
CA ALA F 277 -63.16 -49.52 18.47
C ALA F 277 -64.62 -49.54 18.04
N ASN F 278 -64.89 -49.66 16.74
CA ASN F 278 -66.26 -49.70 16.26
C ASN F 278 -67.00 -50.94 16.77
N LYS F 279 -66.32 -52.08 16.78
CA LYS F 279 -66.95 -53.28 17.34
C LYS F 279 -66.96 -53.27 18.87
N TYR F 280 -66.33 -52.29 19.50
CA TYR F 280 -66.58 -51.93 20.88
C TYR F 280 -67.66 -50.87 21.02
N ASN F 281 -68.25 -50.43 19.91
CA ASN F 281 -69.21 -49.33 19.88
C ASN F 281 -68.59 -48.03 20.38
N ILE F 282 -67.29 -47.86 20.13
CA ILE F 282 -66.57 -46.65 20.51
C ILE F 282 -65.98 -46.03 19.26
N MET F 283 -66.16 -44.72 19.10
CA MET F 283 -65.55 -44.02 17.98
C MET F 283 -64.09 -43.71 18.30
N LEU F 284 -63.22 -43.87 17.30
CA LEU F 284 -61.79 -43.67 17.48
C LEU F 284 -61.44 -42.27 17.00
N VAL F 285 -61.70 -41.29 17.86
CA VAL F 285 -61.46 -39.89 17.53
C VAL F 285 -59.97 -39.60 17.62
N ARG F 286 -59.41 -39.04 16.55
CA ARG F 286 -57.99 -38.68 16.47
C ARG F 286 -57.87 -37.26 15.96
N LEU F 287 -56.63 -36.83 15.73
CA LEU F 287 -56.31 -35.51 15.20
C LEU F 287 -56.86 -34.40 16.11
N ASN F 288 -56.31 -34.35 17.32
CA ASN F 288 -56.61 -33.30 18.28
C ASN F 288 -55.52 -32.24 18.25
N SER F 289 -55.93 -30.97 18.22
CA SER F 289 -54.97 -29.88 18.20
C SER F 289 -54.20 -29.81 19.52
N LYS F 290 -53.02 -29.20 19.44
CA LYS F 290 -52.12 -29.14 20.59
C LYS F 290 -52.62 -28.23 21.70
N TRP F 291 -53.64 -27.41 21.46
CA TRP F 291 -54.23 -26.56 22.48
C TRP F 291 -55.53 -27.11 23.05
N ASP F 292 -56.24 -27.94 22.28
CA ASP F 292 -57.60 -28.33 22.64
C ASP F 292 -57.65 -29.15 23.92
N LEU F 293 -56.63 -29.98 24.18
CA LEU F 293 -56.71 -30.96 25.26
C LEU F 293 -56.77 -30.31 26.64
N ARG F 294 -56.00 -29.25 26.88
CA ARG F 294 -56.11 -28.59 28.18
C ARG F 294 -57.50 -28.00 28.38
N ARG F 295 -58.07 -27.38 27.35
CA ARG F 295 -59.41 -26.82 27.48
C ARG F 295 -60.44 -27.92 27.74
N LEU F 296 -60.33 -29.04 27.03
CA LEU F 296 -61.24 -30.16 27.29
C LEU F 296 -61.11 -30.65 28.72
N CYS F 297 -59.88 -30.83 29.20
CA CYS F 297 -59.68 -31.33 30.55
C CYS F 297 -60.23 -30.36 31.58
N LYS F 298 -60.03 -29.05 31.37
CA LYS F 298 -60.51 -28.06 32.32
C LYS F 298 -62.01 -27.84 32.24
N THR F 299 -62.65 -28.19 31.12
CA THR F 299 -64.10 -28.01 31.01
C THR F 299 -64.89 -29.26 31.37
N VAL F 300 -64.29 -30.45 31.33
CA VAL F 300 -64.98 -31.68 31.70
C VAL F 300 -64.59 -32.19 33.08
N GLY F 301 -63.72 -31.47 33.79
CA GLY F 301 -63.31 -31.88 35.12
C GLY F 301 -62.52 -33.17 35.16
N ALA F 302 -61.54 -33.34 34.26
CA ALA F 302 -60.71 -34.53 34.22
C ALA F 302 -59.27 -34.12 33.90
N THR F 303 -58.39 -35.11 33.85
CA THR F 303 -56.99 -34.89 33.50
C THR F 303 -56.58 -35.89 32.43
N ALA F 304 -55.42 -35.64 31.83
CA ALA F 304 -54.95 -36.48 30.73
C ALA F 304 -54.47 -37.83 31.26
N LEU F 305 -55.01 -38.90 30.70
CA LEU F 305 -54.56 -40.24 31.07
C LEU F 305 -53.16 -40.47 30.51
N PRO F 306 -52.22 -40.94 31.34
CA PRO F 306 -50.83 -41.09 30.87
C PRO F 306 -50.69 -42.00 29.66
N ARG F 307 -51.16 -43.24 29.77
CA ARG F 307 -51.08 -44.18 28.66
C ARG F 307 -52.44 -44.81 28.39
N LEU F 308 -52.48 -45.82 27.53
CA LEU F 308 -53.75 -46.49 27.23
C LEU F 308 -54.20 -47.36 28.39
N THR F 309 -53.29 -48.14 28.97
CA THR F 309 -53.64 -49.12 29.99
C THR F 309 -54.01 -48.56 31.36
N PRO F 310 -53.50 -47.41 31.82
CA PRO F 310 -54.00 -46.83 33.08
C PRO F 310 -55.04 -45.74 32.87
N PRO F 311 -56.30 -46.07 32.53
CA PRO F 311 -57.35 -45.06 32.69
C PRO F 311 -58.04 -45.17 34.04
N VAL F 312 -58.46 -44.02 34.55
CA VAL F 312 -59.10 -43.93 35.86
C VAL F 312 -60.44 -43.22 35.72
N LEU F 313 -61.47 -43.80 36.36
CA LEU F 313 -62.79 -43.19 36.30
C LEU F 313 -62.88 -41.92 37.13
N GLU F 314 -62.04 -41.78 38.15
CA GLU F 314 -62.02 -40.54 38.93
C GLU F 314 -61.58 -39.37 38.07
N GLU F 315 -60.49 -39.53 37.33
CA GLU F 315 -60.05 -38.54 36.34
C GLU F 315 -60.55 -38.92 34.95
N MET F 316 -61.86 -38.93 34.79
CA MET F 316 -62.50 -39.36 33.55
C MET F 316 -63.39 -38.22 33.08
N GLY F 317 -63.34 -37.93 31.78
CA GLY F 317 -64.03 -36.76 31.27
C GLY F 317 -65.53 -36.97 31.12
N HIS F 318 -66.29 -35.94 31.50
CA HIS F 318 -67.74 -35.95 31.37
C HIS F 318 -68.20 -34.51 31.21
N CYS F 319 -68.85 -34.18 30.09
CA CYS F 319 -69.47 -32.85 29.98
C CYS F 319 -70.99 -32.95 29.87
N ASP F 320 -71.54 -33.43 28.76
CA ASP F 320 -72.92 -33.91 28.75
C ASP F 320 -73.08 -35.13 27.85
N SER F 321 -72.44 -35.08 26.68
CA SER F 321 -72.68 -36.00 25.58
C SER F 321 -71.76 -35.60 24.44
N VAL F 322 -71.69 -36.48 23.42
CA VAL F 322 -70.85 -36.25 22.24
C VAL F 322 -71.64 -36.65 21.00
N TYR F 323 -71.59 -35.82 19.97
CA TYR F 323 -72.21 -36.16 18.70
C TYR F 323 -71.53 -35.36 17.59
N LEU F 324 -71.91 -35.67 16.35
CA LEU F 324 -71.31 -35.06 15.16
C LEU F 324 -72.26 -34.01 14.61
N SER F 325 -71.72 -32.82 14.33
CA SER F 325 -72.49 -31.71 13.77
C SER F 325 -72.04 -31.48 12.34
N GLU F 326 -73.01 -31.38 11.42
CA GLU F 326 -72.71 -31.14 10.01
C GLU F 326 -72.59 -29.66 9.68
N VAL F 327 -72.94 -28.77 10.60
CA VAL F 327 -72.85 -27.34 10.34
C VAL F 327 -71.43 -26.97 9.97
N GLY F 328 -71.29 -26.20 8.88
CA GLY F 328 -69.99 -25.89 8.33
C GLY F 328 -69.56 -26.75 7.17
N ASP F 329 -70.46 -27.57 6.62
CA ASP F 329 -70.17 -28.45 5.49
C ASP F 329 -69.01 -29.39 5.81
N THR F 330 -69.02 -29.94 7.02
CA THR F 330 -67.94 -30.83 7.47
C THR F 330 -68.42 -31.61 8.68
N GLN F 331 -67.68 -32.68 8.98
CA GLN F 331 -67.95 -33.51 10.15
C GLN F 331 -67.01 -33.09 11.28
N VAL F 332 -67.58 -32.87 12.47
CA VAL F 332 -66.85 -32.33 13.61
C VAL F 332 -67.24 -33.12 14.86
N VAL F 333 -66.68 -32.71 15.98
CA VAL F 333 -67.03 -33.23 17.30
C VAL F 333 -67.41 -32.06 18.19
N VAL F 334 -68.45 -32.24 18.99
CA VAL F 334 -68.99 -31.16 19.82
C VAL F 334 -69.16 -31.66 21.25
N PHE F 335 -68.75 -30.83 22.22
CA PHE F 335 -68.98 -31.06 23.64
C PHE F 335 -69.70 -29.84 24.19
N LYS F 336 -70.87 -30.04 24.78
CA LYS F 336 -71.70 -28.93 25.25
C LYS F 336 -72.31 -29.28 26.59
N HIS F 337 -73.06 -28.31 27.14
CA HIS F 337 -73.83 -28.49 28.37
C HIS F 337 -72.93 -28.92 29.53
N GLU F 338 -72.06 -27.99 29.91
CA GLU F 338 -71.14 -28.21 31.02
C GLU F 338 -71.90 -28.15 32.34
N LYS F 339 -71.15 -28.09 33.45
CA LYS F 339 -71.78 -27.95 34.76
C LYS F 339 -72.70 -26.73 34.80
N GLU F 340 -72.32 -25.65 34.12
CA GLU F 340 -73.20 -24.50 33.98
C GLU F 340 -74.30 -24.73 32.96
N ASP F 341 -74.14 -25.71 32.06
CA ASP F 341 -75.12 -26.04 31.04
C ASP F 341 -75.45 -24.84 30.16
N GLY F 342 -74.42 -24.39 29.44
CA GLY F 342 -74.56 -23.25 28.56
C GLY F 342 -73.34 -22.35 28.53
N ALA F 343 -72.40 -22.61 29.43
CA ALA F 343 -71.20 -21.78 29.51
C ALA F 343 -70.37 -21.88 28.22
N ILE F 344 -70.19 -23.09 27.71
CA ILE F 344 -69.34 -23.30 26.54
C ILE F 344 -70.12 -22.96 25.28
N SER F 345 -69.54 -22.13 24.43
CA SER F 345 -70.17 -21.76 23.16
C SER F 345 -69.07 -21.28 22.22
N THR F 346 -68.75 -22.08 21.21
CA THR F 346 -67.74 -21.70 20.24
C THR F 346 -68.38 -21.03 19.03
N ILE F 347 -67.54 -20.51 18.15
CA ILE F 347 -67.99 -19.86 16.92
C ILE F 347 -67.26 -20.51 15.75
N VAL F 348 -68.01 -20.96 14.76
CA VAL F 348 -67.44 -21.58 13.56
C VAL F 348 -67.28 -20.51 12.48
N LEU F 349 -66.12 -20.49 11.85
CA LEU F 349 -65.79 -19.48 10.85
C LEU F 349 -65.51 -20.13 9.51
N ARG F 350 -65.81 -19.39 8.44
CA ARG F 350 -65.52 -19.82 7.08
C ARG F 350 -64.69 -18.76 6.39
N GLY F 351 -63.73 -19.22 5.59
CA GLY F 351 -62.88 -18.29 4.86
C GLY F 351 -62.13 -18.98 3.75
N SER F 352 -61.70 -18.17 2.78
CA SER F 352 -60.98 -18.69 1.63
C SER F 352 -59.62 -19.24 2.03
N THR F 353 -58.85 -18.46 2.78
CA THR F 353 -57.51 -18.83 3.21
C THR F 353 -57.43 -18.75 4.74
N ASP F 354 -56.22 -18.89 5.26
CA ASP F 354 -55.98 -18.79 6.70
C ASP F 354 -55.37 -17.45 7.10
N ASN F 355 -54.81 -16.69 6.17
CA ASN F 355 -54.17 -15.42 6.51
C ASN F 355 -55.17 -14.36 6.93
N LEU F 356 -56.47 -14.57 6.70
CA LEU F 356 -57.49 -13.68 7.23
C LEU F 356 -58.20 -14.27 8.44
N MET F 357 -58.01 -15.56 8.71
CA MET F 357 -58.61 -16.17 9.90
C MET F 357 -58.08 -15.50 11.17
N ASP F 358 -56.79 -15.19 11.20
CA ASP F 358 -56.22 -14.53 12.38
C ASP F 358 -56.88 -13.19 12.63
N ASP F 359 -57.10 -12.40 11.58
CA ASP F 359 -57.74 -11.10 11.75
C ASP F 359 -59.18 -11.25 12.24
N ILE F 360 -59.90 -12.24 11.69
CA ILE F 360 -61.29 -12.44 12.09
C ILE F 360 -61.38 -12.87 13.55
N GLU F 361 -60.52 -13.81 13.97
CA GLU F 361 -60.57 -14.23 15.37
C GLU F 361 -60.07 -13.12 16.30
N ARG F 362 -59.14 -12.29 15.84
CA ARG F 362 -58.74 -11.14 16.63
C ARG F 362 -59.89 -10.15 16.81
N ALA F 363 -60.67 -9.93 15.75
CA ALA F 363 -61.84 -9.09 15.88
C ALA F 363 -62.87 -9.71 16.82
N VAL F 364 -63.01 -11.04 16.76
CA VAL F 364 -63.92 -11.72 17.68
C VAL F 364 -63.50 -11.50 19.13
N ASP F 365 -62.20 -11.64 19.40
CA ASP F 365 -61.69 -11.38 20.74
C ASP F 365 -61.90 -9.92 21.14
N ASP F 366 -61.65 -8.99 20.22
CA ASP F 366 -61.86 -7.58 20.48
C ASP F 366 -63.32 -7.24 20.71
N GLY F 367 -64.23 -8.10 20.25
CA GLY F 367 -65.64 -7.94 20.56
C GLY F 367 -65.98 -8.51 21.92
N VAL F 368 -65.49 -9.71 22.20
CA VAL F 368 -65.89 -10.39 23.42
C VAL F 368 -65.32 -9.71 24.65
N ASN F 369 -64.07 -9.21 24.57
CA ASN F 369 -63.49 -8.54 25.74
C ASN F 369 -64.17 -7.20 26.00
N THR F 370 -64.53 -6.49 24.93
CA THR F 370 -65.30 -5.25 25.11
C THR F 370 -66.68 -5.54 25.68
N PHE F 371 -67.29 -6.67 25.29
CA PHE F 371 -68.55 -7.06 25.93
C PHE F 371 -68.32 -7.34 27.41
N LYS F 372 -67.21 -7.99 27.75
CA LYS F 372 -66.90 -8.27 29.15
C LYS F 372 -66.76 -6.98 29.95
N VAL F 373 -66.01 -6.01 29.42
CA VAL F 373 -65.85 -4.77 30.16
C VAL F 373 -67.15 -3.98 30.19
N LEU F 374 -68.03 -4.19 29.22
CA LEU F 374 -69.38 -3.66 29.32
C LEU F 374 -70.13 -4.29 30.48
N THR F 375 -69.96 -5.61 30.67
CA THR F 375 -70.58 -6.27 31.81
C THR F 375 -70.06 -5.68 33.11
N ARG F 376 -68.75 -5.47 33.21
CA ARG F 376 -68.17 -4.88 34.42
C ARG F 376 -68.34 -3.37 34.48
N ASP F 377 -68.76 -2.73 33.38
CA ASP F 377 -69.00 -1.29 33.39
C ASP F 377 -69.96 -0.98 32.24
N LYS F 378 -71.20 -0.66 32.58
CA LYS F 378 -72.23 -0.37 31.59
C LYS F 378 -72.19 1.07 31.09
N ARG F 379 -71.08 1.78 31.29
CA ARG F 379 -70.95 3.18 30.94
C ARG F 379 -70.15 3.33 29.65
N LEU F 380 -70.67 4.10 28.71
CA LEU F 380 -70.07 4.27 27.39
C LEU F 380 -69.90 5.73 27.05
N VAL F 381 -68.74 6.08 26.49
CA VAL F 381 -68.44 7.46 26.13
C VAL F 381 -68.34 7.56 24.61
N PRO F 382 -68.57 8.73 24.02
CA PRO F 382 -68.48 8.85 22.56
C PRO F 382 -67.06 8.56 22.08
N GLY F 383 -66.98 7.95 20.90
CA GLY F 383 -65.70 7.59 20.33
C GLY F 383 -65.41 8.28 19.02
N GLY F 384 -64.40 7.80 18.30
CA GLY F 384 -64.05 8.40 17.03
C GLY F 384 -63.51 9.81 17.14
N GLY F 385 -62.67 10.07 18.14
CA GLY F 385 -62.10 11.39 18.32
C GLY F 385 -62.95 12.33 19.15
N ALA F 386 -64.13 11.91 19.59
CA ALA F 386 -64.99 12.80 20.38
C ALA F 386 -64.42 13.00 21.78
N THR F 387 -64.29 11.90 22.53
CA THR F 387 -63.82 11.99 23.91
C THR F 387 -62.40 12.56 23.98
N GLU F 388 -61.56 12.19 23.02
CA GLU F 388 -60.18 12.67 23.03
C GLU F 388 -60.13 14.19 22.94
N ILE F 389 -60.81 14.76 21.95
CA ILE F 389 -60.78 16.21 21.78
C ILE F 389 -61.50 16.89 22.94
N GLU F 390 -62.58 16.27 23.46
CA GLU F 390 -63.28 16.88 24.59
C GLU F 390 -62.38 16.97 25.81
N LEU F 391 -61.70 15.88 26.14
CA LEU F 391 -60.80 15.90 27.29
C LEU F 391 -59.63 16.84 27.06
N ALA F 392 -59.12 16.89 25.83
CA ALA F 392 -58.05 17.83 25.55
C ALA F 392 -58.49 19.27 25.78
N LYS F 393 -59.70 19.61 25.32
CA LYS F 393 -60.22 20.95 25.54
C LYS F 393 -60.40 21.23 27.03
N GLN F 394 -60.94 20.27 27.77
CA GLN F 394 -61.14 20.48 29.20
C GLN F 394 -59.82 20.71 29.92
N ILE F 395 -58.82 19.87 29.64
CA ILE F 395 -57.55 19.97 30.33
C ILE F 395 -56.82 21.25 29.94
N THR F 396 -56.84 21.61 28.65
CA THR F 396 -56.14 22.83 28.24
C THR F 396 -56.85 24.07 28.75
N SER F 397 -58.16 24.01 28.97
CA SER F 397 -58.85 25.14 29.58
C SER F 397 -58.54 25.23 31.06
N TYR F 398 -58.44 24.08 31.73
CA TYR F 398 -58.05 24.07 33.13
C TYR F 398 -56.60 24.50 33.34
N GLY F 399 -55.75 24.31 32.33
CA GLY F 399 -54.34 24.61 32.50
C GLY F 399 -54.07 26.08 32.78
N GLU F 400 -54.73 26.97 32.04
CA GLU F 400 -54.51 28.39 32.26
C GLU F 400 -54.92 28.83 33.66
N THR F 401 -55.93 28.19 34.24
CA THR F 401 -56.34 28.52 35.60
C THR F 401 -55.25 28.18 36.59
N CYS F 402 -54.59 27.05 36.42
CA CYS F 402 -53.58 26.61 37.37
C CYS F 402 -52.29 27.40 37.18
N PRO F 403 -51.81 28.12 38.18
CA PRO F 403 -50.52 28.80 38.07
C PRO F 403 -49.38 27.85 38.38
N GLY F 404 -48.17 28.39 38.40
CA GLY F 404 -46.99 27.59 38.65
C GLY F 404 -46.37 27.04 37.39
N LEU F 405 -45.38 26.19 37.59
CA LEU F 405 -44.63 25.63 36.47
C LEU F 405 -45.22 24.34 35.92
N GLU F 406 -46.19 23.75 36.61
CA GLU F 406 -46.87 22.56 36.08
C GLU F 406 -47.76 22.90 34.90
N GLN F 407 -47.97 24.18 34.63
CA GLN F 407 -48.89 24.57 33.57
C GLN F 407 -48.35 24.14 32.20
N TYR F 408 -47.04 24.23 31.98
CA TYR F 408 -46.46 23.80 30.73
C TYR F 408 -46.71 22.32 30.50
N ALA F 409 -46.46 21.50 31.53
CA ALA F 409 -46.73 20.08 31.42
C ALA F 409 -48.22 19.80 31.21
N ILE F 410 -49.09 20.63 31.78
CA ILE F 410 -50.53 20.41 31.60
C ILE F 410 -50.93 20.65 30.14
N LYS F 411 -50.51 21.76 29.55
CA LYS F 411 -50.82 21.95 28.13
C LYS F 411 -50.18 20.88 27.26
N LYS F 412 -48.94 20.48 27.56
CA LYS F 412 -48.35 19.43 26.75
C LYS F 412 -49.09 18.11 26.91
N PHE F 413 -49.63 17.84 28.09
CA PHE F 413 -50.45 16.66 28.26
C PHE F 413 -51.72 16.73 27.43
N ALA F 414 -52.36 17.90 27.40
CA ALA F 414 -53.55 18.06 26.56
C ALA F 414 -53.22 17.88 25.09
N GLU F 415 -52.08 18.43 24.65
CA GLU F 415 -51.68 18.30 23.26
C GLU F 415 -51.37 16.85 22.89
N ALA F 416 -50.73 16.12 23.80
CA ALA F 416 -50.52 14.69 23.56
C ALA F 416 -51.83 13.94 23.54
N PHE F 417 -52.80 14.39 24.34
CA PHE F 417 -54.10 13.72 24.35
C PHE F 417 -54.84 13.95 23.05
N GLU F 418 -54.71 15.14 22.46
CA GLU F 418 -55.43 15.45 21.23
C GLU F 418 -54.78 14.84 19.99
N ALA F 419 -53.68 14.11 20.14
CA ALA F 419 -53.03 13.51 18.99
C ALA F 419 -53.75 12.29 18.45
N ILE F 420 -54.71 11.74 19.19
CA ILE F 420 -55.41 10.54 18.72
C ILE F 420 -56.22 10.81 17.45
N PRO F 421 -57.12 11.79 17.40
CA PRO F 421 -57.83 12.02 16.13
C PRO F 421 -56.91 12.47 15.01
N ARG F 422 -55.78 13.07 15.32
CA ARG F 422 -54.81 13.43 14.29
C ARG F 422 -54.33 12.19 13.55
N ALA F 423 -53.86 11.18 14.30
CA ALA F 423 -53.44 9.93 13.67
C ALA F 423 -54.61 9.23 13.00
N LEU F 424 -55.78 9.25 13.65
CA LEU F 424 -56.94 8.56 13.08
C LEU F 424 -57.32 9.13 11.73
N ALA F 425 -57.23 10.45 11.58
CA ALA F 425 -57.51 11.08 10.29
C ALA F 425 -56.39 10.83 9.30
N GLU F 426 -55.14 10.96 9.74
CA GLU F 426 -54.01 10.88 8.82
C GLU F 426 -53.89 9.49 8.19
N ASN F 427 -53.95 8.45 9.01
CA ASN F 427 -53.81 7.11 8.47
C ASN F 427 -55.03 6.65 7.69
N SER F 428 -56.14 7.40 7.75
CA SER F 428 -57.32 7.10 6.97
C SER F 428 -57.36 7.86 5.65
N GLY F 429 -56.36 8.68 5.36
CA GLY F 429 -56.29 9.37 4.08
C GLY F 429 -56.49 10.86 4.15
N VAL F 430 -57.42 11.31 4.99
CA VAL F 430 -57.74 12.73 5.07
C VAL F 430 -56.58 13.47 5.74
N LYS F 431 -56.37 14.71 5.32
CA LYS F 431 -55.36 15.56 5.96
C LYS F 431 -55.72 15.77 7.43
N ALA F 432 -54.73 15.58 8.30
CA ALA F 432 -55.02 15.53 9.74
C ALA F 432 -55.30 16.91 10.31
N ASN F 433 -54.54 17.93 9.88
CA ASN F 433 -54.67 19.25 10.48
C ASN F 433 -56.06 19.84 10.23
N GLU F 434 -56.59 19.68 9.03
CA GLU F 434 -57.94 20.17 8.74
C GLU F 434 -58.96 19.53 9.67
N VAL F 435 -58.87 18.20 9.82
CA VAL F 435 -59.81 17.50 10.70
C VAL F 435 -59.68 18.00 12.13
N ILE F 436 -58.44 18.14 12.60
CA ILE F 436 -58.23 18.57 13.99
C ILE F 436 -58.83 19.96 14.21
N SER F 437 -58.54 20.89 13.31
CA SER F 437 -59.02 22.26 13.49
C SER F 437 -60.54 22.31 13.42
N LYS F 438 -61.14 21.64 12.43
CA LYS F 438 -62.59 21.66 12.30
C LYS F 438 -63.26 21.03 13.51
N LEU F 439 -62.73 19.89 13.97
CA LEU F 439 -63.31 19.23 15.13
C LEU F 439 -63.21 20.10 16.37
N TYR F 440 -62.04 20.70 16.59
CA TYR F 440 -61.86 21.52 17.79
C TYR F 440 -62.75 22.74 17.75
N ALA F 441 -62.88 23.39 16.59
CA ALA F 441 -63.75 24.56 16.49
C ALA F 441 -65.21 24.17 16.67
N VAL F 442 -65.63 23.06 16.07
CA VAL F 442 -67.02 22.62 16.20
C VAL F 442 -67.34 22.27 17.64
N HIS F 443 -66.38 21.67 18.37
CA HIS F 443 -66.67 21.11 19.68
C HIS F 443 -67.15 22.14 20.67
N GLN F 444 -66.87 23.43 20.45
CA GLN F 444 -67.42 24.47 21.32
C GLN F 444 -68.94 24.52 21.21
N GLU F 445 -69.47 24.40 20.00
CA GLU F 445 -70.91 24.37 19.77
C GLU F 445 -71.42 22.97 19.44
N GLY F 446 -70.73 22.27 18.55
CA GLY F 446 -71.02 20.88 18.23
C GLY F 446 -70.41 19.98 19.29
N ASN F 447 -71.10 19.85 20.42
CA ASN F 447 -70.49 19.32 21.63
C ASN F 447 -70.32 17.80 21.54
N LYS F 448 -70.10 17.18 22.69
CA LYS F 448 -69.43 15.89 22.87
C LYS F 448 -69.64 14.89 21.75
N ASN F 449 -70.88 14.75 21.27
CA ASN F 449 -71.20 13.64 20.37
C ASN F 449 -70.62 13.81 18.96
N VAL F 450 -70.02 14.95 18.63
CA VAL F 450 -69.45 15.12 17.30
C VAL F 450 -68.24 14.20 17.14
N GLY F 451 -67.93 13.83 15.91
CA GLY F 451 -66.78 12.98 15.66
C GLY F 451 -66.40 12.98 14.20
N LEU F 452 -65.32 12.26 13.91
CA LEU F 452 -64.78 12.19 12.56
C LEU F 452 -65.64 11.32 11.66
N ASP F 453 -65.58 11.58 10.36
CA ASP F 453 -66.29 10.79 9.36
C ASP F 453 -65.27 10.02 8.52
N ILE F 454 -65.37 8.69 8.55
CA ILE F 454 -64.48 7.83 7.79
C ILE F 454 -64.76 7.91 6.29
N GLU F 455 -66.04 7.94 5.92
CA GLU F 455 -66.40 7.76 4.52
C GLU F 455 -65.92 8.90 3.65
N ALA F 456 -66.19 10.14 4.04
CA ALA F 456 -65.89 11.28 3.19
C ALA F 456 -64.39 11.52 3.10
N GLU F 457 -63.89 11.67 1.87
CA GLU F 457 -62.49 12.05 1.69
C GLU F 457 -62.26 13.49 2.12
N VAL F 458 -63.25 14.35 1.92
CA VAL F 458 -63.17 15.72 2.44
C VAL F 458 -63.17 15.68 3.96
N PRO F 459 -62.42 16.55 4.65
CA PRO F 459 -62.42 16.50 6.12
C PRO F 459 -63.74 16.98 6.72
N ALA F 460 -64.74 16.09 6.75
CA ALA F 460 -66.04 16.39 7.31
C ALA F 460 -66.22 15.66 8.64
N VAL F 461 -67.03 16.26 9.50
CA VAL F 461 -67.30 15.72 10.83
C VAL F 461 -68.74 15.23 10.88
N LYS F 462 -69.07 14.48 11.93
CA LYS F 462 -70.39 13.89 12.05
C LYS F 462 -70.61 13.48 13.50
N ASP F 463 -71.84 13.65 13.97
CA ASP F 463 -72.20 13.25 15.32
C ASP F 463 -72.11 11.73 15.48
N MET F 464 -71.66 11.28 16.65
CA MET F 464 -71.50 9.86 16.94
C MET F 464 -72.68 9.23 17.65
N LEU F 465 -73.56 10.01 18.28
CA LEU F 465 -74.68 9.40 19.01
C LEU F 465 -75.58 8.63 18.06
N GLU F 466 -75.86 9.20 16.89
CA GLU F 466 -76.60 8.46 15.87
C GLU F 466 -75.76 7.35 15.27
N ALA F 467 -74.47 7.59 15.09
CA ALA F 467 -73.59 6.60 14.48
C ALA F 467 -73.39 5.38 15.37
N GLY F 468 -73.68 5.48 16.67
CA GLY F 468 -73.53 4.36 17.55
C GLY F 468 -72.11 3.88 17.75
N ILE F 469 -71.12 4.72 17.46
CA ILE F 469 -69.72 4.36 17.61
C ILE F 469 -69.29 4.82 19.00
N LEU F 470 -69.22 3.88 19.94
CA LEU F 470 -68.89 4.17 21.32
C LEU F 470 -67.81 3.21 21.81
N ASP F 471 -67.06 3.65 22.81
CA ASP F 471 -66.00 2.86 23.40
C ASP F 471 -66.15 2.86 24.93
N THR F 472 -65.58 1.83 25.54
CA THR F 472 -65.76 1.62 26.98
C THR F 472 -65.22 2.79 27.79
N TYR F 473 -65.99 3.19 28.79
CA TYR F 473 -65.52 4.21 29.73
C TYR F 473 -64.36 3.68 30.56
N LEU F 474 -64.52 2.49 31.14
CA LEU F 474 -63.46 1.92 31.98
C LEU F 474 -62.20 1.65 31.16
N GLY F 475 -62.37 1.20 29.92
CA GLY F 475 -61.21 0.93 29.07
C GLY F 475 -60.39 2.17 28.81
N LYS F 476 -61.06 3.26 28.42
CA LYS F 476 -60.35 4.50 28.18
C LYS F 476 -59.74 5.04 29.48
N TYR F 477 -60.47 4.91 30.59
CA TYR F 477 -59.93 5.34 31.89
C TYR F 477 -58.62 4.63 32.20
N TRP F 478 -58.62 3.30 32.13
CA TRP F 478 -57.42 2.55 32.45
C TRP F 478 -56.32 2.82 31.44
N ALA F 479 -56.67 2.99 30.16
CA ALA F 479 -55.65 3.29 29.16
C ALA F 479 -54.97 4.62 29.45
N ILE F 480 -55.74 5.65 29.79
CA ILE F 480 -55.14 6.94 30.12
C ILE F 480 -54.25 6.81 31.36
N LYS F 481 -54.74 6.13 32.39
CA LYS F 481 -53.95 5.98 33.61
C LYS F 481 -52.63 5.29 33.33
N LEU F 482 -52.67 4.19 32.58
CA LEU F 482 -51.46 3.43 32.35
C LEU F 482 -50.52 4.14 31.39
N ALA F 483 -51.05 4.89 30.42
CA ALA F 483 -50.18 5.69 29.57
C ALA F 483 -49.45 6.76 30.37
N THR F 484 -50.16 7.42 31.30
CA THR F 484 -49.51 8.41 32.14
C THR F 484 -48.44 7.76 33.02
N ASN F 485 -48.75 6.61 33.61
CA ASN F 485 -47.77 5.92 34.44
C ASN F 485 -46.54 5.53 33.63
N ALA F 486 -46.74 5.05 32.41
CA ALA F 486 -45.61 4.65 31.58
C ALA F 486 -44.77 5.85 31.19
N ALA F 487 -45.41 6.96 30.80
CA ALA F 487 -44.63 8.15 30.44
C ALA F 487 -43.83 8.65 31.63
N VAL F 488 -44.44 8.65 32.82
CA VAL F 488 -43.71 9.10 34.01
C VAL F 488 -42.53 8.18 34.30
N THR F 489 -42.75 6.87 34.28
CA THR F 489 -41.66 5.95 34.58
C THR F 489 -40.60 5.92 33.49
N VAL F 490 -40.90 6.40 32.29
CA VAL F 490 -39.85 6.58 31.29
C VAL F 490 -39.08 7.86 31.50
N LEU F 491 -39.75 8.96 31.87
CA LEU F 491 -39.06 10.23 31.98
C LEU F 491 -38.02 10.23 33.11
N ARG F 492 -38.23 9.43 34.14
CA ARG F 492 -37.36 9.43 35.32
C ARG F 492 -36.28 8.36 35.21
N VAL F 493 -35.49 8.43 34.13
CA VAL F 493 -34.28 7.63 33.98
C VAL F 493 -33.19 8.54 33.43
N ASP F 494 -31.94 8.17 33.70
CA ASP F 494 -30.81 8.96 33.24
C ASP F 494 -29.96 8.22 32.22
N GLN F 495 -29.42 7.05 32.57
CA GLN F 495 -28.64 6.25 31.64
C GLN F 495 -28.30 4.89 32.23
N ILE F 496 -27.56 4.08 31.48
CA ILE F 496 -27.03 2.82 31.99
C ILE F 496 -25.92 2.39 31.05
N ILE F 497 -25.01 1.55 31.56
CA ILE F 497 -23.91 1.05 30.74
C ILE F 497 -24.46 0.28 29.55
N MET F 498 -23.96 0.61 28.36
CA MET F 498 -24.44 -0.01 27.13
C MET F 498 -23.37 0.01 26.04
N THR G 12 -25.66 7.83 -16.35
CA THR G 12 -25.22 7.20 -17.60
C THR G 12 -26.21 7.45 -18.72
N GLY G 13 -27.45 7.04 -18.50
CA GLY G 13 -28.49 7.20 -19.49
C GLY G 13 -28.55 6.05 -20.48
N GLU G 14 -29.75 5.75 -20.95
CA GLU G 14 -29.98 4.69 -21.91
C GLU G 14 -30.59 5.16 -23.21
N THR G 15 -31.07 6.41 -23.28
CA THR G 15 -31.70 6.95 -24.47
C THR G 15 -31.71 8.47 -24.33
N ILE G 16 -31.28 9.18 -25.38
CA ILE G 16 -31.34 10.63 -25.30
C ILE G 16 -32.78 11.12 -25.23
N ARG G 17 -33.74 10.32 -25.65
CA ARG G 17 -35.13 10.67 -25.36
C ARG G 17 -35.34 10.83 -23.86
N SER G 18 -34.84 9.86 -23.09
CA SER G 18 -34.94 9.95 -21.64
C SER G 18 -34.21 11.17 -21.10
N GLN G 19 -33.01 11.44 -21.62
CA GLN G 19 -32.25 12.59 -21.12
C GLN G 19 -32.95 13.90 -21.43
N ASN G 20 -33.48 14.04 -22.64
CA ASN G 20 -34.18 15.27 -23.01
C ASN G 20 -35.45 15.45 -22.20
N VAL G 21 -36.20 14.37 -21.96
CA VAL G 21 -37.41 14.54 -21.17
C VAL G 21 -37.07 14.78 -19.71
N MET G 22 -35.95 14.26 -19.21
CA MET G 22 -35.52 14.63 -17.86
C MET G 22 -35.15 16.10 -17.80
N ALA G 23 -34.48 16.61 -18.83
CA ALA G 23 -34.18 18.04 -18.87
C ALA G 23 -35.46 18.86 -18.90
N ALA G 24 -36.45 18.42 -19.67
CA ALA G 24 -37.74 19.11 -19.71
C ALA G 24 -38.43 19.07 -18.35
N ALA G 25 -38.41 17.91 -17.70
CA ALA G 25 -39.03 17.80 -16.39
C ALA G 25 -38.36 18.70 -15.38
N SER G 26 -37.03 18.78 -15.42
CA SER G 26 -36.32 19.67 -14.50
C SER G 26 -36.66 21.13 -14.78
N ILE G 27 -36.60 21.55 -16.05
CA ILE G 27 -36.85 22.95 -16.36
C ILE G 27 -38.29 23.33 -16.05
N ALA G 28 -39.22 22.38 -16.13
CA ALA G 28 -40.59 22.67 -15.71
C ALA G 28 -40.68 22.74 -14.19
N ASN G 29 -40.10 21.77 -13.49
CA ASN G 29 -40.20 21.72 -12.04
C ASN G 29 -39.59 22.95 -11.38
N ILE G 30 -38.59 23.55 -12.03
CA ILE G 30 -38.05 24.80 -11.51
C ILE G 30 -39.12 25.88 -11.51
N VAL G 31 -39.86 26.00 -12.61
CA VAL G 31 -40.84 27.06 -12.78
C VAL G 31 -42.26 26.57 -12.53
N LYS G 32 -42.44 25.32 -12.15
CA LYS G 32 -43.79 24.77 -11.99
C LYS G 32 -44.56 25.48 -10.89
N SER G 33 -43.90 25.78 -9.77
CA SER G 33 -44.61 26.32 -8.61
C SER G 33 -45.08 27.76 -8.83
N SER G 34 -44.31 28.56 -9.56
CA SER G 34 -44.59 29.99 -9.62
C SER G 34 -45.84 30.34 -10.42
N LEU G 35 -46.44 29.39 -11.13
CA LEU G 35 -47.61 29.70 -11.94
C LEU G 35 -48.80 30.06 -11.05
N GLY G 36 -49.50 31.12 -11.43
CA GLY G 36 -50.66 31.58 -10.71
C GLY G 36 -50.36 32.80 -9.87
N PRO G 37 -51.39 33.60 -9.59
CA PRO G 37 -51.19 34.76 -8.70
C PRO G 37 -50.78 34.38 -7.30
N VAL G 38 -51.05 33.15 -6.87
CA VAL G 38 -50.63 32.68 -5.55
C VAL G 38 -49.32 31.89 -5.63
N GLY G 39 -48.58 32.02 -6.72
CA GLY G 39 -47.35 31.29 -6.86
C GLY G 39 -46.28 31.77 -5.90
N LEU G 40 -45.43 30.84 -5.49
CA LEU G 40 -44.33 31.15 -4.59
C LEU G 40 -43.17 31.77 -5.37
N ASP G 41 -42.53 32.76 -4.77
CA ASP G 41 -41.43 33.45 -5.42
C ASP G 41 -40.21 32.54 -5.50
N LYS G 42 -39.30 32.87 -6.43
CA LYS G 42 -38.12 32.07 -6.68
C LYS G 42 -36.86 32.91 -6.46
N MET G 43 -35.80 32.23 -6.04
CA MET G 43 -34.62 32.88 -5.48
C MET G 43 -33.49 32.68 -6.51
N LEU G 44 -33.27 33.68 -7.35
CA LEU G 44 -32.37 33.54 -8.49
C LEU G 44 -30.99 34.09 -8.14
N VAL G 45 -30.15 33.18 -7.61
CA VAL G 45 -28.78 33.55 -7.28
C VAL G 45 -27.92 33.56 -8.53
N ASP G 46 -26.87 34.40 -8.52
CA ASP G 46 -25.94 34.51 -9.62
C ASP G 46 -24.52 34.35 -9.09
N ASP G 47 -23.55 34.39 -10.01
CA ASP G 47 -22.15 34.26 -9.61
C ASP G 47 -21.71 35.41 -8.72
N ILE G 48 -22.11 36.63 -9.08
CA ILE G 48 -21.70 37.82 -8.32
C ILE G 48 -22.49 37.99 -7.03
N GLY G 49 -23.53 37.18 -6.81
CA GLY G 49 -24.32 37.26 -5.60
C GLY G 49 -25.44 38.27 -5.61
N ASP G 50 -25.63 39.00 -6.72
CA ASP G 50 -26.74 39.96 -6.82
C ASP G 50 -28.02 39.20 -7.15
N VAL G 51 -28.69 38.76 -6.11
CA VAL G 51 -29.84 37.88 -6.24
C VAL G 51 -31.10 38.70 -6.47
N THR G 52 -32.03 38.14 -7.23
CA THR G 52 -33.33 38.76 -7.50
C THR G 52 -34.45 37.81 -7.10
N ILE G 53 -35.62 38.40 -6.86
CA ILE G 53 -36.82 37.66 -6.47
C ILE G 53 -37.92 37.98 -7.48
N THR G 54 -38.58 36.94 -7.98
CA THR G 54 -39.65 37.12 -8.94
C THR G 54 -40.64 35.97 -8.81
N ASN G 55 -41.83 36.18 -9.38
CA ASN G 55 -42.91 35.20 -9.29
C ASN G 55 -43.49 34.81 -10.64
N ASP G 56 -43.05 35.43 -11.74
CA ASP G 56 -43.57 35.15 -13.06
C ASP G 56 -42.52 34.45 -13.90
N GLY G 57 -42.97 33.50 -14.73
CA GLY G 57 -42.05 32.64 -15.44
C GLY G 57 -41.19 33.34 -16.47
N ALA G 58 -41.70 34.43 -17.06
CA ALA G 58 -40.93 35.16 -18.05
C ALA G 58 -39.64 35.71 -17.43
N THR G 59 -39.78 36.42 -16.31
CA THR G 59 -38.60 36.94 -15.62
C THR G 59 -37.71 35.82 -15.10
N ILE G 60 -38.28 34.64 -14.88
CA ILE G 60 -37.47 33.50 -14.45
C ILE G 60 -36.59 33.02 -15.60
N LEU G 61 -37.20 32.71 -16.73
CA LEU G 61 -36.48 32.12 -17.84
C LEU G 61 -35.62 33.11 -18.61
N LYS G 62 -35.87 34.42 -18.48
CA LYS G 62 -35.00 35.37 -19.15
C LYS G 62 -33.60 35.38 -18.55
N LEU G 63 -33.47 35.05 -17.27
CA LEU G 63 -32.18 35.06 -16.60
C LEU G 63 -31.82 33.73 -15.94
N LEU G 64 -32.57 32.66 -16.23
CA LEU G 64 -32.23 31.35 -15.68
C LEU G 64 -31.05 30.77 -16.43
N GLU G 65 -30.05 30.31 -15.69
CA GLU G 65 -28.85 29.75 -16.29
C GLU G 65 -29.14 28.33 -16.76
N VAL G 66 -29.15 28.14 -18.09
CA VAL G 66 -29.49 26.86 -18.70
C VAL G 66 -28.21 26.20 -19.20
N GLU G 67 -28.18 24.88 -19.18
CA GLU G 67 -27.00 24.15 -19.59
C GLU G 67 -27.26 23.08 -20.64
N HIS G 68 -28.41 22.40 -20.57
CA HIS G 68 -28.66 21.30 -21.49
C HIS G 68 -29.35 21.84 -22.75
N PRO G 69 -28.97 21.33 -23.94
CA PRO G 69 -29.54 21.89 -25.18
C PRO G 69 -31.05 21.80 -25.26
N ALA G 70 -31.65 20.71 -24.76
CA ALA G 70 -33.09 20.62 -24.74
C ALA G 70 -33.70 21.73 -23.90
N ALA G 71 -33.09 22.03 -22.76
CA ALA G 71 -33.55 23.15 -21.94
C ALA G 71 -33.42 24.47 -22.68
N LYS G 72 -32.34 24.65 -23.44
CA LYS G 72 -32.19 25.88 -24.23
C LYS G 72 -33.31 25.99 -25.25
N VAL G 73 -33.63 24.89 -25.92
CA VAL G 73 -34.71 24.91 -26.91
C VAL G 73 -36.03 25.28 -26.24
N LEU G 74 -36.33 24.64 -25.11
CA LEU G 74 -37.59 24.93 -24.43
C LEU G 74 -37.67 26.37 -23.99
N CYS G 75 -36.57 26.90 -23.42
CA CYS G 75 -36.64 28.26 -22.91
C CYS G 75 -36.69 29.28 -24.05
N GLU G 76 -36.10 28.99 -25.21
CA GLU G 76 -36.22 29.96 -26.29
C GLU G 76 -37.58 29.87 -26.97
N LEU G 77 -38.21 28.69 -27.01
CA LEU G 77 -39.63 28.65 -27.38
C LEU G 77 -40.47 29.47 -26.41
N ALA G 78 -40.17 29.37 -25.12
CA ALA G 78 -40.90 30.17 -24.14
C ALA G 78 -40.71 31.66 -24.39
N ASP G 79 -39.47 32.08 -24.67
CA ASP G 79 -39.22 33.49 -24.98
C ASP G 79 -39.94 33.90 -26.25
N LEU G 80 -40.00 33.03 -27.25
CA LEU G 80 -40.74 33.32 -28.47
C LEU G 80 -42.22 33.53 -28.16
N GLN G 81 -42.81 32.66 -27.35
CA GLN G 81 -44.22 32.82 -26.98
C GLN G 81 -44.44 34.12 -26.22
N ASP G 82 -43.53 34.44 -25.30
CA ASP G 82 -43.65 35.68 -24.53
C ASP G 82 -43.59 36.90 -25.45
N LYS G 83 -42.64 36.91 -26.40
CA LYS G 83 -42.56 38.01 -27.34
C LYS G 83 -43.76 38.06 -28.27
N GLU G 84 -44.40 36.92 -28.52
CA GLU G 84 -45.57 36.90 -29.40
C GLU G 84 -46.80 37.47 -28.70
N VAL G 85 -47.22 36.85 -27.60
CA VAL G 85 -48.46 37.22 -26.94
C VAL G 85 -48.28 37.70 -25.51
N GLY G 86 -47.14 37.44 -24.88
CA GLY G 86 -46.95 37.88 -23.51
C GLY G 86 -47.20 36.80 -22.49
N ASP G 87 -48.39 36.84 -21.88
CA ASP G 87 -48.72 35.88 -20.82
C ASP G 87 -48.80 34.46 -21.37
N GLY G 88 -48.51 33.50 -20.50
CA GLY G 88 -48.62 32.09 -20.85
C GLY G 88 -47.32 31.33 -20.93
N THR G 89 -46.19 31.98 -20.65
CA THR G 89 -44.90 31.29 -20.72
C THR G 89 -44.85 30.08 -19.80
N THR G 90 -45.29 30.25 -18.56
CA THR G 90 -45.32 29.12 -17.63
C THR G 90 -46.21 28.02 -18.16
N SER G 91 -47.38 28.36 -18.69
CA SER G 91 -48.31 27.35 -19.16
C SER G 91 -47.73 26.59 -20.35
N VAL G 92 -47.11 27.28 -21.29
CA VAL G 92 -46.57 26.58 -22.46
C VAL G 92 -45.41 25.68 -22.04
N VAL G 93 -44.56 26.16 -21.12
CA VAL G 93 -43.43 25.34 -20.68
C VAL G 93 -43.93 24.09 -19.98
N ILE G 94 -44.91 24.25 -19.09
CA ILE G 94 -45.43 23.12 -18.33
C ILE G 94 -46.11 22.11 -19.26
N ILE G 95 -46.92 22.61 -20.19
CA ILE G 95 -47.63 21.72 -21.12
C ILE G 95 -46.62 20.99 -22.00
N ALA G 96 -45.59 21.70 -22.46
CA ALA G 96 -44.57 21.06 -23.29
C ALA G 96 -43.84 19.96 -22.53
N ALA G 97 -43.46 20.23 -21.28
CA ALA G 97 -42.77 19.21 -20.50
C ALA G 97 -43.67 18.01 -20.25
N GLU G 98 -44.95 18.26 -19.94
CA GLU G 98 -45.88 17.16 -19.73
C GLU G 98 -46.03 16.33 -20.99
N LEU G 99 -46.16 16.98 -22.14
CA LEU G 99 -46.26 16.27 -23.40
C LEU G 99 -45.01 15.45 -23.67
N LEU G 100 -43.85 16.02 -23.41
CA LEU G 100 -42.60 15.30 -23.65
C LEU G 100 -42.51 14.05 -22.78
N LYS G 101 -42.83 14.17 -21.49
CA LYS G 101 -42.68 13.00 -20.64
C LYS G 101 -43.73 11.94 -20.96
N ASN G 102 -44.97 12.36 -21.26
CA ASN G 102 -46.00 11.39 -21.62
C ASN G 102 -45.64 10.70 -22.94
N ALA G 103 -45.14 11.46 -23.91
CA ALA G 103 -44.76 10.87 -25.19
C ALA G 103 -43.54 9.97 -25.04
N ASP G 104 -42.63 10.28 -24.12
CA ASP G 104 -41.51 9.38 -23.89
C ASP G 104 -41.98 8.08 -23.26
N GLU G 105 -42.93 8.15 -22.33
CA GLU G 105 -43.50 6.92 -21.79
C GLU G 105 -44.18 6.12 -22.90
N LEU G 106 -44.91 6.82 -23.77
CA LEU G 106 -45.64 6.15 -24.84
C LEU G 106 -44.71 5.60 -25.92
N VAL G 107 -43.52 6.20 -26.09
CA VAL G 107 -42.56 5.65 -27.04
C VAL G 107 -41.80 4.49 -26.42
N LYS G 108 -41.60 4.50 -25.10
CA LYS G 108 -41.16 3.27 -24.44
C LYS G 108 -42.25 2.20 -24.47
N GLN G 109 -43.49 2.60 -24.72
CA GLN G 109 -44.58 1.67 -25.01
C GLN G 109 -44.56 1.18 -26.45
N LYS G 110 -43.43 1.35 -27.14
CA LYS G 110 -43.22 0.85 -28.50
C LYS G 110 -44.20 1.48 -29.50
N ILE G 111 -44.11 2.81 -29.60
CA ILE G 111 -44.82 3.57 -30.63
C ILE G 111 -43.78 4.41 -31.37
N HIS G 112 -43.76 4.31 -32.69
CA HIS G 112 -42.76 5.04 -33.44
C HIS G 112 -43.11 6.53 -33.39
N PRO G 113 -42.13 7.39 -33.11
CA PRO G 113 -42.44 8.79 -32.76
C PRO G 113 -43.17 9.58 -33.84
N THR G 114 -43.05 9.22 -35.12
CA THR G 114 -43.71 10.02 -36.14
C THR G 114 -45.23 9.93 -36.04
N SER G 115 -45.75 8.76 -35.68
CA SER G 115 -47.17 8.64 -35.40
C SER G 115 -47.57 9.54 -34.24
N VAL G 116 -46.72 9.62 -33.22
CA VAL G 116 -46.97 10.51 -32.09
C VAL G 116 -47.04 11.95 -32.57
N ILE G 117 -46.11 12.36 -33.42
CA ILE G 117 -46.09 13.74 -33.93
C ILE G 117 -47.35 14.04 -34.71
N SER G 118 -47.74 13.11 -35.59
CA SER G 118 -48.95 13.31 -36.38
C SER G 118 -50.19 13.40 -35.49
N GLY G 119 -50.28 12.52 -34.49
CA GLY G 119 -51.40 12.59 -33.58
C GLY G 119 -51.45 13.88 -32.79
N TYR G 120 -50.28 14.35 -32.35
CA TYR G 120 -50.23 15.63 -31.63
C TYR G 120 -50.67 16.78 -32.51
N ARG G 121 -50.24 16.79 -33.77
CA ARG G 121 -50.64 17.87 -34.67
C ARG G 121 -52.14 17.84 -34.93
N LEU G 122 -52.71 16.65 -35.15
CA LEU G 122 -54.14 16.54 -35.33
C LEU G 122 -54.90 16.98 -34.09
N ALA G 123 -54.41 16.60 -32.91
CA ALA G 123 -55.05 17.00 -31.67
C ALA G 123 -55.01 18.50 -31.48
N CYS G 124 -53.88 19.14 -31.82
CA CYS G 124 -53.79 20.59 -31.73
C CYS G 124 -54.76 21.27 -32.67
N LYS G 125 -54.88 20.76 -33.90
CA LYS G 125 -55.83 21.34 -34.85
C LYS G 125 -57.25 21.22 -34.33
N GLU G 126 -57.62 20.04 -33.84
CA GLU G 126 -58.96 19.86 -33.31
C GLU G 126 -59.20 20.73 -32.08
N ALA G 127 -58.18 20.89 -31.25
CA ALA G 127 -58.33 21.71 -30.05
C ALA G 127 -58.55 23.18 -30.40
N VAL G 128 -57.80 23.71 -31.35
CA VAL G 128 -57.98 25.11 -31.71
C VAL G 128 -59.33 25.32 -32.38
N ARG G 129 -59.76 24.34 -33.21
CA ARG G 129 -61.08 24.46 -33.82
C ARG G 129 -62.19 24.40 -32.77
N TYR G 130 -62.03 23.54 -31.76
CA TYR G 130 -62.99 23.48 -30.66
C TYR G 130 -63.03 24.80 -29.89
N ILE G 131 -61.86 25.37 -29.58
CA ILE G 131 -61.82 26.60 -28.82
C ILE G 131 -62.47 27.74 -29.61
N ASN G 132 -62.19 27.83 -30.90
CA ASN G 132 -62.83 28.84 -31.71
C ASN G 132 -64.32 28.57 -31.93
N GLU G 133 -64.83 27.45 -31.42
CA GLU G 133 -66.24 27.11 -31.55
C GLU G 133 -67.00 27.16 -30.23
N ASN G 134 -66.35 26.91 -29.10
CA ASN G 134 -67.00 26.91 -27.79
C ASN G 134 -66.42 27.97 -26.86
N LEU G 135 -66.04 29.12 -27.41
CA LEU G 135 -65.57 30.24 -26.60
C LEU G 135 -66.78 31.02 -26.10
N ILE G 136 -66.55 32.20 -25.53
CA ILE G 136 -67.60 33.04 -24.98
C ILE G 136 -67.47 34.43 -25.58
N VAL G 137 -68.58 34.99 -26.02
CA VAL G 137 -68.58 36.27 -26.71
C VAL G 137 -69.18 37.35 -25.82
N ASN G 138 -69.04 37.18 -24.51
CA ASN G 138 -69.65 38.09 -23.54
C ASN G 138 -69.07 39.50 -23.61
N THR G 139 -67.93 39.68 -24.30
CA THR G 139 -67.28 40.98 -24.37
C THR G 139 -68.06 41.93 -25.31
N ASP G 140 -69.30 42.18 -24.90
CA ASP G 140 -70.21 43.08 -25.61
C ASP G 140 -70.59 44.22 -24.67
N GLU G 141 -71.43 45.12 -25.18
CA GLU G 141 -71.96 46.18 -24.33
C GLU G 141 -72.96 45.64 -23.32
N LEU G 142 -73.55 44.47 -23.60
CA LEU G 142 -74.46 43.85 -22.65
C LEU G 142 -73.73 43.25 -21.45
N GLY G 143 -72.43 43.00 -21.58
CA GLY G 143 -71.68 42.39 -20.50
C GLY G 143 -71.11 43.40 -19.53
N ARG G 144 -71.81 43.60 -18.42
CA ARG G 144 -71.33 44.48 -17.36
C ARG G 144 -71.32 43.80 -16.00
N ASP G 145 -72.32 42.93 -15.72
CA ASP G 145 -72.33 42.22 -14.44
C ASP G 145 -71.11 41.32 -14.31
N CYS G 146 -70.75 40.61 -15.38
CA CYS G 146 -69.53 39.81 -15.37
C CYS G 146 -68.30 40.70 -15.20
N LEU G 147 -68.28 41.84 -15.89
CA LEU G 147 -67.12 42.73 -15.80
C LEU G 147 -66.99 43.35 -14.42
N ILE G 148 -68.10 43.83 -13.86
CA ILE G 148 -68.05 44.40 -12.51
C ILE G 148 -67.70 43.33 -11.49
N ASN G 149 -68.18 42.10 -11.70
CA ASN G 149 -67.83 41.00 -10.81
C ASN G 149 -66.34 40.69 -10.89
N ALA G 150 -65.77 40.70 -12.09
CA ALA G 150 -64.34 40.47 -12.24
C ALA G 150 -63.54 41.58 -11.55
N ALA G 151 -63.98 42.83 -11.71
CA ALA G 151 -63.29 43.93 -11.05
C ALA G 151 -63.35 43.78 -9.53
N LYS G 152 -64.52 43.40 -9.00
CA LYS G 152 -64.64 43.23 -7.56
C LYS G 152 -63.78 42.08 -7.06
N THR G 153 -63.77 40.95 -7.79
CA THR G 153 -62.98 39.80 -7.36
C THR G 153 -61.48 40.10 -7.39
N SER G 154 -61.01 40.76 -8.45
CA SER G 154 -59.61 41.18 -8.47
C SER G 154 -59.33 42.25 -7.44
N MET G 155 -60.37 42.98 -7.01
CA MET G 155 -60.25 44.04 -6.02
C MET G 155 -60.48 43.54 -4.59
N SER G 156 -60.85 42.28 -4.42
CA SER G 156 -61.25 41.75 -3.14
C SER G 156 -60.08 41.74 -2.15
N SER G 157 -60.40 41.37 -0.91
CA SER G 157 -59.43 41.27 0.19
C SER G 157 -58.78 42.64 0.47
N LYS G 158 -59.63 43.61 0.78
CA LYS G 158 -59.18 44.96 1.10
C LYS G 158 -60.23 45.63 1.98
N ILE G 159 -59.82 46.73 2.62
CA ILE G 159 -60.71 47.48 3.49
C ILE G 159 -61.76 48.27 2.73
N ILE G 160 -61.66 48.34 1.40
CA ILE G 160 -62.58 49.10 0.57
C ILE G 160 -63.74 48.22 0.08
N GLY G 161 -63.81 46.96 0.51
CA GLY G 161 -64.83 46.06 0.00
C GLY G 161 -66.24 46.53 0.29
N ILE G 162 -66.42 47.40 1.28
CA ILE G 162 -67.74 47.94 1.56
C ILE G 162 -68.23 48.78 0.38
N ASN G 163 -67.37 49.66 -0.13
CA ASN G 163 -67.70 50.54 -1.23
C ASN G 163 -67.08 50.11 -2.55
N GLY G 164 -66.41 48.96 -2.58
CA GLY G 164 -65.78 48.50 -3.80
C GLY G 164 -66.74 48.28 -4.95
N ASP G 165 -68.03 48.11 -4.65
CA ASP G 165 -69.02 47.93 -5.70
C ASP G 165 -69.10 49.17 -6.59
N PHE G 166 -69.14 50.36 -5.98
CA PHE G 166 -69.20 51.59 -6.76
C PHE G 166 -67.93 51.81 -7.57
N PHE G 167 -66.76 51.49 -7.00
CA PHE G 167 -65.52 51.61 -7.77
C PHE G 167 -65.51 50.67 -8.96
N ALA G 168 -65.95 49.42 -8.77
CA ALA G 168 -65.99 48.49 -9.87
C ALA G 168 -67.04 48.88 -10.91
N ASN G 169 -68.10 49.56 -10.49
CA ASN G 169 -69.11 50.01 -11.43
C ASN G 169 -68.65 51.25 -12.21
N MET G 170 -67.88 52.13 -11.57
CA MET G 170 -67.40 53.33 -12.25
C MET G 170 -66.23 53.03 -13.18
N VAL G 171 -65.35 52.09 -12.82
CA VAL G 171 -64.17 51.84 -13.65
C VAL G 171 -64.57 51.31 -15.02
N VAL G 172 -65.57 50.43 -15.06
CA VAL G 172 -65.93 49.76 -16.30
C VAL G 172 -66.52 50.76 -17.29
N ASP G 173 -67.50 51.56 -16.86
CA ASP G 173 -68.08 52.52 -17.79
C ASP G 173 -67.18 53.73 -18.01
N ALA G 174 -66.22 53.99 -17.12
CA ALA G 174 -65.22 55.01 -17.41
C ALA G 174 -64.30 54.57 -18.54
N VAL G 175 -63.79 53.34 -18.46
CA VAL G 175 -62.91 52.86 -19.53
C VAL G 175 -63.70 52.66 -20.82
N LEU G 176 -64.99 52.34 -20.72
CA LEU G 176 -65.83 52.36 -21.92
C LEU G 176 -65.93 53.76 -22.50
N ALA G 177 -66.12 54.77 -21.64
CA ALA G 177 -66.25 56.14 -22.14
C ALA G 177 -64.93 56.69 -22.64
N ILE G 178 -63.85 56.45 -21.89
CA ILE G 178 -62.54 57.03 -22.22
C ILE G 178 -61.89 56.22 -23.32
N LYS G 179 -62.58 55.19 -23.80
CA LYS G 179 -62.06 54.37 -24.89
C LYS G 179 -61.81 55.23 -26.13
N TYR G 180 -60.61 55.12 -26.70
CA TYR G 180 -60.20 55.90 -27.86
C TYR G 180 -59.98 54.95 -29.03
N THR G 181 -60.75 55.13 -30.10
CA THR G 181 -60.59 54.29 -31.27
C THR G 181 -59.31 54.65 -32.02
N ASP G 182 -58.82 53.68 -32.80
CA ASP G 182 -57.59 53.83 -33.55
C ASP G 182 -57.91 54.06 -35.02
N ILE G 183 -56.86 54.11 -35.85
CA ILE G 183 -57.02 54.30 -37.28
C ILE G 183 -57.58 53.08 -37.99
N ARG G 184 -57.60 51.92 -37.31
CA ARG G 184 -58.15 50.70 -37.87
C ARG G 184 -59.60 50.47 -37.45
N GLY G 185 -60.22 51.43 -36.77
CA GLY G 185 -61.58 51.27 -36.31
C GLY G 185 -61.77 50.21 -35.25
N GLN G 186 -60.85 50.13 -34.29
CA GLN G 186 -60.93 49.18 -33.20
C GLN G 186 -60.61 49.88 -31.89
N PRO G 187 -61.16 49.40 -30.77
CA PRO G 187 -60.92 50.06 -29.48
C PRO G 187 -59.48 49.83 -29.01
N ARG G 188 -58.77 50.94 -28.75
CA ARG G 188 -57.41 50.90 -28.22
C ARG G 188 -57.33 51.90 -27.07
N TYR G 189 -57.60 51.42 -25.86
CA TYR G 189 -57.60 52.27 -24.68
C TYR G 189 -56.17 52.60 -24.26
N PRO G 190 -55.81 53.88 -24.15
CA PRO G 190 -54.51 54.24 -23.59
C PRO G 190 -54.57 54.24 -22.06
N VAL G 191 -53.67 53.48 -21.44
CA VAL G 191 -53.72 53.31 -19.99
C VAL G 191 -53.39 54.63 -19.28
N ASN G 192 -52.49 55.43 -19.85
CA ASN G 192 -52.12 56.69 -19.23
C ASN G 192 -53.22 57.75 -19.32
N SER G 193 -54.27 57.50 -20.11
CA SER G 193 -55.36 58.46 -20.20
C SER G 193 -56.04 58.65 -18.86
N VAL G 194 -56.28 57.57 -18.13
CA VAL G 194 -56.82 57.64 -16.78
C VAL G 194 -55.68 58.03 -15.84
N ASN G 195 -55.76 59.22 -15.26
CA ASN G 195 -54.69 59.77 -14.45
C ASN G 195 -55.03 59.66 -12.97
N ILE G 196 -54.01 59.39 -12.15
CA ILE G 196 -54.21 59.30 -10.71
C ILE G 196 -54.53 60.69 -10.15
N LEU G 197 -55.17 60.70 -8.99
CA LEU G 197 -55.53 61.96 -8.34
C LEU G 197 -55.72 61.72 -6.85
N LYS G 198 -55.04 62.51 -6.03
CA LYS G 198 -55.12 62.40 -4.58
C LYS G 198 -56.25 63.27 -4.04
N ALA G 199 -56.64 62.98 -2.80
CA ALA G 199 -57.63 63.79 -2.10
C ALA G 199 -57.46 63.60 -0.60
N HIS G 200 -57.90 64.61 0.15
CA HIS G 200 -57.83 64.60 1.61
C HIS G 200 -59.21 64.89 2.17
N GLY G 201 -59.33 64.81 3.49
CA GLY G 201 -60.59 65.07 4.15
C GLY G 201 -61.47 63.85 4.26
N ARG G 202 -62.42 63.70 3.34
CA ARG G 202 -63.32 62.56 3.35
C ARG G 202 -62.55 61.27 3.12
N SER G 203 -63.04 60.19 3.74
CA SER G 203 -62.38 58.90 3.64
C SER G 203 -62.56 58.30 2.26
N GLN G 204 -62.02 57.09 2.07
CA GLN G 204 -62.02 56.46 0.76
C GLN G 204 -63.42 56.11 0.25
N MET G 205 -64.40 56.00 1.14
CA MET G 205 -65.74 55.62 0.71
C MET G 205 -66.48 56.73 -0.03
N GLU G 206 -65.95 57.95 -0.04
CA GLU G 206 -66.60 59.08 -0.69
C GLU G 206 -66.00 59.41 -2.05
N SER G 207 -65.16 58.54 -2.60
CA SER G 207 -64.58 58.78 -3.91
C SER G 207 -65.62 58.60 -5.00
N MET G 208 -65.41 59.26 -6.13
CA MET G 208 -66.38 59.27 -7.22
C MET G 208 -65.67 59.50 -8.54
N LEU G 209 -66.39 59.24 -9.62
CA LEU G 209 -65.81 59.29 -10.96
C LEU G 209 -65.87 60.69 -11.54
N ILE G 210 -64.76 61.14 -12.12
CA ILE G 210 -64.66 62.43 -12.78
C ILE G 210 -64.31 62.19 -14.24
N SER G 211 -65.03 62.85 -15.14
CA SER G 211 -64.87 62.66 -16.57
C SER G 211 -63.75 63.50 -17.15
N GLY G 212 -62.97 64.20 -16.31
CA GLY G 212 -61.87 65.01 -16.80
C GLY G 212 -60.80 65.16 -15.76
N TYR G 213 -59.58 65.38 -16.23
CA TYR G 213 -58.45 65.54 -15.34
C TYR G 213 -58.60 66.82 -14.52
N ALA G 214 -58.30 66.72 -13.22
CA ALA G 214 -58.43 67.84 -12.29
C ALA G 214 -57.11 68.00 -11.55
N LEU G 215 -56.32 69.01 -11.93
CA LEU G 215 -55.03 69.25 -11.31
C LEU G 215 -55.19 70.18 -10.12
N ASN G 216 -54.58 69.80 -8.99
CA ASN G 216 -54.61 70.61 -7.78
C ASN G 216 -53.48 71.63 -7.86
N CYS G 217 -53.85 72.91 -7.97
CA CYS G 217 -52.87 73.98 -8.10
C CYS G 217 -53.49 75.26 -7.57
N VAL G 218 -52.74 76.35 -7.67
CA VAL G 218 -53.22 77.64 -7.21
C VAL G 218 -54.19 78.23 -8.23
N VAL G 219 -55.05 79.14 -7.76
CA VAL G 219 -56.05 79.76 -8.61
C VAL G 219 -55.35 80.79 -9.50
N GLY G 220 -55.28 80.50 -10.80
CA GLY G 220 -54.65 81.44 -11.72
C GLY G 220 -55.44 82.73 -11.85
N SER G 221 -56.76 82.63 -11.99
CA SER G 221 -57.61 83.81 -12.13
C SER G 221 -59.04 83.40 -11.79
N GLN G 222 -59.93 84.40 -11.73
CA GLN G 222 -61.33 84.17 -11.39
C GLN G 222 -62.30 84.59 -12.48
N GLY G 223 -61.81 85.16 -13.59
CA GLY G 223 -62.66 85.56 -14.69
C GLY G 223 -62.89 84.52 -15.75
N MET G 224 -62.46 83.28 -15.51
CA MET G 224 -62.57 82.20 -16.49
C MET G 224 -63.80 81.35 -16.17
N PRO G 225 -64.80 81.29 -17.04
CA PRO G 225 -66.06 80.63 -16.71
C PRO G 225 -65.94 79.11 -16.76
N LYS G 226 -67.01 78.45 -16.29
CA LYS G 226 -67.03 77.00 -16.26
C LYS G 226 -67.07 76.41 -17.67
N ARG G 227 -67.96 76.90 -18.52
CA ARG G 227 -68.14 76.38 -19.86
C ARG G 227 -67.73 77.44 -20.87
N ILE G 228 -66.92 77.04 -21.85
CA ILE G 228 -66.45 77.93 -22.90
C ILE G 228 -66.83 77.31 -24.24
N VAL G 229 -67.53 78.08 -25.08
CA VAL G 229 -67.97 77.56 -26.38
C VAL G 229 -66.78 77.30 -27.28
N ASN G 230 -65.85 78.26 -27.36
CA ASN G 230 -64.68 78.15 -28.21
C ASN G 230 -63.42 78.26 -27.35
N ALA G 231 -62.61 77.21 -27.37
CA ALA G 231 -61.38 77.17 -26.60
C ALA G 231 -60.22 76.78 -27.51
N LYS G 232 -59.14 77.56 -27.46
CA LYS G 232 -57.94 77.32 -28.25
C LYS G 232 -56.74 77.35 -27.30
N ILE G 233 -56.24 76.17 -26.94
CA ILE G 233 -55.16 76.07 -25.96
C ILE G 233 -53.83 76.46 -26.61
N ALA G 234 -53.34 77.65 -26.26
CA ALA G 234 -52.03 78.11 -26.72
C ALA G 234 -50.99 77.81 -25.64
N CYS G 235 -50.84 76.52 -25.35
CA CYS G 235 -49.96 76.09 -24.27
C CYS G 235 -48.53 76.55 -24.54
N LEU G 236 -47.91 77.14 -23.51
CA LEU G 236 -46.56 77.68 -23.61
C LEU G 236 -45.78 77.34 -22.35
N ASP G 237 -44.52 76.96 -22.52
CA ASP G 237 -43.70 76.56 -21.38
C ASP G 237 -43.21 77.76 -20.58
N PHE G 238 -42.87 78.86 -21.24
CA PHE G 238 -42.26 79.98 -20.56
C PHE G 238 -43.26 80.70 -19.65
N SER G 239 -42.74 81.27 -18.57
CA SER G 239 -43.57 82.02 -17.64
C SER G 239 -43.89 83.41 -18.21
N LEU G 240 -44.86 84.07 -17.58
CA LEU G 240 -45.29 85.41 -17.98
C LEU G 240 -44.78 86.40 -16.93
N GLN G 241 -43.63 86.99 -17.20
CA GLN G 241 -43.03 87.97 -16.31
C GLN G 241 -42.31 89.04 -17.13
N LYS G 242 -42.13 90.20 -16.52
CA LYS G 242 -41.45 91.32 -17.15
C LYS G 242 -39.99 91.33 -16.75
N THR G 243 -39.11 91.36 -17.74
CA THR G 243 -37.66 91.35 -17.53
C THR G 243 -37.05 92.63 -18.09
N LYS G 244 -35.73 92.70 -18.08
CA LYS G 244 -35.01 93.85 -18.60
C LYS G 244 -33.68 93.43 -19.24
N ARG G 265 -40.99 87.15 -30.24
CA ARG G 265 -41.10 88.44 -30.91
C ARG G 265 -41.10 89.58 -29.90
N GLU G 266 -41.09 89.23 -28.61
CA GLU G 266 -41.06 90.20 -27.53
C GLU G 266 -39.92 89.88 -26.58
N SER G 267 -39.21 90.92 -26.15
CA SER G 267 -38.13 90.74 -25.19
C SER G 267 -38.66 90.24 -23.85
N ASP G 268 -39.77 90.80 -23.39
CA ASP G 268 -40.44 90.37 -22.17
C ASP G 268 -41.70 89.60 -22.56
N ILE G 269 -41.78 88.35 -22.12
CA ILE G 269 -42.88 87.47 -22.55
C ILE G 269 -44.02 87.71 -21.56
N THR G 270 -44.78 88.77 -21.82
CA THR G 270 -45.98 89.01 -21.02
C THR G 270 -47.21 89.31 -21.85
N LYS G 271 -47.08 90.11 -22.91
CA LYS G 271 -48.24 90.64 -23.63
C LYS G 271 -48.26 90.26 -25.10
N GLU G 272 -47.15 90.46 -25.82
CA GLU G 272 -47.21 90.53 -27.28
C GLU G 272 -47.67 89.21 -27.89
N ARG G 273 -47.05 88.10 -27.49
CA ARG G 273 -47.43 86.82 -28.08
C ARG G 273 -48.83 86.40 -27.64
N ILE G 274 -49.19 86.69 -26.39
CA ILE G 274 -50.52 86.32 -25.89
C ILE G 274 -51.59 87.06 -26.66
N GLN G 275 -51.42 88.38 -26.84
CA GLN G 275 -52.40 89.15 -27.60
C GLN G 275 -52.40 88.76 -29.07
N LYS G 276 -51.23 88.49 -29.64
CA LYS G 276 -51.15 88.10 -31.04
C LYS G 276 -51.90 86.80 -31.29
N ILE G 277 -51.74 85.81 -30.41
CA ILE G 277 -52.46 84.56 -30.57
C ILE G 277 -53.92 84.69 -30.16
N LEU G 278 -54.25 85.68 -29.32
CA LEU G 278 -55.65 86.02 -29.08
C LEU G 278 -56.32 86.52 -30.36
N ALA G 279 -55.59 87.31 -31.14
CA ALA G 279 -56.11 87.73 -32.45
C ALA G 279 -56.37 86.53 -33.35
N THR G 280 -55.50 85.51 -33.27
CA THR G 280 -55.73 84.29 -34.04
C THR G 280 -56.97 83.55 -33.56
N GLY G 281 -57.30 83.65 -32.28
CA GLY G 281 -58.49 83.01 -31.74
C GLY G 281 -58.27 82.23 -30.47
N ALA G 282 -57.09 82.37 -29.86
CA ALA G 282 -56.79 81.66 -28.62
C ALA G 282 -57.62 82.24 -27.48
N ASN G 283 -58.67 81.51 -27.08
CA ASN G 283 -59.57 81.97 -26.03
C ASN G 283 -59.18 81.40 -24.67
N VAL G 284 -59.07 80.08 -24.56
CA VAL G 284 -58.66 79.42 -23.33
C VAL G 284 -57.24 78.92 -23.53
N ILE G 285 -56.28 79.63 -22.94
CA ILE G 285 -54.87 79.31 -23.07
C ILE G 285 -54.41 78.65 -21.77
N LEU G 286 -53.91 77.42 -21.87
CA LEU G 286 -53.39 76.69 -20.72
C LEU G 286 -51.90 76.98 -20.63
N THR G 287 -51.55 78.07 -19.96
CA THR G 287 -50.15 78.50 -19.86
C THR G 287 -49.46 77.66 -18.80
N THR G 288 -48.52 76.82 -19.23
CA THR G 288 -47.75 76.00 -18.29
C THR G 288 -46.80 76.85 -17.46
N GLY G 289 -46.50 78.07 -17.91
CA GLY G 289 -45.57 78.92 -17.20
C GLY G 289 -46.16 79.51 -15.93
N GLY G 290 -45.38 80.40 -15.31
CA GLY G 290 -45.76 80.98 -14.04
C GLY G 290 -46.83 82.05 -14.18
N ILE G 291 -47.29 82.50 -13.02
CA ILE G 291 -48.35 83.51 -12.94
C ILE G 291 -47.77 84.88 -13.29
N ASP G 292 -48.66 85.85 -13.55
CA ASP G 292 -48.26 87.19 -13.93
C ASP G 292 -49.08 88.21 -13.14
N ASP G 293 -48.49 89.40 -12.95
CA ASP G 293 -49.16 90.42 -12.16
C ASP G 293 -50.29 91.11 -12.94
N MET G 294 -50.10 91.36 -14.24
CA MET G 294 -51.14 91.99 -15.04
C MET G 294 -51.96 90.99 -15.84
N CYS G 295 -51.77 89.68 -15.58
CA CYS G 295 -52.53 88.67 -16.31
C CYS G 295 -53.99 88.62 -15.89
N LEU G 296 -54.39 89.34 -14.83
CA LEU G 296 -55.77 89.30 -14.38
C LEU G 296 -56.72 89.85 -15.44
N LYS G 297 -56.43 91.04 -15.95
CA LYS G 297 -57.31 91.65 -16.95
C LYS G 297 -57.33 90.82 -18.22
N TYR G 298 -56.16 90.32 -18.65
CA TYR G 298 -56.10 89.53 -19.88
C TYR G 298 -56.87 88.23 -19.75
N PHE G 299 -56.81 87.60 -18.57
CA PHE G 299 -57.58 86.38 -18.35
C PHE G 299 -59.08 86.68 -18.24
N VAL G 300 -59.45 87.84 -17.72
CA VAL G 300 -60.86 88.21 -17.67
C VAL G 300 -61.40 88.42 -19.08
N GLU G 301 -60.64 89.13 -19.92
CA GLU G 301 -61.14 89.45 -21.26
C GLU G 301 -61.06 88.26 -22.21
N ALA G 302 -60.13 87.33 -21.99
CA ALA G 302 -59.93 86.19 -22.88
C ALA G 302 -60.38 84.87 -22.28
N GLY G 303 -60.02 84.58 -21.03
CA GLY G 303 -60.40 83.32 -20.41
C GLY G 303 -59.30 82.28 -20.45
N ALA G 304 -58.09 82.67 -20.05
CA ALA G 304 -56.94 81.78 -20.06
C ALA G 304 -56.51 81.47 -18.62
N MET G 305 -55.77 80.39 -18.47
CA MET G 305 -55.30 79.93 -17.18
C MET G 305 -53.79 79.74 -17.18
N ALA G 306 -53.18 79.96 -16.02
CA ALA G 306 -51.73 79.81 -15.84
C ALA G 306 -51.53 78.81 -14.71
N VAL G 307 -51.07 77.61 -15.05
CA VAL G 307 -50.88 76.52 -14.09
C VAL G 307 -49.45 76.00 -14.22
N ARG G 308 -48.75 75.92 -13.10
CA ARG G 308 -47.40 75.36 -13.06
C ARG G 308 -47.44 73.94 -12.50
N ARG G 309 -46.26 73.37 -12.28
CA ARG G 309 -46.06 72.02 -11.74
C ARG G 309 -47.08 71.03 -12.30
N VAL G 310 -47.14 70.96 -13.62
CA VAL G 310 -48.00 70.00 -14.32
C VAL G 310 -47.18 68.76 -14.63
N LEU G 311 -47.72 67.60 -14.26
CA LEU G 311 -47.01 66.35 -14.49
C LEU G 311 -46.84 66.10 -15.98
N LYS G 312 -45.63 65.67 -16.37
CA LYS G 312 -45.27 65.63 -17.78
C LYS G 312 -46.15 64.67 -18.56
N ARG G 313 -46.41 63.48 -18.01
CA ARG G 313 -47.30 62.54 -18.68
C ARG G 313 -48.71 63.12 -18.81
N ASP G 314 -49.20 63.78 -17.76
CA ASP G 314 -50.50 64.43 -17.82
C ASP G 314 -50.50 65.55 -18.84
N LEU G 315 -49.40 66.31 -18.93
CA LEU G 315 -49.31 67.38 -19.92
C LEU G 315 -49.35 66.83 -21.33
N LYS G 316 -48.62 65.74 -21.59
CA LYS G 316 -48.66 65.13 -22.92
C LYS G 316 -50.04 64.57 -23.23
N ARG G 317 -50.69 63.96 -22.23
CA ARG G 317 -52.03 63.42 -22.46
C ARG G 317 -53.04 64.51 -22.77
N ILE G 318 -52.99 65.63 -22.02
CA ILE G 318 -53.91 66.72 -22.32
C ILE G 318 -53.56 67.38 -23.64
N ALA G 319 -52.28 67.34 -24.04
CA ALA G 319 -51.92 67.81 -25.37
C ALA G 319 -52.57 66.97 -26.45
N LYS G 320 -52.48 65.64 -26.32
CA LYS G 320 -53.11 64.75 -27.29
C LYS G 320 -54.62 64.66 -27.11
N ALA G 321 -55.11 64.81 -25.87
CA ALA G 321 -56.55 64.87 -25.65
C ALA G 321 -57.18 66.09 -26.30
N SER G 322 -56.51 67.24 -26.21
CA SER G 322 -56.98 68.46 -26.85
C SER G 322 -56.56 68.56 -28.31
N GLY G 323 -55.82 67.57 -28.81
CA GLY G 323 -55.39 67.58 -30.20
C GLY G 323 -54.40 68.69 -30.52
N ALA G 324 -53.42 68.91 -29.65
CA ALA G 324 -52.42 69.95 -29.86
C ALA G 324 -51.06 69.43 -29.43
N THR G 325 -50.01 70.07 -29.96
CA THR G 325 -48.64 69.76 -29.59
C THR G 325 -48.15 70.75 -28.53
N ILE G 326 -46.94 70.52 -28.05
CA ILE G 326 -46.35 71.36 -27.02
C ILE G 326 -45.56 72.48 -27.70
N LEU G 327 -45.91 73.73 -27.38
CA LEU G 327 -45.25 74.90 -27.93
C LEU G 327 -44.31 75.48 -26.88
N SER G 328 -43.03 75.62 -27.23
CA SER G 328 -42.07 76.22 -26.32
C SER G 328 -42.14 77.74 -26.36
N THR G 329 -41.85 78.33 -27.51
CA THR G 329 -41.92 79.77 -27.71
C THR G 329 -42.95 80.08 -28.80
N LEU G 330 -43.13 81.37 -29.06
CA LEU G 330 -44.06 81.84 -30.08
C LEU G 330 -43.41 82.91 -30.93
N ALA G 331 -42.17 82.68 -31.37
CA ALA G 331 -41.45 83.65 -32.18
C ALA G 331 -41.87 83.52 -33.64
N ASN G 332 -42.11 84.66 -34.28
CA ASN G 332 -42.51 84.67 -35.69
C ASN G 332 -41.68 85.66 -36.49
N PHE G 339 -50.65 76.00 -38.21
CA PHE G 339 -49.89 76.50 -37.07
C PHE G 339 -50.80 76.95 -35.95
N GLU G 340 -51.25 78.21 -36.02
CA GLU G 340 -52.07 78.82 -34.99
C GLU G 340 -53.55 78.87 -35.34
N ALA G 341 -53.93 78.30 -36.48
CA ALA G 341 -55.31 78.44 -36.96
C ALA G 341 -56.27 77.59 -36.15
N ALA G 342 -56.09 76.27 -36.16
CA ALA G 342 -56.97 75.36 -35.44
C ALA G 342 -56.22 74.25 -34.73
N MET G 343 -54.89 74.24 -34.77
CA MET G 343 -54.12 73.21 -34.09
C MET G 343 -54.18 73.35 -32.58
N LEU G 344 -54.48 74.55 -32.07
CA LEU G 344 -54.54 74.77 -30.63
C LEU G 344 -55.60 73.89 -29.99
N GLY G 345 -55.31 73.44 -28.77
CA GLY G 345 -56.14 72.47 -28.11
C GLY G 345 -57.49 73.02 -27.69
N GLN G 346 -58.36 72.10 -27.25
CA GLN G 346 -59.72 72.42 -26.86
C GLN G 346 -59.93 72.06 -25.40
N ALA G 347 -60.45 73.02 -24.63
CA ALA G 347 -60.95 72.79 -23.27
C ALA G 347 -62.33 73.42 -23.20
N GLU G 348 -63.35 72.67 -23.63
CA GLU G 348 -64.69 73.22 -23.77
C GLU G 348 -65.26 73.61 -22.41
N GLU G 349 -65.26 72.68 -21.45
CA GLU G 349 -65.78 72.93 -20.11
C GLU G 349 -64.64 72.79 -19.11
N VAL G 350 -64.39 73.85 -18.35
CA VAL G 350 -63.40 73.85 -17.28
C VAL G 350 -64.09 74.38 -16.03
N VAL G 351 -64.60 73.47 -15.20
CA VAL G 351 -65.36 73.88 -14.03
C VAL G 351 -64.44 74.51 -13.01
N GLN G 352 -64.78 75.72 -12.58
CA GLN G 352 -64.04 76.45 -11.55
C GLN G 352 -64.95 76.54 -10.32
N GLU G 353 -64.91 75.49 -9.49
CA GLU G 353 -65.77 75.42 -8.31
C GLU G 353 -64.98 74.76 -7.19
N ARG G 354 -65.67 74.49 -6.08
CA ARG G 354 -65.07 73.88 -4.89
C ARG G 354 -65.23 72.38 -5.00
N ILE G 355 -64.17 71.69 -5.42
CA ILE G 355 -64.14 70.24 -5.52
C ILE G 355 -63.12 69.74 -4.50
N CYS G 356 -63.60 68.99 -3.51
CA CYS G 356 -62.76 68.52 -2.41
C CYS G 356 -62.04 69.68 -1.74
N ASP G 357 -62.82 70.71 -1.39
CA ASP G 357 -62.35 71.99 -0.83
C ASP G 357 -61.11 72.50 -1.53
N ASP G 358 -61.03 72.28 -2.84
CA ASP G 358 -59.91 72.74 -3.66
C ASP G 358 -60.45 73.27 -4.98
N GLU G 359 -59.69 74.20 -5.57
CA GLU G 359 -60.05 74.78 -6.86
C GLU G 359 -59.31 74.04 -7.97
N LEU G 360 -59.73 72.78 -8.17
CA LEU G 360 -59.15 71.98 -9.24
C LEU G 360 -59.57 72.52 -10.59
N ILE G 361 -58.64 72.46 -11.55
CA ILE G 361 -58.89 72.94 -12.91
C ILE G 361 -59.48 71.78 -13.68
N LEU G 362 -60.82 71.76 -13.80
CA LEU G 362 -61.53 70.63 -14.39
C LEU G 362 -61.55 70.76 -15.92
N ILE G 363 -60.35 70.65 -16.49
CA ILE G 363 -60.17 70.70 -17.94
C ILE G 363 -60.67 69.37 -18.52
N LYS G 364 -61.83 69.42 -19.17
CA LYS G 364 -62.46 68.25 -19.76
C LYS G 364 -63.14 68.64 -21.07
N ASN G 365 -63.85 67.68 -21.66
CA ASN G 365 -64.54 67.87 -22.94
C ASN G 365 -63.59 68.37 -24.01
N THR G 366 -62.40 67.78 -24.07
CA THR G 366 -61.43 68.12 -25.09
C THR G 366 -61.86 67.57 -26.44
N LYS G 367 -61.10 67.93 -27.48
CA LYS G 367 -61.44 67.49 -28.83
C LYS G 367 -61.38 65.98 -28.95
N ALA G 368 -60.36 65.35 -28.34
CA ALA G 368 -60.26 63.90 -28.27
C ALA G 368 -60.56 63.47 -26.85
N ARG G 369 -61.47 62.50 -26.70
CA ARG G 369 -61.92 62.05 -25.37
C ARG G 369 -60.83 61.17 -24.77
N THR G 370 -59.81 61.82 -24.21
CA THR G 370 -58.69 61.12 -23.60
C THR G 370 -58.38 61.60 -22.18
N SER G 371 -58.61 62.87 -21.85
CA SER G 371 -58.23 63.42 -20.55
C SER G 371 -59.32 63.11 -19.52
N ALA G 372 -58.95 62.32 -18.51
CA ALA G 372 -59.83 62.04 -17.39
C ALA G 372 -58.97 61.58 -16.21
N SER G 373 -59.57 61.63 -15.02
CA SER G 373 -58.85 61.24 -13.81
C SER G 373 -59.84 60.69 -12.79
N ILE G 374 -59.30 59.92 -11.84
CA ILE G 374 -60.10 59.28 -10.80
C ILE G 374 -59.57 59.76 -9.45
N ILE G 375 -60.48 60.23 -8.60
CA ILE G 375 -60.12 60.75 -7.29
C ILE G 375 -59.78 59.60 -6.35
N LEU G 376 -58.90 59.86 -5.39
CA LEU G 376 -58.56 58.92 -4.33
C LEU G 376 -58.62 59.68 -3.01
N ARG G 377 -59.70 59.47 -2.25
CA ARG G 377 -59.91 60.19 -1.02
C ARG G 377 -59.22 59.48 0.14
N GLY G 378 -59.51 59.91 1.37
CA GLY G 378 -58.86 59.38 2.55
C GLY G 378 -58.12 60.47 3.30
N ALA G 379 -56.86 60.21 3.66
CA ALA G 379 -56.00 61.21 4.27
C ALA G 379 -54.86 61.62 3.35
N ASN G 380 -54.12 60.65 2.83
CA ASN G 380 -53.07 60.93 1.85
C ASN G 380 -52.75 59.64 1.10
N ASP G 381 -51.72 59.71 0.26
CA ASP G 381 -51.45 58.63 -0.68
C ASP G 381 -50.61 57.50 -0.11
N PHE G 382 -49.98 57.68 1.05
CA PHE G 382 -49.04 56.67 1.52
C PHE G 382 -49.74 55.37 1.88
N MET G 383 -50.84 55.45 2.64
CA MET G 383 -51.53 54.23 3.02
C MET G 383 -52.38 53.68 1.88
N CYS G 384 -52.94 54.57 1.05
CA CYS G 384 -53.78 54.17 -0.07
C CYS G 384 -52.99 53.94 -1.35
N ASP G 385 -51.66 53.90 -1.27
CA ASP G 385 -50.86 53.57 -2.44
C ASP G 385 -51.18 52.17 -2.94
N GLU G 386 -51.39 51.23 -2.02
CA GLU G 386 -51.83 49.90 -2.43
C GLU G 386 -53.22 49.96 -3.06
N MET G 387 -54.09 50.84 -2.55
CA MET G 387 -55.37 51.06 -3.21
C MET G 387 -55.18 51.60 -4.62
N GLU G 388 -54.22 52.51 -4.80
CA GLU G 388 -53.92 53.04 -6.13
C GLU G 388 -53.44 51.94 -7.07
N ARG G 389 -52.56 51.08 -6.59
CA ARG G 389 -52.08 49.97 -7.43
C ARG G 389 -53.20 49.00 -7.75
N SER G 390 -54.10 48.76 -6.79
CA SER G 390 -55.25 47.90 -7.04
C SER G 390 -56.17 48.50 -8.09
N LEU G 391 -56.41 49.81 -8.02
CA LEU G 391 -57.21 50.46 -9.06
C LEU G 391 -56.52 50.36 -10.41
N HIS G 392 -55.20 50.54 -10.44
CA HIS G 392 -54.46 50.41 -11.69
C HIS G 392 -54.59 49.01 -12.28
N ASP G 393 -54.47 47.98 -11.45
CA ASP G 393 -54.53 46.62 -11.98
C ASP G 393 -55.94 46.24 -12.40
N ALA G 394 -56.96 46.75 -11.68
CA ALA G 394 -58.34 46.54 -12.13
C ALA G 394 -58.57 47.21 -13.47
N LEU G 395 -58.07 48.44 -13.64
CA LEU G 395 -58.16 49.11 -14.93
C LEU G 395 -57.48 48.29 -16.02
N CYS G 396 -56.28 47.77 -15.72
CA CYS G 396 -55.53 47.01 -16.71
C CYS G 396 -56.28 45.74 -17.12
N VAL G 397 -56.81 44.99 -16.15
CA VAL G 397 -57.49 43.75 -16.49
C VAL G 397 -58.78 44.04 -17.25
N VAL G 398 -59.51 45.09 -16.85
CA VAL G 398 -60.74 45.42 -17.56
C VAL G 398 -60.45 45.82 -19.00
N LYS G 399 -59.41 46.64 -19.21
CA LYS G 399 -59.11 47.08 -20.57
C LYS G 399 -58.54 45.95 -21.43
N ARG G 400 -57.82 45.01 -20.82
CA ARG G 400 -57.41 43.83 -21.57
C ARG G 400 -58.59 42.95 -21.93
N VAL G 401 -59.59 42.86 -21.04
CA VAL G 401 -60.81 42.12 -21.37
C VAL G 401 -61.56 42.81 -22.50
N LEU G 402 -61.59 44.14 -22.50
CA LEU G 402 -62.30 44.87 -23.55
C LEU G 402 -61.68 44.60 -24.92
N GLU G 403 -60.35 44.59 -25.00
CA GLU G 403 -59.70 44.16 -26.22
C GLU G 403 -59.79 42.65 -26.36
N SER G 404 -59.50 42.16 -27.56
CA SER G 404 -59.63 40.73 -27.88
C SER G 404 -61.07 40.26 -27.63
N LYS G 405 -61.97 40.80 -28.45
CA LYS G 405 -63.40 40.61 -28.23
C LYS G 405 -63.77 39.13 -28.11
N SER G 406 -63.09 38.26 -28.85
CA SER G 406 -63.24 36.83 -28.62
C SER G 406 -62.47 36.44 -27.37
N VAL G 407 -63.17 35.88 -26.39
CA VAL G 407 -62.59 35.58 -25.09
C VAL G 407 -63.03 34.18 -24.66
N VAL G 408 -62.28 33.60 -23.73
CA VAL G 408 -62.57 32.28 -23.19
C VAL G 408 -62.54 32.35 -21.67
N PRO G 409 -63.24 31.47 -20.96
CA PRO G 409 -63.18 31.47 -19.49
C PRO G 409 -61.82 30.96 -19.02
N GLY G 410 -61.29 31.60 -18.00
CA GLY G 410 -60.01 31.21 -17.42
C GLY G 410 -60.18 30.17 -16.33
N GLY G 411 -59.12 29.99 -15.57
CA GLY G 411 -59.14 29.10 -14.42
C GLY G 411 -59.31 27.63 -14.73
N GLY G 412 -58.74 27.17 -15.84
CA GLY G 412 -58.69 25.76 -16.15
C GLY G 412 -59.92 25.17 -16.80
N ALA G 413 -60.98 25.97 -17.00
CA ALA G 413 -62.17 25.46 -17.67
C ALA G 413 -61.86 25.04 -19.09
N VAL G 414 -61.07 25.85 -19.80
CA VAL G 414 -60.70 25.54 -21.17
C VAL G 414 -59.95 24.21 -21.24
N GLU G 415 -59.02 23.98 -20.30
CA GLU G 415 -58.24 22.75 -20.32
C GLU G 415 -59.13 21.53 -20.09
N ALA G 416 -60.07 21.62 -19.15
CA ALA G 416 -60.97 20.50 -18.90
C ALA G 416 -61.86 20.22 -20.10
N ALA G 417 -62.41 21.27 -20.71
CA ALA G 417 -63.24 21.07 -21.90
C ALA G 417 -62.44 20.44 -23.03
N LEU G 418 -61.20 20.89 -23.22
CA LEU G 418 -60.35 20.31 -24.25
C LEU G 418 -60.06 18.85 -23.96
N SER G 419 -59.79 18.50 -22.71
CA SER G 419 -59.55 17.11 -22.38
C SER G 419 -60.77 16.26 -22.70
N ILE G 420 -61.96 16.74 -22.34
CA ILE G 420 -63.18 15.98 -22.59
C ILE G 420 -63.41 15.81 -24.10
N TYR G 421 -63.23 16.88 -24.86
CA TYR G 421 -63.35 16.78 -26.32
C TYR G 421 -62.37 15.77 -26.89
N LEU G 422 -61.09 15.90 -26.55
CA LEU G 422 -60.06 15.09 -27.19
C LEU G 422 -60.14 13.64 -26.78
N GLU G 423 -60.62 13.34 -25.58
CA GLU G 423 -60.78 11.94 -25.19
C GLU G 423 -61.75 11.23 -26.11
N ASN G 424 -62.85 11.88 -26.49
CA ASN G 424 -63.78 11.29 -27.44
C ASN G 424 -63.24 11.32 -28.86
N TYR G 425 -62.55 12.41 -29.22
CA TYR G 425 -62.05 12.53 -30.58
C TYR G 425 -60.99 11.49 -30.89
N ALA G 426 -60.20 11.08 -29.89
CA ALA G 426 -59.18 10.06 -30.12
C ALA G 426 -59.81 8.76 -30.57
N THR G 427 -60.88 8.33 -29.91
CA THR G 427 -61.55 7.10 -30.31
C THR G 427 -62.32 7.29 -31.61
N SER G 428 -62.90 8.47 -31.84
CA SER G 428 -63.66 8.70 -33.06
C SER G 428 -62.75 8.67 -34.28
N MET G 429 -61.55 9.24 -34.18
CA MET G 429 -60.64 9.33 -35.32
C MET G 429 -60.22 7.95 -35.79
N GLY G 430 -59.73 7.12 -34.87
CA GLY G 430 -59.66 5.68 -35.11
C GLY G 430 -58.38 5.14 -35.70
N SER G 431 -57.44 5.98 -36.15
CA SER G 431 -56.20 5.48 -36.69
C SER G 431 -55.25 5.14 -35.55
N ARG G 432 -53.98 4.90 -35.87
CA ARG G 432 -53.02 4.46 -34.87
C ARG G 432 -52.52 5.58 -33.96
N GLU G 433 -53.03 6.80 -34.13
CA GLU G 433 -52.68 7.92 -33.27
C GLU G 433 -53.65 8.11 -32.11
N GLN G 434 -54.45 7.09 -31.81
CA GLN G 434 -55.38 7.16 -30.68
C GLN G 434 -54.64 7.42 -29.38
N LEU G 435 -53.56 6.67 -29.15
CA LEU G 435 -52.80 6.83 -27.91
C LEU G 435 -52.14 8.20 -27.85
N ALA G 436 -51.61 8.67 -28.98
CA ALA G 436 -50.98 9.99 -29.01
C ALA G 436 -52.00 11.07 -28.65
N ILE G 437 -53.18 11.03 -29.27
CA ILE G 437 -54.19 12.04 -28.97
C ILE G 437 -54.67 11.93 -27.55
N ALA G 438 -54.82 10.70 -27.05
CA ALA G 438 -55.28 10.50 -25.67
C ALA G 438 -54.28 11.07 -24.66
N GLU G 439 -52.99 10.82 -24.88
CA GLU G 439 -52.00 11.34 -23.94
C GLU G 439 -51.81 12.84 -24.12
N PHE G 440 -52.10 13.38 -25.30
CA PHE G 440 -52.15 14.84 -25.42
C PHE G 440 -53.30 15.40 -24.59
N ALA G 441 -54.45 14.72 -24.61
CA ALA G 441 -55.59 15.16 -23.82
C ALA G 441 -55.28 15.09 -22.33
N ARG G 442 -54.68 13.99 -21.88
CA ARG G 442 -54.36 13.85 -20.47
C ARG G 442 -53.30 14.86 -20.02
N SER G 443 -52.37 15.20 -20.91
CA SER G 443 -51.33 16.15 -20.56
C SER G 443 -51.86 17.57 -20.42
N LEU G 444 -52.99 17.88 -21.06
CA LEU G 444 -53.53 19.23 -20.96
C LEU G 444 -54.09 19.54 -19.59
N LEU G 445 -54.40 18.52 -18.79
CA LEU G 445 -54.97 18.72 -17.46
C LEU G 445 -53.92 18.91 -16.38
N VAL G 446 -52.69 19.28 -16.76
CA VAL G 446 -51.68 19.55 -15.74
C VAL G 446 -51.77 21.00 -15.29
N ILE G 447 -52.28 21.90 -16.13
CA ILE G 447 -52.47 23.29 -15.72
C ILE G 447 -53.46 23.41 -14.57
N PRO G 448 -54.64 22.80 -14.62
CA PRO G 448 -55.50 22.82 -13.41
C PRO G 448 -54.83 22.18 -12.22
N ASN G 449 -54.03 21.13 -12.42
CA ASN G 449 -53.34 20.48 -11.30
C ASN G 449 -52.39 21.44 -10.61
N THR G 450 -51.57 22.15 -11.39
CA THR G 450 -50.60 23.06 -10.79
C THR G 450 -51.28 24.28 -10.19
N LEU G 451 -52.36 24.78 -10.81
CA LEU G 451 -53.11 25.85 -10.17
C LEU G 451 -53.70 25.40 -8.84
N ALA G 452 -54.20 24.16 -8.79
CA ALA G 452 -54.80 23.67 -7.55
C ALA G 452 -53.75 23.51 -6.46
N VAL G 453 -52.61 22.90 -6.80
CA VAL G 453 -51.59 22.67 -5.76
C VAL G 453 -50.97 23.99 -5.33
N ASN G 454 -50.86 24.97 -6.24
CA ASN G 454 -50.33 26.26 -5.86
C ASN G 454 -51.29 27.05 -4.98
N ALA G 455 -52.57 26.70 -5.00
CA ALA G 455 -53.58 27.34 -4.15
C ALA G 455 -53.79 26.59 -2.85
N ALA G 456 -52.85 25.72 -2.47
CA ALA G 456 -52.85 24.95 -1.23
C ALA G 456 -53.95 23.91 -1.15
N GLN G 457 -54.79 23.80 -2.17
CA GLN G 457 -55.87 22.83 -2.19
C GLN G 457 -55.38 21.51 -2.77
N ASP G 458 -56.15 20.45 -2.50
CA ASP G 458 -55.81 19.13 -3.01
C ASP G 458 -55.95 19.12 -4.52
N SER G 459 -54.83 18.92 -5.22
CA SER G 459 -54.81 19.07 -6.67
C SER G 459 -55.71 18.05 -7.35
N THR G 460 -55.52 16.77 -7.04
CA THR G 460 -56.25 15.72 -7.75
C THR G 460 -57.75 15.83 -7.52
N ASP G 461 -58.16 16.13 -6.29
CA ASP G 461 -59.58 16.28 -6.01
C ASP G 461 -60.20 17.42 -6.82
N LEU G 462 -59.52 18.57 -6.84
CA LEU G 462 -60.05 19.72 -7.56
C LEU G 462 -60.12 19.47 -9.06
N VAL G 463 -59.07 18.87 -9.63
CA VAL G 463 -59.10 18.62 -11.08
C VAL G 463 -60.14 17.57 -11.41
N ALA G 464 -60.34 16.58 -10.52
CA ALA G 464 -61.40 15.60 -10.76
C ALA G 464 -62.77 16.25 -10.72
N LYS G 465 -62.99 17.18 -9.79
CA LYS G 465 -64.25 17.90 -9.76
C LYS G 465 -64.46 18.71 -11.03
N LEU G 466 -63.40 19.38 -11.51
CA LEU G 466 -63.51 20.12 -12.76
C LEU G 466 -63.85 19.20 -13.92
N ARG G 467 -63.19 18.05 -13.98
CA ARG G 467 -63.44 17.10 -15.06
C ARG G 467 -64.87 16.60 -15.03
N ALA G 468 -65.37 16.25 -13.84
CA ALA G 468 -66.74 15.77 -13.72
C ALA G 468 -67.75 16.84 -14.09
N PHE G 469 -67.48 18.10 -13.73
CA PHE G 469 -68.39 19.16 -14.10
C PHE G 469 -68.46 19.35 -15.61
N HIS G 470 -67.32 19.24 -16.31
CA HIS G 470 -67.32 19.40 -17.75
C HIS G 470 -67.80 18.15 -18.48
N ASN G 471 -67.92 17.02 -17.79
CA ASN G 471 -68.52 15.85 -18.41
C ASN G 471 -69.98 16.12 -18.78
N GLU G 472 -70.72 16.78 -17.90
CA GLU G 472 -72.10 17.12 -18.18
C GLU G 472 -72.24 18.12 -19.31
N ALA G 473 -71.17 18.86 -19.61
CA ALA G 473 -71.22 19.83 -20.69
C ALA G 473 -71.45 19.15 -22.04
N GLN G 474 -70.94 17.92 -22.19
CA GLN G 474 -71.04 17.19 -23.45
C GLN G 474 -72.01 16.03 -23.40
N VAL G 475 -72.00 15.23 -22.33
CA VAL G 475 -72.91 14.10 -22.24
C VAL G 475 -74.36 14.58 -22.19
N ASN G 476 -74.63 15.61 -21.38
CA ASN G 476 -75.97 16.15 -21.25
C ASN G 476 -76.15 17.29 -22.24
N PRO G 477 -77.02 17.17 -23.25
CA PRO G 477 -77.20 18.27 -24.21
C PRO G 477 -77.98 19.44 -23.64
N GLU G 478 -78.69 19.26 -22.52
CA GLU G 478 -79.40 20.37 -21.91
C GLU G 478 -78.50 21.22 -21.01
N ARG G 479 -77.37 20.66 -20.55
CA ARG G 479 -76.43 21.41 -19.73
C ARG G 479 -75.40 22.14 -20.59
N LYS G 480 -75.89 22.89 -21.58
CA LYS G 480 -74.99 23.68 -22.42
C LYS G 480 -74.31 24.77 -21.62
N ASN G 481 -75.05 25.44 -20.75
CA ASN G 481 -74.46 26.52 -19.96
C ASN G 481 -73.78 26.00 -18.70
N LEU G 482 -72.96 24.95 -18.86
CA LEU G 482 -72.00 24.53 -17.84
C LEU G 482 -70.68 24.30 -18.57
N LYS G 483 -69.95 25.38 -18.84
CA LYS G 483 -68.70 25.28 -19.58
C LYS G 483 -67.63 26.23 -19.07
N TRP G 484 -67.88 26.92 -17.95
CA TRP G 484 -66.96 27.92 -17.43
C TRP G 484 -66.83 27.78 -15.92
N ILE G 485 -66.64 26.55 -15.46
CA ILE G 485 -66.35 26.29 -14.06
C ILE G 485 -64.87 26.58 -13.84
N GLY G 486 -64.56 27.78 -13.38
CA GLY G 486 -63.19 28.17 -13.11
C GLY G 486 -62.71 27.69 -11.76
N LEU G 487 -61.65 28.33 -11.29
CA LEU G 487 -61.07 28.02 -9.98
C LEU G 487 -61.00 29.31 -9.16
N ASP G 488 -61.93 29.46 -8.22
CA ASP G 488 -61.94 30.59 -7.31
C ASP G 488 -60.82 30.40 -6.31
N LEU G 489 -59.67 31.02 -6.57
CA LEU G 489 -58.48 30.81 -5.74
C LEU G 489 -58.64 31.34 -4.33
N SER G 490 -59.65 32.17 -4.05
CA SER G 490 -59.89 32.63 -2.69
C SER G 490 -60.20 31.44 -1.77
N ASN G 491 -61.03 30.52 -2.24
CA ASN G 491 -61.38 29.33 -1.46
C ASN G 491 -60.95 28.02 -2.09
N GLY G 492 -60.53 28.04 -3.35
CA GLY G 492 -60.14 26.81 -4.04
C GLY G 492 -61.31 25.87 -4.22
N LYS G 493 -62.43 26.39 -4.68
CA LYS G 493 -63.66 25.63 -4.87
C LYS G 493 -64.14 25.83 -6.30
N PRO G 494 -64.68 24.79 -6.93
CA PRO G 494 -65.23 24.95 -8.27
C PRO G 494 -66.32 26.00 -8.29
N ARG G 495 -66.33 26.82 -9.34
CA ARG G 495 -67.17 28.00 -9.37
C ARG G 495 -67.40 28.44 -10.80
N ASP G 496 -68.60 28.95 -11.07
CA ASP G 496 -68.86 29.62 -12.34
C ASP G 496 -67.87 30.76 -12.53
N ASN G 497 -67.23 30.79 -13.69
CA ASN G 497 -66.18 31.78 -13.93
C ASN G 497 -66.57 32.86 -14.92
N LYS G 498 -67.50 32.60 -15.84
CA LYS G 498 -68.01 33.67 -16.69
C LYS G 498 -68.68 34.74 -15.85
N GLN G 499 -69.48 34.32 -14.86
CA GLN G 499 -70.01 35.28 -13.89
C GLN G 499 -68.88 35.87 -13.06
N ALA G 500 -67.93 35.04 -12.64
CA ALA G 500 -66.79 35.54 -11.88
C ALA G 500 -65.97 36.54 -12.69
N GLY G 501 -65.76 36.25 -13.97
CA GLY G 501 -65.14 37.19 -14.88
C GLY G 501 -63.67 36.99 -15.16
N VAL G 502 -63.05 35.94 -14.65
CA VAL G 502 -61.66 35.66 -14.99
C VAL G 502 -61.59 35.25 -16.45
N PHE G 503 -60.90 36.06 -17.26
CA PHE G 503 -60.96 35.93 -18.71
C PHE G 503 -59.56 35.85 -19.29
N GLU G 504 -59.45 35.15 -20.42
CA GLU G 504 -58.20 34.99 -21.15
C GLU G 504 -58.49 35.27 -22.61
N PRO G 505 -57.66 36.08 -23.29
CA PRO G 505 -57.87 36.31 -24.71
C PRO G 505 -57.77 35.01 -25.51
N THR G 506 -58.62 34.89 -26.53
CA THR G 506 -58.62 33.69 -27.35
C THR G 506 -57.28 33.50 -28.06
N ILE G 507 -56.72 34.60 -28.58
CA ILE G 507 -55.45 34.52 -29.29
C ILE G 507 -54.35 34.00 -28.37
N VAL G 508 -54.39 34.42 -27.10
CA VAL G 508 -53.36 33.99 -26.16
C VAL G 508 -53.37 32.48 -25.99
N LYS G 509 -54.54 31.90 -25.72
CA LYS G 509 -54.61 30.46 -25.54
C LYS G 509 -54.31 29.71 -26.84
N VAL G 510 -54.81 30.21 -27.97
CA VAL G 510 -54.59 29.53 -29.24
C VAL G 510 -53.10 29.48 -29.56
N LYS G 511 -52.42 30.62 -29.47
CA LYS G 511 -50.99 30.66 -29.77
C LYS G 511 -50.20 29.87 -28.73
N SER G 512 -50.63 29.89 -27.47
CA SER G 512 -49.94 29.13 -26.43
C SER G 512 -50.00 27.64 -26.74
N LEU G 513 -51.19 27.13 -27.07
CA LEU G 513 -51.33 25.72 -27.41
C LEU G 513 -50.53 25.37 -28.65
N LYS G 514 -50.58 26.22 -29.67
CA LYS G 514 -49.84 25.97 -30.90
C LYS G 514 -48.34 25.90 -30.63
N PHE G 515 -47.82 26.84 -29.84
CA PHE G 515 -46.39 26.87 -29.58
C PHE G 515 -45.96 25.70 -28.71
N ALA G 516 -46.80 25.31 -27.74
CA ALA G 516 -46.48 24.15 -26.93
C ALA G 516 -46.43 22.89 -27.79
N THR G 517 -47.39 22.73 -28.70
CA THR G 517 -47.39 21.56 -29.57
C THR G 517 -46.19 21.57 -30.51
N GLU G 518 -45.83 22.74 -31.05
CA GLU G 518 -44.68 22.81 -31.92
C GLU G 518 -43.39 22.49 -31.18
N ALA G 519 -43.25 22.99 -29.95
CA ALA G 519 -42.08 22.67 -29.15
C ALA G 519 -42.02 21.18 -28.84
N ALA G 520 -43.16 20.57 -28.52
CA ALA G 520 -43.19 19.13 -28.28
C ALA G 520 -42.78 18.36 -29.51
N ILE G 521 -43.29 18.75 -30.68
CA ILE G 521 -42.94 18.08 -31.91
C ILE G 521 -41.44 18.21 -32.18
N THR G 522 -40.90 19.41 -32.02
CA THR G 522 -39.48 19.62 -32.29
C THR G 522 -38.60 18.80 -31.36
N ILE G 523 -38.94 18.76 -30.07
CA ILE G 523 -38.12 17.99 -29.14
C ILE G 523 -38.25 16.50 -29.41
N LEU G 524 -39.47 16.02 -29.62
CA LEU G 524 -39.66 14.60 -29.91
C LEU G 524 -38.99 14.20 -31.21
N ARG G 525 -38.82 15.14 -32.13
CA ARG G 525 -38.17 14.86 -33.40
C ARG G 525 -36.65 14.81 -33.28
N ILE G 526 -36.12 15.03 -32.07
CA ILE G 526 -34.68 15.05 -31.82
C ILE G 526 -34.32 13.81 -31.02
N ASP G 527 -33.57 12.88 -31.63
CA ASP G 527 -33.00 11.78 -30.87
C ASP G 527 -31.62 11.36 -31.35
N ASP G 528 -30.91 12.19 -32.11
CA ASP G 528 -29.70 11.73 -32.78
C ASP G 528 -28.46 11.84 -31.89
N LEU G 529 -28.57 11.35 -30.66
CA LEU G 529 -27.43 11.10 -29.80
C LEU G 529 -27.70 9.80 -29.04
N ILE G 530 -26.74 9.38 -28.22
CA ILE G 530 -26.92 8.21 -27.35
C ILE G 530 -26.28 8.53 -25.99
N LYS G 531 -27.11 8.86 -25.02
CA LYS G 531 -26.66 9.11 -23.64
C LYS G 531 -27.85 9.15 -22.69
N SER H 16 -34.79 19.29 -2.14
CA SER H 16 -35.87 19.42 -3.12
C SER H 16 -37.19 19.79 -2.45
N GLY H 17 -37.92 20.72 -3.07
CA GLY H 17 -39.19 21.16 -2.53
C GLY H 17 -39.07 21.93 -1.24
N ARG H 18 -39.65 21.40 -0.16
CA ARG H 18 -39.59 22.07 1.13
C ARG H 18 -38.19 22.03 1.75
N LYS H 19 -37.30 21.19 1.23
CA LYS H 19 -35.96 21.08 1.80
C LYS H 19 -35.21 22.40 1.70
N VAL H 20 -35.40 23.13 0.60
CA VAL H 20 -34.74 24.43 0.48
C VAL H 20 -35.31 25.41 1.50
N GLN H 21 -36.62 25.31 1.78
CA GLN H 21 -37.21 26.16 2.82
C GLN H 21 -36.61 25.84 4.18
N SER H 22 -36.46 24.54 4.49
CA SER H 22 -35.85 24.15 5.76
C SER H 22 -34.42 24.65 5.84
N GLY H 23 -33.67 24.57 4.74
CA GLY H 23 -32.32 25.10 4.74
C GLY H 23 -32.28 26.60 4.96
N ASN H 24 -33.19 27.33 4.31
CA ASN H 24 -33.25 28.78 4.48
C ASN H 24 -33.53 29.16 5.93
N ILE H 25 -34.53 28.51 6.53
CA ILE H 25 -34.88 28.86 7.90
C ILE H 25 -33.81 28.38 8.88
N ASN H 26 -33.12 27.28 8.57
CA ASN H 26 -32.00 26.87 9.41
C ASN H 26 -30.87 27.89 9.36
N ALA H 27 -30.56 28.41 8.16
CA ALA H 27 -29.55 29.46 8.06
C ALA H 27 -29.98 30.69 8.84
N ALA H 28 -31.26 31.06 8.73
CA ALA H 28 -31.76 32.22 9.48
C ALA H 28 -31.62 32.01 10.97
N LYS H 29 -31.98 30.82 11.47
CA LYS H 29 -31.89 30.56 12.90
C LYS H 29 -30.45 30.54 13.37
N THR H 30 -29.54 29.97 12.58
CA THR H 30 -28.15 29.89 13.01
C THR H 30 -27.41 31.21 12.86
N ILE H 31 -27.94 32.15 12.08
CA ILE H 31 -27.33 33.48 12.06
C ILE H 31 -27.95 34.39 13.13
N ALA H 32 -29.23 34.17 13.46
CA ALA H 32 -29.86 35.02 14.47
C ALA H 32 -29.30 34.75 15.86
N ASP H 33 -29.17 33.47 16.23
CA ASP H 33 -28.75 33.13 17.59
C ASP H 33 -27.28 33.45 17.87
N ILE H 34 -26.50 33.82 16.85
CA ILE H 34 -25.12 34.22 17.08
C ILE H 34 -25.08 35.46 17.98
N ILE H 35 -25.95 36.43 17.70
CA ILE H 35 -25.98 37.66 18.48
C ILE H 35 -27.30 37.75 19.25
N ARG H 36 -27.87 36.60 19.58
CA ARG H 36 -29.10 36.59 20.37
C ARG H 36 -28.87 37.21 21.74
N THR H 37 -27.70 36.95 22.34
CA THR H 37 -27.45 37.28 23.73
C THR H 37 -26.85 38.66 23.94
N CYS H 38 -26.69 39.46 22.90
CA CYS H 38 -25.97 40.73 23.01
C CYS H 38 -26.87 41.96 22.96
N LEU H 39 -28.07 41.89 23.54
CA LEU H 39 -28.89 43.09 23.68
C LEU H 39 -29.23 43.29 25.15
N GLY H 40 -29.52 44.54 25.50
CA GLY H 40 -29.86 44.87 26.87
C GLY H 40 -28.73 45.58 27.58
N PRO H 41 -28.97 45.98 28.83
CA PRO H 41 -27.95 46.71 29.58
C PRO H 41 -26.81 45.84 30.11
N LYS H 42 -26.90 44.53 29.95
CA LYS H 42 -25.87 43.60 30.42
C LYS H 42 -25.56 42.58 29.33
N SER H 43 -25.34 43.08 28.12
CA SER H 43 -25.09 42.21 26.98
C SER H 43 -23.80 41.40 27.19
N MET H 44 -23.88 40.10 26.96
CA MET H 44 -22.68 39.28 26.97
C MET H 44 -21.85 39.58 25.73
N MET H 45 -20.54 39.69 25.95
CA MET H 45 -19.64 40.20 24.94
C MET H 45 -19.14 39.05 24.07
N LYS H 46 -18.68 39.38 22.86
CA LYS H 46 -18.39 38.36 21.85
C LYS H 46 -16.97 38.50 21.31
N MET H 47 -16.51 37.41 20.70
CA MET H 47 -15.18 37.30 20.10
C MET H 47 -15.26 37.33 18.60
N LEU H 48 -14.33 38.06 17.97
CA LEU H 48 -14.14 38.04 16.53
C LEU H 48 -12.68 37.72 16.26
N LEU H 49 -12.42 36.53 15.74
CA LEU H 49 -11.05 36.07 15.51
C LEU H 49 -10.82 35.99 14.00
N ASP H 50 -10.15 36.99 13.46
CA ASP H 50 -9.74 36.94 12.06
C ASP H 50 -8.62 35.90 11.89
N PRO H 51 -8.49 35.33 10.70
CA PRO H 51 -7.41 34.35 10.49
C PRO H 51 -6.05 35.00 10.30
N MET H 52 -5.75 36.00 11.12
CA MET H 52 -4.45 36.64 11.14
C MET H 52 -3.86 36.73 12.54
N GLY H 53 -4.49 36.10 13.54
CA GLY H 53 -4.03 36.16 14.90
C GLY H 53 -4.65 37.27 15.73
N GLY H 54 -5.31 38.23 15.09
CA GLY H 54 -5.91 39.32 15.83
C GLY H 54 -7.12 38.89 16.63
N ILE H 55 -7.49 39.72 17.60
CA ILE H 55 -8.62 39.47 18.48
C ILE H 55 -9.39 40.78 18.62
N VAL H 56 -10.71 40.71 18.50
CA VAL H 56 -11.56 41.89 18.45
C VAL H 56 -12.51 41.90 19.65
N MET H 57 -12.58 43.04 20.31
CA MET H 57 -13.53 43.29 21.39
C MET H 57 -14.75 44.01 20.81
N THR H 58 -15.92 43.38 20.91
CA THR H 58 -17.12 43.96 20.34
C THR H 58 -18.34 43.52 21.12
N ASN H 59 -19.28 44.45 21.32
CA ASN H 59 -20.59 44.16 21.90
C ASN H 59 -21.73 44.32 20.90
N ASP H 60 -21.61 45.26 19.96
CA ASP H 60 -22.68 45.55 19.01
C ASP H 60 -22.86 44.37 18.06
N GLY H 61 -24.04 43.75 18.11
CA GLY H 61 -24.32 42.68 17.18
C GLY H 61 -24.32 43.12 15.74
N ASN H 62 -24.75 44.36 15.48
CA ASN H 62 -24.66 44.90 14.13
C ASN H 62 -23.22 44.91 13.65
N ALA H 63 -22.30 45.34 14.51
CA ALA H 63 -20.88 45.29 14.16
C ALA H 63 -20.42 43.86 13.96
N ILE H 64 -20.93 42.93 14.76
CA ILE H 64 -20.55 41.53 14.62
C ILE H 64 -20.93 41.02 13.24
N LEU H 65 -22.16 41.27 12.82
CA LEU H 65 -22.60 40.76 11.52
C LEU H 65 -21.93 41.50 10.38
N ARG H 66 -21.64 42.80 10.54
CA ARG H 66 -20.90 43.52 9.52
C ARG H 66 -19.50 42.95 9.35
N GLU H 67 -18.84 42.60 10.46
CA GLU H 67 -17.50 42.03 10.39
C GLU H 67 -17.52 40.60 9.85
N ILE H 68 -18.45 39.77 10.33
CA ILE H 68 -18.53 38.41 9.84
C ILE H 68 -19.05 38.38 8.41
N GLN H 69 -18.68 37.34 7.68
CA GLN H 69 -19.16 37.12 6.33
C GLN H 69 -19.71 35.71 6.23
N VAL H 70 -20.83 35.58 5.51
CA VAL H 70 -21.52 34.30 5.37
C VAL H 70 -21.87 34.12 3.90
N GLN H 71 -22.04 32.86 3.50
CA GLN H 71 -22.25 32.53 2.10
C GLN H 71 -23.70 32.27 1.74
N HIS H 72 -24.55 31.89 2.68
CA HIS H 72 -25.93 31.54 2.35
C HIS H 72 -26.69 32.79 1.94
N PRO H 73 -27.37 32.78 0.79
CA PRO H 73 -28.02 34.01 0.31
C PRO H 73 -29.12 34.53 1.21
N ALA H 74 -29.87 33.64 1.87
CA ALA H 74 -30.90 34.10 2.79
C ALA H 74 -30.30 34.90 3.94
N ALA H 75 -29.18 34.42 4.49
CA ALA H 75 -28.49 35.17 5.52
C ALA H 75 -28.01 36.51 4.98
N LYS H 76 -27.60 36.57 3.71
CA LYS H 76 -27.20 37.84 3.11
C LYS H 76 -28.37 38.81 3.06
N SER H 77 -29.54 38.33 2.66
CA SER H 77 -30.72 39.19 2.63
C SER H 77 -31.07 39.69 4.03
N MET H 78 -30.91 38.82 5.04
CA MET H 78 -31.18 39.27 6.40
C MET H 78 -30.16 40.31 6.87
N ILE H 79 -28.90 40.15 6.45
CA ILE H 79 -27.91 41.19 6.72
C ILE H 79 -28.36 42.51 6.09
N GLU H 80 -28.86 42.44 4.86
CA GLU H 80 -29.30 43.65 4.17
C GLU H 80 -30.45 44.32 4.91
N ILE H 81 -31.43 43.53 5.37
CA ILE H 81 -32.57 44.13 6.07
C ILE H 81 -32.12 44.71 7.41
N SER H 82 -31.18 44.06 8.09
CA SER H 82 -30.66 44.60 9.34
C SER H 82 -29.96 45.93 9.10
N ARG H 83 -29.14 46.01 8.05
CA ARG H 83 -28.47 47.26 7.73
C ARG H 83 -29.48 48.36 7.41
N THR H 84 -30.51 48.03 6.61
CA THR H 84 -31.51 49.02 6.27
C THR H 84 -32.24 49.53 7.51
N GLN H 85 -32.64 48.61 8.40
CA GLN H 85 -33.30 49.05 9.63
C GLN H 85 -32.36 49.89 10.49
N ASP H 86 -31.08 49.56 10.50
CA ASP H 86 -30.12 50.39 11.22
C ASP H 86 -30.07 51.80 10.65
N GLU H 87 -30.10 51.92 9.33
CA GLU H 87 -30.00 53.21 8.67
C GLU H 87 -31.35 53.89 8.46
N GLU H 88 -32.43 53.30 8.96
CA GLU H 88 -33.77 53.86 8.76
C GLU H 88 -34.34 54.52 10.00
N VAL H 89 -34.37 53.80 11.12
CA VAL H 89 -35.06 54.31 12.31
C VAL H 89 -34.10 54.38 13.49
N GLY H 90 -33.04 53.57 13.46
CA GLY H 90 -32.07 53.60 14.53
C GLY H 90 -31.78 52.25 15.16
N ASP H 91 -32.09 52.11 16.45
CA ASP H 91 -31.72 50.93 17.21
C ASP H 91 -32.72 49.81 16.98
N GLY H 92 -32.60 48.74 17.76
CA GLY H 92 -33.49 47.61 17.66
C GLY H 92 -33.12 46.56 16.64
N THR H 93 -32.01 46.73 15.92
CA THR H 93 -31.65 45.79 14.87
C THR H 93 -31.44 44.39 15.42
N THR H 94 -30.80 44.28 16.59
CA THR H 94 -30.65 42.98 17.22
C THR H 94 -32.02 42.37 17.54
N SER H 95 -32.94 43.20 18.04
CA SER H 95 -34.28 42.71 18.31
C SER H 95 -34.98 42.25 17.04
N VAL H 96 -34.79 42.98 15.94
CA VAL H 96 -35.38 42.58 14.67
C VAL H 96 -34.86 41.22 14.24
N ILE H 97 -33.53 41.05 14.30
CA ILE H 97 -32.93 39.79 13.87
C ILE H 97 -33.42 38.65 14.75
N ILE H 98 -33.47 38.87 16.06
CA ILE H 98 -33.90 37.83 16.98
C ILE H 98 -35.36 37.45 16.70
N LEU H 99 -36.22 38.45 16.49
CA LEU H 99 -37.62 38.17 16.22
C LEU H 99 -37.78 37.37 14.93
N ALA H 100 -37.06 37.77 13.87
CA ALA H 100 -37.16 37.04 12.61
C ALA H 100 -36.69 35.60 12.78
N GLY H 101 -35.55 35.40 13.44
CA GLY H 101 -35.06 34.05 13.65
C GLY H 101 -36.01 33.19 14.44
N GLU H 102 -36.58 33.74 15.50
CA GLU H 102 -37.51 32.97 16.31
C GLU H 102 -38.78 32.63 15.55
N MET H 103 -39.30 33.59 14.78
CA MET H 103 -40.52 33.33 14.01
C MET H 103 -40.28 32.24 12.96
N LEU H 104 -39.13 32.28 12.27
CA LEU H 104 -38.84 31.22 11.32
C LEU H 104 -38.64 29.88 12.02
N SER H 105 -37.97 29.88 13.17
CA SER H 105 -37.75 28.64 13.90
C SER H 105 -39.07 28.02 14.33
N VAL H 106 -40.03 28.86 14.74
CA VAL H 106 -41.31 28.31 15.17
C VAL H 106 -42.17 27.93 13.96
N ALA H 107 -41.96 28.57 12.81
CA ALA H 107 -42.66 28.17 11.60
C ALA H 107 -42.10 26.87 11.02
N GLU H 108 -40.88 26.49 11.41
CA GLU H 108 -40.32 25.22 10.98
C GLU H 108 -41.26 24.06 11.28
N HIS H 109 -41.84 24.05 12.47
CA HIS H 109 -42.72 22.95 12.85
C HIS H 109 -43.94 22.88 11.95
N PHE H 110 -44.50 24.03 11.59
CA PHE H 110 -45.67 24.05 10.72
C PHE H 110 -45.31 23.67 9.29
N LEU H 111 -44.10 24.03 8.84
CA LEU H 111 -43.68 23.62 7.50
C LEU H 111 -43.59 22.10 7.40
N GLU H 112 -43.07 21.45 8.45
CA GLU H 112 -43.06 19.99 8.48
C GLU H 112 -44.46 19.41 8.57
N GLN H 113 -45.43 20.18 9.06
CA GLN H 113 -46.81 19.73 9.22
C GLN H 113 -47.53 19.53 7.89
N GLN H 114 -46.80 19.62 6.77
CA GLN H 114 -47.35 19.36 5.45
C GLN H 114 -48.47 20.33 5.12
N MET H 115 -48.34 21.58 5.56
CA MET H 115 -49.24 22.64 5.14
C MET H 115 -48.47 23.60 4.24
N HIS H 116 -49.20 24.17 3.28
CA HIS H 116 -48.59 25.07 2.33
C HIS H 116 -48.09 26.34 3.04
N PRO H 117 -47.01 26.94 2.55
CA PRO H 117 -46.57 28.22 3.12
C PRO H 117 -47.59 29.32 2.97
N THR H 118 -48.54 29.21 2.04
CA THR H 118 -49.49 30.27 1.80
C THR H 118 -50.38 30.51 3.02
N VAL H 119 -50.92 29.44 3.60
CA VAL H 119 -51.77 29.60 4.77
C VAL H 119 -50.96 30.13 5.95
N VAL H 120 -49.72 29.68 6.08
CA VAL H 120 -48.87 30.16 7.16
C VAL H 120 -48.62 31.65 7.04
N ILE H 121 -48.28 32.11 5.84
CA ILE H 121 -47.99 33.53 5.66
C ILE H 121 -49.25 34.37 5.79
N SER H 122 -50.42 33.82 5.40
CA SER H 122 -51.66 34.55 5.63
C SER H 122 -51.92 34.71 7.13
N ALA H 123 -51.69 33.65 7.91
CA ALA H 123 -51.84 33.74 9.35
C ALA H 123 -50.87 34.77 9.93
N TYR H 124 -49.63 34.78 9.42
CA TYR H 124 -48.66 35.76 9.88
C TYR H 124 -49.11 37.19 9.56
N ARG H 125 -49.68 37.40 8.38
CA ARG H 125 -50.16 38.73 8.01
C ARG H 125 -51.28 39.18 8.94
N LYS H 126 -52.23 38.28 9.22
CA LYS H 126 -53.30 38.63 10.14
C LYS H 126 -52.76 38.92 11.54
N ALA H 127 -51.79 38.14 11.99
CA ALA H 127 -51.17 38.39 13.29
C ALA H 127 -50.48 39.75 13.32
N LEU H 128 -49.78 40.10 12.24
CA LEU H 128 -49.14 41.41 12.17
C LEU H 128 -50.17 42.53 12.23
N ASP H 129 -51.28 42.37 11.50
CA ASP H 129 -52.33 43.38 11.54
C ASP H 129 -52.89 43.54 12.96
N ASP H 130 -53.09 42.42 13.65
CA ASP H 130 -53.55 42.50 15.04
C ASP H 130 -52.54 43.20 15.93
N MET H 131 -51.24 42.88 15.75
CA MET H 131 -50.22 43.46 16.61
C MET H 131 -50.12 44.97 16.40
N ILE H 132 -50.23 45.43 15.16
CA ILE H 132 -50.13 46.87 14.90
C ILE H 132 -51.19 47.62 15.70
N SER H 133 -52.40 47.09 15.76
CA SER H 133 -53.47 47.74 16.53
C SER H 133 -53.21 47.64 18.03
N THR H 134 -52.89 46.43 18.52
CA THR H 134 -52.77 46.26 19.96
C THR H 134 -51.56 47.01 20.52
N LEU H 135 -50.58 47.34 19.69
CA LEU H 135 -49.49 48.20 20.15
C LEU H 135 -50.00 49.59 20.47
N LYS H 136 -50.76 50.19 19.54
CA LYS H 136 -51.35 51.50 19.79
C LYS H 136 -52.35 51.45 20.93
N LYS H 137 -52.95 50.28 21.17
CA LYS H 137 -53.89 50.17 22.28
C LYS H 137 -53.21 50.38 23.62
N ILE H 138 -52.01 49.82 23.80
CA ILE H 138 -51.34 49.83 25.09
C ILE H 138 -50.31 50.94 25.24
N SER H 139 -49.98 51.65 24.16
CA SER H 139 -48.95 52.68 24.22
C SER H 139 -49.40 53.84 25.10
N ILE H 140 -48.52 54.28 25.99
CA ILE H 140 -48.81 55.39 26.90
C ILE H 140 -48.52 56.70 26.18
N PRO H 141 -49.38 57.71 26.33
CA PRO H 141 -49.12 58.99 25.67
C PRO H 141 -47.91 59.71 26.25
N VAL H 142 -47.30 60.55 25.41
CA VAL H 142 -46.14 61.34 25.79
C VAL H 142 -46.33 62.76 25.24
N ASP H 143 -45.65 63.72 25.85
CA ASP H 143 -45.68 65.10 25.40
C ASP H 143 -44.32 65.49 24.83
N ILE H 144 -44.34 66.44 23.91
CA ILE H 144 -43.14 66.93 23.26
C ILE H 144 -42.81 68.30 23.83
N SER H 145 -41.50 68.61 23.87
CA SER H 145 -40.97 69.88 24.37
C SER H 145 -41.26 70.11 25.84
N ASP H 146 -41.81 69.13 26.54
CA ASP H 146 -42.02 69.22 27.99
C ASP H 146 -40.73 68.79 28.67
N SER H 147 -39.98 69.77 29.19
CA SER H 147 -38.60 69.53 29.59
C SER H 147 -38.49 68.45 30.66
N ASP H 148 -39.47 68.40 31.58
CA ASP H 148 -39.34 67.50 32.73
C ASP H 148 -39.27 66.04 32.30
N MET H 149 -40.34 65.51 31.73
CA MET H 149 -40.32 64.09 31.43
C MET H 149 -39.68 63.78 30.07
N MET H 150 -39.47 64.79 29.23
CA MET H 150 -38.55 64.59 28.10
C MET H 150 -37.14 64.35 28.60
N LEU H 151 -36.69 65.13 29.59
CA LEU H 151 -35.40 64.86 30.22
C LEU H 151 -35.41 63.53 30.97
N ASN H 152 -36.56 63.14 31.51
CA ASN H 152 -36.67 61.80 32.09
C ASN H 152 -36.44 60.73 31.04
N ILE H 153 -37.02 60.90 29.85
CA ILE H 153 -36.78 59.97 28.75
C ILE H 153 -35.32 59.99 28.35
N ILE H 154 -34.69 61.17 28.39
CA ILE H 154 -33.27 61.29 28.06
C ILE H 154 -32.44 60.49 29.06
N ASN H 155 -32.77 60.60 30.34
CA ASN H 155 -32.10 59.80 31.37
C ASN H 155 -32.47 58.32 31.30
N SER H 156 -33.55 57.98 30.60
CA SER H 156 -34.03 56.61 30.54
C SER H 156 -33.43 55.82 29.37
N SER H 157 -33.67 56.29 28.14
CA SER H 157 -33.27 55.56 26.95
C SER H 157 -32.03 56.14 26.28
N ILE H 158 -31.93 57.46 26.18
CA ILE H 158 -30.75 58.11 25.63
C ILE H 158 -29.50 57.84 26.46
N THR H 159 -29.67 57.38 27.70
CA THR H 159 -28.56 56.89 28.51
C THR H 159 -28.17 55.47 28.11
N THR H 160 -27.42 54.79 28.98
CA THR H 160 -26.75 53.50 28.74
C THR H 160 -25.92 53.54 27.46
N LYS H 161 -25.47 54.74 27.09
CA LYS H 161 -24.41 54.97 26.13
C LYS H 161 -23.27 55.71 26.83
N ALA H 162 -22.31 56.19 26.06
CA ALA H 162 -21.13 56.86 26.59
C ALA H 162 -21.39 58.32 26.97
N ILE H 163 -22.66 58.70 27.11
CA ILE H 163 -23.03 60.07 27.46
C ILE H 163 -23.56 60.14 28.89
N SER H 164 -23.20 59.17 29.72
CA SER H 164 -23.72 59.12 31.09
C SER H 164 -23.28 60.34 31.89
N ARG H 165 -22.00 60.66 31.86
CA ARG H 165 -21.46 61.82 32.58
C ARG H 165 -21.64 63.12 31.81
N TRP H 166 -22.10 63.06 30.57
CA TRP H 166 -22.23 64.23 29.70
C TRP H 166 -23.63 64.36 29.12
N SER H 167 -24.63 63.83 29.83
CA SER H 167 -25.99 63.83 29.30
C SER H 167 -26.54 65.24 29.10
N SER H 168 -25.99 66.22 29.82
CA SER H 168 -26.50 67.58 29.70
C SER H 168 -26.29 68.15 28.30
N LEU H 169 -25.09 67.95 27.74
CA LEU H 169 -24.83 68.48 26.41
C LEU H 169 -25.73 67.81 25.37
N ALA H 170 -25.89 66.49 25.46
CA ALA H 170 -26.75 65.79 24.51
C ALA H 170 -28.19 66.28 24.62
N CYS H 171 -28.68 66.41 25.86
CA CYS H 171 -30.08 66.82 26.04
C CYS H 171 -30.32 68.22 25.52
N ASN H 172 -29.45 69.17 25.87
CA ASN H 172 -29.67 70.54 25.42
C ASN H 172 -29.51 70.65 23.90
N ILE H 173 -28.55 69.92 23.32
CA ILE H 173 -28.38 69.95 21.87
C ILE H 173 -29.63 69.42 21.18
N ALA H 174 -30.14 68.28 21.65
CA ALA H 174 -31.34 67.71 21.05
C ALA H 174 -32.52 68.66 21.16
N LEU H 175 -32.72 69.22 22.36
CA LEU H 175 -33.89 70.08 22.58
C LEU H 175 -33.80 71.38 21.80
N ASP H 176 -32.59 71.91 21.58
CA ASP H 176 -32.48 73.10 20.76
C ASP H 176 -32.59 72.80 19.27
N ALA H 177 -32.16 71.61 18.83
CA ALA H 177 -32.13 71.30 17.42
C ALA H 177 -33.31 70.45 16.95
N VAL H 178 -34.32 70.22 17.80
CA VAL H 178 -35.52 69.55 17.31
C VAL H 178 -36.33 70.44 16.37
N LYS H 179 -36.26 71.76 16.53
CA LYS H 179 -37.10 72.69 15.79
C LYS H 179 -36.31 73.45 14.72
N MET H 180 -35.42 72.74 14.03
CA MET H 180 -34.57 73.34 13.02
C MET H 180 -34.40 72.51 11.75
N VAL H 181 -35.08 71.38 11.62
CA VAL H 181 -35.14 70.64 10.35
C VAL H 181 -36.57 70.23 10.03
N GLN H 182 -37.54 70.79 10.75
CA GLN H 182 -38.93 70.40 10.53
C GLN H 182 -39.41 70.89 9.17
N PHE H 183 -40.14 70.03 8.46
CA PHE H 183 -40.70 70.34 7.14
C PHE H 183 -42.20 70.23 7.22
N GLU H 184 -42.90 71.31 6.89
CA GLU H 184 -44.36 71.32 6.84
C GLU H 184 -44.85 71.15 5.41
N GLU H 185 -44.56 69.98 4.85
CA GLU H 185 -44.90 69.73 3.44
C GLU H 185 -46.39 69.42 3.29
N ASN H 186 -46.85 68.35 3.93
CA ASN H 186 -48.24 67.92 3.80
C ASN H 186 -49.01 67.94 5.12
N GLY H 187 -48.38 68.34 6.22
CA GLY H 187 -49.03 68.36 7.53
C GLY H 187 -48.41 69.37 8.44
N ARG H 188 -48.23 68.99 9.70
CA ARG H 188 -47.75 69.89 10.75
C ARG H 188 -46.40 69.38 11.27
N LYS H 189 -45.32 69.78 10.58
CA LYS H 189 -43.95 69.49 10.98
C LYS H 189 -43.66 67.99 11.13
N GLU H 190 -44.52 67.13 10.57
CA GLU H 190 -44.31 65.70 10.70
C GLU H 190 -43.20 65.18 9.79
N ILE H 191 -42.76 65.96 8.82
CA ILE H 191 -41.64 65.60 7.95
C ILE H 191 -40.38 66.17 8.56
N ASP H 192 -39.38 65.31 8.75
CA ASP H 192 -38.14 65.71 9.42
C ASP H 192 -37.00 64.85 8.89
N ILE H 193 -35.82 65.46 8.78
CA ILE H 193 -34.61 64.77 8.33
C ILE H 193 -33.48 65.11 9.30
N LYS H 194 -32.55 64.16 9.45
CA LYS H 194 -31.40 64.34 10.31
C LYS H 194 -30.12 64.66 9.54
N LYS H 195 -30.23 64.92 8.23
CA LYS H 195 -29.07 65.20 7.40
C LYS H 195 -28.94 66.66 6.99
N TYR H 196 -30.05 67.38 6.85
CA TYR H 196 -29.99 68.78 6.47
C TYR H 196 -29.46 69.67 7.58
N ALA H 197 -29.40 69.16 8.81
CA ALA H 197 -28.84 69.92 9.91
C ALA H 197 -27.35 70.11 9.73
N ARG H 198 -26.85 71.30 10.08
CA ARG H 198 -25.44 71.62 9.95
C ARG H 198 -24.74 71.21 11.23
N VAL H 199 -24.20 69.99 11.26
CA VAL H 199 -23.36 69.52 12.34
C VAL H 199 -21.92 69.96 12.04
N GLU H 200 -21.30 70.64 12.99
CA GLU H 200 -19.99 71.24 12.79
C GLU H 200 -19.06 70.62 13.83
N LYS H 201 -18.45 69.48 13.47
CA LYS H 201 -17.66 68.68 14.41
C LYS H 201 -16.20 69.03 14.23
N ILE H 202 -15.71 69.98 15.03
CA ILE H 202 -14.31 70.39 15.00
C ILE H 202 -13.72 70.32 16.40
N PRO H 203 -12.55 69.71 16.59
CA PRO H 203 -11.92 69.71 17.91
C PRO H 203 -11.42 71.08 18.29
N GLY H 204 -11.18 71.26 19.58
CA GLY H 204 -10.68 72.52 20.09
C GLY H 204 -11.49 73.05 21.26
N GLY H 205 -10.80 73.60 22.26
CA GLY H 205 -11.48 74.13 23.42
C GLY H 205 -12.10 73.02 24.27
N ILE H 206 -13.14 73.39 25.02
CA ILE H 206 -13.85 72.46 25.87
C ILE H 206 -15.06 71.93 25.10
N ILE H 207 -15.61 70.81 25.58
CA ILE H 207 -16.77 70.22 24.94
C ILE H 207 -17.97 71.16 25.05
N GLU H 208 -18.01 71.98 26.10
CA GLU H 208 -19.13 72.90 26.31
C GLU H 208 -19.21 74.01 25.27
N ASP H 209 -18.18 74.17 24.44
CA ASP H 209 -18.21 75.20 23.40
C ASP H 209 -19.23 74.93 22.32
N SER H 210 -19.81 73.72 22.28
CA SER H 210 -20.83 73.41 21.29
C SER H 210 -22.08 74.25 21.53
N CYS H 211 -22.66 74.74 20.44
CA CYS H 211 -23.84 75.61 20.49
C CYS H 211 -24.72 75.34 19.28
N VAL H 212 -25.76 76.15 19.14
CA VAL H 212 -26.74 76.02 18.06
C VAL H 212 -26.95 77.38 17.42
N LEU H 213 -27.01 77.39 16.08
CA LEU H 213 -27.20 78.62 15.32
C LEU H 213 -28.29 78.40 14.27
N ARG H 214 -28.99 79.49 13.94
CA ARG H 214 -30.09 79.43 12.96
C ARG H 214 -29.55 79.85 11.60
N GLY H 215 -28.88 78.91 10.95
CA GLY H 215 -28.29 79.18 9.65
C GLY H 215 -27.32 78.09 9.27
N VAL H 216 -26.62 78.32 8.16
CA VAL H 216 -25.68 77.35 7.60
C VAL H 216 -24.27 77.91 7.70
N MET H 217 -23.33 77.05 8.11
CA MET H 217 -21.92 77.44 8.23
C MET H 217 -21.10 76.74 7.16
N ILE H 218 -20.11 77.45 6.62
CA ILE H 218 -19.24 76.95 5.57
C ILE H 218 -17.81 76.93 6.09
N ASN H 219 -17.13 75.80 5.94
CA ASN H 219 -15.72 75.73 6.28
C ASN H 219 -14.84 76.33 5.20
N LYS H 220 -15.41 76.71 4.06
CA LYS H 220 -14.67 77.36 2.99
C LYS H 220 -14.96 78.85 2.99
N ASP H 221 -13.92 79.64 2.76
CA ASP H 221 -14.04 81.10 2.77
C ASP H 221 -13.05 81.68 1.76
N VAL H 222 -13.32 82.91 1.34
CA VAL H 222 -12.45 83.57 0.39
C VAL H 222 -11.08 83.83 1.03
N THR H 223 -10.04 83.82 0.20
CA THR H 223 -8.69 84.03 0.71
C THR H 223 -8.47 85.46 1.19
N HIS H 224 -9.26 86.41 0.68
CA HIS H 224 -9.14 87.82 1.04
C HIS H 224 -10.50 88.34 1.47
N PRO H 225 -10.90 88.09 2.71
CA PRO H 225 -12.19 88.61 3.19
C PRO H 225 -12.08 90.05 3.67
N ARG H 226 -11.41 90.89 2.90
CA ARG H 226 -11.33 92.33 3.19
C ARG H 226 -12.43 93.09 2.47
N MET H 227 -13.67 92.64 2.66
CA MET H 227 -14.79 93.11 1.86
C MET H 227 -16.09 92.85 2.64
N ARG H 228 -17.17 93.45 2.14
CA ARG H 228 -18.50 93.35 2.75
C ARG H 228 -19.11 91.98 2.43
N ARG H 229 -18.56 90.96 3.09
CA ARG H 229 -19.05 89.59 2.86
C ARG H 229 -20.51 89.44 3.30
N TYR H 230 -20.92 90.21 4.32
CA TYR H 230 -22.27 90.13 4.84
C TYR H 230 -23.11 91.30 4.37
N ILE H 231 -24.36 91.01 4.00
CA ILE H 231 -25.31 92.01 3.56
C ILE H 231 -26.58 91.84 4.40
N LYS H 232 -27.35 92.92 4.51
CA LYS H 232 -28.57 92.90 5.30
C LYS H 232 -29.60 91.90 4.78
N ASN H 233 -29.54 91.55 3.50
CA ASN H 233 -30.46 90.58 2.92
C ASN H 233 -29.81 89.86 1.75
N PRO H 234 -28.92 88.90 2.01
CA PRO H 234 -28.28 88.17 0.91
C PRO H 234 -29.30 87.44 0.05
N ARG H 235 -29.04 87.44 -1.26
CA ARG H 235 -29.90 86.78 -2.26
C ARG H 235 -29.06 85.71 -2.96
N ILE H 236 -29.02 84.52 -2.38
CA ILE H 236 -28.16 83.45 -2.87
C ILE H 236 -28.71 82.87 -4.15
N VAL H 237 -27.84 82.68 -5.14
CA VAL H 237 -28.17 81.98 -6.38
C VAL H 237 -27.06 80.98 -6.67
N LEU H 238 -27.42 79.70 -6.80
CA LEU H 238 -26.42 78.69 -7.11
C LEU H 238 -25.93 78.83 -8.54
N LEU H 239 -24.62 78.69 -8.72
CA LEU H 239 -24.00 78.75 -10.04
C LEU H 239 -22.85 77.76 -10.09
N ASP H 240 -22.89 76.85 -11.08
CA ASP H 240 -21.88 75.82 -11.22
C ASP H 240 -20.75 76.23 -12.16
N SER H 241 -20.82 77.41 -12.76
CA SER H 241 -19.79 77.88 -13.66
C SER H 241 -18.75 78.71 -12.91
N SER H 242 -17.53 78.72 -13.44
CA SER H 242 -16.42 79.47 -12.85
C SER H 242 -16.16 80.70 -13.70
N LEU H 243 -16.10 81.87 -13.04
CA LEU H 243 -15.86 83.12 -13.75
C LEU H 243 -14.43 83.18 -14.27
N GLU H 244 -14.28 83.67 -15.49
CA GLU H 244 -12.98 83.86 -16.11
C GLU H 244 -12.61 85.34 -16.05
N TYR H 245 -11.49 85.70 -16.70
CA TYR H 245 -11.03 87.09 -16.68
C TYR H 245 -12.01 88.00 -17.39
N LYS H 246 -12.42 87.64 -18.61
CA LYS H 246 -13.33 88.46 -19.41
C LYS H 246 -13.83 87.59 -20.56
N LYS H 247 -14.65 88.20 -21.41
CA LYS H 247 -15.13 87.50 -22.61
C LYS H 247 -13.98 87.18 -23.55
N GLY H 248 -13.06 88.11 -23.73
CA GLY H 248 -11.92 87.90 -24.61
C GLY H 248 -10.71 87.35 -23.88
N ILE H 273 -16.15 83.89 -18.29
CA ILE H 273 -16.59 84.88 -19.27
C ILE H 273 -17.20 86.08 -18.56
N GLN H 274 -16.83 87.28 -18.99
CA GLN H 274 -17.34 88.49 -18.37
C GLN H 274 -18.85 88.62 -18.51
N GLN H 275 -19.45 88.02 -19.54
CA GLN H 275 -20.88 88.18 -19.79
C GLN H 275 -21.71 87.74 -18.58
N LEU H 276 -21.20 86.79 -17.79
CA LEU H 276 -21.89 86.41 -16.57
C LEU H 276 -22.00 87.58 -15.60
N CYS H 277 -21.01 88.48 -15.61
CA CYS H 277 -21.06 89.63 -14.71
C CYS H 277 -22.24 90.54 -15.07
N GLU H 278 -22.42 90.85 -16.35
CA GLU H 278 -23.56 91.67 -16.74
C GLU H 278 -24.87 90.93 -16.55
N ASP H 279 -24.87 89.61 -16.77
CA ASP H 279 -26.09 88.83 -16.53
C ASP H 279 -26.49 88.91 -15.06
N ILE H 280 -25.52 88.84 -14.15
CA ILE H 280 -25.79 89.03 -12.73
C ILE H 280 -26.25 90.46 -12.46
N ILE H 281 -25.62 91.44 -13.09
CA ILE H 281 -25.98 92.85 -12.90
C ILE H 281 -27.42 93.09 -13.29
N GLN H 282 -27.94 92.32 -14.26
CA GLN H 282 -29.32 92.52 -14.70
C GLN H 282 -30.31 92.37 -13.56
N LEU H 283 -30.12 91.35 -12.71
CA LEU H 283 -31.04 91.11 -11.59
C LEU H 283 -30.55 91.69 -10.27
N LYS H 284 -29.28 92.08 -10.18
CA LYS H 284 -28.68 92.74 -9.02
C LYS H 284 -28.82 91.93 -7.73
N PRO H 285 -28.17 90.76 -7.63
CA PRO H 285 -28.09 90.09 -6.32
C PRO H 285 -26.93 90.62 -5.50
N ASP H 286 -26.65 90.01 -4.34
CA ASP H 286 -25.52 90.42 -3.52
C ASP H 286 -24.60 89.27 -3.11
N VAL H 287 -25.02 88.02 -3.27
CA VAL H 287 -24.19 86.86 -2.95
C VAL H 287 -24.32 85.86 -4.09
N VAL H 288 -23.19 85.30 -4.53
CA VAL H 288 -23.14 84.31 -5.60
C VAL H 288 -22.23 83.18 -5.18
N ILE H 289 -22.68 81.95 -5.40
CA ILE H 289 -21.95 80.75 -4.99
C ILE H 289 -21.41 80.06 -6.22
N THR H 290 -20.10 79.78 -6.22
CA THR H 290 -19.46 79.02 -7.29
C THR H 290 -18.49 78.03 -6.67
N GLU H 291 -18.21 76.97 -7.42
CA GLU H 291 -17.41 75.85 -6.94
C GLU H 291 -15.92 75.98 -7.25
N LYS H 292 -15.50 77.11 -7.84
CA LYS H 292 -14.11 77.30 -8.21
C LYS H 292 -13.66 78.69 -7.79
N GLY H 293 -12.35 78.89 -7.80
CA GLY H 293 -11.78 80.14 -7.34
C GLY H 293 -12.09 81.29 -8.28
N ILE H 294 -11.97 82.50 -7.73
CA ILE H 294 -12.21 83.74 -8.45
C ILE H 294 -10.96 84.60 -8.39
N SER H 295 -10.51 85.07 -9.55
CA SER H 295 -9.31 85.90 -9.61
C SER H 295 -9.58 87.28 -8.99
N ASP H 296 -8.49 87.95 -8.60
CA ASP H 296 -8.61 89.26 -7.98
C ASP H 296 -9.25 90.26 -8.92
N LEU H 297 -8.85 90.26 -10.19
CA LEU H 297 -9.51 91.11 -11.18
C LEU H 297 -10.96 90.70 -11.35
N ALA H 298 -11.22 89.39 -11.43
CA ALA H 298 -12.60 88.92 -11.47
C ALA H 298 -13.34 89.25 -10.19
N GLN H 299 -12.65 89.22 -9.04
CA GLN H 299 -13.27 89.62 -7.79
C GLN H 299 -13.71 91.08 -7.84
N HIS H 300 -12.85 91.96 -8.38
CA HIS H 300 -13.23 93.36 -8.52
C HIS H 300 -14.36 93.54 -9.53
N TYR H 301 -14.38 92.73 -10.60
CA TYR H 301 -15.49 92.78 -11.54
C TYR H 301 -16.80 92.41 -10.87
N LEU H 302 -16.77 91.40 -9.98
CA LEU H 302 -17.97 91.03 -9.25
C LEU H 302 -18.32 92.06 -8.17
N MET H 303 -17.32 92.75 -7.64
CA MET H 303 -17.60 93.89 -6.77
C MET H 303 -18.37 94.97 -7.52
N ARG H 304 -17.96 95.25 -8.76
CA ARG H 304 -18.73 96.12 -9.62
C ARG H 304 -20.12 95.55 -9.87
N ALA H 305 -20.21 94.22 -10.00
CA ALA H 305 -21.49 93.54 -10.14
C ALA H 305 -22.29 93.53 -8.85
N ASN H 306 -21.71 94.02 -7.75
CA ASN H 306 -22.40 94.17 -6.46
C ASN H 306 -22.77 92.82 -5.87
N ILE H 307 -21.87 91.85 -5.99
CA ILE H 307 -22.08 90.50 -5.48
C ILE H 307 -20.81 90.02 -4.79
N THR H 308 -20.99 89.23 -3.73
CA THR H 308 -19.87 88.64 -3.02
C THR H 308 -19.62 87.24 -3.56
N ALA H 309 -18.41 87.02 -4.08
CA ALA H 309 -18.05 85.74 -4.70
C ALA H 309 -17.51 84.78 -3.65
N ILE H 310 -18.09 83.59 -3.60
CA ILE H 310 -17.65 82.53 -2.69
C ILE H 310 -17.15 81.36 -3.53
N ARG H 311 -15.94 80.89 -3.22
CA ARG H 311 -15.25 79.91 -4.03
C ARG H 311 -15.16 78.56 -3.32
N ARG H 312 -14.72 77.56 -4.10
CA ARG H 312 -14.42 76.20 -3.66
C ARG H 312 -15.44 75.64 -2.66
N VAL H 313 -16.72 75.90 -2.89
CA VAL H 313 -17.77 75.35 -2.05
C VAL H 313 -17.93 73.87 -2.39
N ARG H 314 -18.60 73.13 -1.51
CA ARG H 314 -18.81 71.69 -1.70
C ARG H 314 -20.28 71.40 -1.93
N LYS H 315 -20.54 70.40 -2.77
CA LYS H 315 -21.92 70.03 -3.07
C LYS H 315 -22.64 69.53 -1.81
N THR H 316 -21.93 68.74 -0.99
CA THR H 316 -22.50 68.29 0.28
C THR H 316 -22.77 69.45 1.22
N ASP H 317 -22.22 70.63 0.95
CA ASP H 317 -22.56 71.85 1.65
C ASP H 317 -23.40 72.79 0.81
N ASN H 318 -23.27 72.73 -0.52
CA ASN H 318 -24.10 73.56 -1.38
C ASN H 318 -25.56 73.18 -1.30
N ASN H 319 -25.86 71.88 -1.10
CA ASN H 319 -27.24 71.46 -0.98
C ASN H 319 -27.91 72.08 0.24
N ARG H 320 -27.22 72.08 1.39
CA ARG H 320 -27.79 72.71 2.58
C ARG H 320 -27.77 74.23 2.45
N ILE H 321 -26.82 74.78 1.70
CA ILE H 321 -26.87 76.22 1.38
C ILE H 321 -28.17 76.56 0.68
N ALA H 322 -28.51 75.79 -0.36
CA ALA H 322 -29.74 76.04 -1.11
C ALA H 322 -30.96 75.80 -0.25
N ARG H 323 -30.91 74.78 0.62
CA ARG H 323 -32.04 74.51 1.50
C ARG H 323 -32.28 75.65 2.48
N ALA H 324 -31.21 76.19 3.07
CA ALA H 324 -31.35 77.27 4.04
C ALA H 324 -31.69 78.60 3.38
N CYS H 325 -31.27 78.82 2.14
CA CYS H 325 -31.45 80.09 1.48
C CYS H 325 -32.51 80.08 0.38
N GLY H 326 -32.98 78.90 -0.03
CA GLY H 326 -33.98 78.84 -1.09
C GLY H 326 -33.48 79.36 -2.42
N ALA H 327 -32.25 79.03 -2.78
CA ALA H 327 -31.65 79.52 -4.01
C ALA H 327 -32.14 78.73 -5.22
N ARG H 328 -32.05 79.36 -6.39
CA ARG H 328 -32.39 78.74 -7.65
C ARG H 328 -31.26 78.97 -8.65
N ILE H 329 -31.03 77.97 -9.50
CA ILE H 329 -29.95 78.00 -10.48
C ILE H 329 -30.56 78.01 -11.88
N VAL H 330 -30.10 78.93 -12.72
CA VAL H 330 -30.57 79.04 -14.10
C VAL H 330 -29.53 79.82 -14.88
N SER H 331 -29.28 79.40 -16.12
CA SER H 331 -28.30 80.04 -16.98
C SER H 331 -28.81 80.35 -18.39
N ARG H 332 -29.94 79.81 -18.80
CA ARG H 332 -30.46 80.09 -20.14
C ARG H 332 -30.97 81.52 -20.21
N PRO H 333 -30.46 82.35 -21.12
CA PRO H 333 -30.90 83.76 -21.17
C PRO H 333 -32.39 83.91 -21.42
N GLU H 334 -33.00 83.05 -22.24
CA GLU H 334 -34.42 83.16 -22.51
C GLU H 334 -35.25 82.86 -21.27
N GLU H 335 -34.84 81.87 -20.48
CA GLU H 335 -35.57 81.48 -19.28
C GLU H 335 -35.33 82.41 -18.11
N LEU H 336 -34.32 83.28 -18.16
CA LEU H 336 -34.06 84.19 -17.06
C LEU H 336 -35.23 85.14 -16.86
N ARG H 337 -35.66 85.28 -15.61
CA ARG H 337 -36.81 86.10 -15.28
C ARG H 337 -36.59 86.70 -13.90
N GLU H 338 -37.66 87.26 -13.31
CA GLU H 338 -37.57 87.81 -11.97
C GLU H 338 -37.45 86.74 -10.89
N ASP H 339 -37.73 85.48 -11.23
CA ASP H 339 -37.71 84.40 -10.25
C ASP H 339 -36.32 83.78 -10.10
N ASP H 340 -35.33 84.21 -10.88
CA ASP H 340 -34.00 83.61 -10.80
C ASP H 340 -33.37 83.87 -9.44
N VAL H 341 -33.49 85.09 -8.93
CA VAL H 341 -32.84 85.52 -7.70
C VAL H 341 -33.89 85.72 -6.63
N GLY H 342 -33.72 85.03 -5.50
CA GLY H 342 -34.63 85.16 -4.38
C GLY H 342 -33.88 85.43 -3.10
N THR H 343 -34.63 85.88 -2.10
CA THR H 343 -34.03 86.23 -0.81
C THR H 343 -33.47 84.99 -0.12
N GLY H 344 -32.26 85.11 0.40
CA GLY H 344 -31.62 84.00 1.08
C GLY H 344 -31.41 84.22 2.56
N ALA H 345 -30.18 84.55 2.95
CA ALA H 345 -29.86 84.74 4.35
C ALA H 345 -30.46 86.05 4.87
N GLY H 346 -30.40 86.23 6.18
CA GLY H 346 -30.89 87.45 6.80
C GLY H 346 -29.82 88.26 7.50
N LEU H 347 -28.82 87.58 8.05
CA LEU H 347 -27.72 88.27 8.74
C LEU H 347 -26.48 87.38 8.63
N LEU H 348 -25.64 87.67 7.66
CA LEU H 348 -24.40 86.93 7.46
C LEU H 348 -23.29 87.51 8.33
N GLU H 349 -22.26 86.71 8.56
CA GLU H 349 -21.06 87.15 9.26
C GLU H 349 -20.00 86.05 9.12
N ILE H 350 -18.74 86.44 9.22
CA ILE H 350 -17.62 85.51 9.17
C ILE H 350 -16.70 85.79 10.34
N LYS H 351 -16.37 84.74 11.09
CA LYS H 351 -15.38 84.80 12.16
C LYS H 351 -14.27 83.81 11.87
N LYS H 352 -13.23 83.84 12.72
CA LYS H 352 -12.08 82.95 12.57
C LYS H 352 -11.79 82.34 13.95
N ILE H 353 -12.40 81.18 14.20
CA ILE H 353 -12.20 80.45 15.45
C ILE H 353 -11.26 79.28 15.17
N GLY H 354 -10.22 79.15 15.97
CA GLY H 354 -9.25 78.07 15.81
C GLY H 354 -8.53 78.12 14.49
N ASP H 355 -8.04 79.31 14.12
CA ASP H 355 -7.32 79.58 12.87
C ASP H 355 -7.97 78.89 11.67
N GLU H 356 -9.30 78.88 11.63
CA GLU H 356 -10.04 78.26 10.54
C GLU H 356 -10.95 79.31 9.91
N TYR H 357 -11.01 79.31 8.59
CA TYR H 357 -11.82 80.28 7.84
C TYR H 357 -13.28 79.86 7.92
N PHE H 358 -13.92 80.25 9.02
CA PHE H 358 -15.33 79.95 9.22
C PHE H 358 -16.19 80.87 8.36
N THR H 359 -17.50 80.57 8.35
CA THR H 359 -18.46 81.40 7.62
C THR H 359 -19.81 81.24 8.33
N PHE H 360 -20.15 82.21 9.17
CA PHE H 360 -21.30 82.09 10.08
C PHE H 360 -22.51 82.81 9.48
N ILE H 361 -23.27 82.10 8.65
CA ILE H 361 -24.57 82.58 8.20
C ILE H 361 -25.59 82.23 9.28
N THR H 362 -26.29 83.24 9.78
CA THR H 362 -27.29 83.04 10.82
C THR H 362 -28.53 83.85 10.49
N ASP H 363 -29.65 83.43 11.09
CA ASP H 363 -30.94 84.11 10.93
C ASP H 363 -31.35 84.21 9.47
N CYS H 364 -31.17 83.12 8.73
CA CYS H 364 -31.56 83.10 7.33
C CYS H 364 -33.08 83.03 7.20
N LYS H 365 -33.55 82.97 5.94
CA LYS H 365 -34.98 83.01 5.68
C LYS H 365 -35.69 81.78 6.24
N ASP H 366 -35.20 80.60 5.92
CA ASP H 366 -35.87 79.35 6.29
C ASP H 366 -35.13 78.67 7.41
N PRO H 367 -35.73 78.50 8.61
CA PRO H 367 -35.11 77.73 9.68
C PRO H 367 -35.25 76.22 9.48
N LYS H 368 -34.96 75.77 8.25
CA LYS H 368 -35.08 74.37 7.89
C LYS H 368 -33.75 73.65 7.84
N ALA H 369 -32.66 74.36 7.55
CA ALA H 369 -31.30 73.82 7.61
C ALA H 369 -30.48 74.80 8.45
N CYS H 370 -30.52 74.62 9.77
CA CYS H 370 -29.83 75.48 10.70
C CYS H 370 -28.52 74.83 11.14
N THR H 371 -27.87 75.41 12.13
CA THR H 371 -26.55 75.00 12.58
C THR H 371 -26.61 74.45 14.00
N ILE H 372 -25.93 73.33 14.23
CA ILE H 372 -25.60 72.87 15.57
C ILE H 372 -24.09 72.68 15.64
N LEU H 373 -23.45 73.38 16.58
CA LEU H 373 -22.01 73.34 16.72
C LEU H 373 -21.58 72.15 17.56
N LEU H 374 -20.43 71.57 17.23
CA LEU H 374 -19.87 70.45 17.97
C LEU H 374 -18.39 70.71 18.21
N ARG H 375 -18.06 71.12 19.44
CA ARG H 375 -16.68 71.35 19.83
C ARG H 375 -16.29 70.45 20.99
N GLY H 376 -14.99 70.29 21.18
CA GLY H 376 -14.48 69.49 22.27
C GLY H 376 -12.98 69.34 22.15
N ALA H 377 -12.39 68.80 23.22
CA ALA H 377 -10.95 68.53 23.22
C ALA H 377 -10.60 67.39 22.28
N SER H 378 -11.41 66.34 22.27
CA SER H 378 -11.20 65.19 21.41
C SER H 378 -12.55 64.71 20.88
N LYS H 379 -12.49 64.02 19.73
CA LYS H 379 -13.69 63.59 19.03
C LYS H 379 -13.96 62.10 19.20
N GLU H 380 -13.35 61.46 20.19
CA GLU H 380 -13.41 60.01 20.32
C GLU H 380 -14.80 59.50 20.70
N ILE H 381 -15.64 60.34 21.30
CA ILE H 381 -16.95 59.90 21.77
C ILE H 381 -18.03 60.76 21.14
N LEU H 382 -17.68 61.99 20.77
CA LEU H 382 -18.66 62.94 20.25
C LEU H 382 -19.36 62.45 18.99
N SER H 383 -18.71 61.58 18.21
CA SER H 383 -19.39 60.98 17.07
C SER H 383 -20.53 60.09 17.54
N GLU H 384 -20.28 59.22 18.52
CA GLU H 384 -21.35 58.44 19.11
C GLU H 384 -22.35 59.33 19.82
N VAL H 385 -21.89 60.45 20.38
CA VAL H 385 -22.80 61.42 20.99
C VAL H 385 -23.80 61.92 19.96
N GLU H 386 -23.31 62.30 18.77
CA GLU H 386 -24.21 62.81 17.75
C GLU H 386 -25.07 61.71 17.15
N ARG H 387 -24.57 60.48 17.12
CA ARG H 387 -25.42 59.35 16.72
C ARG H 387 -26.60 59.20 17.68
N ASN H 388 -26.33 59.22 18.98
CA ASN H 388 -27.43 59.17 19.96
C ASN H 388 -28.31 60.40 19.86
N LEU H 389 -27.72 61.55 19.48
CA LEU H 389 -28.51 62.75 19.23
C LEU H 389 -29.51 62.53 18.10
N GLN H 390 -29.07 61.91 17.00
CA GLN H 390 -29.99 61.60 15.91
C GLN H 390 -31.00 60.53 16.31
N ASP H 391 -30.61 59.61 17.19
CA ASP H 391 -31.58 58.67 17.74
C ASP H 391 -32.70 59.41 18.47
N ALA H 392 -32.34 60.31 19.38
CA ALA H 392 -33.34 61.12 20.07
C ALA H 392 -34.09 62.03 19.11
N MET H 393 -33.46 62.42 18.00
CA MET H 393 -34.14 63.22 17.00
C MET H 393 -35.24 62.42 16.33
N GLN H 394 -34.96 61.17 15.98
CA GLN H 394 -36.00 60.28 15.49
C GLN H 394 -37.08 60.06 16.54
N VAL H 395 -36.68 59.98 17.81
CA VAL H 395 -37.64 59.87 18.90
C VAL H 395 -38.60 61.04 18.88
N CYS H 396 -38.07 62.26 18.80
CA CYS H 396 -38.91 63.45 18.78
C CYS H 396 -39.77 63.51 17.53
N ARG H 397 -39.20 63.16 16.37
CA ARG H 397 -39.96 63.19 15.13
C ARG H 397 -41.15 62.24 15.18
N ASN H 398 -40.94 61.03 15.69
CA ASN H 398 -42.06 60.09 15.78
C ASN H 398 -43.02 60.48 16.89
N VAL H 399 -42.54 61.13 17.95
CA VAL H 399 -43.44 61.66 18.96
C VAL H 399 -44.38 62.68 18.33
N LEU H 400 -43.85 63.53 17.45
CA LEU H 400 -44.71 64.38 16.64
C LEU H 400 -45.63 63.54 15.76
N LEU H 401 -45.11 62.46 15.18
CA LEU H 401 -45.96 61.55 14.40
C LEU H 401 -47.00 60.88 15.29
N ASP H 402 -46.55 60.16 16.30
CA ASP H 402 -47.44 59.52 17.28
C ASP H 402 -46.91 59.70 18.69
N PRO H 403 -47.54 60.56 19.51
CA PRO H 403 -47.04 60.80 20.86
C PRO H 403 -47.23 59.59 21.78
N GLN H 404 -46.66 58.45 21.41
CA GLN H 404 -46.90 57.21 22.14
C GLN H 404 -45.59 56.58 22.56
N LEU H 405 -45.57 56.07 23.78
CA LEU H 405 -44.46 55.29 24.31
C LEU H 405 -44.96 53.91 24.70
N VAL H 406 -44.15 52.89 24.41
CA VAL H 406 -44.52 51.52 24.73
C VAL H 406 -43.71 51.06 25.94
N PRO H 407 -44.30 50.31 26.86
CA PRO H 407 -43.53 49.83 28.01
C PRO H 407 -42.53 48.75 27.61
N GLY H 408 -41.24 49.10 27.62
CA GLY H 408 -40.21 48.18 27.19
C GLY H 408 -39.91 47.12 28.24
N GLY H 409 -38.70 46.58 28.15
CA GLY H 409 -38.28 45.57 29.11
C GLY H 409 -39.17 44.35 29.13
N GLY H 410 -39.67 43.93 27.98
CA GLY H 410 -40.56 42.80 27.90
C GLY H 410 -42.01 43.09 28.21
N ALA H 411 -42.33 44.30 28.71
CA ALA H 411 -43.72 44.61 29.05
C ALA H 411 -44.58 44.68 27.80
N SER H 412 -44.12 45.44 26.79
CA SER H 412 -44.88 45.53 25.55
C SER H 412 -44.96 44.18 24.85
N GLU H 413 -43.85 43.42 24.85
CA GLU H 413 -43.84 42.12 24.21
C GLU H 413 -44.85 41.18 24.87
N MET H 414 -44.85 41.13 26.19
CA MET H 414 -45.79 40.26 26.88
C MET H 414 -47.23 40.74 26.69
N ALA H 415 -47.44 42.06 26.65
CA ALA H 415 -48.79 42.58 26.43
C ALA H 415 -49.32 42.16 25.07
N VAL H 416 -48.51 42.32 24.02
CA VAL H 416 -48.99 41.97 22.68
C VAL H 416 -49.16 40.46 22.55
N ALA H 417 -48.27 39.68 23.17
CA ALA H 417 -48.42 38.23 23.14
C ALA H 417 -49.72 37.80 23.83
N HIS H 418 -50.02 38.41 24.98
CA HIS H 418 -51.26 38.09 25.68
C HIS H 418 -52.47 38.48 24.85
N ALA H 419 -52.41 39.65 24.20
CA ALA H 419 -53.53 40.08 23.36
C ALA H 419 -53.75 39.10 22.22
N LEU H 420 -52.68 38.66 21.56
CA LEU H 420 -52.83 37.70 20.47
C LEU H 420 -53.38 36.37 20.98
N THR H 421 -52.87 35.88 22.11
CA THR H 421 -53.32 34.58 22.61
C THR H 421 -54.79 34.63 23.01
N GLU H 422 -55.23 35.72 23.64
CA GLU H 422 -56.64 35.80 24.01
C GLU H 422 -57.52 36.00 22.79
N LYS H 423 -57.04 36.73 21.78
CA LYS H 423 -57.82 36.90 20.56
C LYS H 423 -57.89 35.61 19.75
N SER H 424 -56.91 34.73 19.88
CA SER H 424 -56.88 33.49 19.11
C SER H 424 -57.93 32.49 19.55
N LYS H 425 -58.56 32.69 20.72
CA LYS H 425 -59.56 31.74 21.18
C LYS H 425 -60.76 31.71 20.22
N ALA H 426 -61.19 32.87 19.75
CA ALA H 426 -62.32 32.92 18.81
C ALA H 426 -61.94 32.47 17.41
N MET H 427 -60.67 32.54 17.05
CA MET H 427 -60.25 32.17 15.70
C MET H 427 -60.46 30.69 15.45
N THR H 428 -60.83 30.36 14.22
CA THR H 428 -61.10 28.98 13.80
C THR H 428 -60.25 28.64 12.59
N GLY H 429 -60.19 27.33 12.30
CA GLY H 429 -59.43 26.84 11.17
C GLY H 429 -57.99 26.54 11.51
N VAL H 430 -57.30 25.94 10.54
CA VAL H 430 -55.91 25.55 10.74
C VAL H 430 -54.98 26.74 10.91
N GLU H 431 -55.36 27.91 10.40
CA GLU H 431 -54.48 29.06 10.47
C GLU H 431 -54.33 29.62 11.88
N GLN H 432 -55.12 29.15 12.84
CA GLN H 432 -55.02 29.66 14.19
C GLN H 432 -53.70 29.26 14.87
N TRP H 433 -53.17 28.08 14.54
CA TRP H 433 -51.93 27.64 15.16
C TRP H 433 -50.76 28.57 14.86
N PRO H 434 -50.50 29.00 13.62
CA PRO H 434 -49.48 30.03 13.42
C PRO H 434 -49.81 31.33 14.12
N TYR H 435 -51.09 31.69 14.18
CA TYR H 435 -51.49 32.92 14.84
C TYR H 435 -51.16 32.89 16.33
N ARG H 436 -51.04 31.69 16.91
CA ARG H 436 -50.60 31.55 18.29
C ARG H 436 -49.09 31.40 18.40
N ALA H 437 -48.45 30.74 17.43
CA ALA H 437 -47.02 30.51 17.48
C ALA H 437 -46.24 31.80 17.28
N VAL H 438 -46.77 32.74 16.49
CA VAL H 438 -46.10 34.03 16.36
C VAL H 438 -46.09 34.76 17.69
N ALA H 439 -47.21 34.72 18.42
CA ALA H 439 -47.24 35.31 19.75
C ALA H 439 -46.28 34.60 20.70
N GLN H 440 -46.26 33.26 20.63
CA GLN H 440 -45.36 32.51 21.51
C GLN H 440 -43.91 32.85 21.25
N ALA H 441 -43.52 33.00 19.99
CA ALA H 441 -42.15 33.28 19.63
C ALA H 441 -41.78 34.75 19.81
N LEU H 442 -42.76 35.63 20.07
CA LEU H 442 -42.44 37.03 20.25
C LEU H 442 -41.92 37.33 21.65
N GLU H 443 -42.13 36.43 22.60
CA GLU H 443 -41.65 36.60 23.97
C GLU H 443 -40.16 36.33 24.12
N VAL H 444 -39.44 36.23 23.01
CA VAL H 444 -38.01 35.91 23.09
C VAL H 444 -37.22 37.06 23.69
N ILE H 445 -37.67 38.30 23.51
CA ILE H 445 -36.93 39.45 24.03
C ILE H 445 -36.81 39.42 25.54
N PRO H 446 -37.90 39.32 26.32
CA PRO H 446 -37.72 39.19 27.78
C PRO H 446 -37.00 37.91 28.17
N ARG H 447 -37.15 36.84 27.40
CA ARG H 447 -36.42 35.62 27.69
C ARG H 447 -34.92 35.85 27.65
N THR H 448 -34.45 36.54 26.61
CA THR H 448 -33.02 36.84 26.51
C THR H 448 -32.59 37.83 27.58
N LEU H 449 -33.45 38.82 27.87
CA LEU H 449 -33.10 39.78 28.92
C LEU H 449 -32.89 39.08 30.25
N ILE H 450 -33.77 38.13 30.60
CA ILE H 450 -33.62 37.39 31.84
C ILE H 450 -32.42 36.44 31.74
N GLN H 451 -32.20 35.84 30.57
CA GLN H 451 -31.14 34.86 30.42
C GLN H 451 -29.77 35.49 30.63
N ASN H 452 -29.53 36.67 30.05
CA ASN H 452 -28.21 37.26 30.17
C ASN H 452 -28.10 38.20 31.38
N CYS H 453 -28.57 37.72 32.53
CA CYS H 453 -28.29 38.38 33.79
C CYS H 453 -28.08 37.40 34.93
N GLY H 454 -28.06 36.10 34.66
CA GLY H 454 -27.85 35.10 35.69
C GLY H 454 -29.13 34.43 36.15
N ALA H 455 -30.23 35.18 36.18
CA ALA H 455 -31.48 34.65 36.69
C ALA H 455 -32.02 33.56 35.75
N SER H 456 -32.80 32.65 36.33
CA SER H 456 -33.39 31.57 35.56
C SER H 456 -34.39 32.12 34.55
N THR H 457 -34.27 31.66 33.31
CA THR H 457 -35.10 32.14 32.22
C THR H 457 -36.47 31.50 32.18
N ILE H 458 -36.73 30.52 33.04
CA ILE H 458 -38.00 29.79 33.06
C ILE H 458 -38.93 30.32 34.13
N ARG H 459 -38.45 30.36 35.37
CA ARG H 459 -39.30 30.83 36.48
C ARG H 459 -39.70 32.29 36.29
N LEU H 460 -38.75 33.14 35.89
CA LEU H 460 -39.06 34.54 35.69
C LEU H 460 -40.09 34.74 34.58
N LEU H 461 -39.91 34.04 33.46
CA LEU H 461 -40.87 34.15 32.37
C LEU H 461 -42.25 33.66 32.79
N THR H 462 -42.30 32.53 33.49
CA THR H 462 -43.59 31.99 33.92
C THR H 462 -44.28 32.95 34.88
N SER H 463 -43.54 33.52 35.82
CA SER H 463 -44.12 34.48 36.74
C SER H 463 -44.60 35.72 36.00
N LEU H 464 -43.82 36.20 35.02
CA LEU H 464 -44.22 37.38 34.28
C LEU H 464 -45.49 37.13 33.49
N ARG H 465 -45.58 35.98 32.81
CA ARG H 465 -46.77 35.68 32.03
C ARG H 465 -47.99 35.49 32.91
N ALA H 466 -47.85 34.70 33.97
CA ALA H 466 -49.00 34.37 34.80
C ALA H 466 -49.60 35.62 35.44
N LYS H 467 -48.76 36.50 35.98
CA LYS H 467 -49.28 37.70 36.61
C LYS H 467 -49.74 38.74 35.59
N HIS H 468 -49.20 38.71 34.37
CA HIS H 468 -49.57 39.71 33.38
C HIS H 468 -51.01 39.51 32.90
N THR H 469 -51.43 38.26 32.79
CA THR H 469 -52.78 37.97 32.30
C THR H 469 -53.84 38.45 33.29
N GLN H 470 -53.71 38.08 34.57
CA GLN H 470 -54.69 38.50 35.55
C GLN H 470 -54.68 40.00 35.75
N GLU H 471 -53.49 40.61 35.68
CA GLU H 471 -53.39 42.05 35.70
C GLU H 471 -54.14 42.63 34.52
N ASN H 472 -54.91 43.70 34.77
CA ASN H 472 -55.77 44.25 33.73
C ASN H 472 -55.02 45.21 32.82
N CYS H 473 -54.39 46.24 33.39
CA CYS H 473 -53.70 47.26 32.61
C CYS H 473 -52.38 47.63 33.26
N GLU H 474 -51.60 46.62 33.65
CA GLU H 474 -50.37 46.87 34.39
C GLU H 474 -49.15 46.96 33.48
N THR H 475 -48.98 45.99 32.58
CA THR H 475 -47.84 45.95 31.66
C THR H 475 -46.51 46.00 32.43
N TRP H 476 -46.29 44.96 33.23
CA TRP H 476 -45.07 44.85 34.00
C TRP H 476 -43.89 44.51 33.10
N GLY H 477 -42.74 45.10 33.39
CA GLY H 477 -41.54 44.88 32.59
C GLY H 477 -40.36 44.54 33.46
N VAL H 478 -39.67 43.45 33.11
CA VAL H 478 -38.56 42.94 33.91
C VAL H 478 -37.40 43.93 33.87
N ASN H 479 -36.80 44.16 35.03
CA ASN H 479 -35.61 45.00 35.10
C ASN H 479 -34.44 44.33 34.37
N GLY H 480 -33.70 45.12 33.60
CA GLY H 480 -32.59 44.57 32.84
C GLY H 480 -31.33 44.32 33.63
N GLU H 481 -31.09 45.11 34.68
CA GLU H 481 -29.86 44.97 35.45
C GLU H 481 -29.93 43.84 36.47
N THR H 482 -30.87 43.94 37.41
CA THR H 482 -31.02 42.92 38.44
C THR H 482 -31.73 41.67 37.96
N GLY H 483 -32.43 41.73 36.83
CA GLY H 483 -33.21 40.61 36.37
C GLY H 483 -34.34 40.29 37.32
N THR H 484 -35.03 41.32 37.79
CA THR H 484 -36.10 41.17 38.77
C THR H 484 -37.36 41.85 38.23
N LEU H 485 -38.50 41.21 38.50
CA LEU H 485 -39.77 41.76 38.07
C LEU H 485 -40.04 43.10 38.75
N VAL H 486 -40.59 44.03 38.00
CA VAL H 486 -40.89 45.36 38.52
C VAL H 486 -41.93 46.01 37.62
N ASP H 487 -42.87 46.73 38.23
CA ASP H 487 -43.83 47.49 37.45
C ASP H 487 -43.10 48.52 36.60
N MET H 488 -43.55 48.68 35.35
CA MET H 488 -42.73 49.38 34.37
C MET H 488 -42.70 50.88 34.62
N LYS H 489 -43.79 51.45 35.15
CA LYS H 489 -43.81 52.88 35.43
C LYS H 489 -42.75 53.26 36.45
N GLU H 490 -42.56 52.44 37.48
CA GLU H 490 -41.54 52.73 38.49
C GLU H 490 -40.15 52.72 37.87
N LEU H 491 -39.86 51.72 37.03
CA LEU H 491 -38.54 51.65 36.39
C LEU H 491 -38.32 52.82 35.45
N GLY H 492 -39.35 53.21 34.70
CA GLY H 492 -39.25 54.37 33.84
C GLY H 492 -38.40 54.17 32.60
N ILE H 493 -38.73 53.16 31.80
CA ILE H 493 -38.10 52.92 30.51
C ILE H 493 -39.19 52.84 29.46
N TRP H 494 -38.94 53.43 28.29
CA TRP H 494 -39.93 53.45 27.23
C TRP H 494 -39.24 53.55 25.88
N GLU H 495 -39.98 53.17 24.84
CA GLU H 495 -39.52 53.27 23.46
C GLU H 495 -40.55 54.00 22.62
N PRO H 496 -40.12 54.69 21.57
CA PRO H 496 -41.09 55.29 20.65
C PRO H 496 -41.96 54.22 20.00
N LEU H 497 -43.22 54.59 19.76
CA LEU H 497 -44.13 53.66 19.12
C LEU H 497 -43.68 53.32 17.71
N ALA H 498 -43.18 54.32 16.96
CA ALA H 498 -42.84 54.12 15.57
C ALA H 498 -41.69 53.13 15.41
N VAL H 499 -40.67 53.21 16.26
CA VAL H 499 -39.52 52.33 16.10
C VAL H 499 -39.90 50.88 16.40
N LYS H 500 -40.66 50.65 17.46
CA LYS H 500 -41.10 49.29 17.76
C LYS H 500 -42.03 48.76 16.67
N LEU H 501 -42.92 49.62 16.17
CA LEU H 501 -43.80 49.22 15.08
C LEU H 501 -43.01 48.82 13.85
N GLN H 502 -41.97 49.60 13.52
CA GLN H 502 -41.14 49.28 12.37
C GLN H 502 -40.38 47.98 12.58
N THR H 503 -39.90 47.74 13.80
CA THR H 503 -39.20 46.50 14.08
C THR H 503 -40.12 45.31 13.87
N TYR H 504 -41.34 45.38 14.42
CA TYR H 504 -42.28 44.27 14.26
C TYR H 504 -42.65 44.07 12.80
N LYS H 505 -42.90 45.16 12.08
CA LYS H 505 -43.26 45.04 10.67
C LYS H 505 -42.14 44.43 9.85
N THR H 506 -40.90 44.87 10.08
CA THR H 506 -39.77 44.31 9.35
C THR H 506 -39.58 42.85 9.68
N ALA H 507 -39.74 42.47 10.96
CA ALA H 507 -39.60 41.07 11.31
C ALA H 507 -40.64 40.21 10.62
N VAL H 508 -41.90 40.64 10.61
CA VAL H 508 -42.96 39.86 9.99
C VAL H 508 -42.75 39.78 8.48
N GLU H 509 -42.36 40.90 7.86
CA GLU H 509 -42.15 40.90 6.41
C GLU H 509 -40.96 40.02 6.04
N THR H 510 -39.92 40.02 6.88
CA THR H 510 -38.80 39.12 6.63
C THR H 510 -39.24 37.66 6.75
N ALA H 511 -40.08 37.37 7.74
CA ALA H 511 -40.58 36.01 7.89
C ALA H 511 -41.35 35.57 6.66
N VAL H 512 -42.25 36.42 6.16
CA VAL H 512 -43.06 36.03 5.01
C VAL H 512 -42.19 35.94 3.76
N LEU H 513 -41.21 36.84 3.62
CA LEU H 513 -40.32 36.78 2.47
C LEU H 513 -39.50 35.49 2.47
N LEU H 514 -38.96 35.11 3.62
CA LEU H 514 -38.15 33.91 3.70
C LEU H 514 -38.99 32.64 3.62
N LEU H 515 -40.27 32.72 3.95
CA LEU H 515 -41.15 31.55 3.79
C LEU H 515 -41.74 31.44 2.40
N ARG H 516 -41.74 32.53 1.63
CA ARG H 516 -42.29 32.50 0.28
C ARG H 516 -41.30 31.99 -0.76
N ILE H 517 -40.06 31.73 -0.38
CA ILE H 517 -39.07 31.20 -1.30
C ILE H 517 -39.32 29.70 -1.48
N ASP H 518 -39.53 29.28 -2.72
CA ASP H 518 -39.78 27.88 -3.02
C ASP H 518 -38.56 27.12 -3.51
N ASP H 519 -37.59 27.81 -4.10
CA ASP H 519 -36.37 27.18 -4.58
C ASP H 519 -35.32 28.25 -4.83
N ILE H 520 -34.06 27.83 -4.81
CA ILE H 520 -32.94 28.76 -4.97
C ILE H 520 -32.05 28.42 -6.14
N VAL H 521 -32.29 27.30 -6.83
CA VAL H 521 -31.34 26.80 -7.83
C VAL H 521 -31.35 27.75 -9.03
N SER H 522 -30.29 28.54 -9.16
CA SER H 522 -30.03 29.34 -10.35
C SER H 522 -28.56 29.34 -10.69
N GLY H 523 -27.86 28.27 -10.31
CA GLY H 523 -26.41 28.23 -10.39
C GLY H 523 -25.82 27.58 -9.15
N HIS H 524 -24.97 28.31 -8.43
CA HIS H 524 -24.43 27.81 -7.17
C HIS H 524 -25.52 27.68 -6.11
N GLY I 1 23.97 4.69 7.31
CA GLY I 1 23.64 5.72 8.28
C GLY I 1 24.35 5.53 9.60
N THR I 2 25.67 5.45 9.56
CA THR I 2 26.50 5.28 10.75
C THR I 2 27.36 6.52 10.96
N ASP I 3 27.28 7.11 12.15
CA ASP I 3 28.05 8.30 12.50
C ASP I 3 29.08 7.92 13.55
N SER I 4 30.35 8.26 13.29
CA SER I 4 31.43 7.94 14.22
C SER I 4 32.47 9.06 14.11
N SER I 5 32.46 9.97 15.09
CA SER I 5 33.42 11.07 15.11
C SER I 5 33.99 11.31 16.50
N GLN I 6 33.78 10.41 17.45
CA GLN I 6 34.37 10.56 18.77
C GLN I 6 35.87 10.36 18.70
N GLY I 7 36.57 10.82 19.74
CA GLY I 7 38.03 10.82 19.78
C GLY I 7 38.70 9.56 19.30
N ILE I 8 38.52 8.46 20.02
CA ILE I 8 39.08 7.19 19.56
C ILE I 8 38.46 6.73 18.24
N PRO I 9 37.13 6.76 18.06
CA PRO I 9 36.59 6.42 16.73
C PRO I 9 37.14 7.30 15.61
N GLN I 10 37.33 8.60 15.86
CA GLN I 10 37.89 9.45 14.81
C GLN I 10 39.36 9.10 14.55
N LEU I 11 40.12 8.77 15.58
CA LEU I 11 41.50 8.36 15.38
C LEU I 11 41.56 7.10 14.52
N VAL I 12 40.73 6.11 14.84
CA VAL I 12 40.76 4.87 14.07
C VAL I 12 40.26 5.11 12.65
N SER I 13 39.29 6.01 12.47
CA SER I 13 38.84 6.35 11.13
C SER I 13 39.95 6.99 10.31
N ASN I 14 40.68 7.94 10.92
CA ASN I 14 41.76 8.61 10.21
C ASN I 14 42.85 7.62 9.81
N ILE I 15 43.24 6.75 10.73
CA ILE I 15 44.35 5.86 10.41
C ILE I 15 43.89 4.73 9.50
N SER I 16 42.59 4.40 9.49
CA SER I 16 42.07 3.48 8.49
C SER I 16 42.06 4.12 7.11
N ALA I 17 41.74 5.42 7.04
CA ALA I 17 41.85 6.12 5.77
C ALA I 17 43.28 6.13 5.25
N CYS I 18 44.24 6.34 6.16
CA CYS I 18 45.65 6.25 5.77
C CYS I 18 45.99 4.84 5.29
N GLN I 19 45.44 3.81 5.96
CA GLN I 19 45.66 2.45 5.51
C GLN I 19 45.14 2.23 4.10
N VAL I 20 43.96 2.76 3.80
CA VAL I 20 43.40 2.64 2.46
C VAL I 20 44.29 3.35 1.45
N ILE I 21 44.78 4.54 1.80
CA ILE I 21 45.66 5.28 0.90
C ILE I 21 46.90 4.47 0.58
N ALA I 22 47.50 3.85 1.60
CA ALA I 22 48.66 3.00 1.36
C ALA I 22 48.29 1.81 0.49
N GLU I 23 47.16 1.16 0.79
CA GLU I 23 46.73 0.01 0.02
C GLU I 23 46.54 0.36 -1.45
N ALA I 24 46.19 1.61 -1.74
CA ALA I 24 46.03 2.03 -3.13
C ALA I 24 47.35 1.94 -3.89
N VAL I 25 48.46 2.30 -3.24
CA VAL I 25 49.74 2.45 -3.94
C VAL I 25 50.75 1.49 -3.31
N ARG I 26 50.28 0.33 -2.86
CA ARG I 26 51.17 -0.66 -2.25
C ARG I 26 52.18 -1.20 -3.25
N THR I 27 51.73 -1.54 -4.45
CA THR I 27 52.48 -2.42 -5.34
C THR I 27 53.39 -1.69 -6.33
N THR I 28 53.51 -0.37 -6.23
CA THR I 28 54.31 0.38 -7.19
C THR I 28 55.73 0.64 -6.71
N LEU I 29 56.13 0.09 -5.56
CA LEU I 29 57.47 0.32 -5.04
C LEU I 29 58.49 -0.58 -5.73
N GLY I 30 59.61 0.02 -6.12
CA GLY I 30 60.71 -0.74 -6.69
C GLY I 30 60.90 -0.51 -8.17
N PRO I 31 62.01 -0.99 -8.72
CA PRO I 31 62.28 -0.80 -10.15
C PRO I 31 61.44 -1.72 -11.02
N ARG I 32 61.19 -2.95 -10.55
CA ARG I 32 60.32 -3.88 -11.23
C ARG I 32 58.89 -3.82 -10.72
N GLY I 33 58.45 -2.64 -10.28
CA GLY I 33 57.10 -2.49 -9.77
C GLY I 33 56.10 -2.29 -10.88
N MET I 34 54.91 -2.85 -10.69
CA MET I 34 53.84 -2.76 -11.65
C MET I 34 53.03 -1.47 -11.45
N ASP I 35 52.03 -1.27 -12.31
CA ASP I 35 51.33 0.01 -12.37
C ASP I 35 49.83 -0.14 -12.60
N LYS I 36 49.13 0.98 -12.77
CA LYS I 36 47.70 0.98 -13.07
C LYS I 36 47.38 2.16 -13.97
N LEU I 37 46.56 1.90 -14.98
CA LEU I 37 46.01 2.96 -15.81
C LEU I 37 44.81 3.59 -15.11
N ILE I 38 44.95 4.87 -14.75
CA ILE I 38 43.89 5.62 -14.08
C ILE I 38 43.41 6.70 -15.04
N VAL I 39 42.10 6.71 -15.30
CA VAL I 39 41.49 7.68 -16.19
C VAL I 39 40.99 8.84 -15.36
N ASP I 40 41.33 10.06 -15.78
CA ASP I 40 40.92 11.27 -15.07
C ASP I 40 39.42 11.54 -15.17
N GLY I 41 38.66 10.68 -15.88
CA GLY I 41 37.27 10.93 -16.14
C GLY I 41 37.01 11.70 -17.42
N ARG I 42 38.05 12.22 -18.06
CA ARG I 42 37.93 12.93 -19.33
C ARG I 42 38.35 12.05 -20.51
N GLY I 43 38.53 10.76 -20.29
CA GLY I 43 38.97 9.85 -21.33
C GLY I 43 40.48 9.71 -21.47
N LYS I 44 41.26 10.35 -20.62
CA LYS I 44 42.72 10.31 -20.69
C LYS I 44 43.24 9.36 -19.61
N ALA I 45 43.47 8.11 -19.98
CA ALA I 45 44.09 7.16 -19.08
C ALA I 45 45.55 7.52 -18.84
N THR I 46 46.03 7.26 -17.63
CA THR I 46 47.36 7.65 -17.20
C THR I 46 48.13 6.45 -16.66
N ILE I 47 49.35 6.27 -17.16
CA ILE I 47 50.26 5.24 -16.68
C ILE I 47 51.55 5.91 -16.22
N SER I 48 51.94 5.66 -14.97
CA SER I 48 53.18 6.21 -14.43
C SER I 48 53.58 5.35 -13.23
N ASN I 49 54.68 4.62 -13.37
CA ASN I 49 55.10 3.69 -12.32
C ASN I 49 55.55 4.43 -11.06
N ASP I 50 55.90 5.70 -11.16
CA ASP I 50 56.31 6.46 -9.99
C ASP I 50 55.13 6.68 -9.06
N GLY I 51 55.31 6.33 -7.79
CA GLY I 51 54.22 6.49 -6.84
C GLY I 51 53.83 7.94 -6.62
N ALA I 52 54.81 8.84 -6.63
CA ALA I 52 54.52 10.25 -6.40
C ALA I 52 53.57 10.80 -7.46
N THR I 53 53.78 10.44 -8.72
CA THR I 53 52.87 10.86 -9.78
C THR I 53 51.48 10.27 -9.57
N ILE I 54 51.41 9.03 -9.09
CA ILE I 54 50.12 8.40 -8.84
C ILE I 54 49.35 9.18 -7.79
N LEU I 55 50.01 9.58 -6.70
CA LEU I 55 49.34 10.38 -5.68
C LEU I 55 48.98 11.76 -6.23
N LYS I 56 49.85 12.33 -7.07
CA LYS I 56 49.56 13.64 -7.65
C LYS I 56 48.29 13.60 -8.48
N LEU I 57 48.12 12.56 -9.30
CA LEU I 57 46.90 12.41 -10.08
C LEU I 57 45.73 11.89 -9.23
N LEU I 58 46.01 11.24 -8.11
CA LEU I 58 44.96 10.73 -7.25
C LEU I 58 44.31 11.87 -6.48
N ASP I 59 43.02 11.69 -6.18
CA ASP I 59 42.25 12.67 -5.41
C ASP I 59 41.42 11.92 -4.37
N VAL I 60 41.65 12.25 -3.10
CA VAL I 60 40.91 11.65 -1.99
C VAL I 60 40.44 12.78 -1.07
N VAL I 61 39.26 12.59 -0.48
CA VAL I 61 38.60 13.66 0.26
C VAL I 61 38.82 13.60 1.77
N HIS I 62 39.28 12.47 2.29
CA HIS I 62 39.43 12.35 3.74
C HIS I 62 40.51 13.31 4.24
N PRO I 63 40.26 14.06 5.32
CA PRO I 63 41.29 14.98 5.82
C PRO I 63 42.57 14.29 6.25
N ALA I 64 42.47 13.10 6.86
CA ALA I 64 43.66 12.35 7.21
C ALA I 64 44.42 11.94 5.96
N ALA I 65 43.70 11.45 4.95
CA ALA I 65 44.32 11.12 3.68
C ALA I 65 44.95 12.35 3.05
N LYS I 66 44.27 13.50 3.14
CA LYS I 66 44.82 14.72 2.58
C LYS I 66 46.14 15.11 3.26
N THR I 67 46.18 14.99 4.60
CA THR I 67 47.41 15.30 5.32
C THR I 67 48.54 14.35 4.93
N LEU I 68 48.22 13.06 4.84
CA LEU I 68 49.24 12.08 4.45
C LEU I 68 49.77 12.37 3.05
N VAL I 69 48.87 12.69 2.12
CA VAL I 69 49.28 13.00 0.75
C VAL I 69 50.13 14.27 0.73
N ASP I 70 49.77 15.27 1.54
CA ASP I 70 50.54 16.50 1.59
C ASP I 70 51.95 16.24 2.10
N ILE I 71 52.07 15.39 3.13
CA ILE I 71 53.39 15.03 3.64
C ILE I 71 54.19 14.28 2.58
N ALA I 72 53.53 13.39 1.85
CA ALA I 72 54.20 12.67 0.77
C ALA I 72 54.70 13.63 -0.31
N LYS I 73 53.88 14.61 -0.69
CA LYS I 73 54.31 15.60 -1.69
C LYS I 73 55.48 16.43 -1.18
N SER I 74 55.44 16.82 0.10
CA SER I 74 56.55 17.56 0.68
C SER I 74 57.83 16.75 0.65
N GLN I 75 57.74 15.46 0.96
CA GLN I 75 58.92 14.59 0.86
C GLN I 75 59.40 14.49 -0.59
N ASP I 76 58.47 14.44 -1.54
CA ASP I 76 58.85 14.28 -2.95
C ASP I 76 59.69 15.46 -3.42
N ALA I 77 59.30 16.67 -3.07
CA ALA I 77 59.98 17.86 -3.56
C ALA I 77 61.35 18.09 -2.93
N GLU I 78 61.70 17.34 -1.88
CA GLU I 78 62.95 17.61 -1.17
C GLU I 78 64.12 16.82 -1.77
N VAL I 79 64.05 15.49 -1.70
CA VAL I 79 65.15 14.64 -2.15
C VAL I 79 64.57 13.34 -2.68
N GLY I 80 65.15 12.85 -3.78
CA GLY I 80 64.88 11.55 -4.37
C GLY I 80 63.41 11.27 -4.56
N ASP I 81 63.07 9.99 -4.59
CA ASP I 81 61.68 9.51 -4.70
C ASP I 81 61.47 8.47 -3.60
N GLY I 82 61.13 8.95 -2.41
CA GLY I 82 60.88 8.05 -1.29
C GLY I 82 59.44 8.09 -0.84
N THR I 83 58.57 8.68 -1.67
CA THR I 83 57.18 8.89 -1.29
C THR I 83 56.49 7.58 -0.97
N THR I 84 56.66 6.57 -1.84
CA THR I 84 56.07 5.27 -1.56
C THR I 84 56.61 4.69 -0.26
N SER I 85 57.93 4.79 -0.05
CA SER I 85 58.54 4.22 1.15
C SER I 85 58.01 4.89 2.41
N VAL I 86 57.98 6.23 2.42
CA VAL I 86 57.57 6.93 3.63
C VAL I 86 56.08 6.72 3.89
N THR I 87 55.26 6.73 2.84
CA THR I 87 53.83 6.49 3.01
C THR I 87 53.58 5.10 3.56
N LEU I 88 54.26 4.09 3.00
CA LEU I 88 54.10 2.73 3.49
C LEU I 88 54.55 2.61 4.93
N LEU I 89 55.67 3.26 5.28
CA LEU I 89 56.18 3.17 6.64
C LEU I 89 55.22 3.80 7.64
N ALA I 90 54.70 4.99 7.31
CA ALA I 90 53.74 5.64 8.21
C ALA I 90 52.47 4.82 8.34
N ALA I 91 51.98 4.27 7.23
CA ALA I 91 50.77 3.45 7.28
C ALA I 91 51.00 2.19 8.10
N GLU I 92 52.20 1.62 8.02
CA GLU I 92 52.52 0.47 8.85
C GLU I 92 52.53 0.84 10.33
N PHE I 93 53.12 1.98 10.67
CA PHE I 93 53.05 2.47 12.04
C PHE I 93 51.60 2.51 12.50
N LEU I 94 50.72 3.11 11.68
CA LEU I 94 49.33 3.26 12.08
C LEU I 94 48.62 1.91 12.22
N LYS I 95 48.85 1.00 11.28
CA LYS I 95 48.13 -0.26 11.32
C LYS I 95 48.65 -1.18 12.42
N GLN I 96 49.89 -1.01 12.86
CA GLN I 96 50.39 -1.77 13.99
C GLN I 96 50.11 -1.10 15.32
N VAL I 97 49.77 0.19 15.34
CA VAL I 97 49.30 0.81 16.58
C VAL I 97 47.78 0.75 16.71
N LYS I 98 47.06 0.32 15.67
CA LYS I 98 45.65 -0.05 15.79
C LYS I 98 45.40 -0.86 17.08
N PRO I 99 46.05 -2.01 17.28
CA PRO I 99 45.73 -2.83 18.45
C PRO I 99 46.21 -2.23 19.76
N TYR I 100 46.76 -1.02 19.74
CA TYR I 100 47.18 -0.31 20.94
C TYR I 100 46.27 0.84 21.28
N VAL I 101 45.86 1.64 20.30
CA VAL I 101 44.84 2.66 20.55
C VAL I 101 43.45 2.06 20.69
N GLU I 102 43.26 0.80 20.26
CA GLU I 102 41.92 0.22 20.33
C GLU I 102 41.49 -0.12 21.75
N GLU I 103 42.38 -0.05 22.74
CA GLU I 103 42.03 -0.45 24.10
C GLU I 103 42.36 0.58 25.17
N GLY I 104 42.99 1.70 24.82
CA GLY I 104 43.15 2.75 25.81
C GLY I 104 44.51 3.41 25.92
N LEU I 105 45.44 3.07 25.03
CA LEU I 105 46.74 3.74 25.04
C LEU I 105 46.55 5.19 24.61
N HIS I 106 46.89 6.11 25.51
CA HIS I 106 46.70 7.52 25.22
C HIS I 106 47.65 7.95 24.11
N PRO I 107 47.21 8.84 23.22
CA PRO I 107 48.06 9.22 22.08
C PRO I 107 49.39 9.83 22.47
N GLN I 108 49.46 10.57 23.57
CA GLN I 108 50.70 11.27 23.91
C GLN I 108 51.82 10.29 24.25
N ILE I 109 51.49 9.19 24.92
CA ILE I 109 52.50 8.17 25.19
C ILE I 109 53.06 7.63 23.88
N ILE I 110 52.18 7.40 22.90
CA ILE I 110 52.61 6.89 21.61
C ILE I 110 53.50 7.92 20.90
N ILE I 111 53.13 9.20 20.98
CA ILE I 111 53.94 10.24 20.34
C ILE I 111 55.33 10.28 20.96
N ARG I 112 55.40 10.24 22.29
CA ARG I 112 56.68 10.28 22.97
C ARG I 112 57.53 9.07 22.60
N ALA I 113 56.93 7.87 22.60
CA ALA I 113 57.68 6.67 22.27
C ALA I 113 58.15 6.69 20.82
N PHE I 114 57.31 7.21 19.91
CA PHE I 114 57.71 7.31 18.51
C PHE I 114 58.88 8.27 18.34
N ARG I 115 58.84 9.41 19.04
CA ARG I 115 59.98 10.33 19.00
C ARG I 115 61.24 9.68 19.53
N THR I 116 61.12 8.96 20.64
CA THR I 116 62.28 8.28 21.22
C THR I 116 62.85 7.23 20.26
N ALA I 117 61.97 6.43 19.64
CA ALA I 117 62.42 5.40 18.71
C ALA I 117 63.04 6.01 17.46
N THR I 118 62.48 7.14 16.98
CA THR I 118 63.06 7.82 15.84
C THR I 118 64.46 8.33 16.15
N GLN I 119 64.64 8.91 17.34
CA GLN I 119 65.98 9.34 17.74
C GLN I 119 66.92 8.15 17.85
N LEU I 120 66.45 7.04 18.42
CA LEU I 120 67.27 5.85 18.54
C LEU I 120 67.72 5.35 17.18
N ALA I 121 66.80 5.31 16.22
CA ALA I 121 67.13 4.83 14.88
C ALA I 121 68.07 5.78 14.16
N VAL I 122 67.82 7.10 14.25
CA VAL I 122 68.67 8.05 13.56
C VAL I 122 70.06 8.12 14.18
N ASN I 123 70.19 7.72 15.45
CA ASN I 123 71.52 7.63 16.05
C ASN I 123 72.21 6.29 15.77
N LYS I 124 71.45 5.19 15.70
CA LYS I 124 72.03 3.90 15.44
C LYS I 124 72.34 3.68 13.96
N ILE I 125 71.77 4.50 13.07
CA ILE I 125 72.11 4.39 11.66
C ILE I 125 73.50 4.94 11.39
N LYS I 126 73.94 5.92 12.17
CA LYS I 126 75.22 6.57 11.90
C LYS I 126 76.40 5.66 12.26
N GLU I 127 76.18 4.67 13.13
CA GLU I 127 77.24 3.72 13.44
C GLU I 127 77.40 2.66 12.35
N ILE I 128 76.44 2.56 11.44
CA ILE I 128 76.50 1.59 10.35
C ILE I 128 76.77 2.24 8.99
N ALA I 129 76.47 3.53 8.84
CA ALA I 129 76.70 4.22 7.57
C ALA I 129 78.18 4.18 7.20
N VAL I 130 78.45 3.87 5.94
CA VAL I 130 79.82 3.77 5.42
C VAL I 130 79.97 4.77 4.29
N THR I 131 81.03 5.57 4.35
CA THR I 131 81.32 6.54 3.30
C THR I 131 82.23 5.93 2.24
N VAL I 132 81.88 6.17 0.98
CA VAL I 132 82.61 5.61 -0.15
C VAL I 132 83.15 6.69 -1.07
N LYS I 133 82.89 7.97 -0.77
CA LYS I 133 83.26 9.05 -1.68
C LYS I 133 84.76 9.06 -1.99
N LYS I 134 85.60 8.73 -1.01
CA LYS I 134 87.03 8.74 -1.25
C LYS I 134 87.50 7.47 -1.94
N ALA I 135 86.63 6.48 -2.13
CA ALA I 135 87.01 5.21 -2.74
C ALA I 135 86.93 5.32 -4.26
N ASP I 136 87.75 6.22 -4.81
CA ASP I 136 87.93 6.39 -6.25
C ASP I 136 86.59 6.66 -6.95
N LYS I 137 86.00 7.81 -6.59
CA LYS I 137 84.74 8.23 -7.18
C LYS I 137 84.90 9.39 -8.15
N VAL I 138 85.62 10.45 -7.77
CA VAL I 138 85.84 11.57 -8.68
C VAL I 138 86.71 11.15 -9.85
N GLU I 139 87.72 10.32 -9.59
CA GLU I 139 88.57 9.76 -10.64
C GLU I 139 88.72 8.26 -10.40
N GLN I 140 89.02 7.54 -11.48
CA GLN I 140 88.99 6.07 -11.48
C GLN I 140 87.59 5.58 -11.09
N ARG I 141 86.65 5.89 -11.98
CA ARG I 141 85.22 5.86 -11.71
C ARG I 141 84.58 4.49 -11.85
N LYS I 142 85.35 3.40 -11.65
CA LYS I 142 84.77 2.07 -11.78
C LYS I 142 83.62 1.85 -10.79
N LEU I 143 83.78 2.34 -9.55
CA LEU I 143 82.72 2.16 -8.55
C LEU I 143 81.46 2.93 -8.93
N LEU I 144 81.61 4.16 -9.42
CA LEU I 144 80.44 4.93 -9.83
C LEU I 144 79.78 4.32 -11.06
N GLU I 145 80.59 3.77 -11.96
CA GLU I 145 80.04 3.06 -13.12
C GLU I 145 79.28 1.81 -12.68
N LYS I 146 79.76 1.12 -11.66
CA LYS I 146 79.01 -0.02 -11.13
C LYS I 146 77.72 0.44 -10.47
N CYS I 147 77.74 1.60 -9.81
CA CYS I 147 76.51 2.18 -9.29
C CYS I 147 75.52 2.43 -10.42
N ALA I 148 76.02 2.92 -11.56
CA ALA I 148 75.17 3.07 -12.74
C ALA I 148 74.67 1.71 -13.24
N MET I 149 75.52 0.69 -13.16
CA MET I 149 75.10 -0.66 -13.51
C MET I 149 73.91 -1.11 -12.68
N THR I 150 73.95 -0.83 -11.37
CA THR I 150 72.92 -1.32 -10.46
C THR I 150 71.53 -0.80 -10.81
N ALA I 151 71.44 0.37 -11.45
CA ALA I 151 70.15 0.91 -11.85
C ALA I 151 69.54 0.20 -13.05
N LEU I 152 70.34 -0.57 -13.81
CA LEU I 152 69.87 -1.24 -15.02
C LEU I 152 70.40 -2.67 -15.07
N SER I 153 70.45 -3.33 -13.91
CA SER I 153 71.01 -4.68 -13.86
C SER I 153 70.05 -5.71 -14.45
N SER I 154 70.63 -6.82 -14.90
CA SER I 154 69.89 -7.99 -15.39
C SER I 154 68.97 -7.63 -16.55
N LYS I 155 69.58 -7.24 -17.66
CA LYS I 155 68.84 -6.97 -18.89
C LYS I 155 69.77 -7.20 -20.08
N LEU I 156 69.16 -7.57 -21.21
CA LEU I 156 69.92 -7.83 -22.43
C LEU I 156 70.49 -6.56 -23.06
N ILE I 157 70.09 -5.39 -22.56
CA ILE I 157 70.58 -4.12 -23.08
C ILE I 157 71.96 -3.85 -22.49
N SER I 158 72.50 -4.82 -21.75
CA SER I 158 73.76 -4.65 -21.03
C SER I 158 74.87 -4.14 -21.94
N GLN I 159 74.94 -4.66 -23.17
CA GLN I 159 75.94 -4.18 -24.12
C GLN I 159 75.75 -2.69 -24.40
N GLN I 160 74.50 -2.29 -24.66
CA GLN I 160 74.19 -0.87 -24.79
C GLN I 160 74.19 -0.17 -23.43
N LYS I 161 73.89 -0.89 -22.36
CA LYS I 161 73.78 -0.27 -21.04
C LYS I 161 75.13 0.22 -20.54
N ALA I 162 76.21 -0.51 -20.83
CA ALA I 162 77.54 -0.05 -20.42
C ALA I 162 77.89 1.28 -21.08
N PHE I 163 77.67 1.37 -22.39
CA PHE I 163 77.93 2.61 -23.11
C PHE I 163 77.02 3.73 -22.61
N PHE I 164 75.76 3.42 -22.32
CA PHE I 164 74.84 4.45 -21.82
C PHE I 164 75.26 4.94 -20.44
N ALA I 165 75.77 4.03 -19.60
CA ALA I 165 76.24 4.45 -18.29
C ALA I 165 77.49 5.32 -18.40
N LYS I 166 78.44 4.95 -19.26
CA LYS I 166 79.60 5.81 -19.48
C LYS I 166 79.16 7.16 -20.04
N MET I 167 78.20 7.15 -20.94
CA MET I 167 77.55 8.36 -21.45
C MET I 167 77.08 9.26 -20.32
N VAL I 168 76.20 8.74 -19.45
CA VAL I 168 75.60 9.56 -18.41
C VAL I 168 76.64 9.99 -17.39
N VAL I 169 77.63 9.13 -17.12
CA VAL I 169 78.63 9.46 -16.11
C VAL I 169 79.57 10.55 -16.61
N ASP I 170 79.98 10.49 -17.88
CA ASP I 170 80.76 11.58 -18.46
C ASP I 170 79.95 12.86 -18.50
N ALA I 171 78.65 12.76 -18.82
CA ALA I 171 77.78 13.91 -18.74
C ALA I 171 77.74 14.47 -17.33
N VAL I 172 77.86 13.59 -16.33
CA VAL I 172 77.88 14.05 -14.94
C VAL I 172 79.17 14.81 -14.64
N MET I 173 80.33 14.26 -15.04
CA MET I 173 81.57 14.98 -14.77
C MET I 173 81.61 16.33 -15.49
N MET I 174 81.10 16.40 -16.72
CA MET I 174 81.10 17.70 -17.40
C MET I 174 79.86 18.53 -17.09
N LEU I 175 78.97 18.05 -16.22
CA LEU I 175 77.87 18.82 -15.66
C LEU I 175 77.75 18.60 -14.16
N ASP I 176 78.88 18.50 -13.46
CA ASP I 176 78.88 18.21 -12.01
C ASP I 176 78.59 19.49 -11.23
N ASP I 177 77.40 20.02 -11.46
CA ASP I 177 76.90 21.20 -10.76
C ASP I 177 75.61 20.88 -10.02
N LEU I 178 75.57 19.70 -9.39
CA LEU I 178 74.39 19.21 -8.68
C LEU I 178 73.18 19.13 -9.63
N LEU I 179 73.31 18.23 -10.59
CA LEU I 179 72.31 18.07 -11.63
C LEU I 179 70.93 17.82 -11.03
N GLN I 180 69.90 18.23 -11.80
CA GLN I 180 68.52 18.14 -11.35
C GLN I 180 67.72 17.40 -12.42
N LEU I 181 66.40 17.40 -12.25
CA LEU I 181 65.52 16.75 -13.22
C LEU I 181 65.41 17.53 -14.53
N LYS I 182 65.23 18.84 -14.44
CA LYS I 182 64.96 19.66 -15.63
C LYS I 182 66.22 20.06 -16.39
N MET I 183 67.38 20.06 -15.74
CA MET I 183 68.62 20.42 -16.42
C MET I 183 68.98 19.44 -17.52
N ILE I 184 68.45 18.22 -17.48
CA ILE I 184 68.75 17.19 -18.47
C ILE I 184 67.43 16.63 -18.99
N GLY I 185 67.30 16.56 -20.31
CA GLY I 185 66.10 16.03 -20.94
C GLY I 185 66.44 15.03 -22.03
N ILE I 186 65.39 14.41 -22.56
CA ILE I 186 65.54 13.41 -23.62
C ILE I 186 64.57 13.73 -24.75
N LYS I 187 64.89 13.25 -25.94
CA LYS I 187 64.05 13.42 -27.12
C LYS I 187 63.99 12.11 -27.88
N LYS I 188 62.83 11.87 -28.51
CA LYS I 188 62.53 10.59 -29.14
C LYS I 188 62.93 10.61 -30.61
N VAL I 189 63.60 9.56 -31.05
CA VAL I 189 63.95 9.36 -32.45
C VAL I 189 63.51 7.96 -32.86
N GLN I 190 62.78 7.88 -33.97
CA GLN I 190 62.27 6.60 -34.47
C GLN I 190 63.28 5.97 -35.42
N GLY I 191 63.42 4.65 -35.32
CA GLY I 191 64.35 3.92 -36.15
C GLY I 191 65.76 3.94 -35.60
N GLY I 192 66.62 3.15 -36.24
CA GLY I 192 68.00 3.04 -35.84
C GLY I 192 68.22 2.02 -34.75
N ALA I 193 69.48 1.60 -34.60
CA ALA I 193 69.85 0.63 -33.59
C ALA I 193 69.87 1.28 -32.21
N LEU I 194 69.73 0.44 -31.18
CA LEU I 194 69.79 0.93 -29.81
C LEU I 194 71.17 1.51 -29.48
N GLU I 195 72.23 0.89 -30.00
CA GLU I 195 73.59 1.37 -29.77
C GLU I 195 73.81 2.77 -30.35
N ASP I 196 73.01 3.18 -31.33
CA ASP I 196 73.23 4.44 -32.03
C ASP I 196 72.92 5.67 -31.17
N SER I 197 72.33 5.49 -29.99
CA SER I 197 72.05 6.62 -29.12
C SER I 197 73.36 7.31 -28.72
N GLN I 198 73.39 8.63 -28.85
CA GLN I 198 74.61 9.39 -28.62
C GLN I 198 74.23 10.76 -28.05
N LEU I 199 75.15 11.35 -27.29
CA LEU I 199 74.88 12.57 -26.56
C LEU I 199 75.24 13.79 -27.39
N VAL I 200 74.34 14.78 -27.40
CA VAL I 200 74.54 16.04 -28.07
C VAL I 200 74.43 17.16 -27.03
N ALA I 201 75.33 18.14 -27.14
CA ALA I 201 75.34 19.27 -26.22
C ALA I 201 74.32 20.33 -26.67
N GLY I 202 73.05 19.93 -26.63
CA GLY I 202 71.97 20.79 -27.05
C GLY I 202 70.61 20.12 -26.97
N VAL I 203 69.71 20.46 -27.88
CA VAL I 203 68.36 19.92 -27.89
C VAL I 203 68.02 19.45 -29.31
N ALA I 204 66.98 18.64 -29.40
CA ALA I 204 66.50 18.12 -30.67
C ALA I 204 64.99 18.34 -30.76
N PHE I 205 64.54 18.91 -31.88
CA PHE I 205 63.12 19.17 -32.09
C PHE I 205 62.83 19.09 -33.58
N LYS I 206 62.12 18.05 -33.99
CA LYS I 206 61.82 17.86 -35.41
C LYS I 206 60.87 18.95 -35.91
N LYS I 207 61.16 19.48 -37.09
CA LYS I 207 60.32 20.52 -37.68
C LYS I 207 59.09 19.90 -38.32
N THR I 208 57.94 20.54 -38.08
CA THR I 208 56.64 20.05 -38.52
C THR I 208 56.03 21.04 -39.51
N PHE I 209 54.76 20.81 -39.84
CA PHE I 209 54.06 21.67 -40.80
C PHE I 209 53.95 23.10 -40.29
N SER I 210 53.96 23.31 -38.98
CA SER I 210 53.83 24.63 -38.37
C SER I 210 55.02 24.93 -37.45
N TYR I 211 56.21 24.48 -37.83
CA TYR I 211 57.41 24.70 -37.04
C TYR I 211 58.46 25.55 -37.77
N ALA I 212 58.84 25.17 -38.99
CA ALA I 212 59.93 25.81 -39.70
C ALA I 212 59.45 26.29 -41.06
N GLY I 213 60.25 27.14 -41.68
CA GLY I 213 59.90 27.75 -42.95
C GLY I 213 60.41 27.01 -44.18
N PHE I 214 61.70 26.75 -44.25
CA PHE I 214 62.30 26.14 -45.43
C PHE I 214 63.57 25.41 -45.04
N GLU I 215 64.05 24.58 -45.96
CA GLU I 215 65.20 23.71 -45.74
C GLU I 215 66.53 24.40 -46.05
N MET I 216 67.58 23.60 -46.18
CA MET I 216 68.95 24.04 -46.53
C MET I 216 69.35 25.32 -45.79
N GLN I 217 69.31 25.24 -44.47
CA GLN I 217 69.80 26.32 -43.63
C GLN I 217 71.32 26.37 -43.64
N PRO I 218 71.91 27.51 -43.33
CA PRO I 218 73.37 27.58 -43.18
C PRO I 218 73.83 26.95 -41.87
N LYS I 219 74.00 25.62 -41.87
CA LYS I 219 74.35 24.91 -40.64
C LYS I 219 75.69 25.38 -40.09
N LYS I 220 76.70 25.49 -40.97
CA LYS I 220 78.03 25.92 -40.55
C LYS I 220 78.09 27.45 -40.53
N TYR I 221 77.40 28.01 -39.55
CA TYR I 221 77.35 29.45 -39.34
C TYR I 221 78.05 29.78 -38.02
N HIS I 222 78.89 30.82 -38.05
CA HIS I 222 79.77 31.09 -36.91
C HIS I 222 79.01 31.54 -35.67
N ASN I 223 77.98 32.38 -35.83
CA ASN I 223 77.27 32.94 -34.68
C ASN I 223 75.76 32.93 -34.93
N PRO I 224 75.14 31.75 -34.92
CA PRO I 224 73.68 31.70 -34.99
C PRO I 224 73.02 31.69 -33.62
N LYS I 225 72.08 32.59 -33.37
CA LYS I 225 71.36 32.64 -32.09
C LYS I 225 69.87 32.67 -32.35
N ILE I 226 69.11 32.20 -31.36
CA ILE I 226 67.66 32.15 -31.47
C ILE I 226 67.09 33.56 -31.35
N ALA I 227 66.22 33.92 -32.28
CA ALA I 227 65.52 35.21 -32.24
C ALA I 227 64.02 34.94 -32.19
N LEU I 228 63.37 35.45 -31.15
CA LEU I 228 61.94 35.26 -30.95
C LEU I 228 61.21 36.55 -31.27
N LEU I 229 60.19 36.46 -32.13
CA LEU I 229 59.42 37.62 -32.54
C LEU I 229 57.96 37.41 -32.18
N ASN I 230 57.35 38.44 -31.59
CA ASN I 230 55.93 38.42 -31.24
C ASN I 230 55.08 39.12 -32.29
N VAL I 231 55.48 39.06 -33.56
CA VAL I 231 54.77 39.69 -34.66
C VAL I 231 54.51 38.64 -35.74
N GLU I 232 53.31 38.66 -36.29
CA GLU I 232 52.96 37.72 -37.36
C GLU I 232 53.76 38.03 -38.62
N LEU I 233 54.12 36.96 -39.33
CA LEU I 233 54.90 37.06 -40.56
C LEU I 233 54.26 36.36 -41.75
N GLU I 234 53.35 35.40 -41.54
CA GLU I 234 52.76 34.65 -42.62
C GLU I 234 51.82 35.54 -43.45
N LEU I 235 51.51 35.06 -44.65
CA LEU I 235 50.60 35.76 -45.55
C LEU I 235 49.19 35.80 -44.98
N ASP I 251 36.35 48.60 -49.43
CA ASP I 251 37.19 48.23 -48.30
C ASP I 251 38.34 47.32 -48.73
N TYR I 252 38.31 46.91 -50.00
CA TYR I 252 39.38 46.07 -50.53
C TYR I 252 40.71 46.80 -50.54
N GLN I 253 40.70 48.08 -50.91
CA GLN I 253 41.91 48.89 -50.95
C GLN I 253 42.25 49.50 -49.60
N ALA I 254 41.72 48.96 -48.51
CA ALA I 254 41.96 49.50 -47.18
C ALA I 254 42.64 48.52 -46.23
N ILE I 255 42.35 47.22 -46.34
CA ILE I 255 42.95 46.25 -45.42
C ILE I 255 43.84 45.26 -46.20
N VAL I 256 43.48 45.00 -47.45
CA VAL I 256 44.29 44.08 -48.26
C VAL I 256 45.62 44.72 -48.62
N ASP I 257 45.58 45.99 -49.04
CA ASP I 257 46.83 46.71 -49.27
C ASP I 257 47.58 46.93 -47.97
N ALA I 258 46.86 47.11 -46.86
CA ALA I 258 47.51 47.17 -45.55
C ALA I 258 48.19 45.85 -45.22
N GLU I 259 47.54 44.72 -45.55
CA GLU I 259 48.17 43.42 -45.33
C GLU I 259 49.42 43.28 -46.18
N TRP I 260 49.37 43.71 -47.44
CA TRP I 260 50.55 43.62 -48.30
C TRP I 260 51.68 44.50 -47.77
N ASN I 261 51.36 45.70 -47.31
CA ASN I 261 52.37 46.59 -46.75
C ASN I 261 52.98 45.98 -45.49
N ILE I 262 52.15 45.36 -44.65
CA ILE I 262 52.65 44.71 -43.44
C ILE I 262 53.60 43.58 -43.80
N LEU I 263 53.21 42.75 -44.79
CA LEU I 263 54.08 41.67 -45.23
C LEU I 263 55.39 42.20 -45.76
N TYR I 264 55.33 43.27 -46.56
CA TYR I 264 56.55 43.83 -47.15
C TYR I 264 57.49 44.37 -46.08
N ASP I 265 56.95 45.12 -45.12
CA ASP I 265 57.81 45.69 -44.08
C ASP I 265 58.35 44.62 -43.15
N LYS I 266 57.56 43.57 -42.87
CA LYS I 266 58.07 42.48 -42.06
C LYS I 266 59.19 41.71 -42.78
N LEU I 267 59.03 41.50 -44.09
CA LEU I 267 60.09 40.88 -44.87
C LEU I 267 61.34 41.74 -44.88
N GLU I 268 61.18 43.06 -45.00
CA GLU I 268 62.33 43.96 -44.95
C GLU I 268 63.00 43.91 -43.59
N LYS I 269 62.21 43.84 -42.52
CA LYS I 269 62.77 43.71 -41.17
C LYS I 269 63.56 42.42 -41.02
N ILE I 270 63.02 41.32 -41.54
CA ILE I 270 63.72 40.04 -41.46
C ILE I 270 65.03 40.10 -42.23
N HIS I 271 65.00 40.69 -43.42
CA HIS I 271 66.22 40.81 -44.22
C HIS I 271 67.26 41.69 -43.53
N HIS I 272 66.83 42.81 -42.95
CA HIS I 272 67.77 43.74 -42.32
C HIS I 272 68.35 43.15 -41.04
N SER I 273 67.55 42.40 -40.28
CA SER I 273 68.01 41.85 -39.01
C SER I 273 69.17 40.88 -39.23
N GLY I 274 69.07 40.03 -40.25
CA GLY I 274 70.13 39.08 -40.52
C GLY I 274 70.22 37.93 -39.56
N ALA I 275 69.23 37.77 -38.68
CA ALA I 275 69.26 36.67 -37.72
C ALA I 275 69.15 35.33 -38.45
N LYS I 276 70.06 34.42 -38.13
CA LYS I 276 70.03 33.11 -38.79
C LYS I 276 68.77 32.35 -38.44
N VAL I 277 68.34 32.40 -37.18
CA VAL I 277 67.16 31.71 -36.70
C VAL I 277 66.15 32.76 -36.27
N VAL I 278 64.95 32.71 -36.85
CA VAL I 278 63.88 33.65 -36.56
C VAL I 278 62.63 32.87 -36.18
N LEU I 279 62.02 33.24 -35.05
CA LEU I 279 60.80 32.62 -34.57
C LEU I 279 59.69 33.66 -34.53
N SER I 280 58.52 33.28 -35.06
CA SER I 280 57.35 34.15 -35.04
C SER I 280 56.25 33.50 -34.20
N LYS I 281 55.41 34.34 -33.59
CA LYS I 281 54.37 33.82 -32.70
C LYS I 281 53.27 33.09 -33.46
N LEU I 282 52.96 33.50 -34.71
CA LEU I 282 51.99 32.75 -35.48
C LEU I 282 52.65 31.54 -36.14
N PRO I 283 51.89 30.47 -36.38
CA PRO I 283 52.45 29.32 -37.08
C PRO I 283 52.91 29.67 -38.48
N ILE I 284 54.00 29.04 -38.92
CA ILE I 284 54.55 29.24 -40.24
C ILE I 284 54.15 28.03 -41.08
N GLY I 285 53.31 28.27 -42.10
CA GLY I 285 52.82 27.18 -42.92
C GLY I 285 53.85 26.74 -43.95
N ASP I 286 53.89 25.44 -44.20
CA ASP I 286 54.78 24.87 -45.20
C ASP I 286 54.23 24.93 -46.62
N VAL I 287 52.95 25.24 -46.78
CA VAL I 287 52.39 25.40 -48.11
C VAL I 287 53.01 26.59 -48.83
N ALA I 288 53.45 27.59 -48.06
CA ALA I 288 54.13 28.77 -48.62
C ALA I 288 55.65 28.63 -48.54
N THR I 289 56.17 27.40 -48.61
CA THR I 289 57.61 27.20 -48.57
C THR I 289 58.30 27.87 -49.75
N GLN I 290 57.73 27.70 -50.95
CA GLN I 290 58.26 28.40 -52.11
C GLN I 290 57.98 29.90 -52.03
N TYR I 291 56.84 30.29 -51.46
CA TYR I 291 56.55 31.72 -51.29
C TYR I 291 57.50 32.37 -50.30
N PHE I 292 57.84 31.66 -49.22
CA PHE I 292 58.64 32.22 -48.14
C PHE I 292 60.09 31.74 -48.16
N ALA I 293 60.54 31.13 -49.26
CA ALA I 293 61.94 30.76 -49.40
C ALA I 293 62.82 31.94 -49.78
N ASP I 294 62.24 33.11 -50.04
CA ASP I 294 62.99 34.29 -50.44
C ASP I 294 63.53 35.07 -49.25
N ARG I 295 63.30 34.61 -48.03
CA ARG I 295 63.80 35.31 -46.85
C ARG I 295 65.33 35.29 -46.77
N ASP I 296 65.98 34.34 -47.43
CA ASP I 296 67.44 34.18 -47.52
C ASP I 296 68.07 33.78 -46.19
N MET I 297 67.31 33.62 -45.13
CA MET I 297 67.81 33.02 -43.90
C MET I 297 66.69 32.24 -43.23
N PHE I 298 67.08 31.32 -42.35
CA PHE I 298 66.13 30.42 -41.71
C PHE I 298 65.11 31.18 -40.90
N CYS I 299 63.84 30.82 -41.07
CA CYS I 299 62.75 31.38 -40.28
C CYS I 299 61.87 30.24 -39.80
N ALA I 300 61.33 30.39 -38.60
CA ALA I 300 60.52 29.35 -37.97
C ALA I 300 59.38 30.02 -37.22
N GLY I 301 58.59 29.21 -36.53
CA GLY I 301 57.47 29.72 -35.76
C GLY I 301 56.94 28.66 -34.83
N ARG I 302 56.06 29.11 -33.92
CA ARG I 302 55.43 28.25 -32.93
C ARG I 302 56.47 27.50 -32.10
N VAL I 303 57.40 28.26 -31.54
CA VAL I 303 58.48 27.66 -30.74
C VAL I 303 57.91 27.07 -29.47
N PRO I 304 58.27 25.83 -29.11
CA PRO I 304 57.81 25.27 -27.84
C PRO I 304 58.42 25.99 -26.65
N GLU I 305 57.68 26.00 -25.54
CA GLU I 305 58.18 26.64 -24.32
C GLU I 305 59.36 25.87 -23.74
N GLU I 306 59.35 24.54 -23.84
CA GLU I 306 60.49 23.76 -23.38
C GLU I 306 61.75 24.09 -24.18
N ASP I 307 61.61 24.21 -25.51
CA ASP I 307 62.75 24.56 -26.34
C ASP I 307 63.29 25.93 -25.98
N LEU I 308 62.41 26.89 -25.72
CA LEU I 308 62.85 28.21 -25.27
C LEU I 308 63.61 28.09 -23.94
N LYS I 309 62.99 27.44 -22.95
CA LYS I 309 63.61 27.31 -21.64
C LYS I 309 64.96 26.59 -21.71
N ARG I 310 65.17 25.78 -22.73
CA ARG I 310 66.45 25.12 -22.94
C ARG I 310 67.42 25.94 -23.79
N THR I 311 67.06 27.18 -24.15
CA THR I 311 67.91 28.00 -25.01
C THR I 311 68.33 29.34 -24.41
N MET I 312 67.52 29.98 -23.55
CA MET I 312 68.00 31.19 -22.89
C MET I 312 69.19 30.89 -22.01
N MET I 313 69.16 29.77 -21.28
CA MET I 313 70.30 29.36 -20.48
C MET I 313 71.40 28.69 -21.31
N ALA I 314 71.12 28.37 -22.58
CA ALA I 314 72.15 27.76 -23.43
C ALA I 314 73.11 28.82 -23.96
N CYS I 315 72.61 29.76 -24.77
CA CYS I 315 73.43 30.90 -25.19
C CYS I 315 72.63 32.19 -25.24
N GLY I 316 71.39 32.22 -24.75
CA GLY I 316 70.67 33.47 -24.58
C GLY I 316 69.88 33.97 -25.78
N GLY I 317 68.94 33.18 -26.27
CA GLY I 317 68.07 33.66 -27.33
C GLY I 317 67.26 34.85 -26.87
N SER I 318 67.07 35.80 -27.78
CA SER I 318 66.39 37.05 -27.48
C SER I 318 64.94 37.01 -27.94
N ILE I 319 64.16 37.99 -27.46
CA ILE I 319 62.75 38.13 -27.78
C ILE I 319 62.52 39.53 -28.34
N GLN I 320 61.79 39.61 -29.45
CA GLN I 320 61.47 40.88 -30.10
C GLN I 320 60.00 41.21 -29.88
N THR I 321 59.72 42.48 -29.59
CA THR I 321 58.37 42.88 -29.20
C THR I 321 57.94 44.18 -29.88
N SER I 322 58.42 44.45 -31.08
CA SER I 322 58.03 45.63 -31.82
C SER I 322 57.84 45.27 -33.30
N VAL I 323 57.28 46.22 -34.05
CA VAL I 323 57.03 45.98 -35.47
C VAL I 323 58.33 45.71 -36.21
N ASN I 324 59.36 46.48 -35.93
CA ASN I 324 60.69 46.30 -36.51
C ASN I 324 61.73 46.17 -35.40
N ALA I 325 61.43 45.34 -34.42
CA ALA I 325 62.33 45.17 -33.28
C ALA I 325 63.61 44.46 -33.70
N LEU I 326 64.75 45.03 -33.31
CA LEU I 326 66.05 44.46 -33.58
C LEU I 326 66.87 44.48 -32.30
N SER I 327 67.52 43.36 -32.01
CA SER I 327 68.32 43.22 -30.80
C SER I 327 69.68 42.62 -31.13
N ALA I 328 70.63 42.81 -30.22
CA ALA I 328 71.98 42.31 -30.44
C ALA I 328 72.06 40.79 -30.39
N ASP I 329 71.06 40.13 -29.79
CA ASP I 329 71.07 38.69 -29.64
C ASP I 329 70.21 37.98 -30.68
N VAL I 330 69.75 38.67 -31.73
CA VAL I 330 69.16 37.96 -32.85
C VAL I 330 70.24 37.22 -33.62
N LEU I 331 71.47 37.75 -33.64
CA LEU I 331 72.61 37.14 -34.30
C LEU I 331 73.81 37.15 -33.37
N GLY I 332 73.59 36.77 -32.10
CA GLY I 332 74.64 36.82 -31.10
C GLY I 332 75.59 35.65 -31.19
N ARG I 333 76.39 35.50 -30.14
CA ARG I 333 77.52 34.56 -30.13
C ARG I 333 77.06 33.21 -29.62
N CYS I 334 76.82 32.27 -30.53
CA CYS I 334 76.68 30.86 -30.21
C CYS I 334 77.53 30.08 -31.22
N GLN I 335 78.07 28.95 -30.79
CA GLN I 335 79.14 28.28 -31.55
C GLN I 335 78.73 27.88 -32.96
N VAL I 336 77.77 26.98 -33.09
CA VAL I 336 77.42 26.42 -34.40
C VAL I 336 76.01 25.87 -34.34
N PHE I 337 75.38 25.75 -35.51
CA PHE I 337 74.03 25.22 -35.63
C PHE I 337 74.07 23.86 -36.29
N GLU I 338 73.25 22.94 -35.79
CA GLU I 338 73.14 21.59 -36.31
C GLU I 338 71.76 21.37 -36.90
N GLU I 339 71.72 20.88 -38.15
CA GLU I 339 70.45 20.55 -38.79
C GLU I 339 70.74 19.46 -39.82
N THR I 340 70.47 18.21 -39.45
CA THR I 340 70.77 17.06 -40.29
C THR I 340 69.56 16.14 -40.37
N GLN I 341 69.61 15.22 -41.33
CA GLN I 341 68.52 14.25 -41.53
C GLN I 341 68.61 13.18 -40.45
N ILE I 342 67.59 13.10 -39.61
CA ILE I 342 67.53 12.13 -38.53
C ILE I 342 66.39 11.17 -38.86
N GLY I 343 66.73 9.96 -39.29
CA GLY I 343 65.72 8.99 -39.66
C GLY I 343 65.00 9.29 -40.96
N GLY I 344 65.61 10.09 -41.83
CA GLY I 344 64.99 10.49 -43.08
C GLY I 344 64.34 11.86 -43.04
N GLU I 345 64.07 12.40 -41.86
CA GLU I 345 63.46 13.71 -41.69
C GLU I 345 64.45 14.62 -40.96
N ARG I 346 64.65 15.82 -41.52
CA ARG I 346 65.59 16.76 -40.93
C ARG I 346 65.03 17.34 -39.64
N TYR I 347 65.83 17.31 -38.58
CA TYR I 347 65.44 17.84 -37.29
C TYR I 347 65.84 19.32 -37.20
N ASN I 348 65.78 19.88 -36.00
CA ASN I 348 66.15 21.28 -35.77
C ASN I 348 66.86 21.35 -34.42
N PHE I 349 68.18 21.33 -34.44
CA PHE I 349 68.99 21.31 -33.23
C PHE I 349 69.45 22.73 -32.89
N PHE I 350 69.17 23.17 -31.68
CA PHE I 350 69.64 24.47 -31.19
C PHE I 350 70.91 24.28 -30.36
N THR I 351 71.92 23.68 -31.00
CA THR I 351 73.17 23.32 -30.34
C THR I 351 74.19 24.44 -30.49
N GLY I 352 75.43 24.16 -30.10
CA GLY I 352 76.51 25.12 -30.21
C GLY I 352 76.34 26.34 -29.34
N CYS I 353 76.37 26.15 -28.03
CA CYS I 353 76.16 27.23 -27.07
C CYS I 353 77.28 27.21 -26.04
N PRO I 354 77.84 28.38 -25.68
CA PRO I 354 78.92 28.40 -24.68
C PRO I 354 78.51 27.85 -23.33
N LYS I 355 77.25 28.07 -22.93
CA LYS I 355 76.74 27.59 -21.65
C LYS I 355 75.63 26.56 -21.89
N ALA I 356 75.87 25.63 -22.81
CA ALA I 356 74.89 24.59 -23.13
C ALA I 356 74.86 23.59 -21.98
N LYS I 357 74.27 24.02 -20.87
CA LYS I 357 74.11 23.17 -19.69
C LYS I 357 72.87 22.30 -19.80
N THR I 358 72.75 21.61 -20.92
CA THR I 358 71.60 20.74 -21.18
C THR I 358 72.04 19.67 -22.17
N CYS I 359 72.31 18.48 -21.67
CA CYS I 359 72.72 17.35 -22.50
C CYS I 359 71.52 16.44 -22.71
N THR I 360 71.19 16.18 -23.98
CA THR I 360 70.02 15.40 -24.34
C THR I 360 70.46 14.05 -24.90
N PHE I 361 69.90 12.98 -24.37
CA PHE I 361 70.17 11.62 -24.85
C PHE I 361 69.25 11.35 -26.03
N ILE I 362 69.83 11.18 -27.21
CA ILE I 362 69.06 10.92 -28.43
C ILE I 362 68.50 9.50 -28.32
N LEU I 363 67.18 9.39 -28.18
CA LEU I 363 66.53 8.09 -28.05
C LEU I 363 66.52 7.39 -29.40
N ARG I 364 67.61 6.71 -29.73
CA ARG I 364 67.75 6.03 -31.02
C ARG I 364 67.43 4.55 -30.80
N GLY I 365 66.25 4.13 -31.25
CA GLY I 365 65.83 2.76 -31.11
C GLY I 365 64.73 2.43 -32.10
N GLY I 366 64.60 1.14 -32.39
CA GLY I 366 63.63 0.66 -33.34
C GLY I 366 62.25 0.34 -32.78
N ALA I 367 62.01 0.64 -31.51
CA ALA I 367 60.74 0.35 -30.86
C ALA I 367 59.95 1.64 -30.69
N GLU I 368 58.71 1.65 -31.19
CA GLU I 368 57.88 2.84 -31.10
C GLU I 368 57.43 3.11 -29.66
N GLN I 369 57.11 2.06 -28.91
CA GLN I 369 56.63 2.18 -27.54
C GLN I 369 57.75 2.01 -26.52
N PHE I 370 58.96 2.42 -26.88
CA PHE I 370 60.11 2.32 -25.99
C PHE I 370 60.30 3.57 -25.14
N MET I 371 59.41 4.56 -25.26
CA MET I 371 59.57 5.80 -24.51
C MET I 371 59.46 5.57 -23.01
N GLU I 372 58.49 4.76 -22.58
CA GLU I 372 58.31 4.50 -21.16
C GLU I 372 59.52 3.75 -20.59
N GLU I 373 60.02 2.76 -21.33
CA GLU I 373 61.19 2.02 -20.87
C GLU I 373 62.43 2.92 -20.83
N THR I 374 62.55 3.85 -21.78
CA THR I 374 63.64 4.80 -21.75
C THR I 374 63.55 5.72 -20.54
N GLU I 375 62.34 6.21 -20.24
CA GLU I 375 62.15 7.08 -19.09
C GLU I 375 62.48 6.35 -17.78
N ARG I 376 62.03 5.09 -17.66
CA ARG I 376 62.34 4.32 -16.47
C ARG I 376 63.78 3.82 -16.44
N SER I 377 64.48 3.82 -17.57
CA SER I 377 65.81 3.25 -17.66
C SER I 377 66.92 4.26 -17.86
N LEU I 378 66.61 5.48 -18.31
CA LEU I 378 67.60 6.53 -18.46
C LEU I 378 67.52 7.62 -17.40
N HIS I 379 66.33 7.90 -16.88
CA HIS I 379 66.22 8.90 -15.82
C HIS I 379 66.72 8.39 -14.48
N ASP I 380 66.71 7.07 -14.26
CA ASP I 380 67.20 6.54 -12.99
C ASP I 380 68.71 6.57 -12.90
N ALA I 381 69.42 6.39 -14.01
CA ALA I 381 70.88 6.35 -13.99
C ALA I 381 71.45 7.70 -13.55
N ILE I 382 70.97 8.79 -14.15
CA ILE I 382 71.44 10.11 -13.77
C ILE I 382 71.11 10.40 -12.31
N MET I 383 69.89 10.04 -11.89
CA MET I 383 69.52 10.25 -10.49
C MET I 383 70.35 9.39 -9.55
N ILE I 384 70.60 8.12 -9.92
CA ILE I 384 71.35 7.24 -9.02
C ILE I 384 72.77 7.74 -8.86
N VAL I 385 73.41 8.16 -9.96
CA VAL I 385 74.78 8.67 -9.85
C VAL I 385 74.81 10.01 -9.14
N ARG I 386 73.80 10.87 -9.36
CA ARG I 386 73.77 12.15 -8.68
C ARG I 386 73.61 11.99 -7.17
N ARG I 387 72.74 11.09 -6.74
CA ARG I 387 72.59 10.85 -5.31
C ARG I 387 73.82 10.18 -4.72
N ALA I 388 74.49 9.32 -5.50
CA ALA I 388 75.74 8.72 -5.02
C ALA I 388 76.81 9.78 -4.82
N ILE I 389 76.92 10.73 -5.75
CA ILE I 389 77.94 11.78 -5.63
C ILE I 389 77.61 12.75 -4.51
N LYS I 390 76.35 13.17 -4.41
CA LYS I 390 75.99 14.25 -3.49
C LYS I 390 76.26 13.87 -2.04
N ASN I 391 75.92 12.65 -1.65
CA ASN I 391 76.16 12.17 -0.30
C ASN I 391 77.39 11.27 -0.26
N ASP I 392 77.93 11.09 0.94
CA ASP I 392 79.11 10.28 1.15
C ASP I 392 78.81 8.97 1.86
N SER I 393 78.19 9.03 3.03
CA SER I 393 77.86 7.82 3.77
C SER I 393 76.69 7.10 3.12
N VAL I 394 76.86 5.79 2.90
CA VAL I 394 75.81 4.97 2.31
C VAL I 394 75.69 3.68 3.09
N VAL I 395 74.53 3.05 2.99
CA VAL I 395 74.24 1.79 3.65
C VAL I 395 73.64 0.84 2.62
N ALA I 396 73.78 -0.46 2.85
CA ALA I 396 73.25 -1.46 1.95
C ALA I 396 71.74 -1.29 1.80
N GLY I 397 71.28 -1.26 0.55
CA GLY I 397 69.86 -1.08 0.26
C GLY I 397 69.10 -2.39 0.21
N GLY I 398 67.97 -2.36 -0.48
CA GLY I 398 67.14 -3.55 -0.61
C GLY I 398 66.62 -4.07 0.72
N GLY I 399 66.27 -3.16 1.63
CA GLY I 399 65.74 -3.54 2.92
C GLY I 399 66.77 -3.94 3.94
N ALA I 400 68.06 -3.93 3.59
CA ALA I 400 69.10 -4.30 4.56
C ALA I 400 69.13 -3.32 5.73
N ILE I 401 69.13 -2.02 5.42
CA ILE I 401 69.16 -1.02 6.48
C ILE I 401 67.87 -1.06 7.29
N GLU I 402 66.73 -1.30 6.62
CA GLU I 402 65.48 -1.42 7.35
C GLU I 402 65.51 -2.60 8.32
N MET I 403 66.04 -3.74 7.88
CA MET I 403 66.15 -4.89 8.77
C MET I 403 67.10 -4.61 9.92
N GLU I 404 68.21 -3.91 9.66
CA GLU I 404 69.14 -3.56 10.73
C GLU I 404 68.49 -2.65 11.75
N LEU I 405 67.75 -1.64 11.29
CA LEU I 405 67.06 -0.74 12.19
C LEU I 405 65.98 -1.48 12.98
N SER I 406 65.28 -2.40 12.33
CA SER I 406 64.27 -3.19 13.02
C SER I 406 64.89 -4.03 14.13
N LYS I 407 66.04 -4.65 13.84
CA LYS I 407 66.72 -5.44 14.86
C LYS I 407 67.18 -4.57 16.02
N TYR I 408 67.76 -3.39 15.72
CA TYR I 408 68.17 -2.49 16.78
C TYR I 408 67.00 -2.07 17.64
N LEU I 409 65.89 -1.65 17.02
CA LEU I 409 64.77 -1.16 17.80
C LEU I 409 64.10 -2.27 18.59
N ARG I 410 64.03 -3.48 18.02
CA ARG I 410 63.46 -4.60 18.76
C ARG I 410 64.33 -4.99 19.95
N ASP I 411 65.65 -4.99 19.77
CA ASP I 411 66.53 -5.38 20.88
C ASP I 411 66.67 -4.27 21.91
N TYR I 412 66.37 -3.02 21.56
CA TYR I 412 66.40 -1.93 22.53
C TYR I 412 65.06 -1.73 23.23
N SER I 413 63.96 -2.13 22.59
CA SER I 413 62.65 -1.98 23.22
C SER I 413 62.56 -2.80 24.49
N ARG I 414 63.06 -4.04 24.46
CA ARG I 414 63.04 -4.90 25.63
C ARG I 414 63.92 -4.35 26.75
N THR I 415 64.79 -3.39 26.46
CA THR I 415 65.64 -2.77 27.46
C THR I 415 65.01 -1.58 28.15
N ILE I 416 63.91 -1.05 27.62
CA ILE I 416 63.25 0.13 28.18
C ILE I 416 62.13 -0.34 29.10
N PRO I 417 62.18 -0.04 30.39
CA PRO I 417 61.05 -0.34 31.28
C PRO I 417 60.01 0.77 31.23
N GLY I 418 58.82 0.43 30.79
CA GLY I 418 57.74 1.41 30.68
C GLY I 418 56.87 1.12 29.49
N LYS I 419 55.82 1.94 29.35
CA LYS I 419 54.85 1.75 28.29
C LYS I 419 55.47 1.91 26.91
N GLN I 420 56.63 2.56 26.81
CA GLN I 420 57.28 2.74 25.52
C GLN I 420 57.75 1.42 24.91
N GLN I 421 57.80 0.35 25.70
CA GLN I 421 58.33 -0.92 25.21
C GLN I 421 57.52 -1.46 24.05
N LEU I 422 56.20 -1.58 24.24
CA LEU I 422 55.36 -2.15 23.19
C LEU I 422 55.29 -1.22 21.98
N LEU I 423 55.30 0.09 22.22
CA LEU I 423 55.26 1.04 21.11
C LEU I 423 56.51 0.95 20.26
N ILE I 424 57.69 0.88 20.88
CA ILE I 424 58.92 0.76 20.12
C ILE I 424 58.99 -0.61 19.43
N GLY I 425 58.46 -1.64 20.09
CA GLY I 425 58.38 -2.94 19.42
C GLY I 425 57.52 -2.91 18.17
N ALA I 426 56.38 -2.25 18.24
CA ALA I 426 55.52 -2.11 17.07
C ALA I 426 56.20 -1.28 15.99
N TYR I 427 56.94 -0.24 16.40
CA TYR I 427 57.69 0.56 15.45
C TYR I 427 58.71 -0.30 14.71
N ALA I 428 59.44 -1.13 15.45
CA ALA I 428 60.42 -2.02 14.83
C ALA I 428 59.74 -3.01 13.90
N LYS I 429 58.60 -3.55 14.31
CA LYS I 429 57.85 -4.47 13.45
C LYS I 429 57.37 -3.78 12.18
N ALA I 430 57.06 -2.49 12.26
CA ALA I 430 56.57 -1.75 11.10
C ALA I 430 57.69 -1.31 10.17
N LEU I 431 58.92 -1.19 10.67
CA LEU I 431 60.03 -0.93 9.72
C LEU I 431 60.33 -2.10 8.77
N GLU I 432 59.57 -3.20 8.72
CA GLU I 432 59.93 -4.36 7.93
C GLU I 432 59.25 -4.42 6.56
N ILE I 433 58.42 -3.44 6.20
CA ILE I 433 57.62 -3.60 4.99
C ILE I 433 58.45 -3.42 3.73
N ILE I 434 59.56 -2.66 3.79
CA ILE I 434 60.33 -2.37 2.58
C ILE I 434 60.81 -3.64 1.90
N PRO I 435 61.49 -4.58 2.58
CA PRO I 435 61.76 -5.87 1.94
C PRO I 435 60.49 -6.61 1.56
N ARG I 436 59.46 -6.53 2.39
CA ARG I 436 58.20 -7.18 2.09
C ARG I 436 57.59 -6.65 0.80
N GLN I 437 57.53 -5.32 0.66
CA GLN I 437 56.96 -4.74 -0.53
C GLN I 437 57.83 -5.00 -1.75
N LEU I 438 59.15 -4.96 -1.59
CA LEU I 438 60.03 -5.23 -2.71
C LEU I 438 59.85 -6.65 -3.24
N CYS I 439 59.79 -7.63 -2.32
CA CYS I 439 59.62 -9.01 -2.76
C CYS I 439 58.19 -9.26 -3.24
N ASP I 440 57.22 -8.47 -2.77
CA ASP I 440 55.88 -8.55 -3.32
C ASP I 440 55.86 -8.10 -4.78
N ASN I 441 56.45 -6.93 -5.04
CA ASN I 441 56.48 -6.43 -6.41
C ASN I 441 57.35 -7.31 -7.31
N ALA I 442 58.33 -8.00 -6.73
CA ALA I 442 59.10 -8.97 -7.50
C ALA I 442 58.28 -10.20 -7.84
N GLY I 443 57.17 -10.43 -7.14
CA GLY I 443 56.32 -11.57 -7.40
C GLY I 443 56.63 -12.80 -6.58
N PHE I 444 57.76 -12.83 -5.88
CA PHE I 444 58.12 -13.96 -5.05
C PHE I 444 57.23 -14.01 -3.81
N ASP I 445 57.10 -15.20 -3.23
CA ASP I 445 56.37 -15.34 -1.99
C ASP I 445 57.11 -14.64 -0.87
N ALA I 446 56.41 -13.76 -0.15
CA ALA I 446 57.09 -12.88 0.80
C ALA I 446 57.58 -13.62 2.03
N THR I 447 56.87 -14.67 2.44
CA THR I 447 57.15 -15.30 3.73
C THR I 447 58.57 -15.84 3.80
N ASN I 448 58.96 -16.67 2.84
CA ASN I 448 60.25 -17.34 2.92
C ASN I 448 61.40 -16.36 2.73
N ILE I 449 61.26 -15.43 1.78
CA ILE I 449 62.35 -14.50 1.52
C ILE I 449 62.54 -13.56 2.71
N LEU I 450 61.45 -13.04 3.27
CA LEU I 450 61.57 -12.20 4.45
C LEU I 450 62.13 -12.99 5.63
N ASN I 451 61.71 -14.25 5.78
CA ASN I 451 62.23 -15.10 6.85
C ASN I 451 63.73 -15.25 6.74
N LYS I 452 64.21 -15.64 5.57
CA LYS I 452 65.65 -15.82 5.37
C LYS I 452 66.40 -14.52 5.58
N LEU I 453 65.86 -13.41 5.04
CA LEU I 453 66.53 -12.13 5.19
C LEU I 453 66.65 -11.73 6.66
N ARG I 454 65.56 -11.90 7.41
CA ARG I 454 65.58 -11.51 8.82
C ARG I 454 66.54 -12.39 9.62
N ALA I 455 66.50 -13.70 9.39
CA ALA I 455 67.38 -14.61 10.12
C ALA I 455 68.84 -14.29 9.83
N ARG I 456 69.17 -14.12 8.55
CA ARG I 456 70.55 -13.83 8.17
C ARG I 456 70.98 -12.46 8.72
N HIS I 457 70.10 -11.48 8.66
CA HIS I 457 70.46 -10.13 9.10
C HIS I 457 70.67 -10.09 10.62
N ALA I 458 69.83 -10.79 11.37
CA ALA I 458 69.99 -10.79 12.82
C ALA I 458 71.19 -11.61 13.26
N GLN I 459 71.39 -12.78 12.65
CA GLN I 459 72.49 -13.67 13.06
C GLN I 459 73.75 -13.45 12.24
N GLY I 460 73.68 -13.64 10.93
CA GLY I 460 74.87 -13.66 10.10
C GLY I 460 75.53 -12.33 9.84
N GLY I 461 74.88 -11.46 9.08
CA GLY I 461 75.50 -10.23 8.64
C GLY I 461 74.56 -9.04 8.84
N THR I 462 75.16 -7.86 8.84
CA THR I 462 74.43 -6.62 9.11
C THR I 462 74.07 -5.86 7.84
N TRP I 463 74.24 -6.45 6.67
CA TRP I 463 73.96 -5.73 5.43
C TRP I 463 73.29 -6.57 4.36
N TYR I 464 72.79 -7.76 4.68
CA TYR I 464 72.15 -8.59 3.67
C TYR I 464 70.81 -7.99 3.27
N GLY I 465 70.59 -7.85 1.96
CA GLY I 465 69.39 -7.24 1.44
C GLY I 465 68.75 -8.09 0.36
N VAL I 466 67.61 -7.61 -0.14
CA VAL I 466 66.88 -8.35 -1.16
C VAL I 466 67.62 -8.27 -2.49
N ASP I 467 67.52 -9.34 -3.27
CA ASP I 467 68.07 -9.40 -4.62
C ASP I 467 66.93 -9.51 -5.62
N ILE I 468 66.88 -8.59 -6.57
CA ILE I 468 65.82 -8.59 -7.58
C ILE I 468 66.14 -9.49 -8.76
N ASN I 469 67.39 -9.90 -8.93
CA ASN I 469 67.79 -10.64 -10.12
C ASN I 469 67.61 -12.15 -9.93
N ASN I 470 68.32 -12.72 -8.95
CA ASN I 470 68.22 -14.15 -8.68
C ASN I 470 67.11 -14.49 -7.69
N GLU I 471 66.47 -13.47 -7.10
CA GLU I 471 65.36 -13.65 -6.17
C GLU I 471 65.77 -14.53 -4.98
N ASP I 472 66.75 -14.05 -4.23
CA ASP I 472 67.26 -14.75 -3.06
C ASP I 472 67.95 -13.75 -2.16
N ILE I 473 68.17 -14.17 -0.90
CA ILE I 473 68.84 -13.31 0.07
C ILE I 473 70.32 -13.21 -0.28
N ALA I 474 70.84 -11.99 -0.28
CA ALA I 474 72.24 -11.76 -0.58
C ALA I 474 72.71 -10.51 0.15
N ASP I 475 74.03 -10.41 0.33
CA ASP I 475 74.62 -9.23 0.95
C ASP I 475 74.59 -8.09 -0.06
N ASN I 476 73.55 -7.25 0.03
CA ASN I 476 73.38 -6.16 -0.92
C ASN I 476 74.50 -5.14 -0.83
N PHE I 477 75.27 -5.15 0.25
CA PHE I 477 76.47 -4.31 0.31
C PHE I 477 77.46 -4.71 -0.77
N GLU I 478 77.67 -6.01 -0.95
CA GLU I 478 78.54 -6.49 -2.02
C GLU I 478 77.93 -6.26 -3.40
N ALA I 479 76.60 -6.31 -3.51
CA ALA I 479 75.91 -6.06 -4.77
C ALA I 479 75.90 -4.59 -5.15
N PHE I 480 76.62 -3.74 -4.42
CA PHE I 480 76.72 -2.32 -4.72
C PHE I 480 75.35 -1.64 -4.73
N VAL I 481 74.48 -2.08 -3.82
CA VAL I 481 73.17 -1.46 -3.63
C VAL I 481 73.36 -0.34 -2.61
N TRP I 482 73.50 0.88 -3.12
CA TRP I 482 73.80 2.04 -2.29
C TRP I 482 72.58 2.94 -2.17
N GLU I 483 72.64 3.84 -1.18
CA GLU I 483 71.59 4.81 -0.91
C GLU I 483 72.14 5.85 0.04
N PRO I 484 71.83 7.13 -0.14
CA PRO I 484 72.39 8.16 0.73
C PRO I 484 71.89 8.00 2.15
N ALA I 485 72.83 8.05 3.10
CA ALA I 485 72.44 7.93 4.51
C ALA I 485 71.56 9.09 4.95
N MET I 486 71.90 10.31 4.50
CA MET I 486 71.11 11.48 4.88
C MET I 486 69.71 11.43 4.28
N VAL I 487 69.58 10.94 3.05
CA VAL I 487 68.27 10.83 2.43
C VAL I 487 67.39 9.86 3.21
N ARG I 488 67.94 8.71 3.58
CA ARG I 488 67.19 7.76 4.40
C ARG I 488 66.85 8.36 5.75
N ILE I 489 67.79 9.09 6.36
CA ILE I 489 67.55 9.69 7.66
C ILE I 489 66.38 10.66 7.59
N ASN I 490 66.39 11.56 6.61
CA ASN I 490 65.32 12.55 6.53
C ASN I 490 64.00 11.91 6.10
N ALA I 491 64.04 10.87 5.27
CA ALA I 491 62.80 10.18 4.91
C ALA I 491 62.18 9.51 6.13
N LEU I 492 63.00 8.84 6.94
CA LEU I 492 62.48 8.22 8.15
C LEU I 492 61.96 9.27 9.12
N THR I 493 62.66 10.40 9.24
CA THR I 493 62.21 11.48 10.10
C THR I 493 60.86 12.01 9.63
N ALA I 494 60.70 12.21 8.33
CA ALA I 494 59.44 12.71 7.79
C ALA I 494 58.31 11.71 8.02
N ALA I 495 58.58 10.42 7.83
CA ALA I 495 57.56 9.41 8.09
C ALA I 495 57.15 9.40 9.55
N SER I 496 58.12 9.50 10.47
CA SER I 496 57.81 9.53 11.88
C SER I 496 57.00 10.77 12.24
N GLU I 497 57.36 11.92 11.65
CA GLU I 497 56.60 13.14 11.91
C GLU I 497 55.17 13.02 11.41
N ALA I 498 55.00 12.42 10.22
CA ALA I 498 53.65 12.21 9.69
C ALA I 498 52.84 11.31 10.62
N ALA I 499 53.45 10.22 11.09
CA ALA I 499 52.74 9.33 12.01
C ALA I 499 52.38 10.04 13.30
N CYS I 500 53.29 10.84 13.83
CA CYS I 500 53.01 11.58 15.06
C CYS I 500 51.85 12.56 14.86
N LEU I 501 51.87 13.30 13.74
CA LEU I 501 50.81 14.26 13.48
C LEU I 501 49.47 13.56 13.32
N ILE I 502 49.44 12.42 12.62
CA ILE I 502 48.16 11.76 12.39
C ILE I 502 47.67 11.08 13.65
N VAL I 503 48.57 10.66 14.55
CA VAL I 503 48.11 10.12 15.82
C VAL I 503 47.60 11.23 16.72
N SER I 504 48.20 12.43 16.61
CA SER I 504 47.85 13.54 17.49
C SER I 504 46.46 14.10 17.24
N VAL I 505 45.65 13.48 16.39
CA VAL I 505 44.31 13.98 16.12
C VAL I 505 43.35 13.50 17.21
N ASP I 506 42.43 14.37 17.62
CA ASP I 506 41.35 14.00 18.51
C ASP I 506 39.98 14.25 17.90
N GLU I 507 39.73 15.45 17.41
CA GLU I 507 38.42 15.82 16.90
C GLU I 507 38.57 16.56 15.58
N THR I 508 37.57 16.38 14.71
CA THR I 508 37.49 17.08 13.43
C THR I 508 36.35 18.08 13.49
N ILE I 509 36.64 19.32 13.12
CA ILE I 509 35.65 20.39 13.13
C ILE I 509 35.48 20.90 11.70
N LYS I 510 34.23 20.94 11.24
CA LYS I 510 33.91 21.37 9.88
C LYS I 510 33.12 22.67 9.85
N ASN I 511 32.05 22.79 10.65
CA ASN I 511 31.27 24.02 10.81
C ASN I 511 30.97 24.67 9.47
N PRO I 512 30.09 24.09 8.66
CA PRO I 512 29.84 24.64 7.32
C PRO I 512 29.26 26.05 7.37
N ARG I 513 29.70 26.88 6.43
CA ARG I 513 29.14 28.22 6.31
C ARG I 513 27.67 28.17 5.93
N SER I 514 27.30 27.26 5.02
CA SER I 514 25.92 27.11 4.58
C SER I 514 25.06 26.52 5.70
N VAL J 1 16.16 24.14 32.64
CA VAL J 1 17.47 24.76 32.63
C VAL J 1 18.53 23.74 32.25
N TYR J 2 18.16 22.45 32.33
CA TYR J 2 19.14 21.39 32.15
C TYR J 2 19.69 21.35 30.74
N ARG J 3 18.91 21.80 29.74
CA ARG J 3 19.42 21.80 28.37
C ARG J 3 20.59 22.76 28.22
N ASN J 4 20.50 23.94 28.84
CA ASN J 4 21.61 24.89 28.78
C ASN J 4 22.86 24.31 29.43
N ILE J 5 22.68 23.63 30.58
CA ILE J 5 23.80 22.99 31.26
C ILE J 5 24.42 21.92 30.39
N GLN J 6 23.59 21.11 29.73
CA GLN J 6 24.09 20.07 28.83
C GLN J 6 24.89 20.68 27.69
N ALA J 7 24.38 21.77 27.10
CA ALA J 7 25.08 22.41 26.00
C ALA J 7 26.44 22.95 26.45
N CYS J 8 26.48 23.64 27.59
CA CYS J 8 27.74 24.16 28.08
C CYS J 8 28.70 23.03 28.43
N LYS J 9 28.18 21.95 29.00
CA LYS J 9 29.03 20.81 29.36
C LYS J 9 29.65 20.19 28.11
N GLU J 10 28.85 20.00 27.06
CA GLU J 10 29.39 19.45 25.82
C GLU J 10 30.43 20.38 25.21
N LEU J 11 30.16 21.69 25.23
CA LEU J 11 31.13 22.63 24.68
C LEU J 11 32.44 22.59 25.45
N ALA J 12 32.37 22.52 26.78
CA ALA J 12 33.58 22.43 27.59
C ALA J 12 34.31 21.12 27.33
N GLN J 13 33.57 20.02 27.19
CA GLN J 13 34.19 18.72 26.94
C GLN J 13 34.88 18.68 25.59
N THR J 14 34.37 19.43 24.60
CA THR J 14 35.01 19.44 23.29
C THR J 14 36.44 19.96 23.38
N THR J 15 36.66 21.04 24.13
CA THR J 15 37.98 21.67 24.20
C THR J 15 38.73 21.35 25.48
N ARG J 16 38.20 20.45 26.31
CA ARG J 16 38.89 20.09 27.55
C ARG J 16 40.20 19.36 27.26
N THR J 17 40.20 18.46 26.27
CA THR J 17 41.37 17.64 26.01
C THR J 17 42.56 18.44 25.53
N ALA J 18 42.36 19.68 25.08
CA ALA J 18 43.44 20.51 24.59
C ALA J 18 44.16 21.26 25.71
N TYR J 19 43.75 21.08 26.96
CA TYR J 19 44.34 21.82 28.06
C TYR J 19 45.80 21.44 28.27
N GLY J 20 46.63 22.44 28.54
CA GLY J 20 48.00 22.23 28.93
C GLY J 20 48.92 21.92 27.77
N PRO J 21 50.19 21.62 28.08
CA PRO J 21 51.16 21.31 27.02
C PRO J 21 50.81 20.06 26.23
N ASN J 22 50.05 19.13 26.82
CA ASN J 22 49.74 17.84 26.20
C ASN J 22 48.41 17.86 25.47
N GLY J 23 48.03 19.00 24.90
CA GLY J 23 46.79 19.08 24.16
C GLY J 23 46.77 18.33 22.85
N MET J 24 45.72 17.55 22.62
CA MET J 24 45.52 16.94 21.31
C MET J 24 45.36 18.00 20.24
N ASN J 25 45.87 17.70 19.05
CA ASN J 25 45.63 18.57 17.90
C ASN J 25 44.21 18.40 17.40
N LYS J 26 43.76 19.36 16.61
CA LYS J 26 42.41 19.36 16.06
C LYS J 26 42.46 19.47 14.54
N MET J 27 41.59 18.70 13.87
CA MET J 27 41.36 18.86 12.45
C MET J 27 40.34 19.98 12.27
N VAL J 28 40.79 21.12 11.77
CA VAL J 28 39.95 22.31 11.63
C VAL J 28 39.66 22.50 10.15
N ILE J 29 38.39 22.40 9.79
CA ILE J 29 37.93 22.73 8.44
C ILE J 29 37.17 24.04 8.55
N ASN J 30 37.69 25.08 7.93
CA ASN J 30 37.06 26.39 8.03
C ASN J 30 35.83 26.44 7.12
N HIS J 31 35.23 27.63 7.03
CA HIS J 31 34.06 27.81 6.17
C HIS J 31 34.41 27.56 4.71
N LEU J 32 35.59 28.00 4.27
CA LEU J 32 36.03 27.82 2.91
C LEU J 32 36.68 26.47 2.66
N GLU J 33 36.49 25.51 3.58
CA GLU J 33 36.92 24.13 3.40
C GLU J 33 38.43 24.01 3.18
N LYS J 34 39.18 24.41 4.20
CA LYS J 34 40.63 24.33 4.17
C LYS J 34 41.13 23.51 5.35
N LEU J 35 42.11 22.65 5.07
CA LEU J 35 42.74 21.86 6.13
C LEU J 35 43.43 22.77 7.12
N PHE J 36 43.42 22.38 8.39
CA PHE J 36 44.04 23.17 9.44
C PHE J 36 44.22 22.29 10.66
N VAL J 37 45.43 22.25 11.20
CA VAL J 37 45.75 21.46 12.39
C VAL J 37 46.24 22.40 13.47
N THR J 38 45.69 22.27 14.67
CA THR J 38 46.06 23.11 15.79
C THR J 38 45.54 22.48 17.08
N ASN J 39 46.01 23.02 18.20
CA ASN J 39 45.57 22.57 19.51
C ASN J 39 45.08 23.71 20.39
N ASP J 40 45.24 24.96 19.97
CA ASP J 40 44.79 26.09 20.78
C ASP J 40 43.28 26.07 20.93
N ALA J 41 42.81 26.33 22.15
CA ALA J 41 41.37 26.33 22.42
C ALA J 41 40.69 27.54 21.79
N ALA J 42 41.33 28.70 21.83
CA ALA J 42 40.73 29.91 21.26
C ALA J 42 40.52 29.76 19.77
N THR J 43 41.48 29.16 19.06
CA THR J 43 41.37 29.02 17.62
C THR J 43 40.17 28.15 17.23
N ILE J 44 40.00 27.01 17.91
CA ILE J 44 38.88 26.13 17.56
C ILE J 44 37.56 26.76 18.00
N LEU J 45 37.51 27.33 19.21
CA LEU J 45 36.27 27.95 19.66
C LEU J 45 35.89 29.14 18.78
N ARG J 46 36.86 29.97 18.41
CA ARG J 46 36.56 31.04 17.46
C ARG J 46 36.14 30.49 16.11
N GLU J 47 36.49 29.24 15.81
CA GLU J 47 35.97 28.56 14.63
C GLU J 47 34.68 27.81 14.94
N LEU J 48 34.52 27.32 16.16
CA LEU J 48 33.27 26.66 16.56
C LEU J 48 32.13 27.67 16.53
N GLU J 49 31.15 27.44 15.67
CA GLU J 49 29.93 28.23 15.64
C GLU J 49 28.82 27.43 16.32
N VAL J 50 28.84 27.47 17.64
CA VAL J 50 27.84 26.77 18.45
C VAL J 50 26.51 27.50 18.35
N GLN J 51 25.41 26.81 18.69
CA GLN J 51 24.08 27.33 18.48
C GLN J 51 23.32 27.61 19.76
N HIS J 52 23.64 26.93 20.86
CA HIS J 52 22.85 27.12 22.08
C HIS J 52 23.20 28.46 22.71
N PRO J 53 22.20 29.28 23.07
CA PRO J 53 22.52 30.61 23.62
C PRO J 53 23.35 30.57 24.89
N ALA J 54 23.19 29.55 25.73
CA ALA J 54 24.07 29.42 26.90
C ALA J 54 25.51 29.26 26.47
N ALA J 55 25.74 28.46 25.42
CA ALA J 55 27.06 28.35 24.84
C ALA J 55 27.54 29.70 24.34
N LYS J 56 26.65 30.48 23.73
CA LYS J 56 27.03 31.83 23.30
C LYS J 56 27.50 32.67 24.48
N MET J 57 26.78 32.62 25.60
CA MET J 57 27.16 33.38 26.77
C MET J 57 28.53 32.96 27.29
N ILE J 58 28.75 31.65 27.41
CA ILE J 58 30.02 31.18 27.97
C ILE J 58 31.18 31.51 27.04
N VAL J 59 30.97 31.41 25.73
CA VAL J 59 32.03 31.71 24.78
C VAL J 59 32.34 33.20 24.75
N MET J 60 31.31 34.05 24.85
CA MET J 60 31.59 35.48 24.87
C MET J 60 32.25 35.90 26.18
N ALA J 61 31.92 35.22 27.28
CA ALA J 61 32.66 35.45 28.52
C ALA J 61 34.13 35.07 28.35
N SER J 62 34.39 33.94 27.69
CA SER J 62 35.77 33.57 27.41
C SER J 62 36.46 34.62 26.54
N HIS J 63 35.73 35.15 25.55
CA HIS J 63 36.30 36.19 24.69
C HIS J 63 36.67 37.42 25.49
N MET J 64 35.80 37.82 26.42
CA MET J 64 36.14 38.94 27.30
C MET J 64 37.35 38.60 28.17
N GLN J 65 37.48 37.34 28.58
CA GLN J 65 38.65 36.91 29.33
C GLN J 65 39.92 37.08 28.51
N GLU J 66 39.89 36.69 27.24
CA GLU J 66 41.06 36.85 26.39
C GLU J 66 41.35 38.31 26.12
N GLN J 67 40.35 39.19 26.28
CA GLN J 67 40.50 40.59 25.90
C GLN J 67 41.58 41.27 26.71
N GLU J 68 41.62 41.04 28.02
CA GLU J 68 42.53 41.77 28.89
C GLU J 68 43.52 40.86 29.63
N VAL J 69 43.54 39.57 29.34
CA VAL J 69 44.52 38.69 29.97
C VAL J 69 45.35 38.00 28.88
N GLY J 70 44.75 37.78 27.72
CA GLY J 70 45.47 37.22 26.59
C GLY J 70 45.60 35.71 26.57
N ASP J 71 45.26 35.02 27.66
CA ASP J 71 45.35 33.57 27.70
C ASP J 71 44.46 33.06 28.83
N GLY J 72 44.46 31.75 29.01
CA GLY J 72 43.64 31.12 30.03
C GLY J 72 42.22 30.83 29.62
N THR J 73 41.87 31.05 28.36
CA THR J 73 40.50 30.80 27.91
C THR J 73 40.13 29.33 28.07
N ASN J 74 41.06 28.43 27.75
CA ASN J 74 40.81 27.01 28.00
C ASN J 74 40.49 26.77 29.46
N PHE J 75 41.22 27.43 30.36
CA PHE J 75 40.97 27.28 31.78
C PHE J 75 39.58 27.76 32.15
N VAL J 76 39.15 28.92 31.62
CA VAL J 76 37.84 29.44 32.01
C VAL J 76 36.73 28.55 31.46
N LEU J 77 36.93 28.00 30.25
CA LEU J 77 35.95 27.05 29.73
C LEU J 77 35.83 25.82 30.62
N VAL J 78 36.97 25.22 30.96
CA VAL J 78 36.93 24.01 31.80
C VAL J 78 36.29 24.33 33.14
N PHE J 79 36.67 25.47 33.75
CA PHE J 79 36.16 25.84 35.05
C PHE J 79 34.66 26.09 35.02
N ALA J 80 34.19 26.87 34.05
CA ALA J 80 32.77 27.17 33.98
C ALA J 80 31.96 25.92 33.67
N GLY J 81 32.47 25.06 32.80
CA GLY J 81 31.79 23.81 32.53
C GLY J 81 31.67 22.95 33.77
N ALA J 82 32.75 22.85 34.54
CA ALA J 82 32.68 22.11 35.80
C ALA J 82 31.66 22.72 36.74
N LEU J 83 31.69 24.05 36.89
CA LEU J 83 30.74 24.72 37.77
C LEU J 83 29.31 24.41 37.38
N LEU J 84 29.01 24.48 36.09
CA LEU J 84 27.65 24.25 35.62
C LEU J 84 27.24 22.79 35.79
N GLU J 85 28.15 21.85 35.49
CA GLU J 85 27.75 20.46 35.62
C GLU J 85 27.53 20.06 37.07
N LEU J 86 28.27 20.65 38.00
CA LEU J 86 27.97 20.40 39.42
C LEU J 86 26.68 21.09 39.84
N ALA J 87 26.47 22.33 39.38
CA ALA J 87 25.20 22.99 39.64
C ALA J 87 24.03 22.18 39.11
N GLU J 88 24.25 21.38 38.07
CA GLU J 88 23.18 20.52 37.56
C GLU J 88 22.70 19.55 38.64
N GLU J 89 23.63 18.82 39.27
CA GLU J 89 23.16 17.88 40.30
C GLU J 89 22.72 18.61 41.55
N LEU J 90 23.26 19.79 41.83
CA LEU J 90 22.76 20.55 42.97
C LEU J 90 21.30 20.96 42.76
N LEU J 91 20.96 21.39 41.54
CA LEU J 91 19.56 21.64 41.23
C LEU J 91 18.75 20.36 41.29
N ARG J 92 19.31 19.24 40.84
CA ARG J 92 18.61 17.97 40.90
C ARG J 92 18.33 17.56 42.33
N ILE J 93 19.16 17.99 43.29
CA ILE J 93 18.90 17.69 44.69
C ILE J 93 17.60 18.35 45.14
N GLY J 94 17.33 19.55 44.66
CA GLY J 94 16.11 20.25 44.99
C GLY J 94 16.35 21.66 45.48
N LEU J 95 17.57 22.15 45.29
CA LEU J 95 17.90 23.49 45.72
C LEU J 95 17.36 24.53 44.75
N SER J 96 17.52 25.80 45.11
CA SER J 96 17.07 26.91 44.30
C SER J 96 18.25 27.54 43.59
N VAL J 97 17.97 28.12 42.42
CA VAL J 97 19.01 28.80 41.65
C VAL J 97 19.56 29.99 42.44
N SER J 98 18.68 30.73 43.11
CA SER J 98 19.11 31.93 43.82
C SER J 98 20.18 31.59 44.86
N GLU J 99 19.91 30.61 45.71
CA GLU J 99 20.80 30.35 46.83
C GLU J 99 22.16 29.84 46.37
N VAL J 100 22.18 29.01 45.32
CA VAL J 100 23.48 28.62 44.77
C VAL J 100 24.17 29.83 44.16
N ILE J 101 23.41 30.81 43.66
CA ILE J 101 24.04 32.02 43.15
C ILE J 101 24.76 32.77 44.26
N GLU J 102 24.09 32.98 45.40
CA GLU J 102 24.79 33.66 46.49
C GLU J 102 25.95 32.82 47.01
N GLY J 103 25.79 31.50 47.06
CA GLY J 103 26.92 30.66 47.47
C GLY J 103 28.11 30.81 46.56
N TYR J 104 27.88 30.82 45.25
CA TYR J 104 28.98 31.00 44.30
C TYR J 104 29.61 32.37 44.44
N GLU J 105 28.80 33.41 44.67
CA GLU J 105 29.37 34.74 44.85
C GLU J 105 30.26 34.79 46.09
N ILE J 106 29.80 34.20 47.20
CA ILE J 106 30.60 34.17 48.41
C ILE J 106 31.89 33.40 48.18
N ALA J 107 31.81 32.26 47.49
CA ALA J 107 33.01 31.48 47.21
C ALA J 107 33.98 32.26 46.34
N CYS J 108 33.46 33.00 45.35
CA CYS J 108 34.33 33.79 44.48
C CYS J 108 35.03 34.89 45.26
N ARG J 109 34.31 35.57 46.16
CA ARG J 109 34.95 36.61 46.98
C ARG J 109 36.01 36.00 47.89
N LYS J 110 35.71 34.84 48.47
CA LYS J 110 36.69 34.17 49.32
C LYS J 110 37.94 33.80 48.54
N ALA J 111 37.77 33.25 47.33
CA ALA J 111 38.91 32.91 46.50
C ALA J 111 39.73 34.15 46.15
N HIS J 112 39.05 35.25 45.82
CA HIS J 112 39.77 36.47 45.47
C HIS J 112 40.57 37.00 46.64
N GLU J 113 40.02 36.92 47.85
CA GLU J 113 40.75 37.47 48.98
C GLU J 113 41.76 36.49 49.57
N ILE J 114 41.75 35.21 49.15
CA ILE J 114 42.80 34.29 49.57
C ILE J 114 43.88 34.08 48.51
N LEU J 115 43.63 34.45 47.26
CA LEU J 115 44.63 34.23 46.21
C LEU J 115 45.98 34.87 46.48
N PRO J 116 46.08 36.15 46.90
CA PRO J 116 47.40 36.78 47.02
C PRO J 116 48.31 36.16 48.08
N ASN J 117 47.88 35.06 48.71
CA ASN J 117 48.68 34.40 49.74
C ASN J 117 49.58 33.31 49.18
N LEU J 118 49.93 33.36 47.90
CA LEU J 118 50.86 32.41 47.27
C LEU J 118 51.91 33.22 46.54
N VAL J 119 52.97 33.61 47.27
CA VAL J 119 53.95 34.58 46.77
C VAL J 119 55.16 33.80 46.24
N CYS J 120 55.12 33.53 44.93
CA CYS J 120 56.30 33.07 44.18
C CYS J 120 56.35 33.96 42.95
N CYS J 121 56.95 35.14 43.10
CA CYS J 121 56.83 36.21 42.12
C CYS J 121 58.10 36.35 41.29
N SER J 122 58.11 37.37 40.43
CA SER J 122 59.28 37.66 39.62
C SER J 122 60.46 38.04 40.51
N ALA J 123 61.66 37.71 40.04
CA ALA J 123 62.84 37.84 40.88
C ALA J 123 63.18 39.29 41.16
N LYS J 124 63.54 40.05 40.14
CA LYS J 124 63.88 41.44 40.41
C LYS J 124 63.22 42.43 39.47
N ASN J 125 63.07 42.10 38.18
CA ASN J 125 62.55 43.04 37.19
C ASN J 125 62.34 42.37 35.84
N LEU J 126 61.74 43.09 34.91
CA LEU J 126 61.61 42.63 33.53
C LEU J 126 62.96 42.53 32.82
N ARG J 127 64.02 43.08 33.40
CA ARG J 127 65.34 43.03 32.80
C ARG J 127 65.95 41.66 33.08
N ASP J 128 67.26 41.50 32.83
CA ASP J 128 67.93 40.21 32.87
C ASP J 128 67.26 39.23 31.89
N ILE J 129 67.42 39.58 30.61
CA ILE J 129 66.73 38.96 29.48
C ILE J 129 66.66 37.44 29.61
N ASP J 130 67.77 36.81 30.01
CA ASP J 130 67.77 35.37 30.19
C ASP J 130 66.82 34.95 31.31
N GLU J 131 66.84 35.67 32.44
CA GLU J 131 66.01 35.28 33.58
C GLU J 131 64.53 35.40 33.25
N VAL J 132 64.11 36.53 32.68
CA VAL J 132 62.71 36.71 32.33
C VAL J 132 62.31 35.75 31.20
N SER J 133 63.24 35.46 30.29
CA SER J 133 62.97 34.46 29.26
C SER J 133 62.68 33.10 29.89
N SER J 134 63.45 32.74 30.92
CA SER J 134 63.14 31.54 31.69
C SER J 134 61.80 31.67 32.40
N LEU J 135 61.43 32.89 32.79
CA LEU J 135 60.11 33.10 33.38
C LEU J 135 59.00 32.92 32.35
N LEU J 136 59.21 33.41 31.13
CA LEU J 136 58.19 33.42 30.10
C LEU J 136 57.94 32.05 29.48
N ARG J 137 58.54 30.98 30.01
CA ARG J 137 58.35 29.65 29.46
C ARG J 137 56.96 29.09 29.71
N THR J 138 56.14 29.75 30.53
CA THR J 138 54.87 29.17 30.93
C THR J 138 53.91 29.04 29.76
N SER J 139 53.53 30.16 29.15
CA SER J 139 52.62 30.10 28.02
C SER J 139 53.25 29.39 26.82
N ILE J 140 54.58 29.46 26.70
CA ILE J 140 55.27 28.75 25.63
C ILE J 140 55.07 27.25 25.77
N MET J 141 55.27 26.72 26.98
CA MET J 141 54.96 25.32 27.24
C MET J 141 53.48 25.05 27.06
N SER J 142 52.65 26.03 27.39
CA SER J 142 51.20 25.85 27.29
C SER J 142 50.77 25.57 25.86
N LYS J 143 51.03 26.51 24.95
CA LYS J 143 50.54 26.37 23.58
C LYS J 143 51.43 25.44 22.76
N GLN J 144 52.69 25.82 22.56
CA GLN J 144 53.64 24.95 21.90
C GLN J 144 54.12 23.87 22.85
N TYR J 145 54.51 22.72 22.30
CA TYR J 145 54.98 21.64 23.13
C TYR J 145 56.34 21.98 23.72
N GLY J 146 56.68 21.30 24.83
CA GLY J 146 57.90 21.56 25.57
C GLY J 146 59.18 21.31 24.79
N ASN J 147 59.10 20.69 23.62
CA ASN J 147 60.30 20.38 22.86
C ASN J 147 61.03 21.66 22.42
N GLU J 148 60.29 22.65 21.94
CA GLU J 148 60.87 23.83 21.32
C GLU J 148 60.87 25.04 22.24
N VAL J 149 60.46 24.89 23.50
CA VAL J 149 60.33 26.03 24.39
C VAL J 149 61.68 26.71 24.62
N PHE J 150 62.77 25.94 24.60
CA PHE J 150 64.08 26.51 24.92
C PHE J 150 64.43 27.65 23.98
N LEU J 151 64.14 27.49 22.69
CA LEU J 151 64.38 28.54 21.72
C LEU J 151 63.21 29.51 21.60
N ALA J 152 61.98 29.01 21.75
CA ALA J 152 60.82 29.88 21.61
C ALA J 152 60.81 30.95 22.68
N LYS J 153 61.17 30.60 23.92
CA LYS J 153 61.18 31.58 25.00
C LYS J 153 62.19 32.69 24.71
N LEU J 154 63.37 32.32 24.22
CA LEU J 154 64.40 33.33 23.95
C LEU J 154 63.98 34.23 22.79
N ILE J 155 63.43 33.64 21.73
CA ILE J 155 63.00 34.43 20.60
C ILE J 155 61.87 35.37 21.01
N ALA J 156 60.93 34.89 21.81
CA ALA J 156 59.79 35.71 22.23
C ALA J 156 60.18 36.80 23.21
N GLN J 157 61.14 36.55 24.11
CA GLN J 157 61.50 37.54 25.11
C GLN J 157 62.52 38.53 24.63
N ALA J 158 63.48 38.12 23.80
CA ALA J 158 64.47 39.06 23.28
C ALA J 158 63.80 40.17 22.49
N CYS J 159 62.69 39.87 21.82
CA CYS J 159 62.00 40.87 21.02
C CYS J 159 61.24 41.86 21.89
N VAL J 160 60.57 41.38 22.94
CA VAL J 160 59.77 42.26 23.78
C VAL J 160 60.62 43.12 24.71
N SER J 161 61.88 42.73 24.95
CA SER J 161 62.77 43.51 25.79
C SER J 161 63.51 44.60 25.03
N ILE J 162 63.25 44.74 23.73
CA ILE J 162 63.95 45.74 22.93
C ILE J 162 63.60 47.15 23.40
N PHE J 163 62.33 47.39 23.73
CA PHE J 163 61.84 48.73 24.04
C PHE J 163 61.14 48.75 25.39
N PRO J 164 61.90 48.64 26.50
CA PRO J 164 61.34 48.77 27.84
C PRO J 164 61.36 50.21 28.34
N ASP J 165 60.77 51.13 27.58
CA ASP J 165 60.86 52.55 27.87
C ASP J 165 59.79 52.96 28.87
N SER J 166 60.23 53.59 29.97
CA SER J 166 59.37 54.20 30.98
C SER J 166 58.38 53.23 31.60
N GLY J 167 58.60 51.92 31.45
CA GLY J 167 57.69 50.96 32.05
C GLY J 167 56.38 50.78 31.31
N HIS J 168 56.23 51.34 30.12
CA HIS J 168 55.03 51.19 29.31
C HIS J 168 55.31 50.21 28.18
N PHE J 169 54.44 49.21 28.04
CA PHE J 169 54.63 48.15 27.07
C PHE J 169 53.35 47.97 26.26
N ASN J 170 53.52 47.66 24.98
CA ASN J 170 52.38 47.52 24.07
C ASN J 170 52.60 46.29 23.20
N VAL J 171 51.49 45.76 22.69
CA VAL J 171 51.50 44.51 21.95
C VAL J 171 51.47 44.72 20.44
N ASP J 172 50.72 45.72 19.98
CA ASP J 172 50.51 45.90 18.54
C ASP J 172 51.81 46.10 17.79
N ASN J 173 52.80 46.75 18.41
CA ASN J 173 54.10 46.93 17.76
C ASN J 173 54.78 45.59 17.52
N ILE J 174 54.56 44.62 18.41
CA ILE J 174 55.14 43.30 18.25
C ILE J 174 54.41 42.57 17.12
N ARG J 175 55.14 42.24 16.06
CA ARG J 175 54.56 41.53 14.92
C ARG J 175 55.49 40.38 14.55
N VAL J 176 54.96 39.45 13.76
CA VAL J 176 55.70 38.28 13.31
C VAL J 176 55.61 38.21 11.80
N CYS J 177 56.75 38.10 11.12
CA CYS J 177 56.80 38.04 9.68
C CYS J 177 56.94 36.59 9.21
N LYS J 178 56.12 36.22 8.23
CA LYS J 178 56.04 34.85 7.74
C LYS J 178 57.17 34.60 6.74
N ILE J 179 58.10 33.72 7.12
CA ILE J 179 59.24 33.36 6.27
C ILE J 179 59.37 31.85 6.29
N LEU J 180 58.89 31.19 5.24
CA LEU J 180 59.05 29.76 5.11
C LEU J 180 60.49 29.42 4.74
N GLY J 181 60.90 28.20 5.09
CA GLY J 181 62.25 27.78 4.80
C GLY J 181 62.74 26.62 5.64
N SER J 182 63.91 26.79 6.25
CA SER J 182 64.57 25.72 6.99
C SER J 182 63.85 25.46 8.31
N GLY J 183 64.48 24.66 9.18
CA GLY J 183 63.85 24.22 10.40
C GLY J 183 63.62 25.34 11.40
N ILE J 184 63.01 24.95 12.52
CA ILE J 184 62.61 25.91 13.54
C ILE J 184 63.83 26.55 14.19
N SER J 185 64.91 25.79 14.36
CA SER J 185 66.10 26.33 15.03
C SER J 185 66.67 27.53 14.30
N SER J 186 66.41 27.64 12.99
CA SER J 186 66.92 28.77 12.22
C SER J 186 66.14 30.06 12.46
N SER J 187 65.01 30.00 13.17
CA SER J 187 64.27 31.21 13.48
C SER J 187 65.06 32.10 14.44
N SER J 188 64.86 33.41 14.32
CA SER J 188 65.65 34.36 15.07
C SER J 188 64.78 35.57 15.42
N VAL J 189 65.43 36.66 15.81
CA VAL J 189 64.75 37.88 16.24
C VAL J 189 65.29 39.04 15.43
N LEU J 190 64.47 40.07 15.23
CA LEU J 190 64.89 41.26 14.52
C LEU J 190 64.13 42.46 15.08
N HIS J 191 64.65 43.65 14.79
CA HIS J 191 64.06 44.90 15.24
C HIS J 191 63.41 45.61 14.06
N GLY J 192 62.16 46.02 14.24
CA GLY J 192 61.43 46.76 13.22
C GLY J 192 60.27 45.94 12.67
N MET J 193 60.01 46.10 11.38
CA MET J 193 58.94 45.38 10.69
C MET J 193 59.47 44.90 9.36
N VAL J 194 59.23 43.63 9.03
CA VAL J 194 59.88 42.96 7.90
C VAL J 194 58.82 42.58 6.88
N PHE J 195 59.08 42.93 5.61
CA PHE J 195 58.31 42.44 4.49
C PHE J 195 59.20 42.48 3.25
N LYS J 196 58.80 41.75 2.23
CA LYS J 196 59.62 41.56 1.03
C LYS J 196 59.12 42.42 -0.12
N LYS J 197 60.04 42.68 -1.06
CA LYS J 197 59.71 43.38 -2.30
C LYS J 197 60.20 42.57 -3.49
N GLU J 198 60.17 43.16 -4.69
CA GLU J 198 60.48 42.44 -5.91
C GLU J 198 61.76 42.91 -6.57
N THR J 199 61.88 44.20 -6.86
CA THR J 199 63.01 44.70 -7.65
C THR J 199 64.27 44.74 -6.80
N GLU J 200 65.42 44.80 -7.49
CA GLU J 200 66.72 44.83 -6.86
C GLU J 200 67.37 46.21 -6.84
N GLY J 201 66.76 47.22 -7.48
CA GLY J 201 67.31 48.56 -7.45
C GLY J 201 67.07 49.23 -6.11
N ASP J 202 67.70 48.69 -5.07
CA ASP J 202 67.44 49.08 -3.70
C ASP J 202 68.62 49.84 -3.12
N VAL J 203 68.34 50.86 -2.33
CA VAL J 203 69.36 51.62 -1.61
C VAL J 203 69.18 51.37 -0.12
N THR J 204 70.28 51.03 0.56
CA THR J 204 70.20 50.65 1.96
C THR J 204 70.21 51.86 2.89
N SER J 205 71.29 52.64 2.85
CA SER J 205 71.44 53.78 3.75
C SER J 205 70.51 54.89 3.26
N VAL J 206 69.36 55.02 3.93
CA VAL J 206 68.35 56.00 3.57
C VAL J 206 68.03 56.85 4.79
N LYS J 207 67.93 58.17 4.57
CA LYS J 207 67.49 59.10 5.61
C LYS J 207 65.96 59.02 5.69
N ASP J 208 65.34 59.99 6.35
CA ASP J 208 63.89 59.99 6.47
C ASP J 208 63.24 59.83 5.11
N ALA J 209 62.59 58.69 4.90
CA ALA J 209 62.01 58.33 3.60
C ALA J 209 60.50 58.42 3.66
N LYS J 210 59.92 59.05 2.66
CA LYS J 210 58.48 59.29 2.60
C LYS J 210 57.80 58.11 1.92
N ILE J 211 56.99 57.38 2.69
CA ILE J 211 56.36 56.16 2.19
C ILE J 211 55.13 56.51 1.38
N ALA J 212 55.07 56.01 0.15
CA ALA J 212 53.96 56.26 -0.77
C ALA J 212 53.14 54.97 -0.87
N VAL J 213 52.10 54.88 -0.05
CA VAL J 213 51.20 53.73 -0.07
C VAL J 213 50.08 53.98 -1.07
N TYR J 214 49.82 53.00 -1.93
CA TYR J 214 48.78 53.11 -2.94
C TYR J 214 47.51 52.42 -2.44
N SER J 215 46.40 53.15 -2.47
CA SER J 215 45.11 52.50 -2.24
C SER J 215 44.79 51.51 -3.36
N CYS J 216 45.12 51.88 -4.59
CA CYS J 216 44.92 51.01 -5.75
C CYS J 216 46.28 50.61 -6.30
N PRO J 217 46.79 49.42 -5.98
CA PRO J 217 48.11 49.02 -6.46
C PRO J 217 48.11 48.65 -7.94
N PHE J 218 49.25 48.20 -8.44
CA PHE J 218 49.35 47.77 -9.83
C PHE J 218 48.53 46.50 -10.07
N ALA J 234 47.95 50.98 -39.44
CA ALA J 234 48.98 50.71 -38.46
C ALA J 234 49.38 51.97 -37.72
N GLU J 235 48.97 53.13 -38.26
CA GLU J 235 49.30 54.40 -37.63
C GLU J 235 48.63 54.53 -36.26
N GLU J 236 47.37 54.09 -36.15
CA GLU J 236 46.66 54.20 -34.89
C GLU J 236 47.28 53.32 -33.80
N LEU J 237 47.85 52.16 -34.18
CA LEU J 237 48.54 51.34 -33.20
C LEU J 237 49.75 52.07 -32.62
N MET J 238 50.55 52.70 -33.49
CA MET J 238 51.69 53.46 -33.01
C MET J 238 51.26 54.65 -32.16
N ASN J 239 50.17 55.32 -32.56
CA ASN J 239 49.67 56.44 -31.77
C ASN J 239 49.22 55.97 -30.39
N PHE J 240 48.53 54.85 -30.31
CA PHE J 240 48.10 54.32 -29.02
C PHE J 240 49.29 53.91 -28.16
N SER J 241 50.31 53.29 -28.78
CA SER J 241 51.51 52.93 -28.03
C SER J 241 52.21 54.15 -27.47
N LYS J 242 52.34 55.20 -28.29
CA LYS J 242 52.96 56.43 -27.82
C LYS J 242 52.14 57.09 -26.71
N GLY J 243 50.81 57.05 -26.85
CA GLY J 243 49.97 57.60 -25.79
C GLY J 243 50.10 56.84 -24.48
N GLU J 244 50.18 55.51 -24.57
CA GLU J 244 50.41 54.71 -23.37
C GLU J 244 51.76 55.02 -22.75
N GLU J 245 52.78 55.20 -23.58
CA GLU J 245 54.11 55.57 -23.07
C GLU J 245 54.05 56.91 -22.35
N ASN J 246 53.39 57.89 -22.95
CA ASN J 246 53.28 59.21 -22.34
C ASN J 246 52.50 59.15 -21.03
N LEU J 247 51.42 58.38 -21.01
CA LEU J 247 50.63 58.24 -19.79
C LEU J 247 51.43 57.58 -18.68
N MET J 248 52.19 56.53 -19.00
CA MET J 248 53.00 55.86 -17.99
C MET J 248 54.09 56.80 -17.46
N ASP J 249 54.72 57.56 -18.35
CA ASP J 249 55.74 58.51 -17.93
C ASP J 249 55.14 59.59 -17.04
N ALA J 250 53.95 60.08 -17.38
CA ALA J 250 53.28 61.07 -16.56
C ALA J 250 52.96 60.49 -15.18
N GLN J 251 52.50 59.24 -15.13
CA GLN J 251 52.19 58.61 -13.86
C GLN J 251 53.44 58.47 -12.99
N VAL J 252 54.56 58.04 -13.59
CA VAL J 252 55.75 57.83 -12.78
C VAL J 252 56.35 59.16 -12.33
N LYS J 253 56.27 60.20 -13.16
CA LYS J 253 56.77 61.50 -12.71
C LYS J 253 55.86 62.10 -11.65
N ALA J 254 54.55 61.81 -11.72
CA ALA J 254 53.66 62.21 -10.63
C ALA J 254 54.00 61.48 -9.34
N ILE J 255 54.37 60.20 -9.44
CA ILE J 255 54.81 59.45 -8.27
C ILE J 255 56.09 60.07 -7.70
N ALA J 256 57.04 60.42 -8.56
CA ALA J 256 58.34 60.92 -8.12
C ALA J 256 58.32 62.40 -7.74
N ASP J 257 57.14 62.99 -7.53
CA ASP J 257 57.09 64.40 -7.19
C ASP J 257 57.49 64.62 -5.73
N THR J 258 57.77 65.88 -5.40
CA THR J 258 58.13 66.31 -4.04
C THR J 258 59.33 65.53 -3.50
N GLY J 259 60.21 65.09 -4.38
CA GLY J 259 61.39 64.34 -3.97
C GLY J 259 61.07 63.03 -3.29
N ALA J 260 60.09 62.30 -3.82
CA ALA J 260 59.76 60.98 -3.27
C ALA J 260 60.89 60.01 -3.52
N ASN J 261 61.33 59.33 -2.46
CA ASN J 261 62.47 58.42 -2.55
C ASN J 261 62.10 56.95 -2.40
N VAL J 262 61.05 56.63 -1.67
CA VAL J 262 60.60 55.25 -1.51
C VAL J 262 59.12 55.18 -1.83
N VAL J 263 58.72 54.11 -2.54
CA VAL J 263 57.33 53.87 -2.90
C VAL J 263 57.03 52.40 -2.67
N VAL J 264 55.87 52.12 -2.07
CA VAL J 264 55.45 50.76 -1.75
C VAL J 264 54.15 50.47 -2.48
N THR J 265 54.02 49.25 -2.98
CA THR J 265 52.87 48.86 -3.78
C THR J 265 52.70 47.34 -3.70
N GLY J 266 51.44 46.89 -3.71
CA GLY J 266 51.12 45.48 -3.73
C GLY J 266 51.01 44.88 -5.11
N GLY J 267 51.35 45.62 -6.16
CA GLY J 267 51.21 45.15 -7.53
C GLY J 267 52.45 44.45 -8.04
N LYS J 268 52.53 44.36 -9.37
CA LYS J 268 53.60 43.66 -10.05
C LYS J 268 54.66 44.65 -10.54
N VAL J 269 55.65 44.13 -11.25
CA VAL J 269 56.72 44.93 -11.81
C VAL J 269 56.66 44.87 -13.33
N ALA J 270 57.37 45.79 -13.97
CA ALA J 270 57.49 45.80 -15.42
C ALA J 270 58.84 46.40 -15.78
N ASP J 271 59.36 46.01 -16.95
CA ASP J 271 60.64 46.55 -17.40
C ASP J 271 60.55 48.05 -17.59
N MET J 272 59.47 48.54 -18.21
CA MET J 272 59.26 49.97 -18.33
C MET J 272 59.06 50.62 -16.98
N ALA J 273 58.29 49.94 -16.10
CA ALA J 273 58.06 50.48 -14.76
C ALA J 273 59.35 50.57 -13.95
N LEU J 274 60.18 49.53 -14.00
CA LEU J 274 61.44 49.58 -13.26
C LEU J 274 62.42 50.57 -13.88
N HIS J 275 62.39 50.72 -15.21
CA HIS J 275 63.21 51.75 -15.85
C HIS J 275 62.81 53.13 -15.38
N TYR J 276 61.50 53.40 -15.29
CA TYR J 276 61.04 54.68 -14.77
C TYR J 276 61.39 54.86 -13.31
N ALA J 277 61.29 53.79 -12.51
CA ALA J 277 61.64 53.88 -11.10
C ALA J 277 63.11 54.20 -10.92
N ASN J 278 63.98 53.56 -11.70
CA ASN J 278 65.41 53.83 -11.63
C ASN J 278 65.81 55.11 -12.34
N LYS J 279 64.90 55.72 -13.12
CA LYS J 279 65.18 57.02 -13.71
C LYS J 279 65.38 58.07 -12.62
N TYR J 280 64.55 58.03 -11.58
CA TYR J 280 64.72 58.85 -10.39
C TYR J 280 65.50 58.13 -9.29
N ASN J 281 66.01 56.94 -9.57
CA ASN J 281 66.72 56.11 -8.60
C ASN J 281 65.81 55.78 -7.41
N ILE J 282 64.66 55.22 -7.73
CA ILE J 282 63.64 54.85 -6.74
C ILE J 282 63.43 53.35 -6.82
N MET J 283 63.43 52.69 -5.66
CA MET J 283 63.18 51.26 -5.62
C MET J 283 61.70 50.97 -5.86
N LEU J 284 61.43 49.87 -6.56
CA LEU J 284 60.07 49.47 -6.90
C LEU J 284 59.63 48.37 -5.94
N VAL J 285 59.16 48.78 -4.77
CA VAL J 285 58.67 47.84 -3.77
C VAL J 285 57.34 47.27 -4.27
N ARG J 286 57.34 45.99 -4.60
CA ARG J 286 56.17 45.32 -5.15
C ARG J 286 55.91 44.02 -4.39
N LEU J 287 54.79 43.38 -4.75
CA LEU J 287 54.33 42.15 -4.09
C LEU J 287 54.19 42.37 -2.58
N ASN J 288 53.60 43.50 -2.23
CA ASN J 288 53.38 43.87 -0.84
C ASN J 288 52.22 43.08 -0.26
N SER J 289 52.35 42.72 1.02
CA SER J 289 51.34 41.89 1.67
C SER J 289 50.02 42.63 1.80
N LYS J 290 48.93 41.86 1.77
CA LYS J 290 47.60 42.44 1.87
C LYS J 290 47.35 43.10 3.23
N TRP J 291 48.05 42.67 4.27
CA TRP J 291 47.89 43.23 5.60
C TRP J 291 48.65 44.54 5.80
N ASP J 292 49.47 44.94 4.83
CA ASP J 292 50.43 46.02 5.04
C ASP J 292 49.83 47.41 4.87
N LEU J 293 48.68 47.55 4.19
CA LEU J 293 48.24 48.86 3.73
C LEU J 293 47.97 49.80 4.89
N ARG J 294 47.35 49.31 5.96
CA ARG J 294 47.04 50.17 7.10
C ARG J 294 48.04 50.02 8.25
N ARG J 295 48.73 48.88 8.35
CA ARG J 295 49.79 48.78 9.36
C ARG J 295 50.94 49.71 9.01
N LEU J 296 51.22 49.93 7.72
CA LEU J 296 52.20 50.94 7.34
C LEU J 296 51.73 52.33 7.78
N CYS J 297 50.45 52.63 7.59
CA CYS J 297 49.92 53.92 7.99
C CYS J 297 50.05 54.12 9.50
N LYS J 298 49.79 53.07 10.28
CA LYS J 298 49.86 53.18 11.72
C LYS J 298 51.29 53.08 12.25
N THR J 299 52.24 52.62 11.45
CA THR J 299 53.62 52.47 11.93
C THR J 299 54.56 53.58 11.48
N VAL J 300 54.30 54.23 10.34
CA VAL J 300 55.18 55.31 9.88
C VAL J 300 54.35 56.54 9.53
N GLY J 301 53.10 56.57 9.98
CA GLY J 301 52.25 57.72 9.70
C GLY J 301 51.99 57.95 8.23
N ALA J 302 51.72 56.87 7.48
CA ALA J 302 51.52 56.94 6.05
C ALA J 302 50.02 57.01 5.73
N THR J 303 49.72 57.07 4.43
CA THR J 303 48.34 57.08 3.97
C THR J 303 48.31 56.58 2.53
N ALA J 304 47.11 56.22 2.08
CA ALA J 304 46.92 55.65 0.77
C ALA J 304 46.70 56.72 -0.28
N LEU J 305 46.95 56.37 -1.54
CA LEU J 305 46.76 57.25 -2.68
C LEU J 305 45.68 56.71 -3.58
N PRO J 306 44.66 57.51 -3.94
CA PRO J 306 43.60 56.99 -4.82
C PRO J 306 44.11 56.50 -6.17
N ARG J 307 45.10 57.16 -6.74
CA ARG J 307 45.73 56.70 -7.97
C ARG J 307 47.19 57.19 -7.95
N LEU J 308 47.83 57.16 -9.12
CA LEU J 308 49.25 57.50 -9.19
C LEU J 308 49.51 58.99 -9.28
N THR J 309 48.55 59.80 -9.70
CA THR J 309 48.80 61.22 -9.84
C THR J 309 48.76 62.02 -8.52
N PRO J 310 47.90 61.73 -7.55
CA PRO J 310 47.81 62.59 -6.37
C PRO J 310 48.62 62.08 -5.17
N PRO J 311 49.94 61.85 -5.27
CA PRO J 311 50.75 61.88 -4.04
C PRO J 311 51.13 63.31 -3.68
N VAL J 312 50.57 63.80 -2.58
CA VAL J 312 50.88 65.12 -2.06
C VAL J 312 51.67 64.97 -0.77
N LEU J 313 52.48 65.99 -0.47
CA LEU J 313 53.35 65.91 0.70
C LEU J 313 52.54 65.85 1.99
N GLU J 314 51.41 66.54 2.04
CA GLU J 314 50.56 66.51 3.24
C GLU J 314 50.02 65.10 3.49
N GLU J 315 49.53 64.44 2.45
CA GLU J 315 49.08 63.06 2.57
C GLU J 315 50.19 62.12 2.07
N MET J 316 51.32 62.15 2.77
CA MET J 316 52.46 61.33 2.36
C MET J 316 53.10 60.75 3.62
N GLY J 317 53.64 59.55 3.49
CA GLY J 317 54.21 58.84 4.63
C GLY J 317 55.58 59.38 5.03
N HIS J 318 56.13 58.77 6.09
CA HIS J 318 57.43 59.20 6.59
C HIS J 318 58.06 58.04 7.37
N CYS J 319 59.10 57.43 6.80
CA CYS J 319 59.87 56.41 7.49
C CYS J 319 61.33 56.85 7.53
N ASP J 320 62.03 56.45 8.59
CA ASP J 320 63.39 56.92 8.81
C ASP J 320 64.45 56.01 8.20
N SER J 321 64.29 54.69 8.32
CA SER J 321 65.23 53.73 7.75
C SER J 321 64.46 52.77 6.86
N VAL J 322 64.86 52.68 5.59
CA VAL J 322 64.25 51.78 4.62
C VAL J 322 65.39 51.07 3.91
N TYR J 323 65.72 49.86 4.35
CA TYR J 323 66.78 49.08 3.74
C TYR J 323 66.37 47.62 3.70
N LEU J 324 66.81 46.92 2.65
CA LEU J 324 66.55 45.51 2.48
C LEU J 324 67.49 44.70 3.37
N SER J 325 66.96 43.67 4.01
CA SER J 325 67.75 42.77 4.85
C SER J 325 67.77 41.39 4.22
N GLU J 326 68.95 40.78 4.19
CA GLU J 326 69.14 39.46 3.62
C GLU J 326 69.12 38.37 4.68
N VAL J 327 68.67 38.69 5.90
CA VAL J 327 68.59 37.68 6.95
C VAL J 327 67.62 36.59 6.54
N GLY J 328 67.96 35.35 6.88
CA GLY J 328 67.15 34.22 6.47
C GLY J 328 67.29 33.83 5.02
N ASP J 329 68.33 34.32 4.34
CA ASP J 329 68.59 34.02 2.93
C ASP J 329 67.43 34.45 2.03
N THR J 330 66.68 35.45 2.48
CA THR J 330 65.56 35.98 1.72
C THR J 330 65.67 37.50 1.67
N GLN J 331 65.25 38.07 0.55
CA GLN J 331 65.27 39.52 0.36
C GLN J 331 64.01 40.12 0.98
N VAL J 332 64.19 40.89 2.04
CA VAL J 332 63.09 41.56 2.74
C VAL J 332 63.58 42.94 3.20
N VAL J 333 62.70 43.93 3.09
CA VAL J 333 63.00 45.29 3.53
C VAL J 333 62.44 45.48 4.92
N VAL J 334 63.25 46.05 5.81
CA VAL J 334 62.89 46.25 7.20
C VAL J 334 62.98 47.73 7.54
N PHE J 335 62.00 48.21 8.30
CA PHE J 335 61.95 49.60 8.74
C PHE J 335 62.35 49.67 10.21
N LYS J 336 63.36 50.50 10.50
CA LYS J 336 63.89 50.61 11.85
C LYS J 336 64.16 52.06 12.17
N HIS J 337 64.55 52.31 13.43
CA HIS J 337 64.90 53.64 13.91
C HIS J 337 63.76 54.63 13.65
N GLU J 338 62.55 54.24 14.07
CA GLU J 338 61.37 55.03 13.83
C GLU J 338 61.29 56.19 14.82
N LYS J 339 60.11 56.83 14.90
CA LYS J 339 59.95 57.99 15.75
C LYS J 339 60.24 57.66 17.21
N GLU J 340 59.75 56.52 17.70
CA GLU J 340 60.09 56.06 19.03
C GLU J 340 61.48 55.42 19.09
N ASP J 341 62.06 55.09 17.94
CA ASP J 341 63.39 54.48 17.85
C ASP J 341 63.47 53.20 18.68
N GLY J 342 62.62 52.24 18.30
CA GLY J 342 62.61 50.96 18.99
C GLY J 342 61.22 50.40 19.23
N ALA J 343 60.19 51.17 18.87
CA ALA J 343 58.82 50.75 19.13
C ALA J 343 58.50 49.42 18.42
N ILE J 344 58.55 49.42 17.10
CA ILE J 344 58.23 48.22 16.33
C ILE J 344 59.37 47.23 16.45
N SER J 345 59.03 45.96 16.64
CA SER J 345 60.02 44.90 16.77
C SER J 345 59.39 43.61 16.27
N THR J 346 59.83 43.15 15.11
CA THR J 346 59.24 41.96 14.49
C THR J 346 59.94 40.69 14.98
N ILE J 347 59.36 39.55 14.59
CA ILE J 347 59.96 38.24 14.84
C ILE J 347 60.04 37.51 13.50
N VAL J 348 61.23 37.06 13.15
CA VAL J 348 61.42 36.27 11.93
C VAL J 348 61.30 34.79 12.28
N LEU J 349 60.54 34.06 11.47
CA LEU J 349 60.26 32.66 11.72
C LEU J 349 60.87 31.82 10.60
N ARG J 350 60.97 30.52 10.86
CA ARG J 350 61.42 29.57 9.85
C ARG J 350 60.84 28.20 10.17
N GLY J 351 60.23 27.58 9.17
CA GLY J 351 59.61 26.28 9.37
C GLY J 351 59.28 25.63 8.05
N SER J 352 58.81 24.38 8.15
CA SER J 352 58.49 23.62 6.95
C SER J 352 57.26 24.21 6.23
N THR J 353 56.19 24.46 6.98
CA THR J 353 54.97 24.98 6.39
C THR J 353 54.28 25.89 7.40
N ASP J 354 53.23 26.57 6.92
CA ASP J 354 52.50 27.49 7.77
C ASP J 354 51.67 26.77 8.83
N ASN J 355 51.43 25.47 8.68
CA ASN J 355 50.55 24.76 9.60
C ASN J 355 51.13 24.75 11.01
N LEU J 356 52.38 24.30 11.16
CA LEU J 356 53.03 24.38 12.45
C LEU J 356 53.56 25.77 12.76
N MET J 357 53.66 26.63 11.74
CA MET J 357 53.99 28.03 11.97
C MET J 357 52.89 28.72 12.78
N ASP J 358 51.64 28.37 12.52
CA ASP J 358 50.53 29.03 13.22
C ASP J 358 50.61 28.80 14.72
N ASP J 359 50.86 27.56 15.14
CA ASP J 359 50.98 27.27 16.56
C ASP J 359 52.18 28.01 17.16
N ILE J 360 53.28 28.09 16.43
CA ILE J 360 54.46 28.78 16.93
C ILE J 360 54.17 30.26 17.15
N GLU J 361 53.54 30.91 16.18
CA GLU J 361 53.25 32.34 16.32
C GLU J 361 52.18 32.58 17.38
N ARG J 362 51.23 31.67 17.54
CA ARG J 362 50.25 31.82 18.62
C ARG J 362 50.91 31.68 19.97
N ALA J 363 51.87 30.76 20.11
CA ALA J 363 52.64 30.66 21.34
C ALA J 363 53.44 31.93 21.59
N VAL J 364 53.99 32.53 20.52
CA VAL J 364 54.70 33.80 20.66
C VAL J 364 53.75 34.89 21.17
N ASP J 365 52.54 34.94 20.61
CA ASP J 365 51.56 35.92 21.08
C ASP J 365 51.20 35.69 22.54
N ASP J 366 51.04 34.43 22.94
CA ASP J 366 50.74 34.12 24.33
C ASP J 366 51.86 34.55 25.25
N GLY J 367 53.11 34.30 24.84
CA GLY J 367 54.24 34.79 25.62
C GLY J 367 54.27 36.30 25.74
N VAL J 368 53.96 36.98 24.63
CA VAL J 368 53.92 38.44 24.65
C VAL J 368 52.87 38.92 25.63
N ASN J 369 51.68 38.33 25.59
CA ASN J 369 50.60 38.75 26.47
C ASN J 369 50.94 38.48 27.93
N THR J 370 51.53 37.32 28.22
CA THR J 370 51.92 37.04 29.59
C THR J 370 52.99 38.01 30.09
N PHE J 371 53.94 38.37 29.22
CA PHE J 371 54.92 39.37 29.60
C PHE J 371 54.26 40.72 29.87
N LYS J 372 53.26 41.08 29.07
CA LYS J 372 52.54 42.33 29.32
C LYS J 372 51.82 42.28 30.66
N VAL J 373 51.20 41.15 30.98
CA VAL J 373 50.57 40.98 32.28
C VAL J 373 51.61 41.14 33.40
N LEU J 374 52.80 40.61 33.18
CA LEU J 374 53.89 40.82 34.14
C LEU J 374 54.24 42.30 34.26
N THR J 375 54.18 43.03 33.16
CA THR J 375 54.39 44.47 33.22
C THR J 375 53.33 45.14 34.10
N ARG J 376 52.08 44.71 33.97
CA ARG J 376 51.05 45.21 34.88
C ARG J 376 51.10 44.57 36.26
N ASP J 377 51.86 43.48 36.45
CA ASP J 377 51.93 42.86 37.77
C ASP J 377 53.21 42.04 37.87
N LYS J 378 54.14 42.50 38.70
CA LYS J 378 55.36 41.74 38.98
C LYS J 378 55.12 40.58 39.94
N ARG J 379 53.88 40.36 40.35
CA ARG J 379 53.54 39.33 41.32
C ARG J 379 53.09 38.07 40.57
N LEU J 380 53.68 36.94 40.92
CA LEU J 380 53.44 35.67 40.25
C LEU J 380 52.98 34.64 41.27
N VAL J 381 52.34 33.58 40.77
CA VAL J 381 51.82 32.51 41.61
C VAL J 381 52.26 31.17 41.04
N PRO J 382 52.38 30.12 41.84
CA PRO J 382 52.80 28.82 41.31
C PRO J 382 51.75 28.26 40.37
N GLY J 383 52.20 27.53 39.35
CA GLY J 383 51.33 26.93 38.37
C GLY J 383 51.38 25.41 38.39
N GLY J 384 50.90 24.83 37.30
CA GLY J 384 50.92 23.38 37.16
C GLY J 384 50.07 22.62 38.15
N GLY J 385 48.86 23.11 38.43
CA GLY J 385 47.99 22.47 39.39
C GLY J 385 48.30 22.80 40.84
N ALA J 386 49.29 23.64 41.10
CA ALA J 386 49.61 24.00 42.47
C ALA J 386 48.57 24.94 43.07
N THR J 387 48.41 26.12 42.45
CA THR J 387 47.51 27.12 42.99
C THR J 387 46.05 26.66 42.93
N GLU J 388 45.69 25.87 41.91
CA GLU J 388 44.32 25.41 41.80
C GLU J 388 43.95 24.55 43.01
N ILE J 389 44.78 23.55 43.32
CA ILE J 389 44.47 22.69 44.46
C ILE J 389 44.65 23.44 45.77
N GLU J 390 45.56 24.43 45.81
CA GLU J 390 45.70 25.22 47.03
C GLU J 390 44.43 26.00 47.34
N LEU J 391 43.91 26.71 46.33
CA LEU J 391 42.66 27.45 46.51
C LEU J 391 41.51 26.51 46.81
N ALA J 392 41.48 25.35 46.15
CA ALA J 392 40.43 24.38 46.44
C ALA J 392 40.49 23.93 47.89
N LYS J 393 41.68 23.66 48.40
CA LYS J 393 41.83 23.24 49.79
C LYS J 393 41.37 24.34 50.74
N GLN J 394 41.82 25.57 50.49
CA GLN J 394 41.42 26.67 51.38
C GLN J 394 39.91 26.86 51.39
N ILE J 395 39.30 26.86 50.21
CA ILE J 395 37.86 27.12 50.12
C ILE J 395 37.07 25.96 50.74
N THR J 396 37.43 24.72 50.42
CA THR J 396 36.69 23.60 50.98
C THR J 396 36.94 23.42 52.47
N SER J 397 38.03 23.97 53.00
CA SER J 397 38.21 24.01 54.45
C SER J 397 37.35 25.08 55.08
N TYR J 398 37.22 26.23 54.40
CA TYR J 398 36.35 27.29 54.91
C TYR J 398 34.87 26.93 54.78
N GLY J 399 34.54 25.98 53.89
CA GLY J 399 33.14 25.74 53.59
C GLY J 399 32.33 25.24 54.77
N GLU J 400 32.84 24.22 55.47
CA GLU J 400 32.09 23.67 56.59
C GLU J 400 32.02 24.62 57.78
N THR J 401 32.84 25.67 57.80
CA THR J 401 32.76 26.67 58.85
C THR J 401 31.68 27.70 58.62
N CYS J 402 31.00 27.66 57.47
CA CYS J 402 29.97 28.63 57.14
C CYS J 402 28.59 27.96 57.22
N PRO J 403 27.81 28.24 58.25
CA PRO J 403 26.45 27.67 58.32
C PRO J 403 25.56 28.29 57.26
N GLY J 404 24.52 27.55 56.91
CA GLY J 404 23.56 27.97 55.90
C GLY J 404 23.61 27.09 54.68
N LEU J 405 22.83 27.46 53.67
CA LEU J 405 22.70 26.67 52.46
C LEU J 405 23.76 26.98 51.42
N GLU J 406 24.53 28.05 51.59
CA GLU J 406 25.61 28.37 50.66
C GLU J 406 26.78 27.40 50.76
N GLN J 407 26.78 26.54 51.78
CA GLN J 407 27.92 25.63 51.99
C GLN J 407 28.05 24.65 50.83
N TYR J 408 26.92 24.14 50.32
CA TYR J 408 26.97 23.21 49.20
C TYR J 408 27.55 23.89 47.96
N ALA J 409 27.13 25.12 47.69
CA ALA J 409 27.71 25.87 46.57
C ALA J 409 29.21 26.09 46.79
N ILE J 410 29.63 26.27 48.04
CA ILE J 410 31.04 26.49 48.31
C ILE J 410 31.85 25.23 47.99
N LYS J 411 31.40 24.07 48.49
CA LYS J 411 32.12 22.84 48.12
C LYS J 411 32.09 22.60 46.61
N LYS J 412 30.99 22.95 45.95
CA LYS J 412 30.96 22.72 44.51
C LYS J 412 31.91 23.65 43.77
N PHE J 413 32.06 24.88 44.25
CA PHE J 413 33.03 25.79 43.66
C PHE J 413 34.44 25.23 43.85
N ALA J 414 34.70 24.65 45.03
CA ALA J 414 35.98 24.00 45.27
C ALA J 414 36.21 22.82 44.33
N GLU J 415 35.18 21.99 44.12
CA GLU J 415 35.29 20.89 43.19
C GLU J 415 35.56 21.37 41.77
N ALA J 416 34.92 22.48 41.39
CA ALA J 416 35.18 23.05 40.08
C ALA J 416 36.62 23.49 39.94
N PHE J 417 37.21 24.04 41.02
CA PHE J 417 38.66 24.24 41.02
C PHE J 417 39.41 22.92 40.87
N GLU J 418 38.97 21.88 41.58
CA GLU J 418 39.61 20.57 41.49
C GLU J 418 39.63 20.05 40.06
N ALA J 419 38.65 20.44 39.25
CA ALA J 419 38.50 19.86 37.92
C ALA J 419 39.73 20.10 37.04
N ILE J 420 40.31 21.30 37.10
CA ILE J 420 41.37 21.67 36.15
C ILE J 420 42.58 20.76 36.23
N PRO J 421 43.18 20.50 37.41
CA PRO J 421 44.32 19.57 37.44
C PRO J 421 43.96 18.18 36.95
N ARG J 422 42.72 17.74 37.18
CA ARG J 422 42.29 16.45 36.64
C ARG J 422 42.31 16.46 35.11
N ALA J 423 41.84 17.55 34.51
CA ALA J 423 41.89 17.66 33.06
C ALA J 423 43.32 17.67 32.55
N LEU J 424 44.20 18.41 33.22
CA LEU J 424 45.60 18.43 32.80
C LEU J 424 46.21 17.03 32.91
N ALA J 425 45.88 16.30 33.98
CA ALA J 425 46.40 14.96 34.17
C ALA J 425 45.94 14.03 33.07
N GLU J 426 44.64 13.99 32.79
CA GLU J 426 44.15 13.08 31.77
C GLU J 426 44.64 13.49 30.38
N ASN J 427 44.94 14.77 30.17
CA ASN J 427 45.58 15.17 28.91
C ASN J 427 47.02 14.66 28.85
N SER J 428 47.71 14.65 29.99
CA SER J 428 49.05 14.08 30.04
C SER J 428 49.06 12.58 29.79
N GLY J 429 47.91 11.92 29.87
CA GLY J 429 47.84 10.49 29.64
C GLY J 429 47.94 9.63 30.88
N VAL J 430 48.05 10.21 32.06
CA VAL J 430 48.14 9.46 33.30
C VAL J 430 46.76 9.40 33.94
N LYS J 431 46.61 8.50 34.90
CA LYS J 431 45.34 8.34 35.61
C LYS J 431 45.08 9.57 36.47
N ALA J 432 44.00 10.29 36.16
CA ALA J 432 43.73 11.55 36.84
C ALA J 432 43.43 11.35 38.32
N ASN J 433 42.66 10.32 38.66
CA ASN J 433 42.23 10.13 40.05
C ASN J 433 43.43 9.90 40.96
N GLU J 434 44.36 9.04 40.54
CA GLU J 434 45.52 8.72 41.38
C GLU J 434 46.36 9.96 41.61
N VAL J 435 46.66 10.71 40.55
CA VAL J 435 47.55 11.86 40.68
C VAL J 435 46.88 12.96 41.48
N ILE J 436 45.57 13.16 41.30
CA ILE J 436 44.90 14.20 42.06
C ILE J 436 44.84 13.83 43.54
N SER J 437 44.63 12.54 43.84
CA SER J 437 44.64 12.11 45.24
C SER J 437 46.02 12.33 45.86
N LYS J 438 47.07 11.91 45.16
CA LYS J 438 48.42 12.10 45.67
C LYS J 438 48.74 13.57 45.89
N LEU J 439 48.39 14.41 44.91
CA LEU J 439 48.69 15.83 44.99
C LEU J 439 47.92 16.51 46.11
N TYR J 440 46.62 16.20 46.24
CA TYR J 440 45.83 16.79 47.32
C TYR J 440 46.35 16.34 48.68
N ALA J 441 46.72 15.07 48.80
CA ALA J 441 47.24 14.57 50.07
C ALA J 441 48.56 15.24 50.42
N VAL J 442 49.46 15.39 49.45
CA VAL J 442 50.75 15.96 49.76
C VAL J 442 50.64 17.46 50.04
N HIS J 443 49.64 18.13 49.44
CA HIS J 443 49.55 19.58 49.58
C HIS J 443 49.35 20.03 51.02
N GLN J 444 48.89 19.14 51.91
CA GLN J 444 48.71 19.54 53.31
C GLN J 444 50.03 19.88 53.97
N GLU J 445 51.07 19.08 53.72
CA GLU J 445 52.40 19.29 54.29
C GLU J 445 53.44 19.61 53.23
N GLY J 446 53.35 19.00 52.06
CA GLY J 446 54.13 19.37 50.90
C GLY J 446 53.46 20.57 50.27
N ASN J 447 53.73 21.75 50.79
CA ASN J 447 52.86 22.91 50.63
C ASN J 447 52.95 23.47 49.21
N LYS J 448 52.40 24.68 49.05
CA LYS J 448 51.93 25.25 47.79
C LYS J 448 52.76 24.90 46.57
N ASN J 449 54.08 24.85 46.71
CA ASN J 449 54.95 24.72 45.54
C ASN J 449 54.88 23.35 44.89
N VAL J 450 54.21 22.38 45.49
CA VAL J 450 54.11 21.04 44.90
C VAL J 450 53.18 21.09 43.69
N GLY J 451 53.26 20.07 42.84
CA GLY J 451 52.32 19.96 41.75
C GLY J 451 52.61 18.76 40.88
N LEU J 452 51.89 18.69 39.78
CA LEU J 452 51.93 17.54 38.88
C LEU J 452 53.22 17.53 38.07
N ASP J 453 53.66 16.32 37.72
CA ASP J 453 54.84 16.12 36.89
C ASP J 453 54.43 15.55 35.54
N ILE J 454 54.91 16.18 34.46
CA ILE J 454 54.47 15.82 33.13
C ILE J 454 55.23 14.59 32.61
N GLU J 455 56.55 14.57 32.80
CA GLU J 455 57.39 13.60 32.10
C GLU J 455 57.11 12.17 32.54
N ALA J 456 57.02 11.94 33.86
CA ALA J 456 56.90 10.59 34.37
C ALA J 456 55.57 9.97 33.94
N GLU J 457 55.63 8.72 33.46
CA GLU J 457 54.40 7.99 33.16
C GLU J 457 53.68 7.57 34.44
N VAL J 458 54.42 7.28 35.49
CA VAL J 458 53.81 7.03 36.79
C VAL J 458 53.21 8.32 37.32
N PRO J 459 52.03 8.30 37.93
CA PRO J 459 51.45 9.55 38.45
C PRO J 459 52.19 10.06 39.67
N ALA J 460 53.31 10.73 39.45
CA ALA J 460 54.13 11.28 40.52
C ALA J 460 54.02 12.79 40.54
N VAL J 461 54.16 13.37 41.72
CA VAL J 461 54.08 14.80 41.91
C VAL J 461 55.49 15.38 41.92
N LYS J 462 55.59 16.69 41.74
CA LYS J 462 56.89 17.34 41.66
C LYS J 462 56.74 18.82 41.98
N ASP J 463 57.59 19.31 42.87
CA ASP J 463 57.60 20.71 43.27
C ASP J 463 58.24 21.52 42.15
N MET J 464 57.52 22.51 41.62
CA MET J 464 58.02 23.31 40.52
C MET J 464 58.30 24.76 40.90
N LEU J 465 58.58 25.05 42.17
CA LEU J 465 59.17 26.35 42.48
C LEU J 465 60.53 26.47 41.81
N GLU J 466 61.31 25.40 41.81
CA GLU J 466 62.60 25.41 41.14
C GLU J 466 62.43 25.39 39.62
N ALA J 467 61.39 24.73 39.11
CA ALA J 467 61.21 24.61 37.67
C ALA J 467 60.92 25.94 37.00
N GLY J 468 60.39 26.91 37.72
CA GLY J 468 60.09 28.21 37.14
C GLY J 468 58.82 28.26 36.31
N ILE J 469 58.07 27.16 36.24
CA ILE J 469 56.78 27.16 35.55
C ILE J 469 55.73 27.74 36.47
N LEU J 470 55.53 29.06 36.40
CA LEU J 470 54.64 29.78 37.30
C LEU J 470 53.73 30.69 36.48
N ASP J 471 52.43 30.41 36.53
CA ASP J 471 51.45 31.21 35.81
C ASP J 471 51.16 32.51 36.55
N THR J 472 50.52 33.45 35.83
CA THR J 472 50.38 34.80 36.32
C THR J 472 49.34 34.88 37.44
N TYR J 473 49.33 36.03 38.13
CA TYR J 473 48.42 36.28 39.23
C TYR J 473 47.18 37.06 38.81
N LEU J 474 47.37 38.24 38.22
CA LEU J 474 46.22 39.06 37.83
C LEU J 474 45.38 38.36 36.78
N GLY J 475 46.03 37.70 35.83
CA GLY J 475 45.28 36.95 34.83
C GLY J 475 44.43 35.86 35.45
N LYS J 476 45.00 35.12 36.39
CA LYS J 476 44.24 34.08 37.08
C LYS J 476 43.08 34.67 37.87
N TYR J 477 43.33 35.79 38.55
CA TYR J 477 42.27 36.45 39.32
C TYR J 477 41.11 36.83 38.41
N TRP J 478 41.41 37.49 37.29
CA TRP J 478 40.35 37.89 36.37
C TRP J 478 39.67 36.69 35.74
N ALA J 479 40.43 35.63 35.46
CA ALA J 479 39.83 34.42 34.89
C ALA J 479 38.84 33.80 35.86
N ILE J 480 39.22 33.67 37.12
CA ILE J 480 38.33 33.10 38.12
C ILE J 480 37.08 33.97 38.26
N LYS J 481 37.28 35.28 38.36
CA LYS J 481 36.13 36.17 38.55
C LYS J 481 35.17 36.08 37.37
N LEU J 482 35.70 36.11 36.15
CA LEU J 482 34.84 36.17 34.98
C LEU J 482 34.17 34.83 34.71
N ALA J 483 34.87 33.72 34.96
CA ALA J 483 34.23 32.42 34.81
C ALA J 483 33.11 32.26 35.85
N THR J 484 33.35 32.70 37.08
CA THR J 484 32.29 32.63 38.09
C THR J 484 31.10 33.48 37.68
N ASN J 485 31.35 34.69 37.17
CA ASN J 485 30.25 35.54 36.74
C ASN J 485 29.49 34.92 35.58
N ALA J 486 30.21 34.29 34.64
CA ALA J 486 29.54 33.64 33.52
C ALA J 486 28.66 32.49 33.99
N ALA J 487 29.17 31.66 34.90
CA ALA J 487 28.37 30.56 35.43
C ALA J 487 27.14 31.08 36.16
N VAL J 488 27.31 32.15 36.95
CA VAL J 488 26.19 32.73 37.66
C VAL J 488 25.14 33.24 36.68
N THR J 489 25.56 33.96 35.64
CA THR J 489 24.62 34.52 34.69
C THR J 489 23.88 33.43 33.92
N VAL J 490 24.58 32.39 33.49
CA VAL J 490 23.93 31.35 32.72
C VAL J 490 23.02 30.50 33.62
N LEU J 491 23.33 30.44 34.92
CA LEU J 491 22.47 29.71 35.83
C LEU J 491 21.14 30.42 36.06
N ARG J 492 21.09 31.73 35.87
CA ARG J 492 19.89 32.49 36.21
C ARG J 492 18.77 32.27 35.21
N VAL J 493 19.09 32.20 33.92
CA VAL J 493 18.06 32.06 32.90
C VAL J 493 17.37 30.70 33.05
N ASP J 494 16.04 30.70 32.91
CA ASP J 494 15.29 29.47 33.11
C ASP J 494 15.07 28.70 31.82
N GLN J 495 14.31 29.30 30.89
CA GLN J 495 13.97 28.63 29.64
C GLN J 495 13.62 29.67 28.60
N ILE J 496 13.60 29.22 27.35
CA ILE J 496 13.05 29.99 26.23
C ILE J 496 12.69 29.00 25.14
N ILE J 497 11.60 29.26 24.42
CA ILE J 497 11.09 28.29 23.46
C ILE J 497 12.06 28.20 22.28
N MET J 498 12.53 26.98 22.01
CA MET J 498 13.50 26.73 20.95
C MET J 498 13.59 25.25 20.63
N ALA K 1 33.99 -21.04 -25.73
CA ALA K 1 33.92 -19.97 -24.74
C ALA K 1 32.92 -18.89 -25.16
N SER K 2 31.66 -19.08 -24.79
CA SER K 2 30.61 -18.16 -25.17
C SER K 2 29.84 -17.66 -23.96
N LEU K 3 28.76 -16.94 -24.19
CA LEU K 3 27.94 -16.37 -23.13
C LEU K 3 26.71 -17.23 -22.82
N SER K 4 26.66 -18.46 -23.33
CA SER K 4 25.54 -19.34 -23.03
C SER K 4 25.47 -19.64 -21.53
N LEU K 5 26.62 -19.87 -20.90
CA LEU K 5 26.68 -20.09 -19.46
C LEU K 5 27.99 -19.49 -18.97
N ALA K 6 27.92 -18.25 -18.48
CA ALA K 6 29.09 -17.55 -17.96
C ALA K 6 28.76 -16.89 -16.64
N PRO K 7 29.60 -17.07 -15.62
CA PRO K 7 29.32 -16.42 -14.32
C PRO K 7 29.28 -14.90 -14.39
N VAL K 8 30.09 -14.30 -15.27
CA VAL K 8 30.20 -12.85 -15.35
C VAL K 8 30.01 -12.42 -16.81
N ASN K 9 29.57 -11.19 -17.00
CA ASN K 9 29.31 -10.64 -18.32
C ASN K 9 29.66 -9.16 -18.35
N ILE K 10 29.58 -8.57 -19.55
CA ILE K 10 29.84 -7.16 -19.75
C ILE K 10 28.63 -6.59 -20.47
N PHE K 11 27.78 -5.87 -19.72
CA PHE K 11 26.56 -5.30 -20.28
C PHE K 11 26.21 -4.02 -19.55
N LYS K 12 25.42 -3.19 -20.22
CA LYS K 12 24.94 -1.93 -19.67
C LYS K 12 23.52 -2.14 -19.12
N ALA K 13 22.92 -1.09 -18.58
CA ALA K 13 21.59 -1.18 -17.98
C ALA K 13 20.58 -1.54 -19.06
N GLY K 14 20.06 -2.77 -19.00
CA GLY K 14 19.12 -3.26 -19.98
C GLY K 14 19.75 -3.85 -21.23
N ALA K 15 21.07 -3.78 -21.36
CA ALA K 15 21.74 -4.32 -22.54
C ALA K 15 21.94 -5.82 -22.42
N ASP K 16 21.60 -6.54 -23.49
CA ASP K 16 21.82 -7.99 -23.54
C ASP K 16 22.00 -8.36 -25.01
N GLU K 17 23.25 -8.50 -25.44
CA GLU K 17 23.48 -8.92 -26.81
C GLU K 17 23.20 -10.41 -26.95
N GLU K 18 23.03 -10.84 -28.19
CA GLU K 18 22.48 -12.16 -28.48
C GLU K 18 23.33 -12.86 -29.54
N ARG K 19 23.42 -14.17 -29.41
CA ARG K 19 24.42 -14.98 -30.12
C ARG K 19 24.07 -15.12 -31.60
N ALA K 20 24.95 -15.80 -32.33
CA ALA K 20 24.89 -15.81 -33.79
C ALA K 20 23.67 -16.56 -34.31
N GLU K 21 23.40 -17.75 -33.75
CA GLU K 21 22.27 -18.54 -34.23
C GLU K 21 20.95 -17.83 -33.96
N THR K 22 20.79 -17.28 -32.75
CA THR K 22 19.57 -16.54 -32.46
C THR K 22 19.57 -15.18 -33.16
N ALA K 23 20.74 -14.65 -33.51
CA ALA K 23 20.77 -13.48 -34.39
C ALA K 23 20.18 -13.81 -35.74
N ARG K 24 20.57 -14.97 -36.30
CA ARG K 24 19.99 -15.42 -37.55
C ARG K 24 18.49 -15.60 -37.42
N LEU K 25 18.06 -16.20 -36.31
CA LEU K 25 16.63 -16.40 -36.07
C LEU K 25 15.88 -15.07 -36.08
N THR K 26 16.36 -14.10 -35.30
CA THR K 26 15.65 -12.82 -35.20
C THR K 26 15.67 -12.05 -36.52
N SER K 27 16.83 -11.96 -37.17
CA SER K 27 16.89 -11.23 -38.43
C SER K 27 16.01 -11.87 -39.49
N PHE K 28 16.00 -13.20 -39.54
CA PHE K 28 15.21 -13.88 -40.57
C PHE K 28 13.73 -13.84 -40.26
N ILE K 29 13.35 -13.85 -38.98
CA ILE K 29 11.93 -13.70 -38.68
C ILE K 29 11.46 -12.29 -38.99
N GLY K 30 12.32 -11.28 -38.78
CA GLY K 30 11.98 -9.94 -39.24
C GLY K 30 11.84 -9.86 -40.74
N ALA K 31 12.72 -10.53 -41.47
CA ALA K 31 12.61 -10.57 -42.92
C ALA K 31 11.33 -11.26 -43.37
N ILE K 32 10.96 -12.35 -42.69
CA ILE K 32 9.71 -13.04 -43.00
C ILE K 32 8.53 -12.11 -42.75
N ALA K 33 8.58 -11.35 -41.65
CA ALA K 33 7.50 -10.39 -41.38
C ALA K 33 7.40 -9.34 -42.48
N ILE K 34 8.55 -8.82 -42.92
CA ILE K 34 8.53 -7.83 -44.01
C ILE K 34 7.93 -8.42 -45.27
N GLY K 35 8.36 -9.63 -45.63
CA GLY K 35 7.82 -10.27 -46.81
C GLY K 35 6.32 -10.50 -46.72
N ASP K 36 5.85 -10.93 -45.54
CA ASP K 36 4.43 -11.15 -45.35
C ASP K 36 3.63 -9.86 -45.46
N LEU K 37 4.16 -8.77 -44.90
CA LEU K 37 3.49 -7.48 -45.03
C LEU K 37 3.54 -6.92 -46.44
N VAL K 38 4.49 -7.31 -47.28
CA VAL K 38 4.55 -6.84 -48.64
C VAL K 38 3.93 -7.82 -49.63
N LYS K 39 3.79 -9.10 -49.27
CA LYS K 39 3.21 -10.08 -50.17
C LYS K 39 1.70 -9.87 -50.24
N SER K 40 1.01 -10.80 -50.90
CA SER K 40 -0.44 -10.81 -51.12
C SER K 40 -0.90 -9.65 -52.00
N THR K 41 0.02 -8.83 -52.49
CA THR K 41 -0.30 -7.76 -53.44
C THR K 41 0.26 -8.06 -54.83
N LEU K 42 0.48 -9.34 -55.14
CA LEU K 42 1.11 -9.75 -56.39
C LEU K 42 0.07 -10.33 -57.34
N GLY K 43 0.32 -10.15 -58.63
CA GLY K 43 -0.57 -10.68 -59.65
C GLY K 43 -1.80 -9.83 -59.83
N PRO K 44 -2.58 -10.13 -60.87
CA PRO K 44 -3.82 -9.36 -61.10
C PRO K 44 -4.81 -9.46 -59.96
N LYS K 45 -4.73 -10.51 -59.14
CA LYS K 45 -5.60 -10.68 -57.99
C LYS K 45 -4.99 -10.13 -56.71
N GLY K 46 -4.15 -9.10 -56.82
CA GLY K 46 -3.55 -8.51 -55.63
C GLY K 46 -4.60 -7.89 -54.73
N MET K 47 -4.33 -7.94 -53.43
CA MET K 47 -5.27 -7.47 -52.41
C MET K 47 -4.68 -6.24 -51.73
N ASP K 48 -5.48 -5.18 -51.64
CA ASP K 48 -5.00 -3.94 -51.04
C ASP K 48 -4.73 -4.12 -49.55
N LYS K 49 -3.93 -3.20 -49.01
CA LYS K 49 -3.53 -3.24 -47.61
C LYS K 49 -3.76 -1.88 -46.98
N ILE K 50 -4.13 -1.89 -45.70
CA ILE K 50 -4.38 -0.68 -44.93
C ILE K 50 -3.22 -0.47 -43.96
N LEU K 51 -2.94 0.79 -43.65
CA LEU K 51 -1.94 1.16 -42.67
C LEU K 51 -2.64 1.89 -41.53
N LEU K 52 -2.16 1.66 -40.30
CA LEU K 52 -2.71 2.31 -39.12
C LEU K 52 -1.58 2.47 -38.11
N SER K 53 -1.08 3.70 -37.96
CA SER K 53 0.05 3.95 -37.08
C SER K 53 -0.30 3.60 -35.65
N SER K 54 0.68 3.06 -34.92
CA SER K 54 0.45 2.63 -33.55
C SER K 54 0.09 3.79 -32.63
N GLY K 55 0.46 5.01 -32.98
CA GLY K 55 0.08 6.17 -32.20
C GLY K 55 -1.36 6.59 -32.48
N ARG K 56 -1.76 7.68 -31.82
CA ARG K 56 -3.11 8.20 -32.00
C ARG K 56 -3.31 8.81 -33.39
N ASP K 57 -2.22 9.12 -34.10
CA ASP K 57 -2.36 9.70 -35.43
C ASP K 57 -3.02 8.72 -36.40
N ALA K 58 -2.62 7.46 -36.35
CA ALA K 58 -3.20 6.39 -37.17
C ALA K 58 -3.16 6.75 -38.66
N SER K 59 -1.93 6.86 -39.16
CA SER K 59 -1.72 7.14 -40.58
C SER K 59 -2.34 6.03 -41.43
N LEU K 60 -3.31 6.40 -42.26
CA LEU K 60 -4.06 5.42 -43.04
C LEU K 60 -3.68 5.49 -44.51
N MET K 61 -3.22 4.36 -45.04
CA MET K 61 -2.81 4.23 -46.44
C MET K 61 -3.63 3.14 -47.10
N VAL K 62 -4.05 3.38 -48.33
CA VAL K 62 -4.68 2.36 -49.17
C VAL K 62 -3.95 2.36 -50.50
N THR K 63 -3.27 1.25 -50.80
CA THR K 63 -2.50 1.12 -52.03
C THR K 63 -2.28 -0.35 -52.32
N ASN K 64 -2.22 -0.69 -53.61
CA ASN K 64 -1.95 -2.05 -54.06
C ASN K 64 -0.47 -2.33 -54.26
N ASP K 65 0.39 -1.33 -54.11
CA ASP K 65 1.82 -1.48 -54.34
C ASP K 65 2.54 -1.57 -53.01
N GLY K 66 3.41 -2.57 -52.88
CA GLY K 66 4.06 -2.84 -51.61
C GLY K 66 5.16 -1.86 -51.24
N ALA K 67 5.67 -1.10 -52.21
CA ALA K 67 6.72 -0.14 -51.92
C ALA K 67 6.22 0.93 -50.96
N THR K 68 5.05 1.50 -51.23
CA THR K 68 4.45 2.45 -50.30
C THR K 68 4.09 1.78 -48.99
N ILE K 69 3.70 0.50 -49.02
CA ILE K 69 3.35 -0.22 -47.80
C ILE K 69 4.56 -0.29 -46.87
N LEU K 70 5.71 -0.65 -47.41
CA LEU K 70 6.94 -0.73 -46.63
C LEU K 70 7.57 0.63 -46.35
N LYS K 71 7.15 1.67 -47.07
CA LYS K 71 7.67 3.00 -46.78
C LYS K 71 7.31 3.44 -45.37
N ASN K 72 6.07 3.21 -44.95
CA ASN K 72 5.56 3.65 -43.66
C ASN K 72 5.34 2.41 -42.78
N ILE K 73 6.36 2.04 -42.03
CA ILE K 73 6.26 0.92 -41.09
C ILE K 73 7.40 1.04 -40.10
N GLY K 74 7.11 0.76 -38.83
CA GLY K 74 8.14 0.73 -37.81
C GLY K 74 9.14 -0.38 -38.05
N VAL K 75 10.42 -0.09 -37.85
CA VAL K 75 11.50 -1.04 -38.13
C VAL K 75 12.26 -1.33 -36.85
N ASP K 76 12.43 -2.60 -36.56
CA ASP K 76 13.23 -3.07 -35.42
C ASP K 76 14.31 -4.07 -35.83
N ASN K 77 14.03 -4.89 -36.83
CA ASN K 77 15.06 -5.76 -37.40
C ASN K 77 15.90 -4.96 -38.37
N PRO K 78 17.23 -4.88 -38.18
CA PRO K 78 18.08 -4.23 -39.20
C PRO K 78 18.02 -4.92 -40.55
N ALA K 79 17.84 -6.24 -40.60
CA ALA K 79 17.65 -6.91 -41.87
C ALA K 79 16.37 -6.44 -42.55
N ALA K 80 15.33 -6.17 -41.77
CA ALA K 80 14.13 -5.56 -42.33
C ALA K 80 14.44 -4.20 -42.94
N LYS K 81 15.32 -3.43 -42.28
CA LYS K 81 15.75 -2.16 -42.86
C LYS K 81 16.51 -2.36 -44.16
N VAL K 82 17.33 -3.41 -44.23
CA VAL K 82 18.02 -3.74 -45.47
C VAL K 82 17.01 -4.04 -46.58
N LEU K 83 15.97 -4.81 -46.24
CA LEU K 83 14.94 -5.14 -47.23
C LEU K 83 14.22 -3.89 -47.70
N VAL K 84 13.85 -3.02 -46.78
CA VAL K 84 13.19 -1.77 -47.15
C VAL K 84 14.10 -0.95 -48.05
N ASP K 85 15.39 -0.92 -47.75
CA ASP K 85 16.34 -0.15 -48.55
C ASP K 85 16.41 -0.70 -49.98
N MET K 86 16.55 -2.02 -50.13
CA MET K 86 16.67 -2.57 -51.47
C MET K 86 15.38 -2.40 -52.26
N SER K 87 14.23 -2.53 -51.60
CA SER K 87 12.97 -2.29 -52.27
C SER K 87 12.85 -0.84 -52.71
N ARG K 88 13.29 0.10 -51.86
CA ARG K 88 13.25 1.51 -52.25
C ARG K 88 14.21 1.78 -53.41
N VAL K 89 15.35 1.09 -53.44
CA VAL K 89 16.28 1.24 -54.55
C VAL K 89 15.63 0.77 -55.85
N GLN K 90 14.96 -0.38 -55.79
CA GLN K 90 14.25 -0.87 -56.97
C GLN K 90 13.16 0.11 -57.41
N ASP K 91 12.46 0.70 -56.44
CA ASP K 91 11.42 1.68 -56.76
C ASP K 91 12.02 2.91 -57.43
N ASP K 92 13.17 3.37 -56.94
CA ASP K 92 13.83 4.52 -57.54
C ASP K 92 14.35 4.19 -58.94
N GLU K 93 14.69 2.93 -59.18
CA GLU K 93 15.14 2.52 -60.51
C GLU K 93 13.96 2.41 -61.48
N VAL K 94 13.01 1.54 -61.16
CA VAL K 94 11.82 1.32 -61.98
C VAL K 94 10.60 1.29 -61.08
N GLY K 95 9.43 1.24 -61.71
CA GLY K 95 8.17 1.28 -60.98
C GLY K 95 7.68 -0.07 -60.50
N ASP K 96 7.70 -1.06 -61.39
CA ASP K 96 7.15 -2.38 -61.10
C ASP K 96 8.25 -3.32 -60.64
N GLY K 97 7.82 -4.43 -60.02
CA GLY K 97 8.74 -5.46 -59.58
C GLY K 97 9.33 -5.25 -58.20
N THR K 98 9.07 -4.12 -57.56
CA THR K 98 9.60 -3.88 -56.22
C THR K 98 9.07 -4.91 -55.22
N THR K 99 7.76 -5.17 -55.28
CA THR K 99 7.20 -6.23 -54.45
C THR K 99 7.76 -7.58 -54.84
N SER K 100 8.00 -7.79 -56.14
CA SER K 100 8.57 -9.05 -56.59
C SER K 100 9.95 -9.28 -55.98
N VAL K 101 10.82 -8.27 -56.05
CA VAL K 101 12.16 -8.42 -55.50
C VAL K 101 12.10 -8.55 -53.98
N THR K 102 11.19 -7.82 -53.33
CA THR K 102 11.07 -7.92 -51.88
C THR K 102 10.67 -9.33 -51.45
N VAL K 103 9.65 -9.88 -52.11
CA VAL K 103 9.19 -11.22 -51.73
C VAL K 103 10.23 -12.27 -52.12
N LEU K 104 10.95 -12.06 -53.23
CA LEU K 104 12.05 -12.95 -53.57
C LEU K 104 13.08 -12.97 -52.45
N ALA K 105 13.48 -11.80 -51.96
CA ALA K 105 14.47 -11.75 -50.89
C ALA K 105 13.94 -12.41 -49.63
N ALA K 106 12.68 -12.16 -49.30
CA ALA K 106 12.09 -12.75 -48.09
C ALA K 106 12.09 -14.28 -48.17
N GLU K 107 11.63 -14.83 -49.28
CA GLU K 107 11.62 -16.29 -49.41
C GLU K 107 13.02 -16.85 -49.50
N LEU K 108 13.97 -16.09 -50.06
CA LEU K 108 15.36 -16.55 -50.07
C LEU K 108 15.90 -16.67 -48.66
N LEU K 109 15.59 -15.68 -47.81
CA LEU K 109 16.04 -15.78 -46.42
C LEU K 109 15.33 -16.91 -45.69
N ARG K 110 14.07 -17.16 -46.03
CA ARG K 110 13.36 -18.32 -45.48
C ARG K 110 14.10 -19.61 -45.82
N GLU K 111 14.42 -19.80 -47.10
CA GLU K 111 15.16 -20.99 -47.49
C GLU K 111 16.56 -21.00 -46.92
N ALA K 112 17.12 -19.83 -46.65
CA ALA K 112 18.44 -19.75 -46.04
C ALA K 112 18.42 -20.28 -44.61
N GLU K 113 17.41 -19.88 -43.82
CA GLU K 113 17.33 -20.43 -42.48
C GLU K 113 16.94 -21.90 -42.51
N SER K 114 16.17 -22.31 -43.51
CA SER K 114 15.88 -23.74 -43.67
C SER K 114 17.17 -24.52 -43.93
N LEU K 115 18.05 -23.97 -44.77
CA LEU K 115 19.33 -24.62 -45.03
C LEU K 115 20.22 -24.61 -43.78
N ILE K 116 20.18 -23.53 -43.01
CA ILE K 116 20.92 -23.49 -41.75
C ILE K 116 20.46 -24.60 -40.84
N ALA K 117 19.14 -24.79 -40.74
CA ALA K 117 18.61 -25.95 -40.02
C ALA K 117 19.06 -27.25 -40.66
N LYS K 118 19.27 -27.26 -41.97
CA LYS K 118 19.76 -28.42 -42.70
C LYS K 118 21.27 -28.62 -42.53
N LYS K 119 21.89 -27.87 -41.62
CA LYS K 119 23.29 -28.05 -41.22
C LYS K 119 24.23 -27.78 -42.39
N ILE K 120 24.20 -26.53 -42.85
CA ILE K 120 25.10 -26.06 -43.89
C ILE K 120 25.60 -24.66 -43.53
N HIS K 121 26.79 -24.30 -44.04
CA HIS K 121 27.44 -23.04 -43.73
C HIS K 121 27.02 -21.94 -44.71
N PRO K 122 26.89 -20.71 -44.24
CA PRO K 122 26.46 -19.62 -45.13
C PRO K 122 27.37 -19.36 -46.32
N GLN K 123 28.69 -19.57 -46.19
CA GLN K 123 29.58 -19.25 -47.30
C GLN K 123 29.33 -20.14 -48.51
N THR K 124 29.14 -21.44 -48.28
CA THR K 124 28.78 -22.33 -49.37
C THR K 124 27.45 -21.92 -49.98
N ILE K 125 26.52 -21.47 -49.15
CA ILE K 125 25.23 -20.97 -49.63
C ILE K 125 25.44 -19.80 -50.58
N ILE K 126 26.30 -18.85 -50.19
CA ILE K 126 26.55 -17.67 -51.01
C ILE K 126 27.20 -18.05 -52.33
N ALA K 127 28.17 -18.98 -52.28
CA ALA K 127 28.83 -19.41 -53.51
C ALA K 127 27.83 -20.07 -54.46
N GLY K 128 27.00 -20.98 -53.92
CA GLY K 128 26.01 -21.62 -54.76
C GLY K 128 25.00 -20.64 -55.31
N TRP K 129 24.61 -19.66 -54.50
CA TRP K 129 23.65 -18.67 -54.97
C TRP K 129 24.24 -17.79 -56.05
N ARG K 130 25.53 -17.46 -55.94
CA ARG K 130 26.20 -16.72 -57.00
C ARG K 130 26.22 -17.51 -58.30
N GLU K 131 26.56 -18.80 -58.22
CA GLU K 131 26.58 -19.62 -59.42
C GLU K 131 25.19 -19.74 -60.04
N ALA K 132 24.18 -19.95 -59.21
CA ALA K 132 22.81 -20.08 -59.70
C ALA K 132 22.32 -18.77 -60.29
N THR K 133 22.68 -17.64 -59.69
CA THR K 133 22.31 -16.35 -60.24
C THR K 133 22.95 -16.14 -61.60
N LYS K 134 24.22 -16.53 -61.74
CA LYS K 134 24.88 -16.47 -63.04
C LYS K 134 24.12 -17.30 -64.07
N ALA K 135 23.78 -18.53 -63.71
CA ALA K 135 23.08 -19.40 -64.65
C ALA K 135 21.71 -18.84 -65.02
N ALA K 136 20.97 -18.33 -64.03
CA ALA K 136 19.66 -17.75 -64.30
C ALA K 136 19.76 -16.52 -65.19
N ARG K 137 20.78 -15.69 -64.96
CA ARG K 137 20.98 -14.54 -65.82
C ARG K 137 21.29 -14.97 -67.26
N GLU K 138 22.10 -16.01 -67.42
CA GLU K 138 22.37 -16.52 -68.76
C GLU K 138 21.09 -17.00 -69.42
N ALA K 139 20.27 -17.77 -68.69
CA ALA K 139 19.03 -18.28 -69.25
C ALA K 139 18.08 -17.15 -69.62
N LEU K 140 18.00 -16.12 -68.79
CA LEU K 140 17.17 -14.96 -69.12
C LEU K 140 17.69 -14.26 -70.37
N LEU K 141 19.01 -14.12 -70.48
CA LEU K 141 19.61 -13.56 -71.69
C LEU K 141 19.30 -14.40 -72.92
N SER K 142 19.07 -15.70 -72.75
CA SER K 142 18.81 -16.56 -73.89
C SER K 142 17.53 -16.15 -74.62
N SER K 143 16.48 -15.81 -73.87
CA SER K 143 15.17 -15.55 -74.46
C SER K 143 14.81 -14.06 -74.46
N ALA K 144 15.80 -13.19 -74.32
CA ALA K 144 15.54 -11.76 -74.37
C ALA K 144 15.18 -11.33 -75.80
N VAL K 145 14.23 -10.40 -75.90
CA VAL K 145 13.79 -9.88 -77.19
C VAL K 145 13.59 -8.37 -77.07
N ASP K 146 14.01 -7.64 -78.10
CA ASP K 146 13.83 -6.20 -78.19
C ASP K 146 13.11 -5.86 -79.48
N HIS K 147 12.14 -4.96 -79.41
CA HIS K 147 11.38 -4.52 -80.57
C HIS K 147 11.19 -3.01 -80.56
N GLY K 148 12.19 -2.27 -80.07
CA GLY K 148 12.10 -0.84 -80.02
C GLY K 148 12.37 -0.11 -81.32
N SER K 149 12.92 -0.81 -82.32
CA SER K 149 13.20 -0.17 -83.59
C SER K 149 11.92 0.21 -84.34
N ASP K 150 10.95 -0.70 -84.37
CA ASP K 150 9.70 -0.44 -85.07
C ASP K 150 8.74 0.33 -84.17
N GLU K 151 8.26 1.47 -84.66
CA GLU K 151 7.38 2.31 -83.86
C GLU K 151 6.05 1.63 -83.56
N VAL K 152 5.48 0.94 -84.56
CA VAL K 152 4.20 0.27 -84.35
C VAL K 152 4.37 -0.94 -83.41
N LYS K 153 5.45 -1.71 -83.60
CA LYS K 153 5.74 -2.80 -82.68
C LYS K 153 6.03 -2.26 -81.29
N PHE K 154 6.73 -1.12 -81.20
CA PHE K 154 7.01 -0.52 -79.91
C PHE K 154 5.72 -0.11 -79.21
N ARG K 155 4.77 0.47 -79.96
CA ARG K 155 3.49 0.85 -79.36
C ARG K 155 2.71 -0.37 -78.92
N GLN K 156 2.74 -1.45 -79.71
CA GLN K 156 2.05 -2.68 -79.31
C GLN K 156 2.65 -3.25 -78.03
N ASP K 157 3.98 -3.26 -77.94
CA ASP K 157 4.65 -3.74 -76.74
C ASP K 157 4.35 -2.86 -75.54
N LEU K 158 4.28 -1.54 -75.76
CA LEU K 158 3.89 -0.64 -74.68
C LEU K 158 2.47 -0.92 -74.21
N MET K 159 1.56 -1.15 -75.16
CA MET K 159 0.20 -1.52 -74.81
C MET K 159 0.19 -2.76 -73.93
N ASN K 160 0.88 -3.81 -74.36
CA ASN K 160 0.89 -5.06 -73.61
C ASN K 160 1.53 -4.89 -72.23
N ILE K 161 2.65 -4.17 -72.17
CA ILE K 161 3.38 -4.04 -70.91
C ILE K 161 2.57 -3.23 -69.91
N ALA K 162 1.99 -2.11 -70.36
CA ALA K 162 1.18 -1.30 -69.46
C ALA K 162 -0.07 -2.05 -69.02
N GLY K 163 -0.68 -2.83 -69.91
CA GLY K 163 -1.80 -3.66 -69.50
C GLY K 163 -1.41 -4.67 -68.44
N THR K 164 -0.28 -5.33 -68.62
CA THR K 164 0.19 -6.29 -67.62
C THR K 164 0.48 -5.59 -66.29
N THR K 165 1.09 -4.42 -66.35
CA THR K 165 1.42 -3.69 -65.12
C THR K 165 0.16 -3.26 -64.38
N LEU K 166 -0.85 -2.79 -65.11
CA LEU K 166 -2.07 -2.32 -64.47
C LEU K 166 -3.02 -3.45 -64.09
N SER K 167 -2.82 -4.65 -64.64
CA SER K 167 -3.65 -5.78 -64.25
C SER K 167 -3.52 -6.08 -62.77
N SER K 168 -2.29 -6.04 -62.25
CA SER K 168 -2.06 -6.27 -60.82
C SER K 168 -2.66 -5.18 -59.95
N LYS K 169 -3.03 -4.04 -60.53
CA LYS K 169 -3.66 -2.97 -59.80
C LYS K 169 -5.18 -3.08 -59.92
N LEU K 170 -5.88 -2.16 -59.25
CA LEU K 170 -7.33 -2.23 -59.20
C LEU K 170 -7.98 -1.78 -60.50
N LEU K 171 -7.26 -1.05 -61.35
CA LEU K 171 -7.81 -0.49 -62.57
C LEU K 171 -8.01 -1.52 -63.68
N THR K 172 -7.95 -2.81 -63.36
CA THR K 172 -8.04 -3.84 -64.40
C THR K 172 -9.35 -3.75 -65.18
N HIS K 173 -10.39 -3.19 -64.58
CA HIS K 173 -11.67 -3.07 -65.29
C HIS K 173 -11.55 -2.18 -66.52
N HIS K 174 -10.93 -1.02 -66.36
CA HIS K 174 -10.73 -0.08 -67.46
C HIS K 174 -9.31 -0.13 -67.99
N LYS K 175 -8.59 -1.22 -67.71
CA LYS K 175 -7.23 -1.44 -68.18
C LYS K 175 -6.95 -0.93 -69.59
N ASP K 176 -7.87 -1.21 -70.53
CA ASP K 176 -7.63 -0.80 -71.92
C ASP K 176 -7.60 0.73 -72.05
N HIS K 177 -8.60 1.40 -71.48
CA HIS K 177 -8.65 2.86 -71.52
C HIS K 177 -7.46 3.46 -70.80
N PHE K 178 -7.11 2.91 -69.64
CA PHE K 178 -5.98 3.43 -68.88
C PHE K 178 -4.68 3.24 -69.65
N THR K 179 -4.52 2.11 -70.33
CA THR K 179 -3.32 1.85 -71.12
C THR K 179 -3.22 2.82 -72.30
N LYS K 180 -4.35 3.07 -72.97
CA LYS K 180 -4.35 4.05 -74.05
C LYS K 180 -3.98 5.43 -73.53
N LEU K 181 -4.53 5.81 -72.39
CA LEU K 181 -4.21 7.11 -71.79
C LEU K 181 -2.73 7.20 -71.44
N ALA K 182 -2.17 6.13 -70.87
CA ALA K 182 -0.76 6.13 -70.52
C ALA K 182 0.12 6.25 -71.75
N VAL K 183 -0.23 5.54 -72.82
CA VAL K 183 0.53 5.64 -74.07
C VAL K 183 0.48 7.06 -74.61
N GLU K 184 -0.71 7.66 -74.59
CA GLU K 184 -0.86 9.03 -75.07
C GLU K 184 0.01 9.99 -74.27
N ALA K 185 -0.02 9.86 -72.94
CA ALA K 185 0.77 10.76 -72.09
C ALA K 185 2.26 10.57 -72.32
N VAL K 186 2.72 9.32 -72.41
CA VAL K 186 4.14 9.05 -72.59
C VAL K 186 4.62 9.60 -73.92
N LEU K 187 3.84 9.40 -74.99
CA LEU K 187 4.25 9.94 -76.28
C LEU K 187 4.06 11.45 -76.36
N ARG K 188 3.24 12.03 -75.48
CA ARG K 188 3.15 13.49 -75.42
C ARG K 188 4.34 14.08 -74.68
N LEU K 189 4.97 13.32 -73.78
CA LEU K 189 6.21 13.77 -73.16
C LEU K 189 7.39 13.76 -74.12
N LYS K 190 7.23 13.18 -75.32
CA LYS K 190 8.31 13.05 -76.29
C LYS K 190 9.49 12.25 -75.73
N GLY K 191 9.19 11.26 -74.90
CA GLY K 191 10.22 10.40 -74.35
C GLY K 191 10.97 10.96 -73.16
N SER K 192 10.56 12.12 -72.64
CA SER K 192 11.25 12.71 -71.50
C SER K 192 10.82 12.02 -70.20
N GLY K 193 11.78 11.89 -69.29
CA GLY K 193 11.56 11.29 -68.00
C GLY K 193 11.12 12.26 -66.91
N ASN K 194 10.67 13.45 -67.28
CA ASN K 194 10.30 14.49 -66.32
C ASN K 194 8.97 14.11 -65.66
N LEU K 195 9.06 13.44 -64.52
CA LEU K 195 7.86 13.08 -63.77
C LEU K 195 7.16 14.31 -63.22
N GLU K 196 7.92 15.34 -62.84
CA GLU K 196 7.32 16.57 -62.34
C GLU K 196 6.49 17.27 -63.41
N ALA K 197 6.72 16.96 -64.68
CA ALA K 197 5.88 17.47 -65.76
C ALA K 197 4.51 16.81 -65.79
N ILE K 198 4.31 15.74 -65.01
CA ILE K 198 3.03 15.04 -64.95
C ILE K 198 2.39 15.31 -63.60
N HIS K 199 1.15 15.77 -63.62
CA HIS K 199 0.34 15.93 -62.42
C HIS K 199 -1.04 15.33 -62.66
N ILE K 200 -1.59 14.73 -61.61
CA ILE K 200 -2.92 14.14 -61.66
C ILE K 200 -3.72 14.69 -60.49
N ILE K 201 -4.94 15.15 -60.76
CA ILE K 201 -5.77 15.80 -59.76
C ILE K 201 -6.47 14.74 -58.93
N LYS K 202 -6.65 15.02 -57.64
CA LYS K 202 -7.42 14.18 -56.74
C LYS K 202 -8.70 14.93 -56.39
N LYS K 203 -9.73 14.79 -57.24
CA LYS K 203 -11.02 15.40 -57.00
C LYS K 203 -12.05 14.33 -56.71
N LEU K 204 -13.01 14.66 -55.85
CA LEU K 204 -13.94 13.68 -55.32
C LEU K 204 -15.23 13.68 -56.13
N GLY K 205 -15.77 12.49 -56.33
CA GLY K 205 -17.03 12.33 -57.05
C GLY K 205 -16.82 11.82 -58.46
N GLY K 206 -17.81 11.09 -58.96
CA GLY K 206 -17.78 10.54 -60.30
C GLY K 206 -17.35 9.09 -60.33
N SER K 207 -17.31 8.56 -61.55
CA SER K 207 -16.94 7.17 -61.79
C SER K 207 -15.57 7.11 -62.47
N LEU K 208 -14.80 6.08 -62.12
CA LEU K 208 -13.43 5.98 -62.59
C LEU K 208 -13.33 5.88 -64.11
N ALA K 209 -14.39 5.38 -64.77
CA ALA K 209 -14.38 5.30 -66.22
C ALA K 209 -14.38 6.67 -66.89
N ASP K 210 -14.86 7.71 -66.21
CA ASP K 210 -14.92 9.05 -66.77
C ASP K 210 -13.56 9.71 -66.87
N SER K 211 -12.51 9.08 -66.34
CA SER K 211 -11.18 9.69 -66.33
C SER K 211 -10.68 9.91 -67.75
N TYR K 212 -9.94 11.00 -67.94
CA TYR K 212 -9.43 11.36 -69.25
C TYR K 212 -8.17 12.20 -69.10
N LEU K 213 -7.34 12.19 -70.14
CA LEU K 213 -6.11 12.98 -70.20
C LEU K 213 -6.41 14.24 -70.99
N ASP K 214 -6.79 15.30 -70.28
CA ASP K 214 -7.06 16.58 -70.93
C ASP K 214 -5.74 17.25 -71.32
N GLU K 215 -5.74 17.91 -72.48
CA GLU K 215 -4.53 18.53 -72.99
C GLU K 215 -4.15 19.78 -72.22
N GLY K 216 -5.09 20.44 -71.58
CA GLY K 216 -4.85 21.69 -70.88
C GLY K 216 -4.42 21.47 -69.44
N PHE K 217 -4.91 22.32 -68.54
CA PHE K 217 -4.52 22.27 -67.15
C PHE K 217 -5.70 22.66 -66.27
N LEU K 218 -5.45 22.73 -64.97
CA LEU K 218 -6.45 23.16 -64.00
C LEU K 218 -5.76 24.02 -62.96
N LEU K 219 -6.37 25.15 -62.63
CA LEU K 219 -5.88 26.05 -61.60
C LEU K 219 -6.80 25.98 -60.38
N ASP K 220 -6.21 25.81 -59.21
CA ASP K 220 -6.96 25.71 -57.97
C ASP K 220 -7.00 27.03 -57.20
N LYS K 221 -6.56 28.12 -57.82
CA LYS K 221 -6.54 29.41 -57.16
C LYS K 221 -7.91 30.08 -57.27
N LYS K 222 -8.06 31.22 -56.60
CA LYS K 222 -9.33 31.92 -56.55
C LYS K 222 -9.24 33.22 -57.32
N ILE K 223 -10.37 33.60 -57.92
CA ILE K 223 -10.47 34.83 -58.69
C ILE K 223 -10.70 35.99 -57.72
N GLY K 224 -10.10 37.14 -58.05
CA GLY K 224 -10.21 38.31 -57.21
C GLY K 224 -11.61 38.89 -57.18
N VAL K 225 -11.76 39.93 -56.38
CA VAL K 225 -13.07 40.56 -56.21
C VAL K 225 -13.38 41.50 -57.36
N ASN K 226 -12.54 42.53 -57.55
CA ASN K 226 -12.73 43.45 -58.66
C ASN K 226 -12.13 42.95 -59.96
N GLN K 227 -11.30 41.91 -59.91
CA GLN K 227 -10.66 41.40 -61.10
C GLN K 227 -11.69 40.73 -62.01
N PRO K 228 -11.52 40.81 -63.33
CA PRO K 228 -12.43 40.10 -64.23
C PRO K 228 -12.35 38.60 -64.02
N LYS K 229 -13.49 37.94 -64.18
CA LYS K 229 -13.60 36.50 -63.96
C LYS K 229 -13.30 35.68 -65.19
N ARG K 230 -13.02 36.31 -66.34
CA ARG K 230 -12.76 35.57 -67.57
C ARG K 230 -11.88 36.44 -68.47
N ILE K 231 -10.64 35.99 -68.69
CA ILE K 231 -9.71 36.64 -69.60
C ILE K 231 -9.18 35.59 -70.57
N GLU K 232 -9.28 35.87 -71.86
CA GLU K 232 -8.95 34.92 -72.92
C GLU K 232 -7.74 35.39 -73.70
N ASN K 233 -6.89 34.44 -74.09
CA ASN K 233 -5.68 34.70 -74.86
C ASN K 233 -4.78 35.72 -74.16
N ALA K 234 -4.63 35.56 -72.85
CA ALA K 234 -3.79 36.47 -72.07
C ALA K 234 -2.33 36.06 -72.21
N LYS K 235 -1.46 36.70 -71.43
CA LYS K 235 -0.04 36.38 -71.41
C LYS K 235 0.33 35.91 -70.00
N ILE K 236 1.03 34.78 -69.92
CA ILE K 236 1.35 34.16 -68.64
C ILE K 236 2.58 34.83 -68.05
N LEU K 237 2.40 35.52 -66.93
CA LEU K 237 3.47 36.18 -66.22
C LEU K 237 3.63 35.55 -64.84
N ILE K 238 4.86 35.15 -64.51
CA ILE K 238 5.17 34.54 -63.23
C ILE K 238 6.23 35.38 -62.55
N ALA K 239 5.99 35.72 -61.28
CA ALA K 239 6.86 36.62 -60.55
C ALA K 239 7.22 36.04 -59.18
N ASN K 240 8.38 36.45 -58.69
CA ASN K 240 8.79 36.16 -57.32
C ASN K 240 8.59 37.37 -56.41
N THR K 241 8.01 38.44 -56.94
CA THR K 241 7.92 39.67 -56.17
C THR K 241 6.99 39.50 -54.98
N GLY K 242 7.47 39.93 -53.81
CA GLY K 242 6.70 39.81 -52.60
C GLY K 242 5.43 40.63 -52.66
N MET K 243 5.58 41.93 -52.94
CA MET K 243 4.49 42.91 -53.10
C MET K 243 3.44 42.79 -52.00
N ASP K 244 3.83 42.27 -50.83
CA ASP K 244 3.01 42.24 -49.64
C ASP K 244 3.85 42.72 -48.47
N THR K 245 3.27 43.59 -47.63
CA THR K 245 3.97 44.30 -46.56
C THR K 245 5.39 44.67 -46.97
N ASP K 246 5.49 45.32 -48.14
CA ASP K 246 6.79 45.57 -48.76
C ASP K 246 7.62 46.52 -47.91
N LYS K 247 8.83 46.07 -47.56
CA LYS K 247 9.77 46.87 -46.78
C LYS K 247 11.17 46.54 -47.23
N ILE K 248 12.09 47.48 -46.99
CA ILE K 248 13.48 47.26 -47.33
C ILE K 248 14.08 46.22 -46.39
N LYS K 249 15.02 45.44 -46.91
CA LYS K 249 15.65 44.38 -46.13
C LYS K 249 16.53 44.91 -45.01
N ILE K 250 16.83 46.21 -44.99
CA ILE K 250 17.66 46.78 -43.94
C ILE K 250 16.82 46.89 -42.67
N PHE K 251 17.20 46.12 -41.65
CA PHE K 251 16.50 46.12 -40.36
C PHE K 251 17.08 47.13 -39.38
N GLY K 252 18.11 47.87 -39.76
CA GLY K 252 18.77 48.82 -38.89
C GLY K 252 18.18 50.21 -38.88
N SER K 253 17.06 50.43 -39.56
CA SER K 253 16.43 51.75 -39.66
C SER K 253 15.08 51.71 -38.95
N ARG K 254 14.83 52.71 -38.11
CA ARG K 254 13.58 52.82 -37.36
C ARG K 254 13.05 54.24 -37.46
N VAL K 255 11.76 54.39 -37.18
CA VAL K 255 11.09 55.69 -37.25
C VAL K 255 11.13 56.32 -35.88
N ARG K 256 11.89 57.41 -35.74
CA ARG K 256 11.96 58.21 -34.52
C ARG K 256 11.62 59.65 -34.92
N VAL K 257 10.34 59.97 -34.93
CA VAL K 257 9.86 61.27 -35.40
C VAL K 257 9.27 62.04 -34.23
N ASP K 258 9.14 63.35 -34.42
CA ASP K 258 8.57 64.25 -33.43
C ASP K 258 7.19 64.76 -33.80
N SER K 259 6.60 64.23 -34.87
CA SER K 259 5.28 64.67 -35.31
C SER K 259 4.66 63.59 -36.17
N THR K 260 3.34 63.45 -36.04
CA THR K 260 2.60 62.47 -36.84
C THR K 260 2.55 62.84 -38.32
N ALA K 261 2.84 64.11 -38.66
CA ALA K 261 2.90 64.49 -40.06
C ALA K 261 3.99 63.74 -40.79
N LYS K 262 5.13 63.50 -40.12
CA LYS K 262 6.19 62.72 -40.73
C LYS K 262 5.72 61.29 -41.03
N VAL K 263 5.00 60.68 -40.09
CA VAL K 263 4.50 59.32 -40.30
C VAL K 263 3.49 59.29 -41.45
N ALA K 264 2.62 60.30 -41.51
CA ALA K 264 1.65 60.36 -42.61
C ALA K 264 2.35 60.53 -43.95
N GLU K 265 3.38 61.38 -44.00
CA GLU K 265 4.14 61.54 -45.24
C GLU K 265 4.84 60.24 -45.62
N ILE K 266 5.38 59.52 -44.63
CA ILE K 266 6.01 58.23 -44.90
C ILE K 266 5.00 57.26 -45.50
N GLU K 267 3.80 57.19 -44.90
CA GLU K 267 2.78 56.29 -45.42
C GLU K 267 2.37 56.68 -46.85
N HIS K 268 2.28 57.97 -47.11
CA HIS K 268 2.07 58.43 -48.48
C HIS K 268 3.20 57.96 -49.38
N ALA K 269 4.42 57.92 -48.85
CA ALA K 269 5.55 57.43 -49.64
C ALA K 269 5.39 55.95 -49.99
N GLU K 270 5.00 55.12 -49.02
CA GLU K 270 4.82 53.70 -49.37
C GLU K 270 3.65 53.50 -50.32
N LYS K 271 2.57 54.26 -50.17
CA LYS K 271 1.46 54.07 -51.11
C LYS K 271 1.84 54.54 -52.51
N GLU K 272 2.63 55.62 -52.60
CA GLU K 272 3.12 56.06 -53.91
C GLU K 272 4.06 55.02 -54.52
N LYS K 273 4.92 54.40 -53.69
CA LYS K 273 5.81 53.36 -54.21
C LYS K 273 5.02 52.12 -54.65
N MET K 274 3.93 51.81 -53.94
CA MET K 274 3.03 50.76 -54.40
C MET K 274 2.42 51.11 -55.75
N LYS K 275 2.01 52.37 -55.93
CA LYS K 275 1.46 52.79 -57.22
C LYS K 275 2.51 52.67 -58.33
N GLU K 276 3.76 53.06 -58.03
CA GLU K 276 4.83 52.92 -59.01
C GLU K 276 5.08 51.46 -59.35
N LYS K 277 5.05 50.58 -58.35
CA LYS K 277 5.25 49.16 -58.60
C LYS K 277 4.12 48.59 -59.45
N VAL K 278 2.89 49.01 -59.18
CA VAL K 278 1.75 48.55 -59.98
C VAL K 278 1.88 49.03 -61.41
N GLU K 279 2.32 50.27 -61.60
CA GLU K 279 2.56 50.78 -62.95
C GLU K 279 3.64 49.99 -63.65
N ARG K 280 4.70 49.63 -62.92
CA ARG K 280 5.76 48.81 -63.50
C ARG K 280 5.23 47.44 -63.91
N ILE K 281 4.34 46.87 -63.09
CA ILE K 281 3.72 45.59 -63.44
C ILE K 281 2.89 45.73 -64.72
N LEU K 282 2.10 46.80 -64.81
CA LEU K 282 1.15 46.94 -65.90
C LEU K 282 1.82 47.33 -67.21
N LYS K 283 2.97 48.00 -67.14
CA LYS K 283 3.62 48.46 -68.37
C LYS K 283 4.18 47.31 -69.21
N HIS K 284 4.25 46.11 -68.66
CA HIS K 284 4.73 44.95 -69.42
C HIS K 284 3.73 44.43 -70.43
N GLY K 285 2.49 44.89 -70.39
CA GLY K 285 1.46 44.39 -71.28
C GLY K 285 0.99 43.01 -70.88
N ILE K 286 0.38 42.90 -69.70
CA ILE K 286 -0.04 41.63 -69.15
C ILE K 286 -1.55 41.63 -68.92
N ASN K 287 -2.12 40.44 -68.89
CA ASN K 287 -3.52 40.26 -68.52
C ASN K 287 -3.75 39.14 -67.51
N CYS K 288 -2.83 38.18 -67.40
CA CYS K 288 -2.89 37.14 -66.38
C CYS K 288 -1.55 37.12 -65.64
N PHE K 289 -1.59 37.31 -64.33
CA PHE K 289 -0.39 37.41 -63.51
C PHE K 289 -0.39 36.29 -62.47
N ILE K 290 0.72 35.58 -62.37
CA ILE K 290 0.88 34.47 -61.45
C ILE K 290 1.92 34.83 -60.40
N ASN K 291 1.56 34.67 -59.13
CA ASN K 291 2.43 35.03 -58.02
C ASN K 291 2.53 33.88 -57.03
N ARG K 292 3.69 33.75 -56.40
CA ARG K 292 3.88 32.80 -55.32
C ARG K 292 3.29 33.27 -54.00
N GLN K 293 3.34 34.57 -53.73
CA GLN K 293 2.94 35.11 -52.43
C GLN K 293 1.53 35.68 -52.50
N LEU K 294 1.07 36.17 -51.34
CA LEU K 294 -0.28 36.71 -51.21
C LEU K 294 -0.39 38.08 -51.87
N ILE K 295 -1.62 38.52 -52.07
CA ILE K 295 -1.92 39.80 -52.70
C ILE K 295 -2.85 40.59 -51.78
N TYR K 296 -2.53 41.86 -51.56
CA TYR K 296 -3.32 42.71 -50.68
C TYR K 296 -4.49 43.32 -51.43
N ASN K 297 -5.25 44.18 -50.73
CA ASN K 297 -6.46 44.77 -51.28
C ASN K 297 -6.17 45.85 -52.32
N TYR K 298 -5.16 46.68 -52.08
CA TYR K 298 -4.83 47.73 -53.04
C TYR K 298 -4.34 47.17 -54.37
N PRO K 299 -3.41 46.21 -54.44
CA PRO K 299 -3.03 45.67 -55.76
C PRO K 299 -4.18 45.04 -56.51
N GLU K 300 -5.06 44.29 -55.81
CA GLU K 300 -6.17 43.66 -56.51
C GLU K 300 -7.20 44.69 -56.98
N GLN K 301 -7.43 45.74 -56.19
CA GLN K 301 -8.32 46.80 -56.62
C GLN K 301 -7.77 47.51 -57.84
N LEU K 302 -6.47 47.80 -57.86
CA LEU K 302 -5.86 48.45 -59.02
C LEU K 302 -5.91 47.55 -60.24
N PHE K 303 -5.69 46.25 -60.05
CA PHE K 303 -5.76 45.31 -61.17
C PHE K 303 -7.18 45.20 -61.71
N GLY K 304 -8.18 45.20 -60.83
CA GLY K 304 -9.55 45.21 -61.28
C GLY K 304 -9.90 46.50 -62.03
N ALA K 305 -9.34 47.62 -61.58
CA ALA K 305 -9.45 48.85 -62.37
C ALA K 305 -8.67 48.74 -63.67
N ALA K 306 -7.54 48.02 -63.66
CA ALA K 306 -6.73 47.81 -64.84
C ALA K 306 -7.19 46.63 -65.68
N GLY K 307 -8.12 45.83 -65.18
CA GLY K 307 -8.63 44.68 -65.93
C GLY K 307 -7.58 43.62 -66.22
N VAL K 308 -6.80 43.25 -65.21
CA VAL K 308 -5.74 42.26 -65.35
C VAL K 308 -5.94 41.17 -64.30
N MET K 309 -5.96 39.92 -64.75
CA MET K 309 -6.11 38.79 -63.83
C MET K 309 -4.85 38.65 -62.98
N ALA K 310 -5.05 38.25 -61.72
CA ALA K 310 -3.95 38.00 -60.79
C ALA K 310 -4.13 36.63 -60.17
N ILE K 311 -3.06 35.84 -60.16
CA ILE K 311 -3.04 34.51 -59.56
C ILE K 311 -1.98 34.49 -58.47
N GLU K 312 -2.37 34.06 -57.28
CA GLU K 312 -1.49 34.04 -56.12
C GLU K 312 -1.37 32.62 -55.60
N HIS K 313 -0.35 32.42 -54.75
CA HIS K 313 -0.11 31.14 -54.07
C HIS K 313 0.06 29.99 -55.06
N ALA K 314 0.92 30.20 -56.05
CA ALA K 314 1.31 29.17 -57.00
C ALA K 314 2.77 28.81 -56.72
N ASP K 315 3.00 27.56 -56.31
CA ASP K 315 4.30 27.16 -55.82
C ASP K 315 5.32 27.10 -56.96
N PHE K 316 6.59 26.96 -56.59
CA PHE K 316 7.68 27.03 -57.57
C PHE K 316 7.63 25.88 -58.57
N ALA K 317 7.28 24.67 -58.12
CA ALA K 317 7.25 23.53 -59.03
C ALA K 317 6.17 23.69 -60.09
N GLY K 318 4.98 24.12 -59.66
CA GLY K 318 3.89 24.29 -60.59
C GLY K 318 4.17 25.35 -61.64
N VAL K 319 4.67 26.51 -61.20
CA VAL K 319 4.95 27.58 -62.15
C VAL K 319 6.12 27.20 -63.06
N GLU K 320 7.10 26.47 -62.54
CA GLU K 320 8.21 26.02 -63.38
C GLU K 320 7.72 25.06 -64.45
N ARG K 321 6.85 24.11 -64.09
CA ARG K 321 6.28 23.21 -65.08
C ARG K 321 5.41 23.96 -66.08
N LEU K 322 4.67 24.96 -65.62
CA LEU K 322 3.86 25.77 -66.53
C LEU K 322 4.74 26.51 -67.53
N ALA K 323 5.87 27.06 -67.07
CA ALA K 323 6.80 27.71 -67.98
C ALA K 323 7.40 26.71 -68.96
N LEU K 324 7.71 25.50 -68.49
CA LEU K 324 8.27 24.48 -69.37
C LEU K 324 7.27 24.10 -70.46
N VAL K 325 5.99 24.01 -70.11
CA VAL K 325 4.99 23.54 -71.06
C VAL K 325 4.39 24.65 -71.93
N THR K 326 4.49 25.91 -71.50
CA THR K 326 3.82 27.01 -72.18
C THR K 326 4.79 27.99 -72.82
N GLY K 327 5.72 28.55 -72.05
CA GLY K 327 6.66 29.51 -72.60
C GLY K 327 6.86 30.75 -71.74
N GLY K 328 6.29 30.77 -70.55
CA GLY K 328 6.44 31.89 -69.64
C GLY K 328 7.80 31.87 -68.95
N GLU K 329 7.98 32.85 -68.07
CA GLU K 329 9.23 32.97 -67.32
C GLU K 329 8.94 33.53 -65.93
N ILE K 330 9.78 33.14 -64.98
CA ILE K 330 9.69 33.64 -63.62
C ILE K 330 10.51 34.92 -63.51
N ALA K 331 9.97 35.94 -62.87
CA ALA K 331 10.58 37.26 -62.85
C ALA K 331 10.62 37.82 -61.44
N SER K 332 11.52 38.79 -61.22
CA SER K 332 11.55 39.56 -59.99
C SER K 332 11.79 41.04 -60.19
N THR K 333 12.28 41.47 -61.35
CA THR K 333 12.48 42.88 -61.65
C THR K 333 11.62 43.25 -62.85
N PHE K 334 10.73 44.24 -62.66
CA PHE K 334 9.75 44.62 -63.66
C PHE K 334 10.15 45.87 -64.43
N ASP K 335 11.41 46.27 -64.34
CA ASP K 335 11.94 47.35 -65.17
C ASP K 335 12.41 46.86 -66.52
N HIS K 336 12.24 45.57 -66.82
CA HIS K 336 12.68 44.97 -68.08
C HIS K 336 11.50 44.23 -68.70
N PRO K 337 10.53 44.96 -69.26
CA PRO K 337 9.40 44.28 -69.92
C PRO K 337 9.82 43.41 -71.09
N GLU K 338 10.87 43.81 -71.82
CA GLU K 338 11.34 43.07 -72.98
C GLU K 338 12.20 41.87 -72.62
N LEU K 339 12.72 41.80 -71.40
CA LEU K 339 13.59 40.72 -70.98
C LEU K 339 12.85 39.67 -70.15
N VAL K 340 11.53 39.74 -70.09
CA VAL K 340 10.72 38.77 -69.35
C VAL K 340 9.88 38.02 -70.38
N LYS K 341 9.96 36.69 -70.34
CA LYS K 341 9.25 35.85 -71.30
C LYS K 341 7.85 35.52 -70.79
N LEU K 342 6.90 35.47 -71.71
CA LEU K 342 5.51 35.15 -71.40
C LEU K 342 5.04 33.99 -72.27
N GLY K 343 4.09 33.23 -71.74
CA GLY K 343 3.55 32.08 -72.45
C GLY K 343 2.39 32.44 -73.35
N SER K 344 1.85 31.41 -74.00
CA SER K 344 0.70 31.54 -74.88
C SER K 344 -0.39 30.58 -74.42
N CYS K 345 -1.58 31.12 -74.20
CA CYS K 345 -2.72 30.35 -73.73
C CYS K 345 -3.90 30.53 -74.66
N LYS K 346 -4.80 29.55 -74.64
CA LYS K 346 -5.97 29.55 -75.52
C LYS K 346 -7.28 29.55 -74.75
N LEU K 347 -7.43 28.70 -73.74
CA LEU K 347 -8.69 28.59 -73.02
C LEU K 347 -8.43 28.60 -71.52
N ILE K 348 -9.04 29.57 -70.84
CA ILE K 348 -9.08 29.60 -69.38
C ILE K 348 -10.51 29.89 -68.97
N GLU K 349 -11.08 29.02 -68.15
CA GLU K 349 -12.48 29.15 -67.73
C GLU K 349 -12.64 28.47 -66.37
N GLU K 350 -13.89 28.39 -65.91
CA GLU K 350 -14.22 27.70 -64.68
C GLU K 350 -15.09 26.50 -64.99
N VAL K 351 -14.90 25.42 -64.23
CA VAL K 351 -15.70 24.22 -64.35
C VAL K 351 -16.22 23.83 -62.98
N MET K 352 -17.48 23.41 -62.94
CA MET K 352 -18.12 22.96 -61.71
C MET K 352 -18.37 21.47 -61.82
N ILE K 353 -17.65 20.70 -61.00
CA ILE K 353 -17.81 19.25 -60.94
C ILE K 353 -18.27 18.93 -59.52
N GLY K 354 -19.53 18.53 -59.38
CA GLY K 354 -20.09 18.31 -58.06
C GLY K 354 -20.51 19.60 -57.40
N GLU K 355 -19.72 20.04 -56.42
CA GLU K 355 -20.03 21.24 -55.64
C GLU K 355 -18.78 22.11 -55.45
N ASP K 356 -17.74 21.87 -56.24
CA ASP K 356 -16.49 22.60 -56.13
C ASP K 356 -16.18 23.30 -57.44
N LYS K 357 -15.64 24.51 -57.33
CA LYS K 357 -15.31 25.33 -58.49
C LYS K 357 -13.83 25.16 -58.81
N LEU K 358 -13.53 24.91 -60.08
CA LEU K 358 -12.16 24.72 -60.55
C LEU K 358 -11.92 25.58 -61.78
N ILE K 359 -10.78 26.26 -61.79
CA ILE K 359 -10.39 27.08 -62.94
C ILE K 359 -9.77 26.14 -63.98
N HIS K 360 -10.46 25.97 -65.11
CA HIS K 360 -10.02 25.06 -66.14
C HIS K 360 -9.13 25.76 -67.15
N PHE K 361 -8.04 25.09 -67.52
CA PHE K 361 -7.08 25.59 -68.51
C PHE K 361 -7.03 24.63 -69.68
N SER K 362 -6.85 25.19 -70.88
CA SER K 362 -6.79 24.39 -72.09
C SER K 362 -6.01 25.15 -73.15
N GLY K 363 -5.64 24.43 -74.21
CA GLY K 363 -4.92 25.03 -75.32
C GLY K 363 -3.46 25.28 -75.01
N VAL K 364 -2.70 24.22 -74.81
CA VAL K 364 -1.27 24.35 -74.51
C VAL K 364 -0.50 24.66 -75.78
N ALA K 365 0.68 25.25 -75.61
CA ALA K 365 1.54 25.61 -76.73
C ALA K 365 2.50 24.48 -77.08
N LEU K 366 3.29 24.02 -76.11
CA LEU K 366 4.27 22.96 -76.32
C LEU K 366 3.71 21.57 -76.03
N GLY K 367 2.85 21.43 -75.04
CA GLY K 367 2.27 20.15 -74.72
C GLY K 367 3.21 19.17 -74.04
N GLU K 368 4.26 19.67 -73.38
CA GLU K 368 5.21 18.80 -72.69
C GLU K 368 4.81 18.62 -71.22
N ALA K 369 3.58 18.17 -71.04
CA ALA K 369 3.05 17.89 -69.71
C ALA K 369 1.89 16.90 -69.85
N CYS K 370 1.54 16.27 -68.73
CA CYS K 370 0.45 15.30 -68.69
C CYS K 370 -0.41 15.57 -67.48
N THR K 371 -1.68 15.90 -67.70
CA THR K 371 -2.66 16.08 -66.64
C THR K 371 -3.85 15.18 -66.92
N ILE K 372 -4.28 14.44 -65.91
CA ILE K 372 -5.37 13.48 -66.03
C ILE K 372 -6.41 13.77 -64.96
N VAL K 373 -7.66 13.87 -65.36
CA VAL K 373 -8.77 14.02 -64.42
C VAL K 373 -9.15 12.65 -63.90
N LEU K 374 -9.40 12.55 -62.59
CA LEU K 374 -9.75 11.30 -61.95
C LEU K 374 -11.04 11.49 -61.18
N ARG K 375 -12.05 10.68 -61.50
CA ARG K 375 -13.34 10.73 -60.81
C ARG K 375 -13.40 9.63 -59.74
N GLY K 376 -12.54 9.76 -58.75
CA GLY K 376 -12.50 8.77 -57.69
C GLY K 376 -13.68 8.91 -56.75
N ALA K 377 -14.22 7.76 -56.32
CA ALA K 377 -15.33 7.76 -55.39
C ALA K 377 -14.91 8.30 -54.02
N THR K 378 -13.76 7.85 -53.52
CA THR K 378 -13.24 8.26 -52.23
C THR K 378 -11.80 8.73 -52.40
N GLN K 379 -11.23 9.24 -51.31
CA GLN K 379 -9.84 9.70 -51.35
C GLN K 379 -8.88 8.55 -51.56
N GLN K 380 -9.14 7.41 -50.92
CA GLN K 380 -8.20 6.29 -50.97
C GLN K 380 -8.21 5.60 -52.33
N ILE K 381 -9.39 5.42 -52.93
CA ILE K 381 -9.46 4.88 -54.28
C ILE K 381 -8.77 5.82 -55.25
N LEU K 382 -8.90 7.12 -55.02
CA LEU K 382 -8.12 8.08 -55.80
C LEU K 382 -6.63 7.80 -55.68
N ASP K 383 -6.13 7.78 -54.43
CA ASP K 383 -4.70 7.55 -54.19
C ASP K 383 -4.22 6.30 -54.91
N GLU K 384 -5.02 5.23 -54.86
CA GLU K 384 -4.67 4.03 -55.61
C GLU K 384 -4.61 4.31 -57.11
N ALA K 385 -5.55 5.12 -57.62
CA ALA K 385 -5.57 5.42 -59.05
C ALA K 385 -4.30 6.18 -59.47
N GLU K 386 -3.92 7.21 -58.71
CA GLU K 386 -2.69 7.93 -59.07
C GLU K 386 -1.46 7.04 -58.91
N ARG K 387 -1.43 6.18 -57.89
CA ARG K 387 -0.28 5.30 -57.73
C ARG K 387 -0.14 4.35 -58.92
N SER K 388 -1.26 3.75 -59.35
CA SER K 388 -1.22 2.86 -60.49
C SER K 388 -0.84 3.60 -61.77
N LEU K 389 -1.38 4.80 -61.97
CA LEU K 389 -1.04 5.57 -63.16
C LEU K 389 0.44 5.93 -63.16
N HIS K 390 0.97 6.33 -61.99
CA HIS K 390 2.39 6.66 -61.91
C HIS K 390 3.27 5.44 -62.20
N ASP K 391 2.89 4.28 -61.67
CA ASP K 391 3.65 3.07 -61.95
C ASP K 391 3.61 2.74 -63.44
N ALA K 392 2.44 2.89 -64.07
CA ALA K 392 2.33 2.64 -65.50
C ALA K 392 3.20 3.60 -66.31
N LEU K 393 3.17 4.88 -65.95
CA LEU K 393 4.00 5.85 -66.65
C LEU K 393 5.48 5.55 -66.47
N CYS K 394 5.88 5.16 -65.26
CA CYS K 394 7.28 4.85 -65.00
C CYS K 394 7.73 3.64 -65.81
N VAL K 395 6.91 2.59 -65.85
CA VAL K 395 7.32 1.39 -66.58
C VAL K 395 7.33 1.66 -68.08
N LEU K 396 6.40 2.49 -68.57
CA LEU K 396 6.44 2.87 -69.98
C LEU K 396 7.69 3.67 -70.31
N ALA K 397 8.07 4.61 -69.43
CA ALA K 397 9.29 5.38 -69.65
C ALA K 397 10.52 4.49 -69.63
N GLN K 398 10.56 3.53 -68.71
CA GLN K 398 11.69 2.61 -68.65
C GLN K 398 11.77 1.74 -69.91
N THR K 399 10.62 1.27 -70.40
CA THR K 399 10.61 0.51 -71.64
C THR K 399 11.06 1.39 -72.81
N VAL K 400 10.71 2.68 -72.76
CA VAL K 400 11.20 3.60 -73.78
C VAL K 400 12.73 3.68 -73.73
N LYS K 401 13.29 3.82 -72.53
CA LYS K 401 14.74 3.90 -72.40
C LYS K 401 15.40 2.59 -72.83
N ASP K 402 14.85 1.46 -72.40
CA ASP K 402 15.35 0.13 -72.77
C ASP K 402 14.17 -0.72 -73.23
N SER K 403 14.15 -1.08 -74.51
CA SER K 403 13.01 -1.75 -75.10
C SER K 403 13.16 -3.27 -75.13
N ARG K 404 14.22 -3.83 -74.53
CA ARG K 404 14.31 -5.27 -74.40
C ARG K 404 13.20 -5.77 -73.49
N THR K 405 12.55 -6.86 -73.90
CA THR K 405 11.41 -7.41 -73.17
C THR K 405 11.54 -8.91 -73.04
N VAL K 406 10.81 -9.46 -72.07
CA VAL K 406 10.69 -10.90 -71.88
C VAL K 406 9.24 -11.22 -71.54
N TYR K 407 8.95 -12.51 -71.42
CA TYR K 407 7.61 -13.00 -71.15
C TYR K 407 7.59 -13.57 -69.73
N GLY K 408 6.87 -12.89 -68.84
CA GLY K 408 6.83 -13.30 -67.45
C GLY K 408 5.52 -13.93 -67.04
N GLY K 409 4.93 -13.45 -65.95
CA GLY K 409 3.72 -14.06 -65.43
C GLY K 409 3.91 -15.50 -65.02
N GLY K 410 5.09 -15.82 -64.50
CA GLY K 410 5.43 -17.18 -64.15
C GLY K 410 6.17 -17.96 -65.23
N CYS K 411 6.01 -17.57 -66.49
CA CYS K 411 6.71 -18.27 -67.57
C CYS K 411 8.21 -18.08 -67.46
N SER K 412 8.66 -16.83 -67.35
CA SER K 412 10.08 -16.57 -67.12
C SER K 412 10.53 -17.18 -65.80
N GLU K 413 9.66 -17.14 -64.80
CA GLU K 413 9.99 -17.70 -63.49
C GLU K 413 10.32 -19.18 -63.61
N MET K 414 9.47 -19.93 -64.31
CA MET K 414 9.75 -21.33 -64.55
C MET K 414 10.94 -21.53 -65.49
N LEU K 415 11.24 -20.53 -66.32
CA LEU K 415 12.46 -20.62 -67.14
C LEU K 415 13.70 -20.62 -66.25
N MET K 416 13.78 -19.67 -65.30
CA MET K 416 14.88 -19.71 -64.35
C MET K 416 14.85 -20.98 -63.52
N ALA K 417 13.66 -21.44 -63.15
CA ALA K 417 13.55 -22.69 -62.40
C ALA K 417 14.18 -23.84 -63.16
N HIS K 418 13.87 -23.96 -64.45
CA HIS K 418 14.44 -25.02 -65.27
C HIS K 418 15.95 -24.89 -65.39
N ALA K 419 16.43 -23.66 -65.62
CA ALA K 419 17.87 -23.47 -65.78
C ALA K 419 18.62 -23.88 -64.52
N VAL K 420 18.16 -23.40 -63.36
CA VAL K 420 18.81 -23.76 -62.10
C VAL K 420 18.64 -25.24 -61.80
N THR K 421 17.54 -25.85 -62.26
CA THR K 421 17.34 -27.27 -62.06
C THR K 421 18.39 -28.09 -62.81
N GLN K 422 18.61 -27.77 -64.09
CA GLN K 422 19.67 -28.47 -64.82
C GLN K 422 21.03 -28.19 -64.21
N LEU K 423 21.27 -26.95 -63.76
CA LEU K 423 22.57 -26.66 -63.15
C LEU K 423 22.78 -27.50 -61.90
N ALA K 424 21.75 -27.64 -61.06
CA ALA K 424 21.86 -28.46 -59.86
C ALA K 424 22.08 -29.92 -60.22
N ASN K 425 21.35 -30.42 -61.22
CA ASN K 425 21.48 -31.82 -61.60
C ASN K 425 22.84 -32.12 -62.23
N ARG K 426 23.53 -31.12 -62.78
CA ARG K 426 24.80 -31.35 -63.44
C ARG K 426 26.01 -31.05 -62.55
N THR K 427 25.80 -30.83 -61.26
CA THR K 427 26.93 -30.66 -60.34
C THR K 427 26.63 -31.31 -59.01
N PRO K 428 27.65 -31.86 -58.34
CA PRO K 428 27.44 -32.41 -56.98
C PRO K 428 27.71 -31.38 -55.89
N GLY K 429 27.61 -31.81 -54.64
CA GLY K 429 27.96 -30.98 -53.51
C GLY K 429 26.77 -30.24 -52.92
N LYS K 430 26.99 -29.71 -51.71
CA LYS K 430 25.96 -28.92 -51.03
C LYS K 430 25.66 -27.62 -51.76
N GLU K 431 26.57 -27.17 -52.63
CA GLU K 431 26.31 -26.02 -53.48
C GLU K 431 25.09 -26.25 -54.35
N ALA K 432 24.98 -27.44 -54.95
CA ALA K 432 23.83 -27.78 -55.75
C ALA K 432 22.55 -27.78 -54.92
N VAL K 433 22.62 -28.30 -53.68
CA VAL K 433 21.45 -28.31 -52.81
C VAL K 433 21.01 -26.89 -52.48
N ALA K 434 21.98 -26.03 -52.17
CA ALA K 434 21.65 -24.64 -51.84
C ALA K 434 20.98 -23.95 -53.02
N MET K 435 21.51 -24.14 -54.23
CA MET K 435 20.88 -23.48 -55.37
C MET K 435 19.59 -24.18 -55.79
N GLU K 436 19.39 -25.44 -55.40
CA GLU K 436 18.08 -26.04 -55.60
C GLU K 436 17.04 -25.44 -54.67
N SER K 437 17.42 -25.13 -53.42
CA SER K 437 16.53 -24.38 -52.55
C SER K 437 16.26 -22.99 -53.10
N TYR K 438 17.30 -22.35 -53.63
CA TYR K 438 17.14 -21.12 -54.42
C TYR K 438 16.01 -21.27 -55.44
N ALA K 439 16.16 -22.22 -56.36
CA ALA K 439 15.17 -22.41 -57.42
C ALA K 439 13.80 -22.75 -56.85
N LYS K 440 13.76 -23.45 -55.71
CA LYS K 440 12.46 -23.78 -55.13
C LYS K 440 11.75 -22.53 -54.63
N ALA K 441 12.50 -21.59 -54.05
CA ALA K 441 11.90 -20.30 -53.69
C ALA K 441 11.46 -19.54 -54.95
N LEU K 442 12.29 -19.57 -56.00
CA LEU K 442 11.91 -18.96 -57.26
C LEU K 442 10.55 -19.50 -57.73
N ARG K 443 10.38 -20.82 -57.68
CA ARG K 443 9.12 -21.44 -58.06
C ARG K 443 8.00 -21.13 -57.06
N MET K 444 8.35 -20.87 -55.80
CA MET K 444 7.35 -20.58 -54.79
C MET K 444 6.77 -19.17 -54.95
N LEU K 445 7.49 -18.29 -55.64
CA LEU K 445 6.89 -16.99 -55.95
C LEU K 445 5.60 -17.11 -56.77
N PRO K 446 5.55 -17.87 -57.87
CA PRO K 446 4.26 -18.09 -58.54
C PRO K 446 3.24 -18.78 -57.68
N THR K 447 3.64 -19.47 -56.61
CA THR K 447 2.66 -20.02 -55.68
C THR K 447 1.78 -18.91 -55.13
N ILE K 448 2.40 -17.83 -54.62
CA ILE K 448 1.63 -16.67 -54.18
C ILE K 448 0.92 -16.02 -55.35
N ILE K 449 1.61 -15.93 -56.50
CA ILE K 449 1.00 -15.28 -57.67
C ILE K 449 -0.34 -15.91 -58.00
N ALA K 450 -0.41 -17.24 -57.99
CA ALA K 450 -1.63 -17.94 -58.37
C ALA K 450 -2.59 -18.11 -57.22
N ASP K 451 -2.07 -18.18 -55.98
CA ASP K 451 -2.95 -18.35 -54.82
C ASP K 451 -3.57 -17.05 -54.36
N ASN K 452 -3.19 -15.92 -54.94
CA ASN K 452 -4.00 -14.72 -54.78
C ASN K 452 -5.37 -14.89 -55.44
N ALA K 453 -5.53 -15.90 -56.29
CA ALA K 453 -6.81 -16.21 -56.92
C ALA K 453 -7.37 -17.56 -56.49
N GLY K 454 -6.64 -18.33 -55.69
CA GLY K 454 -7.10 -19.65 -55.29
C GLY K 454 -6.97 -20.72 -56.34
N TYR K 455 -5.95 -20.63 -57.19
CA TYR K 455 -5.73 -21.61 -58.24
C TYR K 455 -4.78 -22.70 -57.78
N ASP K 456 -4.68 -23.76 -58.58
CA ASP K 456 -3.77 -24.85 -58.28
C ASP K 456 -2.33 -24.43 -58.50
N SER K 457 -1.43 -24.95 -57.67
CA SER K 457 -0.01 -24.60 -57.74
C SER K 457 0.82 -25.69 -58.42
N ALA K 458 0.79 -26.90 -57.87
CA ALA K 458 1.71 -27.95 -58.33
C ALA K 458 1.40 -28.38 -59.76
N ASP K 459 0.12 -28.49 -60.11
CA ASP K 459 -0.25 -28.88 -61.46
C ASP K 459 0.27 -27.87 -62.47
N LEU K 460 0.11 -26.57 -62.18
CA LEU K 460 0.59 -25.55 -63.09
C LEU K 460 2.11 -25.52 -63.14
N VAL K 461 2.76 -25.78 -62.01
CA VAL K 461 4.23 -25.85 -62.00
C VAL K 461 4.71 -26.95 -62.92
N ALA K 462 4.09 -28.14 -62.82
CA ALA K 462 4.47 -29.26 -63.67
C ALA K 462 4.17 -28.96 -65.13
N GLN K 463 3.02 -28.34 -65.41
CA GLN K 463 2.65 -28.01 -66.78
C GLN K 463 3.65 -27.06 -67.40
N LEU K 464 4.01 -25.99 -66.69
CA LEU K 464 4.99 -25.06 -67.20
C LEU K 464 6.37 -25.69 -67.31
N ARG K 465 6.70 -26.61 -66.39
CA ARG K 465 7.97 -27.33 -66.49
C ARG K 465 8.02 -28.14 -67.78
N ALA K 466 6.95 -28.86 -68.09
CA ALA K 466 6.91 -29.62 -69.34
C ALA K 466 6.97 -28.68 -70.55
N ALA K 467 6.22 -27.58 -70.50
CA ALA K 467 6.20 -26.65 -71.63
C ALA K 467 7.58 -26.08 -71.90
N HIS K 468 8.31 -25.70 -70.83
CA HIS K 468 9.68 -25.24 -71.01
C HIS K 468 10.60 -26.38 -71.41
N SER K 469 10.25 -27.62 -71.06
CA SER K 469 11.01 -28.77 -71.52
C SER K 469 10.93 -28.91 -73.03
N GLU K 470 9.74 -28.69 -73.61
CA GLU K 470 9.69 -28.64 -75.07
C GLU K 470 10.32 -27.36 -75.63
N GLY K 471 10.64 -26.39 -74.78
CA GLY K 471 11.25 -25.16 -75.21
C GLY K 471 10.33 -23.96 -75.27
N ASN K 472 9.11 -24.08 -74.77
CA ASN K 472 8.15 -22.98 -74.83
C ASN K 472 8.52 -21.94 -73.78
N THR K 473 9.38 -21.00 -74.16
CA THR K 473 9.73 -19.87 -73.32
C THR K 473 8.65 -18.79 -73.31
N THR K 474 7.45 -19.10 -73.82
CA THR K 474 6.33 -18.18 -73.84
C THR K 474 5.11 -18.75 -73.11
N ALA K 475 5.22 -19.93 -72.52
CA ALA K 475 4.09 -20.60 -71.89
C ALA K 475 3.98 -20.15 -70.44
N GLY K 476 2.95 -19.36 -70.13
CA GLY K 476 2.73 -18.88 -68.79
C GLY K 476 1.27 -19.06 -68.38
N LEU K 477 1.01 -18.75 -67.10
CA LEU K 477 -0.32 -18.92 -66.55
C LEU K 477 -1.23 -17.77 -66.98
N ASP K 478 -2.53 -18.08 -67.02
CA ASP K 478 -3.58 -17.10 -67.32
C ASP K 478 -4.59 -17.13 -66.19
N MET K 479 -4.80 -15.97 -65.56
CA MET K 479 -5.70 -15.92 -64.41
C MET K 479 -7.14 -16.19 -64.79
N ARG K 480 -7.49 -15.96 -66.06
CA ARG K 480 -8.86 -16.20 -66.50
C ARG K 480 -9.23 -17.67 -66.42
N GLU K 481 -8.33 -18.55 -66.85
CA GLU K 481 -8.60 -19.98 -66.90
C GLU K 481 -7.65 -20.82 -66.07
N GLY K 482 -6.54 -20.27 -65.60
CA GLY K 482 -5.61 -21.06 -64.83
C GLY K 482 -4.82 -22.08 -65.63
N THR K 483 -4.68 -21.86 -66.94
CA THR K 483 -3.96 -22.77 -67.80
C THR K 483 -2.77 -22.06 -68.45
N ILE K 484 -2.13 -22.77 -69.37
CA ILE K 484 -0.99 -22.20 -70.09
C ILE K 484 -1.50 -21.36 -71.26
N GLY K 485 -0.59 -20.56 -71.81
CA GLY K 485 -0.93 -19.73 -72.96
C GLY K 485 0.32 -19.08 -73.50
N ASP K 486 0.14 -18.38 -74.62
CA ASP K 486 1.22 -17.61 -75.22
C ASP K 486 1.16 -16.18 -74.68
N MET K 487 2.10 -15.85 -73.79
CA MET K 487 2.15 -14.50 -73.22
C MET K 487 2.26 -13.43 -74.30
N ALA K 488 2.94 -13.74 -75.42
CA ALA K 488 2.95 -12.81 -76.54
C ALA K 488 1.55 -12.62 -77.10
N ILE K 489 0.83 -13.72 -77.32
CA ILE K 489 -0.55 -13.63 -77.78
C ILE K 489 -1.45 -13.08 -76.67
N LEU K 490 -1.28 -13.60 -75.45
CA LEU K 490 -2.12 -13.17 -74.34
C LEU K 490 -1.80 -11.77 -73.85
N GLY K 491 -0.70 -11.17 -74.31
CA GLY K 491 -0.37 -9.80 -73.99
C GLY K 491 0.39 -9.60 -72.69
N ILE K 492 0.64 -10.66 -71.93
CA ILE K 492 1.42 -10.54 -70.69
C ILE K 492 2.89 -10.44 -71.10
N THR K 493 3.42 -9.23 -71.11
CA THR K 493 4.82 -8.99 -71.47
C THR K 493 5.47 -8.15 -70.38
N GLU K 494 6.76 -8.40 -70.15
CA GLU K 494 7.51 -7.74 -69.10
C GLU K 494 8.83 -7.23 -69.66
N SER K 495 9.29 -6.10 -69.13
CA SER K 495 10.54 -5.52 -69.57
C SER K 495 11.71 -6.40 -69.15
N PHE K 496 12.62 -6.66 -70.09
CA PHE K 496 13.81 -7.45 -69.78
C PHE K 496 14.66 -6.77 -68.71
N GLN K 497 14.89 -5.46 -68.85
CA GLN K 497 15.76 -4.76 -67.91
C GLN K 497 15.19 -4.78 -66.50
N VAL K 498 13.88 -4.56 -66.36
CA VAL K 498 13.26 -4.54 -65.05
C VAL K 498 13.41 -5.90 -64.37
N LYS K 499 13.12 -6.97 -65.10
CA LYS K 499 13.21 -8.31 -64.53
C LYS K 499 14.64 -8.65 -64.16
N ARG K 500 15.60 -8.34 -65.03
CA ARG K 500 17.00 -8.64 -64.73
C ARG K 500 17.46 -7.88 -63.50
N GLN K 501 17.07 -6.61 -63.39
CA GLN K 501 17.41 -5.82 -62.21
C GLN K 501 16.79 -6.43 -60.96
N VAL K 502 15.54 -6.88 -61.05
CA VAL K 502 14.88 -7.50 -59.89
C VAL K 502 15.65 -8.73 -59.45
N LEU K 503 15.99 -9.61 -60.40
CA LEU K 503 16.69 -10.84 -60.05
C LEU K 503 18.05 -10.53 -59.42
N LEU K 504 18.82 -9.65 -60.06
CA LEU K 504 20.16 -9.34 -59.56
C LEU K 504 20.09 -8.68 -58.18
N SER K 505 19.15 -7.76 -57.98
CA SER K 505 19.02 -7.09 -56.69
C SER K 505 18.62 -8.07 -55.61
N ALA K 506 17.71 -9.00 -55.92
CA ALA K 506 17.31 -10.00 -54.94
C ALA K 506 18.50 -10.86 -54.54
N ALA K 507 19.27 -11.31 -55.54
CA ALA K 507 20.44 -12.14 -55.23
C ALA K 507 21.46 -11.36 -54.39
N GLU K 508 21.70 -10.10 -54.75
CA GLU K 508 22.68 -9.30 -54.02
C GLU K 508 22.24 -9.05 -52.59
N ALA K 509 20.96 -8.73 -52.38
CA ALA K 509 20.46 -8.50 -51.03
C ALA K 509 20.52 -9.78 -50.19
N ALA K 510 20.19 -10.92 -50.80
CA ALA K 510 20.31 -12.18 -50.08
C ALA K 510 21.75 -12.44 -49.68
N GLU K 511 22.69 -12.22 -50.61
CA GLU K 511 24.10 -12.42 -50.30
C GLU K 511 24.54 -11.50 -49.18
N VAL K 512 24.09 -10.25 -49.19
CA VAL K 512 24.44 -9.31 -48.14
C VAL K 512 23.92 -9.78 -46.80
N ILE K 513 22.68 -10.24 -46.75
CA ILE K 513 22.09 -10.65 -45.48
C ILE K 513 22.78 -11.89 -44.93
N LEU K 514 23.05 -12.88 -45.80
CA LEU K 514 23.68 -14.11 -45.31
C LEU K 514 25.09 -13.90 -44.80
N ARG K 515 25.73 -12.77 -45.08
CA ARG K 515 27.10 -12.58 -44.63
C ARG K 515 27.20 -12.04 -43.21
N VAL K 516 26.09 -11.76 -42.55
CA VAL K 516 26.08 -11.27 -41.18
C VAL K 516 25.82 -12.45 -40.24
N ASP K 517 26.64 -12.58 -39.21
CA ASP K 517 26.52 -13.71 -38.28
C ASP K 517 25.98 -13.31 -36.91
N ASN K 518 26.56 -12.29 -36.29
CA ASN K 518 26.23 -11.91 -34.92
C ASN K 518 25.65 -10.50 -34.89
N ILE K 519 24.61 -10.31 -34.09
CA ILE K 519 24.00 -9.01 -33.87
C ILE K 519 24.09 -8.71 -32.38
N ILE K 520 24.66 -7.54 -32.05
CA ILE K 520 24.84 -7.12 -30.68
C ILE K 520 24.00 -5.87 -30.45
N LYS K 521 23.32 -5.81 -29.31
CA LYS K 521 22.44 -4.70 -28.96
C LYS K 521 23.01 -3.97 -27.75
N ALA K 522 23.08 -2.64 -27.86
CA ALA K 522 23.51 -1.81 -26.73
C ALA K 522 22.34 -1.65 -25.76
N ALA K 523 22.49 -0.78 -24.78
CA ALA K 523 21.43 -0.54 -23.82
C ALA K 523 20.26 0.16 -24.50
N PRO K 524 19.04 -0.38 -24.40
CA PRO K 524 17.89 0.31 -25.00
C PRO K 524 17.64 1.65 -24.33
N ARG K 525 17.21 2.63 -25.13
CA ARG K 525 16.98 3.97 -24.59
C ARG K 525 15.67 4.04 -23.81
N LYS K 526 14.67 3.26 -24.21
CA LYS K 526 13.39 3.24 -23.50
C LYS K 526 13.51 2.53 -22.17
N ARG L 1 -11.11 -35.69 -61.85
CA ARG L 1 -10.43 -34.53 -61.30
C ARG L 1 -10.37 -34.61 -59.78
N GLY L 2 -10.83 -33.56 -59.11
CA GLY L 2 -10.84 -33.53 -57.66
C GLY L 2 -10.44 -32.20 -57.04
N LYS L 3 -9.61 -32.25 -56.02
CA LYS L 3 -9.30 -31.07 -55.23
C LYS L 3 -8.52 -30.03 -56.05
N GLY L 4 -8.64 -28.77 -55.64
CA GLY L 4 -7.94 -27.68 -56.30
C GLY L 4 -6.88 -27.04 -55.44
N ALA L 5 -7.19 -25.90 -54.85
CA ALA L 5 -6.26 -25.16 -53.99
C ALA L 5 -6.63 -25.34 -52.53
N TYR L 6 -5.62 -25.56 -51.69
CA TYR L 6 -5.87 -25.88 -50.28
C TYR L 6 -6.39 -24.66 -49.51
N GLN L 7 -5.90 -23.46 -49.86
CA GLN L 7 -6.30 -22.21 -49.20
C GLN L 7 -6.03 -22.27 -47.69
N ASP L 8 -4.74 -22.34 -47.36
CA ASP L 8 -4.34 -22.54 -45.97
C ASP L 8 -4.51 -21.27 -45.13
N ARG L 9 -4.23 -20.10 -45.71
CA ARG L 9 -4.21 -18.86 -44.94
C ARG L 9 -5.62 -18.28 -44.83
N ASP L 10 -6.00 -17.86 -43.61
CA ASP L 10 -7.37 -17.41 -43.37
C ASP L 10 -7.52 -16.16 -42.50
N LYS L 11 -6.48 -15.70 -41.81
CA LYS L 11 -6.64 -14.58 -40.88
C LYS L 11 -7.10 -13.27 -41.54
N PRO L 12 -6.54 -12.83 -42.67
CA PRO L 12 -7.05 -11.59 -43.27
C PRO L 12 -8.53 -11.63 -43.58
N ALA L 13 -9.09 -12.82 -43.84
CA ALA L 13 -10.53 -12.92 -44.05
C ALA L 13 -11.29 -12.44 -42.82
N GLN L 14 -10.95 -12.98 -41.64
CA GLN L 14 -11.67 -12.59 -40.43
C GLN L 14 -11.37 -11.14 -40.05
N ILE L 15 -10.18 -10.64 -40.41
CA ILE L 15 -9.92 -9.21 -40.23
C ILE L 15 -10.87 -8.39 -41.09
N ARG L 16 -11.11 -8.83 -42.33
CA ARG L 16 -12.06 -8.14 -43.19
C ARG L 16 -13.47 -8.24 -42.61
N PHE L 17 -13.80 -9.36 -41.96
CA PHE L 17 -15.09 -9.47 -41.29
C PHE L 17 -15.20 -8.42 -40.19
N SER L 18 -14.12 -8.20 -39.44
CA SER L 18 -14.13 -7.17 -38.41
C SER L 18 -14.35 -5.79 -39.02
N ASN L 19 -13.70 -5.53 -40.16
CA ASN L 19 -13.91 -4.26 -40.84
C ASN L 19 -15.37 -4.09 -41.27
N ILE L 20 -15.97 -5.15 -41.81
CA ILE L 20 -17.38 -5.11 -42.19
C ILE L 20 -18.27 -4.87 -40.98
N SER L 21 -17.90 -5.46 -39.84
CA SER L 21 -18.69 -5.27 -38.63
C SER L 21 -18.66 -3.82 -38.19
N ALA L 22 -17.49 -3.19 -38.25
CA ALA L 22 -17.40 -1.76 -37.94
C ALA L 22 -18.23 -0.94 -38.93
N ALA L 23 -18.16 -1.30 -40.22
CA ALA L 23 -18.92 -0.57 -41.23
C ALA L 23 -20.42 -0.66 -40.97
N LYS L 24 -20.91 -1.85 -40.62
CA LYS L 24 -22.31 -2.00 -40.25
C LYS L 24 -22.67 -1.30 -38.95
N ALA L 25 -21.76 -1.25 -37.98
CA ALA L 25 -22.04 -0.46 -36.79
C ALA L 25 -22.33 0.99 -37.18
N VAL L 26 -21.45 1.57 -38.00
CA VAL L 26 -21.69 2.93 -38.47
C VAL L 26 -22.98 3.00 -39.29
N ALA L 27 -23.21 2.02 -40.16
CA ALA L 27 -24.35 2.06 -41.07
C ALA L 27 -25.67 2.03 -40.31
N ASP L 28 -25.83 1.11 -39.36
CA ASP L 28 -27.10 1.04 -38.66
C ASP L 28 -27.21 2.12 -37.60
N ALA L 29 -26.09 2.74 -37.22
CA ALA L 29 -26.19 3.98 -36.46
C ALA L 29 -26.71 5.12 -37.33
N ILE L 30 -26.47 5.05 -38.64
CA ILE L 30 -26.91 6.11 -39.55
C ILE L 30 -28.33 5.87 -40.08
N ARG L 31 -28.76 4.62 -40.14
CA ARG L 31 -29.88 4.22 -41.01
C ARG L 31 -31.16 5.00 -40.73
N THR L 32 -31.43 5.31 -39.47
CA THR L 32 -32.79 5.65 -39.06
C THR L 32 -33.34 6.92 -39.73
N SER L 33 -32.49 7.88 -40.08
CA SER L 33 -32.96 9.22 -40.41
C SER L 33 -33.41 9.36 -41.86
N LEU L 34 -33.83 8.28 -42.50
CA LEU L 34 -34.20 8.30 -43.91
C LEU L 34 -35.72 8.42 -44.05
N GLY L 35 -36.15 9.39 -44.87
CA GLY L 35 -37.55 9.52 -45.22
C GLY L 35 -38.35 10.37 -44.25
N PRO L 36 -39.50 10.88 -44.71
CA PRO L 36 -40.38 11.63 -43.80
C PRO L 36 -40.88 10.78 -42.65
N LYS L 37 -41.18 9.51 -42.90
CA LYS L 37 -41.59 8.57 -41.87
C LYS L 37 -40.46 8.22 -40.92
N GLY L 38 -39.22 8.58 -41.28
CA GLY L 38 -38.06 8.20 -40.50
C GLY L 38 -37.80 9.10 -39.32
N MET L 39 -36.92 8.62 -38.45
CA MET L 39 -36.56 9.30 -37.21
C MET L 39 -35.05 9.50 -37.18
N ASP L 40 -34.63 10.60 -36.54
CA ASP L 40 -33.22 10.97 -36.54
C ASP L 40 -32.36 9.87 -35.91
N LYS L 41 -31.04 10.05 -36.01
CA LYS L 41 -30.07 8.99 -35.78
C LYS L 41 -29.94 8.68 -34.29
N MET L 42 -28.91 7.91 -33.93
CA MET L 42 -28.60 7.65 -32.51
C MET L 42 -27.08 7.51 -32.40
N ILE L 43 -26.39 8.63 -32.17
CA ILE L 43 -24.93 8.65 -32.12
C ILE L 43 -24.46 9.77 -31.19
N GLN L 44 -23.62 9.42 -30.21
CA GLN L 44 -23.03 10.40 -29.31
C GLN L 44 -21.52 10.43 -29.51
N ASP L 45 -20.97 11.64 -29.56
CA ASP L 45 -19.54 11.82 -29.73
C ASP L 45 -18.79 11.44 -28.46
N GLY L 46 -17.62 10.83 -28.64
CA GLY L 46 -16.78 10.52 -27.50
C GLY L 46 -16.26 11.76 -26.80
N LYS L 47 -15.81 12.76 -27.57
CA LYS L 47 -15.38 14.02 -26.99
C LYS L 47 -16.52 14.75 -26.31
N GLY L 48 -17.71 14.75 -26.92
CA GLY L 48 -18.87 15.40 -26.37
C GLY L 48 -19.56 16.37 -27.30
N ASP L 49 -19.05 16.56 -28.51
CA ASP L 49 -19.69 17.48 -29.45
C ASP L 49 -21.06 16.96 -29.84
N VAL L 50 -22.00 17.87 -30.02
CA VAL L 50 -23.40 17.52 -30.28
C VAL L 50 -23.88 18.24 -31.53
N THR L 51 -24.57 17.51 -32.40
CA THR L 51 -25.36 18.09 -33.48
C THR L 51 -26.69 17.37 -33.52
N ILE L 52 -27.68 18.01 -34.14
CA ILE L 52 -29.05 17.51 -34.19
C ILE L 52 -29.65 17.88 -35.55
N THR L 53 -29.97 16.87 -36.35
CA THR L 53 -30.39 17.12 -37.73
C THR L 53 -31.02 15.84 -38.27
N ASN L 54 -31.47 15.92 -39.52
CA ASN L 54 -32.07 14.79 -40.22
C ASN L 54 -31.33 14.42 -41.49
N ASP L 55 -30.46 15.29 -42.02
CA ASP L 55 -29.63 14.98 -43.17
C ASP L 55 -28.44 14.15 -42.72
N GLY L 56 -28.20 13.04 -43.41
CA GLY L 56 -27.24 12.07 -42.91
C GLY L 56 -25.81 12.58 -42.86
N ALA L 57 -25.36 13.24 -43.93
CA ALA L 57 -23.95 13.58 -44.04
C ALA L 57 -23.49 14.50 -42.92
N THR L 58 -24.41 15.27 -42.33
CA THR L 58 -24.05 16.03 -41.13
C THR L 58 -23.62 15.09 -40.00
N ILE L 59 -24.40 14.04 -39.75
CA ILE L 59 -24.00 13.04 -38.77
C ILE L 59 -22.71 12.37 -39.21
N LEU L 60 -22.56 12.08 -40.50
CA LEU L 60 -21.30 11.53 -41.00
C LEU L 60 -20.13 12.42 -40.60
N LYS L 61 -20.33 13.73 -40.62
CA LYS L 61 -19.31 14.65 -40.17
C LYS L 61 -19.21 14.72 -38.64
N GLN L 62 -20.24 14.24 -37.92
CA GLN L 62 -20.13 14.21 -36.46
C GLN L 62 -19.03 13.26 -36.00
N MET L 63 -19.06 12.02 -36.47
CA MET L 63 -18.25 10.97 -35.86
C MET L 63 -16.76 11.23 -36.04
N GLN L 64 -16.00 11.00 -34.96
CA GLN L 64 -14.55 10.94 -34.99
C GLN L 64 -14.20 9.50 -34.67
N VAL L 65 -14.20 8.65 -35.68
CA VAL L 65 -14.11 7.22 -35.50
C VAL L 65 -12.70 6.76 -35.85
N LEU L 66 -12.38 5.54 -35.42
CA LEU L 66 -11.05 4.97 -35.58
C LEU L 66 -10.90 4.16 -36.86
N HIS L 67 -11.85 3.29 -37.16
CA HIS L 67 -11.69 2.35 -38.26
C HIS L 67 -11.65 3.09 -39.60
N PRO L 68 -10.68 2.82 -40.46
CA PRO L 68 -10.63 3.51 -41.76
C PRO L 68 -11.84 3.25 -42.63
N ALA L 69 -12.49 2.08 -42.49
CA ALA L 69 -13.66 1.79 -43.30
C ALA L 69 -14.77 2.79 -43.02
N ALA L 70 -14.99 3.12 -41.75
CA ALA L 70 -15.99 4.13 -41.42
C ALA L 70 -15.63 5.49 -42.00
N ARG L 71 -14.34 5.85 -41.92
CA ARG L 71 -13.89 7.13 -42.47
C ARG L 71 -14.15 7.20 -43.96
N MET L 72 -13.86 6.12 -44.69
CA MET L 72 -14.10 6.14 -46.13
C MET L 72 -15.57 6.01 -46.48
N LEU L 73 -16.39 5.44 -45.61
CA LEU L 73 -17.85 5.57 -45.79
C LEU L 73 -18.29 7.01 -45.65
N VAL L 74 -17.70 7.74 -44.70
CA VAL L 74 -17.98 9.17 -44.60
C VAL L 74 -17.57 9.88 -45.87
N GLU L 75 -16.41 9.52 -46.41
CA GLU L 75 -15.96 10.09 -47.69
C GLU L 75 -16.95 9.78 -48.79
N LEU L 76 -17.47 8.54 -48.83
CA LEU L 76 -18.45 8.16 -49.83
C LEU L 76 -19.71 9.02 -49.73
N SER L 77 -20.21 9.18 -48.50
CA SER L 77 -21.43 9.96 -48.31
C SER L 77 -21.22 11.41 -48.72
N LYS L 78 -20.10 12.01 -48.32
CA LYS L 78 -19.88 13.41 -48.68
C LYS L 78 -19.64 13.56 -50.18
N ALA L 79 -18.99 12.57 -50.81
CA ALA L 79 -18.82 12.61 -52.25
C ALA L 79 -20.17 12.56 -52.97
N GLN L 80 -21.06 11.69 -52.51
CA GLN L 80 -22.39 11.64 -53.12
C GLN L 80 -23.15 12.94 -52.91
N ASP L 81 -23.04 13.53 -51.72
CA ASP L 81 -23.68 14.82 -51.46
C ASP L 81 -23.13 15.90 -52.38
N ILE L 82 -21.82 15.91 -52.61
CA ILE L 82 -21.22 16.87 -53.54
C ILE L 82 -21.73 16.64 -54.95
N GLU L 83 -21.81 15.37 -55.37
CA GLU L 83 -22.14 15.08 -56.76
C GLU L 83 -23.59 15.43 -57.09
N ALA L 84 -24.55 14.85 -56.40
CA ALA L 84 -25.97 15.05 -56.71
C ALA L 84 -26.68 15.89 -55.65
N GLY L 85 -26.59 15.50 -54.38
CA GLY L 85 -27.18 16.25 -53.28
C GLY L 85 -28.36 15.58 -52.61
N ASP L 86 -28.77 14.41 -53.09
CA ASP L 86 -29.91 13.70 -52.53
C ASP L 86 -29.60 12.21 -52.45
N GLY L 87 -30.32 11.51 -51.57
CA GLY L 87 -30.10 10.08 -51.42
C GLY L 87 -28.84 9.71 -50.67
N THR L 88 -28.16 10.68 -50.05
CA THR L 88 -26.91 10.38 -49.37
C THR L 88 -27.13 9.39 -48.23
N THR L 89 -28.23 9.56 -47.48
CA THR L 89 -28.55 8.61 -46.43
C THR L 89 -28.77 7.21 -46.98
N SER L 90 -29.38 7.11 -48.17
CA SER L 90 -29.59 5.80 -48.78
C SER L 90 -28.28 5.11 -49.12
N VAL L 91 -27.30 5.89 -49.59
CA VAL L 91 -26.05 5.31 -50.07
C VAL L 91 -25.34 4.54 -48.96
N VAL L 92 -25.27 5.12 -47.76
CA VAL L 92 -24.59 4.47 -46.65
C VAL L 92 -25.28 3.17 -46.27
N ILE L 93 -26.63 3.19 -46.23
CA ILE L 93 -27.39 2.01 -45.87
C ILE L 93 -27.16 0.90 -46.89
N ILE L 94 -27.20 1.26 -48.18
CA ILE L 94 -26.93 0.28 -49.23
C ILE L 94 -25.53 -0.30 -49.06
N ALA L 95 -24.55 0.55 -48.77
CA ALA L 95 -23.17 0.09 -48.62
C ALA L 95 -23.06 -0.92 -47.48
N GLY L 96 -23.69 -0.61 -46.34
CA GLY L 96 -23.63 -1.53 -45.22
C GLY L 96 -24.29 -2.86 -45.53
N SER L 97 -25.47 -2.81 -46.15
CA SER L 97 -26.14 -4.05 -46.51
C SER L 97 -25.29 -4.88 -47.47
N LEU L 98 -24.64 -4.22 -48.44
CA LEU L 98 -23.77 -4.94 -49.36
C LEU L 98 -22.60 -5.57 -48.62
N LEU L 99 -22.06 -4.87 -47.62
CA LEU L 99 -20.96 -5.43 -46.86
C LEU L 99 -21.39 -6.68 -46.09
N ASP L 100 -22.59 -6.66 -45.51
CA ASP L 100 -23.10 -7.86 -44.87
C ASP L 100 -23.32 -8.99 -45.88
N SER L 101 -23.79 -8.64 -47.07
CA SER L 101 -23.92 -9.66 -48.12
C SER L 101 -22.57 -10.27 -48.45
N CYS L 102 -21.54 -9.44 -48.55
CA CYS L 102 -20.19 -9.94 -48.82
C CYS L 102 -19.73 -10.86 -47.71
N THR L 103 -20.03 -10.51 -46.46
CA THR L 103 -19.80 -11.41 -45.33
C THR L 103 -20.41 -12.78 -45.59
N LYS L 104 -21.74 -12.80 -45.80
CA LYS L 104 -22.42 -14.07 -46.03
C LYS L 104 -21.81 -14.86 -47.19
N LEU L 105 -21.48 -14.19 -48.30
CA LEU L 105 -20.89 -14.90 -49.43
C LEU L 105 -19.51 -15.45 -49.08
N LEU L 106 -18.78 -14.79 -48.19
CA LEU L 106 -17.47 -15.34 -47.85
C LEU L 106 -17.62 -16.54 -46.92
N GLN L 107 -18.64 -16.55 -46.06
CA GLN L 107 -18.99 -17.85 -45.46
C GLN L 107 -19.45 -18.86 -46.49
N LYS L 108 -20.06 -18.43 -47.59
CA LYS L 108 -20.37 -19.39 -48.66
C LYS L 108 -19.12 -19.90 -49.36
N GLY L 109 -17.97 -19.26 -49.13
CA GLY L 109 -16.73 -19.71 -49.73
C GLY L 109 -16.51 -19.11 -51.11
N ILE L 110 -16.76 -17.82 -51.25
CA ILE L 110 -16.63 -17.13 -52.53
C ILE L 110 -15.48 -16.15 -52.40
N HIS L 111 -14.56 -16.19 -53.35
CA HIS L 111 -13.36 -15.36 -53.26
C HIS L 111 -13.73 -13.88 -53.38
N PRO L 112 -13.10 -13.01 -52.60
CA PRO L 112 -13.45 -11.58 -52.65
C PRO L 112 -13.31 -10.96 -54.03
N THR L 113 -12.31 -11.36 -54.82
CA THR L 113 -12.17 -10.82 -56.16
C THR L 113 -13.35 -11.22 -57.05
N ILE L 114 -13.79 -12.48 -56.93
CA ILE L 114 -14.96 -12.93 -57.66
C ILE L 114 -16.19 -12.15 -57.21
N ILE L 115 -16.30 -11.90 -55.91
CA ILE L 115 -17.41 -11.11 -55.40
C ILE L 115 -17.39 -9.72 -56.02
N SER L 116 -16.21 -9.10 -56.09
CA SER L 116 -16.10 -7.74 -56.63
C SER L 116 -16.49 -7.71 -58.11
N GLU L 117 -15.99 -8.66 -58.90
CA GLU L 117 -16.34 -8.65 -60.32
C GLU L 117 -17.82 -8.95 -60.52
N SER L 118 -18.38 -9.83 -59.70
CA SER L 118 -19.81 -10.10 -59.76
C SER L 118 -20.61 -8.85 -59.44
N PHE L 119 -20.18 -8.10 -58.42
CA PHE L 119 -20.84 -6.86 -58.07
C PHE L 119 -20.75 -5.85 -59.20
N GLN L 120 -19.61 -5.79 -59.90
CA GLN L 120 -19.47 -4.86 -61.02
C GLN L 120 -20.42 -5.22 -62.15
N LYS L 121 -20.51 -6.50 -62.50
CA LYS L 121 -21.44 -6.91 -63.55
C LYS L 121 -22.88 -6.65 -63.15
N ALA L 122 -23.21 -6.92 -61.87
CA ALA L 122 -24.56 -6.66 -61.39
C ALA L 122 -24.86 -5.16 -61.40
N LEU L 123 -23.85 -4.33 -61.10
CA LEU L 123 -23.99 -2.89 -61.26
C LEU L 123 -24.32 -2.51 -62.69
N GLU L 124 -23.62 -3.12 -63.65
CA GLU L 124 -23.90 -2.81 -65.05
C GLU L 124 -25.35 -3.14 -65.40
N LYS L 125 -25.79 -4.34 -65.02
CA LYS L 125 -27.17 -4.72 -65.33
C LYS L 125 -28.17 -3.82 -64.63
N GLY L 126 -27.93 -3.52 -63.35
CA GLY L 126 -28.87 -2.69 -62.60
C GLY L 126 -28.93 -1.27 -63.10
N ILE L 127 -27.78 -0.71 -63.49
CA ILE L 127 -27.79 0.64 -64.02
C ILE L 127 -28.49 0.66 -65.37
N GLU L 128 -28.36 -0.41 -66.16
CA GLU L 128 -29.13 -0.51 -67.40
C GLU L 128 -30.63 -0.49 -67.10
N ILE L 129 -31.06 -1.28 -66.11
CA ILE L 129 -32.48 -1.31 -65.75
C ILE L 129 -32.95 0.05 -65.26
N LEU L 130 -32.15 0.70 -64.42
CA LEU L 130 -32.53 2.00 -63.88
C LEU L 130 -32.66 3.04 -64.98
N THR L 131 -31.72 3.04 -65.94
CA THR L 131 -31.84 3.95 -67.08
C THR L 131 -33.06 3.62 -67.92
N ASP L 132 -33.39 2.33 -68.03
CA ASP L 132 -34.57 1.93 -68.79
C ASP L 132 -35.85 2.46 -68.17
N MET L 133 -35.94 2.41 -66.83
CA MET L 133 -37.21 2.76 -66.18
C MET L 133 -37.54 4.24 -66.32
N SER L 134 -36.53 5.11 -66.23
CA SER L 134 -36.78 6.54 -66.18
C SER L 134 -37.28 7.06 -67.53
N ARG L 135 -37.90 8.24 -67.49
CA ARG L 135 -38.44 8.92 -68.67
C ARG L 135 -38.05 10.38 -68.63
N PRO L 136 -37.92 11.02 -69.80
CA PRO L 136 -37.50 12.41 -69.84
C PRO L 136 -38.67 13.37 -69.65
N VAL L 137 -38.31 14.63 -69.34
CA VAL L 137 -39.28 15.71 -69.17
C VAL L 137 -38.75 16.95 -69.87
N GLU L 138 -39.56 18.01 -69.83
CA GLU L 138 -39.19 19.29 -70.41
C GLU L 138 -38.60 20.21 -69.35
N LEU L 139 -37.89 21.25 -69.81
CA LEU L 139 -37.36 22.24 -68.87
C LEU L 139 -38.41 23.25 -68.45
N SER L 140 -39.55 23.30 -69.15
CA SER L 140 -40.61 24.25 -68.83
C SER L 140 -41.68 23.66 -67.93
N ASP L 141 -41.53 22.40 -67.51
CA ASP L 141 -42.52 21.75 -66.65
C ASP L 141 -42.25 22.15 -65.21
N ARG L 142 -42.88 23.24 -64.76
CA ARG L 142 -42.61 23.75 -63.43
C ARG L 142 -43.10 22.77 -62.36
N GLU L 143 -44.19 22.05 -62.64
CA GLU L 143 -44.69 21.09 -61.66
C GLU L 143 -43.69 19.98 -61.40
N THR L 144 -42.85 19.65 -62.38
CA THR L 144 -41.77 18.69 -62.13
C THR L 144 -40.81 19.22 -61.07
N LEU L 145 -40.41 20.48 -61.19
CA LEU L 145 -39.53 21.07 -60.18
C LEU L 145 -40.22 21.17 -58.83
N LEU L 146 -41.51 21.49 -58.82
CA LEU L 146 -42.25 21.56 -57.57
C LEU L 146 -42.30 20.20 -56.89
N ASN L 147 -42.57 19.14 -57.65
CA ASN L 147 -42.59 17.80 -57.08
C ASN L 147 -41.20 17.40 -56.59
N SER L 148 -40.16 17.75 -57.34
CA SER L 148 -38.80 17.42 -56.91
C SER L 148 -38.45 18.11 -55.60
N ALA L 149 -38.78 19.40 -55.48
CA ALA L 149 -38.52 20.13 -54.24
C ALA L 149 -39.34 19.56 -53.09
N THR L 150 -40.60 19.22 -53.35
CA THR L 150 -41.45 18.65 -52.31
C THR L 150 -40.89 17.32 -51.82
N THR L 151 -40.43 16.48 -52.75
CA THR L 151 -39.81 15.22 -52.36
C THR L 151 -38.53 15.45 -51.57
N SER L 152 -37.72 16.41 -51.99
CA SER L 152 -36.48 16.70 -51.27
C SER L 152 -36.76 17.23 -49.87
N LEU L 153 -37.89 17.90 -49.67
CA LEU L 153 -38.19 18.51 -48.38
C LEU L 153 -38.99 17.60 -47.45
N ASN L 154 -39.78 16.66 -47.99
CA ASN L 154 -40.63 15.83 -47.14
C ASN L 154 -39.82 15.03 -46.14
N SER L 155 -38.72 14.43 -46.58
CA SER L 155 -37.91 13.60 -45.70
C SER L 155 -37.24 14.41 -44.59
N LYS L 156 -37.18 15.73 -44.74
CA LYS L 156 -36.43 16.55 -43.80
C LYS L 156 -37.38 17.24 -42.82
N VAL L 157 -36.83 18.15 -42.02
CA VAL L 157 -37.58 18.69 -40.88
C VAL L 157 -38.83 19.44 -41.35
N VAL L 158 -38.78 20.00 -42.56
CA VAL L 158 -39.95 20.70 -43.09
C VAL L 158 -40.84 19.68 -43.81
N SER L 159 -41.66 18.97 -43.05
CA SER L 159 -42.51 17.92 -43.61
C SER L 159 -43.90 18.44 -43.96
N GLN L 160 -44.63 18.94 -42.97
CA GLN L 160 -45.94 19.52 -43.25
C GLN L 160 -45.81 20.80 -44.06
N TYR L 161 -44.79 21.60 -43.78
CA TYR L 161 -44.58 22.85 -44.52
C TYR L 161 -43.85 22.63 -45.83
N SER L 162 -43.47 21.39 -46.15
CA SER L 162 -42.84 21.12 -47.45
C SER L 162 -43.75 21.55 -48.59
N SER L 163 -45.04 21.21 -48.52
CA SER L 163 -45.99 21.68 -49.51
C SER L 163 -46.07 23.20 -49.49
N LEU L 164 -46.08 23.79 -48.30
CA LEU L 164 -46.10 25.25 -48.19
C LEU L 164 -44.83 25.87 -48.76
N LEU L 165 -43.66 25.34 -48.38
CA LEU L 165 -42.41 25.99 -48.76
C LEU L 165 -42.02 25.72 -50.20
N SER L 166 -42.56 24.67 -50.82
CA SER L 166 -42.15 24.31 -52.18
C SER L 166 -42.32 25.46 -53.18
N PRO L 167 -43.47 26.15 -53.26
CA PRO L 167 -43.59 27.24 -54.26
C PRO L 167 -42.59 28.36 -54.04
N MET L 168 -42.54 28.92 -52.82
CA MET L 168 -41.63 30.03 -52.56
C MET L 168 -40.17 29.60 -52.71
N SER L 169 -39.83 28.41 -52.23
CA SER L 169 -38.46 27.94 -52.35
C SER L 169 -38.07 27.77 -53.82
N VAL L 170 -38.95 27.20 -54.63
CA VAL L 170 -38.64 27.02 -56.05
C VAL L 170 -38.51 28.37 -56.74
N ASN L 171 -39.42 29.30 -56.42
CA ASN L 171 -39.35 30.63 -57.01
C ASN L 171 -38.03 31.32 -56.67
N ALA L 172 -37.58 31.15 -55.42
CA ALA L 172 -36.26 31.64 -55.07
C ALA L 172 -35.16 30.88 -55.80
N VAL L 173 -35.43 29.62 -56.15
CA VAL L 173 -34.44 28.83 -56.91
C VAL L 173 -34.20 29.47 -58.27
N MET L 174 -35.27 29.82 -59.00
CA MET L 174 -35.01 30.46 -60.28
C MET L 174 -34.44 31.87 -60.15
N LYS L 175 -34.46 32.47 -58.97
CA LYS L 175 -33.94 33.83 -58.82
C LYS L 175 -32.42 33.89 -58.95
N VAL L 176 -31.71 32.85 -58.52
CA VAL L 176 -30.25 32.85 -58.54
C VAL L 176 -29.67 32.12 -59.73
N ILE L 177 -30.51 31.57 -60.61
CA ILE L 177 -30.06 30.78 -61.76
C ILE L 177 -30.77 31.28 -63.01
N ASP L 178 -30.21 30.91 -64.16
CA ASP L 178 -30.87 31.15 -65.43
C ASP L 178 -31.64 29.89 -65.81
N PRO L 179 -32.98 29.93 -65.83
CA PRO L 179 -33.75 28.71 -66.10
C PRO L 179 -33.77 28.35 -67.58
N ALA L 180 -32.91 28.98 -68.38
CA ALA L 180 -32.87 28.74 -69.81
C ALA L 180 -31.52 28.25 -70.32
N THR L 181 -30.42 28.80 -69.80
CA THR L 181 -29.09 28.46 -70.29
C THR L 181 -28.11 28.01 -69.22
N ALA L 182 -28.36 28.32 -67.95
CA ALA L 182 -27.42 27.95 -66.89
C ALA L 182 -27.43 26.44 -66.69
N THR L 183 -26.38 25.78 -67.15
CA THR L 183 -26.26 24.33 -67.03
C THR L 183 -25.85 23.89 -65.63
N SER L 184 -25.38 24.80 -64.79
CA SER L 184 -24.96 24.45 -63.44
C SER L 184 -25.52 25.49 -62.47
N VAL L 185 -25.92 25.01 -61.29
CA VAL L 185 -26.47 25.86 -60.25
C VAL L 185 -25.41 26.07 -59.19
N ASP L 186 -25.06 27.33 -58.94
CA ASP L 186 -24.07 27.65 -57.92
C ASP L 186 -24.70 27.56 -56.53
N LEU L 187 -24.13 26.71 -55.69
CA LEU L 187 -24.56 26.63 -54.29
C LEU L 187 -24.08 27.82 -53.47
N ARG L 188 -23.13 28.61 -53.99
CA ARG L 188 -22.59 29.75 -53.29
C ARG L 188 -23.36 31.04 -53.56
N ASP L 189 -24.40 30.98 -54.38
CA ASP L 189 -25.20 32.16 -54.68
C ASP L 189 -26.19 32.49 -53.57
N ILE L 190 -26.41 31.58 -52.63
CA ILE L 190 -27.40 31.75 -51.57
C ILE L 190 -26.71 31.53 -50.23
N LYS L 191 -26.87 32.47 -49.31
CA LYS L 191 -26.27 32.38 -47.99
C LYS L 191 -27.36 32.36 -46.92
N ILE L 192 -27.08 31.68 -45.82
CA ILE L 192 -28.05 31.42 -44.77
C ILE L 192 -27.50 31.91 -43.44
N VAL L 193 -28.35 32.57 -42.66
CA VAL L 193 -28.01 33.01 -41.31
C VAL L 193 -28.69 32.07 -40.31
N LYS L 194 -27.93 31.63 -39.30
CA LYS L 194 -28.43 30.72 -38.28
C LYS L 194 -29.03 31.53 -37.14
N LYS L 195 -30.20 32.10 -37.40
CA LYS L 195 -30.86 32.97 -36.43
C LYS L 195 -31.33 32.14 -35.23
N LEU L 196 -30.71 32.38 -34.08
CA LEU L 196 -31.05 31.66 -32.86
C LEU L 196 -32.52 31.81 -32.52
N GLY L 197 -33.26 30.72 -32.57
CA GLY L 197 -34.69 30.74 -32.33
C GLY L 197 -35.48 30.97 -33.59
N GLY L 198 -36.80 30.86 -33.46
CA GLY L 198 -37.71 31.06 -34.56
C GLY L 198 -38.50 29.81 -34.90
N THR L 199 -39.45 29.99 -35.81
CA THR L 199 -40.35 28.93 -36.23
C THR L 199 -40.38 28.87 -37.76
N ILE L 200 -40.51 27.65 -38.29
CA ILE L 200 -40.50 27.45 -39.73
C ILE L 200 -41.63 28.21 -40.41
N ASP L 201 -42.75 28.42 -39.69
CA ASP L 201 -43.87 29.16 -40.23
C ASP L 201 -43.51 30.62 -40.47
N ASP L 202 -42.40 31.09 -39.92
CA ASP L 202 -41.93 32.46 -40.09
C ASP L 202 -40.87 32.56 -41.19
N CYS L 203 -41.03 31.77 -42.25
CA CYS L 203 -40.09 31.79 -43.36
C CYS L 203 -40.01 33.19 -43.96
N GLU L 204 -38.78 33.65 -44.20
CA GLU L 204 -38.52 35.00 -44.68
C GLU L 204 -37.50 34.95 -45.80
N LEU L 205 -37.88 35.44 -46.97
CA LEU L 205 -37.01 35.48 -48.14
C LEU L 205 -36.45 36.90 -48.30
N VAL L 206 -35.14 36.99 -48.49
CA VAL L 206 -34.45 38.26 -48.64
C VAL L 206 -33.64 38.22 -49.93
N GLU L 207 -33.79 39.27 -50.75
CA GLU L 207 -33.05 39.38 -52.00
C GLU L 207 -31.82 40.29 -51.89
N GLY L 208 -31.55 40.83 -50.71
CA GLY L 208 -30.43 41.75 -50.54
C GLY L 208 -29.31 41.21 -49.68
N LEU L 209 -29.06 41.89 -48.55
CA LEU L 209 -27.97 41.53 -47.65
C LEU L 209 -28.50 41.44 -46.23
N VAL L 210 -28.03 40.44 -45.49
CA VAL L 210 -28.37 40.26 -44.09
C VAL L 210 -27.09 40.05 -43.30
N LEU L 211 -26.83 40.92 -42.33
CA LEU L 211 -25.63 40.86 -41.51
C LEU L 211 -26.02 40.65 -40.05
N THR L 212 -25.43 39.63 -39.43
CA THR L 212 -25.68 39.32 -38.03
C THR L 212 -24.66 39.94 -37.08
N GLN L 213 -23.67 40.64 -37.61
CA GLN L 213 -22.64 41.25 -36.76
C GLN L 213 -23.24 42.36 -35.92
N LYS L 214 -22.68 42.54 -34.72
CA LYS L 214 -23.14 43.57 -33.81
C LYS L 214 -22.79 44.95 -34.35
N VAL L 215 -23.59 45.94 -33.98
CA VAL L 215 -23.40 47.32 -34.40
C VAL L 215 -22.91 48.11 -33.18
N SER L 216 -21.69 48.65 -33.29
CA SER L 216 -21.15 49.45 -32.19
C SER L 216 -21.97 50.71 -31.97
N ASN L 217 -22.42 51.34 -33.05
CA ASN L 217 -23.23 52.55 -32.95
C ASN L 217 -24.59 52.23 -32.36
N SER L 218 -25.14 53.19 -31.62
CA SER L 218 -26.46 53.05 -31.01
C SER L 218 -27.29 54.29 -31.29
N GLY L 219 -28.60 54.11 -31.41
CA GLY L 219 -29.53 55.18 -31.68
C GLY L 219 -29.99 55.28 -33.12
N ILE L 220 -29.31 54.62 -34.05
CA ILE L 220 -29.68 54.64 -35.46
C ILE L 220 -29.78 53.20 -35.95
N THR L 221 -30.84 52.92 -36.73
CA THR L 221 -31.06 51.58 -37.25
C THR L 221 -31.45 51.55 -38.72
N ARG L 222 -31.49 52.70 -39.40
CA ARG L 222 -31.88 52.75 -40.81
C ARG L 222 -31.49 54.07 -41.44
N VAL L 223 -30.84 54.01 -42.61
CA VAL L 223 -30.48 55.18 -43.39
C VAL L 223 -31.13 55.07 -44.75
N GLU L 224 -31.85 56.11 -45.16
CA GLU L 224 -32.61 56.09 -46.40
C GLU L 224 -31.73 56.53 -47.57
N LYS L 225 -31.77 55.77 -48.65
CA LYS L 225 -30.98 56.03 -49.85
C LYS L 225 -29.49 56.17 -49.51
N ALA L 226 -28.99 55.21 -48.73
CA ALA L 226 -27.60 55.21 -48.30
C ALA L 226 -26.70 54.65 -49.41
N LYS L 227 -25.42 54.47 -49.08
CA LYS L 227 -24.43 53.89 -50.00
C LYS L 227 -23.71 52.78 -49.22
N ILE L 228 -24.22 51.56 -49.32
CA ILE L 228 -23.61 50.43 -48.62
C ILE L 228 -22.30 50.06 -49.31
N GLY L 229 -21.24 49.96 -48.52
CA GLY L 229 -19.93 49.63 -49.07
C GLY L 229 -19.05 48.94 -48.06
N LEU L 230 -17.97 48.36 -48.56
CA LEU L 230 -17.01 47.63 -47.74
C LEU L 230 -15.72 48.44 -47.66
N ILE L 231 -15.17 48.55 -46.44
CA ILE L 231 -13.94 49.29 -46.18
C ILE L 231 -12.91 48.33 -45.63
N GLN L 232 -11.75 48.27 -46.27
CA GLN L 232 -10.67 47.39 -45.85
C GLN L 232 -9.54 48.14 -45.15
N PHE L 233 -9.65 49.46 -44.99
CA PHE L 233 -8.66 50.27 -44.30
C PHE L 233 -9.22 50.73 -42.96
N CYS L 234 -8.43 51.54 -42.26
CA CYS L 234 -8.81 52.07 -40.96
C CYS L 234 -8.47 53.55 -40.88
N LEU L 235 -9.21 54.27 -40.05
CA LEU L 235 -9.04 55.71 -39.85
C LEU L 235 -8.69 55.93 -38.38
N SER L 236 -7.39 55.97 -38.07
CA SER L 236 -6.94 56.13 -36.70
C SER L 236 -5.61 56.88 -36.74
N ALA L 237 -4.87 56.84 -35.63
CA ALA L 237 -3.56 57.49 -35.58
C ALA L 237 -2.62 56.84 -36.58
N PRO L 238 -1.89 57.63 -37.38
CA PRO L 238 -1.00 57.04 -38.38
C PRO L 238 0.14 56.27 -37.74
N LYS L 239 0.59 55.22 -38.44
CA LYS L 239 1.70 54.41 -37.98
C LYS L 239 2.40 53.81 -39.20
N THR L 240 3.73 53.90 -39.21
CA THR L 240 4.50 53.35 -40.31
C THR L 240 4.54 51.82 -40.21
N ASP L 241 4.89 51.18 -41.33
CA ASP L 241 4.97 49.72 -41.35
C ASP L 241 6.07 49.23 -40.41
N MET L 242 7.20 49.90 -40.39
CA MET L 242 8.33 49.50 -39.54
C MET L 242 8.10 49.99 -38.12
N ASP L 243 9.11 49.86 -37.27
CA ASP L 243 9.01 50.29 -35.88
C ASP L 243 8.88 51.81 -35.80
N ASN L 244 8.01 52.27 -34.90
CA ASN L 244 7.79 53.70 -34.69
C ASN L 244 7.98 54.03 -33.23
N GLN L 245 8.85 55.00 -32.95
CA GLN L 245 9.11 55.46 -31.59
C GLN L 245 9.07 56.97 -31.55
N ILE L 246 8.64 57.50 -30.41
CA ILE L 246 8.52 58.95 -30.19
C ILE L 246 9.24 59.30 -28.90
N VAL L 247 10.12 60.30 -28.97
CA VAL L 247 10.84 60.81 -27.81
C VAL L 247 10.34 62.22 -27.54
N VAL L 248 9.88 62.46 -26.31
CA VAL L 248 9.29 63.73 -25.91
C VAL L 248 10.32 64.52 -25.11
N SER L 249 10.62 65.73 -25.59
CA SER L 249 11.57 66.60 -24.90
C SER L 249 11.13 68.07 -24.89
N ASP L 250 9.93 68.38 -25.39
CA ASP L 250 9.45 69.75 -25.47
C ASP L 250 8.08 69.85 -24.83
N TYR L 251 7.78 71.03 -24.29
CA TYR L 251 6.50 71.23 -23.60
C TYR L 251 5.36 71.46 -24.58
N ALA L 252 5.67 71.66 -25.87
CA ALA L 252 4.65 71.86 -26.89
C ALA L 252 4.60 70.70 -27.88
N GLN L 253 5.45 69.69 -27.74
CA GLN L 253 5.44 68.58 -28.69
C GLN L 253 4.10 67.85 -28.68
N MET L 254 3.57 67.57 -27.48
CA MET L 254 2.35 66.79 -27.39
C MET L 254 1.15 67.54 -27.97
N ASP L 255 1.04 68.85 -27.70
CA ASP L 255 -0.11 69.55 -28.24
C ASP L 255 0.05 69.85 -29.73
N ARG L 256 1.28 70.03 -30.21
CA ARG L 256 1.48 70.18 -31.64
C ARG L 256 1.11 68.91 -32.39
N VAL L 257 1.54 67.75 -31.88
CA VAL L 257 1.19 66.50 -32.56
C VAL L 257 -0.30 66.21 -32.42
N LEU L 258 -0.92 66.60 -31.29
CA LEU L 258 -2.36 66.45 -31.17
C LEU L 258 -3.09 67.30 -32.19
N ARG L 259 -2.63 68.54 -32.40
CA ARG L 259 -3.26 69.41 -33.39
C ARG L 259 -3.09 68.85 -34.79
N GLU L 260 -1.89 68.33 -35.12
CA GLU L 260 -1.68 67.75 -36.43
C GLU L 260 -2.56 66.51 -36.65
N GLU L 261 -2.65 65.66 -35.63
CA GLU L 261 -3.49 64.47 -35.73
C GLU L 261 -4.96 64.85 -35.89
N ARG L 262 -5.43 65.86 -35.15
CA ARG L 262 -6.80 66.30 -35.27
C ARG L 262 -7.07 66.88 -36.65
N ALA L 263 -6.11 67.63 -37.19
CA ALA L 263 -6.26 68.18 -38.54
C ALA L 263 -6.35 67.07 -39.58
N TYR L 264 -5.52 66.03 -39.45
CA TYR L 264 -5.57 64.93 -40.40
C TYR L 264 -6.87 64.13 -40.26
N ILE L 265 -7.35 63.94 -39.03
CA ILE L 265 -8.63 63.28 -38.82
C ILE L 265 -9.76 64.11 -39.44
N LEU L 266 -9.66 65.43 -39.34
CA LEU L 266 -10.65 66.30 -39.96
C LEU L 266 -10.60 66.19 -41.47
N ASN L 267 -9.39 66.08 -42.04
CA ASN L 267 -9.27 65.84 -43.47
C ASN L 267 -9.94 64.53 -43.89
N LEU L 268 -9.70 63.47 -43.11
CA LEU L 268 -10.30 62.17 -43.42
C LEU L 268 -11.81 62.22 -43.32
N VAL L 269 -12.35 62.86 -42.28
CA VAL L 269 -13.80 62.91 -42.14
C VAL L 269 -14.42 63.79 -43.22
N LYS L 270 -13.75 64.87 -43.62
CA LYS L 270 -14.25 65.67 -44.74
C LYS L 270 -14.26 64.88 -46.03
N GLN L 271 -13.21 64.10 -46.28
CA GLN L 271 -13.19 63.25 -47.48
C GLN L 271 -14.31 62.22 -47.43
N ILE L 272 -14.57 61.66 -46.25
CA ILE L 272 -15.66 60.69 -46.10
C ILE L 272 -17.00 61.35 -46.40
N LYS L 273 -17.23 62.53 -45.84
CA LYS L 273 -18.50 63.22 -46.02
C LYS L 273 -18.68 63.71 -47.45
N LYS L 274 -17.57 63.99 -48.16
CA LYS L 274 -17.67 64.48 -49.53
C LYS L 274 -18.38 63.49 -50.44
N THR L 275 -18.05 62.20 -50.30
CA THR L 275 -18.63 61.19 -51.18
C THR L 275 -20.12 60.99 -50.94
N GLY L 276 -20.65 61.41 -49.80
CA GLY L 276 -22.04 61.22 -49.49
C GLY L 276 -22.40 59.83 -49.02
N CYS L 277 -21.41 58.97 -48.77
CA CYS L 277 -21.68 57.62 -48.30
C CYS L 277 -22.27 57.66 -46.90
N ASN L 278 -23.07 56.63 -46.58
CA ASN L 278 -23.77 56.58 -45.29
C ASN L 278 -23.62 55.27 -44.55
N VAL L 279 -22.96 54.26 -45.12
CA VAL L 279 -22.78 52.96 -44.49
C VAL L 279 -21.30 52.66 -44.42
N LEU L 280 -20.83 52.27 -43.24
CA LEU L 280 -19.42 51.96 -43.01
C LEU L 280 -19.28 50.51 -42.59
N LEU L 281 -18.42 49.77 -43.29
CA LEU L 281 -18.09 48.38 -42.97
C LEU L 281 -16.58 48.25 -42.96
N ILE L 282 -15.96 48.53 -41.82
CA ILE L 282 -14.51 48.49 -41.70
C ILE L 282 -14.06 47.05 -41.51
N GLN L 283 -13.14 46.61 -42.36
CA GLN L 283 -12.61 45.26 -42.26
C GLN L 283 -11.74 45.10 -41.02
N LYS L 284 -11.77 43.90 -40.44
CA LYS L 284 -10.95 43.62 -39.26
C LYS L 284 -9.48 43.74 -39.60
N SER L 285 -8.72 44.39 -38.72
CA SER L 285 -7.31 44.66 -38.93
C SER L 285 -6.49 44.14 -37.75
N ILE L 286 -5.22 43.83 -38.02
CA ILE L 286 -4.28 43.33 -37.03
C ILE L 286 -3.06 44.25 -37.03
N LEU L 287 -2.54 44.53 -35.84
CA LEU L 287 -1.41 45.44 -35.65
C LEU L 287 -1.76 46.86 -36.10
N ARG L 288 -3.03 47.22 -36.04
CA ARG L 288 -3.50 48.54 -36.40
C ARG L 288 -4.81 48.82 -35.69
N ASP L 289 -4.99 50.07 -35.26
CA ASP L 289 -6.22 50.44 -34.57
C ASP L 289 -7.36 50.53 -35.59
N ALA L 290 -8.42 49.76 -35.34
CA ALA L 290 -9.56 49.76 -36.25
C ALA L 290 -10.38 51.04 -36.12
N LEU L 291 -10.59 51.51 -34.90
CA LEU L 291 -11.44 52.67 -34.66
C LEU L 291 -11.15 53.22 -33.27
N SER L 292 -10.88 54.52 -33.19
CA SER L 292 -10.59 55.19 -31.93
C SER L 292 -11.82 55.95 -31.44
N ASP L 293 -11.68 56.66 -30.33
CA ASP L 293 -12.81 57.39 -29.77
C ASP L 293 -13.21 58.57 -30.65
N LEU L 294 -12.23 59.39 -31.05
CA LEU L 294 -12.54 60.56 -31.86
C LEU L 294 -13.08 60.16 -33.24
N ALA L 295 -12.47 59.14 -33.86
CA ALA L 295 -12.95 58.69 -35.16
C ALA L 295 -14.36 58.12 -35.06
N LEU L 296 -14.63 57.34 -34.02
CA LEU L 296 -15.97 56.80 -33.83
C LEU L 296 -16.99 57.91 -33.62
N HIS L 297 -16.65 58.92 -32.80
CA HIS L 297 -17.57 60.02 -32.58
C HIS L 297 -17.83 60.80 -33.86
N PHE L 298 -16.79 61.03 -34.65
CA PHE L 298 -16.96 61.73 -35.93
C PHE L 298 -17.82 60.93 -36.89
N LEU L 299 -17.60 59.61 -36.95
CA LEU L 299 -18.36 58.78 -37.88
C LEU L 299 -19.81 58.66 -37.46
N ASN L 300 -20.08 58.68 -36.15
CA ASN L 300 -21.45 58.71 -35.66
C ASN L 300 -22.08 60.10 -35.74
N LYS L 301 -21.28 61.14 -35.93
CA LYS L 301 -21.83 62.50 -36.01
C LYS L 301 -22.73 62.67 -37.22
N MET L 302 -22.35 62.13 -38.37
CA MET L 302 -23.08 62.35 -39.61
C MET L 302 -24.14 61.27 -39.88
N LYS L 303 -24.56 60.55 -38.84
CA LYS L 303 -25.57 59.50 -38.96
C LYS L 303 -25.11 58.42 -39.95
N ILE L 304 -24.03 57.74 -39.58
CA ILE L 304 -23.51 56.59 -40.31
C ILE L 304 -23.35 55.44 -39.34
N MET L 305 -24.04 54.34 -39.61
CA MET L 305 -23.90 53.16 -38.75
C MET L 305 -22.56 52.48 -39.01
N VAL L 306 -21.94 52.00 -37.93
CA VAL L 306 -20.62 51.41 -37.97
C VAL L 306 -20.71 49.99 -37.43
N ILE L 307 -20.19 49.04 -38.19
CA ILE L 307 -20.14 47.63 -37.80
C ILE L 307 -18.70 47.18 -37.77
N LYS L 308 -18.28 46.58 -36.67
CA LYS L 308 -16.90 46.20 -36.44
C LYS L 308 -16.72 44.69 -36.60
N ASP L 309 -15.47 44.30 -36.87
CA ASP L 309 -15.08 42.90 -37.00
C ASP L 309 -15.89 42.19 -38.09
N ILE L 310 -15.75 42.70 -39.32
CA ILE L 310 -16.40 42.12 -40.48
C ILE L 310 -15.54 40.99 -41.01
N GLU L 311 -16.15 39.82 -41.21
CA GLU L 311 -15.41 38.67 -41.71
C GLU L 311 -14.85 38.95 -43.09
N ARG L 312 -13.57 38.62 -43.28
CA ARG L 312 -12.91 38.88 -44.57
C ARG L 312 -13.30 37.87 -45.63
N GLU L 313 -13.67 36.65 -45.25
CA GLU L 313 -14.03 35.63 -46.22
C GLU L 313 -15.35 35.94 -46.92
N ASP L 314 -16.23 36.71 -46.29
CA ASP L 314 -17.51 37.08 -46.87
C ASP L 314 -17.42 38.31 -47.76
N ILE L 315 -16.23 38.93 -47.85
CA ILE L 315 -16.09 40.15 -48.63
C ILE L 315 -16.37 39.87 -50.11
N GLU L 316 -15.81 38.78 -50.64
CA GLU L 316 -16.03 38.46 -52.05
C GLU L 316 -17.50 38.20 -52.34
N PHE L 317 -18.17 37.44 -51.46
CA PHE L 317 -19.59 37.18 -51.66
C PHE L 317 -20.42 38.46 -51.59
N ILE L 318 -20.12 39.33 -50.63
CA ILE L 318 -20.87 40.58 -50.51
C ILE L 318 -20.66 41.45 -51.73
N CYS L 319 -19.42 41.53 -52.21
CA CYS L 319 -19.13 42.33 -53.41
C CYS L 319 -19.83 41.76 -54.63
N LYS L 320 -19.86 40.43 -54.76
CA LYS L 320 -20.57 39.81 -55.86
C LYS L 320 -22.07 40.08 -55.79
N THR L 321 -22.64 40.06 -54.59
CA THR L 321 -24.08 40.21 -54.44
C THR L 321 -24.53 41.65 -54.64
N ILE L 322 -24.04 42.57 -53.80
CA ILE L 322 -24.56 43.93 -53.79
C ILE L 322 -23.75 44.81 -54.73
N GLY L 323 -22.83 44.22 -55.47
CA GLY L 323 -22.08 44.95 -56.48
C GLY L 323 -21.23 46.08 -55.95
N THR L 324 -20.50 45.83 -54.87
CA THR L 324 -19.60 46.82 -54.28
C THR L 324 -18.17 46.54 -54.69
N LYS L 325 -17.55 47.50 -55.37
CA LYS L 325 -16.15 47.23 -55.68
C LYS L 325 -15.29 47.44 -54.44
N PRO L 326 -14.23 46.65 -54.27
CA PRO L 326 -13.42 46.76 -53.05
C PRO L 326 -12.72 48.10 -52.94
N VAL L 327 -12.61 48.59 -51.71
CA VAL L 327 -11.98 49.87 -51.43
C VAL L 327 -10.87 49.65 -50.42
N ALA L 328 -9.63 49.89 -50.85
CA ALA L 328 -8.47 49.71 -49.99
C ALA L 328 -7.87 51.01 -49.48
N HIS L 329 -7.99 52.09 -50.24
CA HIS L 329 -7.45 53.38 -49.85
C HIS L 329 -8.51 54.46 -50.05
N ILE L 330 -8.35 55.56 -49.31
CA ILE L 330 -9.26 56.69 -49.43
C ILE L 330 -9.02 57.51 -50.68
N ASP L 331 -7.97 57.21 -51.44
CA ASP L 331 -7.62 58.01 -52.61
C ASP L 331 -8.69 57.93 -53.69
N GLN L 332 -9.18 56.72 -53.98
CA GLN L 332 -10.17 56.50 -55.03
C GLN L 332 -11.50 55.99 -54.48
N PHE L 333 -11.98 56.59 -53.39
CA PHE L 333 -13.21 56.16 -52.74
C PHE L 333 -14.36 57.06 -53.17
N THR L 334 -15.37 56.47 -53.82
CA THR L 334 -16.54 57.21 -54.28
C THR L 334 -17.80 56.39 -53.98
N ALA L 335 -18.96 57.01 -54.23
CA ALA L 335 -20.23 56.34 -53.96
C ALA L 335 -20.48 55.21 -54.95
N ASP L 336 -20.30 55.48 -56.25
CA ASP L 336 -20.48 54.43 -57.25
C ASP L 336 -19.39 53.38 -57.16
N MET L 337 -18.28 53.67 -56.48
CA MET L 337 -17.27 52.66 -56.19
C MET L 337 -17.84 51.54 -55.32
N LEU L 338 -18.94 51.82 -54.62
CA LEU L 338 -19.65 50.86 -53.80
C LEU L 338 -20.92 50.39 -54.54
N GLY L 339 -21.75 49.62 -53.83
CA GLY L 339 -23.01 49.16 -54.39
C GLY L 339 -24.21 49.55 -53.54
N SER L 340 -25.17 50.25 -54.13
CA SER L 340 -26.31 50.77 -53.40
C SER L 340 -27.38 49.71 -53.23
N ALA L 341 -28.29 49.95 -52.28
CA ALA L 341 -29.40 49.07 -52.01
C ALA L 341 -30.65 49.90 -51.73
N GLU L 342 -31.81 49.27 -51.94
CA GLU L 342 -33.07 49.98 -51.79
C GLU L 342 -33.36 50.33 -50.34
N LEU L 343 -33.23 49.37 -49.44
CA LEU L 343 -33.52 49.58 -48.02
C LEU L 343 -32.53 48.80 -47.18
N ALA L 344 -32.09 49.41 -46.08
CA ALA L 344 -31.15 48.77 -45.15
C ALA L 344 -31.62 49.10 -43.73
N GLU L 345 -32.23 48.12 -43.07
CA GLU L 345 -32.80 48.31 -41.75
C GLU L 345 -32.46 47.12 -40.86
N GLU L 346 -32.28 47.38 -39.57
CA GLU L 346 -32.04 46.35 -38.56
C GLU L 346 -33.33 46.10 -37.79
N VAL L 347 -33.63 44.83 -37.53
CA VAL L 347 -34.82 44.45 -36.80
C VAL L 347 -34.43 43.52 -35.66
N ASN L 348 -35.32 43.40 -34.68
CA ASN L 348 -35.14 42.49 -33.55
C ASN L 348 -36.17 41.37 -33.64
N LEU L 349 -35.70 40.13 -33.56
CA LEU L 349 -36.56 38.96 -33.59
C LEU L 349 -36.50 38.29 -32.22
N ASN L 350 -37.63 38.33 -31.50
CA ASN L 350 -37.79 37.73 -30.18
C ASN L 350 -36.92 38.39 -29.12
N GLY L 351 -36.25 39.49 -29.46
CA GLY L 351 -35.43 40.21 -28.50
C GLY L 351 -34.17 39.50 -28.07
N SER L 352 -33.80 38.40 -28.73
CA SER L 352 -32.60 37.66 -28.38
C SER L 352 -31.56 37.68 -29.49
N GLY L 353 -31.80 38.38 -30.59
CA GLY L 353 -30.86 38.46 -31.68
C GLY L 353 -31.21 39.52 -32.70
N LYS L 354 -30.23 40.35 -33.07
CA LYS L 354 -30.44 41.43 -34.01
C LYS L 354 -29.88 41.02 -35.37
N LEU L 355 -30.75 40.97 -36.37
CA LEU L 355 -30.37 40.68 -37.74
C LEU L 355 -30.66 41.88 -38.62
N LEU L 356 -29.64 42.32 -39.37
CA LEU L 356 -29.79 43.43 -40.29
C LEU L 356 -30.52 42.96 -41.54
N LYS L 357 -31.54 43.72 -41.96
CA LYS L 357 -32.31 43.42 -43.16
C LYS L 357 -32.04 44.52 -44.18
N ILE L 358 -31.05 44.31 -45.04
CA ILE L 358 -30.84 45.19 -46.20
C ILE L 358 -31.72 44.62 -47.31
N THR L 359 -32.98 45.03 -47.28
CA THR L 359 -33.99 44.47 -48.18
C THR L 359 -33.99 45.23 -49.49
N GLY L 360 -33.89 44.52 -50.61
CA GLY L 360 -33.93 45.13 -51.92
C GLY L 360 -32.61 45.73 -52.34
N CYS L 361 -32.26 45.55 -53.61
CA CYS L 361 -31.03 46.10 -54.16
C CYS L 361 -31.28 46.50 -55.61
N ALA L 362 -30.47 47.44 -56.10
CA ALA L 362 -30.61 47.87 -57.48
C ALA L 362 -30.32 46.73 -58.45
N SER L 363 -29.26 45.97 -58.21
CA SER L 363 -28.87 44.84 -59.05
C SER L 363 -28.52 43.64 -58.18
N PRO L 364 -29.52 42.97 -57.60
CA PRO L 364 -29.24 41.73 -56.85
C PRO L 364 -29.06 40.54 -57.78
N GLY L 365 -27.86 40.44 -58.35
CA GLY L 365 -27.59 39.45 -59.37
C GLY L 365 -27.33 38.05 -58.85
N LYS L 366 -28.28 37.14 -59.06
CA LYS L 366 -28.14 35.73 -58.71
C LYS L 366 -27.83 35.55 -57.23
N THR L 367 -28.75 36.01 -56.38
CA THR L 367 -28.57 35.89 -54.95
C THR L 367 -29.92 36.02 -54.25
N VAL L 368 -30.22 35.08 -53.35
CA VAL L 368 -31.34 35.20 -52.42
C VAL L 368 -30.83 34.84 -51.04
N THR L 369 -31.57 35.27 -50.02
CA THR L 369 -31.24 34.99 -48.63
C THR L 369 -32.50 34.63 -47.87
N ILE L 370 -32.40 33.59 -47.04
CA ILE L 370 -33.49 33.16 -46.17
C ILE L 370 -32.97 33.15 -44.74
N VAL L 371 -33.73 33.77 -43.84
CA VAL L 371 -33.38 33.78 -42.42
C VAL L 371 -33.82 32.43 -41.88
N VAL L 372 -32.91 31.46 -41.91
CA VAL L 372 -33.21 30.10 -41.50
C VAL L 372 -33.27 30.06 -39.98
N ARG L 373 -34.46 29.85 -39.45
CA ARG L 373 -34.69 29.81 -38.01
C ARG L 373 -35.07 28.39 -37.58
N GLY L 374 -35.09 28.19 -36.28
CA GLY L 374 -35.40 26.88 -35.74
C GLY L 374 -35.23 26.87 -34.24
N SER L 375 -35.49 25.69 -33.65
CA SER L 375 -35.40 25.55 -32.21
C SER L 375 -33.98 25.75 -31.71
N ASN L 376 -32.99 25.22 -32.43
CA ASN L 376 -31.61 25.26 -31.98
C ASN L 376 -30.70 25.51 -33.18
N LYS L 377 -29.41 25.68 -32.89
CA LYS L 377 -28.41 25.80 -33.95
C LYS L 377 -28.49 24.62 -34.90
N LEU L 378 -28.66 23.42 -34.34
CA LEU L 378 -28.48 22.20 -35.12
C LEU L 378 -29.69 21.93 -36.02
N VAL L 379 -30.90 22.13 -35.53
CA VAL L 379 -32.06 21.98 -36.40
C VAL L 379 -32.08 23.09 -37.45
N ILE L 380 -31.51 24.26 -37.13
CA ILE L 380 -31.31 25.29 -38.14
C ILE L 380 -30.38 24.78 -39.24
N GLU L 381 -29.29 24.12 -38.83
CA GLU L 381 -28.42 23.46 -39.81
C GLU L 381 -29.19 22.45 -40.64
N GLU L 382 -30.12 21.73 -40.00
CA GLU L 382 -30.95 20.77 -40.71
C GLU L 382 -31.79 21.46 -41.79
N ALA L 383 -32.38 22.60 -41.46
CA ALA L 383 -33.14 23.36 -42.44
C ALA L 383 -32.25 23.82 -43.58
N GLU L 384 -31.03 24.28 -43.26
CA GLU L 384 -30.10 24.66 -44.32
C GLU L 384 -29.78 23.48 -45.23
N ARG L 385 -29.55 22.31 -44.63
CA ARG L 385 -29.24 21.13 -45.42
C ARG L 385 -30.41 20.77 -46.32
N SER L 386 -31.64 20.90 -45.83
CA SER L 386 -32.81 20.66 -46.66
C SER L 386 -32.86 21.61 -47.84
N ILE L 387 -32.60 22.90 -47.59
CA ILE L 387 -32.65 23.90 -48.66
C ILE L 387 -31.59 23.60 -49.71
N HIS L 388 -30.37 23.30 -49.27
CA HIS L 388 -29.31 22.97 -50.22
C HIS L 388 -29.59 21.67 -50.95
N ASP L 389 -30.24 20.71 -50.29
CA ASP L 389 -30.64 19.48 -50.98
C ASP L 389 -31.62 19.79 -52.10
N ALA L 390 -32.60 20.66 -51.83
CA ALA L 390 -33.53 21.05 -52.89
C ALA L 390 -32.81 21.75 -54.03
N LEU L 391 -31.90 22.65 -53.70
CA LEU L 391 -31.12 23.35 -54.73
C LEU L 391 -30.35 22.37 -55.59
N CYS L 392 -29.69 21.39 -54.97
CA CYS L 392 -28.90 20.42 -55.70
C CYS L 392 -29.78 19.51 -56.54
N VAL L 393 -30.97 19.17 -56.05
CA VAL L 393 -31.89 18.38 -56.87
C VAL L 393 -32.29 19.17 -58.11
N ILE L 394 -32.60 20.45 -57.94
CA ILE L 394 -32.94 21.28 -59.10
C ILE L 394 -31.77 21.31 -60.09
N ARG L 395 -30.55 21.42 -59.57
CA ARG L 395 -29.37 21.43 -60.43
C ARG L 395 -29.25 20.10 -61.19
N CYS L 396 -29.54 18.99 -60.52
CA CYS L 396 -29.48 17.69 -61.18
C CYS L 396 -30.56 17.56 -62.26
N LEU L 397 -31.73 18.14 -62.01
CA LEU L 397 -32.74 18.24 -63.07
C LEU L 397 -32.22 19.05 -64.25
N VAL L 398 -31.50 20.13 -63.98
CA VAL L 398 -30.96 20.96 -65.06
C VAL L 398 -29.95 20.18 -65.88
N LYS L 399 -28.98 19.55 -65.22
CA LYS L 399 -27.88 18.89 -65.93
C LYS L 399 -28.37 17.67 -66.69
N LYS L 400 -29.10 16.79 -66.02
CA LYS L 400 -29.55 15.53 -66.61
C LYS L 400 -31.06 15.55 -66.78
N ARG L 401 -31.52 15.26 -68.00
CA ARG L 401 -32.94 15.31 -68.32
C ARG L 401 -33.48 13.88 -68.43
N ALA L 402 -33.77 13.29 -67.28
CA ALA L 402 -34.30 11.93 -67.22
C ALA L 402 -34.95 11.73 -65.86
N LEU L 403 -36.26 11.45 -65.85
CA LEU L 403 -37.03 11.41 -64.62
C LEU L 403 -37.59 10.01 -64.38
N ILE L 404 -37.62 9.62 -63.10
CA ILE L 404 -38.14 8.33 -62.69
C ILE L 404 -39.05 8.53 -61.49
N ALA L 405 -39.96 7.58 -61.29
CA ALA L 405 -40.80 7.56 -60.11
C ALA L 405 -39.98 7.15 -58.89
N GLY L 406 -40.29 7.75 -57.75
CA GLY L 406 -39.57 7.48 -56.53
C GLY L 406 -40.38 6.80 -55.45
N GLY L 407 -40.12 7.17 -54.19
CA GLY L 407 -40.84 6.59 -53.08
C GLY L 407 -40.60 5.11 -52.87
N GLY L 408 -39.37 4.66 -53.06
CA GLY L 408 -39.02 3.26 -52.89
C GLY L 408 -39.36 2.36 -54.05
N ALA L 409 -40.19 2.82 -54.98
CA ALA L 409 -40.52 2.01 -56.16
C ALA L 409 -39.29 1.65 -57.00
N PRO L 410 -38.39 2.58 -57.35
CA PRO L 410 -37.24 2.18 -58.16
C PRO L 410 -36.36 1.15 -57.48
N GLU L 411 -36.20 1.26 -56.16
CA GLU L 411 -35.32 0.32 -55.45
C GLU L 411 -35.88 -1.09 -55.51
N ILE L 412 -37.16 -1.26 -55.18
CA ILE L 412 -37.74 -2.60 -55.19
C ILE L 412 -37.85 -3.13 -56.62
N GLU L 413 -38.16 -2.27 -57.58
CA GLU L 413 -38.20 -2.68 -58.98
C GLU L 413 -36.84 -3.21 -59.42
N LEU L 414 -35.78 -2.46 -59.15
CA LEU L 414 -34.45 -2.85 -59.60
C LEU L 414 -33.96 -4.07 -58.84
N ALA L 415 -34.38 -4.22 -57.58
CA ALA L 415 -34.06 -5.43 -56.82
C ALA L 415 -34.71 -6.66 -57.45
N LEU L 416 -35.98 -6.54 -57.85
CA LEU L 416 -36.64 -7.66 -58.51
C LEU L 416 -35.97 -7.99 -59.84
N ARG L 417 -35.60 -6.96 -60.60
CA ARG L 417 -34.93 -7.19 -61.88
C ARG L 417 -33.59 -7.88 -61.68
N LEU L 418 -32.82 -7.45 -60.68
CA LEU L 418 -31.54 -8.10 -60.40
C LEU L 418 -31.74 -9.52 -59.90
N THR L 419 -32.80 -9.77 -59.13
CA THR L 419 -33.09 -11.12 -58.67
C THR L 419 -33.35 -12.04 -59.86
N GLU L 420 -34.24 -11.63 -60.76
CA GLU L 420 -34.54 -12.48 -61.91
C GLU L 420 -33.33 -12.59 -62.84
N TYR L 421 -32.48 -11.56 -62.89
CA TYR L 421 -31.24 -11.67 -63.67
C TYR L 421 -30.30 -12.70 -63.07
N SER L 422 -30.16 -12.69 -61.74
CA SER L 422 -29.34 -13.70 -61.08
C SER L 422 -29.91 -15.10 -61.28
N ARG L 423 -31.23 -15.21 -61.38
CA ARG L 423 -31.83 -16.49 -61.74
C ARG L 423 -31.37 -16.94 -63.12
N THR L 424 -31.21 -16.00 -64.05
CA THR L 424 -30.77 -16.30 -65.41
C THR L 424 -29.27 -16.15 -65.59
N LEU L 425 -28.52 -15.94 -64.51
CA LEU L 425 -27.07 -15.83 -64.60
C LEU L 425 -26.43 -17.00 -63.86
N SER L 426 -26.97 -18.20 -64.08
CA SER L 426 -26.56 -19.40 -63.35
C SER L 426 -25.05 -19.56 -63.31
N GLY L 427 -24.51 -19.67 -62.10
CA GLY L 427 -23.09 -19.85 -61.92
C GLY L 427 -22.67 -19.48 -60.51
N MET L 428 -21.36 -19.40 -60.33
CA MET L 428 -20.81 -18.99 -59.04
C MET L 428 -21.22 -17.56 -58.69
N GLU L 429 -21.33 -16.68 -59.70
CA GLU L 429 -21.67 -15.29 -59.49
C GLU L 429 -23.17 -15.05 -59.33
N SER L 430 -24.01 -16.05 -59.63
CA SER L 430 -25.45 -15.87 -59.57
C SER L 430 -25.90 -15.52 -58.15
N TYR L 431 -25.40 -16.25 -57.15
CA TYR L 431 -25.80 -15.96 -55.78
C TYR L 431 -25.19 -14.65 -55.29
N CYS L 432 -24.02 -14.27 -55.81
CA CYS L 432 -23.49 -12.95 -55.49
C CYS L 432 -24.43 -11.86 -55.98
N VAL L 433 -24.94 -11.99 -57.21
CA VAL L 433 -25.89 -11.00 -57.73
C VAL L 433 -27.19 -11.03 -56.92
N ARG L 434 -27.62 -12.24 -56.54
CA ARG L 434 -28.83 -12.36 -55.71
C ARG L 434 -28.68 -11.63 -54.38
N ALA L 435 -27.53 -11.81 -53.73
CA ALA L 435 -27.28 -11.11 -52.47
C ALA L 435 -27.16 -9.61 -52.68
N PHE L 436 -26.58 -9.20 -53.81
CA PHE L 436 -26.55 -7.78 -54.16
C PHE L 436 -27.97 -7.21 -54.19
N ALA L 437 -28.87 -7.89 -54.89
CA ALA L 437 -30.26 -7.42 -54.97
C ALA L 437 -30.91 -7.40 -53.59
N ASP L 438 -30.71 -8.47 -52.82
CA ASP L 438 -31.33 -8.57 -51.50
C ASP L 438 -30.85 -7.44 -50.59
N ALA L 439 -29.55 -7.16 -50.60
CA ALA L 439 -29.00 -6.11 -49.76
C ALA L 439 -29.48 -4.73 -50.22
N MET L 440 -29.50 -4.50 -51.54
CA MET L 440 -29.95 -3.20 -52.05
C MET L 440 -31.41 -2.97 -51.76
N GLU L 441 -32.20 -4.03 -51.61
CA GLU L 441 -33.64 -3.95 -51.42
C GLU L 441 -34.04 -3.37 -50.03
N VAL L 442 -33.08 -2.81 -49.30
CA VAL L 442 -33.33 -2.43 -47.90
C VAL L 442 -34.01 -1.07 -47.78
N ILE L 443 -33.81 -0.16 -48.74
CA ILE L 443 -34.35 1.20 -48.60
C ILE L 443 -35.86 1.22 -48.47
N PRO L 444 -36.63 0.56 -49.34
CA PRO L 444 -38.08 0.46 -49.08
C PRO L 444 -38.39 -0.23 -47.78
N SER L 445 -37.57 -1.21 -47.37
CA SER L 445 -37.76 -1.83 -46.07
C SER L 445 -37.55 -0.83 -44.94
N THR L 446 -36.55 0.05 -45.09
CA THR L 446 -36.35 1.11 -44.10
C THR L 446 -37.56 2.02 -44.02
N LEU L 447 -38.07 2.45 -45.17
CA LEU L 447 -39.23 3.34 -45.17
C LEU L 447 -40.44 2.65 -44.54
N ALA L 448 -40.61 1.36 -44.82
CA ALA L 448 -41.76 0.63 -44.28
C ALA L 448 -41.64 0.42 -42.78
N GLU L 449 -40.44 0.07 -42.30
CA GLU L 449 -40.27 -0.12 -40.86
C GLU L 449 -40.39 1.20 -40.13
N ASN L 450 -40.14 2.32 -40.82
CA ASN L 450 -40.49 3.62 -40.26
C ASN L 450 -42.01 3.78 -40.14
N ALA L 451 -42.78 3.10 -40.97
CA ALA L 451 -44.23 3.18 -40.93
C ALA L 451 -44.87 2.09 -40.08
N GLY L 452 -44.08 1.22 -39.47
CA GLY L 452 -44.63 0.17 -38.62
C GLY L 452 -45.18 -1.01 -39.38
N LEU L 453 -45.91 -0.76 -40.46
CA LEU L 453 -46.52 -1.83 -41.24
C LEU L 453 -45.45 -2.78 -41.76
N ASN L 454 -45.84 -4.05 -41.91
CA ASN L 454 -44.91 -5.12 -42.23
C ASN L 454 -44.08 -4.78 -43.48
N PRO L 455 -42.77 -4.55 -43.32
CA PRO L 455 -41.94 -4.34 -44.51
C PRO L 455 -41.93 -5.54 -45.44
N ILE L 456 -42.00 -6.75 -44.90
CA ILE L 456 -42.03 -7.95 -45.73
C ILE L 456 -43.28 -7.96 -46.60
N SER L 457 -44.44 -7.64 -46.00
CA SER L 457 -45.64 -7.44 -46.79
C SER L 457 -45.43 -6.35 -47.82
N THR L 458 -45.15 -5.13 -47.35
CA THR L 458 -44.89 -4.00 -48.24
C THR L 458 -44.13 -4.43 -49.48
N VAL L 459 -43.01 -5.12 -49.29
CA VAL L 459 -42.18 -5.48 -50.42
C VAL L 459 -42.76 -6.64 -51.22
N THR L 460 -43.55 -7.55 -50.62
CA THR L 460 -44.09 -8.63 -51.43
C THR L 460 -45.23 -8.14 -52.32
N GLU L 461 -46.10 -7.26 -51.81
CA GLU L 461 -47.04 -6.61 -52.72
C GLU L 461 -46.34 -5.70 -53.72
N LEU L 462 -45.23 -5.05 -53.35
CA LEU L 462 -44.48 -4.29 -54.34
C LEU L 462 -43.97 -5.20 -55.45
N ARG L 463 -43.42 -6.36 -55.08
CA ARG L 463 -42.95 -7.33 -56.06
C ARG L 463 -44.09 -7.76 -56.98
N ASN L 464 -45.23 -8.13 -56.39
CA ASN L 464 -46.35 -8.61 -57.19
C ASN L 464 -46.86 -7.52 -58.13
N ARG L 465 -47.01 -6.30 -57.63
CA ARG L 465 -47.52 -5.21 -58.46
C ARG L 465 -46.57 -4.88 -59.59
N HIS L 466 -45.27 -4.81 -59.31
CA HIS L 466 -44.31 -4.54 -60.36
C HIS L 466 -44.24 -5.69 -61.36
N ALA L 467 -44.50 -6.92 -60.91
CA ALA L 467 -44.58 -8.04 -61.84
C ALA L 467 -45.81 -7.92 -62.73
N GLN L 468 -46.92 -7.44 -62.18
CA GLN L 468 -48.15 -7.28 -62.96
C GLN L 468 -48.09 -6.10 -63.91
N GLY L 469 -47.06 -5.25 -63.82
CA GLY L 469 -46.91 -4.15 -64.74
C GLY L 469 -46.82 -2.80 -64.06
N GLU L 470 -47.51 -2.65 -62.94
CA GLU L 470 -47.51 -1.39 -62.21
C GLU L 470 -46.24 -1.30 -61.37
N LYS L 471 -45.21 -0.67 -61.93
CA LYS L 471 -43.94 -0.48 -61.25
C LYS L 471 -43.80 0.89 -60.61
N THR L 472 -44.66 1.85 -60.94
CA THR L 472 -44.66 3.16 -60.32
C THR L 472 -45.56 3.15 -59.08
N ALA L 473 -45.29 2.20 -58.19
CA ALA L 473 -46.05 2.01 -56.96
C ALA L 473 -45.10 2.20 -55.79
N GLY L 474 -45.23 3.34 -55.10
CA GLY L 474 -44.37 3.67 -53.98
C GLY L 474 -45.09 3.66 -52.66
N ILE L 475 -44.38 4.08 -51.63
CA ILE L 475 -44.92 4.12 -50.28
C ILE L 475 -45.79 5.37 -50.13
N ASN L 476 -47.03 5.18 -49.70
CA ASN L 476 -47.95 6.30 -49.49
C ASN L 476 -47.71 6.84 -48.08
N VAL L 477 -46.97 7.95 -48.00
CA VAL L 477 -46.67 8.54 -46.69
C VAL L 477 -47.94 9.08 -46.05
N ARG L 478 -48.84 9.66 -46.85
CA ARG L 478 -50.08 10.20 -46.31
C ARG L 478 -50.95 9.09 -45.72
N LYS L 479 -51.06 7.96 -46.42
CA LYS L 479 -51.93 6.88 -45.99
C LYS L 479 -51.22 5.84 -45.12
N GLY L 480 -49.92 5.65 -45.32
CA GLY L 480 -49.18 4.65 -44.57
C GLY L 480 -49.27 3.25 -45.13
N GLY L 481 -49.76 3.07 -46.35
CA GLY L 481 -49.89 1.78 -46.97
C GLY L 481 -49.17 1.73 -48.31
N ILE L 482 -49.66 0.85 -49.18
CA ILE L 482 -49.07 0.62 -50.49
C ILE L 482 -50.05 1.08 -51.55
N SER L 483 -49.59 1.93 -52.46
CA SER L 483 -50.44 2.47 -53.52
C SER L 483 -49.54 3.02 -54.63
N ASN L 484 -50.19 3.53 -55.67
CA ASN L 484 -49.46 4.19 -56.74
C ASN L 484 -48.73 5.42 -56.23
N ILE L 485 -47.58 5.72 -56.82
CA ILE L 485 -46.76 6.83 -56.37
C ILE L 485 -46.89 8.05 -57.28
N LEU L 486 -47.44 7.90 -58.48
CA LEU L 486 -47.54 9.02 -59.41
C LEU L 486 -48.43 10.12 -58.84
N GLU L 487 -49.61 9.76 -58.33
CA GLU L 487 -50.47 10.76 -57.71
C GLU L 487 -49.87 11.33 -56.44
N GLU L 488 -48.93 10.60 -55.82
CA GLU L 488 -48.17 11.16 -54.71
C GLU L 488 -47.17 12.21 -55.16
N LEU L 489 -46.93 12.32 -56.46
CA LEU L 489 -45.99 13.29 -57.03
C LEU L 489 -44.59 13.12 -56.44
N VAL L 490 -44.20 11.86 -56.23
CA VAL L 490 -42.87 11.53 -55.74
C VAL L 490 -42.06 11.09 -56.96
N VAL L 491 -41.37 12.05 -57.57
CA VAL L 491 -40.59 11.81 -58.78
C VAL L 491 -39.19 12.37 -58.58
N GLN L 492 -38.18 11.63 -59.04
CA GLN L 492 -36.79 12.01 -58.91
C GLN L 492 -36.05 11.83 -60.23
N PRO L 493 -34.99 12.61 -60.45
CA PRO L 493 -34.20 12.43 -61.67
C PRO L 493 -33.47 11.10 -61.67
N LEU L 494 -33.08 10.68 -62.87
CA LEU L 494 -32.32 9.44 -63.01
C LEU L 494 -30.93 9.58 -62.39
N LEU L 495 -30.34 10.78 -62.47
CA LEU L 495 -28.95 10.96 -62.12
C LEU L 495 -28.68 10.64 -60.65
N VAL L 496 -29.60 11.01 -59.76
CA VAL L 496 -29.34 10.83 -58.33
C VAL L 496 -29.22 9.35 -58.00
N SER L 497 -30.16 8.53 -58.49
CA SER L 497 -30.09 7.09 -58.22
C SER L 497 -28.92 6.45 -58.95
N VAL L 498 -28.62 6.90 -60.17
CA VAL L 498 -27.47 6.40 -60.90
C VAL L 498 -26.19 6.60 -60.08
N SER L 499 -25.99 7.84 -59.62
CA SER L 499 -24.80 8.17 -58.84
C SER L 499 -24.77 7.40 -57.54
N ALA L 500 -25.92 7.27 -56.87
CA ALA L 500 -25.97 6.52 -55.62
C ALA L 500 -25.48 5.09 -55.82
N LEU L 501 -26.06 4.39 -56.80
CA LEU L 501 -25.68 3.01 -57.03
C LEU L 501 -24.21 2.89 -57.42
N THR L 502 -23.76 3.74 -58.35
CA THR L 502 -22.39 3.66 -58.82
C THR L 502 -21.40 3.92 -57.69
N LEU L 503 -21.64 4.97 -56.90
CA LEU L 503 -20.73 5.31 -55.82
C LEU L 503 -20.70 4.22 -54.75
N ALA L 504 -21.87 3.68 -54.38
CA ALA L 504 -21.89 2.63 -53.37
C ALA L 504 -21.15 1.39 -53.86
N THR L 505 -21.36 1.02 -55.12
CA THR L 505 -20.68 -0.16 -55.66
C THR L 505 -19.17 0.05 -55.72
N GLU L 506 -18.72 1.22 -56.16
CA GLU L 506 -17.28 1.46 -56.20
C GLU L 506 -16.67 1.44 -54.81
N THR L 507 -17.35 2.04 -53.82
CA THR L 507 -16.81 2.05 -52.47
C THR L 507 -16.74 0.64 -51.90
N VAL L 508 -17.78 -0.17 -52.11
CA VAL L 508 -17.71 -1.52 -51.58
C VAL L 508 -16.64 -2.33 -52.30
N ARG L 509 -16.49 -2.14 -53.62
CA ARG L 509 -15.41 -2.80 -54.34
C ARG L 509 -14.06 -2.45 -53.74
N SER L 510 -13.83 -1.17 -53.44
CA SER L 510 -12.58 -0.78 -52.79
C SER L 510 -12.46 -1.43 -51.41
N ILE L 511 -13.59 -1.64 -50.73
CA ILE L 511 -13.54 -2.23 -49.39
C ILE L 511 -13.06 -3.68 -49.47
N LEU L 512 -13.61 -4.47 -50.39
CA LEU L 512 -13.20 -5.86 -50.47
C LEU L 512 -11.73 -6.04 -50.83
N LYS L 513 -11.14 -5.14 -51.61
CA LYS L 513 -9.74 -5.26 -51.97
C LYS L 513 -8.80 -5.20 -50.76
N ILE L 514 -9.22 -4.57 -49.67
CA ILE L 514 -8.46 -4.56 -48.43
C ILE L 514 -8.70 -5.87 -47.71
N ASP L 515 -7.62 -6.55 -47.34
CA ASP L 515 -7.70 -7.86 -46.72
C ASP L 515 -7.30 -7.83 -45.24
N ASP L 516 -6.11 -7.34 -44.92
CA ASP L 516 -5.57 -7.42 -43.58
C ASP L 516 -5.33 -6.02 -43.02
N VAL L 517 -5.38 -5.91 -41.70
CA VAL L 517 -5.08 -4.67 -40.99
C VAL L 517 -3.91 -4.94 -40.06
N VAL L 518 -2.85 -4.14 -40.20
CA VAL L 518 -1.66 -4.27 -39.38
C VAL L 518 -1.28 -2.90 -38.84
N ASN L 519 -0.95 -2.84 -37.56
CA ASN L 519 -0.55 -1.59 -36.94
C ASN L 519 0.72 -1.04 -37.60
N THR L 520 0.70 0.24 -37.91
CA THR L 520 1.84 0.88 -38.57
C THR L 520 2.67 1.68 -37.57
N ALA M 1 33.96 -13.76 0.80
CA ALA M 1 33.57 -13.53 -0.58
C ALA M 1 32.62 -12.33 -0.70
N SER M 2 31.32 -12.59 -0.57
CA SER M 2 30.33 -11.54 -0.65
C SER M 2 30.45 -10.61 0.56
N MET M 3 30.28 -9.31 0.32
CA MET M 3 30.31 -8.26 1.33
C MET M 3 31.67 -8.14 2.01
N GLY M 4 32.71 -8.72 1.44
CA GLY M 4 34.04 -8.65 2.03
C GLY M 4 34.14 -9.39 3.35
N THR M 5 34.45 -8.66 4.41
CA THR M 5 34.55 -9.23 5.76
C THR M 5 33.28 -8.87 6.54
N LEU M 6 32.69 -9.88 7.19
CA LEU M 6 31.43 -9.72 7.90
C LEU M 6 31.71 -9.78 9.40
N ALA M 7 32.07 -8.64 9.96
CA ALA M 7 32.21 -8.49 11.41
C ALA M 7 31.45 -7.30 11.97
N PHE M 8 31.41 -6.18 11.23
N PHE M 8 31.39 -6.19 11.23
CA PHE M 8 30.68 -4.97 11.59
CA PHE M 8 30.68 -4.96 11.57
C PHE M 8 31.27 -4.28 12.82
C PHE M 8 31.28 -4.27 12.80
N ASP M 9 32.27 -4.88 13.44
CA ASP M 9 32.95 -4.33 14.62
C ASP M 9 34.09 -5.28 14.97
N GLU M 10 34.88 -4.86 15.97
CA GLU M 10 35.92 -5.72 16.53
C GLU M 10 35.53 -6.32 17.88
N TYR M 11 34.58 -5.71 18.59
CA TYR M 11 34.11 -6.21 19.88
C TYR M 11 32.60 -6.46 19.92
N GLY M 12 31.80 -5.61 19.26
CA GLY M 12 30.36 -5.79 19.29
C GLY M 12 29.56 -4.50 19.31
N ARG M 13 30.23 -3.37 19.56
CA ARG M 13 29.56 -2.09 19.52
C ARG M 13 29.24 -1.68 18.08
N PRO M 14 28.27 -0.78 17.89
CA PRO M 14 28.01 -0.29 16.53
C PRO M 14 29.24 0.37 15.92
N PHE M 15 29.46 0.10 14.64
CA PHE M 15 30.65 0.57 13.95
C PHE M 15 30.51 0.28 12.46
N LEU M 16 31.16 1.11 11.64
CA LEU M 16 31.13 0.93 10.20
C LEU M 16 32.36 1.61 9.59
N ILE M 17 32.89 1.01 8.53
CA ILE M 17 34.10 1.50 7.89
C ILE M 17 33.82 1.81 6.42
N ILE M 18 33.38 0.82 5.66
CA ILE M 18 33.19 0.95 4.22
C ILE M 18 31.73 1.35 3.96
N LYS M 19 31.54 2.37 3.13
CA LYS M 19 30.20 2.89 2.85
C LYS M 19 29.51 1.98 1.84
N ASP M 20 28.54 1.20 2.33
CA ASP M 20 27.68 0.37 1.49
C ASP M 20 28.50 -0.59 0.62
N GLN M 21 29.40 -1.35 1.25
CA GLN M 21 30.16 -2.36 0.54
C GLN M 21 29.30 -3.52 0.06
N ASP M 22 28.07 -3.63 0.55
CA ASP M 22 27.20 -4.73 0.14
C ASP M 22 26.90 -4.67 -1.35
N ARG M 23 26.68 -3.46 -1.89
CA ARG M 23 26.43 -3.28 -3.31
C ARG M 23 27.65 -2.74 -4.05
N LYS M 24 28.81 -2.69 -3.39
CA LYS M 24 30.06 -2.32 -4.03
C LYS M 24 30.80 -3.58 -4.46
N SER M 25 32.04 -3.42 -4.90
CA SER M 25 32.86 -4.55 -5.31
C SER M 25 34.33 -4.23 -5.06
N ARG M 26 35.04 -5.17 -4.45
CA ARG M 26 36.46 -5.02 -4.13
C ARG M 26 37.25 -6.11 -4.83
N LEU M 27 38.30 -5.72 -5.55
CA LEU M 27 39.14 -6.65 -6.27
C LEU M 27 40.61 -6.35 -5.96
N MET M 28 41.38 -7.39 -5.71
CA MET M 28 42.77 -7.27 -5.31
C MET M 28 43.62 -8.30 -6.04
N GLY M 29 44.28 -7.87 -7.12
CA GLY M 29 45.26 -8.71 -7.79
C GLY M 29 44.69 -9.69 -8.79
N LEU M 30 44.66 -10.95 -8.39
CA LEU M 30 44.30 -12.02 -9.31
C LEU M 30 42.87 -11.85 -9.82
N GLU M 31 41.94 -11.48 -8.95
CA GLU M 31 40.56 -11.33 -9.38
C GLU M 31 40.41 -10.21 -10.40
N ALA M 32 41.12 -9.09 -10.20
CA ALA M 32 41.10 -8.02 -11.19
C ALA M 32 41.68 -8.49 -12.52
N LEU M 33 42.79 -9.23 -12.48
CA LEU M 33 43.39 -9.70 -13.72
C LEU M 33 42.44 -10.65 -14.44
N LYS M 34 41.72 -11.49 -13.68
CA LYS M 34 40.71 -12.35 -14.29
C LYS M 34 39.62 -11.52 -14.95
N SER M 35 39.19 -10.44 -14.30
CA SER M 35 38.17 -9.58 -14.93
C SER M 35 38.68 -9.00 -16.24
N HIS M 36 39.92 -8.52 -16.26
CA HIS M 36 40.46 -7.94 -17.48
C HIS M 36 40.55 -8.99 -18.59
N ILE M 37 41.08 -10.18 -18.26
CA ILE M 37 41.23 -11.18 -19.31
C ILE M 37 39.88 -11.75 -19.71
N MET M 38 38.87 -11.71 -18.85
CA MET M 38 37.54 -12.12 -19.28
C MET M 38 36.96 -11.11 -20.26
N ALA M 39 37.20 -9.82 -20.02
CA ALA M 39 36.89 -8.82 -21.04
C ALA M 39 37.63 -9.12 -22.33
N ALA M 40 38.87 -9.58 -22.21
CA ALA M 40 39.65 -9.96 -23.39
C ALA M 40 39.00 -11.11 -24.14
N LYS M 41 38.50 -12.12 -23.43
CA LYS M 41 37.67 -13.13 -24.09
C LYS M 41 36.51 -12.50 -24.82
N ALA M 42 35.77 -11.61 -24.17
CA ALA M 42 34.60 -11.02 -24.82
C ALA M 42 34.98 -10.39 -26.15
N VAL M 43 35.96 -9.49 -26.11
CA VAL M 43 36.32 -8.74 -27.32
C VAL M 43 36.91 -9.68 -28.38
N ALA M 44 37.80 -10.58 -27.97
CA ALA M 44 38.50 -11.41 -28.94
C ALA M 44 37.56 -12.41 -29.61
N ASN M 45 36.77 -13.14 -28.81
CA ASN M 45 35.89 -14.13 -29.42
C ASN M 45 34.68 -13.50 -30.10
N THR M 46 34.39 -12.22 -29.83
CA THR M 46 33.47 -11.52 -30.71
C THR M 46 34.15 -11.19 -32.04
N MET M 47 35.40 -10.76 -32.00
CA MET M 47 36.11 -10.33 -33.20
C MET M 47 36.52 -11.48 -34.12
N ARG M 48 36.67 -12.69 -33.58
CA ARG M 48 37.41 -13.74 -34.29
C ARG M 48 36.74 -14.16 -35.59
N THR M 49 35.41 -14.16 -35.65
CA THR M 49 34.73 -14.79 -36.78
C THR M 49 34.87 -14.03 -38.09
N SER M 50 35.41 -12.82 -38.07
CA SER M 50 35.61 -12.03 -39.29
C SER M 50 37.02 -12.20 -39.85
N LEU M 51 37.60 -13.38 -39.71
CA LEU M 51 38.97 -13.63 -40.11
C LEU M 51 39.02 -14.56 -41.32
N GLY M 52 39.80 -14.19 -42.31
CA GLY M 52 40.03 -15.03 -43.46
C GLY M 52 38.98 -14.89 -44.55
N PRO M 53 39.19 -15.59 -45.67
CA PRO M 53 38.23 -15.49 -46.78
C PRO M 53 36.81 -15.87 -46.39
N ASN M 54 36.66 -16.86 -45.51
CA ASN M 54 35.35 -17.23 -45.00
C ASN M 54 34.92 -16.38 -43.81
N GLY M 55 35.58 -15.25 -43.60
CA GLY M 55 35.20 -14.35 -42.52
C GLY M 55 33.88 -13.66 -42.79
N LEU M 56 32.89 -13.96 -41.96
CA LEU M 56 31.57 -13.38 -42.11
C LEU M 56 31.57 -11.94 -41.61
N ASP M 57 30.49 -11.21 -41.91
CA ASP M 57 30.37 -9.84 -41.45
C ASP M 57 29.59 -9.78 -40.14
N LYS M 58 29.54 -8.58 -39.55
CA LYS M 58 28.95 -8.39 -38.24
C LYS M 58 27.88 -7.31 -38.29
N MET M 59 26.89 -7.45 -37.41
CA MET M 59 25.91 -6.41 -37.16
C MET M 59 26.10 -5.89 -35.75
N MET M 60 26.42 -4.60 -35.63
CA MET M 60 26.59 -3.98 -34.33
C MET M 60 25.79 -2.69 -34.29
N VAL M 61 25.09 -2.47 -33.18
CA VAL M 61 24.20 -1.33 -33.01
C VAL M 61 24.53 -0.65 -31.70
N ASP M 62 24.70 0.67 -31.75
CA ASP M 62 24.94 1.47 -30.55
C ASP M 62 23.60 1.78 -29.89
N LYS M 63 23.62 2.65 -28.88
CA LYS M 63 22.38 3.10 -28.27
C LYS M 63 21.59 4.03 -29.18
N ASP M 64 22.24 4.61 -30.19
CA ASP M 64 21.54 5.46 -31.15
C ASP M 64 20.73 4.65 -32.15
N GLY M 65 21.22 3.50 -32.57
CA GLY M 65 20.52 2.67 -33.53
C GLY M 65 21.06 2.70 -34.94
N ASP M 66 22.35 2.98 -35.12
CA ASP M 66 22.92 3.05 -36.45
C ASP M 66 23.10 1.66 -37.04
N VAL M 67 22.65 1.49 -38.28
CA VAL M 67 22.79 0.24 -39.01
C VAL M 67 24.18 0.19 -39.62
N THR M 68 24.94 -0.86 -39.29
CA THR M 68 26.33 -0.95 -39.73
C THR M 68 26.69 -2.41 -39.95
N VAL M 69 27.07 -2.75 -41.18
CA VAL M 69 27.68 -4.04 -41.49
C VAL M 69 29.04 -3.78 -42.14
N THR M 70 30.08 -4.41 -41.61
CA THR M 70 31.44 -4.19 -42.08
C THR M 70 32.19 -5.51 -42.08
N ASN M 71 33.45 -5.46 -42.54
CA ASN M 71 34.31 -6.63 -42.51
C ASN M 71 35.72 -6.34 -42.00
N ASP M 72 36.10 -5.07 -41.82
CA ASP M 72 37.41 -4.72 -41.32
C ASP M 72 37.33 -4.61 -39.81
N GLY M 73 38.12 -5.43 -39.10
CA GLY M 73 37.91 -5.61 -37.68
C GLY M 73 37.88 -4.32 -36.89
N ALA M 74 38.76 -3.38 -37.23
CA ALA M 74 38.75 -2.07 -36.58
C ALA M 74 37.40 -1.39 -36.77
N THR M 75 36.79 -1.57 -37.95
CA THR M 75 35.49 -0.96 -38.18
C THR M 75 34.40 -1.62 -37.34
N ILE M 76 34.47 -2.94 -37.14
CA ILE M 76 33.49 -3.60 -36.27
C ILE M 76 33.63 -3.08 -34.84
N LEU M 77 34.85 -3.03 -34.34
CA LEU M 77 35.08 -2.63 -32.96
C LEU M 77 35.10 -1.12 -32.75
N SER M 78 34.94 -0.34 -33.83
CA SER M 78 35.09 1.11 -33.71
C SER M 78 34.00 1.72 -32.85
N MET M 79 32.73 1.41 -33.14
CA MET M 79 31.62 2.05 -32.47
C MET M 79 30.83 1.11 -31.57
N MET M 80 31.31 -0.10 -31.32
CA MET M 80 30.62 -1.00 -30.41
C MET M 80 30.69 -0.46 -28.99
N ASP M 81 29.70 -0.85 -28.18
CA ASP M 81 29.56 -0.30 -26.83
C ASP M 81 30.67 -0.83 -25.95
N VAL M 82 31.75 -0.07 -25.86
CA VAL M 82 32.89 -0.43 -25.02
C VAL M 82 32.63 0.05 -23.61
N ASP M 83 32.76 -0.86 -22.65
CA ASP M 83 32.46 -0.59 -21.26
C ASP M 83 33.69 -0.68 -20.36
N HIS M 84 34.59 -1.61 -20.64
CA HIS M 84 35.72 -1.90 -19.78
C HIS M 84 36.99 -1.27 -20.37
N GLN M 85 37.83 -0.71 -19.48
CA GLN M 85 38.89 0.18 -19.94
C GLN M 85 39.91 -0.55 -20.81
N ILE M 86 40.31 -1.75 -20.42
CA ILE M 86 41.24 -2.53 -21.25
C ILE M 86 40.63 -2.91 -22.60
N ALA M 87 39.33 -3.18 -22.64
CA ALA M 87 38.67 -3.39 -23.93
C ALA M 87 38.81 -2.14 -24.80
N LYS M 88 38.61 -0.97 -24.20
CA LYS M 88 38.81 0.28 -24.93
C LYS M 88 40.25 0.42 -25.40
N LEU M 89 41.20 0.00 -24.56
CA LEU M 89 42.60 0.07 -24.93
C LEU M 89 42.89 -0.81 -26.14
N MET M 90 42.29 -1.99 -26.20
CA MET M 90 42.36 -2.81 -27.41
C MET M 90 41.71 -2.09 -28.59
N VAL M 91 40.65 -1.33 -28.34
CA VAL M 91 39.99 -0.60 -29.43
C VAL M 91 40.94 0.42 -30.05
N GLU M 92 41.62 1.22 -29.22
CA GLU M 92 42.58 2.13 -29.85
C GLU M 92 43.86 1.43 -30.28
N LEU M 93 44.15 0.23 -29.78
CA LEU M 93 45.18 -0.60 -30.41
C LEU M 93 44.85 -0.84 -31.87
N SER M 94 43.62 -1.31 -32.13
CA SER M 94 43.19 -1.54 -33.50
C SER M 94 43.17 -0.24 -34.29
N LYS M 95 42.73 0.85 -33.65
CA LYS M 95 42.69 2.14 -34.33
C LYS M 95 44.08 2.58 -34.77
N SER M 96 45.06 2.46 -33.88
CA SER M 96 46.44 2.82 -34.22
C SER M 96 46.98 1.91 -35.31
N GLN M 97 46.71 0.61 -35.22
CA GLN M 97 47.18 -0.31 -36.26
C GLN M 97 46.61 0.08 -37.61
N ASP M 98 45.32 0.40 -37.66
CA ASP M 98 44.71 0.84 -38.91
C ASP M 98 45.33 2.16 -39.39
N ASP M 99 45.61 3.07 -38.45
CA ASP M 99 46.15 4.38 -38.83
C ASP M 99 47.53 4.25 -39.45
N GLU M 100 48.42 3.46 -38.85
CA GLU M 100 49.79 3.39 -39.33
C GLU M 100 50.07 2.16 -40.19
N ILE M 101 49.11 1.26 -40.34
CA ILE M 101 49.26 0.16 -41.31
C ILE M 101 48.08 0.20 -42.27
N GLY M 102 46.87 0.02 -41.74
CA GLY M 102 45.68 -0.05 -42.56
C GLY M 102 45.20 -1.44 -42.90
N ASP M 103 45.94 -2.48 -42.52
CA ASP M 103 45.55 -3.86 -42.76
C ASP M 103 45.97 -4.72 -41.58
N GLY M 104 45.29 -5.85 -41.43
CA GLY M 104 45.61 -6.76 -40.33
C GLY M 104 44.96 -6.41 -39.02
N THR M 105 43.84 -5.69 -39.04
CA THR M 105 43.13 -5.39 -37.81
C THR M 105 42.63 -6.66 -37.12
N THR M 106 42.20 -7.65 -37.92
CA THR M 106 41.72 -8.90 -37.35
C THR M 106 42.82 -9.63 -36.60
N GLY M 107 44.04 -9.60 -37.15
CA GLY M 107 45.12 -10.37 -36.56
C GLY M 107 45.51 -9.91 -35.17
N VAL M 108 45.63 -8.59 -34.97
CA VAL M 108 46.12 -8.07 -33.70
C VAL M 108 45.17 -8.43 -32.57
N VAL M 109 43.87 -8.27 -32.79
CA VAL M 109 42.90 -8.49 -31.72
C VAL M 109 42.87 -9.96 -31.33
N VAL M 110 42.81 -10.85 -32.32
CA VAL M 110 42.75 -12.28 -32.04
C VAL M 110 44.04 -12.74 -31.37
N LEU M 111 45.18 -12.26 -31.85
CA LEU M 111 46.46 -12.63 -31.24
C LEU M 111 46.53 -12.17 -29.79
N ALA M 112 46.13 -10.93 -29.51
CA ALA M 112 46.15 -10.44 -28.15
C ALA M 112 45.21 -11.24 -27.25
N GLY M 113 44.02 -11.56 -27.76
CA GLY M 113 43.10 -12.37 -26.97
C GLY M 113 43.66 -13.73 -26.64
N ALA M 114 44.28 -14.39 -27.62
CA ALA M 114 44.88 -15.69 -27.36
C ALA M 114 46.02 -15.59 -26.35
N LEU M 115 46.89 -14.57 -26.50
CA LEU M 115 47.98 -14.41 -25.56
C LEU M 115 47.45 -14.23 -24.14
N LEU M 116 46.45 -13.37 -23.99
CA LEU M 116 45.91 -13.07 -22.67
C LEU M 116 45.19 -14.28 -22.08
N GLU M 117 44.44 -15.03 -22.90
CA GLU M 117 43.79 -16.23 -22.38
C GLU M 117 44.83 -17.25 -21.90
N GLU M 118 45.83 -17.56 -22.71
CA GLU M 118 46.82 -18.53 -22.28
C GLU M 118 47.57 -18.03 -21.05
N ALA M 119 47.75 -16.72 -20.96
CA ALA M 119 48.33 -16.14 -19.75
C ALA M 119 47.44 -16.36 -18.53
N GLU M 120 46.11 -16.37 -18.71
CA GLU M 120 45.27 -16.55 -17.53
C GLU M 120 45.32 -17.99 -17.04
N GLN M 121 45.31 -18.98 -17.95
CA GLN M 121 45.47 -20.32 -17.38
C GLN M 121 46.92 -20.60 -16.99
N LEU M 122 47.86 -19.75 -17.42
CA LEU M 122 49.17 -19.76 -16.78
C LEU M 122 49.08 -19.30 -15.34
N LEU M 123 48.42 -18.16 -15.11
CA LEU M 123 48.23 -17.64 -13.75
C LEU M 123 47.45 -18.63 -12.89
N ASP M 124 46.52 -19.37 -13.49
CA ASP M 124 45.79 -20.39 -12.75
C ASP M 124 46.71 -21.44 -12.15
N ARG M 125 47.92 -21.57 -12.70
CA ARG M 125 48.95 -22.42 -12.14
C ARG M 125 49.80 -21.69 -11.11
N GLY M 126 49.52 -20.42 -10.83
CA GLY M 126 50.25 -19.67 -9.82
C GLY M 126 51.58 -19.14 -10.29
N ILE M 127 51.57 -18.25 -11.27
CA ILE M 127 52.78 -17.63 -11.79
C ILE M 127 52.57 -16.13 -11.90
N HIS M 128 53.62 -15.36 -11.61
CA HIS M 128 53.48 -13.92 -11.52
C HIS M 128 53.71 -13.26 -12.89
N PRO M 129 52.92 -12.24 -13.20
CA PRO M 129 52.89 -11.73 -14.59
C PRO M 129 54.23 -11.23 -15.13
N ILE M 130 55.19 -10.89 -14.27
CA ILE M 130 56.47 -10.40 -14.77
C ILE M 130 57.18 -11.47 -15.60
N ARG M 131 57.16 -12.71 -15.13
CA ARG M 131 57.79 -13.80 -15.87
C ARG M 131 57.10 -14.01 -17.21
N ILE M 132 55.77 -13.93 -17.24
CA ILE M 132 55.04 -14.08 -18.49
C ILE M 132 55.40 -12.96 -19.45
N ALA M 133 55.51 -11.73 -18.94
CA ALA M 133 55.87 -10.61 -19.80
C ALA M 133 57.26 -10.80 -20.39
N ASP M 134 58.22 -11.24 -19.58
CA ASP M 134 59.57 -11.48 -20.09
C ASP M 134 59.57 -12.58 -21.15
N GLY M 135 58.86 -13.68 -20.88
CA GLY M 135 58.79 -14.75 -21.86
C GLY M 135 58.12 -14.31 -23.14
N TYR M 136 57.11 -13.46 -23.04
CA TYR M 136 56.44 -12.96 -24.24
C TYR M 136 57.34 -12.01 -25.02
N GLU M 137 58.17 -11.22 -24.35
CA GLU M 137 59.13 -10.40 -25.07
C GLU M 137 60.15 -11.26 -25.80
N GLN M 138 60.61 -12.34 -25.15
CA GLN M 138 61.50 -13.28 -25.81
C GLN M 138 60.83 -13.91 -27.02
N ALA M 139 59.56 -14.29 -26.88
CA ALA M 139 58.80 -14.82 -28.01
C ALA M 139 58.69 -13.78 -29.12
N ALA M 140 58.52 -12.52 -28.75
CA ALA M 140 58.41 -11.45 -29.74
C ALA M 140 59.68 -11.33 -30.55
N ARG M 141 60.84 -11.31 -29.88
CA ARG M 141 62.08 -11.19 -30.64
C ARG M 141 62.34 -12.44 -31.48
N VAL M 142 61.97 -13.61 -30.98
CA VAL M 142 62.10 -14.84 -31.77
C VAL M 142 61.24 -14.75 -33.03
N ALA M 143 59.99 -14.30 -32.86
CA ALA M 143 59.10 -14.16 -34.01
C ALA M 143 59.63 -13.14 -35.00
N ILE M 144 60.18 -12.03 -34.49
CA ILE M 144 60.69 -10.98 -35.37
C ILE M 144 61.85 -11.51 -36.20
N GLU M 145 62.79 -12.22 -35.58
CA GLU M 145 63.90 -12.76 -36.35
C GLU M 145 63.43 -13.84 -37.32
N HIS M 146 62.42 -14.62 -36.94
CA HIS M 146 61.86 -15.60 -37.88
C HIS M 146 61.24 -14.92 -39.08
N LEU M 147 60.53 -13.82 -38.87
CA LEU M 147 60.00 -13.03 -39.99
C LEU M 147 61.13 -12.51 -40.86
N ASP M 148 62.18 -11.98 -40.23
CA ASP M 148 63.33 -11.48 -40.98
C ASP M 148 64.03 -12.58 -41.76
N LYS M 149 63.85 -13.84 -41.37
CA LYS M 149 64.48 -14.94 -42.09
C LYS M 149 63.99 -15.03 -43.53
N ILE M 150 62.69 -14.87 -43.75
CA ILE M 150 62.09 -15.17 -45.04
C ILE M 150 61.41 -13.93 -45.64
N SER M 151 61.96 -12.75 -45.37
CA SER M 151 61.41 -11.53 -45.93
C SER M 151 61.62 -11.47 -47.44
N ASP M 152 60.85 -10.62 -48.09
CA ASP M 152 60.96 -10.43 -49.54
C ASP M 152 60.47 -9.03 -49.89
N SER M 153 60.92 -8.54 -51.04
CA SER M 153 60.64 -7.18 -51.47
C SER M 153 59.94 -7.15 -52.82
N VAL M 154 59.32 -6.02 -53.13
CA VAL M 154 58.56 -5.82 -54.35
C VAL M 154 59.03 -4.52 -55.01
N LEU M 155 58.35 -4.15 -56.09
CA LEU M 155 58.63 -2.94 -56.83
C LEU M 155 57.83 -1.76 -56.27
N VAL M 156 58.43 -0.57 -56.32
CA VAL M 156 57.83 0.64 -55.78
C VAL M 156 57.67 1.65 -56.90
N ASP M 157 57.40 1.15 -58.11
CA ASP M 157 57.24 2.02 -59.26
C ASP M 157 55.76 2.36 -59.46
N ILE M 158 55.52 3.58 -59.98
CA ILE M 158 54.15 4.05 -60.16
C ILE M 158 53.41 3.21 -61.20
N LYS M 159 54.11 2.73 -62.23
CA LYS M 159 53.46 2.00 -63.31
C LYS M 159 53.13 0.56 -62.92
N ASP M 160 53.73 0.06 -61.84
CA ASP M 160 53.56 -1.35 -61.48
C ASP M 160 52.16 -1.59 -60.93
N THR M 161 51.41 -2.49 -61.57
CA THR M 161 50.06 -2.81 -61.14
C THR M 161 49.79 -4.30 -60.94
N GLU M 162 50.43 -5.19 -61.69
CA GLU M 162 50.06 -6.60 -61.62
C GLU M 162 50.30 -7.23 -60.26
N PRO M 163 51.49 -7.14 -59.65
CA PRO M 163 51.60 -7.59 -58.25
C PRO M 163 50.73 -6.79 -57.31
N LEU M 164 50.56 -5.48 -57.58
CA LEU M 164 49.66 -4.67 -56.80
C LEU M 164 48.23 -5.20 -56.91
N ILE M 165 47.82 -5.56 -58.14
CA ILE M 165 46.49 -6.12 -58.35
C ILE M 165 46.33 -7.44 -57.59
N GLN M 166 47.37 -8.29 -57.63
CA GLN M 166 47.29 -9.57 -56.92
C GLN M 166 47.14 -9.36 -55.42
N THR M 167 47.94 -8.45 -54.85
CA THR M 167 47.88 -8.21 -53.41
C THR M 167 46.53 -7.62 -53.02
N ALA M 168 46.02 -6.66 -53.79
CA ALA M 168 44.71 -6.08 -53.50
C ALA M 168 43.62 -7.13 -53.61
N LYS M 169 43.70 -8.00 -54.62
CA LYS M 169 42.70 -9.05 -54.77
C LYS M 169 42.74 -10.02 -53.61
N THR M 170 43.94 -10.39 -53.15
CA THR M 170 44.05 -11.25 -51.97
C THR M 170 43.45 -10.58 -50.75
N THR M 171 43.71 -9.28 -50.58
CA THR M 171 43.16 -8.57 -49.44
C THR M 171 41.63 -8.52 -49.49
N LEU M 172 41.07 -8.29 -50.67
CA LEU M 172 39.63 -8.09 -50.82
C LEU M 172 38.86 -9.39 -51.02
N GLY M 173 39.53 -10.53 -51.18
CA GLY M 173 38.81 -11.77 -51.32
C GLY M 173 37.93 -12.11 -50.13
N SER M 174 38.39 -11.76 -48.93
CA SER M 174 37.64 -12.06 -47.71
C SER M 174 36.36 -11.23 -47.58
N LYS M 175 36.17 -10.21 -48.40
CA LYS M 175 35.03 -9.32 -48.31
C LYS M 175 33.91 -9.78 -49.24
N VAL M 176 32.74 -9.15 -49.07
CA VAL M 176 31.59 -9.43 -49.94
C VAL M 176 31.81 -9.01 -51.38
N VAL M 177 32.79 -8.14 -51.63
CA VAL M 177 32.95 -7.49 -52.92
C VAL M 177 33.61 -8.39 -53.95
N ASN M 178 33.97 -9.62 -53.55
CA ASN M 178 34.75 -10.48 -54.43
C ASN M 178 34.01 -10.91 -55.69
N SER M 179 32.78 -10.44 -55.91
CA SER M 179 32.08 -10.74 -57.15
C SER M 179 32.75 -10.09 -58.35
N CYS M 180 33.19 -8.84 -58.18
CA CYS M 180 33.80 -8.03 -59.25
C CYS M 180 35.29 -7.88 -59.00
N HIS M 181 35.92 -8.98 -58.60
CA HIS M 181 37.23 -8.98 -57.96
C HIS M 181 38.26 -8.22 -58.79
N ARG M 182 38.51 -8.67 -60.02
CA ARG M 182 39.50 -8.03 -60.87
C ARG M 182 39.07 -6.62 -61.27
N GLN M 183 37.77 -6.41 -61.45
CA GLN M 183 37.30 -5.09 -61.85
C GLN M 183 37.66 -4.04 -60.82
N MET M 184 37.33 -4.29 -59.55
CA MET M 184 37.66 -3.32 -58.50
C MET M 184 39.14 -3.33 -58.17
N ALA M 185 39.85 -4.43 -58.46
CA ALA M 185 41.31 -4.38 -58.38
C ALA M 185 41.85 -3.31 -59.33
N GLU M 186 41.41 -3.35 -60.59
CA GLU M 186 41.81 -2.33 -61.56
C GLU M 186 41.33 -0.95 -61.14
N ILE M 187 40.13 -0.85 -60.60
CA ILE M 187 39.59 0.44 -60.18
C ILE M 187 40.43 1.04 -59.07
N ALA M 188 40.78 0.24 -58.06
CA ALA M 188 41.62 0.74 -56.97
C ALA M 188 43.00 1.12 -57.47
N VAL M 189 43.56 0.33 -58.39
CA VAL M 189 44.86 0.69 -58.96
C VAL M 189 44.79 2.04 -59.67
N ASN M 190 43.74 2.24 -60.48
CA ASN M 190 43.60 3.52 -61.18
C ASN M 190 43.44 4.66 -60.20
N ALA M 191 42.63 4.46 -59.15
CA ALA M 191 42.42 5.51 -58.17
C ALA M 191 43.71 5.90 -57.46
N VAL M 192 44.51 4.90 -57.05
CA VAL M 192 45.72 5.21 -56.32
C VAL M 192 46.79 5.80 -57.24
N LEU M 193 46.83 5.38 -58.51
CA LEU M 193 47.84 5.88 -59.43
C LEU M 193 47.45 7.19 -60.11
N THR M 194 46.19 7.63 -59.98
CA THR M 194 45.79 8.90 -60.56
C THR M 194 46.54 10.06 -59.90
N VAL M 195 46.54 10.10 -58.57
CA VAL M 195 47.33 11.06 -57.81
C VAL M 195 48.20 10.28 -56.83
N ALA M 196 49.50 10.57 -56.85
CA ALA M 196 50.44 9.85 -56.00
C ALA M 196 51.73 10.65 -55.91
N ASP M 197 52.40 10.53 -54.77
CA ASP M 197 53.68 11.18 -54.53
C ASP M 197 54.73 10.13 -54.22
N MET M 198 55.86 10.20 -54.93
CA MET M 198 56.94 9.24 -54.75
C MET M 198 58.03 9.74 -53.82
N GLU M 199 57.88 10.92 -53.23
CA GLU M 199 58.91 11.44 -52.33
C GLU M 199 58.70 10.95 -50.90
N ARG M 200 58.46 9.64 -50.76
CA ARG M 200 58.30 8.98 -49.47
C ARG M 200 57.39 9.76 -48.52
N ARG M 201 56.33 10.34 -49.06
CA ARG M 201 55.39 11.13 -48.28
C ARG M 201 53.99 10.57 -48.44
N ASP M 202 53.09 11.02 -47.56
CA ASP M 202 51.73 10.52 -47.51
C ASP M 202 50.83 11.30 -48.46
N VAL M 203 49.61 10.78 -48.64
CA VAL M 203 48.56 11.44 -49.42
C VAL M 203 47.47 11.86 -48.46
N ASP M 204 47.15 13.15 -48.47
CA ASP M 204 46.18 13.70 -47.52
C ASP M 204 44.79 13.15 -47.81
N PHE M 205 44.10 12.72 -46.76
CA PHE M 205 42.73 12.24 -46.90
C PHE M 205 41.71 13.37 -47.00
N GLU M 206 42.10 14.59 -46.63
CA GLU M 206 41.21 15.72 -46.83
C GLU M 206 41.11 16.09 -48.30
N LEU M 207 42.10 15.71 -49.10
CA LEU M 207 42.07 16.00 -50.53
C LEU M 207 41.22 15.00 -51.30
N ILE M 208 41.07 13.78 -50.81
CA ILE M 208 40.36 12.72 -51.52
C ILE M 208 39.14 12.32 -50.68
N LYS M 209 37.96 12.44 -51.27
CA LYS M 209 36.70 12.04 -50.64
C LYS M 209 35.97 11.10 -51.58
N VAL M 210 35.62 9.91 -51.08
CA VAL M 210 34.99 8.88 -51.89
C VAL M 210 33.57 8.67 -51.36
N GLU M 211 32.58 8.82 -52.24
CA GLU M 211 31.19 8.67 -51.87
C GLU M 211 30.43 8.02 -53.02
N GLY M 212 29.28 7.43 -52.68
CA GLY M 212 28.41 6.82 -53.66
C GLY M 212 27.02 6.70 -53.12
N LYS M 213 26.05 6.67 -54.02
CA LYS M 213 24.64 6.61 -53.64
C LYS M 213 23.97 5.41 -54.31
N VAL M 214 22.79 5.08 -53.79
CA VAL M 214 22.14 3.82 -54.13
C VAL M 214 21.72 3.80 -55.59
N GLY M 215 21.40 2.60 -56.07
CA GLY M 215 21.01 2.37 -57.45
C GLY M 215 22.11 1.68 -58.23
N GLY M 216 21.82 1.44 -59.51
CA GLY M 216 22.79 0.88 -60.42
C GLY M 216 23.16 -0.56 -60.10
N ARG M 217 24.32 -0.97 -60.62
CA ARG M 217 24.84 -2.31 -60.43
C ARG M 217 26.27 -2.22 -59.91
N LEU M 218 26.74 -3.33 -59.33
CA LEU M 218 28.10 -3.37 -58.81
C LEU M 218 29.13 -3.21 -59.91
N GLU M 219 28.88 -3.83 -61.07
CA GLU M 219 29.81 -3.71 -62.20
C GLU M 219 29.92 -2.30 -62.73
N ASP M 220 28.98 -1.41 -62.39
CA ASP M 220 29.03 -0.02 -62.84
C ASP M 220 30.13 0.78 -62.16
N THR M 221 30.80 0.21 -61.16
CA THR M 221 31.85 0.94 -60.45
C THR M 221 32.93 1.41 -61.40
N LYS M 222 33.37 2.64 -61.19
CA LYS M 222 34.40 3.26 -62.03
C LYS M 222 35.11 4.33 -61.20
N LEU M 223 36.08 5.01 -61.83
CA LEU M 223 36.86 6.04 -61.17
C LEU M 223 36.48 7.40 -61.75
N ILE M 224 36.16 8.34 -60.87
CA ILE M 224 35.79 9.70 -61.25
C ILE M 224 36.94 10.62 -60.88
N LYS M 225 37.52 11.29 -61.88
CA LYS M 225 38.62 12.22 -61.67
C LYS M 225 38.04 13.63 -61.63
N GLY M 226 37.43 13.97 -60.50
CA GLY M 226 36.85 15.28 -60.35
C GLY M 226 36.18 15.45 -59.01
N VAL M 227 35.51 16.58 -58.84
CA VAL M 227 34.83 16.94 -57.60
C VAL M 227 33.33 16.66 -57.78
N ILE M 228 32.74 15.99 -56.80
CA ILE M 228 31.33 15.65 -56.81
C ILE M 228 30.63 16.44 -55.71
N VAL M 229 29.52 17.09 -56.06
CA VAL M 229 28.71 17.83 -55.11
C VAL M 229 27.26 17.40 -55.27
N ASP M 230 26.58 17.21 -54.15
CA ASP M 230 25.18 16.77 -54.16
C ASP M 230 24.24 17.98 -54.19
N LYS M 231 24.48 18.86 -55.16
CA LYS M 231 23.71 20.09 -55.31
C LYS M 231 23.33 20.25 -56.78
N ASP M 232 22.26 21.01 -57.01
CA ASP M 232 21.76 21.27 -58.35
C ASP M 232 21.78 22.77 -58.61
N PHE M 233 21.36 23.16 -59.81
CA PHE M 233 21.42 24.56 -60.21
C PHE M 233 20.37 25.39 -59.48
N SER M 234 20.63 26.69 -59.39
CA SER M 234 19.73 27.58 -58.67
C SER M 234 18.37 27.67 -59.34
N HIS M 235 18.33 27.78 -60.67
CA HIS M 235 17.07 27.92 -61.38
C HIS M 235 16.84 26.67 -62.22
N PRO M 236 15.75 25.92 -61.97
CA PRO M 236 15.51 24.70 -62.75
C PRO M 236 15.35 24.93 -64.24
N GLN M 237 14.76 26.06 -64.64
CA GLN M 237 14.58 26.34 -66.07
C GLN M 237 15.89 26.49 -66.81
N MET M 238 16.98 26.77 -66.10
CA MET M 238 18.27 26.95 -66.72
C MET M 238 18.81 25.61 -67.23
N PRO M 239 19.28 25.54 -68.47
CA PRO M 239 19.72 24.25 -69.03
C PRO M 239 20.93 23.70 -68.27
N LYS M 240 20.83 22.42 -67.88
CA LYS M 240 21.77 21.83 -66.94
C LYS M 240 23.18 21.65 -67.49
N LYS M 241 23.39 21.78 -68.80
CA LYS M 241 24.69 21.50 -69.40
C LYS M 241 25.43 22.81 -69.66
N VAL M 242 26.59 22.96 -69.02
CA VAL M 242 27.45 24.13 -69.20
C VAL M 242 28.85 23.62 -69.55
N GLU M 243 29.45 24.22 -70.58
CA GLU M 243 30.78 23.86 -71.02
C GLU M 243 31.73 25.05 -70.85
N ASP M 244 33.02 24.73 -70.64
CA ASP M 244 34.05 25.75 -70.37
C ASP M 244 33.66 26.60 -69.16
N ALA M 245 33.23 25.91 -68.10
CA ALA M 245 32.73 26.59 -66.91
C ALA M 245 33.86 27.23 -66.14
N LYS M 246 33.92 28.57 -66.15
CA LYS M 246 34.87 29.31 -65.34
C LYS M 246 34.28 29.43 -63.94
N ILE M 247 34.79 28.63 -63.01
CA ILE M 247 34.20 28.55 -61.68
C ILE M 247 34.50 29.84 -60.92
N ALA M 248 33.44 30.59 -60.61
CA ALA M 248 33.56 31.84 -59.86
C ALA M 248 33.26 31.54 -58.39
N ILE M 249 34.31 31.47 -57.58
CA ILE M 249 34.14 31.15 -56.16
C ILE M 249 33.56 32.35 -55.44
N LEU M 250 32.44 32.13 -54.74
CA LEU M 250 31.83 33.15 -53.91
C LEU M 250 31.50 32.55 -52.56
N THR M 251 31.80 33.29 -51.49
CA THR M 251 31.53 32.82 -50.13
C THR M 251 30.83 33.89 -49.30
N CYS M 252 30.03 34.75 -49.93
CA CYS M 252 29.29 35.77 -49.23
C CYS M 252 27.85 35.81 -49.72
N PRO M 253 26.88 36.04 -48.84
CA PRO M 253 25.49 36.16 -49.28
C PRO M 253 25.28 37.47 -50.03
N PHE M 254 24.28 37.48 -50.91
CA PHE M 254 23.94 38.67 -51.68
C PHE M 254 22.98 39.57 -50.89
N GLU M 255 23.45 39.96 -49.71
CA GLU M 255 22.74 40.85 -48.81
C GLU M 255 23.66 41.95 -48.34
N PRO M 256 23.14 43.13 -48.04
CA PRO M 256 23.99 44.26 -47.61
C PRO M 256 24.73 43.92 -46.33
N PRO M 257 26.00 44.32 -46.23
CA PRO M 257 26.76 44.07 -44.99
C PRO M 257 26.25 44.95 -43.86
N LYS M 258 26.44 44.46 -42.64
CA LYS M 258 26.04 45.19 -41.45
C LYS M 258 26.99 44.90 -40.29
N PRO M 259 27.57 45.92 -39.68
CA PRO M 259 28.50 45.68 -38.57
C PRO M 259 27.80 45.12 -37.35
N LYS M 260 28.58 44.40 -36.53
CA LYS M 260 28.07 43.81 -35.30
C LYS M 260 27.90 44.83 -34.18
N THR M 261 28.43 46.03 -34.33
CA THR M 261 28.33 47.04 -33.29
C THR M 261 26.88 47.48 -33.12
N LYS M 262 26.48 47.70 -31.87
CA LYS M 262 25.11 48.10 -31.56
C LYS M 262 24.88 49.52 -32.06
N HIS M 263 24.17 49.64 -33.19
CA HIS M 263 23.92 50.92 -33.82
C HIS M 263 22.45 51.04 -34.17
N LYS M 264 21.94 52.27 -34.14
CA LYS M 264 20.55 52.56 -34.46
C LYS M 264 20.49 53.71 -35.46
N LEU M 265 19.72 53.52 -36.52
CA LEU M 265 19.51 54.54 -37.54
C LEU M 265 18.06 54.98 -37.51
N ASP M 266 17.83 56.29 -37.57
CA ASP M 266 16.50 56.86 -37.48
C ASP M 266 16.07 57.40 -38.83
N VAL M 267 14.85 57.03 -39.26
CA VAL M 267 14.25 57.51 -40.50
C VAL M 267 13.09 58.41 -40.14
N THR M 268 13.12 59.65 -40.65
CA THR M 268 12.13 60.65 -40.28
C THR M 268 11.37 61.26 -41.46
N SER M 269 11.87 61.13 -42.69
CA SER M 269 11.27 61.81 -43.83
C SER M 269 11.19 60.86 -45.02
N VAL M 270 10.37 61.25 -46.00
CA VAL M 270 10.24 60.50 -47.23
C VAL M 270 11.58 60.43 -47.97
N GLU M 271 12.37 61.50 -47.88
CA GLU M 271 13.64 61.54 -48.60
C GLU M 271 14.59 60.44 -48.12
N ASP M 272 14.65 60.20 -46.81
CA ASP M 272 15.52 59.15 -46.29
C ASP M 272 15.10 57.77 -46.80
N TYR M 273 13.80 57.49 -46.78
CA TYR M 273 13.32 56.18 -47.26
C TYR M 273 13.58 56.01 -48.75
N LYS M 274 13.32 57.05 -49.54
CA LYS M 274 13.57 56.97 -50.97
C LYS M 274 15.06 56.81 -51.27
N ALA M 275 15.91 57.52 -50.53
CA ALA M 275 17.35 57.38 -50.71
C ALA M 275 17.83 55.99 -50.34
N LEU M 276 17.28 55.41 -49.27
CA LEU M 276 17.64 54.04 -48.90
C LEU M 276 17.21 53.05 -49.98
N GLN M 277 16.01 53.23 -50.52
CA GLN M 277 15.54 52.35 -51.60
C GLN M 277 16.45 52.47 -52.83
N LYS M 278 16.79 53.70 -53.21
CA LYS M 278 17.65 53.91 -54.37
C LYS M 278 19.04 53.33 -54.14
N TYR M 279 19.57 53.48 -52.91
CA TYR M 279 20.86 52.90 -52.58
C TYR M 279 20.83 51.38 -52.69
N GLU M 280 19.77 50.75 -52.17
CA GLU M 280 19.66 49.31 -52.27
C GLU M 280 19.59 48.85 -53.72
N LYS M 281 18.78 49.54 -54.54
CA LYS M 281 18.66 49.17 -55.95
C LYS M 281 19.98 49.34 -56.68
N GLU M 282 20.67 50.46 -56.44
CA GLU M 282 21.93 50.72 -57.11
C GLU M 282 23.02 49.74 -56.68
N LYS M 283 23.02 49.36 -55.40
CA LYS M 283 24.01 48.39 -54.93
C LYS M 283 23.73 47.01 -55.50
N PHE M 284 22.45 46.63 -55.61
CA PHE M 284 22.12 45.36 -56.26
C PHE M 284 22.55 45.36 -57.73
N GLU M 285 22.32 46.47 -58.42
CA GLU M 285 22.77 46.57 -59.81
C GLU M 285 24.29 46.53 -59.90
N GLU M 286 24.97 47.15 -58.94
CA GLU M 286 26.43 47.08 -58.89
C GLU M 286 26.91 45.65 -58.71
N MET M 287 26.25 44.89 -57.82
CA MET M 287 26.60 43.49 -57.63
C MET M 287 26.40 42.68 -58.91
N ILE M 288 25.27 42.92 -59.58
CA ILE M 288 24.99 42.21 -60.83
C ILE M 288 26.04 42.53 -61.88
N GLN M 289 26.41 43.82 -61.99
CA GLN M 289 27.43 44.21 -62.96
C GLN M 289 28.79 43.61 -62.61
N GLN M 290 29.12 43.56 -61.32
CA GLN M 290 30.37 42.95 -60.91
C GLN M 290 30.41 41.47 -61.26
N ILE M 291 29.29 40.78 -61.07
CA ILE M 291 29.22 39.37 -61.49
C ILE M 291 29.38 39.24 -62.99
N LYS M 292 28.72 40.12 -63.75
CA LYS M 292 28.80 40.07 -65.21
C LYS M 292 30.17 40.48 -65.75
N GLU M 293 30.98 41.16 -64.94
CA GLU M 293 32.25 41.71 -65.42
C GLU M 293 33.15 40.62 -66.00
N THR M 294 33.40 39.56 -65.23
CA THR M 294 34.33 38.53 -65.68
C THR M 294 33.73 37.61 -66.72
N GLY M 295 32.41 37.58 -66.84
CA GLY M 295 31.78 36.68 -67.79
C GLY M 295 32.02 35.21 -67.49
N ALA M 296 31.99 34.84 -66.22
CA ALA M 296 32.24 33.45 -65.84
C ALA M 296 31.05 32.58 -66.19
N ASN M 297 31.33 31.30 -66.43
CA ASN M 297 30.31 30.32 -66.78
C ASN M 297 29.85 29.47 -65.60
N LEU M 298 30.30 29.79 -64.39
CA LEU M 298 29.85 29.07 -63.20
C LEU M 298 30.19 29.90 -61.96
N ALA M 299 29.17 30.25 -61.19
CA ALA M 299 29.34 30.98 -59.94
C ALA M 299 28.79 30.12 -58.81
N ILE M 300 29.63 29.85 -57.81
CA ILE M 300 29.26 28.99 -56.68
C ILE M 300 29.13 29.86 -55.44
N CYS M 301 27.98 29.78 -54.78
CA CYS M 301 27.71 30.54 -53.58
C CYS M 301 27.91 29.68 -52.33
N GLN M 302 27.74 30.31 -51.17
CA GLN M 302 27.86 29.61 -49.90
C GLN M 302 26.54 29.56 -49.14
N TRP M 303 25.92 30.71 -48.89
CA TRP M 303 24.73 30.79 -48.06
C TRP M 303 23.46 31.04 -48.86
N GLY M 304 23.53 30.95 -50.19
CA GLY M 304 22.37 31.18 -51.01
C GLY M 304 22.09 32.65 -51.23
N PHE M 305 20.98 32.91 -51.92
CA PHE M 305 20.59 34.26 -52.27
C PHE M 305 19.09 34.28 -52.59
N ASP M 306 18.52 35.47 -52.54
CA ASP M 306 17.07 35.63 -52.60
C ASP M 306 16.55 35.44 -54.03
N ASP M 307 15.25 35.67 -54.20
CA ASP M 307 14.62 35.46 -55.49
C ASP M 307 14.94 36.56 -56.48
N GLU M 308 15.13 37.80 -56.00
CA GLU M 308 15.47 38.89 -56.90
C GLU M 308 16.81 38.65 -57.57
N ALA M 309 17.81 38.22 -56.79
CA ALA M 309 19.10 37.87 -57.38
C ALA M 309 18.96 36.66 -58.29
N ASN M 310 18.06 35.74 -57.96
CA ASN M 310 17.82 34.58 -58.82
C ASN M 310 17.34 35.02 -60.20
N HIS M 311 16.34 35.92 -60.24
CA HIS M 311 15.85 36.40 -61.52
C HIS M 311 16.90 37.21 -62.26
N LEU M 312 17.69 38.01 -61.53
CA LEU M 312 18.73 38.80 -62.16
C LEU M 312 19.78 37.89 -62.80
N LEU M 313 20.15 36.80 -62.12
CA LEU M 313 21.13 35.87 -62.68
C LEU M 313 20.53 35.10 -63.86
N LEU M 314 19.26 34.72 -63.77
CA LEU M 314 18.62 34.01 -64.87
C LEU M 314 18.51 34.89 -66.11
N GLN M 315 18.17 36.16 -65.92
CA GLN M 315 18.02 37.07 -67.05
C GLN M 315 19.36 37.32 -67.74
N ASN M 316 20.46 37.13 -67.04
CA ASN M 316 21.79 37.35 -67.57
C ASN M 316 22.41 36.08 -68.15
N ASN M 317 21.69 34.95 -68.11
CA ASN M 317 22.20 33.67 -68.60
C ASN M 317 23.53 33.29 -67.93
N LEU M 318 23.62 33.58 -66.63
CA LEU M 318 24.83 33.29 -65.88
C LEU M 318 24.60 32.05 -65.03
N PRO M 319 25.26 30.92 -65.33
CA PRO M 319 25.08 29.73 -64.50
C PRO M 319 25.54 29.97 -63.07
N ALA M 320 24.79 29.39 -62.12
CA ALA M 320 25.09 29.54 -60.71
C ALA M 320 24.42 28.45 -59.91
N VAL M 321 24.95 28.21 -58.71
CA VAL M 321 24.36 27.28 -57.74
C VAL M 321 24.34 27.97 -56.39
N ARG M 322 23.46 27.49 -55.51
CA ARG M 322 23.33 28.01 -54.16
C ARG M 322 23.31 26.86 -53.16
N TRP M 323 23.45 27.22 -51.89
CA TRP M 323 23.50 26.27 -50.78
C TRP M 323 24.63 25.25 -50.98
N VAL M 324 25.85 25.77 -51.03
CA VAL M 324 27.06 24.97 -51.13
C VAL M 324 27.91 25.22 -49.89
N GLY M 325 28.31 24.15 -49.22
CA GLY M 325 29.03 24.28 -47.97
C GLY M 325 30.45 24.78 -48.15
N GLY M 326 31.00 25.30 -47.07
CA GLY M 326 32.35 25.83 -47.05
C GLY M 326 33.42 24.82 -47.41
N PRO M 327 33.39 23.63 -46.78
CA PRO M 327 34.34 22.59 -47.20
C PRO M 327 34.22 22.21 -48.66
N GLU M 328 33.00 22.17 -49.20
CA GLU M 328 32.83 21.87 -50.61
C GLU M 328 33.46 22.96 -51.49
N ILE M 329 33.26 24.22 -51.12
CA ILE M 329 33.85 25.32 -51.86
C ILE M 329 35.37 25.23 -51.81
N GLU M 330 35.92 24.94 -50.62
CA GLU M 330 37.37 24.82 -50.48
C GLU M 330 37.92 23.67 -51.32
N LEU M 331 37.23 22.53 -51.33
CA LEU M 331 37.66 21.40 -52.15
C LEU M 331 37.62 21.75 -53.63
N ILE M 332 36.55 22.42 -54.07
CA ILE M 332 36.45 22.83 -55.47
C ILE M 332 37.60 23.78 -55.82
N ALA M 333 37.89 24.74 -54.94
CA ALA M 333 38.95 25.70 -55.22
C ALA M 333 40.31 25.02 -55.30
N ILE M 334 40.61 24.13 -54.35
CA ILE M 334 41.92 23.50 -54.34
C ILE M 334 42.07 22.52 -55.50
N ALA M 335 40.98 21.89 -55.94
CA ALA M 335 41.07 20.99 -57.07
C ALA M 335 41.17 21.75 -58.39
N THR M 336 40.53 22.90 -58.48
CA THR M 336 40.52 23.70 -59.70
C THR M 336 41.49 24.87 -59.67
N GLY M 337 42.23 25.05 -58.59
CA GLY M 337 43.19 26.13 -58.50
C GLY M 337 42.60 27.49 -58.16
N GLY M 338 41.33 27.56 -57.80
CA GLY M 338 40.70 28.83 -57.49
C GLY M 338 41.16 29.39 -56.16
N ARG M 339 40.81 30.65 -55.94
CA ARG M 339 41.14 31.37 -54.71
C ARG M 339 39.88 31.57 -53.86
N ILE M 340 40.03 32.31 -52.77
CA ILE M 340 38.95 32.60 -51.84
C ILE M 340 38.46 34.01 -52.07
N VAL M 341 37.14 34.16 -52.14
CA VAL M 341 36.50 35.47 -52.34
C VAL M 341 35.49 35.69 -51.23
N PRO M 342 35.91 36.18 -50.06
CA PRO M 342 34.96 36.31 -48.94
C PRO M 342 33.93 37.43 -49.11
N ARG M 343 34.11 38.33 -50.07
CA ARG M 343 33.19 39.46 -50.21
C ARG M 343 33.13 39.91 -51.66
N PHE M 344 32.24 40.86 -51.93
CA PHE M 344 32.01 41.33 -53.29
C PHE M 344 33.25 42.02 -53.86
N SER M 345 33.90 42.86 -53.05
CA SER M 345 35.04 43.64 -53.54
C SER M 345 36.24 42.76 -53.89
N GLU M 346 36.26 41.51 -53.43
CA GLU M 346 37.36 40.60 -53.73
C GLU M 346 37.12 39.76 -54.97
N LEU M 347 36.01 39.96 -55.67
CA LEU M 347 35.71 39.23 -56.90
C LEU M 347 36.59 39.78 -58.01
N THR M 348 37.67 39.07 -58.33
CA THR M 348 38.63 39.50 -59.33
C THR M 348 38.83 38.40 -60.35
N ALA M 349 39.58 38.72 -61.40
CA ALA M 349 39.80 37.77 -62.49
C ALA M 349 40.80 36.68 -62.13
N GLU M 350 41.60 36.87 -61.08
CA GLU M 350 42.60 35.89 -60.67
C GLU M 350 42.12 34.97 -59.57
N LYS M 351 40.85 35.06 -59.18
CA LYS M 351 40.28 34.26 -58.11
C LYS M 351 39.12 33.40 -58.61
N LEU M 352 39.32 32.76 -59.76
CA LEU M 352 38.29 31.90 -60.34
C LEU M 352 38.90 30.55 -60.70
N GLY M 353 38.07 29.51 -60.59
CA GLY M 353 38.47 28.16 -60.94
C GLY M 353 37.95 27.73 -62.30
N PHE M 354 38.35 26.53 -62.71
CA PHE M 354 37.96 25.97 -64.00
C PHE M 354 37.85 24.46 -63.88
N ALA M 355 36.87 23.89 -64.58
CA ALA M 355 36.64 22.45 -64.60
C ALA M 355 36.69 21.95 -66.04
N GLY M 356 37.34 20.81 -66.24
CA GLY M 356 37.43 20.26 -67.59
C GLY M 356 36.09 19.82 -68.14
N LEU M 357 35.30 19.12 -67.32
CA LEU M 357 33.98 18.66 -67.75
C LEU M 357 33.05 18.63 -66.54
N VAL M 358 31.91 19.29 -66.67
CA VAL M 358 30.86 19.29 -65.64
C VAL M 358 29.67 18.52 -66.20
N GLN M 359 29.25 17.48 -65.48
CA GLN M 359 28.17 16.63 -65.93
C GLN M 359 27.16 16.39 -64.81
N GLU M 360 25.90 16.26 -65.20
CA GLU M 360 24.82 15.89 -64.31
C GLU M 360 24.24 14.55 -64.73
N ILE M 361 24.08 13.65 -63.78
CA ILE M 361 23.67 12.28 -64.04
C ILE M 361 22.38 11.99 -63.27
N SER M 362 21.39 11.44 -63.98
CA SER M 362 20.13 11.06 -63.38
C SER M 362 19.87 9.59 -63.65
N PHE M 363 19.45 8.85 -62.63
CA PHE M 363 19.18 7.43 -62.76
C PHE M 363 17.73 7.12 -63.11
N GLY M 364 16.90 8.14 -63.26
CA GLY M 364 15.52 7.91 -63.66
C GLY M 364 14.49 8.49 -62.71
N THR M 365 13.67 7.61 -62.13
CA THR M 365 12.55 8.03 -61.29
C THR M 365 13.03 8.10 -59.83
N THR M 366 13.78 9.16 -59.54
CA THR M 366 14.29 9.37 -58.19
C THR M 366 14.04 10.78 -57.65
N LYS M 367 13.68 11.74 -58.50
CA LYS M 367 13.30 13.11 -58.16
C LYS M 367 14.45 13.94 -57.62
N ASP M 368 15.64 13.37 -57.45
CA ASP M 368 16.81 14.10 -56.97
C ASP M 368 17.96 13.88 -57.94
N LYS M 369 18.63 14.97 -58.30
CA LYS M 369 19.70 14.95 -59.28
C LYS M 369 21.01 15.37 -58.63
N MET M 370 22.10 15.19 -59.39
CA MET M 370 23.44 15.44 -58.89
C MET M 370 24.27 16.12 -59.98
N LEU M 371 25.26 16.89 -59.54
CA LEU M 371 26.17 17.58 -60.44
C LEU M 371 27.60 17.25 -60.04
N VAL M 372 28.38 16.75 -61.00
CA VAL M 372 29.77 16.38 -60.75
C VAL M 372 30.64 16.99 -61.84
N ILE M 373 31.75 17.59 -61.43
CA ILE M 373 32.77 18.06 -62.35
C ILE M 373 33.83 16.98 -62.48
N GLU M 374 34.51 16.96 -63.62
CA GLU M 374 35.49 15.92 -63.91
C GLU M 374 36.38 16.39 -65.06
N GLN M 375 37.34 15.53 -65.42
CA GLN M 375 38.31 15.83 -66.47
C GLN M 375 39.11 17.10 -66.17
N CYS M 376 39.35 17.37 -64.89
CA CYS M 376 40.15 18.54 -64.53
C CYS M 376 41.61 18.30 -64.92
N LYS M 377 42.19 19.30 -65.58
CA LYS M 377 43.53 19.14 -66.12
C LYS M 377 44.56 18.97 -65.01
N ASN M 378 44.40 19.70 -63.91
CA ASN M 378 45.30 19.64 -62.77
C ASN M 378 44.51 19.33 -61.50
N SER M 379 43.65 18.31 -61.59
CA SER M 379 42.79 17.95 -60.47
C SER M 379 43.60 17.61 -59.23
N ARG M 380 43.15 18.10 -58.08
CA ARG M 380 43.76 17.79 -56.80
C ARG M 380 42.92 16.82 -55.98
N ALA M 381 41.90 16.20 -56.58
CA ALA M 381 41.01 15.31 -55.86
C ALA M 381 40.58 14.17 -56.78
N VAL M 382 40.47 12.97 -56.20
CA VAL M 382 39.98 11.78 -56.90
C VAL M 382 38.89 11.15 -56.06
N THR M 383 38.04 10.36 -56.71
CA THR M 383 36.93 9.73 -56.02
C THR M 383 36.46 8.51 -56.81
N ILE M 384 35.75 7.63 -56.11
CA ILE M 384 35.11 6.47 -56.72
C ILE M 384 33.62 6.58 -56.44
N PHE M 385 32.80 6.46 -57.48
CA PHE M 385 31.35 6.56 -57.37
C PHE M 385 30.78 5.19 -57.69
N ILE M 386 30.42 4.45 -56.65
CA ILE M 386 29.98 3.06 -56.78
C ILE M 386 28.46 3.01 -56.80
N ARG M 387 27.94 2.02 -57.52
CA ARG M 387 26.52 1.72 -57.57
C ARG M 387 26.30 0.28 -57.11
N GLY M 388 25.17 0.05 -56.45
CA GLY M 388 24.94 -1.26 -55.88
C GLY M 388 23.50 -1.46 -55.47
N GLY M 389 23.28 -2.53 -54.71
CA GLY M 389 21.91 -2.90 -54.33
C GLY M 389 21.25 -1.90 -53.40
N ASN M 390 21.98 -1.42 -52.40
CA ASN M 390 21.41 -0.55 -51.37
C ASN M 390 22.55 0.10 -50.58
N LYS M 391 22.22 0.78 -49.49
CA LYS M 391 23.18 1.67 -48.84
C LYS M 391 24.35 0.90 -48.22
N MET M 392 24.08 -0.24 -47.59
CA MET M 392 25.13 -0.91 -46.83
C MET M 392 26.09 -1.71 -47.72
N ILE M 393 25.62 -2.22 -48.87
CA ILE M 393 26.58 -2.80 -49.80
C ILE M 393 27.48 -1.71 -50.36
N ILE M 394 26.95 -0.51 -50.57
CA ILE M 394 27.77 0.63 -50.98
C ILE M 394 28.79 0.96 -49.89
N GLU M 395 28.35 0.95 -48.63
CA GLU M 395 29.26 1.26 -47.53
C GLU M 395 30.35 0.20 -47.41
N GLU M 396 29.99 -1.08 -47.60
CA GLU M 396 30.99 -2.15 -47.62
C GLU M 396 31.96 -1.96 -48.77
N ALA M 397 31.49 -1.53 -49.93
CA ALA M 397 32.39 -1.24 -51.04
C ALA M 397 33.32 -0.09 -50.70
N LYS M 398 32.82 0.93 -50.01
CA LYS M 398 33.66 2.02 -49.54
C LYS M 398 34.78 1.50 -48.63
N ARG M 399 34.42 0.64 -47.67
CA ARG M 399 35.43 0.13 -46.74
C ARG M 399 36.41 -0.79 -47.45
N SER M 400 35.93 -1.57 -48.42
CA SER M 400 36.82 -2.41 -49.20
C SER M 400 37.81 -1.57 -49.99
N LEU M 401 37.35 -0.48 -50.60
CA LEU M 401 38.25 0.42 -51.30
C LEU M 401 39.25 1.05 -50.34
N HIS M 402 38.80 1.40 -49.13
CA HIS M 402 39.72 1.96 -48.14
C HIS M 402 40.81 0.95 -47.78
N ASP M 403 40.43 -0.31 -47.59
CA ASP M 403 41.42 -1.35 -47.29
C ASP M 403 42.37 -1.56 -48.45
N ALA M 404 41.85 -1.54 -49.68
CA ALA M 404 42.71 -1.67 -50.85
C ALA M 404 43.70 -0.52 -50.94
N LEU M 405 43.23 0.70 -50.72
CA LEU M 405 44.13 1.85 -50.71
C LEU M 405 45.17 1.73 -49.61
N CYS M 406 44.77 1.22 -48.45
CA CYS M 406 45.71 1.03 -47.35
C CYS M 406 46.81 0.04 -47.72
N VAL M 407 46.42 -1.09 -48.32
CA VAL M 407 47.41 -2.11 -48.66
C VAL M 407 48.33 -1.61 -49.78
N ILE M 408 47.78 -0.84 -50.72
CA ILE M 408 48.63 -0.26 -51.76
C ILE M 408 49.62 0.73 -51.14
N ARG M 409 49.17 1.55 -50.19
CA ARG M 409 50.06 2.48 -49.51
C ARG M 409 51.15 1.73 -48.75
N ASN M 410 50.79 0.61 -48.11
CA ASN M 410 51.80 -0.18 -47.41
C ASN M 410 52.83 -0.74 -48.39
N LEU M 411 52.36 -1.24 -49.54
CA LEU M 411 53.29 -1.74 -50.56
C LEU M 411 54.18 -0.63 -51.10
N ILE M 412 53.68 0.61 -51.14
CA ILE M 412 54.45 1.70 -51.70
C ILE M 412 55.49 2.20 -50.71
N ARG M 413 55.07 2.56 -49.51
CA ARG M 413 55.99 3.16 -48.55
C ARG M 413 57.08 2.18 -48.11
N ASP M 414 56.89 0.89 -48.32
CA ASP M 414 57.95 -0.09 -48.10
C ASP M 414 57.69 -1.29 -48.98
N ASN M 415 58.75 -1.77 -49.64
CA ASN M 415 58.62 -2.89 -50.57
C ASN M 415 58.63 -4.24 -49.87
N ARG M 416 59.03 -4.30 -48.61
CA ARG M 416 59.21 -5.57 -47.93
C ARG M 416 57.86 -6.25 -47.70
N VAL M 417 57.71 -7.48 -48.20
CA VAL M 417 56.48 -8.24 -48.09
C VAL M 417 56.81 -9.69 -47.73
N VAL M 418 55.79 -10.40 -47.26
CA VAL M 418 55.85 -11.83 -47.00
C VAL M 418 54.51 -12.44 -47.39
N TYR M 419 54.40 -13.76 -47.22
CA TYR M 419 53.17 -14.48 -47.47
C TYR M 419 52.64 -15.06 -46.18
N GLY M 420 51.32 -14.97 -46.00
CA GLY M 420 50.69 -15.48 -44.80
C GLY M 420 49.75 -16.64 -45.08
N GLY M 421 48.47 -16.44 -44.82
CA GLY M 421 47.49 -17.51 -45.00
C GLY M 421 47.77 -18.72 -44.14
N GLY M 422 48.25 -18.50 -42.92
CA GLY M 422 48.60 -19.58 -42.03
C GLY M 422 50.02 -20.08 -42.14
N ALA M 423 50.80 -19.56 -43.08
CA ALA M 423 52.17 -20.01 -43.27
C ALA M 423 53.13 -19.34 -42.28
N ALA M 424 53.13 -18.00 -42.26
CA ALA M 424 54.05 -17.27 -41.42
C ALA M 424 53.82 -17.56 -39.94
N GLU M 425 52.55 -17.62 -39.52
CA GLU M 425 52.26 -17.87 -38.12
C GLU M 425 52.65 -19.29 -37.70
N ILE M 426 52.47 -20.27 -38.58
CA ILE M 426 52.88 -21.63 -38.24
C ILE M 426 54.40 -21.74 -38.19
N SER M 427 55.09 -21.03 -39.10
CA SER M 427 56.55 -20.98 -39.02
C SER M 427 57.00 -20.34 -37.71
N CYS M 428 56.31 -19.29 -37.28
CA CYS M 428 56.60 -18.66 -36.01
C CYS M 428 56.37 -19.62 -34.85
N ALA M 429 55.30 -20.42 -34.93
CA ALA M 429 55.04 -21.42 -33.91
C ALA M 429 56.17 -22.44 -33.84
N LEU M 430 56.64 -22.89 -35.00
CA LEU M 430 57.76 -23.83 -35.03
C LEU M 430 59.01 -23.21 -34.41
N ALA M 431 59.30 -21.96 -34.76
CA ALA M 431 60.47 -21.27 -34.21
C ALA M 431 60.36 -21.15 -32.69
N VAL M 432 59.22 -20.65 -32.21
CA VAL M 432 59.02 -20.46 -30.78
C VAL M 432 59.12 -21.80 -30.05
N SER M 433 58.61 -22.86 -30.67
CA SER M 433 58.76 -24.20 -30.10
C SER M 433 60.23 -24.60 -30.01
N GLN M 434 61.03 -24.26 -31.04
CA GLN M 434 62.44 -24.61 -31.01
C GLN M 434 63.17 -23.88 -29.88
N GLU M 435 62.99 -22.56 -29.80
CA GLU M 435 63.58 -21.82 -28.68
C GLU M 435 63.06 -22.30 -27.33
N ALA M 436 61.79 -22.73 -27.26
CA ALA M 436 61.28 -23.31 -26.02
C ALA M 436 62.01 -24.59 -25.69
N ASP M 437 62.29 -25.42 -26.69
CA ASP M 437 63.05 -26.65 -26.46
C ASP M 437 64.43 -26.32 -25.93
N LYS M 438 65.07 -25.27 -26.45
CA LYS M 438 66.36 -24.83 -25.95
C LYS M 438 66.23 -23.70 -24.92
N CYS M 439 65.11 -23.68 -24.13
CA CYS M 439 64.85 -22.66 -23.11
C CYS M 439 64.81 -23.29 -21.72
N PRO M 440 65.29 -22.56 -20.70
CA PRO M 440 65.10 -23.02 -19.33
C PRO M 440 63.62 -23.14 -18.99
N THR M 441 63.31 -24.13 -18.14
CA THR M 441 61.94 -24.60 -18.00
C THR M 441 61.00 -23.51 -17.51
N LEU M 442 61.45 -22.69 -16.55
CA LEU M 442 60.56 -21.71 -15.93
C LEU M 442 60.00 -20.75 -16.96
N GLU M 443 60.85 -20.25 -17.87
CA GLU M 443 60.38 -19.43 -18.97
C GLU M 443 60.08 -20.23 -20.23
N GLN M 444 60.51 -21.49 -20.31
CA GLN M 444 60.05 -22.36 -21.39
C GLN M 444 58.54 -22.58 -21.31
N TYR M 445 57.99 -22.56 -20.08
CA TYR M 445 56.55 -22.62 -19.93
C TYR M 445 55.87 -21.48 -20.70
N ALA M 446 56.32 -20.25 -20.47
CA ALA M 446 55.76 -19.10 -21.19
C ALA M 446 56.09 -19.15 -22.67
N MET M 447 57.24 -19.72 -23.04
CA MET M 447 57.58 -19.88 -24.44
C MET M 447 56.54 -20.73 -25.16
N ARG M 448 56.27 -21.92 -24.64
CA ARG M 448 55.28 -22.80 -25.25
C ARG M 448 53.88 -22.21 -25.12
N ALA M 449 53.63 -21.45 -24.06
CA ALA M 449 52.36 -20.75 -23.92
C ALA M 449 52.15 -19.77 -25.06
N PHE M 450 53.17 -18.96 -25.36
CA PHE M 450 53.07 -18.00 -26.46
C PHE M 450 52.92 -18.72 -27.79
N ALA M 451 53.62 -19.85 -27.97
CA ALA M 451 53.45 -20.60 -29.20
C ALA M 451 52.00 -21.07 -29.37
N ASP M 452 51.44 -21.64 -28.31
CA ASP M 452 50.06 -22.13 -28.36
C ASP M 452 49.10 -20.98 -28.64
N ALA M 453 49.33 -19.82 -28.02
CA ALA M 453 48.45 -18.68 -28.25
C ALA M 453 48.57 -18.16 -29.68
N LEU M 454 49.79 -18.07 -30.21
CA LEU M 454 49.94 -17.55 -31.56
C LEU M 454 49.44 -18.54 -32.61
N GLU M 455 49.25 -19.80 -32.24
CA GLU M 455 48.64 -20.75 -33.17
C GLU M 455 47.12 -20.57 -33.30
N VAL M 456 46.59 -19.42 -32.88
CA VAL M 456 45.15 -19.19 -32.95
C VAL M 456 44.68 -18.74 -34.33
N ILE M 457 45.56 -18.18 -35.15
CA ILE M 457 45.15 -17.75 -36.49
C ILE M 457 44.62 -18.91 -37.33
N PRO M 458 45.34 -20.03 -37.49
CA PRO M 458 44.75 -21.15 -38.24
C PRO M 458 43.51 -21.70 -37.57
N MET M 459 43.42 -21.60 -36.24
CA MET M 459 42.22 -22.01 -35.53
C MET M 459 40.99 -21.29 -36.10
N ALA M 460 41.06 -19.95 -36.15
CA ALA M 460 39.94 -19.16 -36.64
C ALA M 460 39.74 -19.35 -38.15
N LEU M 461 40.85 -19.47 -38.89
CA LEU M 461 40.73 -19.68 -40.34
C LEU M 461 39.98 -20.97 -40.64
N SER M 462 40.30 -22.04 -39.91
CA SER M 462 39.62 -23.31 -40.12
C SER M 462 38.17 -23.27 -39.66
N GLU M 463 37.92 -22.69 -38.48
CA GLU M 463 36.56 -22.71 -37.97
C GLU M 463 35.64 -21.69 -38.66
N ASN M 464 36.19 -20.73 -39.41
CA ASN M 464 35.33 -19.87 -40.21
C ASN M 464 34.78 -20.61 -41.43
N SER M 465 35.43 -21.70 -41.84
CA SER M 465 34.97 -22.52 -42.94
C SER M 465 34.61 -23.93 -42.51
N GLY M 466 35.54 -24.65 -41.88
CA GLY M 466 35.21 -25.97 -41.37
C GLY M 466 36.27 -27.05 -41.45
N MET M 467 37.40 -26.81 -42.10
CA MET M 467 38.40 -27.87 -42.18
C MET M 467 39.03 -28.13 -40.81
N ASN M 468 39.64 -29.31 -40.69
CA ASN M 468 40.22 -29.71 -39.44
C ASN M 468 41.41 -28.83 -39.08
N PRO M 469 41.60 -28.50 -37.80
CA PRO M 469 42.76 -27.71 -37.39
C PRO M 469 44.05 -28.52 -37.34
N ILE M 470 43.98 -29.72 -36.76
CA ILE M 470 45.19 -30.40 -36.30
C ILE M 470 45.86 -31.19 -37.42
N GLN M 471 45.10 -31.92 -38.25
CA GLN M 471 45.72 -32.52 -39.42
C GLN M 471 46.23 -31.45 -40.39
N THR M 472 45.54 -30.30 -40.45
CA THR M 472 46.07 -29.19 -41.23
C THR M 472 47.42 -28.75 -40.69
N MET M 473 47.52 -28.58 -39.36
CA MET M 473 48.80 -28.25 -38.74
C MET M 473 49.86 -29.29 -39.07
N THR M 474 49.51 -30.57 -38.97
CA THR M 474 50.47 -31.63 -39.19
C THR M 474 51.00 -31.62 -40.62
N GLU M 475 50.10 -31.53 -41.59
CA GLU M 475 50.52 -31.48 -42.99
C GLU M 475 51.37 -30.24 -43.25
N VAL M 476 50.98 -29.11 -42.67
CA VAL M 476 51.71 -27.86 -42.92
C VAL M 476 53.14 -27.95 -42.39
N ARG M 477 53.32 -28.37 -41.13
CA ARG M 477 54.71 -28.33 -40.67
C ARG M 477 55.50 -29.50 -41.21
N ALA M 478 54.84 -30.59 -41.63
CA ALA M 478 55.56 -31.63 -42.34
C ALA M 478 56.13 -31.09 -43.65
N ARG M 479 55.31 -30.37 -44.42
CA ARG M 479 55.82 -29.75 -45.64
C ARG M 479 56.88 -28.69 -45.33
N GLN M 480 56.73 -27.97 -44.22
CA GLN M 480 57.70 -26.92 -43.90
C GLN M 480 59.04 -27.50 -43.46
N VAL M 481 59.02 -28.63 -42.75
CA VAL M 481 60.29 -29.28 -42.39
C VAL M 481 60.87 -30.00 -43.59
N LYS M 482 60.03 -30.40 -44.54
CA LYS M 482 60.53 -30.96 -45.79
C LYS M 482 61.17 -29.87 -46.66
N GLU M 483 60.56 -28.69 -46.70
CA GLU M 483 61.12 -27.56 -47.41
C GLU M 483 60.56 -26.27 -46.80
N MET M 484 61.40 -25.25 -46.73
CA MET M 484 61.03 -23.99 -46.08
C MET M 484 60.56 -22.99 -47.13
N ASN M 485 59.39 -22.40 -46.90
CA ASN M 485 58.82 -21.40 -47.79
C ASN M 485 57.86 -20.55 -46.97
N PRO M 486 57.83 -19.23 -47.16
CA PRO M 486 56.91 -18.39 -46.38
C PRO M 486 55.46 -18.53 -46.85
N ALA M 487 55.19 -19.47 -47.73
CA ALA M 487 53.86 -19.64 -48.31
C ALA M 487 53.42 -21.09 -48.24
N LEU M 488 53.61 -21.72 -47.08
CA LEU M 488 53.13 -23.07 -46.82
C LEU M 488 52.07 -22.97 -45.73
N GLY M 489 50.83 -22.71 -46.15
CA GLY M 489 49.77 -22.43 -45.20
C GLY M 489 48.50 -23.22 -45.41
N ILE M 490 47.37 -22.52 -45.51
CA ILE M 490 46.04 -23.13 -45.54
C ILE M 490 45.43 -22.91 -46.91
N ASP M 491 44.88 -23.97 -47.49
CA ASP M 491 44.15 -23.89 -48.76
C ASP M 491 42.68 -23.62 -48.43
N CYS M 492 42.34 -22.34 -48.33
CA CYS M 492 41.00 -21.95 -47.87
C CYS M 492 39.94 -22.28 -48.91
N LEU M 493 40.21 -22.03 -50.18
CA LEU M 493 39.22 -22.16 -51.25
C LEU M 493 39.47 -23.39 -52.12
N HIS M 494 40.17 -24.39 -51.56
CA HIS M 494 40.42 -25.66 -52.24
C HIS M 494 41.14 -25.47 -53.58
N LYS M 495 42.17 -24.63 -53.57
CA LYS M 495 43.01 -24.48 -54.76
C LYS M 495 43.87 -25.71 -55.02
N GLY M 496 43.92 -26.66 -54.08
CA GLY M 496 44.63 -27.90 -54.29
C GLY M 496 45.94 -27.99 -53.52
N THR M 497 46.68 -26.89 -53.48
CA THR M 497 47.97 -26.84 -52.81
C THR M 497 47.91 -25.82 -51.67
N ASN M 498 48.78 -26.02 -50.69
CA ASN M 498 48.96 -25.07 -49.59
C ASN M 498 50.02 -24.02 -49.91
N ASP M 499 50.26 -23.75 -51.19
CA ASP M 499 51.29 -22.81 -51.62
C ASP M 499 50.62 -21.48 -51.96
N MET M 500 50.84 -20.46 -51.13
CA MET M 500 50.25 -19.15 -51.38
C MET M 500 50.85 -18.47 -52.59
N LYS M 501 52.08 -18.84 -52.97
CA LYS M 501 52.70 -18.25 -54.15
C LYS M 501 51.88 -18.54 -55.41
N GLN M 502 51.42 -19.77 -55.56
CA GLN M 502 50.57 -20.12 -56.69
C GLN M 502 49.24 -19.38 -56.61
N GLN M 503 48.70 -19.23 -55.41
CA GLN M 503 47.42 -18.55 -55.21
C GLN M 503 47.58 -17.05 -55.00
N HIS M 504 48.82 -16.53 -55.04
CA HIS M 504 49.08 -15.09 -54.97
C HIS M 504 48.47 -14.47 -53.71
N VAL M 505 48.70 -15.11 -52.57
CA VAL M 505 48.28 -14.59 -51.27
C VAL M 505 49.43 -13.75 -50.75
N ILE M 506 49.30 -12.43 -50.88
CA ILE M 506 50.39 -11.49 -50.61
C ILE M 506 49.94 -10.50 -49.55
N GLU M 507 50.81 -10.26 -48.57
CA GLU M 507 50.61 -9.19 -47.59
C GLU M 507 51.95 -8.59 -47.22
N THR M 508 51.92 -7.32 -46.84
CA THR M 508 53.14 -6.60 -46.51
C THR M 508 53.76 -7.15 -45.23
N LEU M 509 55.09 -7.28 -45.24
CA LEU M 509 55.80 -7.78 -44.06
C LEU M 509 55.70 -6.81 -42.89
N ILE M 510 55.69 -5.51 -43.19
CA ILE M 510 55.64 -4.50 -42.13
C ILE M 510 54.36 -4.64 -41.32
N GLY M 511 53.24 -4.88 -41.99
CA GLY M 511 51.97 -4.98 -41.29
C GLY M 511 51.97 -6.07 -40.25
N LYS M 512 52.43 -7.26 -40.62
CA LYS M 512 52.42 -8.39 -39.68
C LYS M 512 53.54 -8.29 -38.65
N LYS M 513 54.68 -7.68 -39.02
CA LYS M 513 55.71 -7.35 -38.03
C LYS M 513 55.13 -6.49 -36.92
N GLN M 514 54.46 -5.39 -37.29
CA GLN M 514 53.86 -4.52 -36.29
C GLN M 514 52.71 -5.20 -35.57
N GLN M 515 51.98 -6.08 -36.26
CA GLN M 515 50.99 -6.92 -35.61
C GLN M 515 51.60 -7.61 -34.40
N ILE M 516 52.65 -8.40 -34.64
CA ILE M 516 53.27 -9.17 -33.57
C ILE M 516 53.80 -8.25 -32.48
N SER M 517 54.49 -7.17 -32.88
CA SER M 517 55.11 -6.29 -31.89
C SER M 517 54.07 -5.63 -31.00
N LEU M 518 53.05 -5.02 -31.61
CA LEU M 518 52.02 -4.34 -30.83
C LEU M 518 51.29 -5.31 -29.93
N ALA M 519 50.97 -6.51 -30.44
CA ALA M 519 50.32 -7.51 -29.61
C ALA M 519 51.18 -7.83 -28.40
N THR M 520 52.47 -8.05 -28.60
CA THR M 520 53.34 -8.40 -27.49
C THR M 520 53.40 -7.29 -26.44
N GLN M 521 53.67 -6.06 -26.87
CA GLN M 521 53.82 -4.98 -25.90
C GLN M 521 52.51 -4.72 -25.14
N MET M 522 51.37 -4.71 -25.83
CA MET M 522 50.16 -4.41 -25.10
C MET M 522 49.74 -5.58 -24.22
N VAL M 523 50.01 -6.82 -24.63
CA VAL M 523 49.74 -7.94 -23.75
C VAL M 523 50.58 -7.82 -22.47
N ARG M 524 51.86 -7.44 -22.61
CA ARG M 524 52.69 -7.25 -21.43
C ARG M 524 52.11 -6.16 -20.53
N MET M 525 51.79 -5.00 -21.10
CA MET M 525 51.37 -3.89 -20.25
C MET M 525 49.98 -4.12 -19.66
N ILE M 526 49.17 -4.98 -20.28
CA ILE M 526 47.96 -5.45 -19.61
C ILE M 526 48.31 -6.40 -18.47
N LEU M 527 49.31 -7.25 -18.67
CA LEU M 527 49.79 -8.08 -17.58
C LEU M 527 50.31 -7.25 -16.41
N LYS M 528 50.65 -5.98 -16.66
CA LYS M 528 51.08 -5.07 -15.59
C LYS M 528 49.92 -4.34 -14.92
N ILE M 529 48.72 -4.92 -14.92
CA ILE M 529 47.54 -4.32 -14.29
C ILE M 529 46.83 -5.40 -13.47
N ASP M 530 46.64 -5.17 -12.17
CA ASP M 530 45.93 -6.16 -11.36
C ASP M 530 45.05 -5.52 -10.28
N ASP M 531 44.48 -4.34 -10.54
CA ASP M 531 43.70 -3.70 -9.47
C ASP M 531 42.47 -2.97 -10.01
N ILE M 532 41.33 -3.22 -9.36
CA ILE M 532 40.05 -2.58 -9.66
C ILE M 532 39.36 -2.29 -8.33
N ARG M 533 38.79 -1.08 -8.22
CA ARG M 533 38.16 -0.61 -6.99
C ARG M 533 36.82 0.04 -7.30
N LYS M 534 35.98 -0.66 -8.04
CA LYS M 534 34.68 -0.13 -8.44
C LYS M 534 33.86 0.24 -7.20
N PRO M 535 33.34 1.47 -7.10
CA PRO M 535 32.50 1.90 -5.97
C PRO M 535 31.05 1.47 -6.14
N ALA N 1 -16.56 -21.72 -39.24
CA ALA N 1 -16.18 -20.61 -38.38
C ALA N 1 -15.24 -21.08 -37.28
N SER N 2 -14.66 -20.12 -36.56
CA SER N 2 -13.73 -20.41 -35.48
C SER N 2 -14.10 -19.62 -34.24
N LEU N 3 -13.90 -20.23 -33.08
CA LEU N 3 -14.17 -19.55 -31.81
C LEU N 3 -13.09 -18.54 -31.45
N SER N 4 -11.98 -18.52 -32.19
CA SER N 4 -10.92 -17.56 -31.90
C SER N 4 -11.40 -16.13 -32.09
N LEU N 5 -12.01 -15.85 -33.25
CA LEU N 5 -12.64 -14.55 -33.50
C LEU N 5 -14.16 -14.78 -33.52
N ALA N 6 -14.75 -14.70 -32.34
CA ALA N 6 -16.18 -14.89 -32.15
C ALA N 6 -16.68 -13.88 -31.13
N PRO N 7 -17.96 -13.49 -31.21
CA PRO N 7 -18.48 -12.53 -30.23
C PRO N 7 -18.39 -13.00 -28.79
N VAL N 8 -18.53 -14.31 -28.54
CA VAL N 8 -18.44 -14.84 -27.19
C VAL N 8 -17.52 -16.05 -27.21
N ASN N 9 -16.96 -16.36 -26.05
CA ASN N 9 -16.13 -17.54 -25.84
C ASN N 9 -16.91 -18.51 -24.95
N ILE N 10 -17.48 -19.54 -25.56
CA ILE N 10 -18.32 -20.51 -24.82
C ILE N 10 -17.34 -21.49 -24.18
N PHE N 11 -16.90 -21.15 -22.97
CA PHE N 11 -15.89 -21.92 -22.27
C PHE N 11 -15.97 -21.63 -20.78
N LYS N 12 -15.33 -22.49 -20.00
CA LYS N 12 -15.15 -22.25 -18.58
C LYS N 12 -13.82 -21.53 -18.37
N ALA N 13 -13.39 -21.43 -17.12
CA ALA N 13 -12.11 -20.78 -16.83
C ALA N 13 -10.96 -21.68 -17.23
N GLY N 14 -10.07 -21.16 -18.08
CA GLY N 14 -8.90 -21.89 -18.52
C GLY N 14 -9.09 -22.76 -19.75
N ALA N 15 -10.32 -22.91 -20.23
CA ALA N 15 -10.60 -23.68 -21.44
C ALA N 15 -10.70 -22.74 -22.62
N ASP N 16 -10.08 -23.14 -23.74
CA ASP N 16 -10.03 -22.26 -24.90
C ASP N 16 -9.94 -23.09 -26.17
N GLU N 17 -10.33 -22.47 -27.28
CA GLU N 17 -10.18 -23.02 -28.61
C GLU N 17 -9.40 -22.02 -29.45
N GLU N 18 -8.53 -22.54 -30.32
CA GLU N 18 -7.71 -21.71 -31.18
C GLU N 18 -7.94 -22.09 -32.64
N ARG N 19 -7.61 -21.17 -33.54
CA ARG N 19 -7.81 -21.36 -34.98
C ARG N 19 -7.13 -22.64 -35.45
N ALA N 20 -7.62 -23.21 -36.55
CA ALA N 20 -7.16 -24.51 -37.01
C ALA N 20 -5.64 -24.55 -37.22
N GLU N 21 -5.11 -23.55 -37.92
CA GLU N 21 -3.67 -23.51 -38.14
C GLU N 21 -2.92 -23.33 -36.83
N THR N 22 -3.46 -22.53 -35.91
CA THR N 22 -2.83 -22.39 -34.60
C THR N 22 -2.92 -23.68 -33.80
N ALA N 23 -4.04 -24.39 -33.89
CA ALA N 23 -4.20 -25.65 -33.16
C ALA N 23 -3.19 -26.69 -33.64
N ARG N 24 -3.08 -26.87 -34.96
CA ARG N 24 -2.07 -27.79 -35.48
C ARG N 24 -0.67 -27.30 -35.16
N LEU N 25 -0.45 -25.98 -35.20
CA LEU N 25 0.86 -25.46 -34.83
C LEU N 25 1.24 -25.88 -33.43
N THR N 26 0.34 -25.71 -32.47
CA THR N 26 0.63 -26.09 -31.09
C THR N 26 0.86 -27.59 -30.96
N SER N 27 -0.03 -28.39 -31.55
CA SER N 27 0.06 -29.84 -31.38
C SER N 27 1.35 -30.37 -32.00
N PHE N 28 1.63 -30.01 -33.25
CA PHE N 28 2.82 -30.51 -33.91
C PHE N 28 4.08 -29.89 -33.34
N ILE N 29 4.02 -28.69 -32.77
CA ILE N 29 5.21 -28.12 -32.15
C ILE N 29 5.54 -28.87 -30.87
N GLY N 30 4.52 -29.27 -30.10
CA GLY N 30 4.78 -30.13 -28.97
C GLY N 30 5.34 -31.48 -29.39
N ALA N 31 4.81 -32.03 -30.48
CA ALA N 31 5.29 -33.32 -30.97
C ALA N 31 6.75 -33.24 -31.41
N ILE N 32 7.11 -32.19 -32.16
CA ILE N 32 8.49 -32.07 -32.61
C ILE N 32 9.40 -31.71 -31.44
N ALA N 33 8.89 -31.00 -30.44
CA ALA N 33 9.69 -30.71 -29.25
C ALA N 33 10.05 -32.00 -28.52
N ILE N 34 9.07 -32.88 -28.30
CA ILE N 34 9.42 -34.14 -27.66
C ILE N 34 10.32 -34.96 -28.59
N GLY N 35 10.13 -34.82 -29.91
CA GLY N 35 10.97 -35.55 -30.84
C GLY N 35 12.44 -35.19 -30.73
N ASP N 36 12.75 -33.88 -30.70
CA ASP N 36 14.17 -33.53 -30.65
C ASP N 36 14.68 -33.57 -29.21
N LEU N 37 13.80 -33.65 -28.22
CA LEU N 37 14.27 -34.01 -26.88
C LEU N 37 14.74 -35.46 -26.84
N VAL N 38 14.03 -36.36 -27.52
CA VAL N 38 14.49 -37.74 -27.62
C VAL N 38 15.59 -37.90 -28.66
N LYS N 39 15.76 -36.93 -29.55
CA LYS N 39 16.79 -36.95 -30.57
C LYS N 39 18.18 -36.92 -29.92
N SER N 40 19.21 -37.14 -30.75
CA SER N 40 20.62 -37.11 -30.40
C SER N 40 21.07 -38.36 -29.64
N THR N 41 20.31 -39.45 -29.75
CA THR N 41 20.74 -40.76 -29.27
C THR N 41 20.87 -41.75 -30.42
N LEU N 42 20.75 -41.27 -31.66
CA LEU N 42 20.85 -42.12 -32.84
C LEU N 42 22.32 -42.33 -33.22
N GLY N 43 22.58 -43.48 -33.84
CA GLY N 43 23.91 -43.81 -34.28
C GLY N 43 24.79 -44.25 -33.14
N PRO N 44 25.96 -44.80 -33.48
CA PRO N 44 26.90 -45.21 -32.42
C PRO N 44 27.40 -44.07 -31.56
N LYS N 45 27.35 -42.83 -32.07
CA LYS N 45 27.80 -41.66 -31.33
C LYS N 45 26.65 -40.96 -30.60
N GLY N 46 25.62 -41.70 -30.22
CA GLY N 46 24.50 -41.10 -29.51
C GLY N 46 24.92 -40.61 -28.14
N MET N 47 24.68 -39.33 -27.86
CA MET N 47 25.03 -38.78 -26.57
C MET N 47 24.03 -39.23 -25.51
N ASP N 48 24.54 -39.53 -24.31
CA ASP N 48 23.70 -40.04 -23.24
C ASP N 48 22.85 -38.90 -22.66
N LYS N 49 21.93 -39.27 -21.77
CA LYS N 49 20.98 -38.33 -21.19
C LYS N 49 20.72 -38.70 -19.74
N ILE N 50 20.61 -37.68 -18.88
CA ILE N 50 20.32 -37.88 -17.47
C ILE N 50 18.81 -37.80 -17.26
N LEU N 51 18.25 -38.81 -16.60
CA LEU N 51 16.84 -38.86 -16.26
C LEU N 51 16.68 -38.43 -14.80
N LEU N 52 16.63 -37.13 -14.59
CA LEU N 52 16.55 -36.57 -13.24
C LEU N 52 15.10 -36.50 -12.78
N SER N 53 14.91 -36.60 -11.47
CA SER N 53 13.59 -36.49 -10.85
C SER N 53 13.48 -35.12 -10.20
N SER N 54 12.56 -34.30 -10.72
CA SER N 54 12.43 -32.92 -10.23
C SER N 54 11.99 -32.85 -8.77
N GLY N 55 11.29 -33.86 -8.28
CA GLY N 55 10.80 -33.85 -6.92
C GLY N 55 11.90 -34.08 -5.90
N ARG N 56 11.47 -34.23 -4.64
CA ARG N 56 12.42 -34.46 -3.55
C ARG N 56 13.14 -35.79 -3.68
N ASP N 57 12.61 -36.73 -4.47
CA ASP N 57 13.30 -38.00 -4.68
C ASP N 57 14.66 -37.78 -5.34
N ALA N 58 14.71 -36.92 -6.35
CA ALA N 58 15.95 -36.57 -7.04
C ALA N 58 16.68 -37.81 -7.58
N SER N 59 15.90 -38.77 -8.05
CA SER N 59 16.46 -40.00 -8.61
C SER N 59 17.13 -39.69 -9.93
N LEU N 60 18.46 -39.83 -9.99
CA LEU N 60 19.23 -39.53 -11.19
C LEU N 60 19.59 -40.84 -11.90
N MET N 61 19.21 -40.93 -13.16
CA MET N 61 19.55 -42.07 -14.02
C MET N 61 20.10 -41.54 -15.34
N VAL N 62 20.97 -42.33 -15.95
CA VAL N 62 21.50 -42.02 -17.28
C VAL N 62 21.17 -43.18 -18.20
N THR N 63 20.81 -42.86 -19.44
CA THR N 63 20.48 -43.87 -20.43
C THR N 63 20.75 -43.33 -21.82
N ASN N 64 21.13 -44.24 -22.72
CA ASN N 64 21.30 -43.90 -24.14
C ASN N 64 20.04 -44.20 -24.95
N ASP N 65 19.15 -45.04 -24.44
CA ASP N 65 17.91 -45.35 -25.12
C ASP N 65 16.86 -44.29 -24.82
N GLY N 66 16.24 -43.76 -25.88
CA GLY N 66 15.24 -42.72 -25.70
C GLY N 66 13.93 -43.20 -25.12
N ALA N 67 13.64 -44.50 -25.22
CA ALA N 67 12.41 -45.03 -24.65
C ALA N 67 12.36 -44.83 -23.15
N THR N 68 13.51 -44.86 -22.47
CA THR N 68 13.55 -44.59 -21.04
C THR N 68 13.15 -43.15 -20.75
N ILE N 69 13.58 -42.22 -21.59
CA ILE N 69 13.11 -40.84 -21.47
C ILE N 69 11.61 -40.77 -21.70
N LEU N 70 11.12 -41.51 -22.69
CA LEU N 70 9.71 -41.47 -23.05
C LEU N 70 8.82 -41.97 -21.92
N LYS N 71 9.22 -43.07 -21.28
CA LYS N 71 8.37 -43.63 -20.23
C LYS N 71 8.31 -42.74 -19.00
N ASN N 72 9.34 -41.94 -18.76
CA ASN N 72 9.41 -41.06 -17.60
C ASN N 72 9.63 -39.63 -18.08
N ILE N 73 8.54 -38.92 -18.37
CA ILE N 73 8.59 -37.52 -18.76
C ILE N 73 7.20 -36.94 -18.62
N GLY N 74 7.15 -35.67 -18.19
CA GLY N 74 5.88 -34.99 -18.12
C GLY N 74 5.28 -34.77 -19.50
N VAL N 75 3.95 -34.74 -19.55
CA VAL N 75 3.22 -34.63 -20.81
C VAL N 75 2.46 -33.30 -20.83
N ASP N 76 2.70 -32.52 -21.87
CA ASP N 76 1.99 -31.27 -22.11
C ASP N 76 1.19 -31.31 -23.40
N ASN N 77 1.83 -31.64 -24.51
CA ASN N 77 1.14 -31.74 -25.79
C ASN N 77 0.38 -33.05 -25.87
N PRO N 78 -0.91 -33.03 -26.21
CA PRO N 78 -1.63 -34.30 -26.45
C PRO N 78 -0.98 -35.16 -27.51
N ALA N 79 -0.48 -34.55 -28.59
CA ALA N 79 0.25 -35.32 -29.59
C ALA N 79 1.52 -35.94 -29.02
N ALA N 80 2.14 -35.26 -28.05
CA ALA N 80 3.27 -35.88 -27.35
C ALA N 80 2.84 -37.12 -26.59
N LYS N 81 1.65 -37.07 -25.97
CA LYS N 81 1.12 -38.26 -25.30
C LYS N 81 0.86 -39.38 -26.28
N VAL N 82 0.32 -39.05 -27.45
CA VAL N 82 0.13 -40.07 -28.49
C VAL N 82 1.47 -40.66 -28.91
N LEU N 83 2.48 -39.81 -29.04
CA LEU N 83 3.81 -40.27 -29.44
C LEU N 83 4.41 -41.20 -28.40
N VAL N 84 4.29 -40.85 -27.11
CA VAL N 84 4.83 -41.73 -26.09
C VAL N 84 4.05 -43.04 -26.04
N ASP N 85 2.73 -43.00 -26.28
CA ASP N 85 1.95 -44.22 -26.32
C ASP N 85 2.43 -45.15 -27.43
N MET N 86 2.57 -44.62 -28.65
CA MET N 86 3.01 -45.46 -29.76
C MET N 86 4.45 -45.93 -29.57
N SER N 87 5.31 -45.09 -29.01
CA SER N 87 6.68 -45.50 -28.76
C SER N 87 6.75 -46.60 -27.70
N ARG N 88 5.91 -46.51 -26.67
CA ARG N 88 5.85 -47.58 -25.67
C ARG N 88 5.33 -48.86 -26.30
N VAL N 89 4.37 -48.74 -27.22
CA VAL N 89 3.91 -49.92 -27.96
C VAL N 89 5.06 -50.56 -28.71
N GLN N 90 5.84 -49.74 -29.42
CA GLN N 90 6.97 -50.26 -30.20
C GLN N 90 8.02 -50.88 -29.27
N ASP N 91 8.26 -50.26 -28.12
CA ASP N 91 9.24 -50.78 -27.18
C ASP N 91 8.81 -52.13 -26.62
N ASP N 92 7.52 -52.27 -26.30
CA ASP N 92 7.02 -53.58 -25.87
C ASP N 92 7.08 -54.59 -27.00
N GLU N 93 6.98 -54.13 -28.25
CA GLU N 93 7.14 -55.03 -29.39
C GLU N 93 8.59 -55.48 -29.52
N VAL N 94 9.51 -54.54 -29.73
CA VAL N 94 10.93 -54.83 -29.85
C VAL N 94 11.72 -53.83 -29.02
N GLY N 95 12.92 -54.25 -28.61
CA GLY N 95 13.76 -53.43 -27.75
C GLY N 95 14.57 -52.35 -28.43
N ASP N 96 14.62 -52.34 -29.76
CA ASP N 96 15.38 -51.35 -30.50
C ASP N 96 14.49 -50.72 -31.57
N GLY N 97 14.86 -49.51 -31.98
CA GLY N 97 14.05 -48.76 -32.92
C GLY N 97 13.00 -47.88 -32.30
N THR N 98 12.85 -47.90 -30.98
CA THR N 98 11.88 -47.04 -30.30
C THR N 98 12.20 -45.57 -30.55
N THR N 99 13.45 -45.18 -30.28
CA THR N 99 13.88 -43.82 -30.60
C THR N 99 13.80 -43.59 -32.10
N SER N 100 14.08 -44.62 -32.90
CA SER N 100 13.97 -44.50 -34.35
C SER N 100 12.55 -44.17 -34.76
N VAL N 101 11.57 -44.94 -34.28
CA VAL N 101 10.19 -44.69 -34.68
C VAL N 101 9.72 -43.33 -34.16
N THR N 102 10.17 -42.95 -32.95
CA THR N 102 9.78 -41.66 -32.41
C THR N 102 10.33 -40.50 -33.25
N VAL N 103 11.60 -40.58 -33.64
CA VAL N 103 12.18 -39.49 -34.41
C VAL N 103 11.58 -39.45 -35.82
N LEU N 104 11.31 -40.63 -36.41
CA LEU N 104 10.62 -40.64 -37.70
C LEU N 104 9.26 -39.97 -37.61
N ALA N 105 8.48 -40.29 -36.56
CA ALA N 105 7.19 -39.65 -36.40
C ALA N 105 7.33 -38.14 -36.24
N ALA N 106 8.31 -37.70 -35.43
CA ALA N 106 8.52 -36.28 -35.21
C ALA N 106 8.86 -35.56 -36.51
N GLU N 107 9.74 -36.15 -37.32
CA GLU N 107 10.04 -35.55 -38.62
C GLU N 107 8.78 -35.49 -39.47
N LEU N 108 8.11 -36.63 -39.64
CA LEU N 108 6.93 -36.67 -40.49
C LEU N 108 5.98 -35.55 -40.11
N LEU N 109 5.84 -35.29 -38.82
CA LEU N 109 4.99 -34.19 -38.39
C LEU N 109 5.58 -32.82 -38.72
N ARG N 110 6.91 -32.65 -38.64
CA ARG N 110 7.44 -31.31 -38.92
C ARG N 110 7.41 -30.98 -40.42
N GLU N 111 7.79 -31.93 -41.27
CA GLU N 111 7.52 -31.72 -42.69
C GLU N 111 6.04 -31.72 -43.02
N ALA N 112 5.18 -32.31 -42.20
CA ALA N 112 3.74 -32.12 -42.39
C ALA N 112 3.35 -30.67 -42.16
N GLU N 113 3.90 -30.06 -41.10
CA GLU N 113 3.69 -28.63 -40.87
C GLU N 113 4.19 -27.81 -42.05
N SER N 114 5.40 -28.11 -42.52
CA SER N 114 5.96 -27.36 -43.65
C SER N 114 5.10 -27.50 -44.89
N LEU N 115 4.60 -28.71 -45.15
CA LEU N 115 3.84 -28.98 -46.36
C LEU N 115 2.44 -28.36 -46.28
N ILE N 116 1.83 -28.34 -45.10
CA ILE N 116 0.57 -27.63 -44.95
C ILE N 116 0.79 -26.14 -45.12
N ALA N 117 1.90 -25.61 -44.62
CA ALA N 117 2.27 -24.24 -44.94
C ALA N 117 2.48 -24.05 -46.43
N LYS N 118 2.84 -25.13 -47.14
CA LYS N 118 2.95 -25.13 -48.58
C LYS N 118 1.61 -25.36 -49.29
N LYS N 119 0.50 -25.12 -48.60
CA LYS N 119 -0.84 -25.16 -49.19
C LYS N 119 -1.18 -26.55 -49.75
N ILE N 120 -1.19 -27.53 -48.86
CA ILE N 120 -1.58 -28.90 -49.19
C ILE N 120 -2.57 -29.40 -48.14
N HIS N 121 -3.62 -30.08 -48.60
CA HIS N 121 -4.65 -30.57 -47.69
C HIS N 121 -4.16 -31.80 -46.93
N PRO N 122 -4.55 -31.96 -45.67
CA PRO N 122 -4.10 -33.12 -44.89
C PRO N 122 -4.50 -34.46 -45.50
N GLN N 123 -5.67 -34.56 -46.11
CA GLN N 123 -6.11 -35.83 -46.70
C GLN N 123 -5.23 -36.23 -47.87
N THR N 124 -4.84 -35.26 -48.71
CA THR N 124 -3.91 -35.56 -49.80
C THR N 124 -2.58 -36.05 -49.25
N ILE N 125 -2.11 -35.42 -48.17
CA ILE N 125 -0.87 -35.84 -47.54
C ILE N 125 -1.00 -37.27 -47.04
N ILE N 126 -2.14 -37.60 -46.42
CA ILE N 126 -2.36 -38.95 -45.90
C ILE N 126 -2.35 -39.97 -47.03
N ALA N 127 -3.03 -39.66 -48.14
CA ALA N 127 -3.06 -40.59 -49.26
C ALA N 127 -1.67 -40.82 -49.84
N GLY N 128 -0.93 -39.72 -50.05
CA GLY N 128 0.43 -39.85 -50.56
C GLY N 128 1.32 -40.63 -49.63
N TRP N 129 1.18 -40.38 -48.31
CA TRP N 129 1.98 -41.11 -47.34
C TRP N 129 1.63 -42.59 -47.32
N ARG N 130 0.35 -42.93 -47.48
CA ARG N 130 -0.04 -44.33 -47.54
C ARG N 130 0.58 -45.01 -48.75
N GLU N 131 0.53 -44.34 -49.91
CA GLU N 131 1.16 -44.91 -51.10
C GLU N 131 2.65 -45.10 -50.90
N ALA N 132 3.31 -44.11 -50.32
CA ALA N 132 4.76 -44.19 -50.12
C ALA N 132 5.11 -45.28 -49.10
N THR N 133 4.29 -45.44 -48.06
CA THR N 133 4.55 -46.50 -47.10
C THR N 133 4.39 -47.88 -47.73
N LYS N 134 3.38 -48.05 -48.59
CA LYS N 134 3.25 -49.31 -49.31
C LYS N 134 4.47 -49.58 -50.17
N ALA N 135 4.94 -48.55 -50.90
CA ALA N 135 6.12 -48.72 -51.73
C ALA N 135 7.36 -49.05 -50.89
N ALA N 136 7.52 -48.36 -49.77
CA ALA N 136 8.68 -48.59 -48.91
C ALA N 136 8.65 -49.99 -48.31
N ARG N 137 7.47 -50.46 -47.89
CA ARG N 137 7.38 -51.80 -47.32
C ARG N 137 7.67 -52.85 -48.38
N GLU N 138 7.15 -52.67 -49.60
CA GLU N 138 7.44 -53.65 -50.66
C GLU N 138 8.92 -53.65 -51.01
N ALA N 139 9.55 -52.48 -51.03
CA ALA N 139 10.99 -52.42 -51.29
C ALA N 139 11.78 -53.09 -50.17
N LEU N 140 11.37 -52.85 -48.92
CA LEU N 140 12.08 -53.43 -47.78
C LEU N 140 11.97 -54.95 -47.78
N LEU N 141 10.78 -55.48 -48.08
CA LEU N 141 10.65 -56.93 -48.15
C LEU N 141 11.34 -57.50 -49.39
N SER N 142 11.48 -56.70 -50.44
CA SER N 142 12.21 -57.17 -51.62
C SER N 142 13.67 -57.45 -51.29
N SER N 143 14.29 -56.58 -50.50
CA SER N 143 15.70 -56.73 -50.13
C SER N 143 15.90 -57.50 -48.84
N ALA N 144 14.83 -57.92 -48.17
CA ALA N 144 14.96 -58.67 -46.93
C ALA N 144 15.59 -60.03 -47.21
N VAL N 145 16.46 -60.46 -46.31
CA VAL N 145 17.17 -61.73 -46.43
C VAL N 145 17.09 -62.49 -45.10
N ASP N 146 16.86 -63.79 -45.19
CA ASP N 146 16.77 -64.65 -44.02
C ASP N 146 17.88 -65.70 -44.10
N HIS N 147 18.60 -65.88 -42.98
CA HIS N 147 19.70 -66.83 -42.93
C HIS N 147 19.68 -67.64 -41.64
N GLY N 148 18.48 -68.04 -41.18
CA GLY N 148 18.38 -68.82 -39.96
C GLY N 148 18.71 -70.29 -40.11
N SER N 149 18.52 -70.86 -41.29
CA SER N 149 18.80 -72.27 -41.50
C SER N 149 20.28 -72.57 -41.33
N ASP N 150 21.15 -71.72 -41.88
CA ASP N 150 22.59 -71.91 -41.76
C ASP N 150 23.03 -71.51 -40.36
N GLU N 151 23.45 -72.49 -39.56
CA GLU N 151 23.78 -72.22 -38.16
C GLU N 151 24.99 -71.29 -38.04
N VAL N 152 26.00 -71.49 -38.87
CA VAL N 152 27.16 -70.59 -38.82
C VAL N 152 26.76 -69.19 -39.25
N LYS N 153 25.95 -69.07 -40.31
CA LYS N 153 25.48 -67.75 -40.73
C LYS N 153 24.52 -67.16 -39.71
N PHE N 154 23.70 -68.00 -39.07
CA PHE N 154 22.83 -67.52 -38.01
C PHE N 154 23.63 -66.94 -36.85
N ARG N 155 24.69 -67.65 -36.44
CA ARG N 155 25.54 -67.15 -35.36
C ARG N 155 26.26 -65.87 -35.76
N GLN N 156 26.75 -65.79 -36.99
CA GLN N 156 27.43 -64.58 -37.45
C GLN N 156 26.46 -63.40 -37.50
N ASP N 157 25.23 -63.64 -37.96
CA ASP N 157 24.23 -62.58 -37.96
C ASP N 157 23.84 -62.17 -36.54
N LEU N 158 23.83 -63.12 -35.61
CA LEU N 158 23.61 -62.76 -34.21
C LEU N 158 24.74 -61.86 -33.70
N MET N 159 25.98 -62.20 -34.06
CA MET N 159 27.12 -61.32 -33.74
C MET N 159 26.88 -59.92 -34.27
N ASN N 160 26.50 -59.82 -35.55
CA ASN N 160 26.33 -58.53 -36.20
C ASN N 160 25.22 -57.72 -35.55
N ILE N 161 24.10 -58.38 -35.23
CA ILE N 161 22.95 -57.67 -34.68
C ILE N 161 23.23 -57.21 -33.26
N ALA N 162 23.86 -58.06 -32.44
CA ALA N 162 24.20 -57.63 -31.09
C ALA N 162 25.23 -56.50 -31.12
N GLY N 163 26.20 -56.57 -32.03
CA GLY N 163 27.12 -55.46 -32.18
C GLY N 163 26.44 -54.18 -32.63
N THR N 164 25.46 -54.31 -33.53
CA THR N 164 24.68 -53.15 -33.94
C THR N 164 23.96 -52.53 -32.76
N THR N 165 23.34 -53.35 -31.92
CA THR N 165 22.62 -52.85 -30.76
C THR N 165 23.57 -52.18 -29.77
N LEU N 166 24.75 -52.77 -29.56
CA LEU N 166 25.68 -52.24 -28.57
C LEU N 166 26.50 -51.06 -29.08
N SER N 167 26.54 -50.85 -30.40
CA SER N 167 27.32 -49.72 -30.93
C SER N 167 26.74 -48.39 -30.47
N SER N 168 25.41 -48.26 -30.47
CA SER N 168 24.79 -47.04 -30.00
C SER N 168 25.02 -46.80 -28.52
N LYS N 169 25.39 -47.83 -27.78
CA LYS N 169 25.64 -47.71 -26.35
C LYS N 169 27.14 -47.58 -26.08
N LEU N 170 27.47 -47.16 -24.86
CA LEU N 170 28.86 -46.92 -24.47
C LEU N 170 29.68 -48.19 -24.37
N LEU N 171 29.05 -49.36 -24.43
CA LEU N 171 29.75 -50.63 -24.26
C LEU N 171 30.54 -51.05 -25.49
N THR N 172 30.71 -50.14 -26.47
CA THR N 172 31.43 -50.49 -27.69
C THR N 172 32.89 -50.85 -27.42
N HIS N 173 33.42 -50.48 -26.26
CA HIS N 173 34.80 -50.86 -25.93
C HIS N 173 34.96 -52.37 -25.85
N HIS N 174 34.00 -53.05 -25.21
CA HIS N 174 34.01 -54.51 -25.10
C HIS N 174 32.92 -55.15 -25.96
N LYS N 175 32.35 -54.38 -26.90
CA LYS N 175 31.27 -54.84 -27.77
C LYS N 175 31.38 -56.30 -28.20
N ASP N 176 32.54 -56.73 -28.69
CA ASP N 176 32.64 -58.08 -29.22
C ASP N 176 32.51 -59.13 -28.12
N HIS N 177 33.21 -58.93 -27.00
CA HIS N 177 33.17 -59.91 -25.92
C HIS N 177 31.80 -59.94 -25.27
N PHE N 178 31.21 -58.77 -25.02
CA PHE N 178 29.84 -58.73 -24.49
C PHE N 178 28.85 -59.31 -25.48
N THR N 179 29.13 -59.19 -26.78
CA THR N 179 28.27 -59.76 -27.80
C THR N 179 28.27 -61.27 -27.74
N LYS N 180 29.45 -61.88 -27.70
CA LYS N 180 29.50 -63.34 -27.62
C LYS N 180 28.92 -63.82 -26.29
N LEU N 181 29.14 -63.06 -25.21
CA LEU N 181 28.57 -63.42 -23.91
C LEU N 181 27.05 -63.41 -23.96
N ALA N 182 26.45 -62.35 -24.52
CA ALA N 182 25.00 -62.26 -24.58
C ALA N 182 24.40 -63.29 -25.52
N VAL N 183 25.11 -63.61 -26.61
CA VAL N 183 24.61 -64.64 -27.52
C VAL N 183 24.64 -66.01 -26.85
N GLU N 184 25.71 -66.30 -26.09
CA GLU N 184 25.73 -67.53 -25.31
C GLU N 184 24.61 -67.55 -24.29
N ALA N 185 24.34 -66.40 -23.66
CA ALA N 185 23.27 -66.32 -22.68
C ALA N 185 21.91 -66.60 -23.30
N VAL N 186 21.63 -66.02 -24.48
CA VAL N 186 20.33 -66.24 -25.11
C VAL N 186 20.22 -67.67 -25.63
N LEU N 187 21.33 -68.27 -26.09
CA LEU N 187 21.28 -69.66 -26.51
C LEU N 187 21.23 -70.63 -25.35
N ARG N 188 21.58 -70.18 -24.14
CA ARG N 188 21.49 -71.02 -22.96
C ARG N 188 20.05 -71.40 -22.63
N LEU N 189 19.07 -70.68 -23.16
CA LEU N 189 17.66 -70.96 -22.89
C LEU N 189 17.12 -72.10 -23.75
N LYS N 190 17.92 -72.62 -24.69
CA LYS N 190 17.52 -73.73 -25.56
C LYS N 190 16.24 -73.41 -26.32
N GLY N 191 16.19 -72.20 -26.88
CA GLY N 191 15.04 -71.78 -27.66
C GLY N 191 13.90 -71.20 -26.87
N SER N 192 14.06 -71.00 -25.57
CA SER N 192 13.01 -70.39 -24.76
C SER N 192 12.97 -68.89 -25.03
N GLY N 193 11.76 -68.39 -25.34
CA GLY N 193 11.59 -67.00 -25.69
C GLY N 193 11.46 -66.02 -24.55
N ASN N 194 11.44 -66.50 -23.31
CA ASN N 194 11.31 -65.61 -22.17
C ASN N 194 12.61 -64.85 -21.92
N LEU N 195 12.49 -63.70 -21.27
CA LEU N 195 13.64 -62.88 -20.92
C LEU N 195 13.73 -62.52 -19.45
N GLU N 196 12.66 -62.66 -18.68
CA GLU N 196 12.74 -62.41 -17.23
C GLU N 196 13.57 -63.48 -16.52
N ALA N 197 13.77 -64.64 -17.15
CA ALA N 197 14.60 -65.68 -16.55
C ALA N 197 16.05 -65.22 -16.40
N ILE N 198 16.57 -64.51 -17.40
CA ILE N 198 17.94 -64.00 -17.33
C ILE N 198 18.00 -62.87 -16.32
N HIS N 199 18.80 -63.07 -15.28
CA HIS N 199 18.86 -62.16 -14.14
C HIS N 199 20.22 -61.49 -14.08
N ILE N 200 20.26 -60.29 -13.50
CA ILE N 200 21.45 -59.45 -13.48
C ILE N 200 21.69 -58.96 -12.06
N ILE N 201 22.95 -58.60 -11.78
CA ILE N 201 23.35 -58.06 -10.48
C ILE N 201 24.09 -56.75 -10.69
N LYS N 202 24.26 -56.01 -9.59
CA LYS N 202 24.99 -54.75 -9.57
C LYS N 202 26.00 -54.79 -8.44
N LYS N 203 27.25 -54.45 -8.76
CA LYS N 203 28.33 -54.40 -7.78
C LYS N 203 29.14 -53.14 -7.99
N LEU N 204 29.19 -52.28 -6.98
CA LEU N 204 29.90 -51.02 -7.09
C LEU N 204 31.40 -51.25 -7.19
N GLY N 205 32.07 -50.41 -7.97
CA GLY N 205 33.50 -50.49 -8.15
C GLY N 205 33.90 -51.49 -9.23
N GLY N 206 35.18 -51.47 -9.56
CA GLY N 206 35.74 -52.36 -10.54
C GLY N 206 35.59 -51.84 -11.96
N SER N 207 36.45 -52.36 -12.84
CA SER N 207 36.43 -51.95 -14.23
C SER N 207 35.23 -52.57 -14.96
N LEU N 208 34.87 -51.93 -16.08
CA LEU N 208 33.80 -52.47 -16.91
C LEU N 208 34.18 -53.81 -17.53
N ALA N 209 35.48 -54.03 -17.75
CA ALA N 209 35.95 -55.31 -18.27
C ALA N 209 35.71 -56.46 -17.29
N ASP N 210 35.57 -56.15 -16.00
CA ASP N 210 35.32 -57.20 -15.00
C ASP N 210 33.96 -57.84 -15.14
N SER N 211 33.06 -57.27 -15.95
CA SER N 211 31.75 -57.86 -16.16
C SER N 211 31.88 -59.19 -16.89
N TYR N 212 31.06 -60.16 -16.49
CA TYR N 212 31.10 -61.49 -17.08
C TYR N 212 29.75 -62.17 -16.89
N LEU N 213 29.68 -63.42 -17.31
CA LEU N 213 28.47 -64.22 -17.23
C LEU N 213 28.66 -65.35 -16.23
N ASP N 214 27.64 -65.60 -15.42
CA ASP N 214 27.62 -66.73 -14.49
C ASP N 214 26.61 -67.75 -14.97
N GLU N 215 27.06 -68.98 -15.20
CA GLU N 215 26.16 -70.01 -15.71
C GLU N 215 25.15 -70.45 -14.65
N GLY N 216 25.49 -70.35 -13.38
CA GLY N 216 24.59 -70.76 -12.32
C GLY N 216 23.63 -69.66 -11.91
N PHE N 217 23.52 -69.41 -10.62
CA PHE N 217 22.63 -68.38 -10.09
C PHE N 217 23.36 -67.55 -9.04
N LEU N 218 22.98 -66.27 -8.97
CA LEU N 218 23.54 -65.35 -7.99
C LEU N 218 22.45 -64.93 -7.02
N LEU N 219 22.73 -65.05 -5.73
CA LEU N 219 21.75 -64.80 -4.69
C LEU N 219 22.33 -63.86 -3.65
N ASP N 220 21.50 -63.00 -3.09
CA ASP N 220 21.94 -61.95 -2.15
C ASP N 220 20.99 -61.88 -0.96
N LYS N 221 20.68 -63.03 -0.37
CA LYS N 221 19.92 -63.11 0.87
C LYS N 221 20.81 -63.66 1.98
N LYS N 222 20.72 -63.04 3.16
CA LYS N 222 21.58 -63.41 4.27
C LYS N 222 21.18 -64.77 4.86
N ILE N 223 22.12 -65.37 5.57
CA ILE N 223 21.94 -66.68 6.20
C ILE N 223 21.74 -66.47 7.69
N GLY N 224 21.01 -67.39 8.32
CA GLY N 224 20.70 -67.31 9.73
C GLY N 224 21.94 -67.42 10.60
N VAL N 225 21.69 -67.39 11.91
CA VAL N 225 22.76 -67.32 12.91
C VAL N 225 23.14 -68.71 13.39
N ASN N 226 22.19 -69.41 14.00
CA ASN N 226 22.49 -70.70 14.62
C ASN N 226 22.72 -71.80 13.61
N GLN N 227 22.09 -71.72 12.44
CA GLN N 227 22.29 -72.74 11.42
C GLN N 227 23.71 -72.66 10.87
N PRO N 228 24.28 -73.79 10.45
CA PRO N 228 25.64 -73.78 9.90
C PRO N 228 25.71 -72.93 8.65
N LYS N 229 26.85 -72.26 8.47
CA LYS N 229 26.97 -71.23 7.45
C LYS N 229 27.07 -71.80 6.04
N ARG N 230 27.72 -72.94 5.86
CA ARG N 230 27.93 -73.48 4.52
C ARG N 230 27.72 -74.98 4.53
N ILE N 231 26.69 -75.45 3.83
CA ILE N 231 26.49 -76.87 3.56
C ILE N 231 26.19 -77.04 2.08
N GLU N 232 26.93 -77.91 1.41
CA GLU N 232 26.83 -78.08 -0.04
C GLU N 232 26.10 -79.38 -0.38
N ASN N 233 25.75 -79.50 -1.66
CA ASN N 233 25.09 -80.68 -2.20
C ASN N 233 23.79 -81.01 -1.47
N ALA N 234 23.04 -79.97 -1.12
CA ALA N 234 21.78 -80.12 -0.42
C ALA N 234 20.61 -80.02 -1.39
N LYS N 235 19.41 -80.25 -0.86
CA LYS N 235 18.17 -80.14 -1.60
C LYS N 235 17.45 -78.86 -1.20
N ILE N 236 17.05 -78.07 -2.18
CA ILE N 236 16.46 -76.76 -1.95
C ILE N 236 14.96 -76.84 -2.21
N LEU N 237 14.17 -76.40 -1.23
CA LEU N 237 12.71 -76.40 -1.32
C LEU N 237 12.20 -74.97 -1.21
N ILE N 238 11.20 -74.65 -2.01
CA ILE N 238 10.59 -73.32 -2.03
C ILE N 238 9.23 -73.39 -1.35
N ALA N 239 8.99 -72.47 -0.42
CA ALA N 239 7.76 -72.46 0.36
C ALA N 239 7.08 -71.11 0.25
N ASN N 240 5.74 -71.13 0.36
CA ASN N 240 4.92 -69.93 0.29
C ASN N 240 4.26 -69.61 1.63
N THR N 241 4.76 -70.19 2.71
CA THR N 241 4.17 -69.98 4.02
C THR N 241 4.71 -68.70 4.66
N GLY N 242 3.93 -68.14 5.58
CA GLY N 242 4.38 -66.96 6.31
C GLY N 242 5.57 -67.27 7.20
N MET N 243 5.52 -68.40 7.90
CA MET N 243 6.62 -68.86 8.75
C MET N 243 6.93 -67.85 9.85
N ASP N 244 5.90 -67.15 10.33
CA ASP N 244 6.06 -66.17 11.40
C ASP N 244 4.77 -66.11 12.19
N THR N 245 4.86 -66.32 13.50
CA THR N 245 3.75 -66.27 14.46
C THR N 245 2.46 -66.84 13.85
N ASP N 246 2.56 -68.09 13.42
CA ASP N 246 1.42 -68.75 12.79
C ASP N 246 0.25 -68.85 13.76
N LYS N 247 -0.88 -68.26 13.38
CA LYS N 247 -2.05 -68.19 14.22
C LYS N 247 -3.28 -68.67 13.44
N ILE N 248 -4.33 -68.99 14.19
CA ILE N 248 -5.57 -69.46 13.58
C ILE N 248 -6.19 -68.33 12.76
N LYS N 249 -6.54 -68.64 11.52
CA LYS N 249 -7.10 -67.64 10.61
C LYS N 249 -8.53 -67.27 10.96
N ILE N 250 -9.17 -67.97 11.89
CA ILE N 250 -10.54 -67.63 12.28
C ILE N 250 -10.56 -66.28 12.97
N PHE N 251 -11.41 -65.37 12.49
CA PHE N 251 -11.45 -64.02 13.03
C PHE N 251 -12.15 -63.98 14.38
N GLY N 252 -13.21 -64.77 14.54
CA GLY N 252 -14.02 -64.69 15.75
C GLY N 252 -13.43 -65.34 16.98
N SER N 253 -12.32 -66.07 16.83
CA SER N 253 -11.69 -66.72 17.97
C SER N 253 -11.07 -65.68 18.90
N ARG N 254 -11.18 -65.94 20.20
CA ARG N 254 -10.61 -65.07 21.22
C ARG N 254 -10.30 -65.91 22.46
N VAL N 255 -9.52 -65.33 23.36
CA VAL N 255 -9.08 -66.01 24.57
C VAL N 255 -9.71 -65.32 25.78
N ARG N 256 -10.30 -66.12 26.66
CA ARG N 256 -10.90 -65.64 27.90
C ARG N 256 -10.36 -66.48 29.04
N VAL N 257 -9.45 -65.90 29.83
CA VAL N 257 -8.80 -66.61 30.92
C VAL N 257 -8.99 -65.84 32.21
N ASP N 258 -8.90 -66.56 33.34
CA ASP N 258 -9.02 -65.96 34.65
C ASP N 258 -7.69 -65.88 35.40
N SER N 259 -6.61 -66.45 34.84
CA SER N 259 -5.33 -66.47 35.52
C SER N 259 -4.23 -66.61 34.48
N THR N 260 -2.99 -66.36 34.91
CA THR N 260 -1.84 -66.44 34.02
C THR N 260 -1.37 -67.86 33.79
N ALA N 261 -1.84 -68.83 34.59
CA ALA N 261 -1.46 -70.22 34.35
C ALA N 261 -1.97 -70.71 33.01
N LYS N 262 -3.23 -70.40 32.68
CA LYS N 262 -3.77 -70.74 31.38
C LYS N 262 -3.09 -69.95 30.26
N VAL N 263 -2.65 -68.72 30.56
CA VAL N 263 -1.89 -67.94 29.59
C VAL N 263 -0.59 -68.65 29.24
N ALA N 264 0.13 -69.12 30.27
CA ALA N 264 1.37 -69.86 30.03
C ALA N 264 1.09 -71.19 29.32
N GLU N 265 -0.02 -71.83 29.65
CA GLU N 265 -0.40 -73.06 28.95
C GLU N 265 -0.62 -72.81 27.47
N ILE N 266 -1.30 -71.71 27.13
CA ILE N 266 -1.54 -71.37 25.73
C ILE N 266 -0.23 -71.02 25.04
N GLU N 267 0.65 -70.30 25.73
CA GLU N 267 1.97 -70.00 25.15
C GLU N 267 2.74 -71.27 24.86
N HIS N 268 2.75 -72.21 25.80
CA HIS N 268 3.44 -73.48 25.58
C HIS N 268 2.79 -74.28 24.45
N ALA N 269 1.46 -74.21 24.34
CA ALA N 269 0.77 -74.88 23.23
C ALA N 269 1.18 -74.30 21.89
N GLU N 270 1.28 -72.97 21.81
CA GLU N 270 1.72 -72.33 20.57
C GLU N 270 3.16 -72.71 20.24
N LYS N 271 4.03 -72.75 21.25
CA LYS N 271 5.41 -73.16 21.02
C LYS N 271 5.47 -74.61 20.54
N GLU N 272 4.66 -75.50 21.13
CA GLU N 272 4.64 -76.89 20.69
C GLU N 272 4.11 -77.03 19.27
N LYS N 273 3.09 -76.24 18.92
CA LYS N 273 2.59 -76.26 17.55
C LYS N 273 3.66 -75.78 16.57
N MET N 274 4.40 -74.74 16.94
CA MET N 274 5.47 -74.26 16.08
C MET N 274 6.57 -75.31 15.94
N LYS N 275 6.88 -76.01 17.03
CA LYS N 275 7.86 -77.09 16.97
C LYS N 275 7.38 -78.22 16.06
N GLU N 276 6.08 -78.56 16.14
CA GLU N 276 5.53 -79.58 15.27
C GLU N 276 5.61 -79.16 13.81
N LYS N 277 5.32 -77.89 13.52
CA LYS N 277 5.47 -77.39 12.15
C LYS N 277 6.92 -77.46 11.69
N VAL N 278 7.86 -77.11 12.57
CA VAL N 278 9.27 -77.18 12.23
C VAL N 278 9.68 -78.61 11.92
N GLU N 279 9.23 -79.56 12.73
CA GLU N 279 9.53 -80.97 12.47
C GLU N 279 8.90 -81.45 11.17
N ARG N 280 7.69 -80.97 10.86
CA ARG N 280 7.05 -81.31 9.60
C ARG N 280 7.87 -80.78 8.42
N ILE N 281 8.40 -79.57 8.55
CA ILE N 281 9.28 -79.03 7.52
C ILE N 281 10.54 -79.87 7.37
N LEU N 282 11.14 -80.24 8.51
CA LEU N 282 12.37 -81.03 8.48
C LEU N 282 12.15 -82.44 7.95
N LYS N 283 10.91 -82.95 8.02
CA LYS N 283 10.63 -84.28 7.50
C LYS N 283 10.89 -84.40 6.01
N HIS N 284 10.95 -83.28 5.29
CA HIS N 284 11.12 -83.29 3.84
C HIS N 284 12.51 -83.73 3.40
N GLY N 285 13.46 -83.86 4.33
CA GLY N 285 14.81 -84.18 3.95
C GLY N 285 15.48 -83.01 3.25
N ILE N 286 15.57 -81.88 3.94
CA ILE N 286 16.04 -80.63 3.37
C ILE N 286 17.07 -80.00 4.28
N ASN N 287 18.09 -79.40 3.67
CA ASN N 287 19.11 -78.64 4.39
C ASN N 287 19.12 -77.17 4.02
N CYS N 288 19.01 -76.84 2.75
CA CYS N 288 18.89 -75.45 2.29
C CYS N 288 17.41 -75.19 2.03
N PHE N 289 16.80 -74.39 2.89
CA PHE N 289 15.37 -74.10 2.81
C PHE N 289 15.16 -72.64 2.46
N ILE N 290 14.15 -72.37 1.64
CA ILE N 290 13.87 -71.05 1.12
C ILE N 290 12.46 -70.63 1.54
N ASN N 291 12.35 -69.43 2.10
CA ASN N 291 11.07 -68.88 2.53
C ASN N 291 10.91 -67.47 1.97
N ARG N 292 9.65 -67.03 1.87
CA ARG N 292 9.33 -65.70 1.38
C ARG N 292 9.26 -64.67 2.51
N GLN N 293 8.48 -64.96 3.55
CA GLN N 293 8.25 -63.99 4.62
C GLN N 293 9.29 -64.16 5.73
N LEU N 294 9.07 -63.47 6.85
CA LEU N 294 10.04 -63.45 7.93
C LEU N 294 10.07 -64.77 8.69
N ILE N 295 11.19 -65.03 9.35
CA ILE N 295 11.38 -66.17 10.22
C ILE N 295 11.80 -65.66 11.59
N TYR N 296 11.04 -66.01 12.63
CA TYR N 296 11.26 -65.45 13.95
C TYR N 296 12.37 -66.21 14.68
N ASN N 297 12.53 -65.92 15.97
CA ASN N 297 13.67 -66.43 16.72
C ASN N 297 13.53 -67.92 17.03
N TYR N 298 12.34 -68.35 17.44
CA TYR N 298 12.16 -69.77 17.75
C TYR N 298 12.35 -70.67 16.54
N PRO N 299 11.74 -70.42 15.38
CA PRO N 299 12.00 -71.31 14.23
C PRO N 299 13.44 -71.30 13.76
N GLU N 300 14.10 -70.14 13.79
CA GLU N 300 15.51 -70.10 13.37
C GLU N 300 16.40 -70.84 14.37
N GLN N 301 16.08 -70.76 15.66
CA GLN N 301 16.81 -71.52 16.66
C GLN N 301 16.61 -73.01 16.46
N LEU N 302 15.37 -73.43 16.15
CA LEU N 302 15.11 -74.84 15.89
C LEU N 302 15.85 -75.31 14.64
N PHE N 303 15.88 -74.48 13.59
CA PHE N 303 16.62 -74.83 12.39
C PHE N 303 18.11 -74.95 12.67
N GLY N 304 18.65 -74.04 13.47
CA GLY N 304 20.05 -74.13 13.85
C GLY N 304 20.36 -75.38 14.65
N ALA N 305 19.48 -75.74 15.58
CA ALA N 305 19.64 -77.00 16.30
C ALA N 305 19.52 -78.19 15.38
N ALA N 306 18.70 -78.07 14.33
CA ALA N 306 18.55 -79.14 13.35
C ALA N 306 19.63 -79.12 12.28
N GLY N 307 20.49 -78.11 12.26
CA GLY N 307 21.52 -78.01 11.23
C GLY N 307 20.97 -77.85 9.83
N VAL N 308 19.86 -77.11 9.69
CA VAL N 308 19.21 -76.90 8.40
C VAL N 308 19.09 -75.40 8.18
N MET N 309 19.57 -74.93 7.03
CA MET N 309 19.57 -73.51 6.72
C MET N 309 18.21 -73.09 6.16
N ALA N 310 17.70 -71.97 6.65
CA ALA N 310 16.46 -71.38 6.15
C ALA N 310 16.78 -70.03 5.54
N ILE N 311 16.38 -69.84 4.28
CA ILE N 311 16.61 -68.59 3.56
C ILE N 311 15.30 -67.84 3.47
N GLU N 312 15.29 -66.61 3.99
CA GLU N 312 14.11 -65.76 3.96
C GLU N 312 14.29 -64.65 2.94
N HIS N 313 13.26 -63.82 2.81
CA HIS N 313 13.25 -62.66 1.90
C HIS N 313 13.51 -63.04 0.46
N ALA N 314 13.06 -64.23 0.05
CA ALA N 314 13.15 -64.66 -1.36
C ALA N 314 11.86 -64.21 -2.04
N ASP N 315 11.96 -63.17 -2.86
CA ASP N 315 10.78 -62.58 -3.48
C ASP N 315 10.23 -63.50 -4.56
N PHE N 316 9.10 -63.09 -5.14
CA PHE N 316 8.43 -63.93 -6.14
C PHE N 316 9.28 -64.13 -7.37
N ALA N 317 9.95 -63.07 -7.84
CA ALA N 317 10.82 -63.22 -9.01
C ALA N 317 12.00 -64.13 -8.71
N GLY N 318 12.59 -64.01 -7.52
CA GLY N 318 13.73 -64.85 -7.17
C GLY N 318 13.37 -66.31 -7.10
N VAL N 319 12.27 -66.64 -6.43
CA VAL N 319 11.83 -68.03 -6.36
C VAL N 319 11.39 -68.52 -7.73
N GLU N 320 10.80 -67.64 -8.54
CA GLU N 320 10.42 -68.01 -9.89
C GLU N 320 11.63 -68.45 -10.70
N ARG N 321 12.67 -67.63 -10.73
CA ARG N 321 13.85 -67.97 -11.51
C ARG N 321 14.62 -69.13 -10.91
N LEU N 322 14.62 -69.27 -9.58
CA LEU N 322 15.25 -70.44 -8.96
C LEU N 322 14.54 -71.72 -9.34
N ALA N 323 13.20 -71.71 -9.35
CA ALA N 323 12.45 -72.88 -9.79
C ALA N 323 12.69 -73.16 -11.27
N LEU N 324 12.78 -72.11 -12.09
CA LEU N 324 13.05 -72.31 -13.50
C LEU N 324 14.44 -72.92 -13.73
N VAL N 325 15.43 -72.52 -12.93
CA VAL N 325 16.80 -72.97 -13.16
C VAL N 325 17.14 -74.29 -12.47
N THR N 326 16.40 -74.66 -11.41
CA THR N 326 16.69 -75.88 -10.67
C THR N 326 15.57 -76.89 -10.68
N GLY N 327 14.37 -76.53 -11.11
CA GLY N 327 13.26 -77.45 -11.13
C GLY N 327 12.51 -77.60 -9.81
N GLY N 328 12.82 -76.78 -8.81
CA GLY N 328 12.13 -76.87 -7.55
C GLY N 328 10.66 -76.49 -7.69
N GLU N 329 9.84 -77.05 -6.79
CA GLU N 329 8.40 -76.83 -6.81
C GLU N 329 7.96 -76.07 -5.57
N ILE N 330 7.16 -75.04 -5.76
CA ILE N 330 6.67 -74.23 -4.66
C ILE N 330 5.62 -75.01 -3.87
N ALA N 331 5.69 -74.91 -2.55
CA ALA N 331 4.79 -75.64 -1.66
C ALA N 331 4.23 -74.71 -0.60
N SER N 332 3.04 -75.05 -0.12
CA SER N 332 2.41 -74.32 0.98
C SER N 332 1.93 -75.20 2.12
N THR N 333 1.63 -76.48 1.87
CA THR N 333 1.28 -77.42 2.92
C THR N 333 2.42 -78.43 3.04
N PHE N 334 2.96 -78.56 4.26
CA PHE N 334 4.12 -79.40 4.50
C PHE N 334 3.75 -80.74 5.13
N ASP N 335 2.49 -81.16 5.01
CA ASP N 335 2.04 -82.43 5.54
C ASP N 335 2.38 -83.61 4.62
N HIS N 336 2.90 -83.34 3.42
CA HIS N 336 3.28 -84.36 2.45
C HIS N 336 4.73 -84.10 2.04
N PRO N 337 5.69 -84.50 2.86
CA PRO N 337 7.10 -84.19 2.55
C PRO N 337 7.58 -84.78 1.23
N GLU N 338 7.08 -85.95 0.85
CA GLU N 338 7.57 -86.67 -0.33
C GLU N 338 6.77 -86.33 -1.58
N LEU N 339 5.75 -85.49 -1.49
CA LEU N 339 4.89 -85.19 -2.63
C LEU N 339 5.28 -83.91 -3.36
N VAL N 340 6.36 -83.25 -2.94
CA VAL N 340 6.83 -82.03 -3.58
C VAL N 340 8.28 -82.23 -4.01
N LYS N 341 8.58 -81.94 -5.27
CA LYS N 341 9.93 -82.08 -5.78
C LYS N 341 10.86 -81.07 -5.13
N LEU N 342 12.06 -81.52 -4.79
CA LEU N 342 13.08 -80.67 -4.20
C LEU N 342 14.10 -80.25 -5.25
N GLY N 343 14.63 -79.04 -5.10
CA GLY N 343 15.58 -78.50 -6.05
C GLY N 343 16.90 -79.26 -6.01
N SER N 344 17.50 -79.42 -7.19
CA SER N 344 18.76 -80.12 -7.34
C SER N 344 19.84 -79.13 -7.78
N CYS N 345 20.94 -79.07 -7.03
CA CYS N 345 22.05 -78.20 -7.36
C CYS N 345 23.35 -78.95 -7.18
N LYS N 346 24.36 -78.55 -7.95
CA LYS N 346 25.66 -79.21 -7.86
C LYS N 346 26.54 -78.59 -6.77
N LEU N 347 26.78 -77.28 -6.87
CA LEU N 347 27.63 -76.59 -5.92
C LEU N 347 26.95 -75.31 -5.44
N ILE N 348 26.94 -75.11 -4.13
CA ILE N 348 26.42 -73.90 -3.52
C ILE N 348 27.52 -73.27 -2.67
N GLU N 349 27.67 -71.96 -2.76
CA GLU N 349 28.71 -71.26 -2.04
C GLU N 349 28.28 -69.84 -1.76
N GLU N 350 28.94 -69.21 -0.79
CA GLU N 350 28.68 -67.82 -0.40
C GLU N 350 29.96 -67.04 -0.68
N VAL N 351 30.07 -66.52 -1.92
CA VAL N 351 31.29 -65.86 -2.35
C VAL N 351 31.39 -64.48 -1.73
N MET N 352 32.61 -63.94 -1.72
CA MET N 352 32.90 -62.62 -1.16
C MET N 352 33.49 -61.76 -2.27
N ILE N 353 32.63 -60.96 -2.90
CA ILE N 353 33.04 -60.05 -3.97
C ILE N 353 32.68 -58.65 -3.55
N GLY N 354 33.65 -57.74 -3.60
CA GLY N 354 33.42 -56.38 -3.15
C GLY N 354 33.55 -56.29 -1.64
N GLU N 355 32.50 -55.77 -0.99
CA GLU N 355 32.43 -55.71 0.46
C GLU N 355 31.07 -56.21 0.95
N ASP N 356 30.56 -57.25 0.30
CA ASP N 356 29.26 -57.82 0.64
C ASP N 356 29.34 -59.34 0.59
N LYS N 357 28.35 -59.98 1.20
CA LYS N 357 28.27 -61.43 1.28
C LYS N 357 27.19 -61.91 0.32
N LEU N 358 27.60 -62.52 -0.78
CA LEU N 358 26.68 -62.98 -1.83
C LEU N 358 26.74 -64.49 -1.94
N ILE N 359 25.57 -65.13 -1.99
CA ILE N 359 25.48 -66.57 -2.19
C ILE N 359 25.47 -66.86 -3.68
N HIS N 360 26.39 -67.71 -4.12
CA HIS N 360 26.56 -68.04 -5.53
C HIS N 360 26.17 -69.49 -5.77
N PHE N 361 25.38 -69.72 -6.81
CA PHE N 361 24.95 -71.06 -7.21
C PHE N 361 25.75 -71.51 -8.42
N SER N 362 26.24 -72.74 -8.38
CA SER N 362 27.02 -73.31 -9.47
C SER N 362 26.49 -74.68 -9.82
N GLY N 363 26.64 -75.05 -11.09
CA GLY N 363 26.18 -76.34 -11.55
C GLY N 363 24.67 -76.52 -11.47
N VAL N 364 23.93 -75.51 -11.93
CA VAL N 364 22.47 -75.60 -11.90
C VAL N 364 22.01 -76.75 -12.78
N ALA N 365 20.92 -77.39 -12.35
CA ALA N 365 20.44 -78.60 -13.03
C ALA N 365 19.76 -78.27 -14.35
N LEU N 366 18.65 -77.52 -14.30
CA LEU N 366 17.93 -77.20 -15.52
C LEU N 366 18.69 -76.20 -16.38
N GLY N 367 19.27 -75.18 -15.77
CA GLY N 367 20.00 -74.18 -16.52
C GLY N 367 19.16 -73.21 -17.29
N GLU N 368 17.85 -73.17 -17.05
CA GLU N 368 16.96 -72.26 -17.77
C GLU N 368 16.88 -70.90 -17.10
N ALA N 369 18.05 -70.33 -16.81
CA ALA N 369 18.18 -69.00 -16.24
C ALA N 369 19.63 -68.55 -16.30
N CYS N 370 19.87 -67.34 -16.79
CA CYS N 370 21.22 -66.81 -16.93
C CYS N 370 21.42 -65.66 -15.94
N THR N 371 22.55 -65.68 -15.25
CA THR N 371 22.91 -64.63 -14.32
C THR N 371 24.16 -63.93 -14.80
N ILE N 372 24.09 -62.60 -14.91
CA ILE N 372 25.13 -61.80 -15.53
C ILE N 372 25.73 -60.89 -14.47
N VAL N 373 27.06 -60.86 -14.39
CA VAL N 373 27.78 -59.99 -13.48
C VAL N 373 28.19 -58.73 -14.23
N LEU N 374 27.82 -57.57 -13.69
CA LEU N 374 28.18 -56.29 -14.25
C LEU N 374 28.91 -55.46 -13.20
N ARG N 375 30.06 -54.90 -13.58
CA ARG N 375 30.88 -54.10 -12.67
C ARG N 375 30.95 -52.67 -13.18
N GLY N 376 30.75 -51.73 -12.28
CA GLY N 376 30.80 -50.32 -12.64
C GLY N 376 31.14 -49.47 -11.44
N ALA N 377 31.79 -48.34 -11.70
CA ALA N 377 32.17 -47.43 -10.63
C ALA N 377 30.95 -46.76 -10.01
N THR N 378 30.05 -46.25 -10.85
CA THR N 378 28.86 -45.54 -10.40
C THR N 378 27.62 -46.34 -10.76
N GLN N 379 26.54 -46.07 -10.01
CA GLN N 379 25.27 -46.73 -10.29
C GLN N 379 24.70 -46.32 -11.64
N GLN N 380 25.02 -45.11 -12.10
CA GLN N 380 24.45 -44.61 -13.35
C GLN N 380 24.97 -45.43 -14.54
N ILE N 381 26.29 -45.62 -14.63
CA ILE N 381 26.81 -46.43 -15.71
C ILE N 381 26.37 -47.89 -15.56
N LEU N 382 26.17 -48.34 -14.33
CA LEU N 382 25.69 -49.70 -14.11
C LEU N 382 24.29 -49.88 -14.71
N ASP N 383 23.38 -48.95 -14.43
CA ASP N 383 22.04 -49.08 -14.96
C ASP N 383 22.01 -48.87 -16.47
N GLU N 384 22.87 -47.99 -16.99
CA GLU N 384 22.97 -47.86 -18.45
C GLU N 384 23.43 -49.17 -19.08
N ALA N 385 24.46 -49.81 -18.49
CA ALA N 385 24.96 -51.07 -19.02
C ALA N 385 23.90 -52.15 -18.96
N GLU N 386 23.16 -52.23 -17.86
CA GLU N 386 22.14 -53.27 -17.75
C GLU N 386 20.99 -53.02 -18.72
N ARG N 387 20.62 -51.75 -18.93
CA ARG N 387 19.57 -51.44 -19.89
C ARG N 387 20.01 -51.81 -21.31
N SER N 388 21.27 -51.50 -21.65
CA SER N 388 21.79 -51.87 -22.96
C SER N 388 21.82 -53.39 -23.12
N LEU N 389 22.23 -54.11 -22.07
CA LEU N 389 22.25 -55.57 -22.13
C LEU N 389 20.85 -56.14 -22.31
N HIS N 390 19.86 -55.57 -21.60
CA HIS N 390 18.49 -56.04 -21.75
C HIS N 390 17.97 -55.78 -23.15
N ASP N 391 18.28 -54.61 -23.72
CA ASP N 391 17.89 -54.33 -25.10
C ASP N 391 18.55 -55.31 -26.06
N ALA N 392 19.82 -55.63 -25.83
CA ALA N 392 20.50 -56.62 -26.65
C ALA N 392 19.82 -57.98 -26.56
N LEU N 393 19.43 -58.39 -25.35
CA LEU N 393 18.72 -59.65 -25.19
C LEU N 393 17.40 -59.63 -25.94
N CYS N 394 16.67 -58.51 -25.86
CA CYS N 394 15.40 -58.40 -26.55
C CYS N 394 15.57 -58.52 -28.06
N VAL N 395 16.54 -57.80 -28.63
CA VAL N 395 16.73 -57.86 -30.07
C VAL N 395 17.24 -59.22 -30.51
N LEU N 396 18.07 -59.86 -29.67
CA LEU N 396 18.53 -61.20 -29.99
C LEU N 396 17.38 -62.20 -29.99
N ALA N 397 16.47 -62.08 -29.03
CA ALA N 397 15.28 -62.93 -29.02
C ALA N 397 14.41 -62.69 -30.24
N GLN N 398 14.26 -61.43 -30.64
CA GLN N 398 13.48 -61.10 -31.82
C GLN N 398 14.11 -61.72 -33.07
N THR N 399 15.43 -61.66 -33.18
CA THR N 399 16.12 -62.29 -34.30
C THR N 399 15.96 -63.81 -34.25
N VAL N 400 16.01 -64.39 -33.06
CA VAL N 400 15.85 -65.84 -32.93
C VAL N 400 14.47 -66.27 -33.41
N LYS N 401 13.44 -65.51 -33.03
CA LYS N 401 12.08 -65.85 -33.46
C LYS N 401 11.95 -65.82 -34.98
N ASP N 402 12.48 -64.77 -35.61
CA ASP N 402 12.51 -64.68 -37.06
C ASP N 402 13.83 -64.08 -37.51
N SER N 403 14.51 -64.77 -38.41
CA SER N 403 15.85 -64.39 -38.83
C SER N 403 15.87 -63.55 -40.10
N ARG N 404 14.71 -63.09 -40.56
CA ARG N 404 14.67 -62.17 -41.69
C ARG N 404 15.31 -60.85 -41.30
N THR N 405 16.39 -60.48 -41.98
CA THR N 405 17.19 -59.33 -41.61
C THR N 405 17.47 -58.47 -42.84
N VAL N 406 17.82 -57.21 -42.57
CA VAL N 406 18.16 -56.25 -43.61
C VAL N 406 19.41 -55.49 -43.19
N TYR N 407 20.01 -54.81 -44.16
CA TYR N 407 21.25 -54.07 -43.94
C TYR N 407 20.90 -52.65 -43.51
N GLY N 408 21.19 -52.33 -42.25
CA GLY N 408 20.84 -51.03 -41.68
C GLY N 408 21.96 -50.03 -41.77
N GLY N 409 22.02 -49.15 -40.79
CA GLY N 409 23.01 -48.08 -40.80
C GLY N 409 22.84 -47.13 -41.96
N GLY N 410 21.60 -46.81 -42.31
CA GLY N 410 21.30 -45.97 -43.45
C GLY N 410 21.17 -46.67 -44.77
N CYS N 411 21.60 -47.94 -44.85
CA CYS N 411 21.54 -48.67 -46.12
C CYS N 411 20.10 -48.94 -46.52
N SER N 412 19.38 -49.73 -45.71
CA SER N 412 17.96 -49.97 -45.99
C SER N 412 17.18 -48.67 -45.99
N GLU N 413 17.64 -47.68 -45.24
CA GLU N 413 17.03 -46.35 -45.29
C GLU N 413 17.15 -45.76 -46.69
N MET N 414 18.33 -45.92 -47.32
CA MET N 414 18.49 -45.49 -48.70
C MET N 414 17.66 -46.33 -49.66
N LEU N 415 17.49 -47.64 -49.38
CA LEU N 415 16.58 -48.43 -50.21
C LEU N 415 15.17 -47.85 -50.18
N MET N 416 14.65 -47.59 -48.98
CA MET N 416 13.32 -47.03 -48.84
C MET N 416 13.21 -45.67 -49.51
N ALA N 417 14.21 -44.81 -49.27
CA ALA N 417 14.19 -43.47 -49.85
C ALA N 417 14.22 -43.53 -51.37
N HIS N 418 15.05 -44.40 -51.93
CA HIS N 418 15.14 -44.52 -53.38
C HIS N 418 13.82 -45.01 -53.96
N ALA N 419 13.21 -46.02 -53.33
CA ALA N 419 11.92 -46.51 -53.83
C ALA N 419 10.85 -45.44 -53.76
N VAL N 420 10.79 -44.70 -52.65
CA VAL N 420 9.76 -43.68 -52.49
C VAL N 420 9.99 -42.54 -53.48
N THR N 421 11.25 -42.14 -53.69
CA THR N 421 11.52 -41.09 -54.66
C THR N 421 11.16 -41.54 -56.07
N GLN N 422 11.46 -42.80 -56.40
CA GLN N 422 11.11 -43.31 -57.71
C GLN N 422 9.61 -43.28 -57.93
N LEU N 423 8.85 -43.72 -56.91
CA LEU N 423 7.40 -43.67 -57.05
C LEU N 423 6.87 -42.24 -57.08
N ALA N 424 7.50 -41.33 -56.34
CA ALA N 424 7.03 -39.95 -56.30
C ALA N 424 7.23 -39.25 -57.64
N ASN N 425 8.40 -39.44 -58.25
CA ASN N 425 8.59 -38.89 -59.60
C ASN N 425 7.81 -39.68 -60.64
N ARG N 426 7.42 -40.92 -60.32
CA ARG N 426 6.55 -41.68 -61.22
C ARG N 426 5.13 -41.14 -61.20
N THR N 427 4.68 -40.62 -60.05
CA THR N 427 3.29 -40.22 -59.89
C THR N 427 3.13 -38.70 -59.94
N PRO N 428 2.05 -38.20 -60.52
CA PRO N 428 1.79 -36.75 -60.47
C PRO N 428 0.95 -36.38 -59.26
N GLY N 429 0.62 -35.10 -59.14
CA GLY N 429 -0.26 -34.62 -58.09
C GLY N 429 0.48 -34.28 -56.81
N LYS N 430 -0.24 -33.61 -55.91
CA LYS N 430 0.31 -33.21 -54.63
C LYS N 430 0.59 -34.40 -53.73
N GLU N 431 -0.01 -35.55 -54.01
CA GLU N 431 0.34 -36.76 -53.28
C GLU N 431 1.80 -37.11 -53.46
N ALA N 432 2.31 -36.92 -54.68
CA ALA N 432 3.73 -37.12 -54.93
C ALA N 432 4.58 -36.18 -54.10
N VAL N 433 4.15 -34.92 -53.96
CA VAL N 433 4.90 -33.96 -53.14
C VAL N 433 4.91 -34.41 -51.69
N ALA N 434 3.76 -34.83 -51.17
CA ALA N 434 3.67 -35.27 -49.78
C ALA N 434 4.56 -36.47 -49.54
N MET N 435 4.53 -37.45 -50.44
CA MET N 435 5.31 -38.65 -50.23
C MET N 435 6.78 -38.43 -50.53
N GLU N 436 7.13 -37.40 -51.31
CA GLU N 436 8.53 -37.02 -51.44
C GLU N 436 9.03 -36.33 -50.18
N SER N 437 8.16 -35.58 -49.50
CA SER N 437 8.53 -35.08 -48.18
C SER N 437 8.73 -36.24 -47.20
N TYR N 438 7.87 -37.25 -47.30
CA TYR N 438 8.09 -38.49 -46.56
C TYR N 438 9.48 -39.05 -46.83
N ALA N 439 9.85 -39.13 -48.12
CA ALA N 439 11.15 -39.66 -48.50
C ALA N 439 12.29 -38.82 -47.98
N LYS N 440 12.13 -37.49 -47.97
CA LYS N 440 13.21 -36.64 -47.50
C LYS N 440 13.38 -36.74 -45.99
N ALA N 441 12.28 -36.95 -45.25
CA ALA N 441 12.42 -37.26 -43.83
C ALA N 441 13.15 -38.59 -43.63
N LEU N 442 12.82 -39.57 -44.47
CA LEU N 442 13.53 -40.85 -44.44
C LEU N 442 15.02 -40.65 -44.65
N ARG N 443 15.40 -39.83 -45.63
CA ARG N 443 16.82 -39.57 -45.88
C ARG N 443 17.46 -38.79 -44.74
N MET N 444 16.71 -37.88 -44.11
CA MET N 444 17.31 -37.03 -43.09
C MET N 444 17.48 -37.75 -41.77
N LEU N 445 16.77 -38.87 -41.57
CA LEU N 445 17.06 -39.69 -40.38
C LEU N 445 18.53 -40.12 -40.30
N PRO N 446 19.06 -40.91 -41.24
CA PRO N 446 20.48 -41.26 -41.14
C PRO N 446 21.40 -40.07 -41.31
N THR N 447 20.92 -38.99 -41.93
CA THR N 447 21.68 -37.75 -41.96
C THR N 447 22.05 -37.31 -40.55
N ILE N 448 21.06 -37.23 -39.67
CA ILE N 448 21.36 -36.80 -38.30
C ILE N 448 22.01 -37.94 -37.52
N ILE N 449 21.74 -39.19 -37.91
CA ILE N 449 22.43 -40.32 -37.29
C ILE N 449 23.94 -40.15 -37.44
N ALA N 450 24.39 -39.82 -38.64
CA ALA N 450 25.82 -39.61 -38.89
C ALA N 450 26.29 -38.26 -38.35
N ASP N 451 25.45 -37.23 -38.41
CA ASP N 451 25.85 -35.91 -37.92
C ASP N 451 25.99 -35.88 -36.41
N ASN N 452 25.40 -36.84 -35.70
CA ASN N 452 25.66 -36.95 -34.27
C ASN N 452 27.12 -37.27 -33.99
N ALA N 453 27.86 -37.74 -34.99
CA ALA N 453 29.30 -37.95 -34.90
C ALA N 453 30.09 -36.73 -35.37
N GLY N 454 29.43 -35.64 -35.73
CA GLY N 454 30.13 -34.48 -36.27
C GLY N 454 30.78 -34.76 -37.61
N TYR N 455 30.11 -35.50 -38.48
CA TYR N 455 30.62 -35.86 -39.79
C TYR N 455 29.86 -35.09 -40.87
N ASP N 456 30.18 -35.39 -42.12
CA ASP N 456 29.48 -34.81 -43.26
C ASP N 456 28.33 -35.70 -43.67
N SER N 457 27.31 -35.08 -44.27
CA SER N 457 26.06 -35.76 -44.58
C SER N 457 25.76 -35.83 -46.07
N ALA N 458 25.80 -34.69 -46.76
CA ALA N 458 25.33 -34.65 -48.15
C ALA N 458 26.18 -35.53 -49.05
N ASP N 459 27.50 -35.49 -48.87
CA ASP N 459 28.39 -36.28 -49.74
C ASP N 459 28.12 -37.77 -49.58
N LEU N 460 28.06 -38.24 -48.33
CA LEU N 460 27.82 -39.66 -48.09
C LEU N 460 26.44 -40.08 -48.58
N VAL N 461 25.43 -39.24 -48.34
CA VAL N 461 24.08 -39.58 -48.78
C VAL N 461 24.02 -39.70 -50.29
N ALA N 462 24.61 -38.73 -51.00
CA ALA N 462 24.62 -38.77 -52.46
C ALA N 462 25.41 -39.97 -52.97
N GLN N 463 26.56 -40.26 -52.36
CA GLN N 463 27.37 -41.40 -52.79
C GLN N 463 26.60 -42.71 -52.62
N LEU N 464 25.94 -42.88 -51.47
CA LEU N 464 25.18 -44.11 -51.26
C LEU N 464 23.96 -44.18 -52.18
N ARG N 465 23.33 -43.04 -52.43
CA ARG N 465 22.21 -43.01 -53.38
C ARG N 465 22.68 -43.46 -54.76
N ALA N 466 23.80 -42.93 -55.24
CA ALA N 466 24.32 -43.32 -56.55
C ALA N 466 24.71 -44.79 -56.56
N ALA N 467 25.38 -45.26 -55.51
CA ALA N 467 25.82 -46.65 -55.47
C ALA N 467 24.64 -47.61 -55.49
N HIS N 468 23.59 -47.30 -54.73
CA HIS N 468 22.41 -48.16 -54.73
C HIS N 468 21.63 -48.03 -56.04
N SER N 469 21.73 -46.88 -56.71
CA SER N 469 21.20 -46.77 -58.06
C SER N 469 21.93 -47.71 -59.01
N GLU N 470 23.26 -47.83 -58.84
CA GLU N 470 24.03 -48.80 -59.61
C GLU N 470 23.65 -50.24 -59.25
N GLY N 471 22.97 -50.44 -58.13
CA GLY N 471 22.62 -51.78 -57.67
C GLY N 471 23.33 -52.21 -56.40
N ASN N 472 24.11 -51.34 -55.75
CA ASN N 472 24.83 -51.70 -54.53
C ASN N 472 23.89 -51.57 -53.34
N THR N 473 22.87 -52.44 -53.35
CA THR N 473 21.89 -52.46 -52.27
C THR N 473 22.47 -52.94 -50.95
N THR N 474 23.67 -53.52 -50.97
CA THR N 474 24.36 -53.92 -49.75
C THR N 474 25.34 -52.87 -49.24
N ALA N 475 25.39 -51.70 -49.86
CA ALA N 475 26.29 -50.65 -49.44
C ALA N 475 25.68 -49.82 -48.32
N GLY N 476 26.49 -49.54 -47.29
CA GLY N 476 26.02 -48.75 -46.17
C GLY N 476 27.13 -47.87 -45.62
N LEU N 477 26.71 -46.85 -44.88
CA LEU N 477 27.64 -45.90 -44.30
C LEU N 477 28.42 -46.55 -43.16
N ASP N 478 29.74 -46.30 -43.14
CA ASP N 478 30.62 -46.83 -42.11
C ASP N 478 30.93 -45.72 -41.11
N MET N 479 30.58 -45.95 -39.84
CA MET N 479 30.85 -44.97 -38.80
C MET N 479 32.33 -44.88 -38.45
N ARG N 480 33.12 -45.89 -38.80
CA ARG N 480 34.50 -45.95 -38.34
C ARG N 480 35.31 -44.75 -38.84
N GLU N 481 35.13 -44.37 -40.10
CA GLU N 481 35.77 -43.20 -40.68
C GLU N 481 34.77 -42.22 -41.26
N GLY N 482 33.48 -42.42 -41.04
CA GLY N 482 32.47 -41.61 -41.69
C GLY N 482 32.48 -41.75 -43.19
N THR N 483 32.62 -42.99 -43.68
CA THR N 483 32.73 -43.25 -45.11
C THR N 483 31.67 -44.25 -45.57
N ILE N 484 31.72 -44.62 -46.84
CA ILE N 484 30.78 -45.56 -47.42
C ILE N 484 31.48 -46.90 -47.64
N GLY N 485 30.71 -47.90 -47.99
CA GLY N 485 31.26 -49.22 -48.25
C GLY N 485 30.19 -50.28 -48.12
N ASP N 486 30.63 -51.53 -48.32
CA ASP N 486 29.71 -52.66 -48.19
C ASP N 486 29.22 -52.78 -46.76
N MET N 487 27.90 -52.69 -46.58
CA MET N 487 27.33 -52.66 -45.24
C MET N 487 27.46 -54.02 -44.55
N ALA N 488 27.35 -55.11 -45.31
CA ALA N 488 27.40 -56.45 -44.72
C ALA N 488 28.77 -56.75 -44.14
N ILE N 489 29.84 -56.44 -44.88
CA ILE N 489 31.18 -56.77 -44.43
C ILE N 489 31.54 -56.02 -43.16
N LEU N 490 30.87 -54.91 -42.86
CA LEU N 490 31.07 -54.23 -41.59
C LEU N 490 30.52 -55.01 -40.41
N GLY N 491 29.76 -56.07 -40.66
CA GLY N 491 29.17 -56.84 -39.58
C GLY N 491 28.14 -56.08 -38.79
N ILE N 492 27.31 -55.28 -39.45
CA ILE N 492 26.26 -54.49 -38.82
C ILE N 492 24.98 -54.76 -39.60
N THR N 493 24.05 -55.49 -38.98
CA THR N 493 22.83 -55.93 -39.65
C THR N 493 21.64 -55.67 -38.74
N GLU N 494 20.48 -55.38 -39.35
CA GLU N 494 19.26 -55.10 -38.63
C GLU N 494 18.16 -56.07 -39.06
N SER N 495 17.37 -56.49 -38.09
CA SER N 495 16.27 -57.42 -38.36
C SER N 495 15.22 -56.76 -39.24
N PHE N 496 14.72 -57.51 -40.23
CA PHE N 496 13.71 -56.98 -41.13
C PHE N 496 12.39 -56.74 -40.41
N GLN N 497 12.03 -57.62 -39.48
CA GLN N 497 10.77 -57.46 -38.75
C GLN N 497 10.77 -56.17 -37.94
N VAL N 498 11.88 -55.86 -37.28
CA VAL N 498 11.97 -54.63 -36.50
C VAL N 498 11.82 -53.42 -37.41
N LYS N 499 12.48 -53.43 -38.56
CA LYS N 499 12.38 -52.31 -39.49
C LYS N 499 10.95 -52.13 -39.99
N ARG N 500 10.29 -53.25 -40.34
CA ARG N 500 8.92 -53.18 -40.81
C ARG N 500 7.98 -52.65 -39.73
N GLN N 501 8.16 -53.13 -38.49
CA GLN N 501 7.33 -52.67 -37.39
C GLN N 501 7.52 -51.18 -37.14
N VAL N 502 8.77 -50.71 -37.15
CA VAL N 502 9.04 -49.29 -36.96
C VAL N 502 8.39 -48.48 -38.07
N LEU N 503 8.54 -48.91 -39.32
CA LEU N 503 7.96 -48.18 -40.44
C LEU N 503 6.45 -48.09 -40.32
N LEU N 504 5.80 -49.23 -40.02
CA LEU N 504 4.35 -49.23 -39.90
C LEU N 504 3.88 -48.37 -38.73
N SER N 505 4.55 -48.47 -37.59
CA SER N 505 4.14 -47.67 -36.44
C SER N 505 4.28 -46.19 -36.70
N ALA N 506 5.39 -45.78 -37.33
CA ALA N 506 5.57 -44.38 -37.68
C ALA N 506 4.50 -43.91 -38.66
N ALA N 507 4.20 -44.73 -39.67
CA ALA N 507 3.17 -44.37 -40.64
C ALA N 507 1.82 -44.17 -39.96
N GLU N 508 1.42 -45.13 -39.11
CA GLU N 508 0.12 -45.03 -38.47
C GLU N 508 0.05 -43.86 -37.50
N ALA N 509 1.13 -43.62 -36.73
CA ALA N 509 1.13 -42.50 -35.80
C ALA N 509 1.03 -41.17 -36.55
N ALA N 510 1.79 -41.03 -37.64
CA ALA N 510 1.71 -39.80 -38.42
C ALA N 510 0.32 -39.62 -39.00
N GLU N 511 -0.28 -40.70 -39.49
CA GLU N 511 -1.63 -40.60 -40.07
C GLU N 511 -2.65 -40.18 -39.02
N VAL N 512 -2.61 -40.79 -37.84
CA VAL N 512 -3.62 -40.47 -36.84
C VAL N 512 -3.42 -39.06 -36.28
N ILE N 513 -2.17 -38.65 -36.09
CA ILE N 513 -1.93 -37.30 -35.55
C ILE N 513 -2.29 -36.25 -36.58
N LEU N 514 -1.97 -36.49 -37.86
CA LEU N 514 -2.18 -35.48 -38.88
C LEU N 514 -3.67 -35.19 -39.11
N ARG N 515 -4.53 -36.19 -38.88
CA ARG N 515 -5.96 -35.98 -39.09
C ARG N 515 -6.58 -35.00 -38.11
N VAL N 516 -5.88 -34.66 -37.03
CA VAL N 516 -6.41 -33.68 -36.07
C VAL N 516 -6.37 -32.30 -36.70
N ASP N 517 -7.49 -31.60 -36.64
CA ASP N 517 -7.63 -30.27 -37.22
C ASP N 517 -7.67 -29.17 -36.17
N ASN N 518 -8.54 -29.29 -35.18
CA ASN N 518 -8.72 -28.26 -34.16
C ASN N 518 -8.61 -28.88 -32.79
N ILE N 519 -8.18 -28.06 -31.82
CA ILE N 519 -7.98 -28.50 -30.44
C ILE N 519 -9.07 -27.86 -29.57
N ILE N 520 -9.82 -28.68 -28.86
CA ILE N 520 -10.84 -28.23 -27.93
C ILE N 520 -10.46 -28.72 -26.54
N LYS N 521 -10.69 -27.88 -25.54
CA LYS N 521 -10.22 -28.13 -24.18
C LYS N 521 -11.38 -28.02 -23.19
N ALA N 522 -11.40 -28.93 -22.23
CA ALA N 522 -12.37 -28.87 -21.14
C ALA N 522 -11.82 -28.02 -19.99
N ALA N 523 -12.52 -28.02 -18.88
CA ALA N 523 -12.09 -27.22 -17.73
C ALA N 523 -10.91 -27.89 -17.04
N PRO N 524 -9.76 -27.23 -16.96
CA PRO N 524 -8.61 -27.85 -16.29
C PRO N 524 -8.78 -27.85 -14.77
N ARG N 525 -8.13 -28.81 -14.12
CA ARG N 525 -8.05 -28.82 -12.67
C ARG N 525 -6.60 -28.75 -12.20
N ARG O 1 39.70 -30.47 -51.03
CA ARG O 1 38.70 -31.45 -50.65
C ARG O 1 37.36 -30.78 -50.35
N GLY O 2 36.98 -30.75 -49.07
CA GLY O 2 35.72 -30.17 -48.66
C GLY O 2 35.87 -29.44 -47.34
N LYS O 3 34.83 -28.67 -47.01
CA LYS O 3 34.81 -27.94 -45.74
C LYS O 3 34.87 -28.91 -44.56
N GLY O 4 33.85 -29.76 -44.42
CA GLY O 4 33.78 -30.66 -43.29
C GLY O 4 32.39 -30.79 -42.71
N ALA O 5 32.25 -30.51 -41.42
CA ALA O 5 30.99 -30.64 -40.71
C ALA O 5 30.53 -29.28 -40.17
N TYR O 6 29.25 -29.22 -39.83
CA TYR O 6 28.61 -28.01 -39.35
C TYR O 6 28.01 -28.28 -37.97
N GLN O 7 28.52 -27.59 -36.95
CA GLN O 7 28.07 -27.76 -35.58
C GLN O 7 27.47 -26.46 -35.09
N ASP O 8 26.16 -26.47 -34.81
CA ASP O 8 25.43 -25.24 -34.55
C ASP O 8 24.40 -25.37 -33.44
N ARG O 9 24.65 -26.19 -32.43
CA ARG O 9 23.66 -26.42 -31.37
C ARG O 9 23.95 -25.60 -30.12
N ASP O 10 25.13 -25.77 -29.52
CA ASP O 10 25.67 -24.96 -28.42
C ASP O 10 24.89 -25.11 -27.10
N LYS O 11 23.76 -25.80 -27.07
CA LYS O 11 23.06 -26.02 -25.81
C LYS O 11 23.74 -27.14 -25.01
N PRO O 12 24.16 -28.24 -25.64
CA PRO O 12 25.05 -29.16 -24.93
C PRO O 12 26.31 -28.49 -24.42
N ALA O 13 26.79 -27.45 -25.10
CA ALA O 13 27.96 -26.73 -24.60
C ALA O 13 27.70 -26.20 -23.20
N GLN O 14 26.58 -25.51 -23.00
CA GLN O 14 26.29 -24.98 -21.68
C GLN O 14 25.89 -26.08 -20.69
N ILE O 15 25.37 -27.20 -21.19
CA ILE O 15 25.08 -28.32 -20.30
C ILE O 15 26.37 -28.88 -19.71
N ARG O 16 27.37 -29.13 -20.58
CA ARG O 16 28.68 -29.52 -20.08
C ARG O 16 29.30 -28.43 -19.21
N PHE O 17 29.03 -27.17 -19.52
CA PHE O 17 29.54 -26.10 -18.67
C PHE O 17 28.98 -26.19 -17.25
N SER O 18 27.67 -26.45 -17.14
CA SER O 18 27.06 -26.60 -15.81
C SER O 18 27.62 -27.80 -15.08
N ASN O 19 27.76 -28.93 -15.78
CA ASN O 19 28.30 -30.12 -15.14
C ASN O 19 29.74 -29.90 -14.69
N ILE O 20 30.54 -29.22 -15.53
CA ILE O 20 31.91 -28.90 -15.19
C ILE O 20 31.97 -28.00 -13.97
N SER O 21 31.07 -27.01 -13.91
CA SER O 21 31.04 -26.10 -12.77
C SER O 21 30.69 -26.84 -11.49
N ALA O 22 29.73 -27.76 -11.55
CA ALA O 22 29.39 -28.55 -10.37
C ALA O 22 30.56 -29.40 -9.92
N ALA O 23 31.23 -30.07 -10.86
CA ALA O 23 32.38 -30.89 -10.50
C ALA O 23 33.50 -30.04 -9.92
N LYS O 24 33.72 -28.84 -10.47
CA LYS O 24 34.72 -27.94 -9.93
C LYS O 24 34.35 -27.47 -8.54
N ALA O 25 33.07 -27.21 -8.29
CA ALA O 25 32.64 -26.88 -6.93
C ALA O 25 33.00 -27.99 -5.97
N VAL O 26 32.71 -29.24 -6.34
CA VAL O 26 33.06 -30.36 -5.48
C VAL O 26 34.57 -30.42 -5.26
N ALA O 27 35.34 -30.26 -6.33
CA ALA O 27 36.79 -30.42 -6.25
C ALA O 27 37.42 -29.34 -5.38
N ASP O 28 37.11 -28.08 -5.64
CA ASP O 28 37.74 -27.01 -4.88
C ASP O 28 37.15 -26.89 -3.48
N ALA O 29 35.97 -27.48 -3.24
CA ALA O 29 35.54 -27.70 -1.87
C ALA O 29 36.48 -28.69 -1.18
N ILE O 30 36.53 -29.92 -1.68
CA ILE O 30 37.53 -30.87 -1.19
C ILE O 30 38.74 -30.84 -2.12
N ARG O 31 39.61 -29.86 -1.92
CA ARG O 31 40.87 -29.75 -2.64
C ARG O 31 42.10 -29.81 -1.76
N THR O 32 41.97 -29.55 -0.46
CA THR O 32 43.11 -29.40 0.44
C THR O 32 42.99 -30.35 1.63
N SER O 33 42.70 -31.61 1.34
CA SER O 33 42.63 -32.65 2.37
C SER O 33 43.48 -33.86 2.00
N LEU O 34 44.49 -33.65 1.16
CA LEU O 34 45.35 -34.73 0.69
C LEU O 34 46.77 -34.49 1.16
N GLY O 35 47.39 -35.54 1.71
CA GLY O 35 48.73 -35.46 2.22
C GLY O 35 48.75 -35.39 3.74
N PRO O 36 49.94 -35.61 4.33
CA PRO O 36 50.04 -35.50 5.79
C PRO O 36 49.73 -34.11 6.30
N LYS O 37 49.86 -33.08 5.45
CA LYS O 37 49.47 -31.72 5.77
C LYS O 37 47.98 -31.48 5.57
N GLY O 38 47.19 -32.56 5.54
CA GLY O 38 45.77 -32.42 5.27
C GLY O 38 45.05 -31.65 6.36
N MET O 39 43.92 -31.08 5.98
CA MET O 39 43.13 -30.22 6.85
C MET O 39 41.77 -30.86 7.12
N ASP O 40 41.01 -30.23 8.00
CA ASP O 40 39.64 -30.63 8.31
C ASP O 40 38.70 -29.52 7.85
N LYS O 41 37.64 -29.91 7.14
CA LYS O 41 36.71 -28.95 6.55
C LYS O 41 35.49 -28.80 7.44
N MET O 42 35.09 -27.56 7.70
CA MET O 42 33.91 -27.30 8.51
C MET O 42 32.66 -27.74 7.75
N ILE O 43 31.77 -28.46 8.43
CA ILE O 43 30.51 -28.89 7.86
C ILE O 43 29.40 -28.60 8.86
N GLN O 44 28.39 -27.84 8.42
CA GLN O 44 27.21 -27.55 9.23
C GLN O 44 26.03 -27.48 8.27
N ASP O 45 25.31 -28.60 8.11
CA ASP O 45 24.18 -28.67 7.21
C ASP O 45 22.96 -28.00 7.85
N GLY O 46 21.83 -28.10 7.16
CA GLY O 46 20.59 -27.55 7.69
C GLY O 46 20.07 -28.27 8.91
N LYS O 47 20.66 -29.43 9.24
CA LYS O 47 20.26 -30.20 10.41
C LYS O 47 21.26 -29.97 11.54
N GLY O 48 21.12 -30.74 12.62
CA GLY O 48 21.94 -30.54 13.80
C GLY O 48 23.19 -31.38 13.85
N ASP O 49 23.64 -31.89 12.69
CA ASP O 49 24.83 -32.73 12.62
C ASP O 49 26.01 -31.89 12.15
N VAL O 50 27.08 -31.86 12.95
CA VAL O 50 28.29 -31.12 12.64
C VAL O 50 29.47 -32.08 12.73
N THR O 51 30.27 -32.14 11.67
CA THR O 51 31.45 -33.00 11.63
C THR O 51 32.54 -32.31 10.83
N ILE O 52 33.75 -32.27 11.39
CA ILE O 52 34.90 -31.62 10.77
C ILE O 52 36.06 -32.61 10.86
N THR O 53 36.44 -33.20 9.72
CA THR O 53 37.43 -34.26 9.68
C THR O 53 38.32 -34.10 8.45
N ASN O 54 39.35 -34.94 8.38
CA ASN O 54 40.39 -34.81 7.35
C ASN O 54 40.09 -35.67 6.13
N ASP O 55 39.99 -36.99 6.32
CA ASP O 55 39.82 -37.90 5.19
C ASP O 55 38.51 -37.61 4.47
N GLY O 56 38.58 -37.56 3.15
CA GLY O 56 37.49 -37.04 2.34
C GLY O 56 36.31 -37.96 2.14
N ALA O 57 36.42 -39.25 2.47
CA ALA O 57 35.31 -40.17 2.23
C ALA O 57 34.07 -39.74 2.99
N THR O 58 34.20 -39.53 4.31
CA THR O 58 33.07 -39.10 5.12
C THR O 58 32.63 -37.70 4.73
N ILE O 59 33.57 -36.83 4.36
CA ILE O 59 33.20 -35.46 3.99
C ILE O 59 32.30 -35.46 2.76
N LEU O 60 32.68 -36.23 1.74
CA LEU O 60 31.84 -36.34 0.55
C LEU O 60 30.51 -37.03 0.86
N LYS O 61 30.54 -38.10 1.66
CA LYS O 61 29.29 -38.80 1.93
C LYS O 61 28.36 -38.03 2.87
N GLN O 62 28.86 -36.98 3.53
CA GLN O 62 28.04 -36.19 4.44
C GLN O 62 27.37 -35.02 3.73
N MET O 63 28.16 -34.15 3.11
CA MET O 63 27.60 -33.00 2.40
C MET O 63 26.91 -33.46 1.12
N GLN O 64 26.03 -32.60 0.61
CA GLN O 64 25.28 -32.92 -0.59
C GLN O 64 24.88 -31.63 -1.29
N VAL O 65 24.96 -31.63 -2.61
CA VAL O 65 24.66 -30.45 -3.41
C VAL O 65 23.40 -30.64 -4.27
N LEU O 66 23.00 -31.88 -4.54
CA LEU O 66 21.86 -32.32 -5.34
C LEU O 66 22.12 -32.21 -6.85
N HIS O 67 23.23 -31.63 -7.28
CA HIS O 67 23.49 -31.66 -8.71
C HIS O 67 24.00 -33.04 -9.10
N PRO O 68 23.51 -33.60 -10.22
CA PRO O 68 23.88 -34.99 -10.56
C PRO O 68 25.37 -35.23 -10.64
N ALA O 69 26.13 -34.27 -11.16
CA ALA O 69 27.58 -34.43 -11.22
C ALA O 69 28.18 -34.58 -9.83
N ALA O 70 27.74 -33.75 -8.88
CA ALA O 70 28.24 -33.86 -7.52
C ALA O 70 27.92 -35.23 -6.92
N ARG O 71 26.68 -35.69 -7.10
CA ARG O 71 26.29 -36.98 -6.52
C ARG O 71 27.07 -38.13 -7.14
N MET O 72 27.33 -38.08 -8.44
CA MET O 72 28.10 -39.16 -9.04
C MET O 72 29.57 -39.09 -8.70
N LEU O 73 30.11 -37.88 -8.44
CA LEU O 73 31.46 -37.81 -7.87
C LEU O 73 31.50 -38.42 -6.48
N VAL O 74 30.47 -38.18 -5.67
CA VAL O 74 30.40 -38.80 -4.35
C VAL O 74 30.34 -40.32 -4.48
N GLU O 75 29.54 -40.81 -5.42
CA GLU O 75 29.46 -42.24 -5.68
C GLU O 75 30.81 -42.80 -6.14
N LEU O 76 31.53 -42.04 -6.97
CA LEU O 76 32.87 -42.46 -7.38
C LEU O 76 33.80 -42.58 -6.18
N SER O 77 33.75 -41.60 -5.28
CA SER O 77 34.56 -41.67 -4.07
C SER O 77 34.21 -42.88 -3.23
N LYS O 78 32.91 -43.16 -3.09
CA LYS O 78 32.48 -44.33 -2.33
C LYS O 78 32.97 -45.62 -2.97
N ALA O 79 32.89 -45.70 -4.30
CA ALA O 79 33.37 -46.89 -5.00
C ALA O 79 34.87 -47.06 -4.82
N GLN O 80 35.62 -45.96 -4.89
CA GLN O 80 37.06 -46.02 -4.66
C GLN O 80 37.37 -46.52 -3.26
N ASP O 81 36.62 -46.03 -2.26
CA ASP O 81 36.80 -46.50 -0.91
C ASP O 81 36.48 -47.99 -0.79
N ILE O 82 35.42 -48.43 -1.48
CA ILE O 82 35.02 -49.83 -1.42
C ILE O 82 36.09 -50.73 -2.01
N GLU O 83 36.61 -50.36 -3.18
CA GLU O 83 37.53 -51.24 -3.90
C GLU O 83 38.87 -51.37 -3.17
N ALA O 84 39.45 -50.24 -2.77
CA ALA O 84 40.78 -50.24 -2.15
C ALA O 84 40.74 -49.86 -0.68
N GLY O 85 40.17 -48.70 -0.36
CA GLY O 85 40.11 -48.21 1.01
C GLY O 85 40.60 -46.79 1.19
N ASP O 86 41.48 -46.31 0.33
CA ASP O 86 41.95 -44.92 0.38
C ASP O 86 42.12 -44.42 -1.05
N GLY O 87 42.58 -43.17 -1.16
CA GLY O 87 42.68 -42.55 -2.46
C GLY O 87 41.42 -41.91 -2.97
N THR O 88 40.36 -41.87 -2.16
CA THR O 88 39.12 -41.21 -2.57
C THR O 88 39.37 -39.74 -2.85
N THR O 89 40.11 -39.06 -1.96
CA THR O 89 40.51 -37.70 -2.24
C THR O 89 41.36 -37.63 -3.51
N SER O 90 42.28 -38.58 -3.67
CA SER O 90 43.13 -38.59 -4.86
C SER O 90 42.30 -38.79 -6.12
N VAL O 91 41.34 -39.71 -6.10
CA VAL O 91 40.58 -39.98 -7.31
C VAL O 91 39.66 -38.82 -7.66
N VAL O 92 39.04 -38.20 -6.66
CA VAL O 92 38.17 -37.06 -6.97
C VAL O 92 38.99 -35.87 -7.44
N ILE O 93 40.19 -35.68 -6.89
CA ILE O 93 41.06 -34.60 -7.37
C ILE O 93 41.48 -34.88 -8.80
N ILE O 94 41.79 -36.13 -9.12
CA ILE O 94 42.13 -36.50 -10.49
C ILE O 94 40.97 -36.21 -11.42
N ALA O 95 39.75 -36.55 -11.00
CA ALA O 95 38.58 -36.29 -11.83
C ALA O 95 38.41 -34.79 -12.07
N GLY O 96 38.57 -33.98 -11.03
CA GLY O 96 38.47 -32.54 -11.20
C GLY O 96 39.51 -31.99 -12.15
N SER O 97 40.74 -32.50 -12.06
CA SER O 97 41.79 -32.08 -12.98
C SER O 97 41.46 -32.47 -14.41
N LEU O 98 41.03 -33.71 -14.63
CA LEU O 98 40.62 -34.12 -15.97
C LEU O 98 39.50 -33.25 -16.50
N LEU O 99 38.61 -32.78 -15.62
CA LEU O 99 37.53 -31.94 -16.09
C LEU O 99 37.98 -30.51 -16.39
N ASP O 100 38.94 -29.97 -15.63
CA ASP O 100 39.44 -28.65 -16.00
C ASP O 100 40.26 -28.69 -17.29
N SER O 101 40.92 -29.82 -17.57
CA SER O 101 41.50 -30.02 -18.89
C SER O 101 40.41 -30.17 -19.93
N CYS O 102 39.32 -30.87 -19.58
CA CYS O 102 38.25 -31.16 -20.53
C CYS O 102 37.54 -29.91 -21.00
N THR O 103 37.30 -28.95 -20.09
CA THR O 103 36.59 -27.75 -20.51
C THR O 103 37.38 -26.97 -21.56
N LYS O 104 38.70 -26.83 -21.33
CA LYS O 104 39.55 -26.18 -22.34
C LYS O 104 39.62 -27.00 -23.62
N LEU O 105 39.66 -28.32 -23.51
CA LEU O 105 39.59 -29.19 -24.69
C LEU O 105 38.28 -28.98 -25.45
N LEU O 106 37.22 -28.60 -24.73
CA LEU O 106 35.89 -28.48 -25.31
C LEU O 106 35.64 -27.12 -25.96
N GLN O 107 36.18 -26.04 -25.40
CA GLN O 107 35.99 -24.74 -26.05
C GLN O 107 36.64 -24.66 -27.42
N LYS O 108 37.52 -25.60 -27.75
CA LYS O 108 38.20 -25.61 -29.04
C LYS O 108 37.39 -26.30 -30.13
N GLY O 109 36.08 -26.46 -29.95
CA GLY O 109 35.24 -27.04 -30.97
C GLY O 109 35.57 -28.47 -31.32
N ILE O 110 35.77 -29.31 -30.31
CA ILE O 110 36.16 -30.70 -30.49
C ILE O 110 35.00 -31.59 -30.07
N HIS O 111 34.70 -32.60 -30.88
CA HIS O 111 33.59 -33.50 -30.60
C HIS O 111 33.87 -34.28 -29.32
N PRO O 112 32.90 -34.37 -28.40
CA PRO O 112 33.15 -35.09 -27.15
C PRO O 112 32.95 -36.59 -27.25
N THR O 113 33.45 -37.20 -28.31
CA THR O 113 33.50 -38.65 -28.43
C THR O 113 34.88 -39.16 -28.78
N ILE O 114 35.59 -38.49 -29.69
CA ILE O 114 36.96 -38.88 -29.99
C ILE O 114 37.85 -38.62 -28.77
N ILE O 115 37.54 -37.59 -27.99
CA ILE O 115 38.29 -37.34 -26.77
C ILE O 115 38.10 -38.47 -25.78
N SER O 116 36.95 -39.16 -25.82
CA SER O 116 36.72 -40.30 -24.95
C SER O 116 37.68 -41.44 -25.28
N GLU O 117 37.81 -41.78 -26.56
CA GLU O 117 38.74 -42.84 -26.93
C GLU O 117 40.18 -42.42 -26.71
N SER O 118 40.49 -41.13 -26.90
CA SER O 118 41.82 -40.64 -26.57
C SER O 118 42.10 -40.82 -25.08
N PHE O 119 41.10 -40.55 -24.23
CA PHE O 119 41.26 -40.76 -22.80
C PHE O 119 41.41 -42.24 -22.48
N GLN O 120 40.75 -43.11 -23.26
CA GLN O 120 40.92 -44.54 -23.06
C GLN O 120 42.34 -44.98 -23.37
N LYS O 121 42.91 -44.48 -24.47
CA LYS O 121 44.30 -44.78 -24.78
C LYS O 121 45.24 -44.24 -23.70
N ALA O 122 44.97 -43.03 -23.22
CA ALA O 122 45.78 -42.48 -22.13
C ALA O 122 45.68 -43.34 -20.89
N LEU O 123 44.48 -43.83 -20.58
CA LEU O 123 44.28 -44.68 -19.40
C LEU O 123 45.07 -45.98 -19.52
N GLU O 124 44.96 -46.65 -20.67
CA GLU O 124 45.68 -47.92 -20.80
C GLU O 124 47.19 -47.71 -20.78
N LYS O 125 47.67 -46.64 -21.41
CA LYS O 125 49.09 -46.33 -21.33
C LYS O 125 49.53 -46.07 -19.90
N GLY O 126 48.75 -45.27 -19.16
CA GLY O 126 49.11 -44.99 -17.78
C GLY O 126 49.11 -46.24 -16.91
N ILE O 127 48.14 -47.13 -17.14
CA ILE O 127 48.11 -48.39 -16.42
C ILE O 127 49.35 -49.20 -16.72
N GLU O 128 49.75 -49.27 -17.99
CA GLU O 128 50.95 -50.00 -18.36
C GLU O 128 52.18 -49.40 -17.67
N ILE O 129 52.30 -48.07 -17.67
CA ILE O 129 53.45 -47.42 -17.07
C ILE O 129 53.50 -47.70 -15.57
N LEU O 130 52.35 -47.57 -14.90
CA LEU O 130 52.31 -47.78 -13.45
C LEU O 130 52.64 -49.22 -13.10
N THR O 131 52.13 -50.18 -13.88
CA THR O 131 52.46 -51.58 -13.64
C THR O 131 53.95 -51.83 -13.85
N ASP O 132 54.53 -51.22 -14.90
CA ASP O 132 55.94 -51.42 -15.18
C ASP O 132 56.82 -50.86 -14.05
N MET O 133 56.49 -49.66 -13.56
CA MET O 133 57.35 -49.02 -12.58
C MET O 133 57.22 -49.64 -11.20
N SER O 134 56.06 -50.19 -10.85
CA SER O 134 55.85 -50.75 -9.52
C SER O 134 56.75 -51.96 -9.31
N ARG O 135 57.12 -52.19 -8.05
CA ARG O 135 57.99 -53.28 -7.67
C ARG O 135 57.26 -54.25 -6.75
N PRO O 136 57.31 -55.55 -7.02
CA PRO O 136 56.61 -56.52 -6.16
C PRO O 136 57.30 -56.68 -4.81
N VAL O 137 56.52 -57.19 -3.85
CA VAL O 137 57.00 -57.49 -2.51
C VAL O 137 56.64 -58.93 -2.17
N GLU O 138 56.87 -59.30 -0.91
CA GLU O 138 56.56 -60.63 -0.41
C GLU O 138 55.58 -60.52 0.75
N LEU O 139 54.74 -61.54 0.89
CA LEU O 139 53.80 -61.60 2.00
C LEU O 139 54.50 -61.78 3.34
N SER O 140 55.75 -62.23 3.34
CA SER O 140 56.53 -62.39 4.55
C SER O 140 57.35 -61.14 4.91
N ASP O 141 57.27 -60.09 4.09
CA ASP O 141 58.05 -58.88 4.32
C ASP O 141 57.24 -57.96 5.22
N ARG O 142 57.39 -58.13 6.54
CA ARG O 142 56.70 -57.29 7.50
C ARG O 142 57.16 -55.84 7.40
N GLU O 143 58.39 -55.61 6.95
CA GLU O 143 58.90 -54.25 6.82
C GLU O 143 58.09 -53.46 5.79
N THR O 144 57.76 -54.09 4.66
CA THR O 144 56.96 -53.40 3.64
C THR O 144 55.57 -53.09 4.15
N LEU O 145 54.95 -54.03 4.87
CA LEU O 145 53.64 -53.77 5.44
C LEU O 145 53.69 -52.63 6.46
N LEU O 146 54.74 -52.60 7.29
CA LEU O 146 54.88 -51.51 8.24
C LEU O 146 55.06 -50.16 7.53
N ASN O 147 55.85 -50.14 6.45
CA ASN O 147 56.01 -48.91 5.69
C ASN O 147 54.69 -48.45 5.10
N SER O 148 53.93 -49.37 4.51
CA SER O 148 52.64 -49.01 3.92
C SER O 148 51.68 -48.50 4.96
N ALA O 149 51.61 -49.17 6.12
CA ALA O 149 50.74 -48.71 7.19
C ALA O 149 51.13 -47.33 7.69
N THR O 150 52.44 -47.11 7.90
CA THR O 150 52.91 -45.81 8.37
C THR O 150 52.58 -44.72 7.37
N THR O 151 52.78 -44.99 6.07
CA THR O 151 52.43 -44.01 5.06
C THR O 151 50.93 -43.72 5.07
N SER O 152 50.12 -44.76 5.27
CA SER O 152 48.67 -44.54 5.36
C SER O 152 48.30 -43.66 6.54
N LEU O 153 48.96 -43.88 7.69
CA LEU O 153 48.64 -43.09 8.88
C LEU O 153 49.12 -41.65 8.77
N ASN O 154 50.04 -41.36 7.83
CA ASN O 154 50.59 -40.03 7.72
C ASN O 154 49.54 -38.99 7.36
N SER O 155 48.63 -39.34 6.46
CA SER O 155 47.59 -38.41 6.02
C SER O 155 46.48 -38.21 7.05
N LYS O 156 46.66 -38.71 8.26
CA LYS O 156 45.68 -38.58 9.33
C LYS O 156 46.28 -37.83 10.51
N VAL O 157 45.41 -37.47 11.46
CA VAL O 157 45.83 -36.71 12.63
C VAL O 157 46.80 -37.52 13.50
N VAL O 158 46.84 -38.84 13.33
CA VAL O 158 47.65 -39.71 14.17
C VAL O 158 48.94 -40.05 13.44
N SER O 159 49.36 -39.16 12.54
CA SER O 159 50.58 -39.39 11.75
C SER O 159 51.78 -39.69 12.65
N GLN O 160 51.95 -38.94 13.73
CA GLN O 160 53.03 -39.20 14.67
C GLN O 160 52.69 -40.30 15.67
N TYR O 161 51.44 -40.74 15.72
CA TYR O 161 51.08 -41.96 16.44
C TYR O 161 51.08 -43.17 15.52
N SER O 162 52.19 -43.37 14.81
CA SER O 162 52.29 -44.42 13.80
C SER O 162 53.21 -45.56 14.20
N SER O 163 54.32 -45.26 14.89
CA SER O 163 55.28 -46.29 15.27
C SER O 163 54.65 -47.35 16.18
N LEU O 164 53.64 -46.97 16.96
CA LEU O 164 52.94 -47.92 17.83
C LEU O 164 51.67 -48.47 17.19
N LEU O 165 51.15 -47.83 16.14
CA LEU O 165 49.89 -48.26 15.57
C LEU O 165 50.07 -49.18 14.37
N SER O 166 51.11 -48.96 13.55
CA SER O 166 51.33 -49.84 12.41
C SER O 166 51.60 -51.29 12.81
N PRO O 167 52.49 -51.59 13.77
CA PRO O 167 52.58 -52.98 14.25
C PRO O 167 51.27 -53.47 14.84
N MET O 168 50.55 -52.58 15.54
CA MET O 168 49.23 -52.92 16.05
C MET O 168 48.29 -53.34 14.93
N SER O 169 48.29 -52.57 13.84
CA SER O 169 47.40 -52.87 12.72
C SER O 169 47.76 -54.19 12.05
N VAL O 170 49.06 -54.41 11.80
CA VAL O 170 49.44 -55.64 11.10
C VAL O 170 49.20 -56.86 11.99
N ASN O 171 49.43 -56.74 13.30
CA ASN O 171 49.15 -57.84 14.21
C ASN O 171 47.65 -58.13 14.27
N ALA O 172 46.82 -57.08 14.29
CA ALA O 172 45.38 -57.29 14.27
C ALA O 172 44.96 -58.00 12.98
N VAL O 173 45.54 -57.61 11.85
CA VAL O 173 45.24 -58.27 10.59
C VAL O 173 45.62 -59.75 10.66
N MET O 174 46.82 -60.02 11.18
CA MET O 174 47.28 -61.41 11.29
C MET O 174 46.34 -62.22 12.16
N LYS O 175 45.82 -61.62 13.23
CA LYS O 175 44.92 -62.34 14.13
C LYS O 175 43.58 -62.61 13.47
N VAL O 176 42.99 -61.61 12.81
CA VAL O 176 41.58 -61.72 12.42
C VAL O 176 41.37 -62.42 11.08
N ILE O 177 42.41 -62.59 10.27
CA ILE O 177 42.28 -63.28 8.98
C ILE O 177 43.32 -64.38 8.91
N ASP O 178 43.33 -65.08 7.78
CA ASP O 178 44.33 -66.11 7.55
C ASP O 178 45.71 -65.49 7.53
N PRO O 179 46.67 -66.01 8.30
CA PRO O 179 48.02 -65.43 8.28
C PRO O 179 48.66 -65.45 6.90
N ALA O 180 48.36 -66.46 6.09
CA ALA O 180 48.90 -66.55 4.74
C ALA O 180 47.95 -67.37 3.88
N THR O 181 48.19 -67.34 2.57
CA THR O 181 47.41 -68.08 1.59
C THR O 181 45.92 -67.68 1.66
N ALA O 182 45.67 -66.40 1.38
CA ALA O 182 44.32 -65.86 1.37
C ALA O 182 44.22 -64.81 0.27
N THR O 183 42.99 -64.53 -0.15
CA THR O 183 42.73 -63.55 -1.19
C THR O 183 41.92 -62.35 -0.75
N SER O 184 40.97 -62.53 0.17
CA SER O 184 40.12 -61.44 0.62
C SER O 184 40.24 -61.29 2.13
N VAL O 185 39.99 -60.07 2.60
CA VAL O 185 40.07 -59.73 4.01
C VAL O 185 38.68 -59.31 4.49
N ASP O 186 38.22 -59.94 5.57
CA ASP O 186 36.92 -59.60 6.15
C ASP O 186 37.10 -58.43 7.11
N LEU O 187 36.66 -57.24 6.69
CA LEU O 187 36.75 -56.06 7.54
C LEU O 187 35.74 -56.11 8.69
N ARG O 188 34.72 -56.94 8.60
CA ARG O 188 33.74 -57.08 9.68
C ARG O 188 34.30 -57.82 10.89
N ASP O 189 35.49 -58.40 10.78
CA ASP O 189 36.08 -59.12 11.92
C ASP O 189 36.33 -58.19 13.09
N ILE O 190 36.81 -56.98 12.82
CA ILE O 190 37.20 -56.04 13.86
C ILE O 190 36.12 -54.99 14.02
N LYS O 191 35.68 -54.78 15.26
CA LYS O 191 34.77 -53.71 15.62
C LYS O 191 35.53 -52.62 16.34
N ILE O 192 34.91 -51.45 16.44
CA ILE O 192 35.56 -50.26 16.99
C ILE O 192 34.71 -49.72 18.14
N VAL O 193 35.37 -49.38 19.24
CA VAL O 193 34.72 -48.75 20.38
C VAL O 193 35.19 -47.29 20.39
N LYS O 194 34.31 -46.39 19.97
CA LYS O 194 34.64 -44.97 19.88
C LYS O 194 34.25 -44.30 21.20
N LYS O 195 35.24 -43.74 21.90
CA LYS O 195 35.05 -43.19 23.23
C LYS O 195 35.57 -41.76 23.29
N LEU O 196 34.79 -40.86 23.87
CA LEU O 196 35.20 -39.48 24.05
C LEU O 196 36.30 -39.38 25.10
N GLY O 197 37.14 -38.36 24.95
CA GLY O 197 38.24 -38.17 25.86
C GLY O 197 39.38 -39.15 25.60
N GLY O 198 40.36 -39.10 26.50
CA GLY O 198 41.50 -39.98 26.41
C GLY O 198 42.47 -39.58 25.31
N THR O 199 43.44 -40.46 25.08
CA THR O 199 44.49 -40.25 24.09
C THR O 199 44.66 -41.49 23.24
N ILE O 200 45.52 -41.38 22.23
CA ILE O 200 45.85 -42.55 21.41
C ILE O 200 46.58 -43.60 22.24
N ASP O 201 47.38 -43.16 23.22
CA ASP O 201 48.02 -44.11 24.12
C ASP O 201 46.99 -44.93 24.89
N ASP O 202 45.80 -44.35 25.11
CA ASP O 202 44.75 -45.06 25.83
C ASP O 202 44.07 -46.11 24.97
N CYS O 203 44.34 -46.13 23.67
CA CYS O 203 43.76 -47.16 22.81
C CYS O 203 44.30 -48.53 23.16
N GLU O 204 43.45 -49.54 23.00
CA GLU O 204 43.77 -50.92 23.39
C GLU O 204 43.53 -51.88 22.22
N LEU O 205 44.05 -53.09 22.37
CA LEU O 205 43.94 -54.14 21.37
C LEU O 205 43.16 -55.32 21.94
N VAL O 206 42.01 -55.02 22.55
CA VAL O 206 41.21 -56.06 23.19
C VAL O 206 40.77 -57.10 22.17
N GLU O 207 40.60 -58.34 22.66
CA GLU O 207 40.22 -59.46 21.81
C GLU O 207 39.04 -60.22 22.40
N GLY O 208 38.15 -59.52 23.08
CA GLY O 208 36.97 -60.14 23.66
C GLY O 208 35.68 -59.58 23.10
N LEU O 209 34.85 -59.03 23.98
CA LEU O 209 33.59 -58.42 23.57
C LEU O 209 33.21 -57.33 24.57
N VAL O 210 32.67 -56.22 24.06
CA VAL O 210 32.31 -55.07 24.87
C VAL O 210 30.82 -54.79 24.66
N LEU O 211 30.10 -54.63 25.76
CA LEU O 211 28.68 -54.28 25.72
C LEU O 211 28.52 -52.82 26.09
N THR O 212 28.11 -51.99 25.12
CA THR O 212 27.97 -50.55 25.34
C THR O 212 26.69 -50.19 26.08
N GLN O 213 25.71 -51.08 26.13
CA GLN O 213 24.47 -50.79 26.82
C GLN O 213 24.67 -50.80 28.33
N LYS O 214 23.90 -49.95 29.02
CA LYS O 214 24.06 -49.78 30.46
C LYS O 214 23.63 -51.03 31.21
N VAL O 215 24.21 -51.22 32.39
CA VAL O 215 23.90 -52.36 33.24
C VAL O 215 22.59 -52.08 33.97
N SER O 216 21.51 -52.68 33.48
CA SER O 216 20.22 -52.53 34.14
C SER O 216 20.20 -53.20 35.51
N ASN O 217 21.10 -54.14 35.76
CA ASN O 217 21.25 -54.76 37.08
C ASN O 217 22.21 -53.93 37.91
N SER O 218 21.69 -52.84 38.45
CA SER O 218 22.50 -51.95 39.28
C SER O 218 22.92 -52.64 40.57
N GLY O 219 24.15 -52.36 41.00
CA GLY O 219 24.71 -52.97 42.18
C GLY O 219 25.49 -54.24 41.95
N ILE O 220 25.50 -54.76 40.73
CA ILE O 220 26.25 -55.96 40.39
C ILE O 220 27.42 -55.54 39.50
N THR O 221 28.64 -55.82 39.96
CA THR O 221 29.84 -55.39 39.27
C THR O 221 30.93 -56.44 39.42
N ARG O 222 31.66 -56.68 38.34
CA ARG O 222 32.84 -57.56 38.32
C ARG O 222 32.47 -58.98 38.78
N VAL O 223 31.64 -59.62 37.96
CA VAL O 223 31.34 -61.03 38.16
C VAL O 223 32.58 -61.83 37.76
N GLU O 224 33.30 -62.35 38.76
CA GLU O 224 34.51 -63.10 38.49
C GLU O 224 34.17 -64.40 37.78
N LYS O 225 34.95 -64.72 36.73
CA LYS O 225 34.72 -65.89 35.90
C LYS O 225 33.28 -65.89 35.36
N ALA O 226 32.84 -64.72 34.90
CA ALA O 226 31.47 -64.55 34.46
C ALA O 226 31.17 -65.44 33.26
N LYS O 227 30.00 -66.09 33.29
CA LYS O 227 29.52 -66.92 32.21
C LYS O 227 28.43 -66.16 31.47
N ILE O 228 28.72 -65.76 30.23
CA ILE O 228 27.82 -64.89 29.47
C ILE O 228 26.64 -65.73 28.98
N GLY O 229 25.43 -65.29 29.31
CA GLY O 229 24.23 -65.95 28.86
C GLY O 229 23.29 -65.03 28.10
N LEU O 230 22.98 -65.38 26.86
CA LEU O 230 22.11 -64.58 26.01
C LEU O 230 20.75 -65.27 25.89
N ILE O 231 19.67 -64.52 26.17
CA ILE O 231 18.32 -65.02 26.04
C ILE O 231 17.52 -64.05 25.18
N GLN O 232 16.46 -64.57 24.57
CA GLN O 232 15.58 -63.77 23.72
C GLN O 232 14.17 -63.64 24.25
N PHE O 233 13.71 -64.56 25.10
CA PHE O 233 12.38 -64.43 25.69
C PHE O 233 12.36 -63.26 26.66
N CYS O 234 11.30 -62.45 26.57
CA CYS O 234 11.20 -61.24 27.38
C CYS O 234 10.89 -61.60 28.83
N LEU O 235 11.63 -60.99 29.75
CA LEU O 235 11.45 -61.24 31.18
C LEU O 235 10.25 -60.43 31.66
N SER O 236 9.06 -60.99 31.50
CA SER O 236 7.82 -60.35 31.92
C SER O 236 6.77 -61.43 32.13
N ALA O 237 5.53 -61.00 32.39
CA ALA O 237 4.44 -61.95 32.57
C ALA O 237 4.15 -62.66 31.25
N PRO O 238 3.75 -63.93 31.29
CA PRO O 238 3.41 -64.64 30.06
C PRO O 238 2.23 -64.00 29.34
N LYS O 239 2.29 -64.04 28.02
CA LYS O 239 1.23 -63.48 27.19
C LYS O 239 1.05 -64.38 25.97
N THR O 240 -0.21 -64.74 25.69
CA THR O 240 -0.51 -65.55 24.53
C THR O 240 -0.32 -64.75 23.24
N ASP O 241 -0.17 -65.46 22.13
CA ASP O 241 -0.13 -64.81 20.83
C ASP O 241 -1.45 -64.09 20.54
N MET O 242 -2.55 -64.62 21.07
CA MET O 242 -3.88 -64.08 20.83
C MET O 242 -4.32 -63.23 22.01
N ASP O 243 -5.32 -62.37 21.76
CA ASP O 243 -5.80 -61.45 22.79
C ASP O 243 -6.55 -62.20 23.88
N ASN O 244 -6.23 -61.89 25.12
CA ASN O 244 -6.89 -62.50 26.28
C ASN O 244 -7.37 -61.42 27.24
N GLN O 245 -8.52 -61.66 27.86
CA GLN O 245 -9.10 -60.76 28.85
C GLN O 245 -9.11 -61.45 30.20
N ILE O 246 -8.45 -60.86 31.19
CA ILE O 246 -8.37 -61.43 32.53
C ILE O 246 -9.57 -60.88 33.30
N VAL O 247 -10.70 -61.58 33.22
CA VAL O 247 -11.90 -61.19 33.95
C VAL O 247 -11.81 -61.74 35.37
N VAL O 248 -12.04 -60.85 36.34
CA VAL O 248 -11.95 -61.20 37.76
C VAL O 248 -13.28 -60.87 38.41
N SER O 249 -13.89 -61.87 39.05
CA SER O 249 -15.12 -61.68 39.79
C SER O 249 -14.98 -62.03 41.27
N ASP O 250 -13.81 -62.50 41.70
CA ASP O 250 -13.60 -62.88 43.09
C ASP O 250 -12.22 -62.40 43.54
N TYR O 251 -12.11 -62.10 44.83
CA TYR O 251 -10.83 -61.69 45.40
C TYR O 251 -9.80 -62.82 45.29
N ALA O 252 -10.23 -64.06 45.52
CA ALA O 252 -9.31 -65.19 45.47
C ALA O 252 -8.73 -65.37 44.07
N GLN O 253 -9.55 -65.16 43.03
CA GLN O 253 -9.05 -65.30 41.66
C GLN O 253 -7.99 -64.26 41.35
N MET O 254 -8.22 -63.01 41.76
CA MET O 254 -7.24 -61.96 41.50
C MET O 254 -5.96 -62.23 42.27
N ASP O 255 -6.08 -62.72 43.51
CA ASP O 255 -4.88 -63.11 44.26
C ASP O 255 -4.14 -64.24 43.56
N ARG O 256 -4.87 -65.23 43.06
CA ARG O 256 -4.26 -66.34 42.33
C ARG O 256 -3.52 -65.86 41.10
N VAL O 257 -4.03 -64.80 40.45
CA VAL O 257 -3.37 -64.29 39.25
C VAL O 257 -1.91 -63.96 39.53
N LEU O 258 -1.67 -63.03 40.48
CA LEU O 258 -0.30 -62.63 40.74
C LEU O 258 0.48 -63.70 41.49
N ARG O 259 -0.20 -64.53 42.30
CA ARG O 259 0.51 -65.64 42.94
C ARG O 259 1.07 -66.59 41.90
N GLU O 260 0.27 -66.93 40.88
CA GLU O 260 0.72 -67.84 39.84
C GLU O 260 1.77 -67.20 38.95
N GLU O 261 1.64 -65.89 38.67
CA GLU O 261 2.67 -65.24 37.88
C GLU O 261 4.00 -65.21 38.63
N ARG O 262 3.97 -64.99 39.95
CA ARG O 262 5.18 -65.04 40.75
C ARG O 262 5.76 -66.45 40.77
N ALA O 263 4.91 -67.47 40.90
CA ALA O 263 5.40 -68.85 40.88
C ALA O 263 6.05 -69.18 39.55
N TYR O 264 5.45 -68.75 38.44
CA TYR O 264 6.00 -69.04 37.13
C TYR O 264 7.32 -68.31 36.92
N ILE O 265 7.42 -67.05 37.33
CA ILE O 265 8.69 -66.34 37.17
C ILE O 265 9.77 -66.92 38.07
N LEU O 266 9.41 -67.38 39.27
CA LEU O 266 10.38 -68.05 40.13
C LEU O 266 10.84 -69.36 39.51
N ASN O 267 9.92 -70.11 38.89
CA ASN O 267 10.31 -71.32 38.18
C ASN O 267 11.24 -70.99 37.00
N LEU O 268 10.98 -69.88 36.31
CA LEU O 268 11.85 -69.46 35.23
C LEU O 268 13.25 -69.17 35.75
N VAL O 269 13.34 -68.47 36.88
CA VAL O 269 14.65 -68.17 37.48
C VAL O 269 15.36 -69.45 37.90
N LYS O 270 14.61 -70.39 38.48
CA LYS O 270 15.20 -71.66 38.90
C LYS O 270 15.74 -72.45 37.71
N GLN O 271 14.97 -72.49 36.62
CA GLN O 271 15.45 -73.20 35.43
C GLN O 271 16.61 -72.47 34.77
N ILE O 272 16.67 -71.15 34.91
CA ILE O 272 17.83 -70.40 34.44
C ILE O 272 19.07 -70.79 35.24
N LYS O 273 18.95 -70.88 36.57
CA LYS O 273 20.07 -71.28 37.41
C LYS O 273 20.36 -72.78 37.34
N LYS O 274 19.46 -73.56 36.73
CA LYS O 274 19.69 -75.00 36.59
C LYS O 274 21.07 -75.30 36.00
N THR O 275 21.42 -74.64 34.90
CA THR O 275 22.77 -74.82 34.35
C THR O 275 23.82 -74.17 35.24
N GLY O 276 23.49 -73.04 35.85
CA GLY O 276 24.41 -72.36 36.74
C GLY O 276 24.94 -71.05 36.18
N CYS O 277 24.11 -70.37 35.38
CA CYS O 277 24.52 -69.11 34.78
C CYS O 277 24.58 -68.00 35.82
N ASN O 278 25.47 -67.03 35.57
CA ASN O 278 25.62 -65.88 36.45
C ASN O 278 25.54 -64.54 35.71
N VAL O 279 25.47 -64.54 34.38
CA VAL O 279 25.30 -63.32 33.60
C VAL O 279 24.21 -63.58 32.57
N LEU O 280 23.22 -62.68 32.52
CA LEU O 280 22.07 -62.84 31.64
C LEU O 280 21.99 -61.65 30.70
N LEU O 281 21.78 -61.93 29.41
CA LEU O 281 21.63 -60.90 28.39
C LEU O 281 20.29 -61.08 27.69
N ILE O 282 19.54 -59.99 27.57
CA ILE O 282 18.19 -60.01 27.00
C ILE O 282 18.20 -59.21 25.70
N GLN O 283 17.28 -59.57 24.80
CA GLN O 283 17.18 -58.90 23.52
C GLN O 283 16.59 -57.49 23.70
N LYS O 284 16.59 -56.73 22.61
CA LYS O 284 15.99 -55.40 22.58
C LYS O 284 14.54 -55.57 22.12
N SER O 285 13.62 -55.58 23.08
CA SER O 285 12.20 -55.77 22.81
C SER O 285 11.43 -54.49 23.17
N ILE O 286 10.64 -53.99 22.23
CA ILE O 286 9.87 -52.78 22.45
C ILE O 286 8.37 -53.05 22.55
N LEU O 287 7.86 -54.08 21.86
CA LEU O 287 6.46 -54.44 22.03
C LEU O 287 6.17 -54.95 23.44
N ARG O 288 7.09 -55.74 23.99
CA ARG O 288 6.98 -56.24 25.35
C ARG O 288 8.23 -55.84 26.12
N ASP O 289 8.07 -55.62 27.43
CA ASP O 289 9.18 -55.22 28.28
C ASP O 289 10.19 -56.35 28.34
N ALA O 290 11.41 -56.09 27.87
CA ALA O 290 12.45 -57.11 27.86
C ALA O 290 12.81 -57.54 29.28
N LEU O 291 12.91 -56.58 30.20
CA LEU O 291 13.23 -56.86 31.59
C LEU O 291 12.22 -56.17 32.49
N SER O 292 11.62 -56.93 33.40
CA SER O 292 10.65 -56.41 34.34
C SER O 292 11.25 -56.26 35.73
N ASP O 293 10.57 -55.48 36.57
CA ASP O 293 11.07 -55.24 37.92
C ASP O 293 11.12 -56.53 38.74
N LEU O 294 10.10 -57.37 38.62
CA LEU O 294 10.06 -58.61 39.38
C LEU O 294 11.19 -59.55 38.95
N ALA O 295 11.39 -59.71 37.64
CA ALA O 295 12.48 -60.56 37.16
C ALA O 295 13.84 -60.01 37.57
N LEU O 296 14.01 -58.69 37.48
CA LEU O 296 15.28 -58.09 37.88
C LEU O 296 15.54 -58.30 39.37
N HIS O 297 14.52 -58.14 40.21
CA HIS O 297 14.69 -58.36 41.64
C HIS O 297 15.01 -59.83 41.94
N PHE O 298 14.32 -60.75 41.28
CA PHE O 298 14.55 -62.17 41.54
C PHE O 298 15.93 -62.60 41.07
N LEU O 299 16.45 -61.98 40.01
CA LEU O 299 17.78 -62.31 39.54
C LEU O 299 18.87 -61.62 40.35
N ASN O 300 18.58 -60.44 40.91
CA ASN O 300 19.55 -59.75 41.76
C ASN O 300 19.62 -60.37 43.15
N LYS O 301 18.54 -60.97 43.62
CA LYS O 301 18.54 -61.61 44.94
C LYS O 301 19.53 -62.77 44.98
N MET O 302 19.73 -63.45 43.85
CA MET O 302 20.63 -64.59 43.77
C MET O 302 21.77 -64.38 42.77
N LYS O 303 22.12 -63.13 42.49
CA LYS O 303 23.40 -62.74 41.87
C LYS O 303 23.53 -63.32 40.45
N ILE O 304 22.68 -62.81 39.56
CA ILE O 304 22.92 -62.92 38.11
C ILE O 304 22.92 -61.51 37.52
N MET O 305 23.99 -61.19 36.79
CA MET O 305 24.08 -59.93 36.08
C MET O 305 23.08 -59.89 34.93
N VAL O 306 22.37 -58.78 34.80
CA VAL O 306 21.29 -58.64 33.81
C VAL O 306 21.54 -57.39 32.97
N ILE O 307 21.54 -57.57 31.65
CA ILE O 307 21.67 -56.47 30.70
C ILE O 307 20.65 -56.69 29.58
N LYS O 308 19.86 -55.67 29.29
CA LYS O 308 18.83 -55.73 28.26
C LYS O 308 19.19 -54.79 27.10
N ASP O 309 18.25 -54.67 26.15
CA ASP O 309 18.40 -53.79 24.99
C ASP O 309 19.63 -54.17 24.16
N ILE O 310 19.78 -55.46 23.90
CA ILE O 310 20.87 -55.97 23.08
C ILE O 310 20.37 -56.15 21.66
N GLU O 311 21.09 -55.57 20.69
CA GLU O 311 20.67 -55.62 19.31
C GLU O 311 20.74 -57.05 18.76
N ARG O 312 19.81 -57.36 17.85
CA ARG O 312 19.77 -58.68 17.25
C ARG O 312 20.86 -58.87 16.21
N GLU O 313 21.44 -57.78 15.69
CA GLU O 313 22.48 -57.91 14.67
C GLU O 313 23.79 -58.40 15.26
N ASP O 314 24.09 -58.05 16.51
CA ASP O 314 25.31 -58.50 17.16
C ASP O 314 25.25 -59.97 17.56
N ILE O 315 24.08 -60.60 17.49
CA ILE O 315 23.96 -62.01 17.87
C ILE O 315 24.75 -62.90 16.91
N GLU O 316 24.69 -62.60 15.61
CA GLU O 316 25.47 -63.37 14.65
C GLU O 316 26.96 -63.23 14.90
N PHE O 317 27.41 -62.00 15.22
CA PHE O 317 28.81 -61.79 15.53
C PHE O 317 29.22 -62.55 16.78
N ILE O 318 28.37 -62.56 17.81
CA ILE O 318 28.67 -63.29 19.03
C ILE O 318 28.77 -64.79 18.73
N CYS O 319 27.85 -65.31 17.93
CA CYS O 319 27.88 -66.73 17.59
C CYS O 319 29.16 -67.06 16.80
N LYS O 320 29.55 -66.18 15.88
CA LYS O 320 30.78 -66.41 15.13
C LYS O 320 32.01 -66.38 16.05
N THR O 321 32.02 -65.47 17.02
CA THR O 321 33.19 -65.30 17.87
C THR O 321 33.30 -66.43 18.90
N ILE O 322 32.31 -66.58 19.77
CA ILE O 322 32.37 -67.53 20.87
C ILE O 322 31.42 -68.70 20.64
N GLY O 323 30.19 -68.44 20.20
CA GLY O 323 29.25 -69.49 19.88
C GLY O 323 28.07 -69.65 20.83
N THR O 324 27.82 -68.68 21.71
CA THR O 324 26.67 -68.75 22.61
C THR O 324 25.40 -68.55 21.80
N LYS O 325 24.72 -69.64 21.49
CA LYS O 325 23.53 -69.57 20.64
C LYS O 325 22.40 -68.86 21.37
N PRO O 326 21.65 -67.98 20.70
CA PRO O 326 20.47 -67.38 21.33
C PRO O 326 19.41 -68.42 21.62
N VAL O 327 18.64 -68.18 22.68
CA VAL O 327 17.60 -69.09 23.14
C VAL O 327 16.27 -68.36 23.10
N ALA O 328 15.28 -68.96 22.43
CA ALA O 328 13.93 -68.41 22.36
C ALA O 328 12.91 -69.21 23.17
N HIS O 329 13.23 -70.45 23.56
CA HIS O 329 12.33 -71.30 24.33
C HIS O 329 13.06 -71.77 25.58
N ILE O 330 12.37 -71.72 26.73
CA ILE O 330 12.98 -72.07 27.99
C ILE O 330 13.34 -73.54 28.07
N ASP O 331 12.60 -74.41 27.38
CA ASP O 331 12.83 -75.84 27.48
C ASP O 331 14.13 -76.28 26.83
N GLN O 332 14.70 -75.46 25.94
CA GLN O 332 15.95 -75.79 25.26
C GLN O 332 17.17 -75.23 25.97
N PHE O 333 17.11 -75.07 27.29
CA PHE O 333 18.20 -74.48 28.07
C PHE O 333 19.24 -75.56 28.33
N THR O 334 20.10 -75.77 27.34
CA THR O 334 21.12 -76.82 27.39
C THR O 334 22.38 -76.29 28.06
N ALA O 335 23.47 -77.05 27.98
CA ALA O 335 24.73 -76.70 28.59
C ALA O 335 25.74 -76.11 27.61
N ASP O 336 25.34 -75.89 26.36
CA ASP O 336 26.25 -75.35 25.34
C ASP O 336 26.33 -73.83 25.39
N MET O 337 25.59 -73.17 26.27
CA MET O 337 25.60 -71.72 26.35
C MET O 337 26.97 -71.19 26.77
N LEU O 338 27.62 -71.88 27.71
CA LEU O 338 28.72 -71.27 28.45
C LEU O 338 30.07 -71.84 28.02
N GLY O 339 31.12 -71.31 28.64
CA GLY O 339 32.49 -71.73 28.33
C GLY O 339 33.44 -71.09 29.32
N SER O 340 34.73 -71.27 29.04
CA SER O 340 35.77 -70.72 29.90
C SER O 340 35.78 -69.20 29.83
N ALA O 341 36.10 -68.57 30.95
CA ALA O 341 36.15 -67.12 31.05
C ALA O 341 37.52 -66.69 31.59
N GLU O 342 37.97 -65.52 31.16
CA GLU O 342 39.27 -65.00 31.55
C GLU O 342 39.20 -63.68 32.30
N LEU O 343 38.46 -62.69 31.78
CA LEU O 343 38.44 -61.37 32.40
C LEU O 343 37.13 -60.67 32.05
N ALA O 344 36.58 -59.94 33.04
CA ALA O 344 35.38 -59.13 32.83
C ALA O 344 35.47 -57.96 33.80
N GLU O 345 35.92 -56.81 33.30
CA GLU O 345 36.15 -55.63 34.12
C GLU O 345 35.37 -54.45 33.57
N GLU O 346 34.65 -53.74 34.44
CA GLU O 346 33.92 -52.54 34.07
C GLU O 346 34.85 -51.34 34.15
N VAL O 347 35.66 -51.18 33.09
CA VAL O 347 36.61 -50.08 33.06
C VAL O 347 35.87 -48.75 32.91
N ASN O 348 36.45 -47.71 33.49
CA ASN O 348 35.90 -46.37 33.41
C ASN O 348 36.98 -45.41 32.93
N LEU O 349 36.60 -44.52 32.00
CA LEU O 349 37.54 -43.58 31.40
C LEU O 349 37.45 -42.22 32.09
N ASN O 350 37.86 -42.21 33.36
CA ASN O 350 37.87 -41.00 34.19
C ASN O 350 36.47 -40.38 34.29
N GLY O 351 35.44 -41.23 34.24
CA GLY O 351 34.08 -40.76 34.30
C GLY O 351 33.53 -40.21 33.00
N SER O 352 34.30 -40.27 31.91
CA SER O 352 33.88 -39.75 30.62
C SER O 352 33.29 -40.82 29.72
N GLY O 353 32.63 -41.81 30.30
CA GLY O 353 32.04 -42.90 29.53
C GLY O 353 32.06 -44.21 30.28
N LYS O 354 30.94 -44.92 30.28
CA LYS O 354 30.79 -46.18 30.99
C LYS O 354 30.83 -47.33 29.98
N LEU O 355 31.68 -48.31 30.24
CA LEU O 355 31.90 -49.42 29.34
C LEU O 355 31.94 -50.73 30.13
N LEU O 356 31.62 -51.81 29.42
CA LEU O 356 31.71 -53.17 29.99
C LEU O 356 32.76 -53.93 29.18
N LYS O 357 33.97 -54.01 29.72
CA LYS O 357 35.08 -54.69 29.06
C LYS O 357 35.11 -56.14 29.50
N ILE O 358 34.84 -57.05 28.57
CA ILE O 358 34.89 -58.49 28.84
C ILE O 358 35.80 -59.09 27.76
N THR O 359 37.04 -59.40 28.15
CA THR O 359 38.03 -59.91 27.22
C THR O 359 38.56 -61.25 27.72
N GLY O 360 38.91 -62.12 26.77
CA GLY O 360 39.47 -63.42 27.10
C GLY O 360 38.46 -64.55 27.00
N CYS O 361 38.64 -65.41 26.00
CA CYS O 361 37.76 -66.56 25.79
C CYS O 361 38.58 -67.75 25.34
N ALA O 362 38.02 -68.94 25.52
CA ALA O 362 38.67 -70.18 25.13
C ALA O 362 38.26 -70.54 23.71
N SER O 363 39.25 -70.68 22.83
CA SER O 363 39.03 -70.96 21.42
C SER O 363 38.02 -70.00 20.78
N PRO O 364 38.30 -68.68 20.77
CA PRO O 364 37.35 -67.75 20.17
C PRO O 364 37.43 -67.75 18.65
N GLY O 365 36.68 -66.86 18.01
CA GLY O 365 36.77 -66.69 16.57
C GLY O 365 37.91 -65.76 16.19
N LYS O 366 37.99 -65.49 14.90
CA LYS O 366 39.01 -64.60 14.36
C LYS O 366 38.53 -63.15 14.32
N THR O 367 38.10 -62.65 15.47
CA THR O 367 37.55 -61.30 15.60
C THR O 367 38.15 -60.62 16.83
N VAL O 368 38.53 -59.36 16.67
CA VAL O 368 39.04 -58.53 17.76
C VAL O 368 38.25 -57.23 17.78
N THR O 369 38.61 -56.37 18.74
CA THR O 369 37.93 -55.09 18.89
C THR O 369 38.97 -54.02 19.23
N ILE O 370 38.66 -52.78 18.86
CA ILE O 370 39.54 -51.64 19.11
C ILE O 370 38.75 -50.58 19.87
N VAL O 371 39.35 -50.03 20.91
CA VAL O 371 38.75 -48.95 21.70
C VAL O 371 39.48 -47.67 21.30
N VAL O 372 38.83 -46.84 20.49
CA VAL O 372 39.44 -45.60 20.02
C VAL O 372 39.02 -44.45 20.92
N ARG O 373 40.00 -43.70 21.40
CA ARG O 373 39.77 -42.57 22.28
C ARG O 373 39.88 -41.26 21.49
N GLY O 374 39.82 -40.15 22.19
CA GLY O 374 39.96 -38.83 21.58
C GLY O 374 39.09 -37.81 22.30
N SER O 375 39.62 -36.59 22.40
CA SER O 375 38.95 -35.53 23.16
C SER O 375 37.57 -35.22 22.59
N ASN O 376 37.50 -35.02 21.28
CA ASN O 376 36.24 -34.74 20.60
C ASN O 376 35.92 -35.84 19.60
N LYS O 377 34.66 -35.88 19.17
CA LYS O 377 34.21 -36.93 18.26
C LYS O 377 35.00 -36.92 16.96
N LEU O 378 35.44 -35.75 16.51
CA LEU O 378 36.14 -35.65 15.23
C LEU O 378 37.47 -36.40 15.26
N VAL O 379 38.26 -36.23 16.32
CA VAL O 379 39.54 -36.92 16.38
C VAL O 379 39.35 -38.41 16.61
N ILE O 380 38.28 -38.79 17.32
CA ILE O 380 37.97 -40.22 17.48
C ILE O 380 37.67 -40.85 16.13
N GLU O 381 36.84 -40.17 15.33
CA GLU O 381 36.55 -40.66 13.99
C GLU O 381 37.80 -40.69 13.13
N GLU O 382 38.67 -39.68 13.28
CA GLU O 382 39.91 -39.66 12.52
C GLU O 382 40.80 -40.86 12.85
N ALA O 383 40.95 -41.16 14.13
CA ALA O 383 41.75 -42.32 14.52
C ALA O 383 41.12 -43.63 14.05
N GLU O 384 39.80 -43.75 14.20
CA GLU O 384 39.10 -44.96 13.76
C GLU O 384 39.27 -45.17 12.27
N ARG O 385 39.09 -44.12 11.48
CA ARG O 385 39.21 -44.26 10.03
C ARG O 385 40.67 -44.42 9.61
N SER O 386 41.61 -43.91 10.41
CA SER O 386 43.02 -44.18 10.15
C SER O 386 43.32 -45.67 10.33
N ILE O 387 42.80 -46.27 11.40
CA ILE O 387 42.96 -47.71 11.60
C ILE O 387 42.29 -48.47 10.46
N HIS O 388 41.09 -48.04 10.06
CA HIS O 388 40.39 -48.71 8.96
C HIS O 388 41.17 -48.60 7.66
N ASP O 389 41.76 -47.43 7.39
CA ASP O 389 42.57 -47.25 6.19
C ASP O 389 43.81 -48.14 6.23
N ALA O 390 44.43 -48.28 7.41
CA ALA O 390 45.56 -49.20 7.53
C ALA O 390 45.13 -50.63 7.23
N LEU O 391 43.99 -51.05 7.74
CA LEU O 391 43.49 -52.40 7.46
C LEU O 391 43.22 -52.58 5.97
N CYS O 392 42.63 -51.57 5.34
CA CYS O 392 42.37 -51.64 3.90
C CYS O 392 43.68 -51.69 3.11
N VAL O 393 44.70 -50.98 3.58
CA VAL O 393 46.01 -51.04 2.93
C VAL O 393 46.59 -52.44 3.03
N ILE O 394 46.48 -53.07 4.19
CA ILE O 394 46.95 -54.45 4.32
C ILE O 394 46.15 -55.37 3.40
N ARG O 395 44.85 -55.12 3.27
CA ARG O 395 44.04 -55.90 2.34
C ARG O 395 44.53 -55.73 0.90
N CYS O 396 44.87 -54.49 0.52
CA CYS O 396 45.44 -54.25 -0.81
C CYS O 396 46.80 -54.93 -0.95
N LEU O 397 47.53 -55.07 0.15
CA LEU O 397 48.77 -55.85 0.13
C LEU O 397 48.51 -57.34 -0.02
N VAL O 398 47.33 -57.81 0.37
CA VAL O 398 47.03 -59.24 0.25
C VAL O 398 47.06 -59.69 -1.20
N LYS O 399 46.42 -58.92 -2.08
CA LYS O 399 46.32 -59.28 -3.50
C LYS O 399 47.07 -58.27 -4.36
N LYS O 400 47.62 -58.75 -5.46
CA LYS O 400 48.36 -57.92 -6.41
C LYS O 400 49.52 -57.19 -5.72
N ARG O 401 50.47 -57.99 -5.25
CA ARG O 401 51.62 -57.50 -4.51
C ARG O 401 52.55 -56.76 -5.47
N ALA O 402 52.18 -55.52 -5.77
CA ALA O 402 52.99 -54.64 -6.59
C ALA O 402 53.01 -53.26 -5.95
N LEU O 403 54.17 -52.87 -5.43
CA LEU O 403 54.32 -51.66 -4.65
C LEU O 403 55.11 -50.62 -5.44
N ILE O 404 54.73 -49.36 -5.27
CA ILE O 404 55.42 -48.23 -5.89
C ILE O 404 55.45 -47.08 -4.90
N ALA O 405 56.56 -46.34 -4.89
CA ALA O 405 56.67 -45.16 -4.04
C ALA O 405 55.69 -44.10 -4.51
N GLY O 406 54.98 -43.50 -3.56
CA GLY O 406 53.99 -42.49 -3.88
C GLY O 406 54.53 -41.07 -3.79
N GLY O 407 53.78 -40.19 -3.14
CA GLY O 407 54.24 -38.82 -2.92
C GLY O 407 54.50 -38.03 -4.18
N GLY O 408 53.60 -38.13 -5.15
CA GLY O 408 53.72 -37.41 -6.40
C GLY O 408 54.64 -38.05 -7.42
N ALA O 409 55.56 -38.92 -6.99
CA ALA O 409 56.45 -39.58 -7.93
C ALA O 409 55.70 -40.36 -9.01
N PRO O 410 54.72 -41.22 -8.68
CA PRO O 410 53.98 -41.88 -9.77
C PRO O 410 53.25 -40.91 -10.67
N GLU O 411 52.71 -39.82 -10.12
CA GLU O 411 51.99 -38.87 -10.97
C GLU O 411 52.96 -38.08 -11.83
N ILE O 412 54.12 -37.72 -11.31
CA ILE O 412 55.14 -37.06 -12.13
C ILE O 412 55.55 -37.97 -13.28
N GLU O 413 55.82 -39.23 -12.96
CA GLU O 413 56.24 -40.19 -14.00
C GLU O 413 55.14 -40.37 -15.04
N LEU O 414 53.89 -40.50 -14.58
CA LEU O 414 52.78 -40.66 -15.50
C LEU O 414 52.60 -39.45 -16.40
N ALA O 415 52.71 -38.25 -15.84
CA ALA O 415 52.58 -37.04 -16.64
C ALA O 415 53.67 -36.97 -17.69
N LEU O 416 54.91 -37.27 -17.31
CA LEU O 416 56.01 -37.23 -18.26
C LEU O 416 55.82 -38.28 -19.37
N ARG O 417 55.46 -39.50 -19.00
CA ARG O 417 55.29 -40.56 -19.98
C ARG O 417 54.12 -40.27 -20.92
N LEU O 418 53.02 -39.75 -20.39
CA LEU O 418 51.89 -39.40 -21.26
C LEU O 418 52.22 -38.23 -22.15
N THR O 419 53.04 -37.28 -21.68
CA THR O 419 53.51 -36.22 -22.57
C THR O 419 54.33 -36.79 -23.71
N GLU O 420 55.23 -37.74 -23.40
CA GLU O 420 56.01 -38.39 -24.45
C GLU O 420 55.11 -39.09 -25.44
N TYR O 421 54.12 -39.85 -24.94
CA TYR O 421 53.24 -40.59 -25.83
C TYR O 421 52.39 -39.66 -26.69
N SER O 422 51.94 -38.54 -26.12
CA SER O 422 51.24 -37.53 -26.90
C SER O 422 52.14 -36.98 -28.00
N ARG O 423 53.41 -36.74 -27.68
CA ARG O 423 54.35 -36.30 -28.70
C ARG O 423 54.48 -37.34 -29.81
N THR O 424 54.48 -38.64 -29.45
CA THR O 424 54.54 -39.69 -30.45
C THR O 424 53.25 -39.81 -31.25
N LEU O 425 52.13 -39.32 -30.73
CA LEU O 425 50.85 -39.43 -31.41
C LEU O 425 50.71 -38.33 -32.46
N SER O 426 49.50 -38.22 -33.01
CA SER O 426 49.17 -37.18 -33.98
C SER O 426 47.67 -36.98 -33.95
N GLY O 427 47.23 -35.87 -34.56
CA GLY O 427 45.82 -35.58 -34.57
C GLY O 427 45.33 -35.03 -33.25
N MET O 428 43.99 -35.00 -33.12
CA MET O 428 43.39 -34.53 -31.87
C MET O 428 43.79 -35.41 -30.70
N GLU O 429 44.13 -36.67 -30.96
CA GLU O 429 44.50 -37.59 -29.88
C GLU O 429 45.71 -37.09 -29.12
N SER O 430 46.71 -36.57 -29.83
CA SER O 430 47.91 -36.05 -29.18
C SER O 430 47.57 -34.89 -28.25
N TYR O 431 46.72 -33.97 -28.71
CA TYR O 431 46.34 -32.83 -27.89
C TYR O 431 45.53 -33.28 -26.68
N CYS O 432 44.63 -34.26 -26.87
CA CYS O 432 43.86 -34.77 -25.75
C CYS O 432 44.76 -35.45 -24.72
N VAL O 433 45.76 -36.20 -25.17
CA VAL O 433 46.69 -36.84 -24.24
C VAL O 433 47.54 -35.79 -23.53
N ARG O 434 47.91 -34.71 -24.23
CA ARG O 434 48.61 -33.61 -23.57
C ARG O 434 47.76 -33.01 -22.46
N ALA O 435 46.47 -32.78 -22.73
CA ALA O 435 45.57 -32.28 -21.70
C ALA O 435 45.45 -33.29 -20.56
N PHE O 436 45.42 -34.58 -20.90
CA PHE O 436 45.36 -35.64 -19.91
C PHE O 436 46.55 -35.57 -18.95
N ALA O 437 47.75 -35.45 -19.51
CA ALA O 437 48.96 -35.36 -18.68
C ALA O 437 48.97 -34.09 -17.85
N ASP O 438 48.57 -32.97 -18.45
CA ASP O 438 48.52 -31.72 -17.71
C ASP O 438 47.56 -31.81 -16.54
N ALA O 439 46.42 -32.49 -16.74
CA ALA O 439 45.47 -32.71 -15.66
C ALA O 439 46.08 -33.58 -14.57
N MET O 440 46.63 -34.73 -14.95
CA MET O 440 47.16 -35.65 -13.95
C MET O 440 48.40 -35.11 -13.25
N GLU O 441 48.99 -34.03 -13.75
CA GLU O 441 50.07 -33.35 -13.05
C GLU O 441 49.61 -32.65 -11.77
N VAL O 442 48.31 -32.62 -11.49
CA VAL O 442 47.80 -31.79 -10.40
C VAL O 442 48.22 -32.35 -9.04
N ILE O 443 48.30 -33.68 -8.91
CA ILE O 443 48.55 -34.28 -7.60
C ILE O 443 49.89 -33.83 -7.01
N PRO O 444 51.01 -33.88 -7.74
CA PRO O 444 52.25 -33.32 -7.18
C PRO O 444 52.16 -31.84 -6.91
N SER O 445 51.28 -31.10 -7.61
CA SER O 445 51.09 -29.69 -7.29
C SER O 445 50.41 -29.53 -5.94
N THR O 446 49.36 -30.31 -5.68
CA THR O 446 48.69 -30.24 -4.37
C THR O 446 49.63 -30.69 -3.26
N LEU O 447 50.38 -31.76 -3.48
CA LEU O 447 51.32 -32.20 -2.45
C LEU O 447 52.42 -31.17 -2.23
N ALA O 448 52.91 -30.55 -3.30
CA ALA O 448 53.85 -29.45 -3.16
C ALA O 448 53.19 -28.24 -2.51
N GLU O 449 51.90 -28.04 -2.77
CA GLU O 449 51.14 -27.03 -2.05
C GLU O 449 50.78 -27.58 -0.67
N ASN O 450 49.90 -26.88 0.04
CA ASN O 450 49.66 -27.07 1.46
C ASN O 450 50.91 -26.85 2.29
N ALA O 451 51.98 -26.32 1.68
CA ALA O 451 53.18 -25.93 2.40
C ALA O 451 53.79 -24.63 1.88
N GLY O 452 53.16 -23.97 0.90
CA GLY O 452 53.69 -22.74 0.36
C GLY O 452 54.80 -22.91 -0.66
N LEU O 453 55.16 -24.14 -0.99
CA LEU O 453 56.27 -24.38 -1.91
C LEU O 453 55.84 -24.13 -3.36
N ASN O 454 56.83 -23.93 -4.22
CA ASN O 454 56.58 -23.67 -5.63
C ASN O 454 56.17 -24.95 -6.33
N PRO O 455 54.98 -25.00 -6.95
CA PRO O 455 54.63 -26.23 -7.70
C PRO O 455 55.39 -26.36 -9.00
N ILE O 456 55.64 -25.26 -9.69
CA ILE O 456 56.35 -25.33 -10.98
C ILE O 456 57.76 -25.87 -10.77
N SER O 457 58.48 -25.31 -9.81
CA SER O 457 59.84 -25.75 -9.53
C SER O 457 59.87 -27.21 -9.09
N THR O 458 58.94 -27.60 -8.21
CA THR O 458 58.89 -28.97 -7.74
C THR O 458 58.64 -29.93 -8.90
N VAL O 459 57.68 -29.59 -9.77
CA VAL O 459 57.33 -30.48 -10.88
C VAL O 459 58.50 -30.59 -11.85
N THR O 460 59.14 -29.47 -12.18
CA THR O 460 60.23 -29.55 -13.16
C THR O 460 61.43 -30.27 -12.57
N GLU O 461 61.71 -30.08 -11.28
CA GLU O 461 62.83 -30.79 -10.66
C GLU O 461 62.55 -32.28 -10.60
N LEU O 462 61.31 -32.66 -10.27
CA LEU O 462 60.96 -34.07 -10.27
C LEU O 462 61.06 -34.67 -11.66
N ARG O 463 60.61 -33.94 -12.68
CA ARG O 463 60.71 -34.42 -14.04
C ARG O 463 62.17 -34.60 -14.46
N ASN O 464 63.02 -33.64 -14.11
CA ASN O 464 64.44 -33.74 -14.46
C ASN O 464 65.10 -34.90 -13.72
N ARG O 465 64.75 -35.12 -12.46
CA ARG O 465 65.32 -36.23 -11.70
C ARG O 465 64.85 -37.56 -12.26
N HIS O 466 63.60 -37.63 -12.73
CA HIS O 466 63.15 -38.82 -13.45
C HIS O 466 63.94 -39.00 -14.75
N ALA O 467 64.18 -37.89 -15.46
CA ALA O 467 64.89 -37.96 -16.74
C ALA O 467 66.31 -38.49 -16.56
N GLN O 468 67.01 -38.02 -15.52
CA GLN O 468 68.36 -38.52 -15.27
C GLN O 468 68.37 -39.94 -14.71
N GLY O 469 67.23 -40.45 -14.26
CA GLY O 469 67.15 -41.82 -13.81
C GLY O 469 66.38 -42.03 -12.52
N GLU O 470 66.43 -41.06 -11.62
CA GLU O 470 65.78 -41.18 -10.32
C GLU O 470 64.28 -40.98 -10.50
N LYS O 471 63.58 -42.07 -10.82
CA LYS O 471 62.14 -42.01 -11.00
C LYS O 471 61.41 -41.93 -9.66
N THR O 472 61.96 -42.54 -8.61
CA THR O 472 61.30 -42.63 -7.32
C THR O 472 61.42 -41.35 -6.49
N ALA O 473 61.87 -40.25 -7.09
CA ALA O 473 61.96 -38.99 -6.37
C ALA O 473 60.57 -38.45 -6.08
N GLY O 474 60.33 -38.06 -4.82
CA GLY O 474 59.05 -37.55 -4.39
C GLY O 474 59.21 -36.24 -3.65
N ILE O 475 58.28 -36.00 -2.73
CA ILE O 475 58.26 -34.80 -1.90
C ILE O 475 58.52 -35.22 -0.47
N ASN O 476 59.56 -34.66 0.14
CA ASN O 476 59.96 -34.98 1.51
C ASN O 476 59.37 -33.92 2.43
N VAL O 477 58.28 -34.28 3.13
CA VAL O 477 57.60 -33.33 3.99
C VAL O 477 58.45 -33.01 5.23
N ARG O 478 59.13 -34.01 5.78
CA ARG O 478 59.93 -33.79 6.98
C ARG O 478 61.08 -32.83 6.70
N LYS O 479 61.76 -33.00 5.57
CA LYS O 479 62.86 -32.12 5.22
C LYS O 479 62.42 -30.86 4.50
N GLY O 480 61.14 -30.75 4.14
CA GLY O 480 60.66 -29.57 3.45
C GLY O 480 61.32 -29.32 2.11
N GLY O 481 61.64 -30.40 1.39
CA GLY O 481 62.32 -30.27 0.12
C GLY O 481 61.88 -31.29 -0.91
N ILE O 482 62.71 -31.52 -1.93
CA ILE O 482 62.41 -32.42 -3.03
C ILE O 482 63.55 -33.42 -3.17
N SER O 483 63.25 -34.69 -2.96
CA SER O 483 64.25 -35.76 -3.04
C SER O 483 63.51 -37.08 -3.08
N ASN O 484 64.28 -38.17 -3.14
CA ASN O 484 63.70 -39.51 -3.09
C ASN O 484 63.04 -39.74 -1.75
N ILE O 485 61.84 -40.31 -1.77
CA ILE O 485 61.08 -40.58 -0.56
C ILE O 485 60.98 -42.06 -0.26
N LEU O 486 61.72 -42.90 -0.99
CA LEU O 486 61.79 -44.31 -0.64
C LEU O 486 62.38 -44.50 0.74
N GLU O 487 63.40 -43.70 1.07
CA GLU O 487 63.93 -43.71 2.43
C GLU O 487 62.86 -43.30 3.45
N GLU O 488 61.91 -42.46 3.04
CA GLU O 488 60.83 -42.02 3.91
C GLU O 488 59.68 -43.02 3.95
N LEU O 489 59.82 -44.16 3.27
CA LEU O 489 58.83 -45.24 3.31
C LEU O 489 57.47 -44.76 2.81
N VAL O 490 57.48 -43.83 1.86
CA VAL O 490 56.24 -43.34 1.25
C VAL O 490 55.99 -44.25 0.04
N VAL O 491 55.34 -45.38 0.29
CA VAL O 491 55.09 -46.39 -0.73
C VAL O 491 53.62 -46.76 -0.71
N GLN O 492 53.06 -47.03 -1.89
CA GLN O 492 51.67 -47.42 -2.05
C GLN O 492 51.56 -48.59 -3.00
N PRO O 493 50.53 -49.43 -2.83
CA PRO O 493 50.38 -50.59 -3.72
C PRO O 493 49.95 -50.21 -5.13
N LEU O 494 49.83 -51.20 -6.00
CA LEU O 494 49.39 -50.95 -7.37
C LEU O 494 47.90 -50.68 -7.44
N LEU O 495 47.10 -51.57 -6.86
CA LEU O 495 45.65 -51.50 -6.98
C LEU O 495 45.04 -50.50 -5.99
N VAL O 496 45.64 -49.32 -5.92
CA VAL O 496 44.99 -48.16 -5.32
C VAL O 496 45.08 -47.04 -6.35
N SER O 497 46.29 -46.74 -6.81
CA SER O 497 46.46 -45.77 -7.88
C SER O 497 45.86 -46.28 -9.18
N VAL O 498 46.03 -47.57 -9.48
CA VAL O 498 45.42 -48.14 -10.69
C VAL O 498 43.90 -48.02 -10.63
N SER O 499 43.32 -48.39 -9.48
CA SER O 499 41.87 -48.29 -9.33
C SER O 499 41.39 -46.86 -9.45
N ALA O 500 42.11 -45.92 -8.84
CA ALA O 500 41.71 -44.51 -8.94
C ALA O 500 41.78 -44.02 -10.38
N LEU O 501 42.85 -44.36 -11.09
CA LEU O 501 42.98 -43.93 -12.47
C LEU O 501 41.85 -44.49 -13.32
N THR O 502 41.58 -45.79 -13.20
CA THR O 502 40.52 -46.42 -14.00
C THR O 502 39.16 -45.82 -13.67
N LEU O 503 38.86 -45.64 -12.39
CA LEU O 503 37.56 -45.10 -12.00
C LEU O 503 37.38 -43.66 -12.48
N ALA O 504 38.42 -42.83 -12.35
CA ALA O 504 38.32 -41.45 -12.81
C ALA O 504 38.13 -41.39 -14.32
N THR O 505 38.87 -42.22 -15.06
CA THR O 505 38.70 -42.23 -16.51
C THR O 505 37.30 -42.68 -16.91
N GLU O 506 36.78 -43.71 -16.23
CA GLU O 506 35.43 -44.17 -16.55
C GLU O 506 34.40 -43.09 -16.25
N THR O 507 34.55 -42.38 -15.13
CA THR O 507 33.58 -41.34 -14.79
C THR O 507 33.64 -40.18 -15.76
N VAL O 508 34.85 -39.73 -16.12
CA VAL O 508 34.93 -38.62 -17.06
C VAL O 508 34.40 -39.03 -18.42
N ARG O 509 34.61 -40.29 -18.83
CA ARG O 509 34.00 -40.76 -20.06
C ARG O 509 32.48 -40.78 -19.97
N SER O 510 31.95 -41.22 -18.82
CA SER O 510 30.51 -41.25 -18.63
C SER O 510 29.89 -39.87 -18.78
N ILE O 511 30.46 -38.87 -18.09
CA ILE O 511 29.95 -37.52 -18.21
C ILE O 511 30.38 -36.84 -19.50
N LEU O 512 31.26 -37.48 -20.27
CA LEU O 512 31.74 -36.88 -21.52
C LEU O 512 30.67 -36.88 -22.59
N LYS O 513 29.99 -38.01 -22.77
CA LYS O 513 28.97 -38.14 -23.81
C LYS O 513 27.59 -37.74 -23.28
N ILE O 514 27.51 -36.51 -22.76
CA ILE O 514 26.28 -35.97 -22.21
C ILE O 514 25.88 -34.76 -23.04
N ASP O 515 24.61 -34.72 -23.46
CA ASP O 515 24.09 -33.61 -24.24
C ASP O 515 23.24 -32.64 -23.42
N ASP O 516 22.22 -33.14 -22.73
CA ASP O 516 21.32 -32.30 -21.96
C ASP O 516 20.87 -33.05 -20.72
N VAL O 517 20.32 -32.31 -19.76
CA VAL O 517 19.77 -32.87 -18.54
C VAL O 517 18.32 -32.41 -18.41
N VAL O 518 17.41 -33.34 -18.16
CA VAL O 518 16.00 -33.03 -18.00
C VAL O 518 15.50 -33.65 -16.70
N ASN O 519 14.42 -33.08 -16.17
CA ASN O 519 13.81 -33.53 -14.93
C ASN O 519 12.42 -34.10 -15.20
N THR O 520 11.97 -34.94 -14.28
CA THR O 520 10.63 -35.54 -14.38
C THR O 520 9.69 -34.92 -13.35
N ALA P 1 -30.88 -3.84 -22.23
CA ALA P 1 -30.97 -5.20 -21.73
C ALA P 1 -29.64 -5.66 -21.16
N SER P 2 -28.96 -4.76 -20.45
CA SER P 2 -27.66 -5.05 -19.87
C SER P 2 -27.55 -4.34 -18.52
N MET P 3 -26.70 -4.90 -17.65
CA MET P 3 -26.43 -4.41 -16.30
C MET P 3 -27.70 -3.94 -15.59
N GLY P 4 -28.78 -4.72 -15.69
CA GLY P 4 -30.00 -4.38 -15.00
C GLY P 4 -30.79 -3.28 -15.69
N THR P 5 -31.69 -2.66 -14.93
CA THR P 5 -32.51 -1.57 -15.42
C THR P 5 -32.18 -0.31 -14.64
N LEU P 6 -31.98 0.80 -15.34
CA LEU P 6 -31.60 2.07 -14.74
C LEU P 6 -32.86 2.93 -14.58
N ALA P 7 -33.40 2.96 -13.38
CA ALA P 7 -34.49 3.86 -13.06
C ALA P 7 -34.21 4.71 -11.83
N PHE P 8 -33.56 4.15 -10.80
N PHE P 8 -33.57 4.15 -10.80
CA PHE P 8 -33.29 4.86 -9.54
CA PHE P 8 -33.28 4.86 -9.54
C PHE P 8 -34.56 5.47 -8.97
C PHE P 8 -34.55 5.47 -8.96
N ASP P 9 -35.64 4.71 -9.03
CA ASP P 9 -36.97 5.17 -8.62
C ASP P 9 -37.29 6.39 -9.49
N GLU P 10 -37.99 7.37 -8.91
CA GLU P 10 -38.44 8.53 -9.64
C GLU P 10 -38.64 9.79 -8.80
N TYR P 11 -38.28 9.76 -7.50
CA TYR P 11 -38.14 10.95 -6.68
C TYR P 11 -36.75 11.08 -6.08
N GLY P 12 -35.80 10.30 -6.58
CA GLY P 12 -34.42 10.39 -6.14
C GLY P 12 -33.96 9.37 -5.13
N ARG P 13 -34.78 8.34 -4.83
CA ARG P 13 -34.37 7.34 -3.86
C ARG P 13 -33.63 6.18 -4.52
N PRO P 14 -32.75 5.50 -3.79
CA PRO P 14 -32.13 4.29 -4.33
C PRO P 14 -33.18 3.23 -4.66
N PHE P 15 -32.92 2.47 -5.71
CA PHE P 15 -33.90 1.53 -6.25
C PHE P 15 -33.29 0.14 -6.36
N LEU P 16 -34.08 -0.87 -6.02
CA LEU P 16 -33.67 -2.27 -6.10
C LEU P 16 -34.71 -3.05 -6.89
N ILE P 17 -34.24 -3.87 -7.83
CA ILE P 17 -35.14 -4.64 -8.69
C ILE P 17 -34.87 -6.13 -8.53
N ILE P 18 -33.65 -6.56 -8.85
CA ILE P 18 -33.27 -7.96 -8.82
C ILE P 18 -31.99 -8.10 -8.02
N LYS P 19 -31.83 -9.25 -7.37
CA LYS P 19 -30.62 -9.52 -6.60
C LYS P 19 -29.40 -9.55 -7.51
N ASP P 20 -28.29 -8.99 -7.01
CA ASP P 20 -27.02 -8.95 -7.74
C ASP P 20 -27.16 -8.23 -9.08
N GLN P 21 -27.96 -7.15 -9.09
CA GLN P 21 -28.22 -6.42 -10.32
C GLN P 21 -27.14 -5.40 -10.66
N ASP P 22 -26.11 -5.24 -9.82
CA ASP P 22 -25.04 -4.31 -10.12
C ASP P 22 -24.32 -4.69 -11.40
N ARG P 23 -24.24 -5.99 -11.70
CA ARG P 23 -23.63 -6.46 -12.92
C ARG P 23 -24.46 -7.52 -13.63
N LYS P 24 -25.69 -7.78 -13.18
CA LYS P 24 -26.52 -8.79 -13.82
C LYS P 24 -26.90 -8.36 -15.24
N SER P 25 -26.58 -9.21 -16.21
CA SER P 25 -27.00 -9.02 -17.59
C SER P 25 -28.32 -9.74 -17.78
N ARG P 26 -29.42 -8.98 -17.78
CA ARG P 26 -30.76 -9.56 -17.83
C ARG P 26 -31.09 -9.89 -19.28
N LEU P 27 -31.35 -11.17 -19.55
CA LEU P 27 -31.52 -11.67 -20.91
C LEU P 27 -32.93 -12.26 -21.07
N MET P 28 -33.82 -11.50 -21.70
CA MET P 28 -35.09 -11.99 -22.20
C MET P 28 -35.36 -11.47 -23.60
N GLY P 29 -36.14 -12.25 -24.36
CA GLY P 29 -36.68 -11.78 -25.62
C GLY P 29 -35.85 -12.08 -26.85
N LEU P 30 -35.95 -11.19 -27.84
CA LEU P 30 -35.29 -11.41 -29.12
C LEU P 30 -33.78 -11.50 -28.96
N GLU P 31 -33.20 -10.64 -28.13
CA GLU P 31 -31.76 -10.69 -27.92
C GLU P 31 -31.34 -11.97 -27.22
N ALA P 32 -32.18 -12.49 -26.32
CA ALA P 32 -31.90 -13.78 -25.72
C ALA P 32 -31.91 -14.88 -26.78
N LEU P 33 -32.88 -14.82 -27.70
CA LEU P 33 -32.89 -15.80 -28.78
C LEU P 33 -31.67 -15.66 -29.67
N LYS P 34 -31.21 -14.43 -29.91
CA LYS P 34 -29.95 -14.22 -30.63
C LYS P 34 -28.80 -14.90 -29.90
N SER P 35 -28.74 -14.75 -28.58
CA SER P 35 -27.67 -15.37 -27.81
C SER P 35 -27.70 -16.89 -27.95
N HIS P 36 -28.89 -17.48 -27.78
CA HIS P 36 -28.99 -18.94 -27.90
C HIS P 36 -28.64 -19.41 -29.30
N ILE P 37 -29.15 -18.73 -30.33
CA ILE P 37 -28.92 -19.17 -31.70
C ILE P 37 -27.45 -19.02 -32.07
N MET P 38 -26.78 -18.00 -31.52
CA MET P 38 -25.36 -17.83 -31.83
C MET P 38 -24.49 -18.81 -31.05
N ALA P 39 -24.90 -19.19 -29.84
CA ALA P 39 -24.21 -20.27 -29.16
C ALA P 39 -24.33 -21.58 -29.95
N ALA P 40 -25.54 -21.87 -30.44
CA ALA P 40 -25.71 -23.02 -31.32
C ALA P 40 -24.90 -22.86 -32.60
N LYS P 41 -24.77 -21.62 -33.08
CA LYS P 41 -23.92 -21.32 -34.23
C LYS P 41 -22.51 -21.81 -33.99
N ALA P 42 -21.94 -21.41 -32.86
CA ALA P 42 -20.58 -21.80 -32.52
C ALA P 42 -20.45 -23.31 -32.42
N VAL P 43 -21.41 -23.95 -31.73
CA VAL P 43 -21.35 -25.40 -31.57
C VAL P 43 -21.37 -26.09 -32.93
N ALA P 44 -22.31 -25.70 -33.79
CA ALA P 44 -22.46 -26.36 -35.08
C ALA P 44 -21.25 -26.13 -35.97
N ASN P 45 -20.73 -24.90 -36.01
CA ASN P 45 -19.59 -24.64 -36.90
C ASN P 45 -18.33 -25.32 -36.39
N THR P 46 -18.21 -25.49 -35.07
CA THR P 46 -17.05 -26.22 -34.55
C THR P 46 -17.19 -27.71 -34.78
N MET P 47 -18.42 -28.22 -34.85
CA MET P 47 -18.60 -29.67 -34.96
C MET P 47 -18.66 -30.16 -36.40
N ARG P 48 -19.13 -29.32 -37.33
CA ARG P 48 -19.53 -29.79 -38.65
C ARG P 48 -18.37 -30.31 -39.51
N THR P 49 -17.12 -30.08 -39.13
CA THR P 49 -16.00 -30.46 -39.99
C THR P 49 -15.82 -31.97 -40.10
N SER P 50 -16.50 -32.76 -39.29
CA SER P 50 -16.36 -34.22 -39.30
C SER P 50 -17.37 -34.90 -40.24
N LEU P 51 -17.77 -34.22 -41.31
CA LEU P 51 -18.75 -34.75 -42.24
C LEU P 51 -18.07 -35.21 -43.52
N GLY P 52 -18.38 -36.43 -43.96
CA GLY P 52 -17.88 -36.95 -45.20
C GLY P 52 -16.58 -37.72 -45.05
N PRO P 53 -16.26 -38.54 -46.05
CA PRO P 53 -14.99 -39.29 -45.99
C PRO P 53 -13.78 -38.40 -45.87
N ASN P 54 -13.77 -37.25 -46.55
CA ASN P 54 -12.66 -36.32 -46.43
C ASN P 54 -12.73 -35.50 -45.15
N GLY P 55 -13.83 -35.58 -44.40
CA GLY P 55 -13.97 -34.86 -43.16
C GLY P 55 -12.88 -35.17 -42.15
N LEU P 56 -12.32 -34.14 -41.55
CA LEU P 56 -11.22 -34.31 -40.61
C LEU P 56 -11.73 -34.83 -39.27
N ASP P 57 -10.82 -35.00 -38.32
CA ASP P 57 -11.16 -35.56 -37.01
C ASP P 57 -10.80 -34.57 -35.92
N LYS P 58 -11.76 -34.26 -35.06
CA LYS P 58 -11.51 -33.41 -33.90
C LYS P 58 -10.89 -34.21 -32.77
N MET P 59 -10.18 -33.51 -31.89
CA MET P 59 -9.66 -34.07 -30.67
C MET P 59 -10.19 -33.27 -29.48
N MET P 60 -10.28 -33.93 -28.33
CA MET P 60 -10.69 -33.25 -27.11
C MET P 60 -9.85 -33.75 -25.95
N VAL P 61 -9.53 -32.86 -25.03
CA VAL P 61 -8.90 -33.20 -23.77
C VAL P 61 -9.91 -32.95 -22.66
N ASP P 62 -10.36 -34.01 -22.01
CA ASP P 62 -11.44 -33.91 -21.04
C ASP P 62 -10.95 -33.24 -19.77
N LYS P 63 -11.83 -33.14 -18.77
CA LYS P 63 -11.46 -32.59 -17.48
C LYS P 63 -10.44 -33.45 -16.74
N ASP P 64 -10.29 -34.70 -17.12
CA ASP P 64 -9.33 -35.61 -16.50
C ASP P 64 -8.01 -35.67 -17.24
N GLY P 65 -7.87 -34.92 -18.34
CA GLY P 65 -6.64 -34.91 -19.11
C GLY P 65 -6.49 -36.00 -20.13
N ASP P 66 -7.54 -36.80 -20.38
CA ASP P 66 -7.49 -37.87 -21.36
C ASP P 66 -7.87 -37.34 -22.73
N VAL P 67 -7.04 -37.63 -23.73
CA VAL P 67 -7.33 -37.20 -25.09
C VAL P 67 -8.44 -38.05 -25.69
N THR P 68 -8.98 -37.58 -26.81
CA THR P 68 -9.95 -38.36 -27.58
C THR P 68 -9.98 -37.82 -29.00
N VAL P 69 -9.41 -38.56 -29.95
CA VAL P 69 -9.50 -38.24 -31.37
C VAL P 69 -10.59 -39.11 -31.98
N THR P 70 -11.56 -38.48 -32.65
CA THR P 70 -12.77 -39.17 -33.07
C THR P 70 -13.25 -38.60 -34.40
N ASN P 71 -13.93 -39.45 -35.18
CA ASN P 71 -14.58 -39.05 -36.41
C ASN P 71 -16.10 -39.03 -36.33
N ASP P 72 -16.70 -39.87 -35.50
CA ASP P 72 -18.15 -39.93 -35.37
C ASP P 72 -18.64 -38.80 -34.48
N GLY P 73 -19.50 -37.93 -35.02
CA GLY P 73 -19.82 -36.68 -34.35
C GLY P 73 -20.50 -36.86 -33.01
N ALA P 74 -21.33 -37.90 -32.88
CA ALA P 74 -22.05 -38.12 -31.62
C ALA P 74 -21.09 -38.20 -30.45
N THR P 75 -20.07 -39.05 -30.56
CA THR P 75 -19.07 -39.15 -29.52
C THR P 75 -18.09 -37.99 -29.51
N ILE P 76 -17.98 -37.25 -30.62
CA ILE P 76 -17.17 -36.03 -30.62
C ILE P 76 -17.77 -34.99 -29.69
N LEU P 77 -19.08 -34.76 -29.79
CA LEU P 77 -19.74 -33.74 -29.00
C LEU P 77 -20.35 -34.28 -27.71
N SER P 78 -20.26 -35.60 -27.48
CA SER P 78 -20.86 -36.18 -26.29
C SER P 78 -20.16 -35.77 -25.01
N MET P 79 -18.91 -35.30 -25.09
CA MET P 79 -18.15 -34.89 -23.91
C MET P 79 -17.76 -33.43 -23.99
N MET P 80 -18.70 -32.57 -24.37
CA MET P 80 -18.42 -31.15 -24.45
C MET P 80 -18.85 -30.43 -23.18
N ASP P 81 -18.10 -29.37 -22.84
CA ASP P 81 -18.39 -28.54 -21.66
C ASP P 81 -19.59 -27.63 -21.96
N VAL P 82 -20.75 -28.26 -22.10
CA VAL P 82 -21.97 -27.54 -22.41
C VAL P 82 -22.38 -26.67 -21.22
N ASP P 83 -22.70 -25.40 -21.50
CA ASP P 83 -23.11 -24.45 -20.48
C ASP P 83 -24.56 -24.01 -20.63
N HIS P 84 -24.96 -23.56 -21.82
CA HIS P 84 -26.32 -23.16 -22.08
C HIS P 84 -27.17 -24.38 -22.43
N GLN P 85 -28.43 -24.34 -22.01
CA GLN P 85 -29.28 -25.52 -22.10
C GLN P 85 -29.54 -25.92 -23.55
N ILE P 86 -29.40 -24.99 -24.49
CA ILE P 86 -29.62 -25.32 -25.89
C ILE P 86 -28.57 -26.32 -26.38
N ALA P 87 -27.32 -26.14 -25.96
CA ALA P 87 -26.28 -27.11 -26.32
C ALA P 87 -26.60 -28.48 -25.75
N LYS P 88 -27.09 -28.52 -24.51
CA LYS P 88 -27.49 -29.79 -23.91
C LYS P 88 -28.63 -30.42 -24.70
N LEU P 89 -29.59 -29.61 -25.15
CA LEU P 89 -30.68 -30.12 -25.96
C LEU P 89 -30.16 -30.73 -27.26
N MET P 90 -29.20 -30.06 -27.90
CA MET P 90 -28.56 -30.65 -29.07
C MET P 90 -27.84 -31.94 -28.72
N VAL P 91 -27.28 -32.02 -27.51
CA VAL P 91 -26.62 -33.25 -27.08
C VAL P 91 -27.62 -34.40 -26.98
N GLU P 92 -28.78 -34.14 -26.38
CA GLU P 92 -29.80 -35.20 -26.33
C GLU P 92 -30.33 -35.51 -27.72
N LEU P 93 -30.39 -34.51 -28.61
CA LEU P 93 -30.71 -34.78 -30.02
C LEU P 93 -29.73 -35.78 -30.62
N SER P 94 -28.44 -35.53 -30.44
CA SER P 94 -27.42 -36.42 -30.98
C SER P 94 -27.52 -37.81 -30.36
N LYS P 95 -27.76 -37.89 -29.05
CA LYS P 95 -27.91 -39.17 -28.39
C LYS P 95 -29.12 -39.93 -28.93
N SER P 96 -30.24 -39.23 -29.14
CA SER P 96 -31.44 -39.88 -29.66
C SER P 96 -31.21 -40.41 -31.07
N GLN P 97 -30.54 -39.62 -31.92
CA GLN P 97 -30.23 -40.10 -33.26
C GLN P 97 -29.27 -41.29 -33.19
N ASP P 98 -28.31 -41.24 -32.27
CA ASP P 98 -27.29 -42.29 -32.20
C ASP P 98 -27.90 -43.61 -31.74
N ASP P 99 -28.66 -43.62 -30.66
CA ASP P 99 -29.24 -44.89 -30.22
C ASP P 99 -30.44 -45.29 -31.05
N GLU P 100 -31.00 -44.36 -31.82
CA GLU P 100 -32.06 -44.68 -32.77
C GLU P 100 -31.51 -45.33 -34.04
N ILE P 101 -30.39 -44.81 -34.56
CA ILE P 101 -29.79 -45.34 -35.78
C ILE P 101 -28.33 -45.72 -35.53
N GLY P 102 -27.51 -44.74 -35.17
CA GLY P 102 -26.10 -44.99 -34.99
C GLY P 102 -25.22 -44.15 -35.90
N ASP P 103 -25.67 -43.95 -37.14
CA ASP P 103 -24.95 -43.15 -38.12
C ASP P 103 -25.79 -41.92 -38.46
N GLY P 104 -25.13 -40.93 -39.04
CA GLY P 104 -25.80 -39.70 -39.39
C GLY P 104 -25.96 -38.71 -38.25
N THR P 105 -25.39 -39.00 -37.08
CA THR P 105 -25.49 -38.07 -35.95
C THR P 105 -24.90 -36.71 -36.29
N THR P 106 -23.90 -36.68 -37.17
CA THR P 106 -23.39 -35.40 -37.66
C THR P 106 -24.43 -34.65 -38.48
N GLY P 107 -25.29 -35.39 -39.20
CA GLY P 107 -26.23 -34.74 -40.10
C GLY P 107 -27.22 -33.85 -39.39
N VAL P 108 -27.75 -34.31 -38.26
CA VAL P 108 -28.75 -33.51 -37.54
C VAL P 108 -28.14 -32.21 -37.04
N VAL P 109 -26.91 -32.27 -36.51
CA VAL P 109 -26.29 -31.07 -35.95
C VAL P 109 -26.05 -30.03 -37.03
N VAL P 110 -25.50 -30.45 -38.16
CA VAL P 110 -25.22 -29.52 -39.24
C VAL P 110 -26.51 -28.97 -39.85
N LEU P 111 -27.51 -29.84 -39.99
CA LEU P 111 -28.80 -29.40 -40.52
C LEU P 111 -29.44 -28.36 -39.62
N ALA P 112 -29.41 -28.60 -38.30
CA ALA P 112 -29.94 -27.61 -37.37
C ALA P 112 -29.12 -26.33 -37.41
N GLY P 113 -27.80 -26.46 -37.57
CA GLY P 113 -26.96 -25.28 -37.67
C GLY P 113 -27.36 -24.40 -38.83
N ALA P 114 -27.58 -25.00 -40.01
CA ALA P 114 -27.96 -24.22 -41.18
C ALA P 114 -29.39 -23.69 -41.07
N LEU P 115 -30.29 -24.49 -40.49
CA LEU P 115 -31.65 -24.03 -40.26
C LEU P 115 -31.63 -22.77 -39.42
N LEU P 116 -30.88 -22.78 -38.32
CA LEU P 116 -30.72 -21.57 -37.51
C LEU P 116 -29.94 -20.50 -38.25
N GLU P 117 -29.05 -20.89 -39.15
CA GLU P 117 -28.30 -19.92 -39.95
C GLU P 117 -29.24 -18.99 -40.69
N GLU P 118 -30.22 -19.56 -41.39
CA GLU P 118 -31.14 -18.67 -42.08
C GLU P 118 -32.28 -18.19 -41.18
N ALA P 119 -32.57 -18.93 -40.10
CA ALA P 119 -33.58 -18.47 -39.15
C ALA P 119 -33.17 -17.16 -38.49
N GLU P 120 -31.88 -16.96 -38.24
CA GLU P 120 -31.48 -15.74 -37.56
C GLU P 120 -31.60 -14.53 -38.47
N GLN P 121 -31.33 -14.68 -39.77
CA GLN P 121 -31.61 -13.58 -40.68
C GLN P 121 -33.11 -13.33 -40.81
N LEU P 122 -33.91 -14.40 -40.84
CA LEU P 122 -35.36 -14.22 -40.87
C LEU P 122 -35.85 -13.49 -39.64
N LEU P 123 -35.25 -13.76 -38.49
CA LEU P 123 -35.59 -13.04 -37.27
C LEU P 123 -35.13 -11.58 -37.34
N ASP P 124 -33.96 -11.34 -37.93
CA ASP P 124 -33.48 -9.98 -38.12
C ASP P 124 -34.41 -9.18 -39.01
N ARG P 125 -35.04 -9.83 -39.99
CA ARG P 125 -36.04 -9.16 -40.82
C ARG P 125 -37.27 -8.76 -40.02
N GLY P 126 -37.44 -9.30 -38.81
CA GLY P 126 -38.59 -8.98 -37.99
C GLY P 126 -39.74 -9.95 -38.17
N ILE P 127 -39.44 -11.24 -38.09
CA ILE P 127 -40.44 -12.29 -38.26
C ILE P 127 -40.55 -13.06 -36.95
N HIS P 128 -41.78 -13.19 -36.45
CA HIS P 128 -41.97 -13.86 -35.18
C HIS P 128 -41.83 -15.38 -35.36
N PRO P 129 -41.27 -16.07 -34.37
CA PRO P 129 -40.89 -17.48 -34.59
C PRO P 129 -42.04 -18.44 -34.89
N ILE P 130 -43.29 -18.08 -34.60
CA ILE P 130 -44.38 -19.04 -34.76
C ILE P 130 -44.54 -19.44 -36.23
N ARG P 131 -44.64 -18.44 -37.11
CA ARG P 131 -44.81 -18.75 -38.52
C ARG P 131 -43.58 -19.41 -39.12
N ILE P 132 -42.39 -19.04 -38.63
CA ILE P 132 -41.18 -19.72 -39.07
C ILE P 132 -41.24 -21.20 -38.72
N ALA P 133 -41.66 -21.52 -37.49
CA ALA P 133 -41.77 -22.90 -37.07
C ALA P 133 -42.80 -23.66 -37.89
N ASP P 134 -43.95 -23.02 -38.16
CA ASP P 134 -44.98 -23.69 -38.97
C ASP P 134 -44.48 -23.97 -40.37
N GLY P 135 -43.83 -23.00 -41.00
CA GLY P 135 -43.26 -23.22 -42.32
C GLY P 135 -42.20 -24.30 -42.31
N TYR P 136 -41.39 -24.33 -41.26
CA TYR P 136 -40.35 -25.35 -41.14
C TYR P 136 -40.96 -26.74 -41.01
N GLU P 137 -42.07 -26.86 -40.26
CA GLU P 137 -42.72 -28.16 -40.14
C GLU P 137 -43.34 -28.60 -41.45
N GLN P 138 -43.98 -27.67 -42.18
CA GLN P 138 -44.47 -27.99 -43.51
C GLN P 138 -43.34 -28.45 -44.42
N ALA P 139 -42.20 -27.76 -44.35
CA ALA P 139 -41.04 -28.13 -45.15
C ALA P 139 -40.52 -29.51 -44.78
N ALA P 140 -40.51 -29.82 -43.48
CA ALA P 140 -40.07 -31.15 -43.05
C ALA P 140 -40.99 -32.23 -43.59
N ARG P 141 -42.31 -31.97 -43.58
CA ARG P 141 -43.24 -32.93 -44.17
C ARG P 141 -42.95 -33.12 -45.66
N VAL P 142 -42.67 -32.04 -46.37
CA VAL P 142 -42.34 -32.14 -47.79
C VAL P 142 -41.07 -32.98 -47.99
N ALA P 143 -40.05 -32.73 -47.18
CA ALA P 143 -38.80 -33.47 -47.30
C ALA P 143 -38.99 -34.95 -47.01
N ILE P 144 -39.78 -35.27 -45.99
CA ILE P 144 -40.05 -36.67 -45.67
C ILE P 144 -40.80 -37.34 -46.80
N GLU P 145 -41.75 -36.62 -47.42
CA GLU P 145 -42.47 -37.19 -48.56
C GLU P 145 -41.51 -37.47 -49.72
N HIS P 146 -40.59 -36.55 -49.99
CA HIS P 146 -39.59 -36.79 -51.03
C HIS P 146 -38.74 -38.00 -50.71
N LEU P 147 -38.31 -38.13 -49.45
CA LEU P 147 -37.50 -39.26 -49.03
C LEU P 147 -38.24 -40.58 -49.24
N ASP P 148 -39.52 -40.61 -48.89
CA ASP P 148 -40.34 -41.80 -49.15
C ASP P 148 -40.45 -42.07 -50.64
N LYS P 149 -40.57 -41.02 -51.45
CA LYS P 149 -40.72 -41.20 -52.89
C LYS P 149 -39.48 -41.81 -53.51
N ILE P 150 -38.29 -41.42 -53.05
CA ILE P 150 -37.06 -41.82 -53.73
C ILE P 150 -36.41 -43.03 -53.04
N SER P 151 -37.21 -43.81 -52.33
CA SER P 151 -36.70 -44.98 -51.63
C SER P 151 -36.36 -46.12 -52.58
N ASP P 152 -35.42 -46.96 -52.16
CA ASP P 152 -35.02 -48.16 -52.89
C ASP P 152 -34.43 -49.15 -51.90
N SER P 153 -34.93 -50.39 -51.91
CA SER P 153 -34.56 -51.39 -50.92
C SER P 153 -34.00 -52.63 -51.58
N VAL P 154 -33.14 -53.33 -50.84
CA VAL P 154 -32.53 -54.58 -51.30
C VAL P 154 -32.57 -55.60 -50.17
N LEU P 155 -32.00 -56.79 -50.40
CA LEU P 155 -31.97 -57.85 -49.42
C LEU P 155 -30.88 -57.61 -48.38
N VAL P 156 -31.18 -57.99 -47.14
CA VAL P 156 -30.32 -57.66 -46.00
C VAL P 156 -30.03 -58.91 -45.17
N ASP P 157 -30.84 -59.95 -45.35
CA ASP P 157 -30.88 -61.07 -44.43
C ASP P 157 -29.50 -61.74 -44.28
N ILE P 158 -29.40 -62.59 -43.27
CA ILE P 158 -28.11 -63.15 -42.84
C ILE P 158 -27.44 -63.93 -43.96
N LYS P 159 -28.22 -64.53 -44.87
CA LYS P 159 -27.64 -65.39 -45.88
C LYS P 159 -26.80 -64.61 -46.89
N ASP P 160 -27.20 -63.38 -47.21
CA ASP P 160 -26.48 -62.55 -48.16
C ASP P 160 -26.06 -61.25 -47.47
N THR P 161 -24.75 -61.00 -47.41
CA THR P 161 -24.24 -59.80 -46.76
C THR P 161 -23.25 -59.04 -47.64
N GLU P 162 -23.20 -59.35 -48.94
CA GLU P 162 -22.37 -58.55 -49.84
C GLU P 162 -22.82 -57.10 -49.90
N PRO P 163 -24.11 -56.77 -50.08
CA PRO P 163 -24.53 -55.37 -49.90
C PRO P 163 -24.25 -54.86 -48.50
N LEU P 164 -24.36 -55.72 -47.49
CA LEU P 164 -23.99 -55.31 -46.14
C LEU P 164 -22.50 -54.99 -46.06
N ILE P 165 -21.66 -55.79 -46.73
CA ILE P 165 -20.23 -55.52 -46.73
C ILE P 165 -19.94 -54.19 -47.42
N GLN P 166 -20.60 -53.92 -48.55
CA GLN P 166 -20.41 -52.64 -49.22
C GLN P 166 -20.86 -51.47 -48.36
N THR P 167 -22.01 -51.62 -47.68
CA THR P 167 -22.50 -50.57 -46.81
C THR P 167 -21.54 -50.30 -45.65
N ALA P 168 -21.02 -51.37 -45.05
CA ALA P 168 -20.06 -51.20 -43.96
C ALA P 168 -18.79 -50.53 -44.44
N LYS P 169 -18.29 -50.92 -45.61
CA LYS P 169 -17.09 -50.29 -46.16
C LYS P 169 -17.33 -48.82 -46.44
N THR P 170 -18.50 -48.49 -47.01
CA THR P 170 -18.85 -47.09 -47.25
C THR P 170 -18.90 -46.30 -45.95
N THR P 171 -19.52 -46.88 -44.91
CA THR P 171 -19.63 -46.19 -43.64
C THR P 171 -18.27 -45.97 -43.00
N LEU P 172 -17.39 -46.97 -43.09
CA LEU P 172 -16.06 -46.86 -42.49
C LEU P 172 -15.08 -46.07 -43.36
N GLY P 173 -15.45 -45.75 -44.59
CA GLY P 173 -14.59 -44.90 -45.41
C GLY P 173 -14.35 -43.55 -44.78
N SER P 174 -15.36 -42.99 -44.11
CA SER P 174 -15.18 -41.72 -43.42
C SER P 174 -14.23 -41.82 -42.24
N LYS P 175 -13.97 -43.03 -41.75
CA LYS P 175 -13.06 -43.23 -40.65
C LYS P 175 -11.66 -43.57 -41.17
N VAL P 176 -10.66 -43.33 -40.32
CA VAL P 176 -9.27 -43.53 -40.70
C VAL P 176 -8.96 -45.00 -41.00
N VAL P 177 -9.84 -45.91 -40.58
CA VAL P 177 -9.60 -47.34 -40.71
C VAL P 177 -9.85 -47.81 -42.15
N ASN P 178 -10.12 -46.85 -43.04
CA ASN P 178 -10.50 -47.17 -44.42
C ASN P 178 -9.40 -47.86 -45.21
N SER P 179 -8.26 -48.14 -44.57
CA SER P 179 -7.17 -48.83 -45.26
C SER P 179 -7.55 -50.28 -45.61
N CYS P 180 -8.14 -51.00 -44.65
CA CYS P 180 -8.49 -52.40 -44.87
C CYS P 180 -10.00 -52.58 -44.77
N HIS P 181 -10.74 -51.68 -45.44
CA HIS P 181 -12.20 -51.63 -45.32
C HIS P 181 -12.82 -52.99 -45.57
N ARG P 182 -12.33 -53.73 -46.57
CA ARG P 182 -12.87 -55.05 -46.85
C ARG P 182 -12.66 -56.00 -45.67
N GLN P 183 -11.46 -55.99 -45.08
CA GLN P 183 -11.18 -56.89 -43.97
C GLN P 183 -12.05 -56.58 -42.76
N MET P 184 -12.14 -55.29 -42.40
CA MET P 184 -12.99 -54.94 -41.26
C MET P 184 -14.46 -55.21 -41.54
N ALA P 185 -14.92 -54.97 -42.77
CA ALA P 185 -16.31 -55.29 -43.10
C ALA P 185 -16.58 -56.78 -42.94
N GLU P 186 -15.68 -57.62 -43.45
CA GLU P 186 -15.87 -59.06 -43.35
C GLU P 186 -15.86 -59.53 -41.90
N ILE P 187 -14.90 -59.05 -41.11
CA ILE P 187 -14.82 -59.51 -39.72
C ILE P 187 -16.01 -58.99 -38.91
N ALA P 188 -16.46 -57.77 -39.19
CA ALA P 188 -17.60 -57.22 -38.48
C ALA P 188 -18.87 -57.98 -38.82
N VAL P 189 -19.08 -58.31 -40.09
CA VAL P 189 -20.28 -59.06 -40.44
C VAL P 189 -20.22 -60.47 -39.87
N ASN P 190 -19.02 -61.07 -39.84
CA ASN P 190 -18.89 -62.38 -39.20
C ASN P 190 -19.21 -62.30 -37.71
N ALA P 191 -18.74 -61.25 -37.05
CA ALA P 191 -19.03 -61.08 -35.62
C ALA P 191 -20.52 -60.90 -35.38
N VAL P 192 -21.19 -60.06 -36.19
CA VAL P 192 -22.59 -59.79 -35.94
C VAL P 192 -23.46 -61.01 -36.26
N LEU P 193 -23.07 -61.80 -37.27
CA LEU P 193 -23.83 -62.99 -37.62
C LEU P 193 -23.42 -64.22 -36.81
N THR P 194 -22.36 -64.14 -36.01
CA THR P 194 -22.00 -65.25 -35.15
C THR P 194 -23.13 -65.57 -34.17
N VAL P 195 -23.64 -64.54 -33.49
CA VAL P 195 -24.83 -64.66 -32.67
C VAL P 195 -25.77 -63.51 -33.06
N ALA P 196 -27.00 -63.85 -33.41
CA ALA P 196 -27.97 -62.85 -33.85
C ALA P 196 -29.35 -63.49 -33.87
N ASP P 197 -30.37 -62.63 -33.78
CA ASP P 197 -31.76 -63.05 -33.92
C ASP P 197 -32.36 -62.33 -35.12
N MET P 198 -32.90 -63.12 -36.06
CA MET P 198 -33.41 -62.58 -37.31
C MET P 198 -34.91 -62.31 -37.27
N GLU P 199 -35.58 -62.61 -36.16
CA GLU P 199 -37.02 -62.38 -36.06
C GLU P 199 -37.32 -61.00 -35.47
N ARG P 200 -36.69 -59.98 -36.06
CA ARG P 200 -36.86 -58.59 -35.67
C ARG P 200 -36.62 -58.39 -34.17
N ARG P 201 -35.58 -59.03 -33.66
CA ARG P 201 -35.22 -58.92 -32.26
C ARG P 201 -33.81 -58.35 -32.12
N ASP P 202 -33.51 -57.90 -30.90
CA ASP P 202 -32.20 -57.33 -30.61
C ASP P 202 -31.12 -58.40 -30.60
N VAL P 203 -29.92 -58.00 -31.01
CA VAL P 203 -28.74 -58.87 -30.94
C VAL P 203 -28.00 -58.54 -29.65
N ASP P 204 -27.61 -59.58 -28.92
CA ASP P 204 -27.05 -59.39 -27.58
C ASP P 204 -25.68 -58.75 -27.65
N PHE P 205 -25.64 -57.42 -27.55
CA PHE P 205 -24.37 -56.70 -27.53
C PHE P 205 -23.66 -56.84 -26.20
N GLU P 206 -24.36 -57.25 -25.14
CA GLU P 206 -23.70 -57.63 -23.90
C GLU P 206 -22.71 -58.77 -24.14
N LEU P 207 -23.02 -59.66 -25.07
CA LEU P 207 -22.17 -60.80 -25.37
C LEU P 207 -21.20 -60.53 -26.51
N ILE P 208 -21.27 -59.37 -27.15
CA ILE P 208 -20.36 -59.00 -28.23
C ILE P 208 -19.61 -57.76 -27.78
N LYS P 209 -18.37 -57.95 -27.32
CA LYS P 209 -17.54 -56.87 -26.84
C LYS P 209 -16.38 -56.62 -27.80
N VAL P 210 -16.15 -55.35 -28.11
CA VAL P 210 -15.07 -54.95 -29.00
C VAL P 210 -13.88 -54.58 -28.11
N GLU P 211 -12.94 -55.51 -27.96
CA GLU P 211 -11.78 -55.31 -27.11
C GLU P 211 -10.53 -55.81 -27.82
N GLY P 212 -9.42 -55.15 -27.55
CA GLY P 212 -8.15 -55.53 -28.16
C GLY P 212 -6.99 -54.97 -27.36
N LYS P 213 -5.79 -55.32 -27.79
CA LYS P 213 -4.56 -54.86 -27.16
C LYS P 213 -3.66 -54.20 -28.20
N VAL P 214 -2.89 -53.22 -27.72
CA VAL P 214 -2.01 -52.45 -28.58
C VAL P 214 -0.86 -53.32 -29.06
N GLY P 215 -0.32 -52.98 -30.22
CA GLY P 215 0.78 -53.74 -30.79
C GLY P 215 0.47 -54.32 -32.15
N GLY P 216 1.47 -54.91 -32.80
CA GLY P 216 1.25 -55.54 -34.08
C GLY P 216 0.91 -54.53 -35.18
N ARG P 217 0.11 -54.99 -36.13
CA ARG P 217 -0.26 -54.19 -37.29
C ARG P 217 -1.77 -54.17 -37.44
N LEU P 218 -2.27 -53.16 -38.16
CA LEU P 218 -3.70 -52.95 -38.26
C LEU P 218 -4.39 -54.12 -38.95
N GLU P 219 -3.77 -54.67 -40.00
CA GLU P 219 -4.38 -55.79 -40.73
C GLU P 219 -4.45 -57.06 -39.89
N ASP P 220 -3.75 -57.12 -38.75
CA ASP P 220 -3.82 -58.29 -37.89
C ASP P 220 -5.14 -58.36 -37.11
N THR P 221 -5.98 -57.33 -37.19
CA THR P 221 -7.27 -57.32 -36.53
C THR P 221 -8.10 -58.52 -36.98
N LYS P 222 -8.42 -59.41 -36.05
CA LYS P 222 -9.09 -60.67 -36.38
C LYS P 222 -10.19 -60.95 -35.36
N LEU P 223 -11.12 -61.80 -35.77
CA LEU P 223 -12.28 -62.15 -34.95
C LEU P 223 -11.98 -63.36 -34.08
N ILE P 224 -12.33 -63.26 -32.80
CA ILE P 224 -12.16 -64.35 -31.85
C ILE P 224 -13.54 -64.75 -31.36
N LYS P 225 -14.08 -65.86 -31.89
CA LYS P 225 -15.41 -66.33 -31.53
C LYS P 225 -15.35 -67.00 -30.15
N GLY P 226 -15.25 -66.16 -29.12
CA GLY P 226 -15.18 -66.64 -27.76
C GLY P 226 -15.09 -65.55 -26.70
N VAL P 227 -14.35 -65.82 -25.64
CA VAL P 227 -14.24 -64.92 -24.49
C VAL P 227 -12.77 -64.63 -24.22
N ILE P 228 -12.48 -63.36 -23.90
CA ILE P 228 -11.13 -62.92 -23.59
C ILE P 228 -11.00 -62.76 -22.08
N VAL P 229 -10.03 -63.43 -21.49
CA VAL P 229 -9.79 -63.40 -20.05
C VAL P 229 -8.43 -62.74 -19.81
N ASP P 230 -8.43 -61.67 -19.01
CA ASP P 230 -7.19 -60.94 -18.76
C ASP P 230 -6.25 -61.67 -17.81
N LYS P 231 -6.79 -62.41 -16.84
CA LYS P 231 -5.98 -62.98 -15.78
C LYS P 231 -5.17 -64.17 -16.29
N ASP P 232 -4.17 -64.57 -15.52
CA ASP P 232 -3.27 -65.65 -15.86
C ASP P 232 -3.08 -66.56 -14.66
N PHE P 233 -2.45 -67.71 -14.91
CA PHE P 233 -2.22 -68.69 -13.85
C PHE P 233 -1.20 -68.19 -12.84
N SER P 234 -1.43 -68.54 -11.57
CA SER P 234 -0.58 -68.06 -10.50
C SER P 234 0.75 -68.81 -10.41
N HIS P 235 0.77 -70.09 -10.74
CA HIS P 235 2.00 -70.83 -10.51
C HIS P 235 2.87 -70.86 -11.76
N PRO P 236 4.19 -70.78 -11.59
CA PRO P 236 5.09 -70.88 -12.76
C PRO P 236 5.02 -72.21 -13.46
N GLN P 237 5.23 -73.31 -12.74
CA GLN P 237 5.22 -74.65 -13.33
C GLN P 237 3.82 -75.08 -13.75
N MET P 238 2.80 -74.34 -13.38
CA MET P 238 1.42 -74.68 -13.71
C MET P 238 1.25 -74.67 -15.23
N PRO P 239 0.56 -75.66 -15.81
CA PRO P 239 0.39 -75.68 -17.26
C PRO P 239 -0.37 -74.46 -17.76
N LYS P 240 0.00 -74.01 -18.97
CA LYS P 240 -0.58 -72.82 -19.57
C LYS P 240 -1.63 -73.14 -20.62
N LYS P 241 -1.64 -74.36 -21.15
CA LYS P 241 -2.55 -74.72 -22.24
C LYS P 241 -3.39 -75.92 -21.84
N VAL P 242 -4.71 -75.74 -21.88
CA VAL P 242 -5.67 -76.80 -21.61
C VAL P 242 -6.72 -76.80 -22.71
N GLU P 243 -7.03 -77.99 -23.23
CA GLU P 243 -8.02 -78.14 -24.28
C GLU P 243 -9.23 -78.90 -23.75
N ASP P 244 -10.39 -78.62 -24.35
CA ASP P 244 -11.66 -79.23 -23.94
C ASP P 244 -11.93 -79.00 -22.45
N ALA P 245 -11.65 -77.78 -22.01
CA ALA P 245 -11.77 -77.43 -20.60
C ALA P 245 -13.23 -77.29 -20.18
N LYS P 246 -13.49 -77.54 -18.91
CA LYS P 246 -14.81 -77.35 -18.31
C LYS P 246 -14.73 -76.24 -17.27
N ILE P 247 -15.63 -75.26 -17.39
CA ILE P 247 -15.61 -74.10 -16.52
C ILE P 247 -16.34 -74.42 -15.23
N ALA P 248 -15.66 -74.24 -14.10
CA ALA P 248 -16.24 -74.44 -12.77
C ALA P 248 -16.53 -73.07 -12.18
N ILE P 249 -17.80 -72.66 -12.27
CA ILE P 249 -18.20 -71.36 -11.74
C ILE P 249 -18.10 -71.39 -10.22
N LEU P 250 -17.33 -70.46 -9.66
CA LEU P 250 -17.12 -70.37 -8.22
C LEU P 250 -17.38 -68.94 -7.77
N THR P 251 -18.27 -68.79 -6.79
CA THR P 251 -18.62 -67.49 -6.24
C THR P 251 -18.24 -67.36 -4.78
N CYS P 252 -17.37 -68.24 -4.28
CA CYS P 252 -16.94 -68.23 -2.89
C CYS P 252 -15.42 -68.35 -2.81
N PRO P 253 -14.80 -67.70 -1.84
CA PRO P 253 -13.35 -67.85 -1.66
C PRO P 253 -13.01 -69.24 -1.15
N PHE P 254 -11.76 -69.65 -1.40
CA PHE P 254 -11.30 -70.94 -0.93
C PHE P 254 -10.85 -70.87 0.52
N GLU P 255 -11.71 -70.31 1.37
CA GLU P 255 -11.49 -70.19 2.80
C GLU P 255 -12.80 -70.46 3.52
N PRO P 256 -12.75 -70.94 4.76
CA PRO P 256 -13.99 -71.17 5.52
C PRO P 256 -14.78 -69.89 5.67
N PRO P 257 -16.03 -69.87 5.23
CA PRO P 257 -16.85 -68.66 5.36
C PRO P 257 -17.04 -68.27 6.82
N LYS P 258 -17.08 -66.95 7.07
CA LYS P 258 -17.23 -66.39 8.40
C LYS P 258 -18.67 -65.96 8.64
N PRO P 259 -19.13 -66.02 9.89
CA PRO P 259 -20.49 -65.54 10.19
C PRO P 259 -20.64 -64.06 9.87
N LYS P 260 -21.81 -63.69 9.37
CA LYS P 260 -22.05 -62.30 9.01
C LYS P 260 -22.12 -61.41 10.24
N THR P 261 -22.89 -61.81 11.24
CA THR P 261 -23.01 -61.02 12.47
C THR P 261 -21.74 -61.17 13.31
N LYS P 262 -21.45 -60.13 14.10
CA LYS P 262 -20.30 -60.17 14.99
C LYS P 262 -20.38 -61.37 15.91
N HIS P 263 -19.27 -62.09 16.04
CA HIS P 263 -19.22 -63.33 16.80
C HIS P 263 -17.96 -63.38 17.62
N LYS P 264 -18.02 -64.11 18.74
CA LYS P 264 -16.88 -64.30 19.61
C LYS P 264 -16.74 -65.78 19.94
N LEU P 265 -15.52 -66.30 19.82
CA LEU P 265 -15.23 -67.69 20.15
C LEU P 265 -14.15 -67.72 21.22
N ASP P 266 -14.41 -68.44 22.30
CA ASP P 266 -13.51 -68.45 23.46
C ASP P 266 -12.61 -69.68 23.39
N VAL P 267 -11.32 -69.45 23.14
CA VAL P 267 -10.31 -70.49 23.16
C VAL P 267 -9.45 -70.25 24.38
N THR P 268 -9.48 -71.20 25.33
CA THR P 268 -8.87 -70.99 26.64
C THR P 268 -7.75 -71.96 26.96
N SER P 269 -7.87 -73.23 26.60
CA SER P 269 -6.92 -74.26 26.97
C SER P 269 -6.14 -74.74 25.76
N VAL P 270 -5.14 -75.59 26.05
CA VAL P 270 -4.36 -76.22 24.98
C VAL P 270 -5.26 -77.08 24.11
N GLU P 271 -6.19 -77.80 24.74
CA GLU P 271 -7.11 -78.65 23.98
C GLU P 271 -7.95 -77.82 23.02
N ASP P 272 -8.42 -76.65 23.47
CA ASP P 272 -9.20 -75.78 22.59
C ASP P 272 -8.38 -75.32 21.39
N TYR P 273 -7.12 -74.94 21.63
CA TYR P 273 -6.27 -74.47 20.55
C TYR P 273 -6.02 -75.57 19.52
N LYS P 274 -5.68 -76.78 19.99
CA LYS P 274 -5.44 -77.89 19.08
C LYS P 274 -6.72 -78.28 18.36
N ALA P 275 -7.86 -78.24 19.05
CA ALA P 275 -9.13 -78.57 18.42
C ALA P 275 -9.47 -77.58 17.30
N LEU P 276 -9.25 -76.28 17.55
CA LEU P 276 -9.49 -75.30 16.51
C LEU P 276 -8.55 -75.51 15.33
N GLN P 277 -7.28 -75.81 15.61
CA GLN P 277 -6.32 -76.06 14.52
C GLN P 277 -6.76 -77.24 13.66
N LYS P 278 -7.16 -78.35 14.30
CA LYS P 278 -7.54 -79.53 13.52
C LYS P 278 -8.88 -79.32 12.83
N TYR P 279 -9.80 -78.57 13.43
CA TYR P 279 -11.04 -78.23 12.74
C TYR P 279 -10.77 -77.43 11.49
N GLU P 280 -9.87 -76.44 11.58
CA GLU P 280 -9.54 -75.63 10.40
C GLU P 280 -8.85 -76.48 9.33
N LYS P 281 -7.95 -77.36 9.74
CA LYS P 281 -7.27 -78.24 8.80
C LYS P 281 -8.26 -79.16 8.09
N GLU P 282 -9.19 -79.75 8.84
CA GLU P 282 -10.17 -80.63 8.21
C GLU P 282 -11.16 -79.84 7.35
N LYS P 283 -11.39 -78.56 7.67
CA LYS P 283 -12.20 -77.74 6.78
C LYS P 283 -11.50 -77.51 5.44
N PHE P 284 -10.19 -77.22 5.47
CA PHE P 284 -9.45 -77.15 4.20
C PHE P 284 -9.49 -78.48 3.46
N GLU P 285 -9.36 -79.59 4.18
CA GLU P 285 -9.40 -80.90 3.52
C GLU P 285 -10.75 -81.14 2.87
N GLU P 286 -11.85 -80.84 3.57
CA GLU P 286 -13.18 -81.00 3.00
C GLU P 286 -13.35 -80.12 1.78
N MET P 287 -12.87 -78.88 1.85
CA MET P 287 -13.02 -77.96 0.73
C MET P 287 -12.25 -78.44 -0.50
N ILE P 288 -11.01 -78.91 -0.30
CA ILE P 288 -10.20 -79.33 -1.45
C ILE P 288 -10.76 -80.60 -2.06
N GLN P 289 -11.22 -81.55 -1.24
CA GLN P 289 -11.87 -82.73 -1.80
C GLN P 289 -13.17 -82.37 -2.52
N GLN P 290 -13.95 -81.42 -1.99
CA GLN P 290 -15.15 -80.99 -2.69
C GLN P 290 -14.83 -80.36 -4.03
N ILE P 291 -13.76 -79.55 -4.08
CA ILE P 291 -13.33 -78.95 -5.35
C ILE P 291 -12.92 -80.03 -6.34
N LYS P 292 -12.15 -81.02 -5.87
CA LYS P 292 -11.68 -82.07 -6.78
C LYS P 292 -12.78 -83.05 -7.18
N GLU P 293 -13.89 -83.09 -6.41
CA GLU P 293 -14.96 -84.03 -6.74
C GLU P 293 -15.55 -83.76 -8.11
N THR P 294 -15.75 -82.49 -8.46
CA THR P 294 -16.36 -82.18 -9.75
C THR P 294 -15.46 -82.57 -10.92
N GLY P 295 -14.15 -82.56 -10.72
CA GLY P 295 -13.23 -82.92 -11.79
C GLY P 295 -13.19 -81.95 -12.94
N ALA P 296 -13.54 -80.69 -12.71
CA ALA P 296 -13.52 -79.68 -13.77
C ALA P 296 -12.08 -79.35 -14.17
N ASN P 297 -11.93 -78.92 -15.41
CA ASN P 297 -10.61 -78.54 -15.90
C ASN P 297 -10.20 -77.15 -15.38
N LEU P 298 -11.00 -76.13 -15.71
CA LEU P 298 -10.70 -74.76 -15.34
C LEU P 298 -11.69 -74.30 -14.27
N ALA P 299 -11.16 -73.79 -13.16
CA ALA P 299 -11.96 -73.24 -12.08
C ALA P 299 -11.74 -71.73 -12.03
N ILE P 300 -12.81 -70.97 -12.01
CA ILE P 300 -12.75 -69.52 -12.05
C ILE P 300 -13.21 -69.00 -10.69
N CYS P 301 -12.30 -68.42 -9.93
CA CYS P 301 -12.59 -67.94 -8.59
C CYS P 301 -12.77 -66.42 -8.59
N GLN P 302 -13.93 -65.96 -8.12
CA GLN P 302 -14.16 -64.53 -8.00
C GLN P 302 -13.38 -63.93 -6.83
N TRP P 303 -13.37 -64.62 -5.69
CA TRP P 303 -12.74 -64.12 -4.48
C TRP P 303 -11.36 -64.71 -4.25
N GLY P 304 -10.84 -65.47 -5.21
CA GLY P 304 -9.48 -65.96 -5.13
C GLY P 304 -9.29 -67.08 -4.12
N PHE P 305 -8.02 -67.32 -3.80
CA PHE P 305 -7.63 -68.38 -2.88
C PHE P 305 -6.28 -68.02 -2.26
N ASP P 306 -5.96 -68.69 -1.15
CA ASP P 306 -4.73 -68.45 -0.42
C ASP P 306 -3.64 -69.40 -0.90
N ASP P 307 -2.49 -69.35 -0.21
CA ASP P 307 -1.34 -70.12 -0.63
C ASP P 307 -1.58 -71.62 -0.50
N GLU P 308 -2.23 -72.05 0.59
CA GLU P 308 -2.49 -73.48 0.78
C GLU P 308 -3.40 -74.02 -0.32
N ALA P 309 -4.45 -73.27 -0.66
CA ALA P 309 -5.32 -73.68 -1.75
C ALA P 309 -4.57 -73.70 -3.07
N ASN P 310 -3.67 -72.75 -3.28
CA ASN P 310 -2.86 -72.73 -4.50
C ASN P 310 -2.01 -73.99 -4.61
N HIS P 311 -1.35 -74.37 -3.51
CA HIS P 311 -0.53 -75.58 -3.54
C HIS P 311 -1.38 -76.83 -3.73
N LEU P 312 -2.56 -76.88 -3.10
CA LEU P 312 -3.43 -78.03 -3.27
C LEU P 312 -3.92 -78.15 -4.71
N LEU P 313 -4.23 -77.02 -5.34
CA LEU P 313 -4.61 -77.04 -6.75
C LEU P 313 -3.43 -77.44 -7.64
N LEU P 314 -2.23 -77.01 -7.26
CA LEU P 314 -1.03 -77.38 -8.02
C LEU P 314 -0.80 -78.90 -7.97
N GLN P 315 -0.92 -79.48 -6.77
CA GLN P 315 -0.73 -80.92 -6.64
C GLN P 315 -1.82 -81.68 -7.40
N ASN P 316 -3.06 -81.22 -7.32
CA ASN P 316 -4.15 -81.82 -8.08
C ASN P 316 -4.04 -81.55 -9.58
N ASN P 317 -3.17 -80.63 -9.99
CA ASN P 317 -2.98 -80.27 -11.40
C ASN P 317 -4.29 -79.85 -12.05
N LEU P 318 -5.08 -79.08 -11.29
CA LEU P 318 -6.35 -78.55 -11.79
C LEU P 318 -6.18 -77.07 -12.08
N PRO P 319 -6.17 -76.65 -13.35
CA PRO P 319 -6.01 -75.23 -13.65
C PRO P 319 -7.11 -74.38 -13.04
N ALA P 320 -6.71 -73.23 -12.49
CA ALA P 320 -7.64 -72.33 -11.83
C ALA P 320 -7.07 -70.92 -11.83
N VAL P 321 -7.96 -69.93 -11.77
CA VAL P 321 -7.59 -68.53 -11.74
C VAL P 321 -8.28 -67.88 -10.54
N ARG P 322 -7.82 -66.67 -10.20
CA ARG P 322 -8.28 -65.99 -9.01
C ARG P 322 -8.64 -64.54 -9.32
N TRP P 323 -9.60 -64.00 -8.55
CA TRP P 323 -9.96 -62.59 -8.57
C TRP P 323 -10.39 -62.14 -9.97
N VAL P 324 -11.49 -62.72 -10.42
CA VAL P 324 -12.08 -62.42 -11.73
C VAL P 324 -13.34 -61.61 -11.54
N GLY P 325 -13.51 -60.57 -12.37
CA GLY P 325 -14.64 -59.67 -12.21
C GLY P 325 -15.96 -60.35 -12.49
N GLY P 326 -17.00 -59.86 -11.80
CA GLY P 326 -18.34 -60.43 -11.88
C GLY P 326 -18.98 -60.43 -13.26
N PRO P 327 -18.94 -59.27 -13.95
CA PRO P 327 -19.45 -59.27 -15.33
C PRO P 327 -18.74 -60.27 -16.23
N GLU P 328 -17.43 -60.44 -16.05
CA GLU P 328 -16.71 -61.45 -16.81
C GLU P 328 -17.20 -62.86 -16.46
N ILE P 329 -17.53 -63.09 -15.19
CA ILE P 329 -18.10 -64.37 -14.78
C ILE P 329 -19.43 -64.61 -15.48
N GLU P 330 -20.28 -63.57 -15.51
CA GLU P 330 -21.56 -63.72 -16.20
C GLU P 330 -21.37 -64.01 -17.69
N LEU P 331 -20.43 -63.31 -18.32
CA LEU P 331 -20.17 -63.52 -19.74
C LEU P 331 -19.69 -64.93 -20.01
N ILE P 332 -18.74 -65.41 -19.21
CA ILE P 332 -18.19 -66.75 -19.44
C ILE P 332 -19.24 -67.82 -19.13
N ALA P 333 -20.08 -67.59 -18.12
CA ALA P 333 -21.13 -68.55 -17.81
C ALA P 333 -22.15 -68.62 -18.95
N ILE P 334 -22.50 -67.47 -19.53
CA ILE P 334 -23.45 -67.48 -20.64
C ILE P 334 -22.83 -68.15 -21.87
N ALA P 335 -21.57 -67.81 -22.18
CA ALA P 335 -20.93 -68.36 -23.37
C ALA P 335 -20.74 -69.87 -23.25
N THR P 336 -20.34 -70.34 -22.07
CA THR P 336 -20.11 -71.76 -21.86
C THR P 336 -21.35 -72.50 -21.37
N GLY P 337 -22.45 -71.79 -21.14
CA GLY P 337 -23.65 -72.44 -20.65
C GLY P 337 -23.58 -72.90 -19.21
N GLY P 338 -22.72 -72.29 -18.40
CA GLY P 338 -22.56 -72.71 -17.03
C GLY P 338 -23.74 -72.29 -16.16
N ARG P 339 -23.74 -72.80 -14.94
CA ARG P 339 -24.79 -72.55 -13.96
C ARG P 339 -24.22 -71.87 -12.73
N ILE P 340 -25.11 -71.17 -11.99
CA ILE P 340 -24.68 -70.45 -10.80
C ILE P 340 -24.36 -71.43 -9.69
N VAL P 341 -23.21 -71.24 -9.06
CA VAL P 341 -22.78 -72.06 -7.92
C VAL P 341 -22.52 -71.15 -6.73
N PRO P 342 -23.33 -71.19 -5.68
CA PRO P 342 -23.09 -70.32 -4.53
C PRO P 342 -21.84 -70.70 -3.74
N ARG P 343 -21.68 -71.99 -3.46
CA ARG P 343 -20.54 -72.48 -2.70
C ARG P 343 -20.42 -73.98 -2.95
N PHE P 344 -19.58 -74.65 -2.15
CA PHE P 344 -19.36 -76.07 -2.31
C PHE P 344 -20.60 -76.92 -2.07
N SER P 345 -21.64 -76.35 -1.45
CA SER P 345 -22.87 -77.11 -1.23
C SER P 345 -23.52 -77.53 -2.54
N GLU P 346 -23.55 -76.62 -3.51
CA GLU P 346 -24.17 -76.88 -4.81
C GLU P 346 -23.13 -77.06 -5.91
N LEU P 347 -21.92 -77.47 -5.54
CA LEU P 347 -20.84 -77.70 -6.49
C LEU P 347 -20.88 -79.14 -6.98
N THR P 348 -21.06 -79.33 -8.28
CA THR P 348 -21.12 -80.66 -8.87
C THR P 348 -20.68 -80.58 -10.32
N ALA P 349 -20.39 -81.75 -10.90
CA ALA P 349 -19.92 -81.82 -12.27
C ALA P 349 -21.03 -81.58 -13.29
N GLU P 350 -22.29 -81.52 -12.87
CA GLU P 350 -23.40 -81.35 -13.79
C GLU P 350 -23.75 -79.88 -14.03
N LYS P 351 -23.09 -78.95 -13.36
CA LYS P 351 -23.37 -77.52 -13.49
C LYS P 351 -22.15 -76.76 -14.01
N LEU P 352 -21.40 -77.37 -14.92
CA LEU P 352 -20.14 -76.82 -15.41
C LEU P 352 -20.28 -76.42 -16.87
N GLY P 353 -19.88 -75.20 -17.19
CA GLY P 353 -19.80 -74.78 -18.57
C GLY P 353 -18.61 -75.38 -19.29
N PHE P 354 -18.66 -75.33 -20.62
CA PHE P 354 -17.62 -75.92 -21.46
C PHE P 354 -16.97 -74.84 -22.31
N ALA P 355 -15.64 -74.81 -22.30
CA ALA P 355 -14.85 -73.92 -23.14
C ALA P 355 -14.09 -74.75 -24.16
N GLY P 356 -14.26 -74.44 -25.43
CA GLY P 356 -13.66 -75.26 -26.48
C GLY P 356 -12.14 -75.24 -26.46
N LEU P 357 -11.55 -74.05 -26.35
CA LEU P 357 -10.10 -73.91 -26.38
C LEU P 357 -9.68 -72.78 -25.47
N VAL P 358 -8.64 -73.01 -24.67
CA VAL P 358 -8.11 -72.02 -23.74
C VAL P 358 -6.60 -71.92 -23.97
N GLN P 359 -6.11 -70.71 -24.17
CA GLN P 359 -4.70 -70.49 -24.47
C GLN P 359 -4.18 -69.24 -23.78
N GLU P 360 -2.88 -69.21 -23.56
CA GLU P 360 -2.18 -68.02 -23.10
C GLU P 360 -1.52 -67.34 -24.31
N ILE P 361 -1.70 -66.03 -24.42
CA ILE P 361 -1.22 -65.26 -25.56
C ILE P 361 -0.08 -64.36 -25.12
N SER P 362 1.01 -64.38 -25.86
CA SER P 362 2.18 -63.55 -25.60
C SER P 362 2.38 -62.53 -26.71
N PHE P 363 2.83 -61.34 -26.33
CA PHE P 363 3.08 -60.23 -27.24
C PHE P 363 4.51 -59.70 -27.07
N GLY P 364 5.48 -60.61 -26.98
CA GLY P 364 6.87 -60.21 -26.87
C GLY P 364 7.33 -60.03 -25.44
N THR P 365 8.21 -59.06 -25.21
CA THR P 365 8.80 -58.81 -23.90
C THR P 365 7.90 -57.84 -23.14
N THR P 366 6.91 -58.39 -22.44
CA THR P 366 5.99 -57.59 -21.65
C THR P 366 5.73 -58.13 -20.25
N LYS P 367 5.97 -59.42 -19.99
CA LYS P 367 5.71 -60.06 -18.71
C LYS P 367 4.24 -59.98 -18.29
N ASP P 368 3.36 -59.59 -19.22
CA ASP P 368 1.93 -59.47 -18.96
C ASP P 368 1.19 -60.19 -20.07
N LYS P 369 0.68 -61.38 -19.76
CA LYS P 369 0.01 -62.22 -20.74
C LYS P 369 -1.52 -62.10 -20.57
N MET P 370 -2.25 -62.90 -21.33
CA MET P 370 -3.70 -62.92 -21.24
C MET P 370 -4.20 -64.30 -21.63
N LEU P 371 -5.47 -64.56 -21.31
CA LEU P 371 -6.10 -65.84 -21.56
C LEU P 371 -7.19 -65.68 -22.61
N VAL P 372 -7.14 -66.48 -23.66
CA VAL P 372 -8.11 -66.45 -24.75
C VAL P 372 -8.93 -67.74 -24.71
N ILE P 373 -10.24 -67.60 -24.84
CA ILE P 373 -11.16 -68.74 -24.84
C ILE P 373 -11.95 -68.70 -26.14
N GLU P 374 -11.99 -69.82 -26.85
CA GLU P 374 -12.70 -69.90 -28.12
C GLU P 374 -13.04 -71.36 -28.39
N GLN P 375 -13.49 -71.64 -29.62
CA GLN P 375 -13.83 -72.99 -30.09
C GLN P 375 -14.96 -73.63 -29.28
N CYS P 376 -15.76 -72.83 -28.58
CA CYS P 376 -16.88 -73.38 -27.83
C CYS P 376 -17.95 -73.89 -28.78
N LYS P 377 -18.41 -75.12 -28.54
CA LYS P 377 -19.44 -75.71 -29.39
C LYS P 377 -20.75 -74.95 -29.29
N ASN P 378 -21.02 -74.33 -28.15
CA ASN P 378 -22.24 -73.55 -27.96
C ASN P 378 -21.90 -72.13 -27.54
N SER P 379 -20.95 -71.51 -28.25
CA SER P 379 -20.52 -70.16 -27.91
C SER P 379 -21.63 -69.16 -28.20
N ARG P 380 -22.15 -68.54 -27.14
CA ARG P 380 -23.15 -67.48 -27.26
C ARG P 380 -22.53 -66.09 -27.20
N ALA P 381 -21.20 -66.00 -27.14
CA ALA P 381 -20.50 -64.73 -27.09
C ALA P 381 -19.39 -64.72 -28.11
N VAL P 382 -19.26 -63.62 -28.84
CA VAL P 382 -18.23 -63.45 -29.86
C VAL P 382 -17.61 -62.06 -29.70
N THR P 383 -16.29 -61.99 -29.79
CA THR P 383 -15.58 -60.74 -29.61
C THR P 383 -14.61 -60.54 -30.78
N ILE P 384 -14.35 -59.27 -31.10
CA ILE P 384 -13.45 -58.89 -32.18
C ILE P 384 -12.18 -58.32 -31.57
N PHE P 385 -11.04 -58.84 -32.01
CA PHE P 385 -9.74 -58.44 -31.48
C PHE P 385 -9.06 -57.52 -32.49
N ILE P 386 -8.62 -56.36 -32.03
CA ILE P 386 -8.08 -55.31 -32.89
C ILE P 386 -6.66 -54.99 -32.46
N ARG P 387 -5.75 -54.90 -33.43
CA ARG P 387 -4.36 -54.53 -33.20
C ARG P 387 -4.11 -53.12 -33.75
N GLY P 388 -3.24 -52.39 -33.07
CA GLY P 388 -2.92 -51.04 -33.49
C GLY P 388 -1.57 -50.59 -32.98
N GLY P 389 -1.06 -49.51 -33.58
CA GLY P 389 0.22 -48.97 -33.20
C GLY P 389 0.22 -48.17 -31.92
N ASN P 390 -0.95 -47.79 -31.42
CA ASN P 390 -1.06 -47.06 -30.17
C ASN P 390 -2.50 -47.22 -29.66
N LYS P 391 -2.70 -46.77 -28.42
CA LYS P 391 -4.00 -46.98 -27.77
C LYS P 391 -5.10 -46.15 -28.43
N MET P 392 -4.76 -45.02 -29.04
CA MET P 392 -5.81 -44.16 -29.58
C MET P 392 -6.28 -44.60 -30.95
N ILE P 393 -5.39 -45.18 -31.77
CA ILE P 393 -5.88 -45.85 -32.97
C ILE P 393 -6.71 -47.07 -32.58
N ILE P 394 -6.39 -47.69 -31.44
CA ILE P 394 -7.22 -48.78 -30.92
C ILE P 394 -8.62 -48.26 -30.60
N GLU P 395 -8.70 -47.12 -29.90
CA GLU P 395 -10.01 -46.54 -29.58
C GLU P 395 -10.77 -46.15 -30.83
N GLU P 396 -10.08 -45.57 -31.82
CA GLU P 396 -10.73 -45.22 -33.07
C GLU P 396 -11.26 -46.46 -33.79
N ALA P 397 -10.51 -47.55 -33.76
CA ALA P 397 -11.00 -48.80 -34.32
C ALA P 397 -12.22 -49.31 -33.54
N LYS P 398 -12.19 -49.18 -32.21
CA LYS P 398 -13.34 -49.59 -31.41
C LYS P 398 -14.60 -48.85 -31.86
N ARG P 399 -14.51 -47.52 -31.95
CA ARG P 399 -15.69 -46.74 -32.32
C ARG P 399 -16.08 -46.95 -33.78
N SER P 400 -15.11 -47.19 -34.66
CA SER P 400 -15.44 -47.46 -36.06
C SER P 400 -16.21 -48.78 -36.18
N LEU P 401 -15.75 -49.84 -35.51
CA LEU P 401 -16.48 -51.09 -35.52
C LEU P 401 -17.83 -50.94 -34.86
N HIS P 402 -17.92 -50.12 -33.79
CA HIS P 402 -19.19 -49.83 -33.17
C HIS P 402 -20.17 -49.23 -34.16
N ASP P 403 -19.73 -48.22 -34.91
CA ASP P 403 -20.61 -47.55 -35.88
C ASP P 403 -20.98 -48.49 -37.01
N ALA P 404 -20.03 -49.30 -37.48
CA ALA P 404 -20.33 -50.26 -38.55
C ALA P 404 -21.37 -51.28 -38.09
N LEU P 405 -21.22 -51.80 -36.86
CA LEU P 405 -22.19 -52.75 -36.34
C LEU P 405 -23.55 -52.09 -36.13
N CYS P 406 -23.56 -50.82 -35.72
CA CYS P 406 -24.82 -50.10 -35.61
C CYS P 406 -25.50 -49.97 -36.97
N VAL P 407 -24.72 -49.68 -38.01
CA VAL P 407 -25.28 -49.61 -39.36
C VAL P 407 -25.84 -50.96 -39.79
N ILE P 408 -25.11 -52.04 -39.48
CA ILE P 408 -25.59 -53.39 -39.81
C ILE P 408 -26.90 -53.67 -39.07
N ARG P 409 -26.98 -53.27 -37.80
CA ARG P 409 -28.21 -53.45 -37.03
C ARG P 409 -29.37 -52.67 -37.64
N ASN P 410 -29.10 -51.45 -38.09
CA ASN P 410 -30.15 -50.66 -38.75
C ASN P 410 -30.61 -51.34 -40.03
N LEU P 411 -29.67 -51.87 -40.81
CA LEU P 411 -30.05 -52.59 -42.03
C LEU P 411 -30.90 -53.81 -41.70
N ILE P 412 -30.51 -54.55 -40.66
CA ILE P 412 -31.29 -55.73 -40.26
C ILE P 412 -32.69 -55.32 -39.81
N ARG P 413 -32.79 -54.18 -39.13
CA ARG P 413 -34.10 -53.73 -38.64
C ARG P 413 -35.07 -53.51 -39.80
N ASP P 414 -34.61 -52.89 -40.88
CA ASP P 414 -35.44 -52.72 -42.06
C ASP P 414 -34.55 -52.48 -43.26
N ASN P 415 -34.99 -52.95 -44.42
CA ASN P 415 -34.23 -52.82 -45.67
C ASN P 415 -34.50 -51.50 -46.38
N ARG P 416 -35.39 -50.67 -45.85
CA ARG P 416 -35.73 -49.39 -46.48
C ARG P 416 -34.53 -48.46 -46.40
N VAL P 417 -33.79 -48.32 -47.51
CA VAL P 417 -32.55 -47.57 -47.54
C VAL P 417 -32.58 -46.58 -48.70
N VAL P 418 -31.63 -45.66 -48.69
CA VAL P 418 -31.48 -44.64 -49.72
C VAL P 418 -29.99 -44.39 -49.96
N TYR P 419 -29.70 -43.47 -50.88
CA TYR P 419 -28.35 -43.15 -51.30
C TYR P 419 -27.96 -41.80 -50.70
N GLY P 420 -26.84 -41.77 -49.99
CA GLY P 420 -26.37 -40.59 -49.30
C GLY P 420 -25.41 -39.78 -50.14
N GLY P 421 -24.49 -39.11 -49.47
CA GLY P 421 -23.49 -38.28 -50.15
C GLY P 421 -24.05 -37.06 -50.86
N GLY P 422 -25.01 -36.37 -50.22
CA GLY P 422 -25.54 -35.14 -50.76
C GLY P 422 -26.52 -35.28 -51.89
N ALA P 423 -26.52 -36.42 -52.60
CA ALA P 423 -27.47 -36.61 -53.70
C ALA P 423 -28.90 -36.55 -53.21
N ALA P 424 -29.20 -37.31 -52.15
CA ALA P 424 -30.53 -37.22 -51.54
C ALA P 424 -30.76 -35.84 -50.93
N GLU P 425 -29.70 -35.23 -50.40
CA GLU P 425 -29.82 -33.86 -49.89
C GLU P 425 -30.20 -32.90 -51.02
N ILE P 426 -29.58 -33.06 -52.19
CA ILE P 426 -29.89 -32.19 -53.32
C ILE P 426 -31.32 -32.45 -53.80
N SER P 427 -31.76 -33.70 -53.81
CA SER P 427 -33.14 -33.99 -54.19
C SER P 427 -34.13 -33.37 -53.20
N CYS P 428 -33.82 -33.42 -51.90
CA CYS P 428 -34.67 -32.78 -50.90
C CYS P 428 -34.71 -31.27 -51.11
N ALA P 429 -33.56 -30.66 -51.44
CA ALA P 429 -33.54 -29.23 -51.72
C ALA P 429 -34.41 -28.90 -52.93
N LEU P 430 -34.34 -29.74 -53.97
CA LEU P 430 -35.21 -29.55 -55.12
C LEU P 430 -36.68 -29.62 -54.73
N ALA P 431 -37.04 -30.60 -53.90
CA ALA P 431 -38.42 -30.73 -53.47
C ALA P 431 -38.88 -29.52 -52.67
N VAL P 432 -38.02 -29.02 -51.79
CA VAL P 432 -38.39 -27.86 -50.98
C VAL P 432 -38.52 -26.62 -51.86
N SER P 433 -37.66 -26.49 -52.88
CA SER P 433 -37.81 -25.40 -53.83
C SER P 433 -39.14 -25.50 -54.57
N GLN P 434 -39.52 -26.71 -54.99
CA GLN P 434 -40.81 -26.89 -55.65
C GLN P 434 -41.96 -26.50 -54.73
N GLU P 435 -41.90 -26.93 -53.47
CA GLU P 435 -42.95 -26.59 -52.52
C GLU P 435 -43.03 -25.08 -52.31
N ALA P 436 -41.88 -24.42 -52.21
CA ALA P 436 -41.85 -22.96 -52.11
C ALA P 436 -42.50 -22.33 -53.33
N ASP P 437 -42.27 -22.90 -54.51
CA ASP P 437 -42.87 -22.35 -55.72
C ASP P 437 -44.37 -22.63 -55.78
N LYS P 438 -44.85 -23.63 -55.04
CA LYS P 438 -46.26 -24.01 -55.13
C LYS P 438 -46.99 -23.97 -53.79
N CYS P 439 -46.80 -22.91 -53.00
CA CYS P 439 -47.48 -22.81 -51.71
C CYS P 439 -47.53 -21.33 -51.32
N PRO P 440 -48.49 -20.92 -50.49
CA PRO P 440 -48.66 -19.50 -50.15
C PRO P 440 -47.35 -18.76 -49.84
N THR P 441 -47.38 -17.45 -50.13
CA THR P 441 -46.16 -16.68 -50.30
C THR P 441 -45.49 -16.35 -48.96
N LEU P 442 -46.27 -16.01 -47.93
CA LEU P 442 -45.69 -15.46 -46.72
C LEU P 442 -44.73 -16.45 -46.05
N GLU P 443 -45.06 -17.73 -46.09
CA GLU P 443 -44.21 -18.77 -45.50
C GLU P 443 -43.16 -19.28 -46.48
N GLN P 444 -43.17 -18.80 -47.73
CA GLN P 444 -42.15 -19.22 -48.68
C GLN P 444 -40.75 -18.81 -48.25
N TYR P 445 -40.64 -17.76 -47.44
CA TYR P 445 -39.34 -17.41 -46.87
C TYR P 445 -38.82 -18.54 -45.98
N ALA P 446 -39.67 -19.08 -45.12
CA ALA P 446 -39.28 -20.25 -44.33
C ALA P 446 -39.03 -21.46 -45.21
N MET P 447 -39.83 -21.62 -46.26
CA MET P 447 -39.58 -22.66 -47.27
C MET P 447 -38.14 -22.62 -47.76
N ARG P 448 -37.75 -21.49 -48.35
CA ARG P 448 -36.42 -21.39 -48.94
C ARG P 448 -35.33 -21.37 -47.85
N ALA P 449 -35.67 -20.95 -46.64
CA ALA P 449 -34.74 -21.06 -45.53
C ALA P 449 -34.42 -22.53 -45.25
N PHE P 450 -35.46 -23.35 -45.19
CA PHE P 450 -35.27 -24.79 -44.96
C PHE P 450 -34.51 -25.41 -46.12
N ALA P 451 -34.77 -24.95 -47.34
CA ALA P 451 -34.04 -25.45 -48.49
C ALA P 451 -32.54 -25.16 -48.37
N ASP P 452 -32.19 -23.90 -48.09
CA ASP P 452 -30.79 -23.55 -47.90
C ASP P 452 -30.19 -24.29 -46.72
N ALA P 453 -31.01 -24.61 -45.72
CA ALA P 453 -30.53 -25.41 -44.60
C ALA P 453 -30.15 -26.81 -45.04
N LEU P 454 -31.03 -27.47 -45.81
CA LEU P 454 -30.70 -28.79 -46.36
C LEU P 454 -29.54 -28.72 -47.34
N GLU P 455 -29.25 -27.55 -47.88
CA GLU P 455 -28.18 -27.43 -48.85
C GLU P 455 -26.79 -27.45 -48.19
N VAL P 456 -26.69 -27.44 -46.87
CA VAL P 456 -25.38 -27.35 -46.23
C VAL P 456 -24.60 -28.65 -46.29
N ILE P 457 -25.28 -29.79 -46.40
CA ILE P 457 -24.56 -31.07 -46.43
C ILE P 457 -23.60 -31.16 -47.60
N PRO P 458 -24.01 -30.91 -48.86
CA PRO P 458 -23.01 -30.82 -49.92
C PRO P 458 -22.03 -29.68 -49.73
N MET P 459 -22.48 -28.57 -49.13
CA MET P 459 -21.60 -27.47 -48.78
C MET P 459 -20.44 -27.95 -47.92
N ALA P 460 -20.76 -28.65 -46.83
CA ALA P 460 -19.73 -29.14 -45.92
C ALA P 460 -18.90 -30.24 -46.54
N LEU P 461 -19.53 -31.13 -47.31
CA LEU P 461 -18.77 -32.20 -47.96
C LEU P 461 -17.75 -31.62 -48.93
N SER P 462 -18.16 -30.64 -49.73
CA SER P 462 -17.25 -30.03 -50.69
C SER P 462 -16.12 -29.28 -49.99
N GLU P 463 -16.45 -28.46 -48.99
CA GLU P 463 -15.40 -27.64 -48.38
C GLU P 463 -14.51 -28.47 -47.46
N ASN P 464 -14.97 -29.65 -47.05
CA ASN P 464 -14.07 -30.58 -46.36
C ASN P 464 -13.00 -31.09 -47.30
N SER P 465 -13.41 -31.52 -48.49
CA SER P 465 -12.46 -32.00 -49.48
C SER P 465 -11.66 -30.85 -50.08
N GLY P 466 -12.33 -29.92 -50.76
CA GLY P 466 -11.66 -28.78 -51.33
C GLY P 466 -12.13 -28.37 -52.71
N MET P 467 -13.03 -29.13 -53.33
CA MET P 467 -13.54 -28.76 -54.64
C MET P 467 -14.40 -27.50 -54.53
N ASN P 468 -14.65 -26.88 -55.68
CA ASN P 468 -15.52 -25.72 -55.71
C ASN P 468 -16.95 -26.18 -55.40
N PRO P 469 -17.57 -25.66 -54.36
CA PRO P 469 -18.88 -26.16 -53.95
C PRO P 469 -20.00 -25.83 -54.92
N ILE P 470 -20.10 -24.56 -55.30
CA ILE P 470 -21.35 -24.06 -55.88
C ILE P 470 -21.48 -24.46 -57.34
N GLN P 471 -20.36 -24.55 -58.07
CA GLN P 471 -20.44 -25.00 -59.45
C GLN P 471 -20.88 -26.45 -59.52
N THR P 472 -20.32 -27.30 -58.65
CA THR P 472 -20.79 -28.68 -58.55
C THR P 472 -22.25 -28.72 -58.14
N MET P 473 -22.64 -27.85 -57.21
CA MET P 473 -24.03 -27.77 -56.78
C MET P 473 -24.95 -27.52 -57.98
N THR P 474 -24.65 -26.49 -58.76
CA THR P 474 -25.50 -26.14 -59.89
C THR P 474 -25.51 -27.24 -60.95
N GLU P 475 -24.33 -27.80 -61.25
CA GLU P 475 -24.26 -28.85 -62.27
C GLU P 475 -25.05 -30.08 -61.86
N VAL P 476 -24.91 -30.51 -60.62
CA VAL P 476 -25.64 -31.69 -60.15
C VAL P 476 -27.13 -31.40 -60.09
N ARG P 477 -27.51 -30.18 -59.71
CA ARG P 477 -28.93 -29.83 -59.70
C ARG P 477 -29.50 -29.87 -61.11
N ALA P 478 -28.77 -29.35 -62.09
CA ALA P 478 -29.24 -29.39 -63.47
C ALA P 478 -29.37 -30.82 -63.96
N ARG P 479 -28.39 -31.67 -63.65
CA ARG P 479 -28.48 -33.07 -64.07
C ARG P 479 -29.65 -33.79 -63.39
N GLN P 480 -29.86 -33.52 -62.10
CA GLN P 480 -31.00 -34.10 -61.41
C GLN P 480 -32.33 -33.63 -62.01
N VAL P 481 -32.36 -32.39 -62.50
CA VAL P 481 -33.51 -31.94 -63.27
C VAL P 481 -33.65 -32.76 -64.54
N LYS P 482 -32.53 -33.03 -65.22
CA LYS P 482 -32.58 -33.83 -66.44
C LYS P 482 -33.05 -35.25 -66.14
N GLU P 483 -32.54 -35.86 -65.07
CA GLU P 483 -32.97 -37.19 -64.66
C GLU P 483 -33.13 -37.25 -63.15
N MET P 484 -34.28 -37.74 -62.69
CA MET P 484 -34.55 -37.84 -61.26
C MET P 484 -33.78 -39.03 -60.69
N ASN P 485 -32.87 -38.76 -59.77
CA ASN P 485 -32.03 -39.81 -59.21
C ASN P 485 -31.44 -39.38 -57.87
N PRO P 486 -31.66 -40.15 -56.81
CA PRO P 486 -30.95 -39.91 -55.55
C PRO P 486 -29.50 -40.36 -55.54
N ALA P 487 -28.93 -40.65 -56.71
CA ALA P 487 -27.55 -41.11 -56.84
C ALA P 487 -26.69 -40.15 -57.65
N LEU P 488 -27.11 -38.90 -57.79
CA LEU P 488 -26.33 -37.87 -58.45
C LEU P 488 -25.90 -36.86 -57.40
N GLY P 489 -24.63 -36.90 -57.00
CA GLY P 489 -24.13 -36.07 -55.92
C GLY P 489 -22.64 -35.86 -56.01
N ILE P 490 -22.05 -35.47 -54.88
CA ILE P 490 -20.64 -35.09 -54.81
C ILE P 490 -19.76 -36.32 -54.89
N ASP P 491 -18.71 -36.23 -55.71
CA ASP P 491 -17.70 -37.28 -55.80
C ASP P 491 -16.56 -36.90 -54.85
N CYS P 492 -16.77 -37.18 -53.57
CA CYS P 492 -15.80 -36.78 -52.55
C CYS P 492 -14.47 -37.49 -52.74
N LEU P 493 -14.49 -38.76 -53.07
CA LEU P 493 -13.25 -39.53 -53.26
C LEU P 493 -12.61 -39.27 -54.62
N HIS P 494 -13.10 -38.30 -55.37
CA HIS P 494 -12.52 -37.92 -56.66
C HIS P 494 -12.48 -39.09 -57.63
N LYS P 495 -13.50 -39.94 -57.58
CA LYS P 495 -13.58 -41.09 -58.48
C LYS P 495 -13.90 -40.68 -59.91
N GLY P 496 -14.26 -39.43 -60.16
CA GLY P 496 -14.51 -38.93 -61.49
C GLY P 496 -15.94 -39.05 -61.96
N THR P 497 -16.81 -39.69 -61.19
CA THR P 497 -18.21 -39.87 -61.56
C THR P 497 -19.12 -39.35 -60.46
N ASN P 498 -20.20 -38.69 -60.87
CA ASN P 498 -21.22 -38.24 -59.93
C ASN P 498 -22.32 -39.27 -59.73
N ASP P 499 -22.25 -40.42 -60.40
CA ASP P 499 -23.20 -41.50 -60.18
C ASP P 499 -22.91 -42.14 -58.82
N MET P 500 -23.65 -41.69 -57.80
CA MET P 500 -23.35 -42.11 -56.44
C MET P 500 -23.62 -43.60 -56.26
N LYS P 501 -24.65 -44.12 -56.91
CA LYS P 501 -24.98 -45.54 -56.80
C LYS P 501 -23.83 -46.41 -57.31
N GLN P 502 -23.21 -45.99 -58.42
CA GLN P 502 -22.08 -46.74 -58.97
C GLN P 502 -20.95 -46.88 -57.95
N GLN P 503 -20.85 -45.95 -57.01
CA GLN P 503 -19.81 -45.98 -55.99
C GLN P 503 -20.18 -46.82 -54.77
N HIS P 504 -21.33 -47.50 -54.79
CA HIS P 504 -21.74 -48.42 -53.74
C HIS P 504 -21.81 -47.74 -52.38
N VAL P 505 -22.74 -46.79 -52.28
CA VAL P 505 -22.99 -46.05 -51.05
C VAL P 505 -24.45 -46.24 -50.68
N ILE P 506 -24.71 -46.84 -49.52
CA ILE P 506 -26.05 -47.17 -49.07
C ILE P 506 -26.22 -46.69 -47.64
N GLU P 507 -27.34 -46.01 -47.37
CA GLU P 507 -27.70 -45.61 -46.01
C GLU P 507 -29.20 -45.81 -45.82
N THR P 508 -29.58 -46.09 -44.58
CA THR P 508 -30.98 -46.40 -44.28
C THR P 508 -31.86 -45.17 -44.45
N LEU P 509 -33.01 -45.35 -45.11
CA LEU P 509 -33.95 -44.26 -45.28
C LEU P 509 -34.53 -43.81 -43.94
N ILE P 510 -34.79 -44.77 -43.05
CA ILE P 510 -35.31 -44.44 -41.72
C ILE P 510 -34.37 -43.46 -41.03
N GLY P 511 -33.06 -43.68 -41.15
CA GLY P 511 -32.10 -42.76 -40.58
C GLY P 511 -32.27 -41.34 -41.09
N LYS P 512 -32.45 -41.19 -42.41
CA LYS P 512 -32.53 -39.85 -42.98
C LYS P 512 -33.85 -39.16 -42.60
N LYS P 513 -34.97 -39.89 -42.67
CA LYS P 513 -36.24 -39.27 -42.28
C LYS P 513 -36.23 -38.88 -40.81
N GLN P 514 -35.68 -39.75 -39.95
CA GLN P 514 -35.57 -39.42 -38.54
C GLN P 514 -34.66 -38.23 -38.32
N GLN P 515 -33.56 -38.15 -39.10
CA GLN P 515 -32.68 -36.99 -39.03
C GLN P 515 -33.43 -35.72 -39.33
N ILE P 516 -34.17 -35.69 -40.44
CA ILE P 516 -34.88 -34.47 -40.84
C ILE P 516 -35.93 -34.11 -39.81
N SER P 517 -36.70 -35.09 -39.35
CA SER P 517 -37.77 -34.81 -38.39
C SER P 517 -37.20 -34.30 -37.07
N LEU P 518 -36.15 -34.94 -36.57
CA LEU P 518 -35.53 -34.52 -35.32
C LEU P 518 -34.95 -33.12 -35.43
N ALA P 519 -34.26 -32.84 -36.55
CA ALA P 519 -33.69 -31.51 -36.72
C ALA P 519 -34.77 -30.45 -36.77
N THR P 520 -35.86 -30.72 -37.50
CA THR P 520 -36.95 -29.74 -37.57
C THR P 520 -37.57 -29.52 -36.20
N GLN P 521 -37.82 -30.60 -35.46
CA GLN P 521 -38.45 -30.45 -34.15
C GLN P 521 -37.56 -29.67 -33.19
N MET P 522 -36.26 -29.99 -33.16
CA MET P 522 -35.35 -29.26 -32.27
C MET P 522 -35.25 -27.80 -32.65
N VAL P 523 -35.16 -27.50 -33.96
CA VAL P 523 -35.08 -26.10 -34.37
C VAL P 523 -36.35 -25.36 -33.99
N ARG P 524 -37.51 -26.00 -34.18
CA ARG P 524 -38.77 -25.37 -33.80
C ARG P 524 -38.82 -25.09 -32.31
N MET P 525 -38.35 -26.04 -31.50
CA MET P 525 -38.35 -25.84 -30.06
C MET P 525 -37.43 -24.68 -29.66
N ILE P 526 -36.23 -24.63 -30.24
CA ILE P 526 -35.30 -23.56 -29.89
C ILE P 526 -35.84 -22.21 -30.34
N LEU P 527 -36.60 -22.18 -31.44
CA LEU P 527 -37.16 -20.92 -31.90
C LEU P 527 -38.16 -20.33 -30.91
N LYS P 528 -38.73 -21.13 -30.03
CA LYS P 528 -39.81 -20.70 -29.16
C LYS P 528 -39.36 -20.48 -27.71
N ILE P 529 -38.06 -20.46 -27.45
CA ILE P 529 -37.53 -20.34 -26.10
C ILE P 529 -36.64 -19.10 -26.03
N ASP P 530 -36.96 -18.19 -25.12
CA ASP P 530 -36.21 -16.93 -24.99
C ASP P 530 -36.01 -16.56 -23.52
N ASP P 531 -35.64 -17.53 -22.68
CA ASP P 531 -35.44 -17.27 -21.25
C ASP P 531 -34.23 -18.05 -20.76
N ILE P 532 -33.20 -17.32 -20.32
CA ILE P 532 -32.06 -17.87 -19.59
C ILE P 532 -31.67 -16.87 -18.51
N ARG P 533 -31.40 -17.38 -17.30
CA ARG P 533 -31.05 -16.54 -16.17
C ARG P 533 -29.56 -16.69 -15.84
N LYS P 534 -28.87 -15.56 -15.71
CA LYS P 534 -27.46 -15.52 -15.37
C LYS P 534 -27.20 -14.50 -14.28
N PRO P 535 -26.27 -14.79 -13.36
CA PRO P 535 -25.92 -13.80 -12.33
C PRO P 535 -24.94 -12.75 -12.85
N GLY P 536 -23.99 -13.16 -13.67
CA GLY P 536 -23.07 -12.23 -14.30
C GLY P 536 -22.35 -11.29 -13.35
N GLU P 537 -21.96 -11.78 -12.18
CA GLU P 537 -21.36 -10.90 -11.18
C GLU P 537 -19.90 -10.59 -11.46
N SER P 538 -19.26 -11.33 -12.38
CA SER P 538 -17.85 -11.15 -12.71
C SER P 538 -16.98 -11.26 -11.46
N GLU P 539 -17.03 -12.44 -10.84
CA GLU P 539 -16.30 -12.68 -9.60
C GLU P 539 -14.80 -12.65 -9.84
N GLU P 540 -14.06 -12.27 -8.81
CA GLU P 540 -12.61 -12.17 -8.89
C GLU P 540 -11.93 -13.25 -8.07
PB ADP Q . -29.20 7.16 51.22
O1B ADP Q . -29.18 7.51 52.68
O2B ADP Q . -27.88 7.39 50.51
O3B ADP Q . -29.83 5.83 50.89
PA ADP Q . -29.71 9.70 50.15
O1A ADP Q . -29.97 9.81 48.67
O2A ADP Q . -28.33 9.96 50.67
O3A ADP Q . -30.21 8.24 50.61
O5' ADP Q . -30.71 10.73 50.88
C5' ADP Q . -30.56 11.03 52.27
C4' ADP Q . -30.65 12.54 52.45
O4' ADP Q . -31.84 13.06 51.82
C3' ADP Q . -30.72 12.96 53.90
O3' ADP Q . -29.47 13.53 54.30
C2' ADP Q . -31.80 14.02 53.98
O2' ADP Q . -31.25 15.25 54.46
C1' ADP Q . -32.30 14.19 52.55
N9 ADP Q . -33.79 14.24 52.55
C8 ADP Q . -34.60 13.17 52.65
N7 ADP Q . -35.91 13.56 52.61
C5 ADP Q . -35.92 14.89 52.48
C6 ADP Q . -36.97 15.93 52.37
N6 ADP Q . -38.29 15.62 52.40
N1 ADP Q . -36.57 17.22 52.25
C2 ADP Q . -35.27 17.54 52.22
N3 ADP Q . -34.27 16.66 52.31
C4 ADP Q . -34.52 15.33 52.44
PB ADP R . 7.22 44.49 37.23
O1B ADP R . 5.76 44.11 37.35
O2B ADP R . 7.45 45.85 36.62
O3B ADP R . 8.10 43.39 36.70
PA ADP R . 6.98 43.78 39.88
O1A ADP R . 5.62 44.36 40.14
O2A ADP R . 7.11 42.32 39.51
O3A ADP R . 7.70 44.66 38.76
O5' ADP R . 7.86 44.03 41.21
C5' ADP R . 7.26 44.69 42.31
C4' ADP R . 7.23 43.80 43.54
O4' ADP R . 8.54 43.48 44.01
C3' ADP R . 6.52 44.48 44.70
O3' ADP R . 5.22 43.91 44.87
C2' ADP R . 7.36 44.21 45.92
O2' ADP R . 6.59 43.53 46.91
C1' ADP R . 8.48 43.31 45.43
N9 ADP R . 9.77 43.67 46.08
C8 ADP R . 10.67 44.56 45.63
N7 ADP R . 11.73 44.64 46.47
C5 ADP R . 11.51 43.79 47.48
C6 ADP R . 12.23 43.39 48.71
N6 ADP R . 13.43 43.94 49.02
N1 ADP R . 11.65 42.47 49.51
C2 ADP R . 10.46 41.93 49.21
N3 ADP R . 9.75 42.24 48.12
C4 ADP R . 10.22 43.15 47.23
PB ADP S . 42.16 -22.23 38.69
O1B ADP S . 40.85 -21.51 38.41
O2B ADP S . 42.11 -23.12 39.91
O3B ADP S . 42.79 -22.86 37.48
PA ADP S . 43.45 -19.83 38.09
O1A ADP S . 42.33 -18.83 38.25
O2A ADP S . 43.72 -20.41 36.73
O3A ADP S . 43.15 -21.04 39.12
O5' ADP S . 44.79 -19.14 38.65
C5' ADP S . 46.01 -19.87 38.75
C4' ADP S . 47.16 -18.88 38.56
O4' ADP S . 47.03 -17.77 39.45
C3' ADP S . 48.52 -19.51 38.83
O3' ADP S . 49.18 -19.78 37.59
C2' ADP S . 49.29 -18.47 39.61
O2' ADP S . 50.45 -18.06 38.89
C1' ADP S . 48.34 -17.30 39.79
N9 ADP S . 48.38 -16.81 41.19
C8 ADP S . 47.78 -17.39 42.25
N7 ADP S . 48.02 -16.69 43.39
C5 ADP S . 48.79 -15.64 43.06
C6 ADP S . 49.41 -14.50 43.78
N6 ADP S . 49.24 -14.35 45.11
N1 ADP S . 50.15 -13.62 43.06
C2 ADP S . 50.32 -13.77 41.74
N3 ADP S . 49.78 -14.78 41.02
C4 ADP S . 49.03 -15.72 41.62
PB ADP T . 11.43 -0.47 58.96
O1B ADP T . 10.83 0.34 57.84
O2B ADP T . 11.17 -1.96 58.85
O3B ADP T . 12.85 -0.12 59.30
PA ADP T . 10.31 1.48 60.70
O1A ADP T . 9.36 1.43 61.87
O2A ADP T . 9.93 2.29 59.50
O3A ADP T . 10.58 -0.05 60.27
O5' ADP T . 11.71 2.06 61.26
C5' ADP T . 12.59 2.74 60.38
C4' ADP T . 13.20 3.94 61.10
O4' ADP T . 12.20 4.94 61.33
C3' ADP T . 13.79 3.59 62.45
O3' ADP T . 15.22 3.59 62.37
C2' ADP T . 13.34 4.70 63.40
O2' ADP T . 14.47 5.40 63.89
C1' ADP T . 12.49 5.62 62.55
N9 ADP T . 11.23 5.94 63.28
C8 ADP T . 10.19 5.12 63.46
N7 ADP T . 9.20 5.74 64.17
C5 ADP T . 9.62 6.97 64.45
C6 ADP T . 9.08 8.15 65.17
N6 ADP T . 7.86 8.12 65.75
N1 ADP T . 9.85 9.26 65.23
C2 ADP T . 11.07 9.31 64.66
N3 ADP T . 11.63 8.28 64.00
C4 ADP T . 10.97 7.12 63.86
PB ADP U . -54.91 -20.52 -18.65
O1B ADP U . -56.36 -20.50 -19.05
O2B ADP U . -54.50 -21.75 -17.87
O3B ADP U . -54.42 -19.23 -18.04
PA ADP U . -53.64 -19.45 -20.98
O1A ADP U . -53.07 -18.35 -20.13
O2A ADP U . -52.76 -20.05 -22.06
O3A ADP U . -54.11 -20.68 -20.04
O5' ADP U . -54.97 -18.91 -21.71
C5' ADP U . -55.96 -18.17 -21.02
C4' ADP U . -56.60 -17.16 -21.98
O4' ADP U . -56.31 -17.50 -23.34
C3' ADP U . -58.12 -17.13 -21.86
O3' ADP U . -58.52 -15.98 -21.12
C2' ADP U . -58.63 -17.04 -23.29
O2' ADP U . -59.37 -15.83 -23.47
C1' ADP U . -57.38 -17.02 -24.15
N9 ADP U . -57.59 -17.89 -25.34
C8 ADP U . -57.34 -19.21 -25.42
N7 ADP U . -57.62 -19.68 -26.67
C5 ADP U . -58.07 -18.65 -27.40
C6 ADP U . -58.55 -18.45 -28.79
N6 ADP U . -58.61 -19.49 -29.66
N1 ADP U . -58.93 -17.21 -29.15
C2 ADP U . -58.87 -16.17 -28.30
N3 ADP U . -58.45 -16.28 -27.04
C4 ADP U . -58.04 -17.47 -26.53
PB ADP V . -56.40 -1.75 19.63
O1B ADP V . -57.45 -2.64 20.25
O2B ADP V . -55.98 -2.13 18.25
O3B ADP V . -55.25 -1.41 20.55
PA ADP V . -58.42 -0.26 18.43
O1A ADP V . -59.50 -1.15 18.98
O2A ADP V . -57.92 -0.45 17.02
O3A ADP V . -57.16 -0.34 19.43
O5' ADP V . -58.92 1.26 18.58
C5' ADP V . -60.30 1.57 18.39
C4' ADP V . -60.49 3.05 18.16
O4' ADP V . -60.86 3.29 16.81
C3' ADP V . -61.61 3.61 19.02
O3' ADP V . -61.10 4.50 20.00
C2' ADP V . -62.54 4.36 18.08
O2' ADP V . -62.65 5.72 18.51
C1' ADP V . -61.86 4.30 16.72
N9 ADP V . -62.87 3.92 15.69
C8 ADP V . -63.31 2.68 15.43
N7 ADP V . -64.23 2.69 14.44
C5 ADP V . -64.39 3.96 14.04
C6 ADP V . -65.20 4.67 13.03
N6 ADP V . -66.06 4.01 12.23
N1 ADP V . -65.08 6.02 12.95
C2 ADP V . -64.23 6.69 13.76
N3 ADP V . -63.46 6.11 14.69
C4 ADP V . -63.49 4.77 14.88
PB ADP W . -47.27 34.81 -17.04
O1B ADP W . -47.19 36.32 -17.06
O2B ADP W . -47.35 34.17 -18.40
O3B ADP W . -46.29 34.15 -16.10
PA ADP W . -49.11 32.98 -16.06
O1A ADP W . -49.04 32.20 -17.35
O2A ADP W . -48.32 32.52 -14.87
O3A ADP W . -48.71 34.50 -16.38
O5' ADP W . -50.67 33.07 -15.64
C5' ADP W . -51.65 32.52 -16.51
C4' ADP W . -52.69 31.71 -15.75
O4' ADP W . -53.11 32.37 -14.54
C3' ADP W . -53.94 31.51 -16.58
O3' ADP W . -54.01 30.16 -17.05
C2' ADP W . -55.11 31.77 -15.64
O2' ADP W . -55.97 30.64 -15.59
C1' ADP W . -54.47 32.00 -14.29
N9 ADP W . -55.20 33.06 -13.55
C8 ADP W . -55.01 34.39 -13.65
N7 ADP W . -55.86 35.07 -12.83
C5 ADP W . -56.61 34.15 -12.19
C6 ADP W . -57.69 34.18 -11.18
N6 ADP W . -58.16 35.35 -10.69
N1 ADP W . -58.20 32.99 -10.77
C2 ADP W . -57.74 31.83 -11.26
N3 ADP W . -56.77 31.72 -12.17
C4 ADP W . -56.17 32.83 -12.67
PB ADP X . -29.23 48.00 19.66
O1B ADP X . -30.34 48.25 18.66
O2B ADP X . -28.28 49.16 19.84
O3B ADP X . -28.57 46.66 19.52
PA ADP X . -31.51 47.36 21.09
O1A ADP X . -32.39 48.44 20.54
O2A ADP X . -31.54 45.99 20.48
O3A ADP X . -29.99 47.90 21.07
O5' ADP X . -31.85 47.21 22.65
C5' ADP X . -33.11 47.72 23.10
C4' ADP X . -33.72 46.84 24.18
O4' ADP X . -32.96 46.91 25.39
C3' ADP X . -35.12 47.30 24.52
O3' ADP X . -36.08 46.38 23.99
C2' ADP X . -35.21 47.31 26.03
O2' ADP X . -36.23 46.40 26.47
C1' ADP X . -33.85 46.82 26.51
N9 ADP X . -33.39 47.65 27.64
C8 ADP X . -32.57 48.71 27.56
N7 ADP X . -32.33 49.25 28.78
C5 ADP X . -33.02 48.51 29.68
C6 ADP X . -33.21 48.53 31.14
N6 ADP X . -32.62 49.47 31.92
N1 ADP X . -34.01 47.59 31.69
C2 ADP X . -34.61 46.65 30.93
N3 ADP X . -34.48 46.58 29.59
C4 ADP X . -33.71 47.46 28.92
PB ADP Y . 59.16 5.11 -5.81
O1B ADP Y . 57.98 4.41 -6.44
O2B ADP Y . 59.94 6.00 -6.75
O3B ADP Y . 58.87 5.74 -4.47
PA ADP Y . 61.53 4.22 -4.67
O1A ADP Y . 61.17 4.64 -3.26
O2A ADP Y . 62.38 5.14 -5.52
O3A ADP Y . 60.17 3.91 -5.47
O5' ADP Y . 62.26 2.79 -4.59
C5' ADP Y . 63.56 2.73 -4.01
C4' ADP Y . 63.83 1.32 -3.50
O4' ADP Y . 63.99 0.41 -4.59
C3' ADP Y . 65.12 1.26 -2.69
O3' ADP Y . 64.82 1.14 -1.29
C2' ADP Y . 65.85 0.02 -3.16
O2' ADP Y . 66.02 -0.90 -2.08
C1' ADP Y . 64.94 -0.59 -4.22
N9 ADP Y . 65.74 -1.03 -5.40
C8 ADP Y . 66.11 -0.26 -6.44
N7 ADP Y . 66.82 -0.98 -7.34
C5 ADP Y . 66.92 -2.24 -6.87
C6 ADP Y . 67.54 -3.50 -7.33
N6 ADP Y . 68.22 -3.56 -8.50
N1 ADP Y . 67.40 -4.59 -6.54
C2 ADP Y . 66.72 -4.54 -5.38
N3 ADP Y . 66.13 -3.43 -4.90
C4 ADP Y . 66.20 -2.26 -5.60
PB ADP Z . 46.02 28.82 28.31
O1B ADP Z . 45.06 28.41 29.40
O2B ADP Z . 47.32 29.38 28.83
O3B ADP Z . 45.38 29.63 27.21
PA ADP Z . 46.31 25.97 28.21
O1A ADP Z . 44.96 25.86 28.85
O2A ADP Z . 46.67 25.00 27.11
O3A ADP Z . 46.45 27.46 27.57
O5' ADP Z . 47.45 25.84 29.34
C5' ADP Z . 47.53 26.68 30.49
C4' ADP Z . 47.94 25.86 31.72
O4' ADP Z . 48.95 24.90 31.42
C3' ADP Z . 48.50 26.74 32.83
O3' ADP Z . 47.52 26.89 33.87
C2' ADP Z . 49.70 25.99 33.37
O2' ADP Z . 49.53 25.72 34.76
C1' ADP Z . 49.75 24.69 32.59
N9 ADP Z . 51.14 24.32 32.23
C8 ADP Z . 51.91 24.94 31.31
N7 ADP Z . 53.13 24.36 31.24
C5 ADP Z . 53.16 23.36 32.13
C6 ADP Z . 54.14 22.34 32.57
N6 ADP Z . 55.38 22.29 32.02
N1 ADP Z . 53.77 21.48 33.53
C2 ADP Z . 52.55 21.53 34.09
N3 ADP Z . 51.61 22.42 33.74
C4 ADP Z . 51.85 23.34 32.78
PB ADP AA . 5.06 -5.35 -58.38
O1B ADP AA . 4.27 -6.04 -57.30
O2B ADP AA . 6.04 -4.31 -57.88
O3B ADP AA . 5.62 -6.29 -59.42
PA ADP AA . 2.51 -5.08 -59.53
O1A ADP AA . 1.85 -4.15 -60.50
O2A ADP AA . 1.78 -5.45 -58.27
O3A ADP AA . 3.95 -4.48 -59.17
O5' ADP AA . 2.83 -6.46 -60.33
C5' ADP AA . 2.80 -7.71 -59.65
C4' ADP AA . 3.32 -8.81 -60.57
O4' ADP AA . 2.24 -9.53 -61.17
C3' ADP AA . 4.16 -8.26 -61.70
O3' ADP AA . 5.55 -8.50 -61.45
C2' ADP AA . 3.74 -9.03 -62.94
O2' ADP AA . 4.83 -9.80 -63.45
C1' ADP AA . 2.62 -9.96 -62.48
N9 ADP AA . 1.47 -9.87 -63.41
C8 ADP AA . 0.83 -8.75 -63.78
N7 ADP AA . -0.17 -9.00 -64.65
C5 ADP AA . -0.20 -10.33 -64.86
C6 ADP AA . -1.01 -11.27 -65.67
N6 ADP AA . -2.02 -10.82 -66.44
N1 ADP AA . -0.69 -12.58 -65.61
C2 ADP AA . 0.32 -13.04 -64.84
N3 ADP AA . 1.09 -12.23 -64.08
C4 ADP AA . 0.90 -10.90 -64.05
PB ADP BA . -31.21 12.15 -48.51
O1B ADP BA . -31.40 13.20 -47.44
O2B ADP BA . -29.96 12.37 -49.33
O3B ADP BA . -31.43 10.73 -48.05
PA ADP BA . -33.93 12.52 -49.00
O1A ADP BA . -34.44 13.89 -49.35
O2A ADP BA . -33.94 12.08 -47.56
O3A ADP BA . -32.41 12.42 -49.54
O5' ADP BA . -34.78 11.45 -49.86
C5' ADP BA . -34.61 10.05 -49.63
C4' ADP BA . -35.85 9.26 -50.02
O4' ADP BA . -37.05 9.80 -49.43
C3' ADP BA . -36.10 9.25 -51.52
O3' ADP BA . -35.72 7.98 -52.06
C2' ADP BA . -37.58 9.46 -51.70
O2' ADP BA . -38.15 8.36 -52.43
C1' ADP BA . -38.15 9.49 -50.29
N9 ADP BA . -39.23 10.51 -50.20
C8 ADP BA . -39.06 11.84 -50.09
N7 ADP BA . -40.25 12.48 -50.02
C5 ADP BA . -41.21 11.55 -50.08
C6 ADP BA . -42.69 11.54 -50.07
N6 ADP BA . -43.39 12.69 -49.96
N1 ADP BA . -43.32 10.34 -50.16
C2 ADP BA . -42.63 9.20 -50.27
N3 ADP BA . -41.29 9.13 -50.30
C4 ADP BA . -40.54 10.25 -50.21
PB ADP CA . 42.89 -7.82 -42.40
O1B ADP CA . 42.73 -6.32 -42.46
O2B ADP CA . 42.53 -8.42 -41.06
O3B ADP CA . 44.18 -8.34 -42.99
PA ADP CA . 41.22 -9.89 -43.39
O1A ADP CA . 40.34 -10.04 -44.61
O2A ADP CA . 40.65 -10.21 -42.04
O3A ADP CA . 41.75 -8.37 -43.40
O5' ADP CA . 42.53 -10.80 -43.63
C5' ADP CA . 43.24 -11.32 -42.51
C4' ADP CA . 43.97 -12.61 -42.87
O4' ADP CA . 43.24 -13.39 -43.82
C3' ADP CA . 45.34 -12.36 -43.48
O3' ADP CA . 46.35 -12.56 -42.50
C2' ADP CA . 45.48 -13.38 -44.59
O2' ADP CA . 46.57 -14.27 -44.31
C1' ADP CA . 44.18 -14.16 -44.59
N9 ADP CA . 43.71 -14.36 -45.98
C8 ADP CA . 43.06 -13.45 -46.74
N7 ADP CA . 42.79 -13.95 -47.97
C5 ADP CA . 43.28 -15.20 -48.01
C6 ADP CA . 43.33 -16.29 -49.02
N6 ADP CA . 42.80 -16.14 -50.25
N1 ADP CA . 43.94 -17.44 -48.67
C2 ADP CA . 44.48 -17.61 -47.44
N3 ADP CA . 44.47 -16.66 -46.49
C4 ADP CA . 43.89 -15.46 -46.70
PB ADP DA . 16.95 -46.90 -31.28
O1B ADP DA . 15.56 -46.96 -30.69
O2B ADP DA . 17.16 -47.78 -32.48
O3B ADP DA . 17.49 -45.50 -31.43
PA ADP DA . 19.48 -47.40 -30.15
O1A ADP DA . 19.83 -46.00 -29.72
O2A ADP DA . 20.05 -48.58 -29.39
O3A ADP DA . 17.87 -47.55 -30.14
O5' ADP DA . 19.89 -47.56 -31.70
C5' ADP DA . 20.31 -46.41 -32.44
C4' ADP DA . 20.29 -46.72 -33.93
O4' ADP DA . 21.61 -46.61 -34.49
C3' ADP DA . 19.81 -48.12 -34.23
O3' ADP DA . 18.44 -48.11 -34.62
C2' ADP DA . 20.68 -48.59 -35.38
O2' ADP DA . 19.89 -48.70 -36.57
C1' ADP DA . 21.75 -47.52 -35.57
N9 ADP DA . 23.09 -48.15 -35.55
C8 ADP DA . 23.53 -49.02 -34.63
N7 ADP DA . 24.80 -49.42 -34.90
C5 ADP DA . 25.19 -48.80 -36.02
C6 ADP DA . 26.41 -48.79 -36.86
N6 ADP DA . 27.50 -49.52 -36.54
N1 ADP DA . 26.40 -48.00 -37.96
C2 ADP DA . 25.33 -47.26 -38.30
N3 ADP DA . 24.19 -47.24 -37.58
C4 ADP DA . 24.05 -47.97 -36.46
PB ADP EA . 43.11 -39.80 1.96
O1B ADP EA . 42.75 -38.35 2.22
O2B ADP EA . 43.37 -40.60 3.21
O3B ADP EA . 42.23 -40.49 0.95
PA ADP EA . 45.36 -41.04 0.89
O1A ADP EA . 44.66 -41.75 -0.24
O2A ADP EA . 45.62 -41.79 2.17
O3A ADP EA . 44.53 -39.71 1.21
O5' ADP EA . 46.77 -40.49 0.32
C5' ADP EA . 47.69 -39.80 1.15
C4' ADP EA . 48.90 -39.45 0.31
O4' ADP EA . 49.86 -38.70 1.07
C3' ADP EA . 49.61 -40.68 -0.20
O3' ADP EA . 49.29 -40.92 -1.57
C2' ADP EA . 51.10 -40.38 -0.06
O2' ADP EA . 51.72 -40.32 -1.35
C1' ADP EA . 51.17 -39.03 0.62
N9 ADP EA . 52.11 -39.09 1.77
C8 ADP EA . 51.92 -39.78 2.90
N7 ADP EA . 52.96 -39.63 3.75
C5 ADP EA . 53.86 -38.83 3.15
C6 ADP EA . 55.19 -38.27 3.49
N6 ADP EA . 55.77 -38.56 4.67
N1 ADP EA . 55.79 -37.48 2.58
C2 ADP EA . 55.21 -37.19 1.40
N3 ADP EA . 54.01 -37.67 1.03
C4 ADP EA . 53.29 -38.48 1.84
PB ADP FA . -22.14 -39.75 -40.03
O1B ADP FA . -23.17 -39.83 -41.12
O2B ADP FA . -21.36 -38.45 -40.01
O3B ADP FA . -22.60 -40.22 -38.68
PA ADP FA . -20.01 -40.63 -41.70
O1A ADP FA . -19.04 -39.53 -41.34
O2A ADP FA . -19.48 -41.99 -42.07
O3A ADP FA . -21.03 -40.84 -40.47
O5' ADP FA . -20.91 -40.11 -42.92
C5' ADP FA . -21.06 -38.70 -43.19
C4' ADP FA . -21.75 -38.51 -44.53
O4' ADP FA . -20.83 -38.67 -45.60
C3' ADP FA . -22.87 -39.50 -44.75
O3' ADP FA . -24.14 -38.87 -44.52
C2' ADP FA . -22.75 -39.92 -46.20
O2' ADP FA . -23.91 -39.50 -46.94
C1' ADP FA . -21.51 -39.23 -46.73
N9 ADP FA . -20.63 -40.19 -47.44
C8 ADP FA . -20.26 -41.39 -46.98
N7 ADP FA . -19.45 -42.04 -47.87
C5 ADP FA . -19.32 -41.23 -48.94
C6 ADP FA . -18.61 -41.30 -50.24
N6 ADP FA . -17.87 -42.38 -50.57
N1 ADP FA . -18.74 -40.25 -51.07
C2 ADP FA . -19.46 -39.17 -50.75
N3 ADP FA . -20.13 -39.04 -49.59
C4 ADP FA . -20.11 -40.02 -48.66
#